data_4ZY0
#
_entry.id   4ZY0
#
_cell.length_a   173.717
_cell.length_b   176.072
_cell.length_c   230.579
_cell.angle_alpha   90.000
_cell.angle_beta   90.000
_cell.angle_gamma   90.000
#
_symmetry.space_group_name_H-M   'P 21 21 21'
#
loop_
_entity.id
_entity.type
_entity.pdbx_description
1 polymer 'Probable M17 family aminopeptidase'
2 non-polymer N-{(1R)-2-(hydroxyamino)-2-oxo-1-[4-(thiophen-3-yl)phenyl]ethyl}-2,2-dimethylpropanamide
3 non-polymer 'ZINC ION'
4 non-polymer 'CARBONATE ION'
5 non-polymer 'PENTAETHYLENE GLYCOL'
6 non-polymer 'SULFATE ION'
7 non-polymer GLYCEROL
8 water water
#
_entity_poly.entity_id   1
_entity_poly.type   'polypeptide(L)'
_entity_poly.pdbx_seq_one_letter_code
;RKMASEVPQVVSLDPTSIPIEYNTPIHDIKVQVYDIKGGCNVEEGLTIFLVNNPGKENGPVKISSKVNDKQVSEFLKDEN
MEKFNVKLGTSKHFYMFNDNKNSVAVGYVGCGSVADLSEADMKRVVLSLVTMLHDNKLSKLTVVFEINVDKNLFRFFLET
LFYEYMTDERFKSTDKNVNMEYIKHLGVYINNADTYKEEVEKARVYYFGTYYASQLIAAPSNYCNPVSLSNAAVELAQKL
NLEYKILGVKELEELKMGAYLSVGKGSMYPNKFIHLTYKSKGDVKKKIALVGKGITFDSGGYNLKAAPGSMIDLMKFDMS
GCAAVLGCAYCVGTLKPENVEIHFLSAVCENMVSKNSYRPGDIITASNGKTIEVGNTDAEGRLTLADALVYAEKLGVDYI
VDIATLTGAMLYSLGTSYAGVFGNNEELINKILQSSKTSNEPVWWLPIINEYRATLNSKYADINQISSSVKASSIVASLF
LKEFVQNTAWAHIDIAGVSWNFKARKPKGFGVRLLTEFVLND
;
_entity_poly.pdbx_strand_id   A,B,C,D,E,F,G,H,I,J,K,L
#
# COMPACT_ATOMS: atom_id res chain seq x y z
N ALA A 4 -48.81 -38.57 -42.95
CA ALA A 4 -48.63 -37.27 -42.33
C ALA A 4 -47.52 -37.30 -41.29
N SER A 5 -46.53 -36.44 -41.45
CA SER A 5 -45.41 -36.37 -40.52
C SER A 5 -45.67 -35.34 -39.43
N GLU A 6 -44.90 -35.44 -38.35
CA GLU A 6 -44.98 -34.46 -37.27
C GLU A 6 -44.08 -33.27 -37.61
N VAL A 7 -44.65 -32.08 -37.51
CA VAL A 7 -43.92 -30.85 -37.78
C VAL A 7 -43.06 -30.50 -36.58
N PRO A 8 -41.74 -30.44 -36.77
CA PRO A 8 -40.86 -30.09 -35.65
C PRO A 8 -41.06 -28.65 -35.20
N GLN A 9 -40.95 -28.42 -33.89
CA GLN A 9 -41.08 -27.08 -33.31
C GLN A 9 -39.80 -26.68 -32.60
N VAL A 10 -39.55 -25.38 -32.53
CA VAL A 10 -38.48 -24.87 -31.69
C VAL A 10 -39.08 -24.49 -30.34
N VAL A 11 -40.19 -23.77 -30.38
CA VAL A 11 -40.99 -23.49 -29.20
C VAL A 11 -42.41 -23.99 -29.42
N SER A 12 -43.13 -24.25 -28.33
CA SER A 12 -44.49 -24.82 -28.42
C SER A 12 -45.45 -23.90 -29.16
N LEU A 13 -45.09 -22.63 -29.26
CA LEU A 13 -45.90 -21.64 -29.98
C LEU A 13 -45.70 -21.71 -31.50
N ASP A 14 -44.75 -22.50 -31.95
CA ASP A 14 -44.56 -22.70 -33.39
C ASP A 14 -45.76 -23.44 -33.96
N PRO A 15 -46.31 -22.96 -35.07
CA PRO A 15 -47.50 -23.60 -35.65
C PRO A 15 -47.14 -24.92 -36.33
N THR A 16 -48.06 -25.88 -36.30
CA THR A 16 -47.78 -27.23 -36.76
C THR A 16 -48.60 -27.62 -37.98
N SER A 17 -49.28 -26.65 -38.59
CA SER A 17 -49.96 -26.88 -39.86
C SER A 17 -50.27 -25.58 -40.57
N ILE A 18 -50.67 -25.70 -41.84
CA ILE A 18 -51.13 -24.57 -42.62
C ILE A 18 -52.65 -24.47 -42.49
N PRO A 19 -53.14 -23.31 -42.04
CA PRO A 19 -54.60 -23.15 -42.05
C PRO A 19 -55.10 -23.03 -43.48
N ILE A 20 -56.04 -23.89 -43.86
CA ILE A 20 -56.55 -23.91 -45.23
C ILE A 20 -58.05 -23.77 -45.22
N GLU A 21 -58.56 -22.80 -45.98
CA GLU A 21 -59.99 -22.60 -46.09
C GLU A 21 -60.48 -23.29 -47.35
N TYR A 22 -61.24 -24.37 -47.17
CA TYR A 22 -61.80 -25.11 -48.31
C TYR A 22 -63.17 -24.59 -48.69
N ASN A 23 -64.05 -24.49 -47.71
CA ASN A 23 -65.40 -24.01 -47.95
C ASN A 23 -65.46 -22.48 -47.87
N THR A 24 -65.22 -21.81 -48.99
CA THR A 24 -65.20 -20.36 -49.02
C THR A 24 -66.58 -19.81 -49.32
N PRO A 25 -66.85 -18.56 -48.93
CA PRO A 25 -68.13 -17.90 -49.23
C PRO A 25 -68.46 -17.89 -50.72
N ILE A 26 -67.45 -17.97 -51.58
CA ILE A 26 -67.68 -18.04 -53.02
C ILE A 26 -68.46 -19.30 -53.37
N HIS A 27 -68.22 -20.38 -52.63
CA HIS A 27 -68.91 -21.64 -52.89
C HIS A 27 -70.37 -21.62 -52.42
N ASP A 28 -70.74 -20.59 -51.67
CA ASP A 28 -72.12 -20.46 -51.22
C ASP A 28 -72.94 -19.63 -52.19
N ILE A 29 -72.27 -19.04 -53.18
CA ILE A 29 -72.99 -18.21 -54.15
C ILE A 29 -73.71 -19.06 -55.17
N LYS A 30 -75.02 -18.84 -55.32
CA LYS A 30 -75.78 -19.50 -56.37
C LYS A 30 -75.74 -18.64 -57.62
N VAL A 31 -75.30 -19.23 -58.73
CA VAL A 31 -75.18 -18.52 -59.99
C VAL A 31 -76.28 -18.93 -60.96
N GLN A 32 -77.01 -17.93 -61.48
CA GLN A 32 -78.02 -18.18 -62.49
C GLN A 32 -77.65 -17.43 -63.77
N VAL A 33 -77.73 -18.12 -64.90
CA VAL A 33 -77.43 -17.48 -66.19
C VAL A 33 -78.70 -17.33 -67.01
N TYR A 34 -79.00 -16.10 -67.42
CA TYR A 34 -80.17 -15.84 -68.24
C TYR A 34 -79.78 -15.30 -69.61
N ASP A 35 -80.66 -15.50 -70.58
CA ASP A 35 -80.45 -14.91 -71.91
C ASP A 35 -81.01 -13.50 -71.94
N ILE A 36 -80.28 -12.58 -72.55
CA ILE A 36 -80.68 -11.18 -72.64
C ILE A 36 -81.97 -11.03 -73.44
N LYS A 37 -82.19 -11.93 -74.41
CA LYS A 37 -83.39 -11.91 -75.25
C LYS A 37 -84.68 -11.87 -74.42
N GLY A 38 -84.64 -12.45 -73.23
CA GLY A 38 -85.82 -12.49 -72.38
C GLY A 38 -86.05 -11.23 -71.57
N GLY A 39 -85.12 -10.28 -71.66
CA GLY A 39 -85.21 -9.05 -70.90
C GLY A 39 -84.64 -9.21 -69.51
N CYS A 40 -84.19 -8.10 -68.92
CA CYS A 40 -83.61 -8.12 -67.60
C CYS A 40 -84.62 -7.75 -66.52
N ASN A 41 -84.69 -8.56 -65.47
CA ASN A 41 -85.46 -8.22 -64.28
C ASN A 41 -84.55 -7.55 -63.27
N VAL A 42 -85.01 -6.45 -62.70
CA VAL A 42 -84.20 -5.68 -61.77
C VAL A 42 -84.88 -5.61 -60.40
N GLU A 43 -84.33 -6.34 -59.43
CA GLU A 43 -84.87 -6.32 -58.08
C GLU A 43 -83.76 -6.10 -57.05
N GLU A 44 -83.79 -6.88 -55.97
CA GLU A 44 -82.88 -6.64 -54.86
C GLU A 44 -81.43 -6.83 -55.27
N GLY A 45 -80.52 -6.26 -54.48
CA GLY A 45 -79.11 -6.36 -54.76
C GLY A 45 -78.62 -5.25 -55.67
N LEU A 46 -77.58 -5.54 -56.44
CA LEU A 46 -77.00 -4.57 -57.35
C LEU A 46 -76.96 -5.11 -58.78
N THR A 47 -77.57 -4.37 -59.70
CA THR A 47 -77.58 -4.77 -61.11
C THR A 47 -76.61 -3.90 -61.91
N ILE A 48 -75.53 -4.49 -62.40
CA ILE A 48 -74.50 -3.76 -63.12
C ILE A 48 -74.42 -4.12 -64.60
N PHE A 49 -74.56 -3.11 -65.46
CA PHE A 49 -74.40 -3.29 -66.90
C PHE A 49 -72.94 -3.09 -67.31
N LEU A 50 -72.39 -4.02 -68.10
CA LEU A 50 -71.07 -3.85 -68.67
C LEU A 50 -71.20 -3.28 -70.07
N VAL A 51 -70.86 -2.01 -70.24
CA VAL A 51 -71.08 -1.31 -71.50
C VAL A 51 -69.78 -0.81 -72.13
N ASN A 52 -69.76 -0.72 -73.46
CA ASN A 52 -68.66 -0.08 -74.16
C ASN A 52 -69.18 0.86 -75.23
N ASN A 53 -68.28 1.52 -75.94
CA ASN A 53 -68.67 2.33 -77.09
C ASN A 53 -67.59 2.27 -78.15
N PRO A 54 -67.73 1.33 -79.09
CA PRO A 54 -66.75 1.00 -80.13
C PRO A 54 -66.21 2.22 -80.87
N GLY A 55 -64.89 2.31 -80.99
CA GLY A 55 -64.26 3.41 -81.70
C GLY A 55 -64.19 4.70 -80.93
N LYS A 56 -65.33 5.15 -80.41
CA LYS A 56 -65.42 6.43 -79.70
C LYS A 56 -64.87 6.34 -78.28
N GLU A 57 -63.63 6.76 -78.11
CA GLU A 57 -63.00 6.76 -76.79
C GLU A 57 -63.75 7.68 -75.84
N ASN A 58 -64.03 7.18 -74.63
CA ASN A 58 -64.81 7.90 -73.62
C ASN A 58 -66.19 8.31 -74.14
N GLY A 59 -66.74 7.52 -75.05
CA GLY A 59 -68.06 7.79 -75.61
C GLY A 59 -69.16 7.61 -74.57
N PRO A 60 -70.37 8.04 -74.92
CA PRO A 60 -71.49 8.01 -73.97
C PRO A 60 -71.99 6.60 -73.68
N VAL A 61 -72.57 6.41 -72.50
CA VAL A 61 -73.14 5.12 -72.11
C VAL A 61 -74.51 4.92 -72.77
N LYS A 62 -74.70 3.76 -73.40
CA LYS A 62 -76.00 3.38 -73.92
C LYS A 62 -76.36 1.97 -73.46
N ILE A 63 -77.55 1.82 -72.87
CA ILE A 63 -78.02 0.52 -72.43
C ILE A 63 -78.95 -0.08 -73.47
N SER A 64 -78.50 -1.13 -74.14
CA SER A 64 -79.24 -1.69 -75.27
C SER A 64 -80.10 -2.90 -74.90
N SER A 65 -79.92 -3.43 -73.69
CA SER A 65 -80.68 -4.59 -73.25
C SER A 65 -82.11 -4.21 -72.88
N LYS A 66 -83.04 -5.13 -73.12
CA LYS A 66 -84.42 -4.92 -72.72
C LYS A 66 -84.54 -5.04 -71.21
N VAL A 67 -85.25 -4.11 -70.59
CA VAL A 67 -85.45 -4.12 -69.14
C VAL A 67 -86.93 -4.27 -68.81
N ASN A 68 -87.26 -5.32 -68.07
CA ASN A 68 -88.66 -5.63 -67.79
C ASN A 68 -89.22 -4.80 -66.64
N ASP A 69 -89.16 -3.49 -66.80
CA ASP A 69 -89.63 -2.56 -65.78
C ASP A 69 -89.69 -1.17 -66.41
N LYS A 70 -90.89 -0.59 -66.46
CA LYS A 70 -91.09 0.71 -67.09
C LYS A 70 -90.28 1.80 -66.41
N GLN A 71 -90.27 1.79 -65.07
CA GLN A 71 -89.52 2.77 -64.31
C GLN A 71 -88.03 2.70 -64.58
N VAL A 72 -87.46 1.50 -64.48
CA VAL A 72 -86.03 1.32 -64.71
C VAL A 72 -85.69 1.62 -66.18
N SER A 73 -86.55 1.19 -67.09
CA SER A 73 -86.36 1.47 -68.51
C SER A 73 -86.34 2.96 -68.80
N GLU A 74 -87.22 3.70 -68.14
CA GLU A 74 -87.25 5.15 -68.29
C GLU A 74 -85.97 5.77 -67.75
N PHE A 75 -85.54 5.32 -66.57
CA PHE A 75 -84.31 5.82 -65.96
C PHE A 75 -83.11 5.58 -66.86
N LEU A 76 -83.06 4.40 -67.46
CA LEU A 76 -81.89 3.99 -68.25
C LEU A 76 -82.00 4.34 -69.73
N LYS A 77 -82.92 5.24 -70.09
CA LYS A 77 -83.08 5.62 -71.48
C LYS A 77 -81.91 6.48 -71.94
N ASP A 78 -81.68 6.51 -73.24
CA ASP A 78 -80.48 7.13 -73.82
C ASP A 78 -80.23 8.55 -73.32
N GLU A 79 -81.28 9.35 -73.30
CA GLU A 79 -81.17 10.76 -72.91
C GLU A 79 -80.65 10.92 -71.49
N ASN A 80 -80.96 9.94 -70.64
CA ASN A 80 -80.53 9.99 -69.24
C ASN A 80 -79.11 9.47 -69.02
N MET A 81 -78.62 8.65 -69.95
CA MET A 81 -77.32 8.01 -69.75
C MET A 81 -76.18 8.74 -70.45
N GLU A 82 -76.51 9.65 -71.36
CA GLU A 82 -75.49 10.26 -72.22
C GLU A 82 -74.51 11.17 -71.48
N LYS A 83 -74.81 11.51 -70.23
CA LYS A 83 -73.89 12.31 -69.43
C LYS A 83 -72.77 11.46 -68.83
N PHE A 84 -72.90 10.15 -68.94
CA PHE A 84 -71.88 9.22 -68.45
C PHE A 84 -71.11 8.61 -69.60
N ASN A 85 -69.82 8.34 -69.38
CA ASN A 85 -68.99 7.81 -70.45
C ASN A 85 -68.46 6.40 -70.14
N VAL A 86 -67.94 5.75 -71.16
CA VAL A 86 -67.56 4.34 -71.08
C VAL A 86 -66.08 4.12 -70.81
N LYS A 87 -65.40 5.13 -70.25
CA LYS A 87 -63.97 5.03 -69.98
C LYS A 87 -63.66 3.78 -69.17
N LEU A 88 -62.71 2.98 -69.67
CA LEU A 88 -62.38 1.70 -69.07
C LEU A 88 -62.16 1.80 -67.57
N GLY A 89 -63.01 1.13 -66.80
CA GLY A 89 -62.87 1.08 -65.35
C GLY A 89 -63.77 2.06 -64.61
N THR A 90 -64.41 2.94 -65.36
CA THR A 90 -65.37 3.88 -64.78
C THR A 90 -66.61 3.13 -64.30
N SER A 91 -67.14 3.55 -63.16
CA SER A 91 -68.35 2.96 -62.62
C SER A 91 -69.21 4.03 -61.96
N LYS A 92 -70.52 3.80 -62.00
CA LYS A 92 -71.47 4.71 -61.38
C LYS A 92 -72.60 3.91 -60.72
N HIS A 93 -73.10 4.42 -59.60
CA HIS A 93 -74.25 3.82 -58.91
C HIS A 93 -75.54 4.59 -59.18
N PHE A 94 -76.62 3.87 -59.48
CA PHE A 94 -77.93 4.49 -59.67
C PHE A 94 -78.90 4.03 -58.57
N TYR A 95 -79.86 4.90 -58.26
CA TYR A 95 -80.89 4.59 -57.27
C TYR A 95 -82.26 5.02 -57.80
N MET A 96 -83.24 4.12 -57.74
CA MET A 96 -84.57 4.40 -58.27
C MET A 96 -85.60 3.41 -57.74
N PHE A 97 -86.87 3.71 -57.97
CA PHE A 97 -87.96 2.82 -57.60
C PHE A 97 -88.51 2.12 -58.84
N ASN A 98 -88.84 0.84 -58.71
CA ASN A 98 -89.32 0.08 -59.87
C ASN A 98 -90.86 0.03 -59.92
N ASP A 99 -91.39 -0.73 -60.87
CA ASP A 99 -92.84 -0.81 -61.09
C ASP A 99 -93.64 -1.28 -59.88
N ASN A 100 -92.98 -1.98 -58.96
CA ASN A 100 -93.64 -2.45 -57.76
C ASN A 100 -93.32 -1.58 -56.55
N LYS A 101 -92.88 -0.35 -56.83
CA LYS A 101 -92.59 0.64 -55.79
C LYS A 101 -91.52 0.17 -54.81
N ASN A 102 -90.61 -0.68 -55.27
CA ASN A 102 -89.46 -1.07 -54.49
C ASN A 102 -88.21 -0.34 -54.98
N SER A 103 -87.39 0.13 -54.06
CA SER A 103 -86.16 0.82 -54.43
C SER A 103 -85.09 -0.18 -54.86
N VAL A 104 -84.52 0.06 -56.04
CA VAL A 104 -83.48 -0.83 -56.57
C VAL A 104 -82.18 -0.06 -56.78
N ALA A 105 -81.07 -0.79 -56.74
CA ALA A 105 -79.77 -0.23 -57.03
C ALA A 105 -79.27 -0.75 -58.38
N VAL A 106 -78.92 0.17 -59.27
CA VAL A 106 -78.44 -0.18 -60.60
C VAL A 106 -77.14 0.58 -60.85
N GLY A 107 -76.43 0.20 -61.91
CA GLY A 107 -75.22 0.88 -62.27
C GLY A 107 -74.56 0.27 -63.49
N TYR A 108 -73.35 0.73 -63.78
CA TYR A 108 -72.61 0.25 -64.93
C TYR A 108 -71.12 0.30 -64.70
N VAL A 109 -70.38 -0.52 -65.42
CA VAL A 109 -68.93 -0.44 -65.50
C VAL A 109 -68.55 -0.23 -66.95
N GLY A 110 -67.77 0.82 -67.22
CA GLY A 110 -67.34 1.11 -68.57
C GLY A 110 -66.30 0.12 -69.06
N CYS A 111 -66.45 -0.36 -70.29
CA CYS A 111 -65.53 -1.35 -70.83
C CYS A 111 -64.74 -0.80 -72.02
N GLY A 112 -64.62 0.52 -72.07
CA GLY A 112 -63.76 1.17 -73.04
C GLY A 112 -64.37 1.30 -74.43
N SER A 113 -63.50 1.51 -75.41
CA SER A 113 -63.94 1.75 -76.78
C SER A 113 -63.45 0.69 -77.76
N VAL A 114 -62.92 -0.41 -77.22
CA VAL A 114 -62.50 -1.54 -78.05
C VAL A 114 -63.38 -2.77 -77.75
N ALA A 115 -63.92 -3.37 -78.81
CA ALA A 115 -64.87 -4.47 -78.67
C ALA A 115 -64.21 -5.74 -78.13
N ASP A 116 -62.95 -5.98 -78.49
CA ASP A 116 -62.23 -7.14 -78.01
C ASP A 116 -61.39 -6.80 -76.77
N LEU A 117 -61.91 -7.13 -75.59
CA LEU A 117 -61.22 -6.83 -74.34
C LEU A 117 -60.09 -7.82 -74.06
N SER A 118 -58.91 -7.30 -73.75
CA SER A 118 -57.77 -8.16 -73.41
C SER A 118 -57.93 -8.69 -71.99
N GLU A 119 -57.15 -9.71 -71.65
CA GLU A 119 -57.23 -10.32 -70.32
C GLU A 119 -56.85 -9.31 -69.23
N ALA A 120 -56.07 -8.31 -69.60
CA ALA A 120 -55.62 -7.29 -68.64
C ALA A 120 -56.70 -6.22 -68.46
N ASP A 121 -57.38 -5.87 -69.54
CA ASP A 121 -58.43 -4.87 -69.47
C ASP A 121 -59.66 -5.45 -68.77
N MET A 122 -59.87 -6.75 -68.94
CA MET A 122 -60.97 -7.43 -68.26
C MET A 122 -60.73 -7.45 -66.76
N LYS A 123 -59.46 -7.54 -66.37
CA LYS A 123 -59.13 -7.50 -64.94
C LYS A 123 -59.42 -6.11 -64.39
N ARG A 124 -59.23 -5.09 -65.20
CA ARG A 124 -59.57 -3.73 -64.78
C ARG A 124 -61.08 -3.60 -64.57
N VAL A 125 -61.86 -4.20 -65.46
CA VAL A 125 -63.32 -4.19 -65.33
C VAL A 125 -63.77 -4.88 -64.05
N VAL A 126 -63.19 -6.03 -63.77
CA VAL A 126 -63.57 -6.82 -62.59
C VAL A 126 -63.21 -6.09 -61.29
N LEU A 127 -62.03 -5.48 -61.26
CA LEU A 127 -61.60 -4.74 -60.08
C LEU A 127 -62.54 -3.57 -59.78
N SER A 128 -63.02 -2.89 -60.82
CA SER A 128 -64.00 -1.82 -60.64
C SER A 128 -65.28 -2.40 -60.05
N LEU A 129 -65.66 -3.56 -60.55
CA LEU A 129 -66.86 -4.24 -60.10
C LEU A 129 -66.73 -4.68 -58.65
N VAL A 130 -65.52 -5.12 -58.28
CA VAL A 130 -65.25 -5.57 -56.92
C VAL A 130 -65.30 -4.39 -55.95
N THR A 131 -64.84 -3.21 -56.37
CA THR A 131 -64.91 -2.03 -55.52
C THR A 131 -66.37 -1.66 -55.22
N MET A 132 -67.27 -2.07 -56.10
CA MET A 132 -68.71 -1.88 -55.89
C MET A 132 -69.25 -2.91 -54.91
N LEU A 133 -68.60 -4.07 -54.83
CA LEU A 133 -69.04 -5.12 -53.92
C LEU A 133 -68.56 -4.84 -52.50
N HIS A 134 -67.35 -4.32 -52.39
CA HIS A 134 -66.77 -3.96 -51.09
C HIS A 134 -67.49 -2.78 -50.44
N ASP A 135 -67.57 -2.83 -49.11
CA ASP A 135 -68.20 -1.77 -48.32
C ASP A 135 -69.67 -1.54 -48.68
N ASN A 136 -70.32 -2.59 -49.15
CA ASN A 136 -71.76 -2.56 -49.41
C ASN A 136 -72.39 -3.92 -49.13
N LYS A 137 -73.12 -4.01 -48.03
CA LYS A 137 -73.79 -5.25 -47.66
C LYS A 137 -74.90 -5.59 -48.64
N LEU A 138 -74.55 -6.41 -49.64
CA LEU A 138 -75.48 -6.81 -50.69
C LEU A 138 -75.81 -8.30 -50.58
N SER A 139 -77.03 -8.67 -50.96
CA SER A 139 -77.42 -10.08 -50.91
C SER A 139 -77.28 -10.70 -52.30
N LYS A 140 -77.35 -9.86 -53.32
CA LYS A 140 -77.28 -10.32 -54.70
C LYS A 140 -76.51 -9.34 -55.59
N LEU A 141 -75.87 -9.87 -56.63
CA LEU A 141 -75.30 -9.05 -57.69
C LEU A 141 -75.82 -9.59 -59.02
N THR A 142 -76.24 -8.69 -59.91
CA THR A 142 -76.61 -9.11 -61.25
C THR A 142 -75.68 -8.40 -62.25
N VAL A 143 -75.21 -9.15 -63.24
CA VAL A 143 -74.32 -8.58 -64.26
C VAL A 143 -74.96 -8.75 -65.63
N VAL A 144 -75.05 -7.66 -66.38
CA VAL A 144 -75.60 -7.70 -67.72
C VAL A 144 -74.49 -7.44 -68.75
N PHE A 145 -74.16 -8.46 -69.52
CA PHE A 145 -73.10 -8.34 -70.52
C PHE A 145 -73.61 -7.68 -71.79
N GLU A 146 -73.20 -6.44 -72.00
CA GLU A 146 -73.50 -5.74 -73.25
C GLU A 146 -72.21 -5.56 -74.04
N ILE A 147 -71.29 -6.51 -73.85
CA ILE A 147 -70.06 -6.58 -74.61
C ILE A 147 -69.91 -7.98 -75.17
N ASN A 148 -69.11 -8.12 -76.23
CA ASN A 148 -68.86 -9.44 -76.82
C ASN A 148 -67.73 -10.17 -76.12
N VAL A 149 -68.04 -11.31 -75.51
CA VAL A 149 -67.03 -12.15 -74.91
C VAL A 149 -67.18 -13.60 -75.35
N ASP A 150 -66.06 -14.27 -75.60
CA ASP A 150 -66.12 -15.69 -75.97
C ASP A 150 -66.23 -16.50 -74.69
N LYS A 151 -66.37 -17.81 -74.82
CA LYS A 151 -66.56 -18.67 -73.66
C LYS A 151 -65.42 -18.56 -72.65
N ASN A 152 -64.19 -18.54 -73.13
CA ASN A 152 -63.03 -18.47 -72.25
C ASN A 152 -62.96 -17.16 -71.47
N LEU A 153 -63.17 -16.04 -72.14
CA LEU A 153 -63.10 -14.74 -71.49
C LEU A 153 -64.26 -14.58 -70.50
N PHE A 154 -65.40 -15.19 -70.81
CA PHE A 154 -66.52 -15.19 -69.88
C PHE A 154 -66.14 -15.94 -68.61
N ARG A 155 -65.54 -17.12 -68.78
CA ARG A 155 -65.10 -17.91 -67.63
C ARG A 155 -64.03 -17.13 -66.86
N PHE A 156 -63.12 -16.49 -67.59
CA PHE A 156 -62.06 -15.71 -66.97
C PHE A 156 -62.64 -14.56 -66.14
N PHE A 157 -63.71 -13.95 -66.64
CA PHE A 157 -64.40 -12.91 -65.88
C PHE A 157 -64.87 -13.45 -64.53
N LEU A 158 -65.56 -14.59 -64.54
CA LEU A 158 -66.08 -15.21 -63.31
C LEU A 158 -64.96 -15.60 -62.33
N GLU A 159 -63.92 -16.25 -62.86
CA GLU A 159 -62.75 -16.64 -62.08
C GLU A 159 -62.11 -15.47 -61.34
N THR A 160 -61.94 -14.37 -62.07
CA THR A 160 -61.30 -13.17 -61.56
C THR A 160 -62.19 -12.49 -60.53
N LEU A 161 -63.48 -12.43 -60.84
CA LEU A 161 -64.46 -11.90 -59.91
C LEU A 161 -64.37 -12.64 -58.58
N PHE A 162 -64.49 -13.95 -58.64
CA PHE A 162 -64.42 -14.80 -57.45
C PHE A 162 -63.13 -14.62 -56.69
N TYR A 163 -62.01 -14.63 -57.41
CA TYR A 163 -60.69 -14.52 -56.79
C TYR A 163 -60.47 -13.17 -56.13
N GLU A 164 -60.81 -12.09 -56.83
CA GLU A 164 -60.58 -10.74 -56.31
C GLU A 164 -61.57 -10.32 -55.22
N TYR A 165 -62.77 -10.88 -55.28
CA TYR A 165 -63.82 -10.63 -54.28
C TYR A 165 -63.44 -11.24 -52.94
N MET A 166 -62.81 -12.42 -53.01
CA MET A 166 -62.42 -13.17 -51.83
C MET A 166 -61.36 -12.46 -50.99
N THR A 167 -61.47 -12.56 -49.67
CA THR A 167 -60.51 -11.91 -48.76
C THR A 167 -59.96 -12.92 -47.76
N ASP A 168 -58.64 -13.09 -47.76
CA ASP A 168 -57.96 -14.06 -46.90
C ASP A 168 -57.76 -13.50 -45.49
N GLU A 169 -58.47 -14.07 -44.52
CA GLU A 169 -58.36 -13.62 -43.14
C GLU A 169 -57.85 -14.71 -42.19
N ARG A 170 -57.11 -15.67 -42.73
CA ARG A 170 -56.60 -16.80 -41.93
C ARG A 170 -55.64 -16.38 -40.82
N PHE A 171 -54.92 -15.28 -41.04
CA PHE A 171 -53.89 -14.87 -40.09
C PHE A 171 -54.29 -13.62 -39.33
N LYS A 172 -55.52 -13.17 -39.55
CA LYS A 172 -56.11 -12.08 -38.77
C LYS A 172 -56.57 -12.62 -37.43
N SER A 173 -56.36 -11.84 -36.39
CA SER A 173 -56.81 -12.21 -35.05
C SER A 173 -57.70 -11.11 -34.51
N THR A 174 -57.09 -9.97 -34.19
CA THR A 174 -57.83 -8.83 -33.67
C THR A 174 -58.26 -7.85 -34.75
N ASP A 175 -57.81 -8.06 -35.99
CA ASP A 175 -58.05 -7.11 -37.07
C ASP A 175 -58.93 -7.69 -38.18
N LYS A 176 -59.84 -8.58 -37.81
CA LYS A 176 -60.83 -9.09 -38.75
C LYS A 176 -61.78 -7.95 -39.15
N ASN A 177 -62.19 -7.92 -40.41
CA ASN A 177 -63.13 -6.92 -40.89
C ASN A 177 -64.54 -7.23 -40.40
N VAL A 178 -65.06 -6.38 -39.51
CA VAL A 178 -66.36 -6.60 -38.89
C VAL A 178 -67.52 -6.53 -39.89
N ASN A 179 -67.27 -5.87 -41.02
CA ASN A 179 -68.30 -5.68 -42.04
C ASN A 179 -68.19 -6.68 -43.19
N MET A 180 -67.52 -7.81 -42.93
CA MET A 180 -67.32 -8.84 -43.94
C MET A 180 -68.61 -9.62 -44.24
N GLU A 181 -69.22 -9.32 -45.38
CA GLU A 181 -70.47 -9.95 -45.79
C GLU A 181 -70.48 -10.17 -47.30
N TYR A 182 -70.76 -11.39 -47.72
CA TYR A 182 -70.70 -11.75 -49.13
C TYR A 182 -72.09 -11.95 -49.73
N ILE A 183 -72.22 -11.68 -51.03
CA ILE A 183 -73.47 -11.98 -51.72
C ILE A 183 -73.75 -13.48 -51.65
N LYS A 184 -75.01 -13.84 -51.78
CA LYS A 184 -75.43 -15.24 -51.77
C LYS A 184 -75.89 -15.66 -53.17
N HIS A 185 -76.05 -14.66 -54.03
CA HIS A 185 -76.63 -14.88 -55.34
C HIS A 185 -75.93 -14.05 -56.40
N LEU A 186 -75.74 -14.65 -57.56
CA LEU A 186 -75.13 -13.95 -58.68
C LEU A 186 -75.92 -14.23 -59.93
N GLY A 187 -76.48 -13.19 -60.53
CA GLY A 187 -77.18 -13.33 -61.79
C GLY A 187 -76.33 -12.84 -62.94
N VAL A 188 -76.40 -13.54 -64.06
CA VAL A 188 -75.71 -13.13 -65.28
C VAL A 188 -76.68 -13.10 -66.46
N TYR A 189 -76.79 -11.94 -67.10
CA TYR A 189 -77.55 -11.80 -68.34
C TYR A 189 -76.60 -11.70 -69.51
N ILE A 190 -76.77 -12.59 -70.49
CA ILE A 190 -75.87 -12.61 -71.63
C ILE A 190 -76.53 -13.28 -72.83
N ASN A 191 -76.20 -12.84 -74.04
CA ASN A 191 -76.74 -13.45 -75.24
C ASN A 191 -76.25 -14.88 -75.40
N ASN A 192 -77.11 -15.73 -75.95
CA ASN A 192 -76.82 -17.16 -76.12
C ASN A 192 -76.37 -17.79 -74.81
N ALA A 193 -77.16 -17.57 -73.77
CA ALA A 193 -76.81 -17.95 -72.41
C ALA A 193 -76.54 -19.45 -72.23
N ASP A 194 -77.23 -20.28 -73.00
CA ASP A 194 -77.09 -21.73 -72.85
C ASP A 194 -75.70 -22.24 -73.24
N THR A 195 -74.97 -21.46 -74.04
CA THR A 195 -73.63 -21.85 -74.45
C THR A 195 -72.58 -21.45 -73.41
N TYR A 196 -72.94 -20.50 -72.55
CA TYR A 196 -72.03 -19.99 -71.54
C TYR A 196 -72.21 -20.67 -70.18
N LYS A 197 -73.33 -21.39 -70.02
CA LYS A 197 -73.67 -22.02 -68.75
C LYS A 197 -72.63 -23.04 -68.29
N GLU A 198 -72.04 -23.76 -69.23
CA GLU A 198 -71.08 -24.80 -68.90
C GLU A 198 -69.80 -24.22 -68.29
N GLU A 199 -69.57 -22.94 -68.49
CA GLU A 199 -68.37 -22.29 -68.01
C GLU A 199 -68.44 -21.94 -66.52
N VAL A 200 -69.65 -21.92 -65.98
CA VAL A 200 -69.86 -21.44 -64.62
C VAL A 200 -69.17 -22.31 -63.57
N GLU A 201 -69.44 -23.61 -63.58
CA GLU A 201 -68.85 -24.48 -62.57
C GLU A 201 -67.36 -24.67 -62.82
N LYS A 202 -66.98 -24.68 -64.09
CA LYS A 202 -65.56 -24.75 -64.45
C LYS A 202 -64.81 -23.57 -63.83
N ALA A 203 -65.39 -22.38 -63.94
CA ALA A 203 -64.83 -21.17 -63.34
C ALA A 203 -64.72 -21.28 -61.83
N ARG A 204 -65.72 -21.89 -61.19
CA ARG A 204 -65.71 -22.02 -59.74
C ARG A 204 -64.61 -22.98 -59.31
N VAL A 205 -64.41 -24.03 -60.11
CA VAL A 205 -63.33 -24.97 -59.88
C VAL A 205 -61.97 -24.31 -60.10
N TYR A 206 -61.82 -23.59 -61.21
CA TYR A 206 -60.58 -22.88 -61.51
C TYR A 206 -60.29 -21.81 -60.47
N TYR A 207 -61.34 -21.12 -60.01
CA TYR A 207 -61.18 -20.12 -58.95
C TYR A 207 -60.54 -20.75 -57.72
N PHE A 208 -61.07 -21.87 -57.24
CA PHE A 208 -60.55 -22.41 -55.99
C PHE A 208 -59.17 -23.02 -56.16
N GLY A 209 -58.91 -23.65 -57.30
CA GLY A 209 -57.58 -24.16 -57.58
C GLY A 209 -56.58 -23.03 -57.49
N THR A 210 -56.95 -21.89 -58.05
CA THR A 210 -56.11 -20.71 -58.03
C THR A 210 -56.04 -20.13 -56.62
N TYR A 211 -57.18 -20.07 -55.94
CA TYR A 211 -57.23 -19.52 -54.60
C TYR A 211 -56.50 -20.42 -53.60
N TYR A 212 -56.61 -21.72 -53.78
CA TYR A 212 -55.92 -22.69 -52.94
C TYR A 212 -54.40 -22.48 -52.99
N ALA A 213 -53.87 -22.35 -54.20
CA ALA A 213 -52.44 -22.10 -54.40
C ALA A 213 -52.03 -20.81 -53.68
N SER A 214 -52.85 -19.77 -53.84
CA SER A 214 -52.64 -18.49 -53.20
C SER A 214 -52.54 -18.59 -51.67
N GLN A 215 -53.39 -19.42 -51.07
CA GLN A 215 -53.37 -19.61 -49.63
C GLN A 215 -52.05 -20.23 -49.17
N LEU A 216 -51.57 -21.21 -49.92
CA LEU A 216 -50.28 -21.84 -49.64
C LEU A 216 -49.13 -20.85 -49.76
N ILE A 217 -49.14 -20.06 -50.84
CA ILE A 217 -48.07 -19.11 -51.11
C ILE A 217 -48.05 -18.00 -50.07
N ALA A 218 -49.21 -17.42 -49.81
CA ALA A 218 -49.34 -16.36 -48.81
C ALA A 218 -49.00 -16.85 -47.40
N ALA A 219 -49.23 -18.13 -47.14
CA ALA A 219 -48.87 -18.70 -45.84
C ALA A 219 -47.37 -18.54 -45.59
N PRO A 220 -47.01 -17.91 -44.46
CA PRO A 220 -45.62 -17.62 -44.08
C PRO A 220 -44.82 -18.91 -43.86
N SER A 221 -43.50 -18.80 -43.86
CA SER A 221 -42.66 -20.00 -43.84
C SER A 221 -42.65 -20.71 -42.48
N ASN A 222 -43.07 -20.03 -41.43
CA ASN A 222 -43.21 -20.69 -40.13
C ASN A 222 -44.50 -21.51 -40.07
N TYR A 223 -45.42 -21.23 -40.98
CA TYR A 223 -46.65 -22.02 -41.10
C TYR A 223 -46.49 -23.06 -42.20
N CYS A 224 -45.98 -22.60 -43.35
CA CYS A 224 -45.77 -23.43 -44.53
C CYS A 224 -44.29 -23.75 -44.66
N ASN A 225 -43.94 -24.94 -44.17
CA ASN A 225 -42.58 -25.47 -44.22
C ASN A 225 -42.66 -26.80 -44.99
N PRO A 226 -41.53 -27.50 -45.19
CA PRO A 226 -41.61 -28.74 -45.98
C PRO A 226 -42.54 -29.82 -45.42
N VAL A 227 -42.58 -29.96 -44.09
CA VAL A 227 -43.43 -30.99 -43.49
C VAL A 227 -44.91 -30.59 -43.57
N SER A 228 -45.20 -29.35 -43.16
CA SER A 228 -46.57 -28.84 -43.16
C SER A 228 -47.14 -28.71 -44.57
N LEU A 229 -46.27 -28.46 -45.55
CA LEU A 229 -46.72 -28.36 -46.93
C LEU A 229 -47.02 -29.74 -47.52
N SER A 230 -46.13 -30.70 -47.28
CA SER A 230 -46.37 -32.06 -47.75
C SER A 230 -47.62 -32.63 -47.07
N ASN A 231 -47.79 -32.33 -45.78
CA ASN A 231 -49.01 -32.73 -45.07
C ASN A 231 -50.28 -32.18 -45.70
N ALA A 232 -50.23 -30.94 -46.16
CA ALA A 232 -51.39 -30.34 -46.82
C ALA A 232 -51.64 -31.01 -48.16
N ALA A 233 -50.57 -31.42 -48.83
CA ALA A 233 -50.69 -32.14 -50.09
C ALA A 233 -51.36 -33.51 -49.86
N VAL A 234 -51.01 -34.16 -48.76
CA VAL A 234 -51.63 -35.42 -48.39
C VAL A 234 -53.14 -35.26 -48.17
N GLU A 235 -53.49 -34.24 -47.41
CA GLU A 235 -54.89 -33.95 -47.10
C GLU A 235 -55.69 -33.66 -48.37
N LEU A 236 -55.08 -32.95 -49.31
CA LEU A 236 -55.73 -32.63 -50.56
C LEU A 236 -55.99 -33.89 -51.39
N ALA A 237 -54.99 -34.77 -51.42
CA ALA A 237 -55.10 -36.02 -52.17
C ALA A 237 -56.18 -36.91 -51.57
N GLN A 238 -56.27 -36.90 -50.25
CA GLN A 238 -57.27 -37.72 -49.55
C GLN A 238 -58.68 -37.23 -49.87
N LYS A 239 -58.86 -35.92 -50.01
CA LYS A 239 -60.18 -35.37 -50.31
C LYS A 239 -60.57 -35.56 -51.78
N LEU A 240 -59.57 -35.75 -52.64
CA LEU A 240 -59.83 -35.87 -54.08
C LEU A 240 -59.71 -37.30 -54.59
N ASN A 241 -59.42 -38.22 -53.69
CA ASN A 241 -59.13 -39.61 -54.07
C ASN A 241 -57.97 -39.75 -55.06
N LEU A 242 -56.94 -38.93 -54.88
CA LEU A 242 -55.72 -39.06 -55.66
C LEU A 242 -54.76 -40.00 -54.95
N GLU A 243 -53.94 -40.71 -55.70
CA GLU A 243 -52.90 -41.51 -55.09
C GLU A 243 -51.83 -40.56 -54.59
N TYR A 244 -51.17 -40.91 -53.49
CA TYR A 244 -50.11 -40.06 -52.99
C TYR A 244 -48.97 -40.85 -52.36
N LYS A 245 -47.80 -40.24 -52.43
CA LYS A 245 -46.62 -40.79 -51.84
C LYS A 245 -45.73 -39.63 -51.42
N ILE A 246 -45.37 -39.58 -50.14
CA ILE A 246 -44.42 -38.59 -49.65
C ILE A 246 -43.10 -39.29 -49.35
N LEU A 247 -42.05 -38.91 -50.08
CA LEU A 247 -40.74 -39.52 -49.88
C LEU A 247 -39.92 -38.71 -48.88
N GLY A 248 -39.39 -39.41 -47.88
CA GLY A 248 -38.57 -38.78 -46.86
C GLY A 248 -37.11 -38.94 -47.16
N VAL A 249 -36.27 -38.42 -46.27
CA VAL A 249 -34.83 -38.39 -46.47
C VAL A 249 -34.25 -39.77 -46.74
N LYS A 250 -34.70 -40.76 -45.98
CA LYS A 250 -34.20 -42.13 -46.13
C LYS A 250 -34.38 -42.66 -47.56
N GLU A 251 -35.57 -42.52 -48.11
CA GLU A 251 -35.82 -42.98 -49.48
C GLU A 251 -35.17 -42.06 -50.51
N LEU A 252 -35.12 -40.75 -50.21
CA LEU A 252 -34.41 -39.80 -51.05
C LEU A 252 -32.93 -40.18 -51.15
N GLU A 253 -32.34 -40.59 -50.03
CA GLU A 253 -30.96 -41.06 -50.01
C GLU A 253 -30.79 -42.31 -50.89
N GLU A 254 -31.72 -43.25 -50.76
CA GLU A 254 -31.70 -44.47 -51.56
C GLU A 254 -31.78 -44.16 -53.05
N LEU A 255 -32.56 -43.13 -53.38
CA LEU A 255 -32.70 -42.70 -54.76
C LEU A 255 -31.53 -41.83 -55.18
N LYS A 256 -30.65 -41.55 -54.24
CA LYS A 256 -29.42 -40.79 -54.48
C LYS A 256 -29.68 -39.40 -55.05
N MET A 257 -30.64 -38.68 -54.47
CA MET A 257 -30.93 -37.32 -54.90
C MET A 257 -30.04 -36.31 -54.17
N GLY A 258 -28.75 -36.35 -54.46
CA GLY A 258 -27.79 -35.51 -53.76
C GLY A 258 -27.98 -34.02 -53.96
N ALA A 259 -28.48 -33.62 -55.12
CA ALA A 259 -28.65 -32.20 -55.43
C ALA A 259 -29.76 -31.59 -54.56
N TYR A 260 -30.92 -32.25 -54.58
CA TYR A 260 -32.09 -31.81 -53.82
C TYR A 260 -31.83 -31.90 -52.31
N LEU A 261 -31.15 -32.97 -51.88
CA LEU A 261 -30.86 -33.16 -50.46
C LEU A 261 -29.90 -32.11 -49.90
N SER A 262 -28.92 -31.70 -50.71
CA SER A 262 -27.92 -30.74 -50.26
C SER A 262 -28.54 -29.38 -49.98
N VAL A 263 -29.54 -29.02 -50.78
CA VAL A 263 -30.24 -27.76 -50.59
C VAL A 263 -30.89 -27.73 -49.20
N GLY A 264 -31.45 -28.87 -48.79
CA GLY A 264 -32.21 -28.95 -47.55
C GLY A 264 -31.39 -29.23 -46.30
N LYS A 265 -30.10 -29.52 -46.47
CA LYS A 265 -29.23 -29.91 -45.37
C LYS A 265 -29.26 -28.93 -44.21
N GLY A 266 -29.35 -27.64 -44.56
CA GLY A 266 -29.27 -26.59 -43.55
C GLY A 266 -30.55 -26.34 -42.78
N SER A 267 -31.65 -26.97 -43.18
CA SER A 267 -32.95 -26.71 -42.54
C SER A 267 -33.25 -27.64 -41.37
N MET A 268 -34.05 -27.14 -40.43
CA MET A 268 -34.55 -27.96 -39.32
C MET A 268 -35.66 -28.89 -39.80
N TYR A 269 -36.25 -28.57 -40.94
CA TYR A 269 -37.32 -29.38 -41.50
C TYR A 269 -36.78 -30.37 -42.51
N PRO A 270 -37.02 -31.67 -42.28
CA PRO A 270 -36.56 -32.72 -43.20
C PRO A 270 -37.17 -32.51 -44.59
N ASN A 271 -36.41 -32.86 -45.63
CA ASN A 271 -36.93 -32.82 -46.99
C ASN A 271 -38.13 -33.72 -47.15
N LYS A 272 -39.12 -33.25 -47.90
CA LYS A 272 -40.27 -34.09 -48.27
C LYS A 272 -40.54 -33.96 -49.75
N PHE A 273 -40.52 -35.07 -50.47
CA PHE A 273 -40.80 -35.09 -51.90
C PHE A 273 -42.25 -35.51 -52.13
N ILE A 274 -43.02 -34.62 -52.72
CA ILE A 274 -44.44 -34.85 -52.96
C ILE A 274 -44.68 -35.51 -54.30
N HIS A 275 -45.48 -36.58 -54.30
CA HIS A 275 -45.86 -37.25 -55.55
C HIS A 275 -47.34 -37.61 -55.52
N LEU A 276 -48.14 -36.80 -56.20
CA LEU A 276 -49.57 -37.04 -56.34
C LEU A 276 -49.83 -37.65 -57.71
N THR A 277 -50.83 -38.52 -57.80
CA THR A 277 -51.17 -39.12 -59.08
C THR A 277 -52.66 -39.18 -59.33
N TYR A 278 -53.05 -38.75 -60.52
CA TYR A 278 -54.40 -38.93 -61.03
C TYR A 278 -54.36 -39.85 -62.25
N LYS A 279 -55.20 -40.88 -62.24
CA LYS A 279 -55.34 -41.74 -63.42
C LYS A 279 -56.80 -41.87 -63.79
N SER A 280 -57.09 -41.85 -65.09
CA SER A 280 -58.45 -42.02 -65.58
C SER A 280 -58.88 -43.47 -65.49
N LYS A 281 -60.18 -43.69 -65.35
CA LYS A 281 -60.72 -45.05 -65.31
C LYS A 281 -60.68 -45.67 -66.70
N GLY A 282 -60.73 -44.83 -67.72
CA GLY A 282 -60.61 -45.28 -69.09
C GLY A 282 -59.17 -45.59 -69.44
N ASP A 283 -58.96 -46.18 -70.62
CA ASP A 283 -57.62 -46.53 -71.05
C ASP A 283 -56.73 -45.30 -71.18
N VAL A 284 -55.58 -45.32 -70.51
CA VAL A 284 -54.64 -44.21 -70.52
C VAL A 284 -54.06 -43.98 -71.91
N LYS A 285 -54.27 -42.78 -72.45
CA LYS A 285 -53.79 -42.47 -73.79
C LYS A 285 -52.68 -41.43 -73.78
N LYS A 286 -52.40 -40.85 -72.62
CA LYS A 286 -51.29 -39.92 -72.47
C LYS A 286 -50.89 -39.70 -71.02
N LYS A 287 -49.57 -39.68 -70.78
CA LYS A 287 -49.03 -39.55 -69.44
C LYS A 287 -48.25 -38.25 -69.27
N ILE A 288 -48.49 -37.55 -68.17
CA ILE A 288 -47.94 -36.22 -67.96
C ILE A 288 -47.41 -36.08 -66.53
N ALA A 289 -46.25 -35.43 -66.40
CA ALA A 289 -45.72 -35.07 -65.10
C ALA A 289 -45.63 -33.54 -64.96
N LEU A 290 -46.14 -33.03 -63.85
CA LEU A 290 -46.08 -31.60 -63.56
C LEU A 290 -45.18 -31.39 -62.36
N VAL A 291 -44.15 -30.57 -62.54
CA VAL A 291 -43.13 -30.40 -61.52
C VAL A 291 -43.07 -28.96 -61.03
N GLY A 292 -43.24 -28.77 -59.73
CA GLY A 292 -43.23 -27.43 -59.18
C GLY A 292 -42.08 -27.22 -58.22
N LYS A 293 -41.46 -26.06 -58.30
CA LYS A 293 -40.42 -25.69 -57.36
C LYS A 293 -41.04 -25.48 -55.99
N GLY A 294 -40.44 -26.08 -54.97
CA GLY A 294 -41.03 -26.07 -53.65
C GLY A 294 -40.09 -25.66 -52.52
N ILE A 295 -39.52 -24.47 -52.63
CA ILE A 295 -38.72 -23.93 -51.54
C ILE A 295 -39.65 -23.14 -50.61
N THR A 296 -39.86 -23.65 -49.40
CA THR A 296 -40.81 -23.03 -48.49
C THR A 296 -40.27 -21.72 -47.91
N PHE A 297 -38.94 -21.61 -47.86
CA PHE A 297 -38.29 -20.32 -47.64
C PHE A 297 -36.89 -20.35 -48.23
N ASP A 298 -36.54 -19.27 -48.93
CA ASP A 298 -35.23 -19.19 -49.55
C ASP A 298 -34.44 -18.01 -49.02
N SER A 299 -33.67 -18.25 -47.97
CA SER A 299 -32.80 -17.23 -47.41
C SER A 299 -31.65 -16.92 -48.36
N GLY A 300 -31.42 -17.84 -49.30
CA GLY A 300 -30.27 -17.74 -50.18
C GLY A 300 -29.15 -18.67 -49.78
N GLY A 301 -29.18 -19.15 -48.53
CA GLY A 301 -28.09 -19.96 -48.02
C GLY A 301 -26.88 -19.10 -47.68
N TYR A 302 -25.67 -19.67 -47.76
CA TYR A 302 -24.48 -18.88 -47.46
C TYR A 302 -24.29 -17.71 -48.43
N ASN A 303 -24.85 -17.84 -49.64
CA ASN A 303 -25.06 -16.67 -50.49
C ASN A 303 -26.35 -15.96 -50.06
N LEU A 304 -26.34 -15.49 -48.82
CA LEU A 304 -27.50 -14.84 -48.22
C LEU A 304 -28.05 -13.70 -49.05
N LYS A 305 -29.38 -13.57 -49.07
CA LYS A 305 -30.00 -12.40 -49.70
C LYS A 305 -29.86 -11.19 -48.83
N ALA A 306 -28.76 -10.47 -49.02
CA ALA A 306 -28.45 -9.31 -48.22
C ALA A 306 -28.25 -8.08 -49.11
N ALA A 307 -28.24 -8.32 -50.42
CA ALA A 307 -28.11 -7.23 -51.39
C ALA A 307 -29.40 -6.45 -51.49
N PRO A 308 -29.30 -5.13 -51.69
CA PRO A 308 -30.50 -4.29 -51.83
C PRO A 308 -31.39 -4.78 -52.98
N GLY A 309 -32.70 -4.84 -52.76
CA GLY A 309 -33.62 -5.27 -53.80
C GLY A 309 -33.74 -6.77 -53.95
N SER A 310 -33.23 -7.52 -52.99
CA SER A 310 -33.31 -8.98 -53.04
C SER A 310 -34.60 -9.51 -52.38
N MET A 311 -35.28 -8.64 -51.64
CA MET A 311 -36.58 -8.93 -51.04
C MET A 311 -36.65 -10.27 -50.30
N ILE A 312 -35.75 -10.45 -49.34
CA ILE A 312 -35.70 -11.70 -48.59
C ILE A 312 -37.01 -11.92 -47.83
N ASP A 313 -37.76 -10.84 -47.57
CA ASP A 313 -39.03 -10.96 -46.86
C ASP A 313 -40.16 -11.54 -47.72
N LEU A 314 -39.95 -11.59 -49.03
CA LEU A 314 -40.93 -12.17 -49.94
C LEU A 314 -40.71 -13.69 -50.11
N MET A 315 -39.60 -14.20 -49.60
CA MET A 315 -39.13 -15.53 -49.97
C MET A 315 -40.00 -16.70 -49.52
N LYS A 316 -41.14 -16.42 -48.89
CA LYS A 316 -42.13 -17.45 -48.64
C LYS A 316 -42.81 -17.86 -49.97
N PHE A 317 -42.69 -16.99 -50.98
CA PHE A 317 -43.29 -17.21 -52.29
C PHE A 317 -42.60 -18.30 -53.10
N ASP A 318 -41.48 -18.81 -52.59
CA ASP A 318 -40.57 -19.59 -53.42
C ASP A 318 -41.07 -21.02 -53.63
N MET A 319 -42.26 -21.31 -53.11
CA MET A 319 -42.91 -22.59 -53.40
C MET A 319 -44.12 -22.39 -54.30
N SER A 320 -44.15 -21.27 -55.02
CA SER A 320 -45.27 -20.93 -55.88
C SER A 320 -45.48 -21.96 -56.98
N GLY A 321 -44.38 -22.47 -57.50
CA GLY A 321 -44.44 -23.54 -58.50
C GLY A 321 -45.16 -24.74 -57.94
N CYS A 322 -44.79 -25.14 -56.72
CA CYS A 322 -45.43 -26.26 -56.04
C CYS A 322 -46.92 -25.96 -55.83
N ALA A 323 -47.21 -24.74 -55.43
CA ALA A 323 -48.59 -24.32 -55.19
C ALA A 323 -49.43 -24.41 -56.46
N ALA A 324 -48.86 -23.97 -57.57
CA ALA A 324 -49.55 -24.03 -58.85
C ALA A 324 -49.87 -25.47 -59.22
N VAL A 325 -48.90 -26.36 -59.02
CA VAL A 325 -49.08 -27.77 -59.33
C VAL A 325 -50.16 -28.41 -58.46
N LEU A 326 -50.15 -28.08 -57.17
CA LEU A 326 -51.16 -28.60 -56.25
C LEU A 326 -52.54 -28.01 -56.57
N GLY A 327 -52.56 -26.76 -56.98
CA GLY A 327 -53.79 -26.12 -57.42
C GLY A 327 -54.34 -26.83 -58.64
N CYS A 328 -53.44 -27.19 -59.54
CA CYS A 328 -53.82 -27.96 -60.73
C CYS A 328 -54.35 -29.33 -60.34
N ALA A 329 -53.76 -29.92 -59.30
CA ALA A 329 -54.21 -31.21 -58.80
C ALA A 329 -55.66 -31.12 -58.34
N TYR A 330 -56.02 -30.02 -57.69
CA TYR A 330 -57.39 -29.84 -57.27
C TYR A 330 -58.33 -29.82 -58.47
N CYS A 331 -57.99 -29.03 -59.47
CA CYS A 331 -58.87 -28.86 -60.63
C CYS A 331 -59.05 -30.18 -61.38
N VAL A 332 -57.95 -30.87 -61.61
CA VAL A 332 -57.97 -32.13 -62.35
C VAL A 332 -58.76 -33.20 -61.60
N GLY A 333 -58.50 -33.33 -60.31
CA GLY A 333 -59.21 -34.29 -59.49
C GLY A 333 -60.69 -33.99 -59.33
N THR A 334 -61.08 -32.76 -59.67
CA THR A 334 -62.48 -32.32 -59.56
C THR A 334 -63.21 -32.46 -60.90
N LEU A 335 -62.56 -32.03 -61.97
CA LEU A 335 -63.15 -32.08 -63.30
C LEU A 335 -63.02 -33.47 -63.92
N LYS A 336 -62.04 -34.22 -63.43
CA LYS A 336 -61.81 -35.61 -63.84
C LYS A 336 -61.75 -35.83 -65.35
N PRO A 337 -60.65 -35.41 -65.99
CA PRO A 337 -60.44 -35.66 -67.42
C PRO A 337 -60.25 -37.14 -67.72
N GLU A 338 -60.57 -37.56 -68.94
CA GLU A 338 -60.50 -38.96 -69.35
C GLU A 338 -59.22 -39.28 -70.13
N ASN A 339 -58.86 -40.57 -70.15
CA ASN A 339 -57.76 -41.08 -70.97
C ASN A 339 -56.42 -40.41 -70.70
N VAL A 340 -56.21 -39.98 -69.47
CA VAL A 340 -54.98 -39.28 -69.16
C VAL A 340 -54.48 -39.64 -67.75
N GLU A 341 -53.16 -39.72 -67.61
CA GLU A 341 -52.54 -40.02 -66.34
C GLU A 341 -51.60 -38.88 -65.96
N ILE A 342 -51.86 -38.25 -64.82
CA ILE A 342 -51.09 -37.08 -64.42
C ILE A 342 -50.37 -37.30 -63.11
N HIS A 343 -49.08 -36.98 -63.12
CA HIS A 343 -48.29 -36.98 -61.90
C HIS A 343 -48.05 -35.53 -61.48
N PHE A 344 -48.21 -35.25 -60.20
CA PHE A 344 -47.99 -33.92 -59.64
C PHE A 344 -46.82 -34.02 -58.68
N LEU A 345 -45.72 -33.34 -59.00
CA LEU A 345 -44.46 -33.55 -58.28
C LEU A 345 -43.89 -32.27 -57.69
N SER A 346 -43.30 -32.38 -56.50
CA SER A 346 -42.55 -31.26 -55.93
C SER A 346 -41.50 -31.71 -54.92
N ALA A 347 -40.25 -31.37 -55.19
CA ALA A 347 -39.17 -31.63 -54.25
C ALA A 347 -39.07 -30.49 -53.24
N VAL A 348 -39.77 -30.64 -52.13
CA VAL A 348 -39.91 -29.56 -51.14
C VAL A 348 -38.79 -29.55 -50.11
N CYS A 349 -38.28 -28.35 -49.85
CA CYS A 349 -37.25 -28.15 -48.83
C CYS A 349 -37.14 -26.67 -48.47
N GLU A 350 -36.24 -26.38 -47.54
CA GLU A 350 -36.00 -25.01 -47.09
C GLU A 350 -34.51 -24.70 -47.22
N ASN A 351 -34.18 -23.54 -47.79
CA ASN A 351 -32.78 -23.14 -48.03
C ASN A 351 -32.31 -22.20 -46.94
N MET A 352 -31.60 -22.74 -45.96
CA MET A 352 -31.26 -21.98 -44.75
C MET A 352 -29.76 -21.88 -44.48
N VAL A 353 -29.41 -21.06 -43.50
CA VAL A 353 -28.03 -20.92 -43.08
C VAL A 353 -27.81 -21.62 -41.75
N SER A 354 -26.77 -22.44 -41.69
CA SER A 354 -26.59 -23.36 -40.58
C SER A 354 -25.20 -23.98 -40.59
N LYS A 355 -24.81 -24.55 -39.46
CA LYS A 355 -23.58 -25.34 -39.41
C LYS A 355 -23.67 -26.50 -40.40
N ASN A 356 -24.90 -26.91 -40.70
CA ASN A 356 -25.17 -28.08 -41.55
C ASN A 356 -25.45 -27.75 -43.01
N SER A 357 -25.42 -26.47 -43.35
CA SER A 357 -25.76 -26.02 -44.70
C SER A 357 -24.75 -26.50 -45.74
N TYR A 358 -25.18 -26.57 -47.00
CA TYR A 358 -24.28 -26.84 -48.13
C TYR A 358 -23.61 -25.51 -48.47
N ARG A 359 -22.35 -25.59 -48.93
CA ARG A 359 -21.47 -24.43 -49.07
C ARG A 359 -21.26 -24.10 -50.52
N PRO A 360 -21.02 -22.82 -50.82
CA PRO A 360 -20.58 -22.43 -52.16
C PRO A 360 -19.30 -23.17 -52.49
N GLY A 361 -19.21 -23.79 -53.66
CA GLY A 361 -18.01 -24.53 -54.02
C GLY A 361 -18.13 -26.03 -53.82
N ASP A 362 -19.12 -26.43 -53.03
CA ASP A 362 -19.41 -27.86 -52.82
C ASP A 362 -19.66 -28.54 -54.16
N ILE A 363 -19.24 -29.79 -54.27
CA ILE A 363 -19.57 -30.60 -55.44
C ILE A 363 -20.52 -31.72 -55.04
N ILE A 364 -21.68 -31.76 -55.68
CA ILE A 364 -22.74 -32.67 -55.28
C ILE A 364 -23.20 -33.52 -56.47
N THR A 365 -23.64 -34.75 -56.18
CA THR A 365 -24.02 -35.67 -57.24
C THR A 365 -25.52 -35.81 -57.35
N ALA A 366 -26.07 -35.48 -58.52
CA ALA A 366 -27.49 -35.64 -58.78
C ALA A 366 -27.84 -37.12 -58.93
N SER A 367 -29.13 -37.41 -59.01
CA SER A 367 -29.62 -38.79 -59.04
C SER A 367 -29.33 -39.51 -60.36
N ASN A 368 -28.97 -38.76 -61.40
CA ASN A 368 -28.57 -39.40 -62.64
C ASN A 368 -27.05 -39.54 -62.75
N GLY A 369 -26.36 -39.34 -61.62
CA GLY A 369 -24.92 -39.52 -61.57
C GLY A 369 -24.07 -38.32 -61.98
N LYS A 370 -24.71 -37.29 -62.50
CA LYS A 370 -24.00 -36.05 -62.85
C LYS A 370 -23.49 -35.32 -61.62
N THR A 371 -22.20 -35.00 -61.59
CA THR A 371 -21.64 -34.17 -60.53
C THR A 371 -21.79 -32.68 -60.84
N ILE A 372 -22.19 -31.92 -59.83
CA ILE A 372 -22.50 -30.50 -60.00
C ILE A 372 -21.64 -29.63 -59.08
N GLU A 373 -20.95 -28.64 -59.63
CA GLU A 373 -20.22 -27.70 -58.78
C GLU A 373 -21.09 -26.49 -58.42
N VAL A 374 -21.26 -26.25 -57.12
CA VAL A 374 -22.10 -25.16 -56.64
C VAL A 374 -21.35 -23.84 -56.57
N GLY A 375 -21.73 -22.90 -57.45
CA GLY A 375 -21.11 -21.59 -57.48
C GLY A 375 -21.86 -20.55 -56.65
N ASN A 376 -23.11 -20.86 -56.31
CA ASN A 376 -23.98 -19.91 -55.58
C ASN A 376 -25.08 -20.70 -54.84
N THR A 377 -25.05 -20.68 -53.52
CA THR A 377 -26.08 -21.38 -52.75
C THR A 377 -27.50 -20.82 -52.97
N ASP A 378 -27.63 -19.62 -53.53
CA ASP A 378 -28.96 -19.01 -53.75
C ASP A 378 -29.56 -19.44 -55.08
N ALA A 379 -28.81 -20.25 -55.83
CA ALA A 379 -29.35 -20.82 -57.07
C ALA A 379 -29.81 -22.25 -56.79
N GLU A 380 -30.71 -22.39 -55.80
CA GLU A 380 -31.03 -23.69 -55.26
C GLU A 380 -32.19 -24.36 -55.99
N GLY A 381 -33.06 -23.56 -56.58
CA GLY A 381 -34.24 -24.08 -57.27
C GLY A 381 -33.90 -25.09 -58.34
N ARG A 382 -32.88 -24.79 -59.15
CA ARG A 382 -32.53 -25.65 -60.27
C ARG A 382 -31.86 -26.94 -59.80
N LEU A 383 -31.32 -26.92 -58.59
CA LEU A 383 -30.75 -28.11 -57.99
C LEU A 383 -31.86 -29.07 -57.58
N THR A 384 -32.86 -28.54 -56.90
CA THR A 384 -34.00 -29.35 -56.47
C THR A 384 -34.75 -29.87 -57.69
N LEU A 385 -34.86 -29.04 -58.72
CA LEU A 385 -35.59 -29.42 -59.93
C LEU A 385 -34.85 -30.50 -60.70
N ALA A 386 -33.53 -30.44 -60.69
CA ALA A 386 -32.70 -31.43 -61.37
C ALA A 386 -33.06 -32.85 -60.95
N ASP A 387 -33.15 -33.08 -59.64
CA ASP A 387 -33.52 -34.40 -59.13
C ASP A 387 -34.98 -34.72 -59.40
N ALA A 388 -35.83 -33.70 -59.36
CA ALA A 388 -37.26 -33.89 -59.62
C ALA A 388 -37.51 -34.24 -61.09
N LEU A 389 -36.69 -33.67 -61.98
CA LEU A 389 -36.80 -33.92 -63.41
C LEU A 389 -36.32 -35.32 -63.78
N VAL A 390 -35.23 -35.76 -63.14
CA VAL A 390 -34.77 -37.14 -63.31
C VAL A 390 -35.85 -38.11 -62.83
N TYR A 391 -36.40 -37.83 -61.65
CA TYR A 391 -37.48 -38.63 -61.07
C TYR A 391 -38.66 -38.69 -62.01
N ALA A 392 -38.97 -37.55 -62.62
CA ALA A 392 -40.11 -37.42 -63.52
C ALA A 392 -39.95 -38.29 -64.76
N GLU A 393 -38.77 -38.27 -65.37
CA GLU A 393 -38.55 -39.00 -66.60
C GLU A 393 -38.52 -40.51 -66.36
N LYS A 394 -38.19 -40.92 -65.14
CA LYS A 394 -38.20 -42.34 -64.79
C LYS A 394 -39.61 -42.89 -64.69
N LEU A 395 -40.60 -42.00 -64.60
CA LEU A 395 -42.00 -42.40 -64.56
C LEU A 395 -42.46 -42.86 -65.94
N GLY A 396 -41.71 -42.47 -66.97
CA GLY A 396 -42.04 -42.84 -68.34
C GLY A 396 -43.28 -42.11 -68.81
N VAL A 397 -43.17 -40.80 -68.98
CA VAL A 397 -44.30 -39.99 -69.41
C VAL A 397 -44.08 -39.41 -70.79
N ASP A 398 -45.13 -38.84 -71.36
CA ASP A 398 -45.08 -38.22 -72.67
C ASP A 398 -44.59 -36.78 -72.60
N TYR A 399 -45.05 -36.04 -71.60
CA TYR A 399 -44.61 -34.66 -71.42
C TYR A 399 -44.20 -34.39 -69.98
N ILE A 400 -43.13 -33.62 -69.82
CA ILE A 400 -42.78 -33.08 -68.52
C ILE A 400 -42.84 -31.55 -68.57
N VAL A 401 -43.64 -30.95 -67.69
CA VAL A 401 -43.71 -29.51 -67.60
C VAL A 401 -43.40 -29.07 -66.18
N ASP A 402 -42.41 -28.20 -66.03
CA ASP A 402 -42.10 -27.70 -64.70
C ASP A 402 -42.46 -26.23 -64.59
N ILE A 403 -42.72 -25.78 -63.37
CA ILE A 403 -43.10 -24.40 -63.15
C ILE A 403 -42.41 -23.90 -61.88
N ALA A 404 -41.74 -22.76 -61.97
CA ALA A 404 -40.85 -22.35 -60.90
C ALA A 404 -40.61 -20.84 -60.85
N THR A 405 -40.54 -20.32 -59.63
CA THR A 405 -40.01 -18.99 -59.39
C THR A 405 -38.48 -19.07 -59.42
N LEU A 406 -37.91 -19.25 -60.60
CA LEU A 406 -36.52 -19.67 -60.70
C LEU A 406 -35.50 -18.53 -60.68
N THR A 407 -35.71 -17.52 -61.52
CA THR A 407 -34.71 -16.46 -61.68
C THR A 407 -35.30 -15.05 -61.60
N GLY A 408 -34.65 -14.20 -60.82
CA GLY A 408 -35.07 -12.81 -60.70
C GLY A 408 -34.95 -12.03 -62.01
N ALA A 409 -34.13 -12.54 -62.93
CA ALA A 409 -33.94 -11.88 -64.22
C ALA A 409 -35.23 -11.79 -65.04
N MET A 410 -36.23 -12.60 -64.70
CA MET A 410 -37.49 -12.58 -65.42
C MET A 410 -38.15 -11.20 -65.34
N LEU A 411 -37.90 -10.49 -64.24
CA LEU A 411 -38.46 -9.16 -64.04
C LEU A 411 -37.89 -8.16 -65.02
N TYR A 412 -36.68 -8.45 -65.51
CA TYR A 412 -35.99 -7.59 -66.46
C TYR A 412 -36.29 -8.00 -67.90
N SER A 413 -36.79 -9.22 -68.08
CA SER A 413 -37.05 -9.73 -69.42
C SER A 413 -38.53 -9.60 -69.80
N LEU A 414 -39.41 -10.17 -68.98
CA LEU A 414 -40.84 -10.15 -69.30
C LEU A 414 -41.63 -9.33 -68.29
N GLY A 415 -41.02 -9.06 -67.14
CA GLY A 415 -41.67 -8.26 -66.12
C GLY A 415 -42.66 -9.06 -65.29
N THR A 416 -43.72 -8.38 -64.86
CA THR A 416 -44.64 -8.93 -63.88
C THR A 416 -45.92 -9.53 -64.47
N SER A 417 -46.13 -9.38 -65.78
CA SER A 417 -47.37 -9.85 -66.41
C SER A 417 -47.25 -11.17 -67.17
N TYR A 418 -46.18 -11.32 -67.95
CA TYR A 418 -45.98 -12.52 -68.75
C TYR A 418 -44.96 -13.45 -68.12
N ALA A 419 -45.30 -14.74 -68.04
CA ALA A 419 -44.35 -15.76 -67.64
C ALA A 419 -43.52 -16.17 -68.84
N GLY A 420 -42.36 -16.76 -68.61
CA GLY A 420 -41.52 -17.23 -69.71
C GLY A 420 -41.55 -18.74 -69.82
N VAL A 421 -41.64 -19.27 -71.03
CA VAL A 421 -41.55 -20.71 -71.23
C VAL A 421 -40.35 -21.10 -72.10
N PHE A 422 -39.61 -22.10 -71.63
CA PHE A 422 -38.47 -22.64 -72.35
C PHE A 422 -38.75 -24.13 -72.56
N GLY A 423 -38.01 -24.77 -73.46
CA GLY A 423 -38.24 -26.19 -73.71
C GLY A 423 -37.33 -26.82 -74.73
N ASN A 424 -37.46 -28.14 -74.90
CA ASN A 424 -36.66 -28.88 -75.87
C ASN A 424 -37.51 -29.44 -77.00
N ASN A 425 -38.80 -29.12 -76.98
CA ASN A 425 -39.75 -29.66 -77.93
C ASN A 425 -40.75 -28.59 -78.37
N GLU A 426 -40.85 -28.38 -79.68
CA GLU A 426 -41.64 -27.27 -80.19
C GLU A 426 -43.13 -27.52 -80.04
N GLU A 427 -43.56 -28.75 -80.31
CA GLU A 427 -44.97 -29.09 -80.23
C GLU A 427 -45.52 -28.86 -78.83
N LEU A 428 -44.76 -29.28 -77.82
CA LEU A 428 -45.14 -29.07 -76.42
C LEU A 428 -45.22 -27.59 -76.06
N ILE A 429 -44.27 -26.80 -76.57
CA ILE A 429 -44.25 -25.36 -76.31
C ILE A 429 -45.46 -24.66 -76.92
N ASN A 430 -45.82 -25.04 -78.14
CA ASN A 430 -47.02 -24.52 -78.78
C ASN A 430 -48.28 -24.82 -77.97
N LYS A 431 -48.30 -25.98 -77.32
CA LYS A 431 -49.46 -26.37 -76.50
C LYS A 431 -49.52 -25.55 -75.22
N ILE A 432 -48.35 -25.25 -74.65
CA ILE A 432 -48.30 -24.37 -73.49
C ILE A 432 -48.82 -22.99 -73.89
N LEU A 433 -48.38 -22.51 -75.05
CA LEU A 433 -48.80 -21.21 -75.53
C LEU A 433 -50.30 -21.21 -75.82
N GLN A 434 -50.80 -22.36 -76.29
CA GLN A 434 -52.22 -22.50 -76.58
C GLN A 434 -53.06 -22.48 -75.31
N SER A 435 -52.56 -23.16 -74.27
CA SER A 435 -53.23 -23.17 -72.98
C SER A 435 -53.13 -21.82 -72.29
N SER A 436 -52.11 -21.06 -72.66
CA SER A 436 -51.96 -19.70 -72.17
C SER A 436 -53.10 -18.84 -72.69
N LYS A 437 -53.41 -19.00 -73.97
CA LYS A 437 -54.52 -18.29 -74.59
C LYS A 437 -55.88 -18.66 -73.97
N THR A 438 -56.14 -19.95 -73.80
CA THR A 438 -57.47 -20.40 -73.38
C THR A 438 -57.68 -20.26 -71.86
N SER A 439 -56.60 -20.09 -71.12
CA SER A 439 -56.69 -19.84 -69.68
C SER A 439 -56.56 -18.35 -69.35
N ASN A 440 -56.05 -17.59 -70.31
CA ASN A 440 -55.75 -16.18 -70.15
C ASN A 440 -54.72 -15.91 -69.05
N GLU A 441 -53.80 -16.86 -68.87
CA GLU A 441 -52.61 -16.63 -68.06
C GLU A 441 -51.42 -16.44 -69.01
N PRO A 442 -51.00 -15.19 -69.22
CA PRO A 442 -50.03 -14.79 -70.25
C PRO A 442 -48.67 -15.47 -70.11
N VAL A 443 -48.22 -16.11 -71.19
CA VAL A 443 -46.91 -16.74 -71.27
C VAL A 443 -46.25 -16.38 -72.60
N TRP A 444 -44.92 -16.23 -72.59
CA TRP A 444 -44.18 -15.94 -73.82
C TRP A 444 -43.03 -16.92 -74.01
N TRP A 445 -42.83 -17.34 -75.26
CA TRP A 445 -41.77 -18.30 -75.60
C TRP A 445 -40.40 -17.61 -75.60
N LEU A 446 -39.48 -18.16 -74.80
CA LEU A 446 -38.13 -17.65 -74.68
C LEU A 446 -37.11 -18.74 -75.03
N PRO A 447 -35.99 -18.35 -75.68
CA PRO A 447 -35.09 -19.35 -76.26
C PRO A 447 -34.15 -20.01 -75.26
N ILE A 448 -33.76 -21.25 -75.55
CA ILE A 448 -32.66 -21.89 -74.85
C ILE A 448 -31.45 -21.78 -75.76
N ILE A 449 -30.61 -20.79 -75.48
CA ILE A 449 -29.49 -20.46 -76.35
C ILE A 449 -28.28 -21.38 -76.10
N ASN A 450 -28.05 -22.30 -77.02
CA ASN A 450 -27.03 -23.34 -76.84
C ASN A 450 -25.61 -22.81 -76.71
N GLU A 451 -25.35 -21.65 -77.29
CA GLU A 451 -24.01 -21.07 -77.25
C GLU A 451 -23.55 -20.80 -75.81
N TYR A 452 -24.50 -20.63 -74.90
CA TYR A 452 -24.18 -20.35 -73.50
C TYR A 452 -23.82 -21.61 -72.72
N ARG A 453 -24.11 -22.77 -73.30
CA ARG A 453 -23.89 -24.05 -72.62
C ARG A 453 -22.44 -24.23 -72.16
N ALA A 454 -21.51 -23.75 -72.98
CA ALA A 454 -20.09 -23.91 -72.71
C ALA A 454 -19.67 -23.21 -71.41
N THR A 455 -20.42 -22.19 -70.99
CA THR A 455 -20.09 -21.46 -69.77
C THR A 455 -20.46 -22.26 -68.52
N LEU A 456 -21.14 -23.38 -68.72
CA LEU A 456 -21.47 -24.30 -67.63
C LEU A 456 -20.44 -25.44 -67.53
N ASN A 457 -19.43 -25.40 -68.39
CA ASN A 457 -18.33 -26.37 -68.33
C ASN A 457 -17.52 -26.20 -67.06
N SER A 458 -17.63 -27.16 -66.14
CA SER A 458 -16.88 -27.11 -64.88
C SER A 458 -15.48 -27.69 -65.06
N LYS A 459 -14.52 -27.17 -64.29
CA LYS A 459 -13.16 -27.68 -64.32
C LYS A 459 -13.03 -29.01 -63.59
N TYR A 460 -13.81 -29.18 -62.53
CA TYR A 460 -13.69 -30.36 -61.67
C TYR A 460 -14.91 -31.26 -61.70
N ALA A 461 -16.09 -30.66 -61.79
CA ALA A 461 -17.33 -31.44 -61.84
C ALA A 461 -17.75 -31.63 -63.30
N ASP A 462 -18.83 -32.37 -63.49
CA ASP A 462 -19.36 -32.59 -64.84
C ASP A 462 -20.00 -31.34 -65.37
N ILE A 463 -20.56 -30.53 -64.47
CA ILE A 463 -21.25 -29.32 -64.87
C ILE A 463 -21.33 -28.30 -63.74
N ASN A 464 -21.22 -27.02 -64.11
CA ASN A 464 -21.46 -25.92 -63.18
C ASN A 464 -22.94 -25.71 -62.91
N GLN A 465 -23.27 -25.33 -61.68
CA GLN A 465 -24.61 -24.92 -61.31
C GLN A 465 -25.02 -23.60 -61.98
N ILE A 466 -24.11 -22.62 -61.92
CA ILE A 466 -24.35 -21.29 -62.48
C ILE A 466 -23.28 -20.91 -63.49
N SER A 467 -23.61 -19.98 -64.38
CA SER A 467 -22.65 -19.52 -65.38
C SER A 467 -21.57 -18.62 -64.79
N SER A 468 -20.51 -18.42 -65.56
CA SER A 468 -19.47 -17.47 -65.20
C SER A 468 -19.71 -16.14 -65.91
N SER A 469 -19.82 -16.21 -67.24
CA SER A 469 -20.08 -15.05 -68.07
C SER A 469 -21.55 -14.69 -68.04
N VAL A 470 -22.20 -14.80 -69.20
CA VAL A 470 -23.66 -14.78 -69.35
C VAL A 470 -24.40 -13.54 -68.82
N LYS A 471 -24.83 -13.65 -67.56
CA LYS A 471 -25.77 -12.72 -66.89
C LYS A 471 -27.22 -12.96 -67.32
N ALA A 472 -27.40 -13.68 -68.43
CA ALA A 472 -28.74 -14.08 -68.87
C ALA A 472 -29.22 -15.30 -68.09
N SER A 473 -29.50 -15.10 -66.81
CA SER A 473 -29.73 -16.18 -65.86
C SER A 473 -30.86 -17.13 -66.21
N SER A 474 -31.95 -16.59 -66.76
CA SER A 474 -33.13 -17.40 -67.03
C SER A 474 -32.82 -18.44 -68.09
N ILE A 475 -31.99 -18.04 -69.06
CA ILE A 475 -31.62 -18.94 -70.15
C ILE A 475 -30.58 -19.95 -69.70
N VAL A 476 -29.61 -19.50 -68.90
CA VAL A 476 -28.58 -20.40 -68.40
C VAL A 476 -29.17 -21.47 -67.48
N ALA A 477 -30.09 -21.04 -66.61
CA ALA A 477 -30.77 -21.96 -65.71
C ALA A 477 -31.55 -23.02 -66.51
N SER A 478 -32.11 -22.61 -67.64
CA SER A 478 -32.85 -23.52 -68.50
C SER A 478 -31.91 -24.52 -69.16
N LEU A 479 -30.73 -24.05 -69.54
CA LEU A 479 -29.68 -24.92 -70.07
C LEU A 479 -29.29 -25.98 -69.04
N PHE A 480 -29.13 -25.56 -67.80
CA PHE A 480 -28.78 -26.49 -66.73
C PHE A 480 -29.86 -27.56 -66.57
N LEU A 481 -31.11 -27.12 -66.45
CA LEU A 481 -32.23 -28.04 -66.29
C LEU A 481 -32.34 -29.04 -67.45
N LYS A 482 -32.08 -28.57 -68.66
CA LYS A 482 -32.20 -29.42 -69.85
C LYS A 482 -31.25 -30.63 -69.76
N GLU A 483 -30.14 -30.48 -69.06
CA GLU A 483 -29.16 -31.55 -68.90
C GLU A 483 -29.67 -32.72 -68.09
N PHE A 484 -30.85 -32.57 -67.49
CA PHE A 484 -31.39 -33.61 -66.63
C PHE A 484 -32.63 -34.25 -67.24
N VAL A 485 -32.88 -33.95 -68.52
CA VAL A 485 -33.97 -34.58 -69.26
C VAL A 485 -33.42 -35.18 -70.55
N GLN A 486 -33.30 -36.50 -70.59
CA GLN A 486 -32.60 -37.16 -71.68
C GLN A 486 -33.42 -37.27 -72.96
N ASN A 487 -34.57 -37.93 -72.89
CA ASN A 487 -35.34 -38.21 -74.10
CA ASN A 487 -35.34 -38.22 -74.09
C ASN A 487 -36.84 -38.09 -73.89
N THR A 488 -37.28 -36.95 -73.37
CA THR A 488 -38.69 -36.69 -73.15
C THR A 488 -39.01 -35.23 -73.48
N ALA A 489 -40.13 -35.00 -74.14
CA ALA A 489 -40.62 -33.64 -74.36
C ALA A 489 -40.72 -32.92 -73.03
N TRP A 490 -40.13 -31.73 -72.96
CA TRP A 490 -40.03 -31.01 -71.69
C TRP A 490 -40.15 -29.50 -71.87
N ALA A 491 -40.89 -28.86 -70.96
CA ALA A 491 -41.03 -27.41 -70.97
C ALA A 491 -40.89 -26.85 -69.56
N HIS A 492 -40.40 -25.62 -69.47
CA HIS A 492 -40.07 -24.99 -68.21
C HIS A 492 -40.72 -23.61 -68.14
N ILE A 493 -41.55 -23.40 -67.12
CA ILE A 493 -42.23 -22.12 -66.96
C ILE A 493 -41.68 -21.34 -65.77
N ASP A 494 -40.95 -20.26 -66.07
CA ASP A 494 -40.39 -19.42 -65.04
C ASP A 494 -41.43 -18.38 -64.63
N ILE A 495 -41.82 -18.41 -63.36
CA ILE A 495 -42.87 -17.53 -62.88
C ILE A 495 -42.37 -16.61 -61.76
N ALA A 496 -41.05 -16.41 -61.71
CA ALA A 496 -40.46 -15.59 -60.65
C ALA A 496 -40.94 -14.14 -60.74
N GLY A 497 -41.35 -13.73 -61.93
CA GLY A 497 -41.80 -12.36 -62.14
C GLY A 497 -43.30 -12.15 -61.95
N VAL A 498 -44.09 -13.18 -62.22
CA VAL A 498 -45.54 -13.04 -62.23
C VAL A 498 -46.24 -13.64 -61.03
N SER A 499 -45.50 -14.35 -60.18
CA SER A 499 -46.11 -15.06 -59.07
C SER A 499 -46.81 -14.12 -58.08
N TRP A 500 -46.11 -13.05 -57.70
CA TRP A 500 -46.60 -12.16 -56.67
C TRP A 500 -47.15 -10.87 -57.24
N ASN A 501 -48.32 -10.45 -56.75
CA ASN A 501 -48.92 -9.18 -57.14
C ASN A 501 -48.42 -8.08 -56.22
N PHE A 502 -47.41 -7.34 -56.67
CA PHE A 502 -46.76 -6.36 -55.82
C PHE A 502 -47.66 -5.20 -55.43
N LYS A 503 -48.46 -4.72 -56.37
CA LYS A 503 -49.40 -3.63 -56.08
C LYS A 503 -50.41 -4.05 -55.01
N ALA A 504 -51.04 -5.21 -55.19
CA ALA A 504 -52.08 -5.68 -54.28
C ALA A 504 -51.53 -6.43 -53.06
N ARG A 505 -50.23 -6.67 -53.05
CA ARG A 505 -49.56 -7.35 -51.92
C ARG A 505 -50.10 -8.75 -51.63
N LYS A 506 -50.35 -9.52 -52.69
CA LYS A 506 -50.89 -10.86 -52.54
C LYS A 506 -50.39 -11.77 -53.66
N PRO A 507 -50.45 -13.10 -53.47
CA PRO A 507 -50.09 -14.02 -54.56
C PRO A 507 -51.13 -13.98 -55.68
N LYS A 508 -50.76 -14.45 -56.87
CA LYS A 508 -51.73 -14.54 -57.95
C LYS A 508 -52.33 -15.94 -58.09
N GLY A 509 -51.64 -16.94 -57.54
CA GLY A 509 -51.98 -18.32 -57.83
C GLY A 509 -51.75 -18.60 -59.31
N PHE A 510 -50.72 -17.97 -59.88
CA PHE A 510 -50.42 -18.09 -61.31
C PHE A 510 -50.04 -19.51 -61.70
N GLY A 511 -50.50 -19.93 -62.88
CA GLY A 511 -50.12 -21.23 -63.41
C GLY A 511 -51.14 -22.33 -63.24
N VAL A 512 -51.99 -22.21 -62.23
CA VAL A 512 -52.99 -23.24 -61.95
C VAL A 512 -53.91 -23.47 -63.14
N ARG A 513 -54.48 -22.39 -63.67
CA ARG A 513 -55.42 -22.51 -64.79
C ARG A 513 -54.69 -22.91 -66.06
N LEU A 514 -53.49 -22.35 -66.25
CA LEU A 514 -52.65 -22.68 -67.40
C LEU A 514 -52.33 -24.17 -67.49
N LEU A 515 -51.84 -24.73 -66.39
CA LEU A 515 -51.51 -26.15 -66.36
C LEU A 515 -52.76 -26.99 -66.57
N THR A 516 -53.86 -26.61 -65.93
CA THR A 516 -55.10 -27.37 -66.04
C THR A 516 -55.62 -27.39 -67.48
N GLU A 517 -55.64 -26.22 -68.12
CA GLU A 517 -56.06 -26.14 -69.52
C GLU A 517 -55.19 -27.03 -70.38
N PHE A 518 -53.90 -27.08 -70.06
CA PHE A 518 -52.96 -27.93 -70.79
C PHE A 518 -53.33 -29.39 -70.67
N VAL A 519 -53.59 -29.83 -69.45
CA VAL A 519 -54.01 -31.20 -69.18
C VAL A 519 -55.30 -31.55 -69.90
N LEU A 520 -56.27 -30.64 -69.84
CA LEU A 520 -57.61 -30.90 -70.32
C LEU A 520 -57.74 -30.89 -71.84
N ASN A 521 -57.16 -29.87 -72.48
CA ASN A 521 -57.37 -29.66 -73.91
C ASN A 521 -56.58 -30.62 -74.82
N ASP A 522 -56.16 -31.76 -74.28
CA ASP A 522 -55.52 -32.78 -75.10
C ASP A 522 -55.79 -34.19 -74.55
N SER B 5 -11.54 -38.81 -36.08
CA SER B 5 -11.27 -39.68 -37.21
C SER B 5 -12.55 -40.01 -37.99
N GLU B 6 -13.66 -40.17 -37.28
CA GLU B 6 -14.95 -40.39 -37.91
C GLU B 6 -15.55 -39.08 -38.43
N VAL B 7 -15.90 -39.06 -39.72
CA VAL B 7 -16.40 -37.84 -40.37
C VAL B 7 -17.90 -37.73 -40.28
N PRO B 8 -18.39 -36.76 -39.48
CA PRO B 8 -19.84 -36.55 -39.37
C PRO B 8 -20.48 -36.21 -40.71
N GLN B 9 -21.72 -36.65 -40.89
CA GLN B 9 -22.50 -36.38 -42.10
C GLN B 9 -23.83 -35.76 -41.72
N VAL B 10 -24.40 -34.94 -42.60
CA VAL B 10 -25.78 -34.48 -42.39
C VAL B 10 -26.72 -35.51 -42.98
N VAL B 11 -26.43 -35.92 -44.21
CA VAL B 11 -27.15 -37.02 -44.85
C VAL B 11 -26.14 -38.08 -45.31
N SER B 12 -26.64 -39.28 -45.59
CA SER B 12 -25.77 -40.40 -45.94
C SER B 12 -25.00 -40.19 -47.25
N LEU B 13 -25.40 -39.18 -48.03
CA LEU B 13 -24.76 -38.91 -49.31
C LEU B 13 -23.53 -38.01 -49.18
N ASP B 14 -23.33 -37.46 -47.99
CA ASP B 14 -22.16 -36.62 -47.73
C ASP B 14 -20.90 -37.47 -47.72
N PRO B 15 -19.87 -37.03 -48.46
CA PRO B 15 -18.61 -37.77 -48.55
C PRO B 15 -17.88 -37.80 -47.22
N THR B 16 -17.16 -38.87 -46.94
CA THR B 16 -16.48 -39.02 -45.65
C THR B 16 -14.97 -39.10 -45.81
N SER B 17 -14.46 -38.83 -47.01
CA SER B 17 -13.02 -38.74 -47.21
C SER B 17 -12.69 -37.98 -48.48
N ILE B 18 -11.51 -37.37 -48.50
CA ILE B 18 -10.99 -36.73 -49.71
C ILE B 18 -10.44 -37.78 -50.66
N PRO B 19 -10.96 -37.81 -51.90
CA PRO B 19 -10.33 -38.68 -52.89
C PRO B 19 -8.94 -38.15 -53.24
N ILE B 20 -7.93 -39.01 -53.13
CA ILE B 20 -6.56 -38.60 -53.40
C ILE B 20 -5.87 -39.55 -54.37
N GLU B 21 -5.43 -39.00 -55.49
CA GLU B 21 -4.67 -39.77 -56.47
C GLU B 21 -3.18 -39.69 -56.12
N TYR B 22 -2.60 -40.82 -55.74
CA TYR B 22 -1.20 -40.88 -55.32
C TYR B 22 -0.28 -41.25 -56.49
N ASN B 23 -0.62 -42.33 -57.18
CA ASN B 23 0.13 -42.70 -58.37
C ASN B 23 -0.53 -42.16 -59.62
N THR B 24 0.07 -41.11 -60.19
CA THR B 24 -0.51 -40.43 -61.33
C THR B 24 0.13 -40.95 -62.61
N PRO B 25 -0.51 -40.73 -63.77
CA PRO B 25 0.08 -41.10 -65.06
C PRO B 25 1.49 -40.53 -65.25
N ILE B 26 1.75 -39.38 -64.63
CA ILE B 26 3.05 -38.74 -64.69
C ILE B 26 4.13 -39.65 -64.13
N HIS B 27 3.81 -40.36 -63.04
CA HIS B 27 4.76 -41.27 -62.44
C HIS B 27 5.08 -42.45 -63.35
N ASP B 28 4.15 -42.75 -64.25
CA ASP B 28 4.31 -43.88 -65.16
C ASP B 28 5.07 -43.50 -66.42
N ILE B 29 5.51 -42.24 -66.47
CA ILE B 29 6.32 -41.76 -67.59
C ILE B 29 7.78 -42.07 -67.35
N LYS B 30 8.34 -42.98 -68.12
CA LYS B 30 9.77 -43.26 -68.04
C LYS B 30 10.55 -42.11 -68.67
N VAL B 31 11.49 -41.54 -67.91
CA VAL B 31 12.25 -40.39 -68.39
C VAL B 31 13.72 -40.74 -68.66
N GLN B 32 14.17 -40.40 -69.87
CA GLN B 32 15.55 -40.62 -70.26
C GLN B 32 16.20 -39.30 -70.67
N VAL B 33 17.37 -39.03 -70.11
CA VAL B 33 18.15 -37.85 -70.46
C VAL B 33 19.39 -38.24 -71.26
N TYR B 34 19.52 -37.67 -72.44
CA TYR B 34 20.68 -37.92 -73.29
C TYR B 34 21.46 -36.63 -73.52
N ASP B 35 22.77 -36.76 -73.74
CA ASP B 35 23.58 -35.58 -74.04
C ASP B 35 23.36 -35.16 -75.49
N ILE B 36 23.36 -33.85 -75.72
CA ILE B 36 23.11 -33.31 -77.06
C ILE B 36 24.25 -33.64 -78.02
N LYS B 37 25.44 -33.84 -77.48
CA LYS B 37 26.56 -34.34 -78.27
C LYS B 37 26.31 -35.80 -78.58
N GLY B 38 26.52 -36.20 -79.83
CA GLY B 38 26.18 -37.55 -80.24
C GLY B 38 24.87 -37.55 -80.97
N GLY B 39 24.26 -36.37 -81.08
CA GLY B 39 23.08 -36.18 -81.89
C GLY B 39 21.78 -36.66 -81.28
N CYS B 40 20.69 -36.47 -82.02
CA CYS B 40 19.35 -36.83 -81.55
C CYS B 40 18.72 -37.89 -82.45
N ASN B 41 18.19 -38.94 -81.82
CA ASN B 41 17.46 -39.96 -82.57
C ASN B 41 15.99 -39.61 -82.70
N VAL B 42 15.53 -39.50 -83.94
CA VAL B 42 14.12 -39.20 -84.23
C VAL B 42 13.47 -40.38 -84.93
N GLU B 43 12.65 -41.13 -84.21
CA GLU B 43 12.12 -42.39 -84.74
C GLU B 43 10.66 -42.63 -84.40
N GLU B 44 10.18 -42.02 -83.33
CA GLU B 44 8.82 -42.32 -82.87
C GLU B 44 8.25 -41.23 -81.96
N GLY B 45 6.95 -40.96 -82.11
CA GLY B 45 6.26 -40.02 -81.26
C GLY B 45 6.31 -38.60 -81.79
N LEU B 46 6.65 -37.67 -80.90
CA LEU B 46 6.73 -36.26 -81.27
C LEU B 46 8.03 -35.66 -80.75
N THR B 47 8.88 -35.21 -81.66
CA THR B 47 10.16 -34.63 -81.28
C THR B 47 10.09 -33.10 -81.35
N ILE B 48 10.36 -32.46 -80.24
CA ILE B 48 10.23 -31.01 -80.13
C ILE B 48 11.55 -30.33 -79.79
N PHE B 49 11.98 -29.42 -80.66
CA PHE B 49 13.17 -28.62 -80.41
C PHE B 49 12.81 -27.31 -79.74
N LEU B 50 13.43 -27.02 -78.61
CA LEU B 50 13.29 -25.72 -77.97
C LEU B 50 14.35 -24.77 -78.53
N VAL B 51 13.94 -23.82 -79.36
CA VAL B 51 14.89 -22.99 -80.08
C VAL B 51 14.87 -21.52 -79.64
N ASN B 52 16.03 -20.89 -79.79
CA ASN B 52 16.18 -19.47 -79.54
C ASN B 52 16.78 -18.77 -80.75
N ASN B 53 16.88 -17.44 -80.68
CA ASN B 53 17.61 -16.67 -81.67
C ASN B 53 17.97 -15.31 -81.09
N PRO B 54 19.03 -15.28 -80.26
CA PRO B 54 19.45 -14.07 -79.55
C PRO B 54 19.73 -12.90 -80.48
N GLY B 55 19.00 -11.80 -80.29
CA GLY B 55 19.17 -10.61 -81.11
C GLY B 55 17.89 -10.13 -81.74
N LYS B 56 17.55 -10.70 -82.89
CA LYS B 56 16.33 -10.33 -83.61
C LYS B 56 15.10 -10.71 -82.79
N GLU B 57 14.12 -9.82 -82.76
CA GLU B 57 12.89 -10.04 -81.99
C GLU B 57 12.21 -11.33 -82.40
N ASN B 58 11.96 -11.49 -83.69
CA ASN B 58 11.32 -12.69 -84.22
C ASN B 58 12.16 -13.34 -85.31
N GLY B 59 13.43 -13.59 -85.01
CA GLY B 59 14.35 -14.17 -85.96
C GLY B 59 13.96 -15.59 -86.37
N PRO B 60 14.57 -16.09 -87.44
CA PRO B 60 14.27 -17.44 -87.98
C PRO B 60 14.68 -18.53 -87.01
N VAL B 61 14.05 -19.70 -87.12
CA VAL B 61 14.43 -20.84 -86.29
C VAL B 61 15.64 -21.53 -86.92
N LYS B 62 16.60 -21.89 -86.07
CA LYS B 62 17.84 -22.53 -86.53
C LYS B 62 18.19 -23.72 -85.64
N ILE B 63 17.97 -24.92 -86.17
CA ILE B 63 18.24 -26.14 -85.42
C ILE B 63 19.73 -26.45 -85.43
N SER B 64 20.36 -26.25 -84.27
CA SER B 64 21.81 -26.38 -84.14
C SER B 64 22.27 -27.84 -84.06
N SER B 65 21.58 -28.63 -83.25
CA SER B 65 22.00 -29.99 -82.93
C SER B 65 22.01 -30.91 -84.15
N LYS B 66 22.88 -31.91 -84.10
CA LYS B 66 22.97 -32.90 -85.17
C LYS B 66 21.85 -33.92 -85.01
N VAL B 67 21.24 -34.30 -86.13
CA VAL B 67 20.17 -35.29 -86.12
C VAL B 67 20.64 -36.59 -86.76
N ASN B 68 20.71 -37.65 -85.96
CA ASN B 68 21.25 -38.94 -86.42
C ASN B 68 20.32 -39.66 -87.41
N ASP B 69 19.97 -38.98 -88.50
CA ASP B 69 19.06 -39.50 -89.51
C ASP B 69 19.09 -38.58 -90.73
N LYS B 70 19.50 -39.12 -91.89
CA LYS B 70 19.72 -38.29 -93.08
C LYS B 70 18.45 -37.56 -93.53
N GLN B 71 17.34 -38.27 -93.61
CA GLN B 71 16.09 -37.69 -94.08
C GLN B 71 15.58 -36.58 -93.15
N VAL B 72 15.61 -36.84 -91.84
CA VAL B 72 15.17 -35.85 -90.86
C VAL B 72 16.07 -34.61 -90.91
N SER B 73 17.36 -34.82 -91.14
CA SER B 73 18.32 -33.73 -91.21
C SER B 73 18.08 -32.84 -92.41
N GLU B 74 17.75 -33.45 -93.54
CA GLU B 74 17.48 -32.71 -94.77
C GLU B 74 16.26 -31.80 -94.61
N PHE B 75 15.24 -32.30 -93.91
CA PHE B 75 14.03 -31.54 -93.65
C PHE B 75 14.34 -30.32 -92.79
N LEU B 76 15.18 -30.51 -91.78
CA LEU B 76 15.44 -29.48 -90.79
C LEU B 76 16.61 -28.57 -91.18
N LYS B 77 16.89 -28.48 -92.48
CA LYS B 77 17.91 -27.58 -92.99
C LYS B 77 17.52 -26.13 -92.73
N ASP B 78 18.52 -25.25 -92.66
CA ASP B 78 18.29 -23.83 -92.40
C ASP B 78 17.42 -23.20 -93.47
N GLU B 79 17.54 -23.69 -94.70
CA GLU B 79 16.75 -23.18 -95.82
C GLU B 79 15.26 -23.41 -95.59
N ASN B 80 14.92 -24.63 -95.17
CA ASN B 80 13.52 -25.00 -94.96
C ASN B 80 12.90 -24.38 -93.71
N MET B 81 13.75 -24.04 -92.74
CA MET B 81 13.26 -23.54 -91.45
C MET B 81 13.20 -22.02 -91.40
N GLU B 82 13.54 -21.37 -92.51
CA GLU B 82 13.66 -19.92 -92.57
C GLU B 82 12.34 -19.19 -92.32
N LYS B 83 11.24 -19.75 -92.81
CA LYS B 83 9.93 -19.10 -92.73
C LYS B 83 9.35 -19.10 -91.31
N PHE B 84 9.83 -20.01 -90.46
CA PHE B 84 9.37 -20.09 -89.08
C PHE B 84 10.22 -19.20 -88.18
N ASN B 85 9.58 -18.50 -87.25
CA ASN B 85 10.29 -17.61 -86.35
C ASN B 85 10.24 -18.11 -84.91
N VAL B 86 11.00 -17.46 -84.04
CA VAL B 86 11.21 -17.95 -82.68
C VAL B 86 10.43 -17.18 -81.62
N LYS B 87 9.35 -16.52 -82.01
CA LYS B 87 8.52 -15.77 -81.06
C LYS B 87 8.17 -16.62 -79.84
N LEU B 88 8.39 -16.04 -78.66
CA LEU B 88 8.14 -16.72 -77.39
C LEU B 88 6.70 -17.22 -77.28
N GLY B 89 6.53 -18.54 -77.35
CA GLY B 89 5.22 -19.15 -77.19
C GLY B 89 4.74 -19.90 -78.42
N THR B 90 5.26 -19.54 -79.58
CA THR B 90 4.80 -20.14 -80.83
C THR B 90 5.27 -21.58 -80.98
N SER B 91 4.67 -22.30 -81.92
CA SER B 91 4.98 -23.70 -82.16
C SER B 91 4.47 -24.16 -83.51
N LYS B 92 5.14 -25.16 -84.08
CA LYS B 92 4.76 -25.73 -85.38
C LYS B 92 4.92 -27.24 -85.38
N HIS B 93 4.12 -27.93 -86.18
CA HIS B 93 4.19 -29.38 -86.31
C HIS B 93 4.73 -29.79 -87.68
N PHE B 94 5.54 -30.84 -87.71
CA PHE B 94 6.14 -31.32 -88.96
C PHE B 94 5.90 -32.82 -89.16
N TYR B 95 5.72 -33.21 -90.42
CA TYR B 95 5.51 -34.61 -90.77
C TYR B 95 6.48 -35.02 -91.86
N MET B 96 7.11 -36.19 -91.68
CA MET B 96 8.10 -36.68 -92.64
C MET B 96 8.43 -38.15 -92.42
N PHE B 97 9.23 -38.71 -93.31
CA PHE B 97 9.70 -40.08 -93.17
C PHE B 97 11.20 -40.09 -92.90
N ASN B 98 11.64 -40.95 -91.99
CA ASN B 98 13.06 -41.04 -91.67
C ASN B 98 13.81 -41.99 -92.61
N ASP B 99 15.00 -42.41 -92.20
CA ASP B 99 15.88 -43.22 -93.05
C ASP B 99 15.31 -44.60 -93.36
N ASN B 100 14.75 -45.28 -92.36
CA ASN B 100 14.15 -46.58 -92.60
C ASN B 100 12.68 -46.47 -93.00
N LYS B 101 12.34 -45.34 -93.62
CA LYS B 101 11.03 -45.10 -94.22
C LYS B 101 9.87 -45.14 -93.23
N ASN B 102 10.15 -44.85 -91.97
CA ASN B 102 9.09 -44.75 -90.95
C ASN B 102 8.64 -43.31 -90.77
N SER B 103 7.32 -43.11 -90.69
CA SER B 103 6.77 -41.77 -90.50
C SER B 103 7.14 -41.23 -89.12
N VAL B 104 7.55 -39.98 -89.07
CA VAL B 104 7.90 -39.34 -87.80
C VAL B 104 7.32 -37.93 -87.69
N ALA B 105 6.96 -37.55 -86.47
CA ALA B 105 6.43 -36.23 -86.21
C ALA B 105 7.45 -35.37 -85.49
N VAL B 106 7.76 -34.21 -86.06
CA VAL B 106 8.75 -33.29 -85.48
C VAL B 106 8.10 -31.91 -85.33
N GLY B 107 8.73 -31.03 -84.56
CA GLY B 107 8.23 -29.67 -84.38
C GLY B 107 9.12 -28.86 -83.45
N TYR B 108 8.73 -27.62 -83.18
CA TYR B 108 9.51 -26.76 -82.30
C TYR B 108 8.65 -25.84 -81.45
N VAL B 109 9.25 -25.26 -80.42
CA VAL B 109 8.60 -24.24 -79.61
C VAL B 109 9.51 -23.01 -79.51
N GLY B 110 8.95 -21.84 -79.80
CA GLY B 110 9.70 -20.60 -79.76
C GLY B 110 9.98 -20.15 -78.33
N CYS B 111 11.25 -19.88 -78.02
CA CYS B 111 11.63 -19.48 -76.68
C CYS B 111 12.10 -18.03 -76.65
N GLY B 112 11.74 -17.27 -77.68
CA GLY B 112 12.05 -15.85 -77.72
C GLY B 112 13.48 -15.53 -78.16
N SER B 113 13.87 -14.28 -77.95
CA SER B 113 15.20 -13.81 -78.32
C SER B 113 16.09 -13.61 -77.10
N VAL B 114 15.46 -13.45 -75.93
CA VAL B 114 16.21 -13.28 -74.69
C VAL B 114 16.95 -14.56 -74.32
N ALA B 115 18.21 -14.41 -73.87
CA ALA B 115 19.04 -15.56 -73.58
C ALA B 115 18.80 -16.09 -72.16
N ASP B 116 18.06 -15.34 -71.35
CA ASP B 116 17.75 -15.76 -70.00
C ASP B 116 16.24 -15.85 -69.79
N LEU B 117 15.71 -17.06 -69.84
CA LEU B 117 14.28 -17.28 -69.65
C LEU B 117 13.93 -17.21 -68.18
N SER B 118 12.92 -16.42 -67.84
CA SER B 118 12.52 -16.28 -66.45
C SER B 118 11.41 -17.25 -66.06
N GLU B 119 11.05 -17.22 -64.79
CA GLU B 119 10.02 -18.09 -64.23
C GLU B 119 8.71 -18.03 -65.02
N ALA B 120 8.31 -16.83 -65.44
CA ALA B 120 7.07 -16.65 -66.17
C ALA B 120 7.20 -17.04 -67.65
N ASP B 121 8.39 -16.85 -68.21
CA ASP B 121 8.62 -17.15 -69.63
C ASP B 121 8.73 -18.65 -69.87
N MET B 122 9.40 -19.35 -68.96
CA MET B 122 9.52 -20.79 -69.06
C MET B 122 8.16 -21.46 -68.92
N LYS B 123 7.32 -20.88 -68.08
CA LYS B 123 5.96 -21.38 -67.90
C LYS B 123 5.18 -21.27 -69.20
N ARG B 124 5.42 -20.18 -69.94
CA ARG B 124 4.76 -19.97 -71.21
C ARG B 124 5.21 -20.99 -72.26
N VAL B 125 6.48 -21.35 -72.21
CA VAL B 125 7.02 -22.36 -73.10
C VAL B 125 6.36 -23.72 -72.85
N VAL B 126 6.26 -24.09 -71.57
CA VAL B 126 5.65 -25.34 -71.17
C VAL B 126 4.20 -25.46 -71.64
N LEU B 127 3.44 -24.38 -71.45
CA LEU B 127 2.04 -24.34 -71.90
C LEU B 127 1.91 -24.64 -73.39
N SER B 128 2.78 -24.03 -74.20
CA SER B 128 2.79 -24.27 -75.64
C SER B 128 3.07 -25.74 -75.90
N LEU B 129 3.98 -26.30 -75.13
CA LEU B 129 4.31 -27.71 -75.23
C LEU B 129 3.14 -28.59 -74.82
N VAL B 130 2.47 -28.23 -73.72
CA VAL B 130 1.34 -29.03 -73.24
C VAL B 130 0.19 -29.03 -74.24
N THR B 131 0.02 -27.91 -74.93
CA THR B 131 -1.00 -27.81 -75.98
C THR B 131 -0.75 -28.85 -77.08
N MET B 132 0.52 -29.12 -77.36
CA MET B 132 0.89 -30.11 -78.36
C MET B 132 0.64 -31.54 -77.87
N LEU B 133 0.66 -31.72 -76.56
CA LEU B 133 0.38 -33.02 -75.95
C LEU B 133 -1.12 -33.29 -75.88
N HIS B 134 -1.90 -32.22 -75.76
CA HIS B 134 -3.36 -32.31 -75.75
C HIS B 134 -3.90 -32.58 -77.16
N ASP B 135 -5.00 -33.32 -77.23
CA ASP B 135 -5.67 -33.64 -78.49
C ASP B 135 -4.76 -34.36 -79.49
N ASN B 136 -3.82 -35.14 -78.98
CA ASN B 136 -2.92 -35.93 -79.82
C ASN B 136 -2.37 -37.12 -79.06
N LYS B 137 -2.90 -38.31 -79.37
CA LYS B 137 -2.48 -39.52 -78.69
C LYS B 137 -1.05 -39.91 -79.07
N LEU B 138 -0.11 -39.61 -78.18
CA LEU B 138 1.30 -39.92 -78.40
C LEU B 138 1.83 -40.88 -77.35
N SER B 139 2.62 -41.85 -77.79
CA SER B 139 3.22 -42.81 -76.87
C SER B 139 4.50 -42.24 -76.24
N LYS B 140 5.09 -41.26 -76.89
CA LYS B 140 6.38 -40.74 -76.45
C LYS B 140 6.59 -39.29 -76.84
N LEU B 141 7.19 -38.51 -75.94
CA LEU B 141 7.59 -37.15 -76.26
C LEU B 141 9.08 -36.97 -76.07
N THR B 142 9.74 -36.40 -77.06
CA THR B 142 11.15 -36.06 -76.95
C THR B 142 11.34 -34.54 -77.02
N VAL B 143 12.05 -34.00 -76.04
CA VAL B 143 12.33 -32.57 -75.99
C VAL B 143 13.83 -32.32 -76.12
N VAL B 144 14.21 -31.58 -77.17
CA VAL B 144 15.61 -31.26 -77.39
C VAL B 144 15.90 -29.81 -77.00
N PHE B 145 16.73 -29.63 -75.98
CA PHE B 145 17.04 -28.30 -75.46
C PHE B 145 18.14 -27.62 -76.24
N GLU B 146 17.76 -26.80 -77.23
CA GLU B 146 18.71 -26.00 -77.97
C GLU B 146 18.75 -24.60 -77.41
N ILE B 147 18.44 -24.50 -76.12
CA ILE B 147 18.63 -23.27 -75.36
C ILE B 147 19.41 -23.61 -74.11
N ASN B 148 19.83 -22.60 -73.35
CA ASN B 148 20.63 -22.83 -72.16
C ASN B 148 19.81 -22.55 -70.91
N VAL B 149 19.85 -23.50 -69.98
CA VAL B 149 19.11 -23.35 -68.75
C VAL B 149 19.96 -23.84 -67.58
N ASP B 150 19.88 -23.17 -66.44
CA ASP B 150 20.53 -23.69 -65.25
C ASP B 150 19.87 -25.00 -64.80
N LYS B 151 20.25 -25.51 -63.65
CA LYS B 151 19.80 -26.81 -63.23
C LYS B 151 18.46 -26.66 -62.51
N ASN B 152 18.33 -25.58 -61.71
CA ASN B 152 17.05 -25.28 -61.07
C ASN B 152 15.96 -25.04 -62.11
N LEU B 153 16.29 -24.28 -63.14
CA LEU B 153 15.34 -23.94 -64.19
C LEU B 153 14.97 -25.16 -65.03
N PHE B 154 15.92 -26.06 -65.22
CA PHE B 154 15.61 -27.33 -65.88
C PHE B 154 14.65 -28.15 -65.03
N ARG B 155 14.90 -28.16 -63.71
CA ARG B 155 14.02 -28.82 -62.78
C ARG B 155 12.64 -28.15 -62.82
N PHE B 156 12.64 -26.82 -62.94
CA PHE B 156 11.40 -26.06 -62.99
C PHE B 156 10.61 -26.35 -64.27
N PHE B 157 11.32 -26.58 -65.36
CA PHE B 157 10.70 -26.98 -66.62
C PHE B 157 9.94 -28.29 -66.48
N LEU B 158 10.56 -29.28 -65.84
CA LEU B 158 9.94 -30.59 -65.70
C LEU B 158 8.76 -30.54 -64.74
N GLU B 159 8.96 -29.88 -63.60
CA GLU B 159 7.91 -29.64 -62.61
C GLU B 159 6.66 -29.07 -63.25
N THR B 160 6.85 -27.99 -64.02
CA THR B 160 5.74 -27.27 -64.62
C THR B 160 5.11 -28.12 -65.72
N LEU B 161 5.95 -28.84 -66.46
CA LEU B 161 5.45 -29.76 -67.48
C LEU B 161 4.55 -30.81 -66.84
N PHE B 162 5.04 -31.42 -65.76
CA PHE B 162 4.28 -32.46 -65.09
C PHE B 162 2.98 -31.93 -64.48
N TYR B 163 3.06 -30.78 -63.83
CA TYR B 163 1.90 -30.19 -63.17
C TYR B 163 0.81 -29.80 -64.16
N GLU B 164 1.20 -29.15 -65.26
CA GLU B 164 0.23 -28.64 -66.21
C GLU B 164 -0.34 -29.75 -67.10
N TYR B 165 0.43 -30.80 -67.32
CA TYR B 165 0.03 -31.93 -68.14
C TYR B 165 -1.03 -32.78 -67.43
N MET B 166 -0.83 -32.98 -66.14
CA MET B 166 -1.74 -33.75 -65.31
C MET B 166 -3.13 -33.11 -65.25
N THR B 167 -4.17 -33.93 -65.32
CA THR B 167 -5.54 -33.43 -65.22
C THR B 167 -6.29 -34.07 -64.06
N ASP B 168 -6.92 -33.24 -63.22
CA ASP B 168 -7.62 -33.71 -62.04
C ASP B 168 -9.06 -34.10 -62.41
N GLU B 169 -9.38 -35.38 -62.28
CA GLU B 169 -10.68 -35.88 -62.67
C GLU B 169 -11.40 -36.65 -61.57
N ARG B 170 -10.96 -36.44 -60.33
CA ARG B 170 -11.56 -37.11 -59.18
C ARG B 170 -13.05 -36.82 -59.01
N PHE B 171 -13.52 -35.70 -59.56
CA PHE B 171 -14.91 -35.30 -59.35
C PHE B 171 -15.73 -35.34 -60.64
N LYS B 172 -15.12 -35.86 -61.70
CA LYS B 172 -15.83 -36.19 -62.92
C LYS B 172 -16.47 -37.56 -62.77
N SER B 173 -17.63 -37.76 -63.39
CA SER B 173 -18.26 -39.07 -63.41
C SER B 173 -18.95 -39.34 -64.74
N THR B 174 -19.77 -38.39 -65.18
CA THR B 174 -20.50 -38.53 -66.44
C THR B 174 -19.77 -37.79 -67.58
N ASP B 175 -18.71 -37.08 -67.24
CA ASP B 175 -18.03 -36.21 -68.20
C ASP B 175 -16.50 -36.31 -68.15
N LYS B 176 -15.97 -37.52 -68.05
CA LYS B 176 -14.53 -37.75 -68.10
C LYS B 176 -14.05 -37.69 -69.55
N ASN B 177 -12.84 -37.16 -69.76
CA ASN B 177 -12.28 -37.10 -71.10
C ASN B 177 -11.93 -38.50 -71.59
N VAL B 178 -12.63 -38.96 -72.62
CA VAL B 178 -12.42 -40.30 -73.16
C VAL B 178 -11.14 -40.34 -74.01
N ASN B 179 -10.74 -39.19 -74.54
CA ASN B 179 -9.54 -39.09 -75.37
C ASN B 179 -8.29 -38.79 -74.56
N MET B 180 -8.34 -39.09 -73.26
CA MET B 180 -7.24 -38.79 -72.35
C MET B 180 -6.22 -39.94 -72.27
N GLU B 181 -5.20 -39.88 -73.10
CA GLU B 181 -4.13 -40.88 -73.09
C GLU B 181 -2.75 -40.24 -72.95
N TYR B 182 -2.13 -40.44 -71.79
CA TYR B 182 -0.82 -39.87 -71.50
C TYR B 182 0.32 -40.61 -72.18
N ILE B 183 1.43 -39.91 -72.39
CA ILE B 183 2.64 -40.55 -72.91
C ILE B 183 3.22 -41.49 -71.85
N LYS B 184 4.08 -42.40 -72.28
CA LYS B 184 4.74 -43.34 -71.38
C LYS B 184 6.24 -43.10 -71.30
N HIS B 185 6.77 -42.38 -72.28
CA HIS B 185 8.20 -42.09 -72.31
C HIS B 185 8.47 -40.61 -72.58
N LEU B 186 9.45 -40.06 -71.87
CA LEU B 186 9.89 -38.69 -72.11
C LEU B 186 11.40 -38.65 -72.36
N GLY B 187 11.79 -38.07 -73.49
CA GLY B 187 13.19 -37.96 -73.83
C GLY B 187 13.67 -36.53 -73.74
N VAL B 188 14.85 -36.34 -73.16
CA VAL B 188 15.44 -35.00 -73.04
C VAL B 188 16.88 -34.97 -73.58
N TYR B 189 17.09 -34.23 -74.66
CA TYR B 189 18.44 -33.99 -75.16
C TYR B 189 18.95 -32.63 -74.70
N ILE B 190 20.02 -32.62 -73.92
CA ILE B 190 20.56 -31.38 -73.37
C ILE B 190 22.07 -31.45 -73.16
N ASN B 191 22.74 -30.31 -73.23
CA ASN B 191 24.18 -30.21 -72.99
C ASN B 191 24.55 -30.61 -71.56
N ASN B 192 25.65 -31.34 -71.43
CA ASN B 192 26.15 -31.79 -70.13
C ASN B 192 25.08 -32.54 -69.35
N ALA B 193 24.52 -33.58 -69.96
CA ALA B 193 23.41 -34.33 -69.39
C ALA B 193 23.75 -34.99 -68.05
N ASP B 194 25.04 -35.20 -67.81
CA ASP B 194 25.51 -35.82 -66.59
C ASP B 194 25.03 -35.08 -65.33
N THR B 195 25.00 -33.76 -65.42
CA THR B 195 24.68 -32.95 -64.25
C THR B 195 23.16 -32.78 -64.11
N TYR B 196 22.45 -32.71 -65.24
CA TYR B 196 21.01 -32.48 -65.23
C TYR B 196 20.19 -33.71 -64.82
N LYS B 197 20.76 -34.89 -64.96
CA LYS B 197 20.04 -36.12 -64.66
C LYS B 197 19.54 -36.20 -63.22
N GLU B 198 20.27 -35.56 -62.30
CA GLU B 198 19.91 -35.57 -60.88
C GLU B 198 18.58 -34.86 -60.60
N GLU B 199 18.24 -33.89 -61.46
CA GLU B 199 17.06 -33.05 -61.28
C GLU B 199 15.77 -33.76 -61.64
N VAL B 200 15.87 -34.85 -62.39
CA VAL B 200 14.69 -35.54 -62.90
C VAL B 200 13.79 -36.06 -61.79
N GLU B 201 14.34 -36.86 -60.89
CA GLU B 201 13.55 -37.44 -59.82
C GLU B 201 13.22 -36.40 -58.76
N LYS B 202 14.07 -35.39 -58.64
CA LYS B 202 13.78 -34.28 -57.74
C LYS B 202 12.57 -33.51 -58.27
N ALA B 203 12.47 -33.41 -59.59
CA ALA B 203 11.34 -32.72 -60.21
C ALA B 203 10.06 -33.52 -60.04
N ARG B 204 10.17 -34.84 -60.15
CA ARG B 204 9.01 -35.70 -59.99
C ARG B 204 8.48 -35.59 -58.56
N VAL B 205 9.39 -35.57 -57.60
CA VAL B 205 9.00 -35.42 -56.21
C VAL B 205 8.36 -34.06 -55.95
N TYR B 206 9.03 -32.99 -56.38
CA TYR B 206 8.50 -31.64 -56.19
C TYR B 206 7.15 -31.50 -56.88
N TYR B 207 7.01 -32.13 -58.04
CA TYR B 207 5.75 -32.11 -58.76
C TYR B 207 4.61 -32.68 -57.94
N PHE B 208 4.82 -33.86 -57.37
CA PHE B 208 3.71 -34.49 -56.66
C PHE B 208 3.38 -33.74 -55.39
N GLY B 209 4.39 -33.19 -54.73
CA GLY B 209 4.16 -32.38 -53.54
C GLY B 209 3.25 -31.21 -53.88
N THR B 210 3.52 -30.58 -55.00
CA THR B 210 2.72 -29.47 -55.49
C THR B 210 1.32 -29.95 -55.89
N TYR B 211 1.27 -31.08 -56.60
CA TYR B 211 0.01 -31.63 -57.07
C TYR B 211 -0.81 -32.22 -55.93
N TYR B 212 -0.12 -32.71 -54.90
CA TYR B 212 -0.81 -33.22 -53.72
C TYR B 212 -1.50 -32.08 -52.99
N ALA B 213 -0.80 -30.96 -52.85
CA ALA B 213 -1.38 -29.77 -52.24
C ALA B 213 -2.58 -29.30 -53.05
N SER B 214 -2.40 -29.26 -54.36
CA SER B 214 -3.46 -28.85 -55.28
C SER B 214 -4.72 -29.70 -55.15
N GLN B 215 -4.54 -31.00 -54.94
CA GLN B 215 -5.67 -31.91 -54.80
C GLN B 215 -6.46 -31.61 -53.53
N LEU B 216 -5.77 -31.30 -52.45
CA LEU B 216 -6.42 -30.94 -51.20
C LEU B 216 -7.18 -29.62 -51.36
N ILE B 217 -6.56 -28.66 -52.03
CA ILE B 217 -7.15 -27.35 -52.23
C ILE B 217 -8.37 -27.41 -53.15
N ALA B 218 -8.22 -28.05 -54.31
CA ALA B 218 -9.30 -28.18 -55.28
C ALA B 218 -10.49 -28.96 -54.73
N ALA B 219 -10.21 -29.91 -53.85
CA ALA B 219 -11.26 -30.63 -53.14
C ALA B 219 -12.21 -29.65 -52.46
N PRO B 220 -13.52 -29.75 -52.77
CA PRO B 220 -14.55 -28.87 -52.20
C PRO B 220 -14.69 -29.08 -50.70
N SER B 221 -15.32 -28.13 -50.01
CA SER B 221 -15.31 -28.12 -48.55
C SER B 221 -16.19 -29.21 -47.96
N ASN B 222 -17.10 -29.78 -48.73
CA ASN B 222 -17.87 -30.90 -48.24
C ASN B 222 -17.05 -32.19 -48.26
N TYR B 223 -16.12 -32.31 -49.20
CA TYR B 223 -15.17 -33.45 -49.21
C TYR B 223 -14.02 -33.20 -48.23
N CYS B 224 -13.53 -31.97 -48.26
CA CYS B 224 -12.36 -31.57 -47.50
C CYS B 224 -12.78 -30.74 -46.29
N ASN B 225 -12.83 -31.39 -45.14
CA ASN B 225 -13.25 -30.77 -43.88
C ASN B 225 -12.20 -31.06 -42.79
N PRO B 226 -12.30 -30.42 -41.62
CA PRO B 226 -11.30 -30.64 -40.57
C PRO B 226 -11.01 -32.10 -40.22
N VAL B 227 -12.04 -32.95 -40.26
CA VAL B 227 -11.85 -34.35 -39.90
C VAL B 227 -11.18 -35.12 -41.05
N SER B 228 -11.68 -34.92 -42.26
CA SER B 228 -11.17 -35.67 -43.40
C SER B 228 -9.78 -35.19 -43.81
N LEU B 229 -9.53 -33.89 -43.66
CA LEU B 229 -8.22 -33.33 -43.97
C LEU B 229 -7.17 -33.88 -43.02
N SER B 230 -7.54 -33.98 -41.75
CA SER B 230 -6.61 -34.49 -40.73
C SER B 230 -6.40 -35.99 -40.89
N ASN B 231 -7.44 -36.70 -41.33
CA ASN B 231 -7.29 -38.12 -41.67
C ASN B 231 -6.33 -38.29 -42.84
N ALA B 232 -6.48 -37.42 -43.84
CA ALA B 232 -5.62 -37.47 -45.02
C ALA B 232 -4.16 -37.22 -44.65
N ALA B 233 -3.94 -36.34 -43.68
CA ALA B 233 -2.60 -36.04 -43.20
C ALA B 233 -2.00 -37.26 -42.51
N VAL B 234 -2.82 -37.91 -41.69
CA VAL B 234 -2.43 -39.13 -40.99
C VAL B 234 -2.02 -40.22 -41.98
N GLU B 235 -2.79 -40.38 -43.05
CA GLU B 235 -2.48 -41.35 -44.09
C GLU B 235 -1.17 -41.01 -44.80
N LEU B 236 -0.95 -39.71 -45.01
CA LEU B 236 0.28 -39.24 -45.61
C LEU B 236 1.46 -39.57 -44.72
N ALA B 237 1.33 -39.23 -43.44
CA ALA B 237 2.37 -39.47 -42.46
C ALA B 237 2.71 -40.96 -42.38
N GLN B 238 1.69 -41.81 -42.53
CA GLN B 238 1.87 -43.24 -42.45
C GLN B 238 2.67 -43.77 -43.64
N LYS B 239 2.34 -43.31 -44.85
CA LYS B 239 3.07 -43.72 -46.05
C LYS B 239 4.52 -43.25 -46.05
N LEU B 240 4.84 -42.25 -45.22
CA LEU B 240 6.16 -41.65 -45.20
C LEU B 240 6.96 -41.98 -43.93
N ASN B 241 6.32 -42.70 -43.02
CA ASN B 241 6.85 -42.93 -41.68
C ASN B 241 7.31 -41.66 -40.99
N LEU B 242 6.45 -40.65 -40.99
CA LEU B 242 6.64 -39.47 -40.16
C LEU B 242 5.91 -39.71 -38.85
N GLU B 243 6.44 -39.20 -37.75
CA GLU B 243 5.67 -39.19 -36.51
C GLU B 243 4.45 -38.30 -36.76
N TYR B 244 3.31 -38.71 -36.22
CA TYR B 244 2.11 -37.92 -36.38
C TYR B 244 1.33 -37.85 -35.08
N LYS B 245 0.60 -36.75 -34.93
CA LYS B 245 -0.28 -36.59 -33.80
C LYS B 245 -1.41 -35.64 -34.20
N ILE B 246 -2.64 -36.06 -33.96
CA ILE B 246 -3.79 -35.21 -34.21
C ILE B 246 -4.42 -34.83 -32.89
N LEU B 247 -4.38 -33.55 -32.57
CA LEU B 247 -4.96 -33.06 -31.34
C LEU B 247 -6.44 -32.77 -31.59
N GLY B 248 -7.29 -33.36 -30.75
CA GLY B 248 -8.72 -33.14 -30.83
C GLY B 248 -9.14 -32.11 -29.81
N VAL B 249 -10.43 -31.80 -29.79
CA VAL B 249 -10.95 -30.68 -28.99
C VAL B 249 -10.59 -30.77 -27.51
N LYS B 250 -10.75 -31.96 -26.93
CA LYS B 250 -10.42 -32.19 -25.54
C LYS B 250 -8.95 -31.84 -25.24
N GLU B 251 -8.05 -32.26 -26.12
CA GLU B 251 -6.63 -31.90 -25.96
C GLU B 251 -6.43 -30.40 -26.12
N LEU B 252 -7.06 -29.84 -27.16
CA LEU B 252 -6.93 -28.42 -27.43
C LEU B 252 -7.45 -27.58 -26.27
N GLU B 253 -8.50 -28.07 -25.61
CA GLU B 253 -9.03 -27.38 -24.44
C GLU B 253 -8.02 -27.37 -23.27
N GLU B 254 -7.38 -28.52 -23.02
CA GLU B 254 -6.35 -28.60 -21.98
C GLU B 254 -5.20 -27.65 -22.26
N LEU B 255 -4.87 -27.48 -23.54
CA LEU B 255 -3.80 -26.57 -23.93
C LEU B 255 -4.29 -25.13 -23.96
N LYS B 256 -5.59 -24.95 -23.77
CA LYS B 256 -6.21 -23.63 -23.66
C LYS B 256 -6.09 -22.81 -24.93
N MET B 257 -6.29 -23.46 -26.08
CA MET B 257 -6.23 -22.78 -27.37
C MET B 257 -7.57 -22.10 -27.70
N GLY B 258 -7.92 -21.09 -26.92
CA GLY B 258 -9.22 -20.45 -27.03
C GLY B 258 -9.46 -19.64 -28.29
N ALA B 259 -8.37 -19.17 -28.93
CA ALA B 259 -8.52 -18.39 -30.16
C ALA B 259 -8.91 -19.30 -31.30
N TYR B 260 -8.12 -20.36 -31.47
CA TYR B 260 -8.35 -21.39 -32.49
C TYR B 260 -9.68 -22.12 -32.26
N LEU B 261 -9.96 -22.49 -31.01
CA LEU B 261 -11.20 -23.19 -30.70
C LEU B 261 -12.45 -22.35 -31.01
N SER B 262 -12.38 -21.04 -30.72
CA SER B 262 -13.48 -20.09 -31.03
C SER B 262 -13.88 -20.07 -32.48
N VAL B 263 -12.89 -20.18 -33.36
CA VAL B 263 -13.13 -20.11 -34.79
C VAL B 263 -13.96 -21.30 -35.27
N GLY B 264 -13.70 -22.49 -34.74
CA GLY B 264 -14.42 -23.68 -35.18
C GLY B 264 -15.73 -23.95 -34.46
N LYS B 265 -16.09 -23.07 -33.52
CA LYS B 265 -17.29 -23.26 -32.69
C LYS B 265 -18.58 -23.44 -33.49
N GLY B 266 -18.73 -22.64 -34.54
CA GLY B 266 -19.95 -22.69 -35.33
C GLY B 266 -19.99 -23.83 -36.34
N SER B 267 -18.99 -24.69 -36.30
CA SER B 267 -18.87 -25.76 -37.30
C SER B 267 -19.41 -27.10 -36.80
N MET B 268 -19.93 -27.90 -37.72
CA MET B 268 -20.35 -29.25 -37.39
C MET B 268 -19.13 -30.18 -37.29
N TYR B 269 -17.99 -29.72 -37.82
CA TYR B 269 -16.77 -30.52 -37.78
C TYR B 269 -15.88 -30.08 -36.63
N PRO B 270 -15.54 -31.03 -35.74
CA PRO B 270 -14.67 -30.70 -34.61
C PRO B 270 -13.31 -30.21 -35.11
N ASN B 271 -12.68 -29.31 -34.35
CA ASN B 271 -11.33 -28.88 -34.69
C ASN B 271 -10.35 -30.05 -34.59
N LYS B 272 -9.36 -30.06 -35.47
CA LYS B 272 -8.27 -31.04 -35.42
C LYS B 272 -6.93 -30.36 -35.69
N PHE B 273 -6.01 -30.47 -34.75
CA PHE B 273 -4.69 -29.87 -34.87
C PHE B 273 -3.68 -30.88 -35.43
N ILE B 274 -3.16 -30.59 -36.62
CA ILE B 274 -2.25 -31.50 -37.30
C ILE B 274 -0.80 -31.26 -36.91
N HIS B 275 -0.18 -32.27 -36.31
CA HIS B 275 1.22 -32.20 -35.91
C HIS B 275 2.00 -33.39 -36.48
N LEU B 276 2.73 -33.14 -37.56
CA LEU B 276 3.59 -34.14 -38.18
C LEU B 276 5.04 -33.82 -37.86
N THR B 277 5.90 -34.83 -37.80
CA THR B 277 7.30 -34.60 -37.49
C THR B 277 8.27 -35.47 -38.29
N TYR B 278 9.20 -34.82 -38.98
CA TYR B 278 10.32 -35.52 -39.60
C TYR B 278 11.57 -35.32 -38.76
N LYS B 279 12.34 -36.39 -38.58
CA LYS B 279 13.61 -36.28 -37.89
C LYS B 279 14.71 -36.95 -38.68
N SER B 280 15.84 -36.27 -38.82
CA SER B 280 17.00 -36.83 -39.51
C SER B 280 17.62 -37.95 -38.68
N LYS B 281 18.30 -38.87 -39.36
CA LYS B 281 18.90 -40.03 -38.69
C LYS B 281 20.01 -39.64 -37.72
N GLY B 282 20.81 -38.65 -38.08
CA GLY B 282 21.99 -38.30 -37.31
C GLY B 282 21.83 -37.17 -36.32
N ASP B 283 22.82 -36.28 -36.29
CA ASP B 283 22.81 -35.15 -35.37
C ASP B 283 21.98 -34.00 -35.92
N VAL B 284 20.98 -33.58 -35.16
CA VAL B 284 20.08 -32.51 -35.58
C VAL B 284 20.69 -31.13 -35.32
N LYS B 285 20.87 -30.34 -36.38
CA LYS B 285 21.49 -29.03 -36.26
C LYS B 285 20.47 -27.89 -36.36
N LYS B 286 19.38 -28.12 -37.08
CA LYS B 286 18.34 -27.12 -37.21
C LYS B 286 16.96 -27.71 -36.91
N LYS B 287 16.18 -26.99 -36.12
CA LYS B 287 14.80 -27.37 -35.83
C LYS B 287 13.85 -26.36 -36.45
N ILE B 288 12.91 -26.85 -37.25
CA ILE B 288 12.03 -25.98 -38.01
C ILE B 288 10.56 -26.31 -37.77
N ALA B 289 9.76 -25.27 -37.52
CA ALA B 289 8.32 -25.42 -37.44
C ALA B 289 7.67 -24.75 -38.63
N LEU B 290 6.97 -25.55 -39.45
CA LEU B 290 6.20 -25.04 -40.57
C LEU B 290 4.71 -25.03 -40.21
N VAL B 291 4.10 -23.85 -40.27
CA VAL B 291 2.72 -23.67 -39.87
C VAL B 291 1.82 -23.28 -41.05
N GLY B 292 0.79 -24.07 -41.31
CA GLY B 292 -0.12 -23.76 -42.41
C GLY B 292 -1.49 -23.34 -41.91
N LYS B 293 -2.04 -22.27 -42.47
CA LYS B 293 -3.42 -21.89 -42.17
C LYS B 293 -4.36 -22.92 -42.78
N GLY B 294 -5.23 -23.49 -41.94
CA GLY B 294 -6.08 -24.58 -42.37
C GLY B 294 -7.57 -24.40 -42.15
N ILE B 295 -8.14 -23.37 -42.76
CA ILE B 295 -9.59 -23.17 -42.77
C ILE B 295 -10.17 -23.89 -43.99
N THR B 296 -10.96 -24.94 -43.75
CA THR B 296 -11.40 -25.78 -44.87
C THR B 296 -12.51 -25.10 -45.66
N PHE B 297 -13.27 -24.25 -44.99
CA PHE B 297 -14.12 -23.29 -45.67
C PHE B 297 -14.25 -22.00 -44.85
N ASP B 298 -14.11 -20.86 -45.52
CA ASP B 298 -14.24 -19.56 -44.85
C ASP B 298 -15.48 -18.81 -45.32
N SER B 299 -16.57 -18.96 -44.57
CA SER B 299 -17.80 -18.26 -44.90
C SER B 299 -17.72 -16.80 -44.49
N GLY B 300 -16.78 -16.50 -43.61
CA GLY B 300 -16.69 -15.18 -43.00
C GLY B 300 -17.20 -15.18 -41.58
N GLY B 301 -18.00 -16.18 -41.23
CA GLY B 301 -18.69 -16.17 -39.94
C GLY B 301 -19.80 -15.13 -39.99
N TYR B 302 -20.16 -14.56 -38.84
CA TYR B 302 -21.23 -13.57 -38.81
C TYR B 302 -20.85 -12.31 -39.60
N ASN B 303 -19.56 -12.08 -39.77
CA ASN B 303 -19.09 -11.12 -40.77
C ASN B 303 -19.08 -11.77 -42.16
N LEU B 304 -20.25 -12.23 -42.58
CA LEU B 304 -20.41 -13.04 -43.78
C LEU B 304 -19.83 -12.40 -45.03
N LYS B 305 -19.16 -13.21 -45.85
CA LYS B 305 -18.65 -12.75 -47.14
C LYS B 305 -19.82 -12.49 -48.09
N ALA B 306 -20.42 -11.31 -47.98
CA ALA B 306 -21.60 -10.98 -48.78
C ALA B 306 -21.36 -9.78 -49.68
N ALA B 307 -20.23 -9.11 -49.47
CA ALA B 307 -19.87 -7.96 -50.29
C ALA B 307 -19.47 -8.39 -51.69
N PRO B 308 -19.78 -7.55 -52.70
CA PRO B 308 -19.34 -7.80 -54.07
C PRO B 308 -17.82 -8.01 -54.14
N GLY B 309 -17.39 -9.07 -54.79
CA GLY B 309 -15.98 -9.36 -54.95
C GLY B 309 -15.34 -10.12 -53.80
N SER B 310 -16.14 -10.60 -52.86
CA SER B 310 -15.61 -11.35 -51.73
C SER B 310 -15.36 -12.81 -52.11
N MET B 311 -15.90 -13.22 -53.25
CA MET B 311 -15.67 -14.55 -53.84
C MET B 311 -15.84 -15.70 -52.85
N ILE B 312 -17.02 -15.78 -52.24
CA ILE B 312 -17.27 -16.78 -51.21
C ILE B 312 -17.18 -18.22 -51.78
N ASP B 313 -17.42 -18.37 -53.07
CA ASP B 313 -17.42 -19.70 -53.68
C ASP B 313 -16.00 -20.24 -53.92
N LEU B 314 -15.00 -19.45 -53.57
CA LEU B 314 -13.60 -19.85 -53.72
C LEU B 314 -13.01 -20.34 -52.40
N MET B 315 -13.75 -20.13 -51.31
CA MET B 315 -13.15 -20.20 -49.98
C MET B 315 -12.80 -21.60 -49.50
N LYS B 316 -13.01 -22.60 -50.36
CA LYS B 316 -12.46 -23.92 -50.11
C LYS B 316 -10.93 -23.86 -50.14
N PHE B 317 -10.40 -22.77 -50.70
CA PHE B 317 -8.96 -22.63 -50.91
C PHE B 317 -8.28 -22.05 -49.68
N ASP B 318 -9.05 -21.81 -48.62
CA ASP B 318 -8.51 -21.16 -47.43
C ASP B 318 -7.72 -22.12 -46.55
N MET B 319 -7.51 -23.34 -47.02
CA MET B 319 -6.61 -24.27 -46.33
C MET B 319 -5.33 -24.49 -47.14
N SER B 320 -5.11 -23.63 -48.13
CA SER B 320 -3.94 -23.70 -49.01
C SER B 320 -2.62 -23.72 -48.25
N GLY B 321 -2.55 -22.99 -47.15
CA GLY B 321 -1.36 -22.96 -46.32
C GLY B 321 -1.07 -24.33 -45.74
N CYS B 322 -2.11 -24.95 -45.18
CA CYS B 322 -2.01 -26.31 -44.69
C CYS B 322 -1.57 -27.27 -45.81
N ALA B 323 -2.18 -27.11 -46.98
CA ALA B 323 -1.87 -27.96 -48.12
C ALA B 323 -0.40 -27.79 -48.55
N ALA B 324 0.06 -26.55 -48.54
CA ALA B 324 1.45 -26.26 -48.82
C ALA B 324 2.36 -26.99 -47.84
N VAL B 325 1.99 -26.94 -46.57
CA VAL B 325 2.78 -27.55 -45.51
C VAL B 325 2.78 -29.08 -45.59
N LEU B 326 1.62 -29.67 -45.85
CA LEU B 326 1.53 -31.13 -46.04
C LEU B 326 2.25 -31.56 -47.32
N GLY B 327 2.16 -30.73 -48.36
CA GLY B 327 2.87 -31.01 -49.60
C GLY B 327 4.37 -31.00 -49.38
N CYS B 328 4.83 -30.06 -48.55
CA CYS B 328 6.22 -30.01 -48.16
C CYS B 328 6.62 -31.26 -47.38
N ALA B 329 5.72 -31.75 -46.52
CA ALA B 329 6.01 -32.95 -45.73
C ALA B 329 6.24 -34.15 -46.64
N TYR B 330 5.53 -34.19 -47.76
CA TYR B 330 5.75 -35.25 -48.74
C TYR B 330 7.16 -35.19 -49.30
N CYS B 331 7.56 -34.01 -49.78
CA CYS B 331 8.88 -33.83 -50.38
C CYS B 331 9.99 -34.10 -49.38
N VAL B 332 9.87 -33.50 -48.20
CA VAL B 332 10.86 -33.71 -47.14
C VAL B 332 10.94 -35.18 -46.72
N GLY B 333 9.79 -35.80 -46.51
CA GLY B 333 9.72 -37.20 -46.11
C GLY B 333 10.25 -38.14 -47.18
N THR B 334 10.13 -37.75 -48.44
CA THR B 334 10.60 -38.56 -49.54
C THR B 334 12.09 -38.36 -49.78
N LEU B 335 12.55 -37.12 -49.68
CA LEU B 335 13.94 -36.79 -49.98
C LEU B 335 14.86 -36.99 -48.78
N LYS B 336 14.28 -37.03 -47.58
CA LYS B 336 15.01 -37.37 -46.36
C LYS B 336 16.31 -36.58 -46.16
N PRO B 337 16.21 -35.25 -45.96
CA PRO B 337 17.42 -34.48 -45.68
C PRO B 337 18.01 -34.82 -44.31
N GLU B 338 19.31 -34.60 -44.16
CA GLU B 338 20.01 -34.92 -42.91
C GLU B 338 20.13 -33.70 -42.00
N ASN B 339 20.41 -33.95 -40.72
CA ASN B 339 20.71 -32.91 -39.74
C ASN B 339 19.59 -31.89 -39.57
N VAL B 340 18.35 -32.35 -39.57
CA VAL B 340 17.23 -31.44 -39.42
C VAL B 340 15.99 -32.13 -38.84
N GLU B 341 15.29 -31.43 -37.96
CA GLU B 341 14.03 -31.90 -37.42
C GLU B 341 12.93 -30.89 -37.78
N ILE B 342 11.90 -31.36 -38.48
CA ILE B 342 10.85 -30.46 -38.93
C ILE B 342 9.46 -30.86 -38.43
N HIS B 343 8.78 -29.89 -37.84
CA HIS B 343 7.40 -30.06 -37.39
C HIS B 343 6.44 -29.39 -38.36
N PHE B 344 5.51 -30.18 -38.88
CA PHE B 344 4.50 -29.69 -39.80
C PHE B 344 3.18 -29.47 -39.05
N LEU B 345 2.82 -28.21 -38.86
CA LEU B 345 1.70 -27.86 -38.00
C LEU B 345 0.56 -27.24 -38.77
N SER B 346 -0.67 -27.50 -38.32
CA SER B 346 -1.85 -26.83 -38.87
C SER B 346 -3.05 -26.95 -37.95
N ALA B 347 -3.56 -25.79 -37.52
CA ALA B 347 -4.77 -25.73 -36.74
C ALA B 347 -5.95 -25.74 -37.71
N VAL B 348 -6.50 -26.92 -37.95
CA VAL B 348 -7.52 -27.09 -38.98
C VAL B 348 -8.92 -26.91 -38.41
N CYS B 349 -9.72 -26.07 -39.06
CA CYS B 349 -11.10 -25.86 -38.65
C CYS B 349 -11.92 -25.26 -39.78
N GLU B 350 -13.19 -24.96 -39.48
CA GLU B 350 -14.12 -24.45 -40.50
C GLU B 350 -14.90 -23.25 -39.92
N ASN B 351 -14.91 -22.14 -40.65
CA ASN B 351 -15.50 -20.89 -40.18
C ASN B 351 -16.92 -20.70 -40.68
N MET B 352 -17.91 -20.99 -39.84
CA MET B 352 -19.30 -21.07 -40.30
C MET B 352 -20.25 -20.18 -39.50
N VAL B 353 -21.49 -20.08 -39.98
CA VAL B 353 -22.53 -19.31 -39.32
C VAL B 353 -23.55 -20.24 -38.67
N SER B 354 -23.76 -20.03 -37.38
CA SER B 354 -24.45 -21.00 -36.55
C SER B 354 -24.88 -20.35 -35.25
N LYS B 355 -25.75 -21.02 -34.50
CA LYS B 355 -26.12 -20.54 -33.18
C LYS B 355 -24.93 -20.64 -32.24
N ASN B 356 -23.98 -21.49 -32.60
CA ASN B 356 -22.80 -21.72 -31.77
C ASN B 356 -21.57 -20.93 -32.18
N SER B 357 -21.68 -20.14 -33.25
CA SER B 357 -20.53 -19.42 -33.80
C SER B 357 -20.03 -18.36 -32.83
N TYR B 358 -18.78 -17.99 -32.99
CA TYR B 358 -18.22 -16.91 -32.19
C TYR B 358 -18.72 -15.62 -32.83
N ARG B 359 -18.83 -14.55 -32.06
CA ARG B 359 -19.48 -13.32 -32.51
C ARG B 359 -18.50 -12.16 -32.63
N PRO B 360 -18.78 -11.21 -33.52
CA PRO B 360 -18.03 -9.95 -33.52
C PRO B 360 -18.16 -9.28 -32.16
N GLY B 361 -17.04 -8.93 -31.53
CA GLY B 361 -17.07 -8.32 -30.21
C GLY B 361 -16.63 -9.25 -29.10
N ASP B 362 -16.66 -10.55 -29.37
CA ASP B 362 -16.24 -11.56 -28.41
C ASP B 362 -14.80 -11.36 -27.95
N ILE B 363 -14.56 -11.51 -26.66
CA ILE B 363 -13.19 -11.51 -26.14
C ILE B 363 -12.77 -12.94 -25.81
N ILE B 364 -11.70 -13.39 -26.45
CA ILE B 364 -11.24 -14.77 -26.34
C ILE B 364 -9.80 -14.81 -25.82
N THR B 365 -9.45 -15.91 -25.16
CA THR B 365 -8.13 -16.03 -24.55
C THR B 365 -7.25 -17.03 -25.29
N ALA B 366 -6.15 -16.53 -25.85
CA ALA B 366 -5.19 -17.36 -26.56
C ALA B 366 -4.44 -18.26 -25.58
N SER B 367 -3.70 -19.23 -26.11
CA SER B 367 -3.00 -20.22 -25.29
C SER B 367 -1.78 -19.64 -24.57
N ASN B 368 -1.42 -18.39 -24.89
CA ASN B 368 -0.33 -17.73 -24.17
C ASN B 368 -0.90 -16.73 -23.17
N GLY B 369 -2.20 -16.82 -22.94
CA GLY B 369 -2.85 -16.01 -21.91
C GLY B 369 -3.37 -14.66 -22.37
N LYS B 370 -2.96 -14.22 -23.56
CA LYS B 370 -3.39 -12.93 -24.07
C LYS B 370 -4.87 -12.96 -24.47
N THR B 371 -5.62 -11.98 -23.99
CA THR B 371 -7.01 -11.86 -24.35
C THR B 371 -7.14 -11.03 -25.62
N ILE B 372 -8.06 -11.45 -26.48
CA ILE B 372 -8.18 -10.90 -27.82
C ILE B 372 -9.63 -10.46 -28.06
N GLU B 373 -9.81 -9.22 -28.54
CA GLU B 373 -11.13 -8.75 -28.90
C GLU B 373 -11.37 -8.97 -30.39
N VAL B 374 -12.43 -9.71 -30.71
CA VAL B 374 -12.76 -9.98 -32.10
C VAL B 374 -13.48 -8.79 -32.73
N GLY B 375 -12.88 -8.22 -33.78
CA GLY B 375 -13.50 -7.10 -34.47
C GLY B 375 -14.20 -7.56 -35.73
N ASN B 376 -13.84 -8.75 -36.19
CA ASN B 376 -14.32 -9.26 -37.46
C ASN B 376 -14.11 -10.78 -37.51
N THR B 377 -15.20 -11.54 -37.60
CA THR B 377 -15.09 -12.99 -37.59
C THR B 377 -14.50 -13.53 -38.88
N ASP B 378 -14.31 -12.67 -39.87
CA ASP B 378 -13.75 -13.09 -41.14
C ASP B 378 -12.23 -12.91 -41.14
N ALA B 379 -11.69 -12.32 -40.09
CA ALA B 379 -10.23 -12.32 -39.91
C ALA B 379 -9.87 -13.48 -38.98
N GLU B 380 -10.34 -14.68 -39.33
CA GLU B 380 -10.20 -15.84 -38.47
C GLU B 380 -8.84 -16.52 -38.61
N GLY B 381 -8.19 -16.33 -39.76
CA GLY B 381 -6.91 -16.95 -40.02
C GLY B 381 -5.88 -16.66 -38.96
N ARG B 382 -5.75 -15.38 -38.60
CA ARG B 382 -4.77 -14.96 -37.61
C ARG B 382 -5.11 -15.42 -36.19
N LEU B 383 -6.36 -15.82 -35.96
CA LEU B 383 -6.76 -16.34 -34.66
C LEU B 383 -6.27 -17.76 -34.51
N THR B 384 -6.48 -18.58 -35.54
CA THR B 384 -6.01 -19.95 -35.51
C THR B 384 -4.47 -19.98 -35.52
N LEU B 385 -3.87 -19.09 -36.32
CA LEU B 385 -2.42 -19.03 -36.41
C LEU B 385 -1.79 -18.61 -35.08
N ALA B 386 -2.49 -17.79 -34.31
CA ALA B 386 -1.99 -17.35 -33.02
C ALA B 386 -1.70 -18.54 -32.10
N ASP B 387 -2.70 -19.39 -31.90
CA ASP B 387 -2.53 -20.58 -31.07
C ASP B 387 -1.52 -21.55 -31.69
N ALA B 388 -1.55 -21.67 -33.01
CA ALA B 388 -0.60 -22.52 -33.73
C ALA B 388 0.83 -22.03 -33.54
N LEU B 389 1.02 -20.71 -33.53
CA LEU B 389 2.35 -20.15 -33.35
C LEU B 389 2.83 -20.34 -31.91
N VAL B 390 1.92 -20.22 -30.95
CA VAL B 390 2.28 -20.44 -29.55
C VAL B 390 2.70 -21.89 -29.33
N TYR B 391 1.92 -22.81 -29.90
CA TYR B 391 2.23 -24.23 -29.86
C TYR B 391 3.62 -24.47 -30.48
N ALA B 392 3.86 -23.84 -31.62
CA ALA B 392 5.11 -23.98 -32.35
C ALA B 392 6.31 -23.56 -31.51
N GLU B 393 6.21 -22.40 -30.87
CA GLU B 393 7.34 -21.88 -30.12
C GLU B 393 7.64 -22.76 -28.91
N LYS B 394 6.59 -23.33 -28.32
CA LYS B 394 6.74 -24.24 -27.19
C LYS B 394 7.55 -25.48 -27.56
N LEU B 395 7.68 -25.76 -28.85
CA LEU B 395 8.47 -26.90 -29.32
C LEU B 395 9.96 -26.61 -29.27
N GLY B 396 10.29 -25.35 -28.96
CA GLY B 396 11.68 -24.92 -28.90
C GLY B 396 12.42 -25.14 -30.20
N VAL B 397 11.99 -24.46 -31.26
CA VAL B 397 12.62 -24.61 -32.57
C VAL B 397 13.55 -23.43 -32.87
N ASP B 398 14.25 -23.52 -34.01
CA ASP B 398 15.11 -22.43 -34.46
C ASP B 398 14.33 -21.43 -35.32
N TYR B 399 13.53 -21.97 -36.22
CA TYR B 399 12.77 -21.16 -37.17
C TYR B 399 11.30 -21.52 -37.16
N ILE B 400 10.44 -20.52 -37.02
CA ILE B 400 9.02 -20.71 -37.26
C ILE B 400 8.63 -20.01 -38.56
N VAL B 401 8.07 -20.76 -39.50
CA VAL B 401 7.56 -20.17 -40.72
C VAL B 401 6.10 -20.53 -40.89
N ASP B 402 5.23 -19.53 -40.96
CA ASP B 402 3.82 -19.81 -41.27
C ASP B 402 3.54 -19.41 -42.71
N ILE B 403 2.58 -20.08 -43.33
CA ILE B 403 2.16 -19.73 -44.67
C ILE B 403 0.62 -19.78 -44.72
N ALA B 404 0.00 -18.75 -45.28
CA ALA B 404 -1.44 -18.57 -45.15
C ALA B 404 -2.08 -17.74 -46.26
N THR B 405 -3.31 -18.11 -46.64
CA THR B 405 -4.14 -17.26 -47.48
C THR B 405 -4.84 -16.24 -46.59
N LEU B 406 -4.08 -15.28 -46.09
CA LEU B 406 -4.50 -14.50 -44.93
C LEU B 406 -5.25 -13.21 -45.24
N THR B 407 -4.81 -12.44 -46.24
CA THR B 407 -5.44 -11.15 -46.51
C THR B 407 -5.71 -10.87 -47.99
N GLY B 408 -6.94 -10.46 -48.28
CA GLY B 408 -7.33 -10.08 -49.62
C GLY B 408 -6.54 -8.89 -50.15
N ALA B 409 -6.02 -8.06 -49.23
CA ALA B 409 -5.23 -6.89 -49.62
C ALA B 409 -4.02 -7.26 -50.48
N MET B 410 -3.60 -8.50 -50.42
CA MET B 410 -2.44 -8.95 -51.19
C MET B 410 -2.66 -8.80 -52.68
N LEU B 411 -3.91 -8.86 -53.11
CA LEU B 411 -4.23 -8.69 -54.53
C LEU B 411 -3.95 -7.27 -55.01
N TYR B 412 -3.90 -6.34 -54.07
CA TYR B 412 -3.67 -4.93 -54.39
C TYR B 412 -2.22 -4.50 -54.18
N SER B 413 -1.44 -5.32 -53.49
CA SER B 413 -0.04 -4.97 -53.22
C SER B 413 0.91 -5.68 -54.17
N LEU B 414 0.79 -6.98 -54.28
CA LEU B 414 1.71 -7.77 -55.11
C LEU B 414 1.00 -8.48 -56.25
N GLY B 415 -0.33 -8.57 -56.17
CA GLY B 415 -1.09 -9.22 -57.21
C GLY B 415 -1.08 -10.73 -57.15
N THR B 416 -1.13 -11.37 -58.31
CA THR B 416 -1.35 -12.81 -58.39
C THR B 416 -0.08 -13.63 -58.62
N SER B 417 1.04 -12.98 -58.83
CA SER B 417 2.28 -13.70 -59.13
C SER B 417 3.21 -13.83 -57.93
N TYR B 418 3.32 -12.76 -57.14
CA TYR B 418 4.27 -12.74 -56.03
C TYR B 418 3.58 -12.80 -54.69
N ALA B 419 4.02 -13.73 -53.85
CA ALA B 419 3.55 -13.80 -52.49
C ALA B 419 4.31 -12.78 -51.66
N GLY B 420 3.76 -12.43 -50.50
CA GLY B 420 4.45 -11.52 -49.60
C GLY B 420 5.05 -12.27 -48.44
N VAL B 421 6.26 -11.88 -48.03
CA VAL B 421 6.85 -12.44 -46.83
C VAL B 421 7.15 -11.33 -45.81
N PHE B 422 6.73 -11.58 -44.58
CA PHE B 422 6.93 -10.68 -43.45
C PHE B 422 7.70 -11.44 -42.39
N GLY B 423 8.41 -10.76 -41.51
CA GLY B 423 9.14 -11.46 -40.46
C GLY B 423 9.74 -10.58 -39.38
N ASN B 424 10.27 -11.23 -38.36
CA ASN B 424 10.92 -10.54 -37.25
C ASN B 424 12.43 -10.73 -37.24
N ASN B 425 12.96 -11.32 -38.31
CA ASN B 425 14.35 -11.72 -38.38
C ASN B 425 14.89 -11.69 -39.81
N GLU B 426 15.84 -10.78 -40.08
CA GLU B 426 16.30 -10.56 -41.44
C GLU B 426 17.02 -11.78 -42.03
N GLU B 427 17.72 -12.53 -41.19
CA GLU B 427 18.40 -13.73 -41.65
C GLU B 427 17.39 -14.75 -42.16
N LEU B 428 16.34 -15.01 -41.38
CA LEU B 428 15.30 -15.95 -41.79
C LEU B 428 14.63 -15.50 -43.09
N ILE B 429 14.34 -14.20 -43.17
CA ILE B 429 13.72 -13.62 -44.36
C ILE B 429 14.61 -13.82 -45.59
N ASN B 430 15.91 -13.58 -45.42
CA ASN B 430 16.87 -13.81 -46.51
C ASN B 430 16.85 -15.26 -47.02
N LYS B 431 16.74 -16.21 -46.09
CA LYS B 431 16.69 -17.62 -46.47
C LYS B 431 15.42 -17.92 -47.27
N ILE B 432 14.30 -17.29 -46.89
CA ILE B 432 13.05 -17.44 -47.64
C ILE B 432 13.18 -16.84 -49.04
N LEU B 433 13.77 -15.65 -49.13
CA LEU B 433 14.01 -15.03 -50.43
C LEU B 433 14.95 -15.90 -51.28
N GLN B 434 15.97 -16.46 -50.64
CA GLN B 434 16.87 -17.36 -51.35
C GLN B 434 16.12 -18.60 -51.85
N SER B 435 15.25 -19.14 -51.01
CA SER B 435 14.46 -20.31 -51.38
C SER B 435 13.49 -20.01 -52.51
N SER B 436 13.03 -18.76 -52.55
CA SER B 436 12.11 -18.32 -53.59
C SER B 436 12.77 -18.39 -54.96
N LYS B 437 14.03 -17.98 -55.02
CA LYS B 437 14.76 -17.98 -56.27
C LYS B 437 15.02 -19.40 -56.78
N THR B 438 15.48 -20.27 -55.90
CA THR B 438 15.87 -21.63 -56.31
C THR B 438 14.64 -22.51 -56.58
N SER B 439 13.53 -22.23 -55.90
CA SER B 439 12.28 -22.95 -56.15
C SER B 439 11.50 -22.32 -57.30
N ASN B 440 11.88 -21.10 -57.64
CA ASN B 440 11.18 -20.29 -58.64
C ASN B 440 9.71 -20.07 -58.29
N GLU B 441 9.44 -19.97 -56.99
CA GLU B 441 8.15 -19.49 -56.53
C GLU B 441 8.38 -18.09 -55.95
N PRO B 442 7.99 -17.06 -56.72
CA PRO B 442 8.36 -15.66 -56.44
C PRO B 442 7.75 -15.09 -55.16
N VAL B 443 8.59 -14.53 -54.31
CA VAL B 443 8.16 -13.86 -53.09
C VAL B 443 8.82 -12.47 -53.00
N TRP B 444 8.11 -11.51 -52.43
CA TRP B 444 8.68 -10.18 -52.22
C TRP B 444 8.61 -9.80 -50.75
N TRP B 445 9.72 -9.27 -50.23
CA TRP B 445 9.77 -8.90 -48.82
C TRP B 445 8.95 -7.64 -48.55
N LEU B 446 7.97 -7.77 -47.66
CA LEU B 446 7.15 -6.64 -47.23
C LEU B 446 7.42 -6.35 -45.75
N PRO B 447 7.24 -5.09 -45.33
CA PRO B 447 7.67 -4.68 -43.98
C PRO B 447 6.60 -4.80 -42.90
N ILE B 448 7.03 -5.08 -41.68
CA ILE B 448 6.15 -4.99 -40.52
C ILE B 448 6.32 -3.62 -39.88
N ILE B 449 5.44 -2.70 -40.26
CA ILE B 449 5.50 -1.31 -39.82
C ILE B 449 4.96 -1.14 -38.41
N ASN B 450 5.85 -0.98 -37.44
CA ASN B 450 5.47 -0.93 -36.03
C ASN B 450 4.61 0.26 -35.66
N GLU B 451 4.63 1.30 -36.49
CA GLU B 451 3.82 2.47 -36.22
C GLU B 451 2.34 2.10 -36.15
N TYR B 452 1.94 1.08 -36.90
CA TYR B 452 0.53 0.66 -36.93
C TYR B 452 0.11 -0.19 -35.73
N ARG B 453 1.07 -0.56 -34.87
CA ARG B 453 0.78 -1.44 -33.73
C ARG B 453 -0.21 -0.82 -32.74
N ALA B 454 -0.15 0.49 -32.58
CA ALA B 454 -1.03 1.20 -31.63
C ALA B 454 -2.51 1.03 -31.98
N THR B 455 -2.81 0.80 -33.24
CA THR B 455 -4.19 0.59 -33.66
C THR B 455 -4.70 -0.79 -33.25
N LEU B 456 -3.81 -1.63 -32.73
CA LEU B 456 -4.23 -2.93 -32.20
C LEU B 456 -4.43 -2.87 -30.69
N ASN B 457 -4.27 -1.68 -30.11
CA ASN B 457 -4.53 -1.53 -28.69
C ASN B 457 -6.03 -1.58 -28.42
N SER B 458 -6.43 -2.44 -27.50
CA SER B 458 -7.84 -2.62 -27.18
C SER B 458 -8.19 -1.96 -25.84
N LYS B 459 -9.41 -1.45 -25.75
CA LYS B 459 -9.86 -0.80 -24.52
C LYS B 459 -10.07 -1.83 -23.41
N TYR B 460 -10.54 -3.02 -23.77
CA TYR B 460 -10.91 -4.01 -22.78
C TYR B 460 -10.03 -5.26 -22.79
N ALA B 461 -9.65 -5.74 -23.97
CA ALA B 461 -8.80 -6.92 -24.07
C ALA B 461 -7.32 -6.52 -24.11
N ASP B 462 -6.44 -7.51 -24.17
CA ASP B 462 -5.01 -7.24 -24.27
C ASP B 462 -4.69 -6.65 -25.63
N ILE B 463 -5.43 -7.06 -26.65
CA ILE B 463 -5.11 -6.68 -28.01
C ILE B 463 -6.34 -6.82 -28.93
N ASN B 464 -6.40 -6.00 -29.98
CA ASN B 464 -7.42 -6.14 -31.01
C ASN B 464 -7.00 -7.14 -32.08
N GLN B 465 -7.96 -7.91 -32.56
CA GLN B 465 -7.75 -8.82 -33.69
C GLN B 465 -7.47 -8.05 -34.97
N ILE B 466 -8.17 -6.94 -35.15
CA ILE B 466 -8.03 -6.11 -36.36
C ILE B 466 -7.89 -4.63 -36.03
N SER B 467 -7.34 -3.88 -36.98
CA SER B 467 -7.26 -2.44 -36.87
C SER B 467 -8.57 -1.80 -37.30
N SER B 468 -8.86 -0.62 -36.76
CA SER B 468 -10.05 0.13 -37.16
C SER B 468 -9.64 1.31 -38.04
N SER B 469 -8.49 1.91 -37.71
CA SER B 469 -7.98 3.07 -38.44
C SER B 469 -7.21 2.69 -39.71
N VAL B 470 -6.15 1.91 -39.54
CA VAL B 470 -5.24 1.61 -40.64
C VAL B 470 -5.82 0.60 -41.62
N LYS B 471 -5.76 0.91 -42.91
CA LYS B 471 -5.97 -0.09 -43.93
C LYS B 471 -4.73 -1.00 -43.90
N ALA B 472 -4.21 -1.36 -45.08
CA ALA B 472 -3.00 -2.17 -45.14
C ALA B 472 -3.10 -3.39 -44.21
N SER B 473 -4.11 -4.22 -44.45
CA SER B 473 -4.44 -5.29 -43.54
C SER B 473 -3.37 -6.38 -43.48
N SER B 474 -2.61 -6.53 -44.56
CA SER B 474 -1.57 -7.55 -44.60
C SER B 474 -0.49 -7.27 -43.55
N ILE B 475 -0.19 -5.98 -43.36
CA ILE B 475 0.81 -5.57 -42.38
C ILE B 475 0.24 -5.63 -40.97
N VAL B 476 -1.00 -5.17 -40.80
CA VAL B 476 -1.65 -5.20 -39.50
C VAL B 476 -1.80 -6.64 -39.00
N ALA B 477 -2.16 -7.56 -39.90
CA ALA B 477 -2.27 -8.97 -39.55
C ALA B 477 -0.92 -9.53 -39.10
N SER B 478 0.14 -9.14 -39.81
CA SER B 478 1.50 -9.53 -39.44
C SER B 478 1.88 -9.04 -38.04
N LEU B 479 1.51 -7.80 -37.74
CA LEU B 479 1.73 -7.21 -36.42
C LEU B 479 1.04 -8.02 -35.33
N PHE B 480 -0.19 -8.43 -35.59
CA PHE B 480 -0.94 -9.27 -34.67
C PHE B 480 -0.24 -10.61 -34.45
N LEU B 481 0.17 -11.24 -35.54
CA LEU B 481 0.87 -12.53 -35.48
C LEU B 481 2.16 -12.46 -34.67
N LYS B 482 2.87 -11.34 -34.77
CA LYS B 482 4.16 -11.17 -34.12
C LYS B 482 4.03 -11.17 -32.60
N GLU B 483 2.84 -10.84 -32.12
CA GLU B 483 2.55 -10.80 -30.69
C GLU B 483 2.49 -12.19 -30.06
N PHE B 484 2.58 -13.23 -30.87
CA PHE B 484 2.46 -14.59 -30.35
C PHE B 484 3.72 -15.40 -30.63
N VAL B 485 4.81 -14.67 -30.90
CA VAL B 485 6.15 -15.24 -30.97
C VAL B 485 7.07 -14.39 -30.10
N GLN B 486 7.59 -14.97 -29.02
CA GLN B 486 8.27 -14.18 -28.01
C GLN B 486 9.77 -14.00 -28.23
N ASN B 487 10.45 -15.07 -28.63
CA ASN B 487 11.90 -15.02 -28.77
C ASN B 487 12.41 -16.03 -29.78
N THR B 488 11.72 -16.14 -30.90
CA THR B 488 12.10 -17.10 -31.94
C THR B 488 12.02 -16.44 -33.31
N ALA B 489 13.02 -16.68 -34.14
CA ALA B 489 13.02 -16.20 -35.52
C ALA B 489 11.80 -16.70 -36.25
N TRP B 490 10.99 -15.78 -36.75
CA TRP B 490 9.71 -16.13 -37.35
C TRP B 490 9.46 -15.35 -38.64
N ALA B 491 8.90 -16.03 -39.63
CA ALA B 491 8.51 -15.40 -40.88
C ALA B 491 7.11 -15.85 -41.29
N HIS B 492 6.45 -15.02 -42.08
CA HIS B 492 5.05 -15.20 -42.44
C HIS B 492 4.89 -14.97 -43.94
N ILE B 493 4.28 -15.93 -44.63
CA ILE B 493 4.10 -15.81 -46.07
C ILE B 493 2.62 -15.75 -46.44
N ASP B 494 2.17 -14.62 -46.96
CA ASP B 494 0.78 -14.42 -47.32
C ASP B 494 0.56 -14.79 -48.79
N ILE B 495 -0.17 -15.88 -49.01
CA ILE B 495 -0.37 -16.39 -50.36
C ILE B 495 -1.81 -16.21 -50.84
N ALA B 496 -2.55 -15.33 -50.17
CA ALA B 496 -3.95 -15.08 -50.51
C ALA B 496 -4.13 -14.69 -51.98
N GLY B 497 -3.15 -13.95 -52.51
CA GLY B 497 -3.21 -13.50 -53.89
C GLY B 497 -2.71 -14.50 -54.92
N VAL B 498 -1.75 -15.35 -54.54
CA VAL B 498 -1.11 -16.24 -55.51
C VAL B 498 -1.61 -17.68 -55.49
N SER B 499 -2.31 -18.07 -54.44
CA SER B 499 -2.69 -19.48 -54.25
C SER B 499 -3.56 -20.06 -55.37
N TRP B 500 -4.51 -19.27 -55.86
CA TRP B 500 -5.43 -19.73 -56.89
C TRP B 500 -5.13 -19.10 -58.25
N ASN B 501 -5.02 -19.94 -59.27
CA ASN B 501 -4.84 -19.49 -60.65
C ASN B 501 -6.21 -19.19 -61.26
N PHE B 502 -6.58 -17.91 -61.27
CA PHE B 502 -7.93 -17.52 -61.71
C PHE B 502 -8.17 -17.76 -63.20
N LYS B 503 -7.12 -17.67 -64.00
CA LYS B 503 -7.24 -17.88 -65.44
C LYS B 503 -7.42 -19.36 -65.80
N ALA B 504 -6.66 -20.22 -65.14
CA ALA B 504 -6.75 -21.66 -65.40
C ALA B 504 -7.80 -22.33 -64.51
N ARG B 505 -8.39 -21.56 -63.59
CA ARG B 505 -9.45 -22.05 -62.70
C ARG B 505 -9.01 -23.25 -61.86
N LYS B 506 -7.78 -23.20 -61.37
CA LYS B 506 -7.23 -24.30 -60.56
C LYS B 506 -6.19 -23.75 -59.59
N PRO B 507 -5.87 -24.53 -58.53
CA PRO B 507 -4.84 -24.07 -57.59
C PRO B 507 -3.45 -24.15 -58.20
N LYS B 508 -2.46 -23.54 -57.56
CA LYS B 508 -1.10 -23.64 -58.03
C LYS B 508 -0.29 -24.61 -57.15
N GLY B 509 -0.78 -24.86 -55.95
CA GLY B 509 0.00 -25.60 -54.96
C GLY B 509 1.17 -24.74 -54.54
N PHE B 510 0.95 -23.43 -54.54
CA PHE B 510 2.00 -22.46 -54.23
C PHE B 510 2.56 -22.66 -52.83
N GLY B 511 3.89 -22.72 -52.74
CA GLY B 511 4.54 -22.79 -51.46
C GLY B 511 5.23 -24.10 -51.17
N VAL B 512 4.81 -25.17 -51.85
CA VAL B 512 5.39 -26.49 -51.63
C VAL B 512 6.89 -26.50 -51.91
N ARG B 513 7.27 -26.14 -53.12
CA ARG B 513 8.67 -26.15 -53.52
C ARG B 513 9.49 -25.12 -52.72
N LEU B 514 8.87 -23.98 -52.42
CA LEU B 514 9.51 -22.93 -51.64
C LEU B 514 9.91 -23.42 -50.26
N LEU B 515 8.98 -24.06 -49.56
CA LEU B 515 9.21 -24.54 -48.21
C LEU B 515 10.20 -25.68 -48.18
N THR B 516 10.18 -26.51 -49.22
CA THR B 516 11.08 -27.65 -49.32
C THR B 516 12.51 -27.18 -49.56
N GLU B 517 12.68 -26.24 -50.48
CA GLU B 517 13.99 -25.67 -50.76
C GLU B 517 14.54 -24.97 -49.52
N PHE B 518 13.64 -24.39 -48.73
CA PHE B 518 14.03 -23.76 -47.48
C PHE B 518 14.59 -24.81 -46.52
N VAL B 519 13.89 -25.93 -46.43
CA VAL B 519 14.29 -27.04 -45.57
C VAL B 519 15.61 -27.66 -46.02
N LEU B 520 15.70 -27.96 -47.31
CA LEU B 520 16.83 -28.72 -47.86
C LEU B 520 18.15 -27.99 -47.81
N ASN B 521 18.13 -26.67 -48.04
CA ASN B 521 19.38 -25.91 -48.10
C ASN B 521 19.63 -25.04 -46.87
N ASP B 522 19.37 -25.59 -45.69
CA ASP B 522 19.61 -24.87 -44.44
C ASP B 522 20.77 -25.49 -43.66
N SER C 5 -30.28 -21.45 -14.87
CA SER C 5 -29.08 -20.94 -14.21
C SER C 5 -27.79 -21.48 -14.83
N GLU C 6 -27.83 -22.69 -15.39
CA GLU C 6 -26.63 -23.27 -16.01
C GLU C 6 -26.36 -22.68 -17.39
N VAL C 7 -25.25 -21.94 -17.52
CA VAL C 7 -24.89 -21.38 -18.82
C VAL C 7 -24.35 -22.46 -19.74
N PRO C 8 -25.02 -22.69 -20.87
CA PRO C 8 -24.55 -23.68 -21.84
C PRO C 8 -23.24 -23.27 -22.51
N GLN C 9 -22.40 -24.26 -22.83
CA GLN C 9 -21.11 -24.00 -23.46
C GLN C 9 -20.97 -24.78 -24.77
N VAL C 10 -20.22 -24.22 -25.71
CA VAL C 10 -19.85 -24.98 -26.90
C VAL C 10 -18.55 -25.72 -26.62
N VAL C 11 -17.61 -25.02 -25.99
CA VAL C 11 -16.36 -25.64 -25.54
C VAL C 11 -16.16 -25.30 -24.06
N SER C 12 -15.27 -26.02 -23.39
CA SER C 12 -15.05 -25.84 -21.96
C SER C 12 -14.42 -24.49 -21.62
N LEU C 13 -13.85 -23.83 -22.62
CA LEU C 13 -13.22 -22.52 -22.41
C LEU C 13 -14.25 -21.39 -22.42
N ASP C 14 -15.47 -21.68 -22.86
CA ASP C 14 -16.52 -20.67 -22.90
C ASP C 14 -16.88 -20.22 -21.48
N PRO C 15 -16.91 -18.89 -21.26
CA PRO C 15 -17.23 -18.40 -19.92
C PRO C 15 -18.65 -18.75 -19.50
N THR C 16 -18.85 -18.96 -18.20
CA THR C 16 -20.15 -19.34 -17.67
C THR C 16 -20.72 -18.27 -16.76
N SER C 17 -20.05 -17.12 -16.71
CA SER C 17 -20.55 -15.99 -15.93
C SER C 17 -19.94 -14.68 -16.38
N ILE C 18 -20.64 -13.59 -16.11
CA ILE C 18 -20.12 -12.26 -16.34
C ILE C 18 -19.25 -11.85 -15.16
N PRO C 19 -17.99 -11.50 -15.43
CA PRO C 19 -17.17 -10.95 -14.34
C PRO C 19 -17.68 -9.58 -13.94
N ILE C 20 -17.96 -9.41 -12.65
CA ILE C 20 -18.51 -8.15 -12.16
C ILE C 20 -17.76 -7.67 -10.94
N GLU C 21 -17.31 -6.43 -11.00
CA GLU C 21 -16.59 -5.82 -9.88
C GLU C 21 -17.56 -4.97 -9.06
N TYR C 22 -17.76 -5.34 -7.80
CA TYR C 22 -18.65 -4.58 -6.92
C TYR C 22 -17.84 -3.62 -6.05
N ASN C 23 -16.84 -4.17 -5.37
CA ASN C 23 -15.94 -3.36 -4.55
C ASN C 23 -14.89 -2.70 -5.41
N THR C 24 -15.22 -1.53 -5.96
CA THR C 24 -14.31 -0.82 -6.84
C THR C 24 -13.36 0.05 -6.03
N PRO C 25 -12.21 0.41 -6.63
CA PRO C 25 -11.30 1.39 -6.04
C PRO C 25 -12.00 2.67 -5.61
N ILE C 26 -13.04 3.08 -6.35
CA ILE C 26 -13.77 4.30 -6.03
C ILE C 26 -14.40 4.21 -4.64
N HIS C 27 -14.78 2.99 -4.24
CA HIS C 27 -15.44 2.79 -2.95
C HIS C 27 -14.47 2.86 -1.78
N ASP C 28 -13.17 2.81 -2.06
CA ASP C 28 -12.17 2.85 -1.01
C ASP C 28 -11.69 4.28 -0.76
N ILE C 29 -12.25 5.23 -1.48
CA ILE C 29 -11.87 6.63 -1.33
C ILE C 29 -12.64 7.30 -0.19
N LYS C 30 -11.92 7.74 0.83
CA LYS C 30 -12.54 8.51 1.90
C LYS C 30 -12.77 9.94 1.42
N VAL C 31 -14.04 10.32 1.34
CA VAL C 31 -14.43 11.63 0.83
C VAL C 31 -14.84 12.58 1.95
N GLN C 32 -14.10 13.66 2.12
CA GLN C 32 -14.40 14.67 3.13
C GLN C 32 -14.78 16.00 2.47
N VAL C 33 -15.79 16.66 3.01
CA VAL C 33 -16.20 17.97 2.49
C VAL C 33 -16.07 19.03 3.58
N TYR C 34 -15.28 20.07 3.28
CA TYR C 34 -15.08 21.16 4.21
C TYR C 34 -15.65 22.44 3.62
N ASP C 35 -15.96 23.42 4.48
CA ASP C 35 -16.46 24.69 4.01
C ASP C 35 -15.29 25.61 3.65
N ILE C 36 -15.42 26.31 2.54
CA ILE C 36 -14.34 27.11 1.99
C ILE C 36 -14.03 28.34 2.84
N LYS C 37 -14.95 28.72 3.72
CA LYS C 37 -14.78 29.93 4.53
C LYS C 37 -13.75 29.73 5.64
N GLY C 38 -13.41 28.46 5.91
CA GLY C 38 -12.43 28.15 6.93
C GLY C 38 -11.03 28.03 6.37
N GLY C 39 -10.86 28.36 5.09
CA GLY C 39 -9.56 28.29 4.45
C GLY C 39 -9.13 26.89 4.07
N CYS C 40 -8.28 26.79 3.05
CA CYS C 40 -7.84 25.49 2.53
C CYS C 40 -6.50 25.07 3.10
N ASN C 41 -6.43 23.85 3.62
CA ASN C 41 -5.15 23.30 4.05
C ASN C 41 -4.50 22.52 2.91
N VAL C 42 -3.33 22.97 2.48
CA VAL C 42 -2.58 22.30 1.44
C VAL C 42 -1.40 21.55 2.05
N GLU C 43 -1.50 20.21 2.11
CA GLU C 43 -0.51 19.43 2.83
C GLU C 43 0.09 18.29 2.00
N GLU C 44 -0.73 17.60 1.21
CA GLU C 44 -0.29 16.40 0.54
C GLU C 44 -1.14 16.04 -0.67
N GLY C 45 -0.53 15.31 -1.61
CA GLY C 45 -1.21 14.92 -2.82
C GLY C 45 -1.34 16.09 -3.78
N LEU C 46 -2.48 16.16 -4.47
CA LEU C 46 -2.70 17.19 -5.45
C LEU C 46 -3.91 18.03 -5.07
N THR C 47 -3.74 19.35 -5.02
CA THR C 47 -4.83 20.26 -4.72
C THR C 47 -5.19 21.10 -5.94
N ILE C 48 -6.39 20.88 -6.46
CA ILE C 48 -6.85 21.54 -7.67
C ILE C 48 -7.94 22.58 -7.42
N PHE C 49 -7.70 23.80 -7.91
CA PHE C 49 -8.68 24.87 -7.82
C PHE C 49 -9.54 24.91 -9.08
N LEU C 50 -10.86 24.86 -8.90
CA LEU C 50 -11.77 25.02 -10.02
C LEU C 50 -12.11 26.50 -10.15
N VAL C 51 -11.53 27.15 -11.15
CA VAL C 51 -11.62 28.60 -11.24
C VAL C 51 -12.19 29.05 -12.58
N ASN C 52 -12.93 30.15 -12.56
CA ASN C 52 -13.43 30.75 -13.79
C ASN C 52 -13.19 32.26 -13.77
N ASN C 53 -13.58 32.93 -14.86
CA ASN C 53 -13.48 34.37 -14.95
C ASN C 53 -14.65 34.93 -15.74
N PRO C 54 -15.75 35.27 -15.05
CA PRO C 54 -16.99 35.75 -15.66
C PRO C 54 -16.78 36.98 -16.54
N GLY C 55 -17.25 36.92 -17.78
CA GLY C 55 -17.14 38.04 -18.69
C GLY C 55 -15.94 37.97 -19.61
N LYS C 56 -14.75 38.20 -19.05
CA LYS C 56 -13.53 38.21 -19.84
C LYS C 56 -13.18 36.84 -20.42
N GLU C 57 -13.32 36.72 -21.74
CA GLU C 57 -13.00 35.47 -22.42
C GLU C 57 -11.52 35.15 -22.33
N ASN C 58 -11.21 33.92 -21.92
CA ASN C 58 -9.83 33.48 -21.69
C ASN C 58 -9.09 34.39 -20.71
N GLY C 59 -9.82 34.95 -19.76
CA GLY C 59 -9.26 35.88 -18.79
C GLY C 59 -8.31 35.22 -17.83
N PRO C 60 -7.57 36.04 -17.05
CA PRO C 60 -6.53 35.53 -16.15
C PRO C 60 -7.06 34.67 -15.02
N VAL C 61 -6.16 33.92 -14.39
CA VAL C 61 -6.50 33.08 -13.25
C VAL C 61 -6.29 33.82 -11.94
N LYS C 62 -7.30 33.79 -11.08
CA LYS C 62 -7.18 34.36 -9.74
C LYS C 62 -7.72 33.38 -8.71
N ILE C 63 -6.97 33.17 -7.64
CA ILE C 63 -7.38 32.26 -6.57
C ILE C 63 -7.95 33.05 -5.39
N SER C 64 -9.27 33.07 -5.27
CA SER C 64 -9.93 33.91 -4.28
C SER C 64 -10.06 33.24 -2.91
N SER C 65 -9.84 31.93 -2.86
CA SER C 65 -9.97 31.20 -1.61
C SER C 65 -8.86 31.53 -0.64
N LYS C 66 -9.17 31.56 0.65
CA LYS C 66 -8.15 31.70 1.68
C LYS C 66 -7.38 30.40 1.81
N VAL C 67 -6.05 30.49 1.86
CA VAL C 67 -5.20 29.31 1.97
C VAL C 67 -4.43 29.31 3.27
N ASN C 68 -4.70 28.32 4.13
CA ASN C 68 -4.07 28.22 5.44
C ASN C 68 -2.59 27.83 5.38
N ASP C 69 -1.82 28.56 4.58
CA ASP C 69 -0.39 28.32 4.46
C ASP C 69 0.30 29.53 3.86
N LYS C 70 1.33 30.02 4.55
CA LYS C 70 2.03 31.23 4.13
C LYS C 70 2.67 31.07 2.76
N GLN C 71 3.46 30.02 2.60
CA GLN C 71 4.20 29.79 1.35
C GLN C 71 3.29 29.56 0.16
N VAL C 72 2.27 28.72 0.33
CA VAL C 72 1.37 28.38 -0.76
C VAL C 72 0.52 29.59 -1.15
N SER C 73 0.13 30.40 -0.16
CA SER C 73 -0.59 31.64 -0.43
C SER C 73 0.23 32.58 -1.30
N GLU C 74 1.50 32.74 -0.96
CA GLU C 74 2.40 33.62 -1.70
C GLU C 74 2.54 33.15 -3.14
N PHE C 75 2.63 31.83 -3.32
CA PHE C 75 2.72 31.24 -4.65
C PHE C 75 1.50 31.56 -5.49
N LEU C 76 0.32 31.53 -4.86
CA LEU C 76 -0.94 31.69 -5.57
C LEU C 76 -1.44 33.14 -5.59
N LYS C 77 -0.54 34.10 -5.41
CA LYS C 77 -0.91 35.51 -5.55
C LYS C 77 -1.32 35.80 -6.98
N ASP C 78 -2.14 36.82 -7.17
CA ASP C 78 -2.64 37.17 -8.50
C ASP C 78 -1.48 37.50 -9.45
N GLU C 79 -0.41 38.03 -8.88
CA GLU C 79 0.78 38.39 -9.66
C GLU C 79 1.38 37.14 -10.33
N ASN C 80 1.45 36.05 -9.57
CA ASN C 80 1.99 34.80 -10.08
C ASN C 80 1.03 34.07 -11.00
N MET C 81 -0.27 34.25 -10.76
CA MET C 81 -1.28 33.50 -11.49
C MET C 81 -1.74 34.19 -12.76
N GLU C 82 -1.28 35.43 -12.95
CA GLU C 82 -1.71 36.24 -14.09
C GLU C 82 -1.38 35.60 -15.43
N LYS C 83 -0.23 34.92 -15.50
CA LYS C 83 0.24 34.34 -16.77
C LYS C 83 -0.68 33.23 -17.29
N PHE C 84 -1.40 32.56 -16.39
CA PHE C 84 -2.31 31.48 -16.77
C PHE C 84 -3.72 32.00 -16.95
N ASN C 85 -4.49 31.36 -17.84
CA ASN C 85 -5.88 31.76 -18.07
C ASN C 85 -6.88 30.64 -17.74
N VAL C 86 -8.16 30.96 -17.87
CA VAL C 86 -9.23 30.09 -17.39
C VAL C 86 -10.01 29.39 -18.50
N LYS C 87 -9.47 29.36 -19.71
CA LYS C 87 -10.14 28.70 -20.83
C LYS C 87 -10.65 27.32 -20.42
N LEU C 88 -11.92 27.05 -20.72
CA LEU C 88 -12.55 25.80 -20.33
C LEU C 88 -11.75 24.58 -20.76
N GLY C 89 -11.30 23.79 -19.78
CA GLY C 89 -10.55 22.57 -20.06
C GLY C 89 -9.06 22.70 -19.79
N THR C 90 -8.58 23.94 -19.74
CA THR C 90 -7.18 24.22 -19.44
C THR C 90 -6.81 23.69 -18.05
N SER C 91 -5.58 23.20 -17.91
CA SER C 91 -5.08 22.80 -16.60
C SER C 91 -3.58 23.00 -16.50
N LYS C 92 -3.11 23.33 -15.31
CA LYS C 92 -1.68 23.48 -15.05
C LYS C 92 -1.34 22.85 -13.71
N HIS C 93 -0.14 22.29 -13.62
CA HIS C 93 0.40 21.77 -12.35
C HIS C 93 1.40 22.76 -11.76
N PHE C 94 1.42 22.87 -10.43
CA PHE C 94 2.40 23.68 -9.73
C PHE C 94 3.13 22.83 -8.70
N TYR C 95 4.39 23.18 -8.44
CA TYR C 95 5.21 22.50 -7.43
C TYR C 95 5.84 23.53 -6.49
N MET C 96 5.74 23.29 -5.19
CA MET C 96 6.25 24.24 -4.20
C MET C 96 6.41 23.60 -2.83
N PHE C 97 7.00 24.35 -1.91
CA PHE C 97 7.13 23.90 -0.52
C PHE C 97 6.21 24.70 0.39
N ASN C 98 5.63 24.04 1.38
CA ASN C 98 4.73 24.72 2.29
C ASN C 98 5.44 25.18 3.56
N ASP C 99 4.66 25.62 4.54
CA ASP C 99 5.21 26.13 5.80
C ASP C 99 5.99 25.06 6.54
N ASN C 100 5.61 23.81 6.35
CA ASN C 100 6.28 22.69 7.01
C ASN C 100 7.53 22.26 6.26
N LYS C 101 7.93 23.06 5.26
CA LYS C 101 9.08 22.77 4.41
C LYS C 101 8.92 21.43 3.70
N ASN C 102 7.67 21.09 3.37
CA ASN C 102 7.35 19.89 2.61
C ASN C 102 6.96 20.23 1.19
N SER C 103 7.36 19.41 0.23
CA SER C 103 6.99 19.63 -1.16
C SER C 103 5.53 19.25 -1.36
N VAL C 104 4.80 20.05 -2.14
CA VAL C 104 3.39 19.79 -2.36
C VAL C 104 2.97 20.23 -3.75
N ALA C 105 2.00 19.53 -4.32
CA ALA C 105 1.51 19.80 -5.67
C ALA C 105 0.18 20.54 -5.64
N VAL C 106 0.06 21.53 -6.51
CA VAL C 106 -1.12 22.39 -6.59
C VAL C 106 -1.41 22.61 -8.07
N GLY C 107 -2.68 22.83 -8.41
CA GLY C 107 -3.03 23.12 -9.78
C GLY C 107 -4.40 23.75 -9.91
N TYR C 108 -4.84 23.93 -11.15
CA TYR C 108 -6.17 24.47 -11.39
C TYR C 108 -6.74 23.91 -12.68
N VAL C 109 -8.05 24.04 -12.85
CA VAL C 109 -8.69 23.70 -14.10
C VAL C 109 -9.58 24.85 -14.57
N GLY C 110 -9.43 25.23 -15.83
CA GLY C 110 -10.20 26.33 -16.39
C GLY C 110 -11.66 25.98 -16.62
N CYS C 111 -12.55 26.82 -16.10
CA CYS C 111 -13.98 26.57 -16.21
C CYS C 111 -14.66 27.63 -17.08
N GLY C 112 -13.84 28.39 -17.82
CA GLY C 112 -14.36 29.31 -18.82
C GLY C 112 -14.83 30.65 -18.30
N SER C 113 -15.73 31.29 -19.06
CA SER C 113 -16.20 32.63 -18.74
C SER C 113 -17.67 32.65 -18.35
N VAL C 114 -18.40 31.60 -18.69
CA VAL C 114 -19.81 31.50 -18.33
C VAL C 114 -19.97 31.31 -16.83
N ALA C 115 -21.05 31.87 -16.28
CA ALA C 115 -21.29 31.81 -14.83
C ALA C 115 -21.80 30.43 -14.43
N ASP C 116 -22.56 29.81 -15.31
CA ASP C 116 -23.09 28.47 -15.07
C ASP C 116 -22.66 27.51 -16.19
N LEU C 117 -22.13 26.36 -15.79
CA LEU C 117 -21.67 25.35 -16.75
C LEU C 117 -22.81 24.42 -17.16
N SER C 118 -22.79 23.99 -18.42
CA SER C 118 -23.79 23.07 -18.93
C SER C 118 -23.40 21.61 -18.64
N GLU C 119 -24.14 20.69 -19.24
CA GLU C 119 -23.86 19.27 -19.07
C GLU C 119 -22.50 18.92 -19.69
N ALA C 120 -22.30 19.34 -20.93
CA ALA C 120 -21.08 19.04 -21.65
C ALA C 120 -19.89 19.81 -21.10
N ASP C 121 -20.15 20.99 -20.55
CA ASP C 121 -19.09 21.82 -19.99
C ASP C 121 -18.47 21.20 -18.75
N MET C 122 -19.31 20.73 -17.83
CA MET C 122 -18.83 20.14 -16.59
C MET C 122 -18.07 18.84 -16.85
N LYS C 123 -18.54 18.07 -17.82
CA LYS C 123 -17.85 16.84 -18.21
C LYS C 123 -16.47 17.17 -18.76
N ARG C 124 -16.37 18.28 -19.49
CA ARG C 124 -15.08 18.74 -20.01
C ARG C 124 -14.11 19.01 -18.87
N VAL C 125 -14.61 19.66 -17.82
CA VAL C 125 -13.80 19.97 -16.65
C VAL C 125 -13.32 18.70 -15.96
N VAL C 126 -14.24 17.76 -15.75
CA VAL C 126 -13.91 16.51 -15.09
C VAL C 126 -12.86 15.73 -15.88
N LEU C 127 -13.05 15.69 -17.20
CA LEU C 127 -12.10 15.03 -18.07
C LEU C 127 -10.70 15.64 -17.99
N SER C 128 -10.62 16.96 -17.82
CA SER C 128 -9.32 17.61 -17.63
C SER C 128 -8.72 17.19 -16.29
N LEU C 129 -9.56 17.13 -15.27
CA LEU C 129 -9.15 16.76 -13.93
C LEU C 129 -8.61 15.33 -13.92
N VAL C 130 -9.30 14.43 -14.61
CA VAL C 130 -8.91 13.03 -14.66
C VAL C 130 -7.54 12.87 -15.34
N THR C 131 -7.24 13.71 -16.34
CA THR C 131 -5.95 13.66 -17.00
C THR C 131 -4.83 14.03 -16.05
N MET C 132 -5.17 14.76 -14.99
CA MET C 132 -4.21 15.07 -13.95
C MET C 132 -4.05 13.88 -13.00
N LEU C 133 -5.07 13.03 -12.93
CA LEU C 133 -5.03 11.85 -12.06
C LEU C 133 -4.31 10.68 -12.70
N HIS C 134 -4.33 10.61 -14.03
CA HIS C 134 -3.66 9.55 -14.76
C HIS C 134 -2.18 9.83 -14.89
N ASP C 135 -1.39 8.75 -14.88
CA ASP C 135 0.06 8.84 -15.05
C ASP C 135 0.71 9.70 -13.97
N ASN C 136 0.12 9.69 -12.79
CA ASN C 136 0.67 10.38 -11.62
C ASN C 136 0.20 9.66 -10.37
N LYS C 137 1.12 8.96 -9.71
CA LYS C 137 0.77 8.16 -8.54
C LYS C 137 0.53 9.06 -7.33
N LEU C 138 -0.75 9.31 -7.05
CA LEU C 138 -1.17 10.17 -5.94
C LEU C 138 -1.96 9.37 -4.92
N SER C 139 -1.92 9.80 -3.66
CA SER C 139 -2.65 9.13 -2.60
C SER C 139 -3.82 9.98 -2.11
N LYS C 140 -3.89 11.21 -2.58
CA LYS C 140 -4.96 12.13 -2.19
C LYS C 140 -5.21 13.22 -3.24
N LEU C 141 -6.49 13.48 -3.50
CA LEU C 141 -6.86 14.62 -4.34
C LEU C 141 -7.72 15.59 -3.54
N THR C 142 -7.47 16.88 -3.73
CA THR C 142 -8.27 17.92 -3.09
C THR C 142 -8.82 18.87 -4.16
N VAL C 143 -10.13 19.10 -4.12
CA VAL C 143 -10.76 19.96 -5.10
C VAL C 143 -11.40 21.17 -4.42
N VAL C 144 -11.03 22.36 -4.88
CA VAL C 144 -11.54 23.60 -4.30
C VAL C 144 -12.44 24.32 -5.29
N PHE C 145 -13.73 24.37 -4.96
CA PHE C 145 -14.74 24.94 -5.85
C PHE C 145 -14.80 26.47 -5.75
N GLU C 146 -14.23 27.14 -6.74
CA GLU C 146 -14.34 28.59 -6.84
C GLU C 146 -15.24 28.96 -8.00
N ILE C 147 -16.13 28.03 -8.35
CA ILE C 147 -17.20 28.32 -9.27
C ILE C 147 -18.51 28.03 -8.55
N ASN C 148 -19.62 28.51 -9.09
CA ASN C 148 -20.92 28.27 -8.50
C ASN C 148 -21.61 27.07 -9.14
N VAL C 149 -21.94 26.08 -8.32
CA VAL C 149 -22.67 24.91 -8.77
C VAL C 149 -23.78 24.55 -7.77
N ASP C 150 -24.97 24.22 -8.28
CA ASP C 150 -26.04 23.77 -7.40
C ASP C 150 -25.82 22.29 -7.05
N LYS C 151 -26.68 21.76 -6.19
CA LYS C 151 -26.51 20.41 -5.65
C LYS C 151 -26.50 19.31 -6.72
N ASN C 152 -27.34 19.44 -7.74
CA ASN C 152 -27.39 18.44 -8.81
C ASN C 152 -26.15 18.48 -9.70
N LEU C 153 -25.58 19.67 -9.85
CA LEU C 153 -24.39 19.82 -10.67
C LEU C 153 -23.16 19.36 -9.89
N PHE C 154 -23.18 19.58 -8.59
CA PHE C 154 -22.12 19.11 -7.72
C PHE C 154 -22.09 17.58 -7.69
N ARG C 155 -23.28 16.99 -7.54
CA ARG C 155 -23.41 15.54 -7.54
C ARG C 155 -22.95 14.99 -8.88
N PHE C 156 -23.28 15.69 -9.95
CA PHE C 156 -22.92 15.26 -11.31
C PHE C 156 -21.39 15.26 -11.46
N PHE C 157 -20.75 16.31 -10.96
CA PHE C 157 -19.29 16.39 -10.94
C PHE C 157 -18.68 15.14 -10.32
N LEU C 158 -19.19 14.73 -9.15
CA LEU C 158 -18.66 13.56 -8.46
C LEU C 158 -18.89 12.27 -9.24
N GLU C 159 -20.14 12.01 -9.63
CA GLU C 159 -20.49 10.84 -10.43
C GLU C 159 -19.59 10.72 -11.64
N THR C 160 -19.44 11.84 -12.35
CA THR C 160 -18.64 11.86 -13.57
C THR C 160 -17.18 11.63 -13.25
N LEU C 161 -16.70 12.25 -12.17
CA LEU C 161 -15.34 12.05 -11.70
C LEU C 161 -15.09 10.57 -11.43
N PHE C 162 -15.96 9.96 -10.62
CA PHE C 162 -15.82 8.55 -10.26
C PHE C 162 -15.87 7.62 -11.48
N TYR C 163 -16.78 7.91 -12.40
CA TYR C 163 -16.98 7.06 -13.57
C TYR C 163 -15.80 7.09 -14.53
N GLU C 164 -15.30 8.28 -14.82
CA GLU C 164 -14.20 8.47 -15.76
C GLU C 164 -12.86 8.02 -15.18
N TYR C 165 -12.69 8.24 -13.88
CA TYR C 165 -11.51 7.81 -13.15
C TYR C 165 -11.37 6.29 -13.14
N MET C 166 -12.49 5.59 -13.06
CA MET C 166 -12.50 4.14 -12.94
C MET C 166 -12.14 3.46 -14.25
N THR C 167 -11.19 2.52 -14.19
CA THR C 167 -10.75 1.81 -15.39
C THR C 167 -11.09 0.32 -15.35
N ASP C 168 -11.85 -0.12 -16.34
CA ASP C 168 -12.32 -1.50 -16.43
C ASP C 168 -11.21 -2.44 -16.93
N GLU C 169 -10.72 -3.30 -16.05
CA GLU C 169 -9.64 -4.21 -16.41
C GLU C 169 -10.03 -5.69 -16.25
N ARG C 170 -11.33 -5.95 -16.25
CA ARG C 170 -11.85 -7.31 -16.11
C ARG C 170 -11.36 -8.26 -17.18
N PHE C 171 -11.12 -7.75 -18.39
CA PHE C 171 -10.77 -8.60 -19.52
C PHE C 171 -9.32 -8.44 -19.92
N LYS C 172 -8.58 -7.68 -19.11
CA LYS C 172 -7.14 -7.57 -19.26
C LYS C 172 -6.46 -8.75 -18.59
N SER C 173 -5.36 -9.20 -19.18
CA SER C 173 -4.63 -10.34 -18.64
C SER C 173 -3.13 -10.07 -18.61
N THR C 174 -2.50 -10.16 -19.78
CA THR C 174 -1.08 -9.88 -19.91
C THR C 174 -0.81 -8.39 -20.13
N ASP C 175 -1.85 -7.57 -20.06
CA ASP C 175 -1.72 -6.15 -20.38
C ASP C 175 -2.43 -5.24 -19.37
N LYS C 176 -2.42 -5.64 -18.11
CA LYS C 176 -2.90 -4.75 -17.05
C LYS C 176 -1.96 -3.55 -16.93
N ASN C 177 -2.50 -2.39 -16.59
CA ASN C 177 -1.67 -1.21 -16.37
C ASN C 177 -0.84 -1.39 -15.11
N VAL C 178 0.48 -1.44 -15.26
CA VAL C 178 1.38 -1.68 -14.15
C VAL C 178 1.46 -0.47 -13.21
N ASN C 179 1.02 0.68 -13.71
CA ASN C 179 1.07 1.92 -12.94
C ASN C 179 -0.30 2.35 -12.43
N MET C 180 -1.22 1.39 -12.32
CA MET C 180 -2.58 1.68 -11.87
C MET C 180 -2.64 1.84 -10.36
N GLU C 181 -2.60 3.09 -9.89
CA GLU C 181 -2.80 3.37 -8.48
C GLU C 181 -3.89 4.43 -8.31
N TYR C 182 -4.85 4.13 -7.46
CA TYR C 182 -5.94 5.06 -7.18
C TYR C 182 -5.67 5.85 -5.90
N ILE C 183 -6.17 7.08 -5.86
CA ILE C 183 -6.12 7.88 -4.65
C ILE C 183 -6.95 7.21 -3.55
N LYS C 184 -6.63 7.51 -2.29
CA LYS C 184 -7.33 6.91 -1.18
C LYS C 184 -8.17 7.96 -0.44
N HIS C 185 -7.91 9.23 -0.72
CA HIS C 185 -8.64 10.31 -0.07
C HIS C 185 -9.08 11.37 -1.06
N LEU C 186 -10.28 11.93 -0.84
CA LEU C 186 -10.80 13.01 -1.64
C LEU C 186 -11.34 14.13 -0.76
N GLY C 187 -10.67 15.27 -0.78
CA GLY C 187 -11.12 16.42 -0.04
C GLY C 187 -11.79 17.43 -0.94
N VAL C 188 -12.91 17.98 -0.51
CA VAL C 188 -13.61 18.99 -1.29
C VAL C 188 -13.85 20.25 -0.47
N TYR C 189 -13.46 21.39 -1.02
CA TYR C 189 -13.75 22.68 -0.40
C TYR C 189 -14.80 23.41 -1.22
N ILE C 190 -15.92 23.74 -0.58
CA ILE C 190 -17.02 24.40 -1.28
C ILE C 190 -17.77 25.33 -0.34
N ASN C 191 -18.44 26.34 -0.91
CA ASN C 191 -19.27 27.24 -0.13
C ASN C 191 -20.51 26.53 0.38
N ASN C 192 -20.86 26.79 1.65
CA ASN C 192 -22.03 26.22 2.28
C ASN C 192 -22.04 24.70 2.17
N ALA C 193 -20.95 24.10 2.66
CA ALA C 193 -20.65 22.69 2.45
C ALA C 193 -21.68 21.75 3.06
N ASP C 194 -22.34 22.18 4.13
CA ASP C 194 -23.29 21.33 4.84
C ASP C 194 -24.40 20.83 3.91
N THR C 195 -24.84 21.67 2.99
CA THR C 195 -25.90 21.30 2.06
C THR C 195 -25.41 20.31 1.00
N TYR C 196 -24.10 20.25 0.80
CA TYR C 196 -23.51 19.40 -0.24
C TYR C 196 -23.08 18.03 0.26
N LYS C 197 -22.96 17.89 1.58
CA LYS C 197 -22.43 16.67 2.17
C LYS C 197 -23.26 15.44 1.84
N GLU C 198 -24.58 15.60 1.82
CA GLU C 198 -25.48 14.49 1.53
C GLU C 198 -25.40 14.05 0.07
N GLU C 199 -24.85 14.91 -0.78
CA GLU C 199 -24.72 14.58 -2.20
C GLU C 199 -23.57 13.61 -2.47
N VAL C 200 -22.66 13.49 -1.50
CA VAL C 200 -21.49 12.63 -1.68
C VAL C 200 -21.89 11.17 -1.86
N GLU C 201 -22.52 10.59 -0.85
CA GLU C 201 -22.82 9.17 -0.90
C GLU C 201 -23.94 8.86 -1.89
N LYS C 202 -24.78 9.85 -2.19
CA LYS C 202 -25.73 9.68 -3.28
C LYS C 202 -25.00 9.54 -4.61
N ALA C 203 -23.94 10.34 -4.78
CA ALA C 203 -23.13 10.30 -5.99
C ALA C 203 -22.40 8.97 -6.14
N ARG C 204 -21.92 8.42 -5.03
CA ARG C 204 -21.22 7.15 -5.07
C ARG C 204 -22.20 6.03 -5.45
N VAL C 205 -23.44 6.17 -5.04
CA VAL C 205 -24.49 5.23 -5.40
C VAL C 205 -24.81 5.36 -6.89
N TYR C 206 -25.06 6.60 -7.31
CA TYR C 206 -25.30 6.91 -8.72
C TYR C 206 -24.11 6.48 -9.59
N TYR C 207 -22.90 6.64 -9.08
CA TYR C 207 -21.73 6.20 -9.81
C TYR C 207 -21.78 4.69 -10.06
N PHE C 208 -22.00 3.91 -9.01
CA PHE C 208 -21.89 2.47 -9.22
C PHE C 208 -23.02 1.93 -10.08
N GLY C 209 -24.22 2.44 -9.87
CA GLY C 209 -25.36 2.04 -10.70
C GLY C 209 -25.03 2.20 -12.18
N THR C 210 -24.38 3.32 -12.49
CA THR C 210 -23.97 3.61 -13.85
C THR C 210 -22.82 2.70 -14.29
N TYR C 211 -21.83 2.54 -13.42
CA TYR C 211 -20.67 1.73 -13.76
C TYR C 211 -21.05 0.25 -13.88
N TYR C 212 -21.98 -0.18 -13.03
CA TYR C 212 -22.50 -1.55 -13.11
C TYR C 212 -23.16 -1.78 -14.47
N ALA C 213 -24.02 -0.85 -14.88
CA ALA C 213 -24.62 -0.91 -16.21
C ALA C 213 -23.54 -1.00 -17.28
N SER C 214 -22.55 -0.12 -17.17
CA SER C 214 -21.39 -0.08 -18.05
C SER C 214 -20.66 -1.43 -18.11
N GLN C 215 -20.47 -2.05 -16.95
CA GLN C 215 -19.81 -3.35 -16.88
C GLN C 215 -20.57 -4.41 -17.68
N LEU C 216 -21.90 -4.40 -17.58
CA LEU C 216 -22.73 -5.36 -18.30
C LEU C 216 -22.66 -5.11 -19.81
N ILE C 217 -22.73 -3.86 -20.20
CA ILE C 217 -22.72 -3.49 -21.61
C ILE C 217 -21.37 -3.82 -22.24
N ALA C 218 -20.29 -3.41 -21.60
CA ALA C 218 -18.94 -3.63 -22.13
C ALA C 218 -18.60 -5.12 -22.24
N ALA C 219 -19.17 -5.93 -21.34
CA ALA C 219 -18.98 -7.38 -21.37
C ALA C 219 -19.44 -7.95 -22.71
N PRO C 220 -18.55 -8.67 -23.41
CA PRO C 220 -18.85 -9.24 -24.72
C PRO C 220 -19.94 -10.29 -24.66
N SER C 221 -20.49 -10.63 -25.82
CA SER C 221 -21.63 -11.52 -25.88
C SER C 221 -21.31 -12.97 -25.51
N ASN C 222 -20.03 -13.35 -25.51
CA ASN C 222 -19.70 -14.69 -25.04
C ASN C 222 -19.72 -14.77 -23.52
N TYR C 223 -19.45 -13.64 -22.86
CA TYR C 223 -19.57 -13.58 -21.40
C TYR C 223 -21.00 -13.25 -20.99
N CYS C 224 -21.56 -12.24 -21.66
CA CYS C 224 -22.89 -11.73 -21.34
C CYS C 224 -23.91 -12.26 -22.32
N ASN C 225 -24.67 -13.26 -21.87
CA ASN C 225 -25.67 -13.91 -22.68
C ASN C 225 -26.95 -14.00 -21.85
N PRO C 226 -28.07 -14.43 -22.47
CA PRO C 226 -29.33 -14.40 -21.72
C PRO C 226 -29.29 -15.12 -20.36
N VAL C 227 -28.51 -16.19 -20.26
CA VAL C 227 -28.42 -16.93 -19.00
C VAL C 227 -27.55 -16.18 -17.99
N SER C 228 -26.34 -15.82 -18.40
CA SER C 228 -25.39 -15.18 -17.50
C SER C 228 -25.90 -13.81 -17.03
N LEU C 229 -26.62 -13.11 -17.91
CA LEU C 229 -27.14 -11.81 -17.56
C LEU C 229 -28.26 -11.94 -16.53
N SER C 230 -29.13 -12.92 -16.71
CA SER C 230 -30.19 -13.17 -15.76
C SER C 230 -29.64 -13.73 -14.45
N ASN C 231 -28.58 -14.53 -14.52
CA ASN C 231 -27.92 -14.99 -13.30
C ASN C 231 -27.35 -13.81 -12.52
N ALA C 232 -26.86 -12.81 -13.25
CA ALA C 232 -26.27 -11.63 -12.64
C ALA C 232 -27.34 -10.78 -11.96
N ALA C 233 -28.47 -10.62 -12.65
CA ALA C 233 -29.62 -9.88 -12.12
C ALA C 233 -30.11 -10.49 -10.80
N VAL C 234 -30.13 -11.81 -10.73
CA VAL C 234 -30.53 -12.51 -9.50
C VAL C 234 -29.57 -12.21 -8.36
N GLU C 235 -28.27 -12.30 -8.66
CA GLU C 235 -27.24 -12.03 -7.68
C GLU C 235 -27.35 -10.62 -7.12
N LEU C 236 -27.62 -9.66 -8.01
CA LEU C 236 -27.82 -8.27 -7.61
C LEU C 236 -29.02 -8.16 -6.69
N ALA C 237 -30.12 -8.81 -7.07
CA ALA C 237 -31.35 -8.77 -6.30
C ALA C 237 -31.16 -9.37 -4.91
N GLN C 238 -30.39 -10.45 -4.84
CA GLN C 238 -30.10 -11.10 -3.57
C GLN C 238 -29.30 -10.18 -2.65
N LYS C 239 -28.35 -9.45 -3.23
CA LYS C 239 -27.51 -8.54 -2.45
C LYS C 239 -28.29 -7.32 -1.96
N LEU C 240 -29.40 -7.02 -2.63
CA LEU C 240 -30.18 -5.84 -2.34
C LEU C 240 -31.48 -6.15 -1.62
N ASN C 241 -31.71 -7.42 -1.35
CA ASN C 241 -32.97 -7.89 -0.78
C ASN C 241 -34.17 -7.44 -1.62
N LEU C 242 -34.03 -7.54 -2.93
CA LEU C 242 -35.17 -7.33 -3.81
C LEU C 242 -35.80 -8.67 -4.10
N GLU C 243 -37.12 -8.69 -4.25
CA GLU C 243 -37.79 -9.90 -4.70
C GLU C 243 -37.46 -10.09 -6.17
N TYR C 244 -37.23 -11.34 -6.58
CA TYR C 244 -36.88 -11.59 -7.97
C TYR C 244 -37.60 -12.80 -8.53
N LYS C 245 -37.75 -12.79 -9.85
CA LYS C 245 -38.40 -13.86 -10.56
C LYS C 245 -37.80 -13.94 -11.95
N ILE C 246 -37.29 -15.11 -12.33
CA ILE C 246 -36.77 -15.30 -13.68
C ILE C 246 -37.67 -16.26 -14.43
N LEU C 247 -38.25 -15.78 -15.52
CA LEU C 247 -39.17 -16.60 -16.31
C LEU C 247 -38.43 -17.36 -17.39
N GLY C 248 -38.49 -18.68 -17.33
CA GLY C 248 -37.91 -19.53 -18.34
C GLY C 248 -38.87 -19.79 -19.49
N VAL C 249 -38.38 -20.50 -20.50
CA VAL C 249 -39.09 -20.69 -21.75
C VAL C 249 -40.48 -21.31 -21.58
N LYS C 250 -40.60 -22.31 -20.72
CA LYS C 250 -41.89 -22.96 -20.52
C LYS C 250 -42.92 -21.98 -19.94
N GLU C 251 -42.51 -21.15 -19.00
CA GLU C 251 -43.41 -20.12 -18.46
C GLU C 251 -43.76 -19.09 -19.52
N LEU C 252 -42.77 -18.72 -20.33
CA LEU C 252 -42.99 -17.76 -21.40
C LEU C 252 -43.98 -18.30 -22.43
N GLU C 253 -43.91 -19.61 -22.69
CA GLU C 253 -44.86 -20.27 -23.58
C GLU C 253 -46.29 -20.24 -23.02
N GLU C 254 -46.44 -20.50 -21.71
CA GLU C 254 -47.74 -20.43 -21.08
C GLU C 254 -48.33 -19.02 -21.16
N LEU C 255 -47.45 -18.01 -21.12
CA LEU C 255 -47.90 -16.63 -21.23
C LEU C 255 -48.06 -16.23 -22.69
N LYS C 256 -47.77 -17.18 -23.59
CA LYS C 256 -47.97 -17.02 -25.02
C LYS C 256 -47.19 -15.85 -25.62
N MET C 257 -45.99 -15.62 -25.09
CA MET C 257 -45.14 -14.54 -25.59
C MET C 257 -44.45 -14.93 -26.90
N GLY C 258 -45.23 -15.02 -27.97
CA GLY C 258 -44.72 -15.48 -29.25
C GLY C 258 -43.75 -14.54 -29.94
N ALA C 259 -43.89 -13.23 -29.73
CA ALA C 259 -42.99 -12.27 -30.35
C ALA C 259 -41.61 -12.36 -29.72
N TYR C 260 -41.57 -12.26 -28.39
CA TYR C 260 -40.34 -12.46 -27.62
C TYR C 260 -39.68 -13.80 -27.94
N LEU C 261 -40.46 -14.89 -27.87
CA LEU C 261 -39.88 -16.22 -28.04
C LEU C 261 -39.36 -16.46 -29.46
N SER C 262 -40.00 -15.86 -30.46
CA SER C 262 -39.56 -16.02 -31.84
C SER C 262 -38.17 -15.44 -32.05
N VAL C 263 -37.92 -14.27 -31.46
CA VAL C 263 -36.63 -13.61 -31.61
C VAL C 263 -35.49 -14.50 -31.09
N GLY C 264 -35.75 -15.21 -30.00
CA GLY C 264 -34.71 -16.00 -29.36
C GLY C 264 -34.54 -17.39 -29.95
N LYS C 265 -35.41 -17.77 -30.88
CA LYS C 265 -35.44 -19.13 -31.44
C LYS C 265 -34.09 -19.60 -31.98
N GLY C 266 -33.39 -18.73 -32.69
CA GLY C 266 -32.14 -19.12 -33.32
C GLY C 266 -30.94 -19.18 -32.39
N SER C 267 -31.15 -18.96 -31.10
CA SER C 267 -30.03 -18.88 -30.16
C SER C 267 -29.77 -20.19 -29.43
N MET C 268 -28.51 -20.41 -29.03
CA MET C 268 -28.15 -21.56 -28.22
C MET C 268 -28.47 -21.31 -26.75
N TYR C 269 -28.80 -20.06 -26.43
CA TYR C 269 -29.18 -19.71 -25.07
C TYR C 269 -30.68 -19.55 -24.98
N PRO C 270 -31.29 -20.19 -23.98
CA PRO C 270 -32.73 -20.06 -23.72
C PRO C 270 -33.09 -18.64 -23.33
N ASN C 271 -34.24 -18.16 -23.78
CA ASN C 271 -34.75 -16.88 -23.32
C ASN C 271 -34.87 -16.84 -21.80
N LYS C 272 -34.55 -15.68 -21.23
CA LYS C 272 -34.73 -15.45 -19.79
C LYS C 272 -35.39 -14.09 -19.55
N PHE C 273 -36.61 -14.11 -19.04
CA PHE C 273 -37.33 -12.87 -18.72
C PHE C 273 -37.01 -12.45 -17.29
N ILE C 274 -36.36 -11.30 -17.14
CA ILE C 274 -35.98 -10.80 -15.81
C ILE C 274 -37.10 -9.95 -15.20
N HIS C 275 -37.46 -10.28 -13.96
CA HIS C 275 -38.47 -9.53 -13.22
C HIS C 275 -38.03 -9.32 -11.77
N LEU C 276 -37.50 -8.13 -11.49
CA LEU C 276 -37.16 -7.72 -10.14
C LEU C 276 -38.21 -6.74 -9.62
N THR C 277 -38.38 -6.67 -8.30
CA THR C 277 -39.38 -5.77 -7.72
C THR C 277 -38.88 -5.11 -6.43
N TYR C 278 -39.01 -3.79 -6.37
CA TYR C 278 -38.78 -3.07 -5.13
C TYR C 278 -40.11 -2.54 -4.62
N LYS C 279 -40.36 -2.69 -3.32
CA LYS C 279 -41.56 -2.13 -2.72
C LYS C 279 -41.21 -1.41 -1.42
N SER C 280 -41.66 -0.16 -1.31
CA SER C 280 -41.45 0.60 -0.09
C SER C 280 -42.23 -0.02 1.06
N LYS C 281 -41.71 0.16 2.28
CA LYS C 281 -42.45 -0.23 3.47
C LYS C 281 -43.53 0.82 3.73
N GLY C 282 -44.78 0.38 3.77
CA GLY C 282 -45.89 1.29 4.00
C GLY C 282 -46.77 1.46 2.77
N ASP C 283 -47.45 2.60 2.70
CA ASP C 283 -48.42 2.85 1.65
C ASP C 283 -47.76 3.16 0.30
N VAL C 284 -48.11 2.38 -0.71
CA VAL C 284 -47.61 2.59 -2.07
C VAL C 284 -48.48 3.58 -2.83
N LYS C 285 -47.91 4.72 -3.18
CA LYS C 285 -48.65 5.76 -3.89
C LYS C 285 -48.49 5.61 -5.40
N LYS C 286 -47.31 5.18 -5.82
CA LYS C 286 -47.02 5.01 -7.25
C LYS C 286 -46.50 3.61 -7.56
N LYS C 287 -47.08 2.97 -8.57
CA LYS C 287 -46.54 1.73 -9.10
C LYS C 287 -45.93 2.00 -10.47
N ILE C 288 -44.67 1.59 -10.64
CA ILE C 288 -43.93 1.85 -11.89
C ILE C 288 -43.30 0.60 -12.45
N ALA C 289 -43.45 0.40 -13.76
CA ALA C 289 -42.72 -0.66 -14.47
C ALA C 289 -41.64 -0.05 -15.38
N LEU C 290 -40.39 -0.46 -15.15
CA LEU C 290 -39.29 -0.07 -16.03
C LEU C 290 -38.89 -1.25 -16.93
N VAL C 291 -38.97 -1.04 -18.23
CA VAL C 291 -38.69 -2.09 -19.21
C VAL C 291 -37.43 -1.79 -20.02
N GLY C 292 -36.48 -2.72 -20.01
CA GLY C 292 -35.25 -2.52 -20.76
C GLY C 292 -35.02 -3.59 -21.82
N LYS C 293 -34.69 -3.16 -23.03
CA LYS C 293 -34.38 -4.08 -24.12
C LYS C 293 -33.12 -4.86 -23.76
N GLY C 294 -33.20 -6.19 -23.86
CA GLY C 294 -32.11 -7.06 -23.45
C GLY C 294 -31.64 -8.05 -24.49
N ILE C 295 -31.26 -7.55 -25.66
CA ILE C 295 -30.63 -8.36 -26.68
C ILE C 295 -29.13 -8.44 -26.42
N THR C 296 -28.65 -9.61 -25.98
CA THR C 296 -27.24 -9.74 -25.56
C THR C 296 -26.29 -9.72 -26.75
N PHE C 297 -26.79 -10.13 -27.92
CA PHE C 297 -26.10 -9.83 -29.18
C PHE C 297 -27.11 -9.75 -30.31
N ASP C 298 -26.97 -8.73 -31.14
CA ASP C 298 -27.86 -8.54 -32.28
C ASP C 298 -27.12 -8.66 -33.61
N SER C 299 -27.15 -9.85 -34.18
CA SER C 299 -26.54 -10.10 -35.48
C SER C 299 -27.43 -9.56 -36.60
N GLY C 300 -28.71 -9.36 -36.27
CA GLY C 300 -29.70 -8.98 -37.26
C GLY C 300 -30.60 -10.14 -37.67
N GLY C 301 -30.19 -11.36 -37.34
CA GLY C 301 -30.88 -12.55 -37.81
C GLY C 301 -30.71 -12.69 -39.31
N TYR C 302 -31.68 -13.30 -39.99
CA TYR C 302 -31.54 -13.54 -41.42
C TYR C 302 -31.47 -12.25 -42.23
N ASN C 303 -31.96 -11.14 -41.67
CA ASN C 303 -31.62 -9.82 -42.19
C ASN C 303 -30.30 -9.40 -41.58
N LEU C 304 -29.24 -10.11 -41.95
CA LEU C 304 -27.94 -9.99 -41.30
C LEU C 304 -27.37 -8.59 -41.45
N LYS C 305 -26.78 -8.08 -40.37
CA LYS C 305 -26.10 -6.78 -40.42
C LYS C 305 -24.81 -6.89 -41.23
N ALA C 306 -24.94 -6.77 -42.56
CA ALA C 306 -23.81 -6.97 -43.46
C ALA C 306 -23.47 -5.70 -44.23
N ALA C 307 -24.39 -4.75 -44.23
CA ALA C 307 -24.19 -3.51 -44.98
C ALA C 307 -23.17 -2.61 -44.29
N PRO C 308 -22.33 -1.92 -45.08
CA PRO C 308 -21.36 -0.98 -44.51
C PRO C 308 -22.04 0.04 -43.60
N GLY C 309 -21.53 0.20 -42.39
CA GLY C 309 -22.12 1.12 -41.42
C GLY C 309 -23.02 0.44 -40.41
N SER C 310 -23.22 -0.87 -40.52
CA SER C 310 -24.13 -1.58 -39.64
C SER C 310 -23.48 -1.85 -38.27
N MET C 311 -22.16 -1.86 -38.24
CA MET C 311 -21.39 -1.99 -37.00
C MET C 311 -21.76 -3.22 -36.18
N ILE C 312 -21.73 -4.39 -36.83
CA ILE C 312 -22.10 -5.64 -36.16
C ILE C 312 -21.23 -5.92 -34.92
N ASP C 313 -19.99 -5.44 -34.90
CA ASP C 313 -19.13 -5.73 -33.76
C ASP C 313 -19.46 -4.92 -32.50
N LEU C 314 -20.32 -3.92 -32.64
CA LEU C 314 -20.77 -3.13 -31.49
C LEU C 314 -21.97 -3.79 -30.77
N MET C 315 -22.58 -4.76 -31.42
CA MET C 315 -23.91 -5.21 -31.04
C MET C 315 -24.01 -5.98 -29.72
N LYS C 316 -22.92 -6.04 -28.96
CA LYS C 316 -23.02 -6.48 -27.58
C LYS C 316 -23.76 -5.43 -26.74
N PHE C 317 -23.87 -4.22 -27.29
CA PHE C 317 -24.46 -3.09 -26.58
C PHE C 317 -26.00 -3.12 -26.63
N ASP C 318 -26.56 -4.11 -27.32
CA ASP C 318 -28.00 -4.12 -27.58
C ASP C 318 -28.80 -4.57 -26.35
N MET C 319 -28.11 -4.71 -25.22
CA MET C 319 -28.77 -4.93 -23.95
C MET C 319 -28.55 -3.75 -23.01
N SER C 320 -28.16 -2.61 -23.59
CA SER C 320 -27.93 -1.39 -22.84
C SER C 320 -29.18 -0.94 -22.07
N GLY C 321 -30.34 -1.21 -22.65
CA GLY C 321 -31.60 -0.86 -22.02
C GLY C 321 -31.78 -1.66 -20.73
N CYS C 322 -31.57 -2.97 -20.84
CA CYS C 322 -31.64 -3.86 -19.68
C CYS C 322 -30.66 -3.40 -18.61
N ALA C 323 -29.44 -3.08 -19.03
CA ALA C 323 -28.38 -2.68 -18.12
C ALA C 323 -28.74 -1.41 -17.35
N ALA C 324 -29.41 -0.48 -18.03
CA ALA C 324 -29.86 0.76 -17.40
C ALA C 324 -30.85 0.45 -16.28
N VAL C 325 -31.77 -0.45 -16.58
CA VAL C 325 -32.82 -0.85 -15.64
C VAL C 325 -32.23 -1.57 -14.42
N LEU C 326 -31.21 -2.40 -14.63
CA LEU C 326 -30.56 -3.10 -13.53
C LEU C 326 -29.72 -2.13 -12.70
N GLY C 327 -29.08 -1.17 -13.36
CA GLY C 327 -28.34 -0.14 -12.65
C GLY C 327 -29.28 0.67 -11.79
N CYS C 328 -30.43 1.01 -12.35
CA CYS C 328 -31.49 1.69 -11.60
C CYS C 328 -31.92 0.85 -10.40
N ALA C 329 -32.05 -0.46 -10.60
CA ALA C 329 -32.44 -1.36 -9.52
C ALA C 329 -31.42 -1.31 -8.39
N TYR C 330 -30.15 -1.22 -8.74
CA TYR C 330 -29.11 -1.06 -7.72
C TYR C 330 -29.34 0.23 -6.94
N CYS C 331 -29.49 1.34 -7.66
CA CYS C 331 -29.66 2.65 -7.03
C CYS C 331 -30.90 2.69 -6.15
N VAL C 332 -32.04 2.29 -6.72
CA VAL C 332 -33.30 2.28 -5.97
C VAL C 332 -33.23 1.35 -4.76
N GLY C 333 -32.68 0.16 -4.97
CA GLY C 333 -32.56 -0.81 -3.89
C GLY C 333 -31.58 -0.38 -2.80
N THR C 334 -30.69 0.54 -3.12
CA THR C 334 -29.73 1.04 -2.15
C THR C 334 -30.29 2.23 -1.37
N LEU C 335 -30.86 3.19 -2.10
CA LEU C 335 -31.35 4.43 -1.49
C LEU C 335 -32.72 4.29 -0.84
N LYS C 336 -33.44 3.23 -1.20
CA LYS C 336 -34.72 2.87 -0.59
C LYS C 336 -35.73 4.02 -0.51
N PRO C 337 -36.31 4.41 -1.66
CA PRO C 337 -37.36 5.44 -1.65
C PRO C 337 -38.65 4.94 -1.00
N GLU C 338 -39.47 5.87 -0.52
CA GLU C 338 -40.73 5.50 0.11
C GLU C 338 -41.91 5.70 -0.85
N ASN C 339 -43.00 5.01 -0.57
CA ASN C 339 -44.27 5.19 -1.27
C ASN C 339 -44.24 4.82 -2.76
N VAL C 340 -43.31 3.94 -3.15
CA VAL C 340 -43.29 3.47 -4.53
C VAL C 340 -43.17 1.96 -4.60
N GLU C 341 -43.67 1.40 -5.70
CA GLU C 341 -43.44 0.02 -6.03
C GLU C 341 -42.87 -0.01 -7.45
N ILE C 342 -41.67 -0.55 -7.59
CA ILE C 342 -40.99 -0.55 -8.88
C ILE C 342 -40.76 -1.95 -9.41
N HIS C 343 -41.20 -2.19 -10.63
CA HIS C 343 -40.87 -3.43 -11.31
C HIS C 343 -39.79 -3.19 -12.36
N PHE C 344 -38.72 -3.97 -12.27
CA PHE C 344 -37.61 -3.89 -13.21
C PHE C 344 -37.68 -5.08 -14.17
N LEU C 345 -37.98 -4.80 -15.44
CA LEU C 345 -38.30 -5.86 -16.40
C LEU C 345 -37.35 -5.89 -17.59
N SER C 346 -37.02 -7.10 -18.04
CA SER C 346 -36.31 -7.25 -19.31
C SER C 346 -36.53 -8.62 -19.94
N ALA C 347 -37.11 -8.62 -21.13
CA ALA C 347 -37.22 -9.82 -21.94
C ALA C 347 -35.88 -10.10 -22.64
N VAL C 348 -35.00 -10.83 -21.98
CA VAL C 348 -33.63 -11.01 -22.47
C VAL C 348 -33.50 -12.20 -23.42
N CYS C 349 -32.82 -12.00 -24.54
CA CYS C 349 -32.55 -13.06 -25.50
C CYS C 349 -31.45 -12.63 -26.48
N GLU C 350 -31.17 -13.49 -27.46
CA GLU C 350 -30.10 -13.26 -28.42
C GLU C 350 -30.67 -13.41 -29.84
N ASN C 351 -30.27 -12.54 -30.77
CA ASN C 351 -30.79 -12.57 -32.13
C ASN C 351 -29.74 -13.15 -33.09
N MET C 352 -29.91 -14.41 -33.48
CA MET C 352 -28.86 -15.14 -34.19
C MET C 352 -29.32 -15.78 -35.50
N VAL C 353 -28.37 -16.38 -36.22
CA VAL C 353 -28.67 -17.04 -37.49
C VAL C 353 -28.47 -18.55 -37.36
N SER C 354 -29.54 -19.28 -37.60
CA SER C 354 -29.59 -20.70 -37.29
C SER C 354 -30.60 -21.38 -38.19
N LYS C 355 -30.64 -22.70 -38.18
CA LYS C 355 -31.73 -23.41 -38.82
C LYS C 355 -33.03 -23.16 -38.04
N ASN C 356 -32.87 -22.76 -36.78
CA ASN C 356 -34.01 -22.57 -35.89
C ASN C 356 -34.52 -21.14 -35.81
N SER C 357 -33.84 -20.22 -36.51
CA SER C 357 -34.18 -18.80 -36.46
C SER C 357 -35.53 -18.51 -37.09
N TYR C 358 -36.19 -17.45 -36.61
CA TYR C 358 -37.40 -16.96 -37.24
C TYR C 358 -37.01 -16.28 -38.55
N ARG C 359 -37.91 -16.28 -39.52
CA ARG C 359 -37.61 -15.79 -40.86
C ARG C 359 -38.36 -14.50 -41.18
N PRO C 360 -37.78 -13.67 -42.07
CA PRO C 360 -38.50 -12.55 -42.66
C PRO C 360 -39.78 -13.06 -43.29
N GLY C 361 -40.92 -12.43 -42.97
CA GLY C 361 -42.18 -12.88 -43.52
C GLY C 361 -43.00 -13.75 -42.57
N ASP C 362 -42.35 -14.28 -41.53
CA ASP C 362 -43.07 -15.08 -40.54
C ASP C 362 -44.16 -14.26 -39.86
N ILE C 363 -45.30 -14.89 -39.60
CA ILE C 363 -46.33 -14.23 -38.81
C ILE C 363 -46.35 -14.84 -37.42
N ILE C 364 -46.18 -13.98 -36.43
CA ILE C 364 -46.06 -14.42 -35.05
C ILE C 364 -47.14 -13.77 -34.19
N THR C 365 -47.47 -14.41 -33.07
CA THR C 365 -48.57 -13.93 -32.24
C THR C 365 -48.07 -13.45 -30.88
N ALA C 366 -48.33 -12.18 -30.58
CA ALA C 366 -47.98 -11.61 -29.29
C ALA C 366 -48.92 -12.08 -28.19
N SER C 367 -48.51 -11.90 -26.93
CA SER C 367 -49.25 -12.39 -25.79
C SER C 367 -50.60 -11.70 -25.59
N ASN C 368 -50.81 -10.56 -26.26
CA ASN C 368 -52.11 -9.89 -26.20
C ASN C 368 -52.97 -10.29 -27.39
N GLY C 369 -52.52 -11.32 -28.12
CA GLY C 369 -53.31 -11.91 -29.17
C GLY C 369 -53.17 -11.31 -30.56
N LYS C 370 -52.35 -10.27 -30.70
CA LYS C 370 -52.19 -9.64 -32.02
C LYS C 370 -51.18 -10.40 -32.87
N THR C 371 -51.55 -10.67 -34.12
CA THR C 371 -50.65 -11.33 -35.06
C THR C 371 -49.77 -10.29 -35.74
N ILE C 372 -48.49 -10.62 -35.87
CA ILE C 372 -47.50 -9.67 -36.37
C ILE C 372 -46.75 -10.24 -37.57
N GLU C 373 -46.74 -9.50 -38.67
CA GLU C 373 -45.99 -9.93 -39.84
C GLU C 373 -44.56 -9.38 -39.80
N VAL C 374 -43.59 -10.26 -39.62
CA VAL C 374 -42.19 -9.86 -39.54
C VAL C 374 -41.66 -9.43 -40.91
N GLY C 375 -41.32 -8.15 -41.05
CA GLY C 375 -40.78 -7.65 -42.30
C GLY C 375 -39.26 -7.61 -42.33
N ASN C 376 -38.65 -7.59 -41.14
CA ASN C 376 -37.21 -7.49 -41.01
C ASN C 376 -36.80 -8.04 -39.66
N THR C 377 -36.08 -9.16 -39.68
CA THR C 377 -35.66 -9.83 -38.44
C THR C 377 -34.69 -8.98 -37.62
N ASP C 378 -34.15 -7.93 -38.21
CA ASP C 378 -33.19 -7.08 -37.49
C ASP C 378 -33.93 -5.96 -36.74
N ALA C 379 -35.25 -5.94 -36.86
CA ALA C 379 -36.08 -5.07 -36.03
C ALA C 379 -36.66 -5.89 -34.88
N GLU C 380 -35.78 -6.58 -34.15
CA GLU C 380 -36.20 -7.59 -33.18
C GLU C 380 -36.48 -6.98 -31.82
N GLY C 381 -35.93 -5.79 -31.57
CA GLY C 381 -36.12 -5.11 -30.31
C GLY C 381 -37.59 -4.87 -29.99
N ARG C 382 -38.32 -4.33 -30.96
CA ARG C 382 -39.71 -3.96 -30.74
C ARG C 382 -40.58 -5.21 -30.52
N LEU C 383 -40.16 -6.33 -31.08
CA LEU C 383 -40.86 -7.59 -30.89
C LEU C 383 -40.76 -8.05 -29.43
N THR C 384 -39.58 -7.94 -28.84
CA THR C 384 -39.41 -8.39 -27.47
C THR C 384 -40.06 -7.41 -26.49
N LEU C 385 -40.00 -6.11 -26.79
CA LEU C 385 -40.64 -5.11 -25.94
C LEU C 385 -42.17 -5.25 -25.97
N ALA C 386 -42.71 -5.60 -27.14
CA ALA C 386 -44.15 -5.80 -27.29
C ALA C 386 -44.67 -6.75 -26.23
N ASP C 387 -44.04 -7.92 -26.10
CA ASP C 387 -44.46 -8.87 -25.09
C ASP C 387 -44.11 -8.39 -23.69
N ALA C 388 -43.04 -7.61 -23.57
CA ALA C 388 -42.64 -7.07 -22.27
C ALA C 388 -43.61 -5.99 -21.81
N LEU C 389 -44.12 -5.21 -22.75
CA LEU C 389 -45.07 -4.15 -22.45
C LEU C 389 -46.42 -4.73 -22.04
N VAL C 390 -46.84 -5.80 -22.69
CA VAL C 390 -48.07 -6.49 -22.33
C VAL C 390 -47.96 -7.06 -20.92
N TYR C 391 -46.80 -7.62 -20.61
CA TYR C 391 -46.50 -8.11 -19.28
C TYR C 391 -46.53 -6.98 -18.24
N ALA C 392 -45.93 -5.85 -18.58
CA ALA C 392 -45.89 -4.71 -17.67
C ALA C 392 -47.29 -4.20 -17.36
N GLU C 393 -48.13 -4.11 -18.38
CA GLU C 393 -49.46 -3.57 -18.20
C GLU C 393 -50.31 -4.46 -17.31
N LYS C 394 -50.12 -5.77 -17.44
CA LYS C 394 -50.84 -6.73 -16.61
C LYS C 394 -50.49 -6.61 -15.13
N LEU C 395 -49.34 -5.99 -14.83
CA LEU C 395 -48.95 -5.76 -13.44
C LEU C 395 -49.81 -4.70 -12.76
N GLY C 396 -50.55 -3.95 -13.57
CA GLY C 396 -51.44 -2.92 -13.05
C GLY C 396 -50.67 -1.74 -12.48
N VAL C 397 -49.79 -1.18 -13.29
CA VAL C 397 -48.96 -0.06 -12.85
C VAL C 397 -49.52 1.28 -13.33
N ASP C 398 -48.98 2.35 -12.78
CA ASP C 398 -49.38 3.70 -13.16
C ASP C 398 -48.55 4.20 -14.35
N TYR C 399 -47.29 3.79 -14.39
CA TYR C 399 -46.36 4.23 -15.43
C TYR C 399 -45.56 3.07 -16.02
N ILE C 400 -45.50 3.00 -17.33
CA ILE C 400 -44.54 2.12 -18.00
C ILE C 400 -43.54 2.95 -18.77
N VAL C 401 -42.27 2.81 -18.43
CA VAL C 401 -41.21 3.49 -19.15
C VAL C 401 -40.25 2.46 -19.70
N ASP C 402 -40.12 2.41 -21.03
CA ASP C 402 -39.16 1.49 -21.61
C ASP C 402 -37.97 2.27 -22.14
N ILE C 403 -36.81 1.61 -22.13
CA ILE C 403 -35.57 2.22 -22.59
C ILE C 403 -34.86 1.20 -23.47
N ALA C 404 -34.36 1.64 -24.63
CA ALA C 404 -33.91 0.67 -25.62
C ALA C 404 -33.00 1.27 -26.70
N THR C 405 -32.01 0.49 -27.09
CA THR C 405 -31.21 0.78 -28.28
C THR C 405 -31.99 0.31 -29.51
N LEU C 406 -33.06 1.03 -29.82
CA LEU C 406 -34.06 0.52 -30.76
C LEU C 406 -33.78 0.82 -32.23
N THR C 407 -33.46 2.08 -32.55
CA THR C 407 -33.31 2.44 -33.96
C THR C 407 -32.01 3.20 -34.26
N GLY C 408 -31.32 2.75 -35.30
CA GLY C 408 -30.13 3.45 -35.77
C GLY C 408 -30.44 4.83 -36.33
N ALA C 409 -31.72 5.09 -36.60
CA ALA C 409 -32.14 6.38 -37.15
C ALA C 409 -31.94 7.51 -36.14
N MET C 410 -31.72 7.17 -34.87
CA MET C 410 -31.50 8.18 -33.84
C MET C 410 -30.19 8.94 -34.08
N LEU C 411 -29.24 8.30 -34.75
CA LEU C 411 -27.97 8.95 -35.09
C LEU C 411 -28.18 10.08 -36.08
N TYR C 412 -29.30 10.05 -36.81
CA TYR C 412 -29.58 11.05 -37.82
C TYR C 412 -30.53 12.12 -37.32
N SER C 413 -31.25 11.83 -36.24
CA SER C 413 -32.19 12.80 -35.70
C SER C 413 -31.61 13.60 -34.53
N LEU C 414 -31.08 12.90 -33.53
CA LEU C 414 -30.55 13.60 -32.36
C LEU C 414 -29.04 13.46 -32.19
N GLY C 415 -28.48 12.40 -32.76
CA GLY C 415 -27.04 12.20 -32.69
C GLY C 415 -26.60 11.43 -31.45
N THR C 416 -25.36 11.68 -31.02
CA THR C 416 -24.73 10.89 -29.96
C THR C 416 -24.88 11.48 -28.55
N SER C 417 -25.46 12.68 -28.44
CA SER C 417 -25.58 13.34 -27.14
C SER C 417 -26.98 13.25 -26.49
N TYR C 418 -28.04 13.41 -27.29
CA TYR C 418 -29.40 13.40 -26.76
C TYR C 418 -30.16 12.14 -27.13
N ALA C 419 -30.83 11.54 -26.15
CA ALA C 419 -31.75 10.44 -26.41
C ALA C 419 -33.14 10.98 -26.74
N GLY C 420 -33.92 10.20 -27.47
CA GLY C 420 -35.27 10.61 -27.78
C GLY C 420 -36.27 9.94 -26.86
N VAL C 421 -37.30 10.68 -26.46
CA VAL C 421 -38.39 10.08 -25.72
C VAL C 421 -39.68 10.22 -26.53
N PHE C 422 -40.39 9.11 -26.65
CA PHE C 422 -41.72 9.08 -27.26
C PHE C 422 -42.69 8.60 -26.18
N GLY C 423 -43.99 8.82 -26.39
CA GLY C 423 -44.97 8.33 -25.45
C GLY C 423 -46.41 8.65 -25.79
N ASN C 424 -47.33 8.14 -24.98
CA ASN C 424 -48.76 8.38 -25.19
C ASN C 424 -49.36 9.29 -24.14
N ASN C 425 -48.52 9.86 -23.28
CA ASN C 425 -48.99 10.63 -22.13
C ASN C 425 -48.09 11.80 -21.79
N GLU C 426 -48.60 13.02 -21.96
CA GLU C 426 -47.80 14.23 -21.82
C GLU C 426 -47.21 14.39 -20.42
N GLU C 427 -47.99 14.01 -19.40
CA GLU C 427 -47.53 14.13 -18.03
C GLU C 427 -46.31 13.26 -17.75
N LEU C 428 -46.35 12.00 -18.17
CA LEU C 428 -45.21 11.11 -18.00
C LEU C 428 -44.00 11.63 -18.76
N ILE C 429 -44.24 12.09 -19.98
CA ILE C 429 -43.19 12.66 -20.81
C ILE C 429 -42.49 13.83 -20.10
N ASN C 430 -43.27 14.70 -19.49
CA ASN C 430 -42.68 15.83 -18.78
C ASN C 430 -41.93 15.39 -17.52
N LYS C 431 -42.39 14.31 -16.89
CA LYS C 431 -41.67 13.76 -15.75
C LYS C 431 -40.31 13.23 -16.22
N ILE C 432 -40.30 12.60 -17.40
CA ILE C 432 -39.06 12.10 -18.00
C ILE C 432 -38.11 13.25 -18.32
N LEU C 433 -38.64 14.30 -18.96
CA LEU C 433 -37.85 15.47 -19.30
C LEU C 433 -37.29 16.13 -18.05
N GLN C 434 -38.11 16.16 -16.99
CA GLN C 434 -37.68 16.74 -15.73
C GLN C 434 -36.54 15.95 -15.13
N SER C 435 -36.66 14.63 -15.18
CA SER C 435 -35.63 13.74 -14.65
C SER C 435 -34.37 13.86 -15.49
N SER C 436 -34.55 14.17 -16.77
CA SER C 436 -33.42 14.40 -17.67
C SER C 436 -32.61 15.60 -17.21
N LYS C 437 -33.31 16.67 -16.80
CA LYS C 437 -32.63 17.87 -16.33
C LYS C 437 -31.86 17.62 -15.02
N THR C 438 -32.52 16.97 -14.05
CA THR C 438 -31.89 16.80 -12.75
C THR C 438 -30.83 15.69 -12.74
N SER C 439 -30.94 14.75 -13.67
CA SER C 439 -29.93 13.70 -13.77
C SER C 439 -28.79 14.09 -14.71
N ASN C 440 -28.98 15.20 -15.41
CA ASN C 440 -28.04 15.68 -16.42
C ASN C 440 -27.72 14.64 -17.49
N GLU C 441 -28.71 13.81 -17.81
CA GLU C 441 -28.65 12.92 -18.97
C GLU C 441 -29.69 13.41 -19.97
N PRO C 442 -29.23 14.09 -21.03
CA PRO C 442 -30.10 14.81 -21.97
C PRO C 442 -31.04 13.92 -22.78
N VAL C 443 -32.30 14.36 -22.84
CA VAL C 443 -33.34 13.67 -23.58
C VAL C 443 -34.16 14.73 -24.34
N TRP C 444 -34.61 14.40 -25.54
CA TRP C 444 -35.47 15.31 -26.29
C TRP C 444 -36.77 14.62 -26.67
N TRP C 445 -37.88 15.35 -26.58
CA TRP C 445 -39.19 14.82 -26.91
C TRP C 445 -39.41 14.76 -28.42
N LEU C 446 -39.71 13.57 -28.92
CA LEU C 446 -39.99 13.38 -30.33
C LEU C 446 -41.41 12.85 -30.49
N PRO C 447 -42.08 13.19 -31.61
CA PRO C 447 -43.51 12.91 -31.78
C PRO C 447 -43.83 11.50 -32.26
N ILE C 448 -44.95 10.96 -31.77
CA ILE C 448 -45.53 9.79 -32.40
C ILE C 448 -46.54 10.28 -33.43
N ILE C 449 -46.16 10.20 -34.71
CA ILE C 449 -46.98 10.73 -35.80
C ILE C 449 -47.98 9.69 -36.29
N ASN C 450 -49.25 9.95 -36.02
CA ASN C 450 -50.29 8.95 -36.27
C ASN C 450 -50.57 8.71 -37.75
N GLU C 451 -50.23 9.68 -38.59
CA GLU C 451 -50.43 9.51 -40.03
C GLU C 451 -49.61 8.34 -40.59
N TYR C 452 -48.57 7.92 -39.87
CA TYR C 452 -47.73 6.82 -40.33
C TYR C 452 -48.31 5.46 -39.94
N ARG C 453 -49.32 5.45 -39.08
CA ARG C 453 -49.87 4.20 -38.56
C ARG C 453 -50.37 3.30 -39.70
N ALA C 454 -50.98 3.91 -40.71
CA ALA C 454 -51.53 3.17 -41.84
C ALA C 454 -50.49 2.33 -42.57
N THR C 455 -49.22 2.77 -42.52
CA THR C 455 -48.16 2.02 -43.20
C THR C 455 -47.81 0.73 -42.45
N LEU C 456 -48.29 0.59 -41.23
CA LEU C 456 -48.11 -0.67 -40.49
C LEU C 456 -49.33 -1.59 -40.66
N ASN C 457 -50.20 -1.24 -41.60
CA ASN C 457 -51.33 -2.11 -41.94
C ASN C 457 -50.83 -3.30 -42.75
N SER C 458 -51.19 -4.50 -42.31
CA SER C 458 -50.74 -5.71 -42.99
C SER C 458 -51.86 -6.35 -43.80
N LYS C 459 -51.51 -6.97 -44.91
CA LYS C 459 -52.49 -7.65 -45.74
C LYS C 459 -53.04 -8.88 -45.05
N TYR C 460 -52.19 -9.59 -44.32
CA TYR C 460 -52.56 -10.88 -43.77
C TYR C 460 -52.62 -10.90 -42.24
N ALA C 461 -51.63 -10.32 -41.58
CA ALA C 461 -51.62 -10.27 -40.12
C ALA C 461 -52.34 -9.03 -39.62
N ASP C 462 -52.53 -8.94 -38.30
CA ASP C 462 -53.18 -7.77 -37.71
C ASP C 462 -52.33 -6.51 -37.91
N ILE C 463 -51.01 -6.67 -37.92
CA ILE C 463 -50.14 -5.51 -38.01
C ILE C 463 -48.76 -5.87 -38.55
N ASN C 464 -48.13 -4.91 -39.23
CA ASN C 464 -46.75 -5.06 -39.67
C ASN C 464 -45.78 -4.67 -38.57
N GLN C 465 -44.67 -5.39 -38.49
CA GLN C 465 -43.57 -5.05 -37.61
C GLN C 465 -42.90 -3.75 -38.05
N ILE C 466 -42.63 -3.64 -39.35
CA ILE C 466 -41.95 -2.47 -39.89
C ILE C 466 -42.73 -1.86 -41.04
N SER C 467 -42.42 -0.58 -41.29
CA SER C 467 -43.09 0.15 -42.35
C SER C 467 -42.38 0.01 -43.69
N SER C 468 -43.06 0.52 -44.70
CA SER C 468 -42.61 0.62 -46.09
C SER C 468 -43.88 1.03 -46.81
N SER C 469 -44.06 2.32 -47.12
CA SER C 469 -43.02 3.36 -47.24
C SER C 469 -42.20 3.82 -46.02
N VAL C 470 -42.77 4.73 -45.22
CA VAL C 470 -42.07 5.58 -44.24
C VAL C 470 -40.66 5.19 -43.76
N LYS C 471 -39.71 6.09 -43.93
CA LYS C 471 -38.32 5.86 -43.54
C LYS C 471 -37.97 6.47 -42.17
N ALA C 472 -38.96 7.07 -41.51
CA ALA C 472 -38.76 7.59 -40.15
C ALA C 472 -38.86 6.46 -39.13
N SER C 473 -37.77 5.70 -38.98
CA SER C 473 -37.79 4.45 -38.22
C SER C 473 -38.13 4.60 -36.74
N SER C 474 -37.58 5.63 -36.11
CA SER C 474 -37.76 5.80 -34.66
C SER C 474 -39.22 6.06 -34.33
N ILE C 475 -39.90 6.76 -35.24
CA ILE C 475 -41.31 7.10 -35.04
C ILE C 475 -42.22 5.89 -35.33
N VAL C 476 -41.94 5.20 -36.43
CA VAL C 476 -42.67 4.00 -36.80
C VAL C 476 -42.54 2.93 -35.71
N ALA C 477 -41.34 2.79 -35.15
CA ALA C 477 -41.11 1.82 -34.09
C ALA C 477 -41.95 2.16 -32.87
N SER C 478 -42.00 3.44 -32.52
CA SER C 478 -42.83 3.92 -31.42
C SER C 478 -44.32 3.70 -31.70
N LEU C 479 -44.71 3.78 -32.97
CA LEU C 479 -46.09 3.47 -33.35
C LEU C 479 -46.40 2.00 -33.07
N PHE C 480 -45.44 1.14 -33.40
CA PHE C 480 -45.59 -0.30 -33.17
C PHE C 480 -45.77 -0.62 -31.69
N LEU C 481 -44.90 -0.05 -30.85
CA LEU C 481 -44.93 -0.32 -29.41
C LEU C 481 -46.23 0.15 -28.76
N LYS C 482 -46.73 1.29 -29.21
CA LYS C 482 -47.96 1.88 -28.67
C LYS C 482 -49.15 0.91 -28.77
N GLU C 483 -49.12 0.03 -29.77
CA GLU C 483 -50.18 -0.94 -29.98
C GLU C 483 -50.24 -2.00 -28.88
N PHE C 484 -49.21 -2.05 -28.04
CA PHE C 484 -49.14 -3.08 -27.01
C PHE C 484 -49.27 -2.49 -25.61
N VAL C 485 -49.67 -1.22 -25.55
CA VAL C 485 -50.13 -0.61 -24.31
C VAL C 485 -51.57 -0.15 -24.54
N GLN C 486 -52.51 -0.77 -23.84
CA GLN C 486 -53.92 -0.51 -24.08
C GLN C 486 -54.42 0.75 -23.40
N ASN C 487 -54.11 0.92 -22.12
CA ASN C 487 -54.66 2.04 -21.35
C ASN C 487 -53.80 2.40 -20.13
N THR C 488 -52.51 2.56 -20.35
CA THR C 488 -51.60 2.90 -19.28
C THR C 488 -50.64 3.97 -19.77
N ALA C 489 -50.38 4.96 -18.91
CA ALA C 489 -49.41 6.00 -19.25
C ALA C 489 -48.08 5.33 -19.58
N TRP C 490 -47.57 5.60 -20.78
CA TRP C 490 -46.38 4.92 -21.26
C TRP C 490 -45.41 5.86 -21.98
N ALA C 491 -44.12 5.63 -21.76
CA ALA C 491 -43.07 6.37 -22.45
C ALA C 491 -41.98 5.43 -22.95
N HIS C 492 -41.23 5.89 -23.95
CA HIS C 492 -40.23 5.07 -24.62
C HIS C 492 -38.97 5.88 -24.90
N ILE C 493 -37.86 5.48 -24.31
CA ILE C 493 -36.61 6.21 -24.49
C ILE C 493 -35.65 5.45 -25.40
N ASP C 494 -35.40 6.00 -26.58
CA ASP C 494 -34.51 5.37 -27.56
C ASP C 494 -33.08 5.84 -27.37
N ILE C 495 -32.23 4.98 -26.82
CA ILE C 495 -30.86 5.34 -26.50
C ILE C 495 -29.86 4.73 -27.47
N ALA C 496 -30.31 4.34 -28.65
CA ALA C 496 -29.45 3.72 -29.64
C ALA C 496 -28.27 4.62 -30.01
N GLY C 497 -28.51 5.92 -30.02
CA GLY C 497 -27.50 6.87 -30.41
C GLY C 497 -26.55 7.28 -29.31
N VAL C 498 -27.01 7.22 -28.06
CA VAL C 498 -26.26 7.80 -26.94
C VAL C 498 -25.65 6.77 -26.00
N SER C 499 -26.01 5.51 -26.16
CA SER C 499 -25.53 4.48 -25.24
C SER C 499 -24.02 4.29 -25.29
N TRP C 500 -23.48 4.22 -26.50
CA TRP C 500 -22.05 3.95 -26.66
C TRP C 500 -21.28 5.23 -26.96
N ASN C 501 -20.25 5.47 -26.15
CA ASN C 501 -19.35 6.60 -26.37
C ASN C 501 -18.30 6.22 -27.42
N PHE C 502 -18.53 6.60 -28.67
CA PHE C 502 -17.66 6.19 -29.77
C PHE C 502 -16.26 6.76 -29.64
N LYS C 503 -16.16 7.99 -29.16
CA LYS C 503 -14.87 8.64 -29.05
C LYS C 503 -14.00 7.93 -28.01
N ALA C 504 -14.61 7.54 -26.91
CA ALA C 504 -13.88 6.93 -25.80
C ALA C 504 -13.88 5.40 -25.86
N ARG C 505 -14.65 4.84 -26.79
CA ARG C 505 -14.72 3.39 -27.01
C ARG C 505 -15.20 2.62 -25.78
N LYS C 506 -16.26 3.10 -25.15
CA LYS C 506 -16.81 2.46 -23.96
C LYS C 506 -18.28 2.87 -23.77
N PRO C 507 -19.04 2.10 -22.97
CA PRO C 507 -20.42 2.49 -22.70
C PRO C 507 -20.51 3.74 -21.84
N LYS C 508 -21.64 4.45 -21.91
CA LYS C 508 -21.89 5.55 -20.99
C LYS C 508 -22.65 5.07 -19.76
N GLY C 509 -23.31 3.92 -19.89
CA GLY C 509 -24.23 3.47 -18.87
C GLY C 509 -25.44 4.39 -18.83
N PHE C 510 -25.80 4.92 -20.00
CA PHE C 510 -26.86 5.91 -20.13
C PHE C 510 -28.23 5.43 -19.64
N GLY C 511 -28.90 6.26 -18.84
CA GLY C 511 -30.25 5.99 -18.41
C GLY C 511 -30.42 5.60 -16.95
N VAL C 512 -29.35 5.11 -16.33
CA VAL C 512 -29.41 4.69 -14.93
C VAL C 512 -29.83 5.86 -14.04
N ARG C 513 -29.11 6.97 -14.18
CA ARG C 513 -29.35 8.13 -13.34
C ARG C 513 -30.67 8.80 -13.68
N LEU C 514 -30.98 8.86 -14.97
CA LEU C 514 -32.25 9.36 -15.45
C LEU C 514 -33.43 8.58 -14.85
N LEU C 515 -33.38 7.26 -14.94
CA LEU C 515 -34.47 6.43 -14.44
C LEU C 515 -34.57 6.49 -12.92
N THR C 516 -33.43 6.62 -12.25
CA THR C 516 -33.42 6.71 -10.79
C THR C 516 -34.05 8.03 -10.34
N GLU C 517 -33.67 9.13 -10.98
CA GLU C 517 -34.23 10.43 -10.66
C GLU C 517 -35.74 10.47 -10.92
N PHE C 518 -36.18 9.74 -11.93
CA PHE C 518 -37.60 9.64 -12.24
C PHE C 518 -38.34 8.93 -11.11
N VAL C 519 -37.77 7.83 -10.63
CA VAL C 519 -38.37 7.04 -9.56
C VAL C 519 -38.33 7.76 -8.21
N LEU C 520 -37.21 8.43 -7.93
CA LEU C 520 -37.03 9.09 -6.63
C LEU C 520 -37.87 10.35 -6.49
N ASN C 521 -37.95 11.13 -7.56
CA ASN C 521 -38.64 12.41 -7.50
C ASN C 521 -39.88 12.42 -8.38
N ALA D 4 -37.12 42.58 -65.77
CA ALA D 4 -36.99 41.27 -66.39
C ALA D 4 -35.65 41.13 -67.09
N SER D 5 -35.04 39.95 -66.95
CA SER D 5 -33.78 39.66 -67.63
C SER D 5 -34.01 38.61 -68.71
N GLU D 6 -33.17 38.64 -69.75
CA GLU D 6 -33.25 37.64 -70.81
C GLU D 6 -32.67 36.33 -70.29
N VAL D 7 -33.48 35.29 -70.26
CA VAL D 7 -32.99 33.99 -69.81
C VAL D 7 -32.23 33.36 -70.97
N PRO D 8 -31.02 32.86 -70.69
CA PRO D 8 -30.17 32.28 -71.73
C PRO D 8 -30.69 30.95 -72.25
N GLN D 9 -30.37 30.64 -73.50
CA GLN D 9 -30.78 29.39 -74.12
C GLN D 9 -29.60 28.64 -74.68
N VAL D 10 -29.70 27.31 -74.72
CA VAL D 10 -28.73 26.52 -75.46
C VAL D 10 -29.25 26.34 -76.88
N VAL D 11 -30.53 25.96 -76.99
CA VAL D 11 -31.20 25.83 -78.28
C VAL D 11 -32.46 26.68 -78.28
N SER D 12 -32.94 27.04 -79.47
CA SER D 12 -34.08 27.95 -79.58
C SER D 12 -35.35 27.34 -79.02
N LEU D 13 -35.37 26.02 -78.84
CA LEU D 13 -36.54 25.34 -78.29
C LEU D 13 -36.58 25.40 -76.76
N ASP D 14 -35.52 25.92 -76.15
CA ASP D 14 -35.51 26.07 -74.69
C ASP D 14 -36.48 27.17 -74.26
N PRO D 15 -37.36 26.84 -73.30
CA PRO D 15 -38.34 27.82 -72.81
C PRO D 15 -37.69 29.00 -72.10
N THR D 16 -38.31 30.18 -72.18
CA THR D 16 -37.73 31.40 -71.61
C THR D 16 -38.61 32.02 -70.52
N SER D 17 -39.61 31.29 -70.04
CA SER D 17 -40.36 31.71 -68.87
C SER D 17 -41.12 30.54 -68.26
N ILE D 18 -41.45 30.68 -66.98
CA ILE D 18 -42.29 29.71 -66.30
C ILE D 18 -43.76 30.04 -66.58
N PRO D 19 -44.48 29.12 -67.23
CA PRO D 19 -45.92 29.34 -67.37
C PRO D 19 -46.63 29.31 -66.01
N ILE D 20 -47.43 30.34 -65.73
CA ILE D 20 -48.14 30.44 -64.46
C ILE D 20 -49.63 30.64 -64.70
N GLU D 21 -50.45 29.91 -63.95
CA GLU D 21 -51.89 30.12 -63.95
C GLU D 21 -52.30 30.94 -62.74
N TYR D 22 -52.80 32.14 -62.98
CA TYR D 22 -53.29 32.98 -61.90
C TYR D 22 -54.78 32.80 -61.70
N ASN D 23 -55.54 32.88 -62.80
CA ASN D 23 -56.99 32.65 -62.74
C ASN D 23 -57.32 31.17 -62.90
N THR D 24 -57.67 30.53 -61.79
CA THR D 24 -57.98 29.10 -61.80
C THR D 24 -59.48 28.90 -61.71
N PRO D 25 -59.98 27.74 -62.15
CA PRO D 25 -61.40 27.41 -62.01
C PRO D 25 -61.90 27.54 -60.57
N ILE D 26 -61.01 27.28 -59.61
CA ILE D 26 -61.31 27.44 -58.20
C ILE D 26 -61.79 28.86 -57.85
N HIS D 27 -61.23 29.86 -58.52
CA HIS D 27 -61.60 31.24 -58.23
C HIS D 27 -63.01 31.57 -58.70
N ASP D 28 -63.55 30.74 -59.59
CA ASP D 28 -64.90 30.95 -60.12
C ASP D 28 -65.95 30.21 -59.31
N ILE D 29 -65.53 29.51 -58.26
CA ILE D 29 -66.48 28.81 -57.42
C ILE D 29 -67.18 29.78 -56.45
N LYS D 30 -68.50 29.83 -56.54
CA LYS D 30 -69.29 30.61 -55.59
C LYS D 30 -69.58 29.76 -54.37
N VAL D 31 -69.20 30.25 -53.19
CA VAL D 31 -69.31 29.48 -51.95
C VAL D 31 -70.39 30.00 -51.01
N GLN D 32 -71.35 29.15 -50.67
CA GLN D 32 -72.38 29.49 -49.68
C GLN D 32 -72.25 28.61 -48.44
N VAL D 33 -72.44 29.21 -47.27
CA VAL D 33 -72.37 28.46 -46.02
C VAL D 33 -73.68 28.59 -45.24
N TYR D 34 -74.41 27.48 -45.13
CA TYR D 34 -75.70 27.46 -44.45
C TYR D 34 -75.60 26.76 -43.10
N ASP D 35 -76.46 27.16 -42.17
CA ASP D 35 -76.48 26.51 -40.87
C ASP D 35 -77.20 25.19 -40.99
N ILE D 36 -76.65 24.16 -40.36
CA ILE D 36 -77.20 22.83 -40.50
C ILE D 36 -78.49 22.65 -39.68
N LYS D 37 -78.69 23.49 -38.67
CA LYS D 37 -79.87 23.39 -37.81
C LYS D 37 -81.17 23.51 -38.58
N GLY D 38 -81.11 24.18 -39.74
CA GLY D 38 -82.31 24.43 -40.53
C GLY D 38 -82.65 23.36 -41.54
N GLY D 39 -81.84 22.31 -41.61
CA GLY D 39 -82.07 21.25 -42.58
C GLY D 39 -81.38 21.54 -43.90
N CYS D 40 -81.36 20.54 -44.78
CA CYS D 40 -80.60 20.64 -46.03
C CYS D 40 -81.48 20.69 -47.27
N ASN D 41 -81.05 21.50 -48.23
CA ASN D 41 -81.69 21.54 -49.54
C ASN D 41 -80.88 20.71 -50.54
N VAL D 42 -81.55 19.80 -51.22
CA VAL D 42 -80.92 18.90 -52.17
C VAL D 42 -81.71 18.85 -53.47
N GLU D 43 -81.42 19.77 -54.37
CA GLU D 43 -82.13 19.82 -55.64
C GLU D 43 -81.16 19.95 -56.80
N GLU D 44 -79.88 20.14 -56.48
CA GLU D 44 -78.90 20.42 -57.52
C GLU D 44 -77.57 19.71 -57.27
N GLY D 45 -77.01 19.15 -58.34
CA GLY D 45 -75.65 18.64 -58.32
C GLY D 45 -75.39 17.47 -57.37
N LEU D 46 -74.29 17.56 -56.66
CA LEU D 46 -73.81 16.47 -55.81
C LEU D 46 -73.87 16.86 -54.32
N THR D 47 -74.47 16.00 -53.52
CA THR D 47 -74.54 16.24 -52.07
C THR D 47 -73.78 15.13 -51.35
N ILE D 48 -72.86 15.54 -50.48
CA ILE D 48 -72.06 14.59 -49.74
C ILE D 48 -72.14 14.84 -48.24
N PHE D 49 -72.47 13.80 -47.49
CA PHE D 49 -72.52 13.88 -46.04
C PHE D 49 -71.22 13.40 -45.40
N LEU D 50 -70.64 14.21 -44.51
CA LEU D 50 -69.48 13.78 -43.75
C LEU D 50 -69.94 13.12 -42.47
N VAL D 51 -69.69 11.82 -42.35
CA VAL D 51 -70.30 11.02 -41.29
C VAL D 51 -69.26 10.25 -40.49
N ASN D 52 -69.45 10.20 -39.17
CA ASN D 52 -68.67 9.31 -38.34
C ASN D 52 -69.56 8.45 -37.45
N ASN D 53 -68.95 7.49 -36.77
CA ASN D 53 -69.65 6.70 -35.77
C ASN D 53 -68.75 6.50 -34.56
N PRO D 54 -68.87 7.39 -33.57
CA PRO D 54 -68.03 7.33 -32.37
C PRO D 54 -68.23 6.03 -31.59
N GLY D 55 -67.14 5.46 -31.10
CA GLY D 55 -67.21 4.23 -30.32
C GLY D 55 -67.25 2.96 -31.15
N LYS D 56 -68.04 2.97 -32.21
CA LYS D 56 -68.18 1.80 -33.09
C LYS D 56 -67.24 1.90 -34.29
N GLU D 57 -66.10 1.24 -34.19
CA GLU D 57 -65.11 1.25 -35.27
C GLU D 57 -65.70 0.62 -36.53
N ASN D 58 -65.54 1.32 -37.65
CA ASN D 58 -66.13 0.91 -38.92
C ASN D 58 -67.63 0.65 -38.82
N GLY D 59 -68.29 1.35 -37.90
CA GLY D 59 -69.72 1.19 -37.70
C GLY D 59 -70.53 1.72 -38.87
N PRO D 60 -71.84 1.47 -38.85
CA PRO D 60 -72.74 1.85 -39.94
C PRO D 60 -72.86 3.36 -40.14
N VAL D 61 -73.19 3.74 -41.37
CA VAL D 61 -73.50 5.13 -41.71
C VAL D 61 -74.91 5.45 -41.25
N LYS D 62 -75.08 6.59 -40.60
CA LYS D 62 -76.38 7.06 -40.19
C LYS D 62 -76.47 8.55 -40.45
N ILE D 63 -77.46 8.97 -41.24
CA ILE D 63 -77.61 10.37 -41.59
C ILE D 63 -78.67 11.04 -40.71
N SER D 64 -78.27 12.07 -39.97
CA SER D 64 -79.19 12.71 -39.03
C SER D 64 -79.95 13.89 -39.64
N SER D 65 -79.29 14.64 -40.51
CA SER D 65 -79.89 15.83 -41.12
C SER D 65 -81.20 15.54 -41.83
N LYS D 66 -82.17 16.45 -41.68
CA LYS D 66 -83.41 16.37 -42.44
C LYS D 66 -83.16 17.04 -43.79
N VAL D 67 -83.68 16.46 -44.86
CA VAL D 67 -83.46 17.04 -46.19
C VAL D 67 -84.80 17.35 -46.85
N ASN D 68 -84.86 18.46 -47.57
CA ASN D 68 -86.11 18.96 -48.11
C ASN D 68 -86.54 18.29 -49.41
N ASP D 69 -86.26 16.99 -49.52
CA ASP D 69 -86.62 16.22 -50.70
C ASP D 69 -87.07 14.82 -50.29
N LYS D 70 -88.26 14.42 -50.73
CA LYS D 70 -88.82 13.14 -50.33
C LYS D 70 -88.05 11.97 -50.94
N GLN D 71 -87.65 12.10 -52.20
CA GLN D 71 -86.91 11.04 -52.88
C GLN D 71 -85.56 10.78 -52.20
N VAL D 72 -84.86 11.85 -51.85
CA VAL D 72 -83.56 11.72 -51.21
C VAL D 72 -83.72 11.30 -49.75
N SER D 73 -84.82 11.73 -49.12
CA SER D 73 -85.10 11.30 -47.75
C SER D 73 -85.25 9.79 -47.62
N GLU D 74 -85.91 9.17 -48.60
CA GLU D 74 -86.03 7.71 -48.62
C GLU D 74 -84.67 7.05 -48.83
N PHE D 75 -83.86 7.63 -49.71
CA PHE D 75 -82.53 7.09 -49.99
C PHE D 75 -81.66 7.13 -48.74
N LEU D 76 -81.87 8.16 -47.92
CA LEU D 76 -81.04 8.41 -46.74
C LEU D 76 -81.53 7.72 -45.46
N LYS D 77 -82.62 6.96 -45.55
CA LYS D 77 -83.17 6.29 -44.37
C LYS D 77 -82.15 5.31 -43.79
N ASP D 78 -82.28 5.00 -42.50
CA ASP D 78 -81.24 4.26 -41.79
C ASP D 78 -80.99 2.87 -42.35
N GLU D 79 -82.04 2.23 -42.87
CA GLU D 79 -81.94 0.85 -43.34
C GLU D 79 -81.11 0.77 -44.62
N ASN D 80 -81.11 1.85 -45.40
CA ASN D 80 -80.24 1.93 -46.57
C ASN D 80 -78.80 2.26 -46.20
N MET D 81 -78.64 3.22 -45.28
CA MET D 81 -77.33 3.77 -45.01
C MET D 81 -76.47 2.83 -44.17
N GLU D 82 -77.11 1.97 -43.38
CA GLU D 82 -76.35 1.06 -42.53
C GLU D 82 -75.68 -0.05 -43.33
N LYS D 83 -76.01 -0.13 -44.62
CA LYS D 83 -75.32 -1.05 -45.53
C LYS D 83 -73.91 -0.55 -45.83
N PHE D 84 -73.65 0.70 -45.50
CA PHE D 84 -72.34 1.32 -45.70
C PHE D 84 -71.68 1.59 -44.36
N ASN D 85 -70.35 1.73 -44.35
CA ASN D 85 -69.66 2.00 -43.08
C ASN D 85 -68.80 3.27 -43.14
N VAL D 86 -68.37 3.74 -41.96
CA VAL D 86 -67.73 5.04 -41.82
C VAL D 86 -66.20 4.99 -41.75
N LYS D 87 -65.61 3.88 -42.19
CA LYS D 87 -64.14 3.74 -42.21
C LYS D 87 -63.53 4.94 -42.91
N LEU D 88 -62.57 5.59 -42.25
CA LEU D 88 -62.02 6.87 -42.73
C LEU D 88 -61.62 6.82 -44.20
N GLY D 89 -62.32 7.60 -45.02
CA GLY D 89 -62.01 7.69 -46.44
C GLY D 89 -62.95 6.91 -47.34
N THR D 90 -63.70 5.98 -46.75
CA THR D 90 -64.66 5.19 -47.52
C THR D 90 -65.82 6.07 -47.98
N SER D 91 -66.19 5.95 -49.25
CA SER D 91 -67.27 6.77 -49.80
C SER D 91 -68.18 5.98 -50.72
N LYS D 92 -69.40 6.47 -50.88
CA LYS D 92 -70.37 5.94 -51.83
C LYS D 92 -71.18 7.11 -52.35
N HIS D 93 -71.61 7.05 -53.60
CA HIS D 93 -72.57 8.03 -54.09
C HIS D 93 -73.41 7.45 -55.22
N PHE D 94 -74.69 7.85 -55.23
CA PHE D 94 -75.68 7.34 -56.16
C PHE D 94 -76.35 8.47 -56.92
N TYR D 95 -76.60 8.27 -58.21
CA TYR D 95 -77.41 9.19 -58.98
C TYR D 95 -78.88 8.82 -58.87
N MET D 96 -79.74 9.82 -58.84
CA MET D 96 -81.18 9.60 -58.71
C MET D 96 -81.96 10.83 -59.13
N PHE D 97 -83.26 10.67 -59.32
CA PHE D 97 -84.13 11.82 -59.55
C PHE D 97 -84.69 12.33 -58.24
N ASN D 98 -84.78 13.65 -58.11
CA ASN D 98 -85.38 14.24 -56.92
C ASN D 98 -86.87 14.46 -57.14
N ASP D 99 -87.51 15.21 -56.24
CA ASP D 99 -88.95 15.43 -56.32
C ASP D 99 -89.36 16.17 -57.59
N ASN D 100 -88.48 17.03 -58.08
CA ASN D 100 -88.76 17.81 -59.28
C ASN D 100 -88.25 17.11 -60.54
N LYS D 101 -87.99 15.81 -60.41
CA LYS D 101 -87.52 14.97 -61.53
C LYS D 101 -86.20 15.46 -62.13
N ASN D 102 -85.39 16.12 -61.32
CA ASN D 102 -84.06 16.53 -61.74
C ASN D 102 -83.00 15.52 -61.31
N SER D 103 -81.98 15.36 -62.13
CA SER D 103 -80.88 14.44 -61.82
C SER D 103 -79.95 15.01 -60.76
N VAL D 104 -79.86 14.32 -59.62
CA VAL D 104 -78.93 14.70 -58.56
C VAL D 104 -78.07 13.50 -58.17
N ALA D 105 -77.02 13.73 -57.42
CA ALA D 105 -76.22 12.64 -56.88
C ALA D 105 -76.05 12.83 -55.38
N VAL D 106 -76.17 11.73 -54.63
CA VAL D 106 -76.13 11.79 -53.18
C VAL D 106 -75.17 10.75 -52.61
N GLY D 107 -74.37 11.14 -51.62
CA GLY D 107 -73.48 10.20 -50.99
C GLY D 107 -72.85 10.66 -49.69
N TYR D 108 -71.77 9.99 -49.30
CA TYR D 108 -71.11 10.28 -48.04
C TYR D 108 -69.61 10.00 -48.11
N VAL D 109 -68.86 10.53 -47.14
CA VAL D 109 -67.50 10.11 -46.90
C VAL D 109 -67.37 9.77 -45.41
N GLY D 110 -66.88 8.57 -45.12
CA GLY D 110 -66.69 8.15 -43.74
C GLY D 110 -65.59 8.95 -43.08
N CYS D 111 -65.78 9.31 -41.82
CA CYS D 111 -64.81 10.12 -41.09
C CYS D 111 -64.30 9.38 -39.85
N GLY D 112 -64.44 8.06 -39.86
CA GLY D 112 -63.92 7.23 -38.79
C GLY D 112 -64.80 7.13 -37.55
N SER D 113 -64.16 6.92 -36.41
CA SER D 113 -64.87 6.73 -35.15
C SER D 113 -64.34 7.66 -34.07
N VAL D 114 -63.35 8.46 -34.43
CA VAL D 114 -62.83 9.50 -33.54
C VAL D 114 -63.55 10.82 -33.81
N ALA D 115 -64.08 11.43 -32.76
CA ALA D 115 -64.91 12.62 -32.91
C ALA D 115 -64.11 13.83 -33.42
N ASP D 116 -62.81 13.82 -33.21
CA ASP D 116 -61.97 14.96 -33.60
C ASP D 116 -60.91 14.57 -34.62
N LEU D 117 -61.04 15.12 -35.82
CA LEU D 117 -60.12 14.81 -36.91
C LEU D 117 -58.81 15.56 -36.79
N SER D 118 -57.71 14.86 -37.08
CA SER D 118 -56.44 15.53 -37.29
C SER D 118 -56.44 16.08 -38.70
N GLU D 119 -55.43 16.87 -39.03
CA GLU D 119 -55.33 17.40 -40.39
C GLU D 119 -55.02 16.25 -41.37
N ALA D 120 -54.36 15.21 -40.87
CA ALA D 120 -54.06 14.03 -41.68
C ALA D 120 -55.35 13.29 -42.01
N ASP D 121 -56.22 13.14 -41.01
CA ASP D 121 -57.55 12.57 -41.22
C ASP D 121 -58.38 13.39 -42.20
N MET D 122 -58.39 14.71 -42.02
CA MET D 122 -59.19 15.59 -42.85
C MET D 122 -58.72 15.54 -44.30
N LYS D 123 -57.42 15.45 -44.50
CA LYS D 123 -56.86 15.32 -45.84
C LYS D 123 -57.31 14.03 -46.52
N ARG D 124 -57.43 12.95 -45.74
CA ARG D 124 -57.97 11.70 -46.25
C ARG D 124 -59.40 11.88 -46.74
N VAL D 125 -60.22 12.54 -45.92
CA VAL D 125 -61.61 12.86 -46.28
C VAL D 125 -61.69 13.67 -47.57
N VAL D 126 -60.93 14.76 -47.63
CA VAL D 126 -60.89 15.60 -48.82
C VAL D 126 -60.49 14.81 -50.07
N LEU D 127 -59.50 13.94 -49.93
CA LEU D 127 -59.01 13.14 -51.06
C LEU D 127 -60.11 12.25 -51.62
N SER D 128 -60.87 11.63 -50.71
CA SER D 128 -62.00 10.80 -51.09
C SER D 128 -63.07 11.63 -51.79
N LEU D 129 -63.23 12.88 -51.35
CA LEU D 129 -64.20 13.79 -51.95
C LEU D 129 -63.76 14.20 -53.35
N VAL D 130 -62.48 14.58 -53.46
CA VAL D 130 -61.92 15.03 -54.74
C VAL D 130 -62.01 13.94 -55.80
N THR D 131 -61.84 12.69 -55.38
CA THR D 131 -61.94 11.55 -56.29
C THR D 131 -63.33 11.47 -56.93
N MET D 132 -64.35 11.76 -56.14
CA MET D 132 -65.71 11.84 -56.69
C MET D 132 -65.85 13.01 -57.65
N LEU D 133 -65.22 14.13 -57.33
CA LEU D 133 -65.30 15.33 -58.16
C LEU D 133 -64.62 15.17 -59.51
N HIS D 134 -63.57 14.37 -59.56
CA HIS D 134 -62.84 14.17 -60.80
C HIS D 134 -63.57 13.25 -61.78
N ASP D 135 -64.66 12.67 -61.31
CA ASP D 135 -65.56 11.94 -62.20
C ASP D 135 -66.96 12.57 -62.20
N ASN D 136 -67.03 13.84 -61.79
CA ASN D 136 -68.30 14.56 -61.74
C ASN D 136 -68.38 15.63 -62.81
N LYS D 137 -69.55 15.74 -63.45
CA LYS D 137 -69.77 16.79 -64.44
C LYS D 137 -70.78 17.81 -63.95
N LEU D 138 -71.42 17.51 -62.82
CA LEU D 138 -72.44 18.41 -62.27
C LEU D 138 -71.82 19.73 -61.81
N SER D 139 -72.64 20.78 -61.73
CA SER D 139 -72.14 22.13 -61.53
C SER D 139 -72.04 22.53 -60.06
N LYS D 140 -72.63 21.73 -59.18
CA LYS D 140 -72.70 22.10 -57.77
C LYS D 140 -72.32 20.96 -56.84
N LEU D 141 -71.43 21.25 -55.89
CA LEU D 141 -71.15 20.34 -54.79
C LEU D 141 -71.69 20.93 -53.50
N THR D 142 -72.34 20.09 -52.71
CA THR D 142 -72.82 20.50 -51.39
C THR D 142 -72.28 19.55 -50.34
N VAL D 143 -71.65 20.12 -49.30
CA VAL D 143 -71.04 19.29 -48.27
C VAL D 143 -71.72 19.51 -46.91
N VAL D 144 -72.18 18.42 -46.31
CA VAL D 144 -72.89 18.49 -45.04
C VAL D 144 -72.05 17.94 -43.89
N PHE D 145 -71.60 18.81 -42.99
CA PHE D 145 -70.77 18.41 -41.86
C PHE D 145 -71.58 17.82 -40.71
N GLU D 146 -71.71 16.50 -40.68
CA GLU D 146 -72.33 15.83 -39.53
C GLU D 146 -71.23 15.39 -38.57
N ILE D 147 -70.10 16.09 -38.64
CA ILE D 147 -68.99 15.92 -37.73
C ILE D 147 -68.68 17.28 -37.09
N ASN D 148 -67.72 17.31 -36.16
CA ASN D 148 -67.35 18.54 -35.48
CA ASN D 148 -67.37 18.55 -35.50
C ASN D 148 -65.98 19.04 -35.91
N VAL D 149 -65.94 20.28 -36.41
CA VAL D 149 -64.68 20.90 -36.78
C VAL D 149 -64.64 22.35 -36.29
N ASP D 150 -63.46 22.82 -35.91
CA ASP D 150 -63.32 24.22 -35.50
C ASP D 150 -63.04 25.06 -36.74
N LYS D 151 -62.97 26.38 -36.55
CA LYS D 151 -62.81 27.33 -37.66
C LYS D 151 -61.54 27.07 -38.47
N ASN D 152 -60.43 26.79 -37.80
CA ASN D 152 -59.17 26.53 -38.48
C ASN D 152 -59.22 25.27 -39.35
N LEU D 153 -59.75 24.20 -38.80
CA LEU D 153 -59.84 22.94 -39.53
C LEU D 153 -60.81 23.07 -40.69
N PHE D 154 -61.85 23.88 -40.52
CA PHE D 154 -62.80 24.11 -41.59
C PHE D 154 -62.14 24.89 -42.71
N ARG D 155 -61.30 25.85 -42.34
CA ARG D 155 -60.55 26.60 -43.35
C ARG D 155 -59.55 25.67 -44.02
N PHE D 156 -58.97 24.76 -43.23
CA PHE D 156 -58.07 23.75 -43.77
C PHE D 156 -58.80 22.87 -44.78
N PHE D 157 -60.00 22.43 -44.42
CA PHE D 157 -60.83 21.60 -45.32
C PHE D 157 -61.02 22.27 -46.69
N LEU D 158 -61.31 23.56 -46.68
CA LEU D 158 -61.55 24.30 -47.92
C LEU D 158 -60.27 24.46 -48.73
N GLU D 159 -59.19 24.86 -48.05
CA GLU D 159 -57.88 25.01 -48.69
C GLU D 159 -57.46 23.73 -49.36
N THR D 160 -57.54 22.64 -48.61
CA THR D 160 -57.10 21.33 -49.09
C THR D 160 -57.96 20.92 -50.27
N LEU D 161 -59.27 21.10 -50.12
CA LEU D 161 -60.22 20.79 -51.19
C LEU D 161 -59.87 21.56 -52.46
N PHE D 162 -59.71 22.87 -52.34
CA PHE D 162 -59.36 23.69 -53.50
C PHE D 162 -58.05 23.21 -54.13
N TYR D 163 -57.06 22.94 -53.29
CA TYR D 163 -55.74 22.57 -53.77
C TYR D 163 -55.74 21.21 -54.47
N GLU D 164 -56.33 20.20 -53.83
CA GLU D 164 -56.34 18.86 -54.41
C GLU D 164 -57.27 18.75 -55.62
N TYR D 165 -58.33 19.55 -55.64
CA TYR D 165 -59.29 19.57 -56.74
C TYR D 165 -58.63 20.04 -58.03
N MET D 166 -57.78 21.05 -57.90
CA MET D 166 -57.11 21.67 -59.04
C MET D 166 -56.04 20.77 -59.66
N THR D 167 -56.06 20.64 -60.98
CA THR D 167 -55.05 19.85 -61.66
C THR D 167 -54.20 20.73 -62.58
N ASP D 168 -52.89 20.55 -62.49
CA ASP D 168 -51.92 21.38 -63.20
C ASP D 168 -51.63 20.82 -64.59
N GLU D 169 -52.17 21.50 -65.61
CA GLU D 169 -52.09 21.02 -66.97
C GLU D 169 -51.19 21.86 -67.89
N ARG D 170 -50.39 22.74 -67.29
CA ARG D 170 -49.51 23.65 -68.05
C ARG D 170 -48.60 22.94 -69.05
N PHE D 171 -48.17 21.72 -68.72
CA PHE D 171 -47.16 21.05 -69.54
C PHE D 171 -47.74 19.91 -70.37
N LYS D 172 -49.07 19.79 -70.31
CA LYS D 172 -49.79 18.84 -71.16
C LYS D 172 -50.12 19.51 -72.49
N SER D 173 -50.11 18.73 -73.57
CA SER D 173 -50.45 19.26 -74.88
C SER D 173 -51.92 18.97 -75.22
N ASN D 179 -64.64 13.92 -69.20
CA ASN D 179 -64.75 13.05 -68.05
C ASN D 179 -65.18 13.80 -66.79
N MET D 180 -64.92 15.12 -66.78
CA MET D 180 -65.29 15.98 -65.65
C MET D 180 -65.34 17.44 -66.06
N GLU D 181 -65.94 18.27 -65.21
CA GLU D 181 -65.84 19.70 -65.33
C GLU D 181 -65.83 20.33 -63.94
N TYR D 182 -65.21 21.49 -63.83
CA TYR D 182 -65.13 22.19 -62.54
C TYR D 182 -66.48 22.77 -62.14
N ILE D 183 -66.87 22.52 -60.90
CA ILE D 183 -68.12 23.04 -60.37
C ILE D 183 -68.13 24.56 -60.37
N LYS D 184 -69.34 25.14 -60.38
CA LYS D 184 -69.51 26.60 -60.34
C LYS D 184 -69.99 27.05 -58.97
N HIS D 185 -70.46 26.11 -58.16
CA HIS D 185 -71.01 26.40 -56.85
C HIS D 185 -70.57 25.40 -55.78
N LEU D 186 -70.29 25.89 -54.59
CA LEU D 186 -70.03 25.03 -53.44
C LEU D 186 -70.92 25.43 -52.28
N GLY D 187 -71.74 24.48 -51.80
CA GLY D 187 -72.56 24.70 -50.62
C GLY D 187 -72.03 23.95 -49.40
N VAL D 188 -72.06 24.61 -48.25
CA VAL D 188 -71.62 23.99 -47.02
C VAL D 188 -72.71 24.10 -45.95
N TYR D 189 -73.08 22.96 -45.37
CA TYR D 189 -73.96 22.94 -44.21
C TYR D 189 -73.16 22.58 -42.97
N ILE D 190 -73.15 23.46 -41.98
CA ILE D 190 -72.32 23.27 -40.82
C ILE D 190 -72.89 24.03 -39.63
N ASN D 191 -72.70 23.51 -38.43
CA ASN D 191 -73.22 24.16 -37.23
C ASN D 191 -72.54 25.50 -37.00
N ASN D 192 -73.32 26.50 -36.59
CA ASN D 192 -72.85 27.86 -36.44
C ASN D 192 -72.21 28.42 -37.70
N ALA D 193 -72.96 28.40 -38.80
CA ALA D 193 -72.46 28.79 -40.11
C ALA D 193 -71.93 30.22 -40.15
N ASP D 194 -72.59 31.12 -39.43
CA ASP D 194 -72.23 32.54 -39.45
C ASP D 194 -70.78 32.77 -39.06
N THR D 195 -70.27 31.98 -38.12
CA THR D 195 -68.92 32.19 -37.61
C THR D 195 -67.85 31.56 -38.52
N TYR D 196 -68.27 30.79 -39.52
CA TYR D 196 -67.33 30.13 -40.43
C TYR D 196 -67.22 30.88 -41.76
N LYS D 197 -68.19 31.74 -42.03
CA LYS D 197 -68.26 32.46 -43.30
C LYS D 197 -67.02 33.29 -43.59
N GLU D 198 -66.34 33.75 -42.55
CA GLU D 198 -65.16 34.60 -42.74
C GLU D 198 -63.92 33.79 -43.09
N GLU D 199 -64.02 32.47 -43.01
CA GLU D 199 -62.91 31.59 -43.34
C GLU D 199 -62.86 31.26 -44.82
N VAL D 200 -63.95 31.50 -45.54
CA VAL D 200 -64.05 31.09 -46.93
C VAL D 200 -63.08 31.82 -47.83
N GLU D 201 -63.08 33.16 -47.76
CA GLU D 201 -62.22 33.93 -48.66
C GLU D 201 -60.76 33.92 -48.20
N LYS D 202 -60.54 33.60 -46.93
CA LYS D 202 -59.18 33.40 -46.45
C LYS D 202 -58.67 32.08 -47.02
N ALA D 203 -59.54 31.08 -47.05
CA ALA D 203 -59.21 29.78 -47.62
C ALA D 203 -58.90 29.90 -49.10
N ARG D 204 -59.60 30.80 -49.80
CA ARG D 204 -59.38 30.96 -51.24
C ARG D 204 -58.04 31.65 -51.51
N VAL D 205 -57.63 32.52 -50.59
CA VAL D 205 -56.35 33.18 -50.69
C VAL D 205 -55.23 32.22 -50.32
N TYR D 206 -55.40 31.49 -49.23
CA TYR D 206 -54.40 30.52 -48.81
C TYR D 206 -54.23 29.45 -49.88
N TYR D 207 -55.33 29.11 -50.54
CA TYR D 207 -55.30 28.15 -51.63
C TYR D 207 -54.36 28.60 -52.74
N PHE D 208 -54.51 29.84 -53.20
CA PHE D 208 -53.73 30.22 -54.37
C PHE D 208 -52.27 30.41 -54.02
N GLY D 209 -52.00 30.94 -52.83
CA GLY D 209 -50.63 31.06 -52.34
C GLY D 209 -49.96 29.70 -52.33
N THR D 210 -50.68 28.69 -51.84
CA THR D 210 -50.19 27.33 -51.80
C THR D 210 -50.06 26.75 -53.20
N TYR D 211 -51.04 27.00 -54.04
CA TYR D 211 -51.04 26.47 -55.39
C TYR D 211 -50.01 27.16 -56.29
N TYR D 212 -49.80 28.46 -56.07
CA TYR D 212 -48.80 29.21 -56.81
C TYR D 212 -47.41 28.67 -56.49
N ALA D 213 -47.14 28.43 -55.21
CA ALA D 213 -45.86 27.86 -54.79
C ALA D 213 -45.69 26.50 -55.45
N SER D 214 -46.77 25.74 -55.47
CA SER D 214 -46.81 24.44 -56.12
C SER D 214 -46.46 24.49 -57.61
N GLN D 215 -46.99 25.49 -58.32
CA GLN D 215 -46.68 25.66 -59.75
C GLN D 215 -45.19 25.91 -60.00
N LEU D 216 -44.57 26.71 -59.13
CA LEU D 216 -43.16 27.02 -59.26
C LEU D 216 -42.30 25.78 -59.00
N ILE D 217 -42.64 25.03 -57.95
CA ILE D 217 -41.90 23.83 -57.59
C ILE D 217 -42.01 22.76 -58.68
N ALA D 218 -43.23 22.50 -59.14
CA ALA D 218 -43.46 21.48 -60.16
C ALA D 218 -42.86 21.86 -61.51
N ALA D 219 -42.67 23.16 -61.73
CA ALA D 219 -42.05 23.64 -62.95
C ALA D 219 -40.63 23.08 -63.07
N PRO D 220 -40.38 22.31 -64.15
CA PRO D 220 -39.09 21.65 -64.34
C PRO D 220 -37.94 22.66 -64.42
N SER D 221 -36.73 22.19 -64.19
CA SER D 221 -35.58 23.08 -64.10
C SER D 221 -35.21 23.74 -65.43
N ASN D 222 -35.69 23.20 -66.55
CA ASN D 222 -35.44 23.88 -67.82
C ASN D 222 -36.42 25.04 -68.01
N TYR D 223 -37.59 24.95 -67.40
CA TYR D 223 -38.53 26.07 -67.39
C TYR D 223 -38.23 27.03 -66.24
N CYS D 224 -38.09 26.48 -65.04
CA CYS D 224 -37.83 27.26 -63.85
C CYS D 224 -36.34 27.30 -63.50
N ASN D 225 -35.69 28.40 -63.88
CA ASN D 225 -34.27 28.62 -63.66
C ASN D 225 -34.09 29.91 -62.87
N PRO D 226 -32.84 30.26 -62.46
CA PRO D 226 -32.67 31.48 -61.67
C PRO D 226 -33.20 32.75 -62.31
N VAL D 227 -33.05 32.88 -63.63
CA VAL D 227 -33.54 34.06 -64.33
C VAL D 227 -35.06 34.06 -64.44
N SER D 228 -35.63 32.93 -64.88
CA SER D 228 -37.08 32.85 -65.08
C SER D 228 -37.84 32.90 -63.76
N LEU D 229 -37.27 32.33 -62.70
CA LEU D 229 -37.92 32.36 -61.39
C LEU D 229 -37.91 33.76 -60.82
N SER D 230 -36.82 34.50 -61.05
CA SER D 230 -36.73 35.86 -60.53
C SER D 230 -37.62 36.79 -61.35
N ASN D 231 -37.71 36.52 -62.65
CA ASN D 231 -38.67 37.23 -63.50
C ASN D 231 -40.09 37.06 -62.98
N ALA D 232 -40.45 35.82 -62.63
CA ALA D 232 -41.79 35.55 -62.12
C ALA D 232 -42.05 36.29 -60.82
N ALA D 233 -41.04 36.33 -59.95
CA ALA D 233 -41.13 37.03 -58.67
C ALA D 233 -41.43 38.51 -58.91
N VAL D 234 -40.74 39.10 -59.87
CA VAL D 234 -40.98 40.48 -60.27
C VAL D 234 -42.42 40.68 -60.73
N GLU D 235 -42.91 39.75 -61.55
CA GLU D 235 -44.26 39.83 -62.09
C GLU D 235 -45.30 39.69 -60.97
N LEU D 236 -44.99 38.87 -59.97
CA LEU D 236 -45.84 38.74 -58.80
C LEU D 236 -45.85 40.04 -58.01
N ALA D 237 -44.67 40.61 -57.81
CA ALA D 237 -44.52 41.88 -57.11
C ALA D 237 -45.32 42.99 -57.80
N GLN D 238 -45.29 43.00 -59.13
CA GLN D 238 -45.96 44.03 -59.91
C GLN D 238 -47.48 43.93 -59.77
N LYS D 239 -47.99 42.71 -59.70
CA LYS D 239 -49.43 42.47 -59.57
C LYS D 239 -49.93 42.80 -58.18
N LEU D 240 -49.06 42.70 -57.20
CA LEU D 240 -49.45 42.90 -55.80
C LEU D 240 -49.05 44.27 -55.30
N ASN D 241 -48.42 45.07 -56.17
CA ASN D 241 -47.88 46.37 -55.80
C ASN D 241 -46.90 46.29 -54.64
N LEU D 242 -46.08 45.24 -54.63
CA LEU D 242 -45.01 45.14 -53.66
C LEU D 242 -43.77 45.82 -54.20
N GLU D 243 -42.95 46.38 -53.32
CA GLU D 243 -41.63 46.84 -53.72
C GLU D 243 -40.78 45.63 -54.08
N TYR D 244 -39.93 45.77 -55.09
CA TYR D 244 -39.10 44.66 -55.53
C TYR D 244 -37.74 45.11 -56.02
N LYS D 245 -36.79 44.19 -55.94
CA LYS D 245 -35.43 44.41 -56.39
C LYS D 245 -34.79 43.06 -56.66
N ILE D 246 -34.15 42.93 -57.81
CA ILE D 246 -33.39 41.73 -58.14
C ILE D 246 -31.93 42.10 -58.24
N LEU D 247 -31.11 41.46 -57.41
CA LEU D 247 -29.69 41.74 -57.42
C LEU D 247 -28.96 40.74 -58.32
N GLY D 248 -28.21 41.28 -59.28
CA GLY D 248 -27.44 40.46 -60.20
C GLY D 248 -26.01 40.23 -59.72
N VAL D 249 -25.24 39.51 -60.51
CA VAL D 249 -23.89 39.08 -60.11
C VAL D 249 -22.98 40.24 -59.73
N LYS D 250 -23.01 41.32 -60.52
CA LYS D 250 -22.16 42.47 -60.26
C LYS D 250 -22.39 43.07 -58.86
N GLU D 251 -23.64 43.26 -58.48
CA GLU D 251 -23.92 43.83 -57.16
C GLU D 251 -23.75 42.77 -56.06
N LEU D 252 -23.88 41.51 -56.41
CA LEU D 252 -23.63 40.44 -55.43
C LEU D 252 -22.13 40.32 -55.15
N GLU D 253 -21.32 40.55 -56.18
CA GLU D 253 -19.87 40.59 -56.01
C GLU D 253 -19.48 41.75 -55.10
N GLU D 254 -20.11 42.90 -55.32
CA GLU D 254 -19.83 44.09 -54.54
C GLU D 254 -20.26 43.92 -53.09
N LEU D 255 -21.31 43.13 -52.87
CA LEU D 255 -21.74 42.79 -51.52
C LEU D 255 -20.93 41.62 -50.98
N LYS D 256 -20.08 41.07 -51.84
CA LYS D 256 -19.10 40.05 -51.47
C LYS D 256 -19.75 38.76 -50.95
N MET D 257 -20.82 38.33 -51.62
CA MET D 257 -21.49 37.09 -51.23
C MET D 257 -20.78 35.89 -51.85
N GLY D 258 -19.60 35.57 -51.33
CA GLY D 258 -18.77 34.51 -51.88
C GLY D 258 -19.36 33.11 -51.78
N ALA D 259 -20.09 32.84 -50.70
CA ALA D 259 -20.70 31.52 -50.51
C ALA D 259 -21.78 31.29 -51.56
N TYR D 260 -22.73 32.20 -51.65
CA TYR D 260 -23.81 32.15 -52.63
C TYR D 260 -23.28 32.06 -54.07
N LEU D 261 -22.38 32.95 -54.43
CA LEU D 261 -21.87 33.01 -55.80
C LEU D 261 -21.06 31.76 -56.17
N SER D 262 -20.39 31.15 -55.20
CA SER D 262 -19.60 29.95 -55.44
C SER D 262 -20.48 28.80 -55.93
N VAL D 263 -21.65 28.65 -55.34
CA VAL D 263 -22.59 27.60 -55.73
C VAL D 263 -23.04 27.78 -57.17
N GLY D 264 -23.24 29.03 -57.57
CA GLY D 264 -23.75 29.33 -58.90
C GLY D 264 -22.73 29.27 -60.03
N LYS D 265 -21.44 29.26 -59.70
CA LYS D 265 -20.36 29.38 -60.69
C LYS D 265 -20.52 28.46 -61.89
N GLY D 266 -20.94 27.22 -61.63
CA GLY D 266 -21.00 26.21 -62.66
C GLY D 266 -22.26 26.21 -63.52
N SER D 267 -23.15 27.15 -63.26
CA SER D 267 -24.41 27.22 -63.99
C SER D 267 -24.35 28.15 -65.20
N MET D 268 -25.12 27.84 -66.24
CA MET D 268 -25.25 28.72 -67.38
C MET D 268 -26.19 29.88 -67.06
N TYR D 269 -26.90 29.79 -65.94
CA TYR D 269 -27.79 30.87 -65.52
C TYR D 269 -27.15 31.70 -64.41
N PRO D 270 -27.09 33.02 -64.63
CA PRO D 270 -26.51 33.91 -63.62
C PRO D 270 -27.31 33.90 -62.32
N ASN D 271 -26.63 34.06 -61.19
CA ASN D 271 -27.32 34.14 -59.91
C ASN D 271 -28.24 35.35 -59.85
N LYS D 272 -29.42 35.17 -59.27
CA LYS D 272 -30.38 36.26 -59.07
C LYS D 272 -30.89 36.25 -57.63
N PHE D 273 -30.63 37.34 -56.91
CA PHE D 273 -31.08 37.46 -55.54
C PHE D 273 -32.41 38.21 -55.50
N ILE D 274 -33.46 37.52 -55.06
CA ILE D 274 -34.81 38.10 -55.01
C ILE D 274 -35.08 38.82 -53.69
N HIS D 275 -35.51 40.07 -53.79
CA HIS D 275 -35.89 40.84 -52.61
C HIS D 275 -37.19 41.59 -52.85
N LEU D 276 -38.28 41.06 -52.30
CA LEU D 276 -39.58 41.73 -52.34
C LEU D 276 -39.89 42.26 -50.96
N THR D 277 -40.65 43.36 -50.90
CA THR D 277 -40.99 43.97 -49.62
C THR D 277 -42.46 44.36 -49.54
N TYR D 278 -43.12 43.89 -48.50
CA TYR D 278 -44.43 44.41 -48.15
C TYR D 278 -44.28 45.38 -46.99
N LYS D 279 -44.80 46.61 -47.15
CA LYS D 279 -44.82 47.55 -46.03
C LYS D 279 -46.24 48.05 -45.77
N SER D 280 -46.67 47.97 -44.51
CA SER D 280 -48.01 48.42 -44.14
C SER D 280 -48.18 49.93 -44.32
N LYS D 281 -49.42 50.37 -44.45
CA LYS D 281 -49.73 51.79 -44.61
C LYS D 281 -49.47 52.57 -43.32
N GLY D 282 -49.86 51.99 -42.19
CA GLY D 282 -49.68 52.64 -40.91
C GLY D 282 -48.27 52.53 -40.36
N ASP D 283 -48.11 52.80 -39.07
CA ASP D 283 -46.79 52.68 -38.44
C ASP D 283 -46.33 51.23 -38.43
N VAL D 284 -45.03 51.03 -38.58
CA VAL D 284 -44.46 49.69 -38.58
C VAL D 284 -44.01 49.28 -37.19
N LYS D 285 -44.57 48.19 -36.67
CA LYS D 285 -44.27 47.78 -35.30
C LYS D 285 -43.47 46.49 -35.24
N LYS D 286 -43.43 45.77 -36.36
CA LYS D 286 -42.63 44.56 -36.46
C LYS D 286 -41.99 44.43 -37.84
N LYS D 287 -40.69 44.17 -37.87
CA LYS D 287 -39.98 43.93 -39.12
C LYS D 287 -39.59 42.47 -39.23
N ILE D 288 -40.02 41.82 -40.29
CA ILE D 288 -39.76 40.40 -40.50
C ILE D 288 -39.01 40.16 -41.80
N ALA D 289 -38.01 39.29 -41.76
CA ALA D 289 -37.38 38.79 -42.98
C ALA D 289 -37.69 37.31 -43.14
N LEU D 290 -38.22 36.95 -44.31
CA LEU D 290 -38.48 35.56 -44.64
C LEU D 290 -37.52 35.12 -45.74
N VAL D 291 -36.78 34.05 -45.48
CA VAL D 291 -35.71 33.58 -46.35
C VAL D 291 -35.99 32.18 -46.89
N GLY D 292 -36.02 32.03 -48.21
CA GLY D 292 -36.31 30.75 -48.79
C GLY D 292 -35.15 30.23 -49.62
N LYS D 293 -34.76 28.98 -49.39
CA LYS D 293 -33.74 28.34 -50.22
C LYS D 293 -34.24 28.24 -51.65
N GLY D 294 -33.43 28.71 -52.59
CA GLY D 294 -33.85 28.74 -53.98
C GLY D 294 -32.86 28.11 -54.94
N ILE D 295 -32.75 26.79 -54.88
CA ILE D 295 -31.93 26.05 -55.84
C ILE D 295 -32.84 25.46 -56.91
N THR D 296 -32.73 25.98 -58.12
CA THR D 296 -33.70 25.64 -59.14
C THR D 296 -33.41 24.24 -59.69
N PHE D 297 -32.17 23.80 -59.52
CA PHE D 297 -31.84 22.38 -59.68
C PHE D 297 -30.58 22.04 -58.92
N ASP D 298 -30.65 20.97 -58.15
CA ASP D 298 -29.53 20.51 -57.36
C ASP D 298 -28.98 19.20 -57.91
N SER D 299 -27.95 19.30 -58.74
CA SER D 299 -27.32 18.09 -59.26
C SER D 299 -26.45 17.49 -58.18
N GLY D 300 -26.03 18.34 -57.24
CA GLY D 300 -25.10 17.94 -56.21
C GLY D 300 -23.72 18.53 -56.45
N GLY D 301 -23.51 19.04 -57.66
CA GLY D 301 -22.20 19.53 -58.04
C GLY D 301 -21.25 18.37 -58.28
N TYR D 302 -19.96 18.59 -58.03
CA TYR D 302 -18.98 17.52 -58.21
C TYR D 302 -19.19 16.40 -57.21
N ASN D 303 -19.83 16.71 -56.08
CA ASN D 303 -20.38 15.67 -55.23
C ASN D 303 -21.74 15.23 -55.77
N LEU D 304 -21.73 14.75 -57.01
CA LEU D 304 -22.93 14.45 -57.77
C LEU D 304 -23.88 13.49 -57.05
N LYS D 305 -25.19 13.73 -57.19
CA LYS D 305 -26.19 12.82 -56.66
C LYS D 305 -26.24 11.55 -57.50
N ALA D 306 -25.34 10.60 -57.21
CA ALA D 306 -25.24 9.39 -58.00
C ALA D 306 -25.60 8.16 -57.19
N ALA D 307 -25.56 8.29 -55.87
CA ALA D 307 -25.85 7.18 -54.97
C ALA D 307 -27.32 6.74 -55.08
N PRO D 308 -27.57 5.45 -54.85
CA PRO D 308 -28.94 4.94 -54.83
C PRO D 308 -29.81 5.68 -53.83
N GLY D 309 -30.99 6.14 -54.26
CA GLY D 309 -31.89 6.83 -53.36
C GLY D 309 -31.69 8.34 -53.27
N SER D 310 -30.69 8.86 -54.00
CA SER D 310 -30.41 10.29 -53.96
C SER D 310 -31.44 11.09 -54.75
N MET D 311 -32.22 10.39 -55.58
CA MET D 311 -33.39 10.95 -56.26
C MET D 311 -33.12 12.25 -57.02
N ILE D 312 -32.13 12.20 -57.91
CA ILE D 312 -31.70 13.39 -58.63
C ILE D 312 -32.80 13.94 -59.53
N ASP D 313 -33.72 13.10 -59.97
CA ASP D 313 -34.77 13.55 -60.88
C ASP D 313 -35.85 14.33 -60.15
N LEU D 314 -35.69 14.47 -58.83
CA LEU D 314 -36.64 15.20 -58.00
C LEU D 314 -36.15 16.63 -57.74
N MET D 315 -34.88 16.90 -58.07
CA MET D 315 -34.21 18.08 -57.53
C MET D 315 -34.58 19.42 -58.18
N LYS D 316 -35.63 19.43 -58.99
CA LYS D 316 -36.26 20.70 -59.37
C LYS D 316 -36.97 21.32 -58.16
N PHE D 317 -37.18 20.51 -57.12
CA PHE D 317 -37.98 20.91 -55.96
C PHE D 317 -37.11 21.58 -54.90
N ASP D 318 -35.84 21.80 -55.23
CA ASP D 318 -34.87 22.29 -54.23
C ASP D 318 -35.01 23.80 -54.04
N MET D 319 -35.94 24.39 -54.77
CA MET D 319 -36.29 25.79 -54.56
C MET D 319 -37.66 25.92 -53.89
N SER D 320 -38.09 24.85 -53.23
CA SER D 320 -39.38 24.82 -52.52
C SER D 320 -39.47 25.88 -51.45
N GLY D 321 -38.36 26.17 -50.79
CA GLY D 321 -38.33 27.20 -49.77
C GLY D 321 -38.64 28.54 -50.39
N CYS D 322 -38.05 28.78 -51.56
CA CYS D 322 -38.27 30.03 -52.28
C CYS D 322 -39.74 30.17 -52.68
N ALA D 323 -40.33 29.07 -53.15
CA ALA D 323 -41.73 29.07 -53.55
C ALA D 323 -42.65 29.37 -52.36
N ALA D 324 -42.31 28.80 -51.21
CA ALA D 324 -43.10 29.01 -49.99
C ALA D 324 -43.11 30.49 -49.61
N VAL D 325 -41.96 31.14 -49.76
CA VAL D 325 -41.82 32.55 -49.43
C VAL D 325 -42.58 33.42 -50.41
N LEU D 326 -42.48 33.07 -51.69
CA LEU D 326 -43.18 33.81 -52.73
C LEU D 326 -44.69 33.60 -52.62
N GLY D 327 -45.11 32.42 -52.19
CA GLY D 327 -46.52 32.13 -52.04
C GLY D 327 -47.05 32.92 -50.86
N CYS D 328 -46.23 33.04 -49.83
CA CYS D 328 -46.54 33.87 -48.68
C CYS D 328 -46.63 35.34 -49.08
N ALA D 329 -45.79 35.75 -50.02
CA ALA D 329 -45.83 37.12 -50.51
C ALA D 329 -47.20 37.39 -51.12
N TYR D 330 -47.72 36.40 -51.84
CA TYR D 330 -49.04 36.55 -52.43
C TYR D 330 -50.09 36.74 -51.35
N CYS D 331 -50.11 35.86 -50.36
CA CYS D 331 -51.14 35.91 -49.32
C CYS D 331 -51.06 37.20 -48.52
N VAL D 332 -49.84 37.62 -48.19
CA VAL D 332 -49.63 38.83 -47.43
C VAL D 332 -49.98 40.09 -48.23
N GLY D 333 -49.61 40.08 -49.51
CA GLY D 333 -49.88 41.22 -50.38
C GLY D 333 -51.35 41.31 -50.74
N THR D 334 -52.08 40.22 -50.52
CA THR D 334 -53.50 40.17 -50.82
C THR D 334 -54.34 40.51 -49.59
N LEU D 335 -53.96 39.95 -48.45
CA LEU D 335 -54.69 40.16 -47.20
C LEU D 335 -54.30 41.47 -46.53
N LYS D 336 -53.12 41.97 -46.89
CA LYS D 336 -52.66 43.30 -46.48
C LYS D 336 -52.73 43.57 -44.97
N PRO D 337 -51.94 42.84 -44.18
CA PRO D 337 -51.93 43.07 -42.73
C PRO D 337 -51.40 44.45 -42.37
N GLU D 338 -51.69 44.89 -41.14
CA GLU D 338 -51.28 46.21 -40.67
C GLU D 338 -50.09 46.13 -39.70
N ASN D 339 -49.44 47.26 -39.50
CA ASN D 339 -48.36 47.41 -38.52
C ASN D 339 -47.16 46.50 -38.72
N VAL D 340 -46.96 46.01 -39.93
CA VAL D 340 -45.86 45.08 -40.17
C VAL D 340 -45.04 45.43 -41.42
N GLU D 341 -43.76 45.10 -41.40
CA GLU D 341 -42.92 45.24 -42.58
C GLU D 341 -42.21 43.92 -42.84
N ILE D 342 -42.49 43.32 -43.99
CA ILE D 342 -41.99 42.00 -44.31
C ILE D 342 -41.08 42.02 -45.52
N HIS D 343 -39.93 41.38 -45.39
CA HIS D 343 -39.03 41.20 -46.52
C HIS D 343 -39.02 39.74 -46.97
N PHE D 344 -39.24 39.53 -48.26
CA PHE D 344 -39.22 38.21 -48.86
C PHE D 344 -37.91 38.03 -49.62
N LEU D 345 -37.06 37.13 -49.14
CA LEU D 345 -35.72 36.99 -49.67
C LEU D 345 -35.46 35.61 -50.23
N SER D 346 -34.68 35.54 -51.31
CA SER D 346 -34.21 34.28 -51.83
C SER D 346 -32.97 34.45 -52.70
N ALA D 347 -31.87 33.82 -52.27
CA ALA D 347 -30.66 33.74 -53.06
C ALA D 347 -30.79 32.60 -54.05
N VAL D 348 -31.18 32.93 -55.27
CA VAL D 348 -31.48 31.91 -56.28
C VAL D 348 -30.29 31.60 -57.18
N CYS D 349 -30.03 30.31 -57.35
CA CYS D 349 -29.00 29.85 -58.28
C CYS D 349 -29.24 28.40 -58.66
N GLU D 350 -28.36 27.85 -59.49
CA GLU D 350 -28.45 26.47 -59.94
C GLU D 350 -27.12 25.77 -59.65
N ASN D 351 -27.17 24.57 -59.07
CA ASN D 351 -25.97 23.83 -58.66
C ASN D 351 -25.59 22.77 -59.69
N MET D 352 -24.57 23.04 -60.50
CA MET D 352 -24.29 22.24 -61.68
C MET D 352 -22.85 21.74 -61.78
N VAL D 353 -22.62 20.83 -62.74
CA VAL D 353 -21.31 20.26 -62.98
C VAL D 353 -20.72 20.84 -64.25
N SER D 354 -19.56 21.48 -64.12
CA SER D 354 -18.97 22.25 -65.19
C SER D 354 -17.47 22.43 -64.97
N LYS D 355 -16.78 22.95 -65.96
CA LYS D 355 -15.39 23.35 -65.77
C LYS D 355 -15.33 24.52 -64.78
N ASN D 356 -16.45 25.23 -64.67
CA ASN D 356 -16.53 26.46 -63.89
C ASN D 356 -17.07 26.27 -62.46
N SER D 357 -17.51 25.06 -62.12
CA SER D 357 -18.10 24.78 -60.81
C SER D 357 -17.12 24.95 -59.65
N TYR D 358 -17.66 25.20 -58.46
CA TYR D 358 -16.87 25.19 -57.24
C TYR D 358 -16.51 23.74 -56.94
N ARG D 359 -15.39 23.52 -56.26
CA ARG D 359 -14.87 22.17 -56.00
C ARG D 359 -14.96 21.82 -54.53
N PRO D 360 -15.13 20.52 -54.23
CA PRO D 360 -14.97 20.05 -52.86
C PRO D 360 -13.59 20.43 -52.35
N GLY D 361 -13.51 21.00 -51.15
CA GLY D 361 -12.23 21.42 -50.61
C GLY D 361 -11.96 22.90 -50.78
N ASP D 362 -12.66 23.54 -51.72
CA ASP D 362 -12.52 24.99 -51.93
C ASP D 362 -12.82 25.75 -50.65
N ILE D 363 -12.05 26.79 -50.39
CA ILE D 363 -12.32 27.67 -49.26
C ILE D 363 -12.89 28.97 -49.78
N ILE D 364 -14.10 29.29 -49.34
CA ILE D 364 -14.82 30.45 -49.85
C ILE D 364 -15.15 31.43 -48.72
N THR D 365 -15.32 32.69 -49.08
CA THR D 365 -15.50 33.74 -48.08
C THR D 365 -16.89 34.33 -48.16
N ALA D 366 -17.61 34.27 -47.04
CA ALA D 366 -18.96 34.82 -46.97
C ALA D 366 -18.94 36.34 -46.84
N SER D 367 -20.11 36.96 -46.99
CA SER D 367 -20.22 38.40 -46.97
C SER D 367 -19.97 39.00 -45.58
N ASN D 368 -20.06 38.18 -44.54
CA ASN D 368 -19.76 38.67 -43.19
C ASN D 368 -18.28 38.48 -42.85
N GLY D 369 -17.50 38.01 -43.81
CA GLY D 369 -16.06 37.88 -43.64
C GLY D 369 -15.56 36.48 -43.31
N LYS D 370 -16.47 35.57 -42.93
CA LYS D 370 -16.07 34.22 -42.54
C LYS D 370 -15.67 33.37 -43.74
N THR D 371 -14.56 32.66 -43.59
CA THR D 371 -14.10 31.73 -44.61
C THR D 371 -14.65 30.33 -44.32
N ILE D 372 -15.12 29.66 -45.37
CA ILE D 372 -15.81 28.39 -45.23
C ILE D 372 -15.12 27.30 -46.06
N GLU D 373 -14.74 26.21 -45.41
CA GLU D 373 -14.15 25.09 -46.14
C GLU D 373 -15.26 24.14 -46.61
N VAL D 374 -15.42 24.05 -47.92
CA VAL D 374 -16.44 23.20 -48.51
C VAL D 374 -16.00 21.75 -48.47
N GLY D 375 -16.73 20.92 -47.73
CA GLY D 375 -16.43 19.51 -47.63
C GLY D 375 -17.27 18.69 -48.59
N ASN D 376 -18.41 19.26 -48.99
CA ASN D 376 -19.36 18.57 -49.86
C ASN D 376 -20.14 19.58 -50.69
N THR D 377 -20.00 19.53 -52.00
CA THR D 377 -20.65 20.55 -52.84
C THR D 377 -22.15 20.35 -52.92
N ASP D 378 -22.66 19.24 -52.39
CA ASP D 378 -24.10 18.95 -52.38
C ASP D 378 -24.75 19.53 -51.13
N ALA D 379 -23.93 20.04 -50.21
CA ALA D 379 -24.44 20.80 -49.08
C ALA D 379 -24.44 22.29 -49.44
N GLU D 380 -25.01 22.61 -50.60
CA GLU D 380 -24.91 23.94 -51.17
C GLU D 380 -25.96 24.90 -50.63
N GLY D 381 -27.04 24.35 -50.09
CA GLY D 381 -28.14 25.16 -49.59
C GLY D 381 -27.71 26.10 -48.48
N ARG D 382 -27.00 25.56 -47.50
CA ARG D 382 -26.58 26.34 -46.35
C ARG D 382 -25.60 27.46 -46.73
N LEU D 383 -24.88 27.27 -47.82
CA LEU D 383 -23.95 28.27 -48.34
C LEU D 383 -24.71 29.48 -48.85
N THR D 384 -25.72 29.22 -49.68
CA THR D 384 -26.57 30.29 -50.20
C THR D 384 -27.31 30.97 -49.05
N LEU D 385 -27.80 30.16 -48.12
CA LEU D 385 -28.55 30.70 -46.98
C LEU D 385 -27.66 31.55 -46.10
N ALA D 386 -26.39 31.16 -45.96
CA ALA D 386 -25.44 31.91 -45.16
C ALA D 386 -25.36 33.36 -45.61
N ASP D 387 -25.22 33.58 -46.91
CA ASP D 387 -25.16 34.93 -47.43
C ASP D 387 -26.53 35.61 -47.37
N ALA D 388 -27.59 34.82 -47.54
CA ALA D 388 -28.95 35.36 -47.43
C ALA D 388 -29.22 35.86 -46.02
N LEU D 389 -28.80 35.08 -45.04
CA LEU D 389 -29.01 35.45 -43.64
C LEU D 389 -28.19 36.68 -43.27
N VAL D 390 -26.99 36.83 -43.83
CA VAL D 390 -26.17 38.02 -43.59
C VAL D 390 -26.88 39.24 -44.19
N TYR D 391 -27.45 39.06 -45.38
CA TYR D 391 -28.22 40.11 -46.02
C TYR D 391 -29.44 40.50 -45.16
N ALA D 392 -30.12 39.49 -44.61
CA ALA D 392 -31.35 39.72 -43.86
C ALA D 392 -31.10 40.48 -42.56
N GLU D 393 -30.04 40.12 -41.85
CA GLU D 393 -29.74 40.77 -40.58
C GLU D 393 -29.31 42.22 -40.77
N LYS D 394 -28.82 42.57 -41.95
CA LYS D 394 -28.44 43.95 -42.22
C LYS D 394 -29.67 44.84 -42.42
N LEU D 395 -30.84 44.22 -42.58
CA LEU D 395 -32.08 44.97 -42.76
C LEU D 395 -32.58 45.53 -41.43
N GLY D 396 -32.13 44.94 -40.33
CA GLY D 396 -32.58 45.35 -39.01
C GLY D 396 -33.99 44.92 -38.71
N VAL D 397 -34.22 43.61 -38.80
CA VAL D 397 -35.56 43.08 -38.57
C VAL D 397 -35.65 42.46 -37.18
N ASP D 398 -36.89 42.28 -36.69
CA ASP D 398 -37.08 41.67 -35.38
C ASP D 398 -36.96 40.16 -35.47
N TYR D 399 -37.36 39.60 -36.60
CA TYR D 399 -37.40 38.16 -36.80
C TYR D 399 -36.78 37.76 -38.13
N ILE D 400 -36.01 36.68 -38.13
CA ILE D 400 -35.57 36.07 -39.37
C ILE D 400 -36.02 34.61 -39.37
N VAL D 401 -36.86 34.25 -40.34
CA VAL D 401 -37.27 32.87 -40.51
C VAL D 401 -36.82 32.36 -41.87
N ASP D 402 -36.04 31.28 -41.89
CA ASP D 402 -35.68 30.68 -43.17
C ASP D 402 -36.36 29.33 -43.32
N ILE D 403 -36.66 28.96 -44.56
CA ILE D 403 -37.33 27.72 -44.86
C ILE D 403 -36.65 27.07 -46.07
N ALA D 404 -36.30 25.79 -45.94
CA ALA D 404 -35.40 25.19 -46.91
C ALA D 404 -35.48 23.66 -47.00
N THR D 405 -35.39 23.14 -48.22
CA THR D 405 -35.20 21.70 -48.43
C THR D 405 -33.71 21.39 -48.20
N LEU D 406 -33.30 21.42 -46.94
CA LEU D 406 -31.90 21.46 -46.58
C LEU D 406 -31.22 20.10 -46.37
N THR D 407 -31.83 19.20 -45.60
CA THR D 407 -31.15 17.93 -45.29
C THR D 407 -32.03 16.70 -45.44
N GLY D 408 -31.57 15.74 -46.22
CA GLY D 408 -32.28 14.50 -46.46
C GLY D 408 -32.54 13.71 -45.18
N ALA D 409 -31.71 13.95 -44.18
CA ALA D 409 -31.85 13.27 -42.89
C ALA D 409 -33.18 13.53 -42.20
N MET D 410 -33.91 14.55 -42.64
CA MET D 410 -35.25 14.82 -42.11
C MET D 410 -36.19 13.64 -42.36
N LEU D 411 -35.95 12.92 -43.45
CA LEU D 411 -36.70 11.71 -43.76
C LEU D 411 -36.53 10.65 -42.67
N TYR D 412 -35.39 10.67 -41.99
CA TYR D 412 -35.10 9.68 -40.96
C TYR D 412 -35.46 10.16 -39.57
N SER D 413 -35.74 11.46 -39.43
CA SER D 413 -36.08 12.00 -38.12
C SER D 413 -37.59 12.19 -37.98
N LEU D 414 -38.15 13.11 -38.76
CA LEU D 414 -39.59 13.38 -38.66
C LEU D 414 -40.37 12.74 -39.80
N GLY D 415 -39.71 12.43 -40.90
CA GLY D 415 -40.36 11.78 -42.02
C GLY D 415 -41.02 12.76 -42.98
N THR D 416 -42.09 12.32 -43.63
CA THR D 416 -42.69 13.08 -44.72
C THR D 416 -43.87 13.98 -44.33
N SER D 417 -44.27 13.95 -43.06
CA SER D 417 -45.43 14.74 -42.63
C SER D 417 -45.07 15.98 -41.82
N TYR D 418 -44.12 15.81 -40.91
CA TYR D 418 -43.73 16.89 -40.00
C TYR D 418 -42.41 17.52 -40.42
N ALA D 419 -42.37 18.85 -40.50
CA ALA D 419 -41.12 19.57 -40.74
C ALA D 419 -40.43 19.81 -39.42
N GLY D 420 -39.14 20.12 -39.48
CA GLY D 420 -38.40 20.42 -38.27
C GLY D 420 -38.10 21.91 -38.17
N VAL D 421 -38.21 22.45 -36.96
CA VAL D 421 -37.83 23.84 -36.75
C VAL D 421 -36.70 23.92 -35.74
N PHE D 422 -35.67 24.66 -36.08
CA PHE D 422 -34.52 24.89 -35.22
C PHE D 422 -34.42 26.40 -35.02
N GLY D 423 -33.76 26.85 -33.95
CA GLY D 423 -33.63 28.28 -33.74
C GLY D 423 -32.81 28.69 -32.54
N ASN D 424 -32.61 30.00 -32.41
CA ASN D 424 -31.79 30.56 -31.33
C ASN D 424 -32.61 31.37 -30.33
N ASN D 425 -33.93 31.31 -30.48
CA ASN D 425 -34.84 32.13 -29.67
C ASN D 425 -36.13 31.37 -29.40
N GLU D 426 -36.33 30.99 -28.14
CA GLU D 426 -37.47 30.19 -27.73
C GLU D 426 -38.81 30.84 -28.07
N GLU D 427 -38.87 32.17 -27.92
CA GLU D 427 -40.09 32.91 -28.21
C GLU D 427 -40.48 32.79 -29.68
N LEU D 428 -39.51 33.01 -30.57
CA LEU D 428 -39.77 32.90 -32.00
C LEU D 428 -40.19 31.48 -32.39
N ILE D 429 -39.57 30.47 -31.77
CA ILE D 429 -39.92 29.08 -32.04
C ILE D 429 -41.36 28.78 -31.65
N ASN D 430 -41.74 29.19 -30.44
CA ASN D 430 -43.12 29.02 -29.97
C ASN D 430 -44.12 29.70 -30.90
N LYS D 431 -43.74 30.85 -31.46
CA LYS D 431 -44.58 31.54 -32.42
C LYS D 431 -44.73 30.73 -33.69
N ILE D 432 -43.65 30.06 -34.10
CA ILE D 432 -43.68 29.18 -35.25
C ILE D 432 -44.57 27.96 -34.97
N LEU D 433 -44.42 27.39 -33.79
CA LEU D 433 -45.20 26.23 -33.41
C LEU D 433 -46.68 26.59 -33.31
N GLN D 434 -46.98 27.78 -32.78
CA GLN D 434 -48.36 28.23 -32.71
C GLN D 434 -48.92 28.43 -34.12
N SER D 435 -48.09 28.95 -35.02
CA SER D 435 -48.49 29.13 -36.40
C SER D 435 -48.71 27.78 -37.09
N SER D 436 -47.95 26.78 -36.68
CA SER D 436 -48.13 25.43 -37.21
C SER D 436 -49.50 24.87 -36.84
N LYS D 437 -49.95 25.17 -35.62
CA LYS D 437 -51.24 24.68 -35.15
C LYS D 437 -52.42 25.33 -35.87
N THR D 438 -52.35 26.65 -36.08
CA THR D 438 -53.48 27.34 -36.68
C THR D 438 -53.48 27.21 -38.20
N SER D 439 -52.33 26.89 -38.78
CA SER D 439 -52.25 26.71 -40.23
C SER D 439 -52.41 25.25 -40.62
N ASN D 440 -52.31 24.36 -39.63
CA ASN D 440 -52.37 22.91 -39.84
C ASN D 440 -51.30 22.39 -40.82
N GLU D 441 -50.17 23.09 -40.87
CA GLU D 441 -48.98 22.57 -41.52
C GLU D 441 -48.01 22.15 -40.40
N PRO D 442 -47.93 20.84 -40.14
CA PRO D 442 -47.27 20.32 -38.94
C PRO D 442 -45.75 20.52 -38.93
N VAL D 443 -45.26 20.95 -37.77
CA VAL D 443 -43.86 21.26 -37.56
C VAL D 443 -43.48 20.83 -36.13
N TRP D 444 -42.27 20.30 -35.95
CA TRP D 444 -41.80 19.88 -34.63
C TRP D 444 -40.50 20.60 -34.28
N TRP D 445 -40.40 21.04 -33.03
CA TRP D 445 -39.20 21.70 -32.54
C TRP D 445 -38.07 20.70 -32.31
N LEU D 446 -36.96 20.90 -33.03
CA LEU D 446 -35.76 20.09 -32.87
C LEU D 446 -34.61 20.92 -32.28
N PRO D 447 -33.69 20.28 -31.56
CA PRO D 447 -32.66 21.04 -30.83
C PRO D 447 -31.44 21.40 -31.67
N ILE D 448 -30.84 22.53 -31.32
CA ILE D 448 -29.52 22.87 -31.80
C ILE D 448 -28.55 22.50 -30.67
N ILE D 449 -27.89 21.36 -30.84
CA ILE D 449 -27.05 20.82 -29.78
C ILE D 449 -25.64 21.38 -29.89
N ASN D 450 -25.28 22.22 -28.92
CA ASN D 450 -24.01 22.95 -28.94
C ASN D 450 -22.78 22.07 -28.87
N GLU D 451 -22.94 20.86 -28.33
CA GLU D 451 -21.82 19.94 -28.20
C GLU D 451 -21.31 19.48 -29.57
N TYR D 452 -22.13 19.62 -30.60
CA TYR D 452 -21.73 19.23 -31.95
C TYR D 452 -20.97 20.35 -32.68
N ARG D 453 -20.98 21.56 -32.12
CA ARG D 453 -20.37 22.71 -32.79
C ARG D 453 -18.91 22.49 -33.15
N ALA D 454 -18.17 21.81 -32.26
CA ALA D 454 -16.74 21.59 -32.44
C ALA D 454 -16.43 20.80 -33.72
N THR D 455 -17.42 20.08 -34.24
CA THR D 455 -17.20 19.29 -35.45
C THR D 455 -17.11 20.18 -36.69
N LEU D 456 -17.41 21.47 -36.52
CA LEU D 456 -17.35 22.42 -37.62
C LEU D 456 -16.06 23.25 -37.60
N ASN D 457 -15.19 22.98 -36.63
CA ASN D 457 -13.91 23.67 -36.57
C ASN D 457 -12.98 23.20 -37.69
N SER D 458 -12.70 24.09 -38.63
CA SER D 458 -11.83 23.76 -39.75
C SER D 458 -10.36 23.91 -39.37
N LYS D 459 -9.52 23.07 -39.95
CA LYS D 459 -8.08 23.20 -39.76
C LYS D 459 -7.58 24.52 -40.38
N TYR D 460 -8.19 24.91 -41.49
CA TYR D 460 -7.67 26.05 -42.27
C TYR D 460 -8.63 27.24 -42.37
N ALA D 461 -9.91 26.97 -42.59
CA ALA D 461 -10.89 28.04 -42.75
C ALA D 461 -11.45 28.44 -41.39
N ASP D 462 -12.27 29.48 -41.35
CA ASP D 462 -12.92 29.88 -40.11
C ASP D 462 -13.83 28.76 -39.61
N ILE D 463 -14.48 28.10 -40.55
CA ILE D 463 -15.44 27.07 -40.20
C ILE D 463 -15.60 26.05 -41.33
N ASN D 464 -15.92 24.82 -40.97
CA ASN D 464 -16.31 23.80 -41.94
C ASN D 464 -17.75 23.96 -42.39
N GLN D 465 -18.00 23.68 -43.66
CA GLN D 465 -19.35 23.64 -44.21
C GLN D 465 -20.15 22.50 -43.58
N ILE D 466 -19.54 21.32 -43.55
CA ILE D 466 -20.17 20.13 -42.98
C ILE D 466 -19.30 19.44 -41.94
N SER D 467 -19.85 18.41 -41.33
CA SER D 467 -19.11 17.56 -40.42
C SER D 467 -18.50 16.39 -41.18
N SER D 468 -17.50 15.75 -40.57
CA SER D 468 -16.93 14.55 -41.15
C SER D 468 -17.64 13.31 -40.60
N SER D 469 -18.17 13.43 -39.39
CA SER D 469 -18.64 12.26 -38.64
C SER D 469 -20.07 12.35 -38.11
N VAL D 470 -20.39 13.48 -37.48
CA VAL D 470 -21.57 13.67 -36.61
C VAL D 470 -22.87 12.88 -36.91
N LYS D 471 -23.16 12.65 -38.19
CA LYS D 471 -24.39 11.96 -38.64
C LYS D 471 -25.69 12.77 -38.42
N ALA D 472 -25.77 13.53 -37.33
CA ALA D 472 -26.93 14.37 -37.08
C ALA D 472 -26.89 15.62 -37.97
N SER D 473 -27.05 15.43 -39.28
CA SER D 473 -26.71 16.49 -40.22
C SER D 473 -27.69 17.66 -40.22
N SER D 474 -28.95 17.42 -39.86
CA SER D 474 -29.93 18.50 -39.78
C SER D 474 -29.58 19.49 -38.67
N ILE D 475 -29.06 18.97 -37.56
CA ILE D 475 -28.64 19.80 -36.45
C ILE D 475 -27.32 20.52 -36.77
N VAL D 476 -26.41 19.78 -37.38
CA VAL D 476 -25.11 20.33 -37.76
C VAL D 476 -25.28 21.49 -38.75
N ALA D 477 -26.18 21.31 -39.71
CA ALA D 477 -26.52 22.36 -40.65
C ALA D 477 -27.08 23.59 -39.93
N SER D 478 -27.91 23.35 -38.91
CA SER D 478 -28.49 24.43 -38.12
C SER D 478 -27.41 25.20 -37.38
N LEU D 479 -26.43 24.47 -36.86
CA LEU D 479 -25.27 25.08 -36.22
C LEU D 479 -24.45 25.91 -37.20
N PHE D 480 -24.37 25.46 -38.46
CA PHE D 480 -23.65 26.23 -39.48
C PHE D 480 -24.37 27.55 -39.76
N LEU D 481 -25.66 27.47 -40.02
CA LEU D 481 -26.48 28.66 -40.30
C LEU D 481 -26.49 29.63 -39.12
N LYS D 482 -26.50 29.08 -37.91
CA LYS D 482 -26.52 29.89 -36.70
C LYS D 482 -25.32 30.85 -36.64
N GLU D 483 -24.19 30.42 -37.21
CA GLU D 483 -22.96 31.21 -37.20
C GLU D 483 -23.08 32.51 -38.00
N PHE D 484 -24.11 32.62 -38.82
CA PHE D 484 -24.27 33.78 -39.69
C PHE D 484 -25.42 34.68 -39.23
N VAL D 485 -25.92 34.43 -38.02
CA VAL D 485 -26.92 35.29 -37.38
C VAL D 485 -26.37 35.72 -36.02
N GLN D 486 -26.04 36.99 -35.88
CA GLN D 486 -25.25 37.43 -34.73
C GLN D 486 -26.08 37.91 -33.54
N ASN D 487 -27.11 38.72 -33.78
CA ASN D 487 -27.94 39.19 -32.67
C ASN D 487 -29.37 39.50 -33.09
N THR D 488 -29.97 38.55 -33.80
CA THR D 488 -31.37 38.63 -34.20
C THR D 488 -32.04 37.30 -33.91
N ALA D 489 -33.29 37.34 -33.45
CA ALA D 489 -34.08 36.13 -33.27
C ALA D 489 -34.22 35.42 -34.61
N TRP D 490 -33.86 34.13 -34.65
CA TRP D 490 -33.81 33.40 -35.89
C TRP D 490 -34.28 31.95 -35.75
N ALA D 491 -35.13 31.52 -36.67
CA ALA D 491 -35.58 30.14 -36.73
C ALA D 491 -35.40 29.57 -38.13
N HIS D 492 -35.26 28.25 -38.21
CA HIS D 492 -34.93 27.59 -39.46
C HIS D 492 -35.88 26.41 -39.65
N ILE D 493 -36.65 26.43 -40.73
CA ILE D 493 -37.59 25.35 -41.01
C ILE D 493 -37.07 24.44 -42.12
N ASP D 494 -36.75 23.21 -41.76
CA ASP D 494 -36.23 22.24 -42.72
C ASP D 494 -37.39 21.43 -43.31
N ILE D 495 -37.69 21.67 -44.59
CA ILE D 495 -38.82 21.03 -45.24
C ILE D 495 -38.38 19.99 -46.28
N ALA D 496 -37.16 19.48 -46.14
CA ALA D 496 -36.63 18.52 -47.09
C ALA D 496 -37.48 17.24 -47.17
N GLY D 497 -38.00 16.81 -46.02
CA GLY D 497 -38.80 15.60 -45.98
C GLY D 497 -40.27 15.80 -46.33
N VAL D 498 -40.78 17.01 -46.15
CA VAL D 498 -42.22 17.25 -46.27
C VAL D 498 -42.65 17.98 -47.54
N SER D 499 -41.70 18.51 -48.30
CA SER D 499 -42.04 19.39 -49.41
C SER D 499 -42.78 18.66 -50.53
N TRP D 500 -42.33 17.46 -50.84
CA TRP D 500 -42.86 16.70 -51.96
C TRP D 500 -43.81 15.59 -51.52
N ASN D 501 -44.95 15.50 -52.20
CA ASN D 501 -45.90 14.43 -51.96
C ASN D 501 -45.56 13.25 -52.85
N PHE D 502 -44.82 12.28 -52.31
CA PHE D 502 -44.30 11.18 -53.11
C PHE D 502 -45.42 10.27 -53.64
N LYS D 503 -46.44 10.05 -52.83
CA LYS D 503 -47.53 9.16 -53.23
C LYS D 503 -48.35 9.78 -54.35
N ALA D 504 -48.51 11.10 -54.32
CA ALA D 504 -49.32 11.80 -55.31
C ALA D 504 -48.48 12.36 -56.46
N ARG D 505 -47.16 12.27 -56.32
CA ARG D 505 -46.22 12.76 -57.33
C ARG D 505 -46.38 14.24 -57.63
N LYS D 506 -46.48 15.06 -56.59
CA LYS D 506 -46.67 16.49 -56.77
C LYS D 506 -46.21 17.25 -55.52
N PRO D 507 -46.01 18.58 -55.64
CA PRO D 507 -45.63 19.32 -54.44
C PRO D 507 -46.79 19.46 -53.46
N LYS D 508 -46.49 19.80 -52.22
CA LYS D 508 -47.54 20.18 -51.27
C LYS D 508 -47.66 21.70 -51.17
N GLY D 509 -46.66 22.41 -51.69
CA GLY D 509 -46.57 23.84 -51.49
C GLY D 509 -46.46 24.14 -50.00
N PHE D 510 -45.80 23.22 -49.29
CA PHE D 510 -45.67 23.30 -47.84
C PHE D 510 -45.01 24.59 -47.39
N GLY D 511 -45.59 25.24 -46.40
CA GLY D 511 -44.96 26.40 -45.78
C GLY D 511 -45.65 27.72 -46.05
N VAL D 512 -46.38 27.81 -47.15
CA VAL D 512 -47.08 29.04 -47.50
C VAL D 512 -48.01 29.50 -46.37
N ARG D 513 -48.85 28.57 -45.92
CA ARG D 513 -49.86 28.92 -44.93
C ARG D 513 -49.24 29.07 -43.54
N LEU D 514 -48.22 28.25 -43.26
CA LEU D 514 -47.46 28.34 -42.02
C LEU D 514 -46.85 29.73 -41.84
N LEU D 515 -46.16 30.21 -42.86
CA LEU D 515 -45.48 31.50 -42.80
C LEU D 515 -46.48 32.65 -42.75
N THR D 516 -47.60 32.50 -43.46
CA THR D 516 -48.60 33.55 -43.52
C THR D 516 -49.32 33.72 -42.19
N GLU D 517 -49.68 32.60 -41.56
CA GLU D 517 -50.27 32.65 -40.22
C GLU D 517 -49.29 33.28 -39.23
N PHE D 518 -48.00 33.04 -39.44
CA PHE D 518 -46.97 33.60 -38.58
C PHE D 518 -46.93 35.13 -38.64
N VAL D 519 -47.00 35.70 -39.83
CA VAL D 519 -46.95 37.14 -39.97
C VAL D 519 -48.31 37.81 -39.68
N LEU D 520 -49.40 37.08 -39.91
CA LEU D 520 -50.75 37.64 -39.72
C LEU D 520 -51.15 37.72 -38.27
N ASN D 521 -50.86 36.67 -37.52
CA ASN D 521 -51.19 36.62 -36.10
C ASN D 521 -49.94 36.80 -35.24
N SER E 5 -0.18 33.67 -67.65
CA SER E 5 0.23 34.11 -66.32
C SER E 5 -0.94 34.72 -65.55
N GLU E 6 -1.95 35.19 -66.27
CA GLU E 6 -3.14 35.75 -65.62
C GLU E 6 -4.14 34.64 -65.27
N VAL E 7 -4.52 34.57 -64.00
CA VAL E 7 -5.46 33.55 -63.55
C VAL E 7 -6.89 33.90 -63.94
N PRO E 8 -7.52 33.05 -64.76
CA PRO E 8 -8.91 33.27 -65.14
C PRO E 8 -9.86 33.15 -63.94
N GLN E 9 -10.95 33.91 -63.96
CA GLN E 9 -11.94 33.89 -62.89
C GLN E 9 -13.35 33.65 -63.43
N VAL E 10 -14.21 33.03 -62.62
CA VAL E 10 -15.61 32.91 -62.98
C VAL E 10 -16.36 34.14 -62.43
N VAL E 11 -16.14 34.43 -61.16
CA VAL E 11 -16.63 35.66 -60.56
C VAL E 11 -15.44 36.45 -60.01
N SER E 12 -15.67 37.71 -59.68
CA SER E 12 -14.56 38.59 -59.29
C SER E 12 -13.99 38.23 -57.91
N LEU E 13 -14.71 37.41 -57.16
CA LEU E 13 -14.28 37.03 -55.82
C LEU E 13 -13.31 35.85 -55.85
N ASP E 14 -13.10 35.28 -57.04
CA ASP E 14 -12.17 34.16 -57.18
C ASP E 14 -10.74 34.63 -56.95
N PRO E 15 -9.98 33.88 -56.12
CA PRO E 15 -8.59 34.23 -55.84
C PRO E 15 -7.70 34.08 -57.09
N THR E 16 -6.73 34.98 -57.24
CA THR E 16 -5.89 34.99 -58.42
C THR E 16 -4.45 34.60 -58.13
N SER E 17 -4.19 34.18 -56.89
CA SER E 17 -2.87 33.67 -56.54
C SER E 17 -2.94 32.81 -55.29
N ILE E 18 -1.84 32.14 -54.97
CA ILE E 18 -1.74 31.36 -53.74
C ILE E 18 -1.05 32.19 -52.67
N PRO E 19 -1.71 32.36 -51.52
CA PRO E 19 -0.99 33.05 -50.46
C PRO E 19 0.15 32.18 -49.94
N ILE E 20 1.34 32.76 -49.78
CA ILE E 20 2.51 32.03 -49.31
C ILE E 20 3.19 32.78 -48.17
N GLU E 21 3.49 32.07 -47.09
CA GLU E 21 4.31 32.63 -46.02
C GLU E 21 5.76 32.22 -46.22
N TYR E 22 6.64 33.19 -46.39
CA TYR E 22 8.06 32.91 -46.51
C TYR E 22 8.77 33.11 -45.17
N ASN E 23 8.45 34.19 -44.48
CA ASN E 23 9.03 34.50 -43.18
C ASN E 23 8.15 33.98 -42.04
N THR E 24 8.50 32.82 -41.50
CA THR E 24 7.72 32.20 -40.43
C THR E 24 8.34 32.53 -39.07
N PRO E 25 7.56 32.40 -37.99
CA PRO E 25 8.13 32.62 -36.66
C PRO E 25 9.26 31.64 -36.31
N ILE E 26 9.27 30.48 -36.97
CA ILE E 26 10.33 29.50 -36.75
C ILE E 26 11.69 30.11 -37.09
N HIS E 27 11.71 30.99 -38.09
CA HIS E 27 12.94 31.63 -38.50
C HIS E 27 13.43 32.66 -37.47
N ASP E 28 12.58 33.02 -36.53
CA ASP E 28 12.97 33.96 -35.47
C ASP E 28 13.50 33.25 -34.22
N ILE E 29 13.44 31.92 -34.21
CA ILE E 29 13.88 31.16 -33.06
C ILE E 29 15.41 31.03 -33.02
N LYS E 30 16.02 31.49 -31.95
CA LYS E 30 17.47 31.36 -31.76
C LYS E 30 17.79 30.05 -31.06
N VAL E 31 18.52 29.19 -31.75
CA VAL E 31 18.84 27.85 -31.25
C VAL E 31 20.26 27.75 -30.73
N GLN E 32 20.39 27.32 -29.48
CA GLN E 32 21.69 27.09 -28.85
C GLN E 32 21.84 25.63 -28.47
N VAL E 33 22.96 25.02 -28.86
CA VAL E 33 23.21 23.63 -28.51
C VAL E 33 24.34 23.50 -27.48
N TYR E 34 24.04 22.94 -26.32
CA TYR E 34 25.01 22.79 -25.25
C TYR E 34 25.33 21.33 -24.98
N ASP E 35 26.53 21.07 -24.46
CA ASP E 35 26.90 19.72 -24.06
C ASP E 35 26.27 19.42 -22.71
N ILE E 36 25.80 18.19 -22.56
CA ILE E 36 25.11 17.79 -21.34
C ILE E 36 26.08 17.70 -20.16
N LYS E 37 27.37 17.58 -20.46
CA LYS E 37 28.40 17.58 -19.43
C LYS E 37 28.61 19.01 -18.95
N GLY E 38 28.80 19.17 -17.64
CA GLY E 38 28.88 20.50 -17.06
C GLY E 38 27.56 20.88 -16.39
N GLY E 39 26.54 20.05 -16.60
CA GLY E 39 25.24 20.28 -15.98
C GLY E 39 24.36 21.24 -16.75
N CYS E 40 23.07 21.19 -16.47
CA CYS E 40 22.10 22.02 -17.17
C CYS E 40 21.67 23.20 -16.32
N ASN E 41 21.61 24.38 -16.92
CA ASN E 41 21.04 25.54 -16.27
C ASN E 41 19.53 25.60 -16.53
N VAL E 42 18.77 25.81 -15.47
CA VAL E 42 17.33 26.03 -15.59
C VAL E 42 17.00 27.41 -15.04
N GLU E 43 16.95 28.40 -15.91
CA GLU E 43 16.80 29.79 -15.49
C GLU E 43 15.43 30.36 -15.88
N GLU E 44 14.91 29.93 -17.01
CA GLU E 44 13.64 30.45 -17.51
C GLU E 44 12.90 29.49 -18.44
N GLY E 45 11.66 29.85 -18.78
CA GLY E 45 10.88 29.13 -19.76
C GLY E 45 10.52 27.70 -19.40
N LEU E 46 10.48 26.83 -20.41
CA LEU E 46 10.12 25.44 -20.23
C LEU E 46 11.30 24.53 -20.48
N THR E 47 11.61 23.66 -19.53
CA THR E 47 12.69 22.70 -19.71
C THR E 47 12.12 21.29 -19.73
N ILE E 48 12.36 20.57 -20.82
CA ILE E 48 11.83 19.23 -20.99
C ILE E 48 12.94 18.19 -21.16
N PHE E 49 12.92 17.17 -20.31
CA PHE E 49 13.85 16.06 -20.40
C PHE E 49 13.23 14.94 -21.24
N LEU E 50 13.94 14.52 -22.28
CA LEU E 50 13.53 13.36 -23.07
C LEU E 50 14.08 12.10 -22.44
N VAL E 51 13.20 11.26 -21.89
CA VAL E 51 13.61 10.16 -21.03
C VAL E 51 13.03 8.80 -21.44
N ASN E 52 13.86 7.76 -21.43
CA ASN E 52 13.34 6.41 -21.59
C ASN E 52 13.62 5.54 -20.37
N ASN E 53 13.27 4.26 -20.47
CA ASN E 53 13.62 3.28 -19.45
C ASN E 53 13.72 1.90 -20.06
N PRO E 54 14.90 1.55 -20.61
CA PRO E 54 15.10 0.24 -21.26
C PRO E 54 14.93 -0.91 -20.29
N LYS E 56 11.24 -1.08 -16.73
CA LYS E 56 11.29 -1.29 -18.17
C LYS E 56 10.05 -0.72 -18.87
N GLU E 57 9.20 -1.60 -19.39
CA GLU E 57 8.01 -1.17 -20.11
C GLU E 57 7.09 -0.35 -19.22
N ASN E 58 6.80 0.89 -19.65
CA ASN E 58 6.04 1.85 -18.85
C ASN E 58 6.68 2.06 -17.48
N GLY E 59 8.00 1.97 -17.44
CA GLY E 59 8.74 2.11 -16.20
C GLY E 59 8.80 3.54 -15.73
N PRO E 60 9.32 3.77 -14.51
CA PRO E 60 9.33 5.08 -13.86
C PRO E 60 10.28 6.07 -14.53
N VAL E 61 9.97 7.36 -14.44
CA VAL E 61 10.86 8.40 -14.92
C VAL E 61 12.06 8.54 -14.00
N LYS E 62 13.24 8.71 -14.58
CA LYS E 62 14.44 8.96 -13.80
C LYS E 62 15.36 9.93 -14.55
N ILE E 63 15.64 11.07 -13.92
CA ILE E 63 16.50 12.08 -14.53
C ILE E 63 17.95 11.89 -14.13
N SER E 64 18.83 11.77 -15.11
CA SER E 64 20.25 11.51 -14.86
C SER E 64 21.12 12.77 -14.84
N SER E 65 20.76 13.75 -15.67
CA SER E 65 21.55 14.99 -15.80
C SER E 65 21.57 15.81 -14.52
N LYS E 66 22.74 16.31 -14.16
CA LYS E 66 22.86 17.22 -13.04
C LYS E 66 22.28 18.57 -13.42
N VAL E 67 21.43 19.13 -12.57
CA VAL E 67 20.82 20.43 -12.83
C VAL E 67 21.41 21.46 -11.88
N ASN E 68 21.95 22.53 -12.44
CA ASN E 68 22.69 23.52 -11.65
C ASN E 68 21.78 24.47 -10.86
N ASP E 69 20.58 24.01 -10.54
CA ASP E 69 19.64 24.75 -9.72
C ASP E 69 19.14 23.82 -8.62
N LYS E 70 19.16 24.28 -7.37
CA LYS E 70 18.87 23.41 -6.24
C LYS E 70 17.37 23.11 -6.10
N GLN E 71 16.53 24.10 -6.38
CA GLN E 71 15.08 23.90 -6.29
C GLN E 71 14.62 22.87 -7.33
N VAL E 72 15.06 23.06 -8.57
CA VAL E 72 14.69 22.18 -9.66
C VAL E 72 15.28 20.78 -9.45
N SER E 73 16.50 20.73 -8.91
CA SER E 73 17.13 19.46 -8.55
C SER E 73 16.29 18.69 -7.55
N GLU E 74 15.70 19.40 -6.59
CA GLU E 74 14.82 18.79 -5.60
C GLU E 74 13.56 18.23 -6.27
N PHE E 75 13.04 18.97 -7.24
CA PHE E 75 11.89 18.51 -8.02
C PHE E 75 12.22 17.26 -8.83
N LEU E 76 13.43 17.22 -9.38
CA LEU E 76 13.82 16.15 -10.28
C LEU E 76 14.45 14.96 -9.55
N LYS E 77 14.30 14.88 -8.24
CA LYS E 77 14.89 13.76 -7.50
C LYS E 77 14.08 12.48 -7.75
N ASP E 78 14.75 11.33 -7.66
CA ASP E 78 14.16 10.04 -8.03
C ASP E 78 12.81 9.78 -7.40
N GLU E 79 12.65 10.16 -6.14
CA GLU E 79 11.41 9.90 -5.41
C GLU E 79 10.22 10.60 -6.05
N ASN E 80 10.46 11.79 -6.60
CA ASN E 80 9.39 12.55 -7.23
C ASN E 80 9.08 12.07 -8.64
N MET E 81 10.11 11.77 -9.42
CA MET E 81 9.90 11.47 -10.83
C MET E 81 9.36 10.06 -11.04
N GLU E 82 9.58 9.18 -10.06
CA GLU E 82 9.10 7.81 -10.15
C GLU E 82 7.58 7.72 -10.04
N LYS E 83 6.94 8.84 -9.70
CA LYS E 83 5.49 8.92 -9.71
C LYS E 83 4.98 8.99 -11.14
N PHE E 84 5.90 9.23 -12.07
CA PHE E 84 5.55 9.31 -13.49
C PHE E 84 6.23 8.18 -14.26
N ASN E 85 5.71 7.86 -15.44
CA ASN E 85 6.28 6.78 -16.24
C ASN E 85 6.69 7.22 -17.64
N VAL E 86 7.46 6.37 -18.32
CA VAL E 86 8.09 6.74 -19.58
C VAL E 86 7.34 6.28 -20.83
N LYS E 87 6.11 5.82 -20.66
CA LYS E 87 5.26 5.41 -21.79
C LYS E 87 5.36 6.42 -22.93
N LEU E 88 5.63 5.91 -24.12
CA LEU E 88 5.92 6.74 -25.30
C LEU E 88 4.89 7.84 -25.54
N GLY E 89 5.32 9.08 -25.38
CA GLY E 89 4.46 10.22 -25.64
C GLY E 89 3.77 10.79 -24.42
N THR E 90 3.88 10.09 -23.29
CA THR E 90 3.35 10.60 -22.03
C THR E 90 4.23 11.75 -21.53
N SER E 91 3.59 12.81 -21.03
CA SER E 91 4.32 13.96 -20.56
C SER E 91 3.70 14.58 -19.31
N LYS E 92 4.55 15.13 -18.44
CA LYS E 92 4.11 15.96 -17.34
C LYS E 92 5.01 17.19 -17.30
N HIS E 93 4.44 18.35 -16.98
CA HIS E 93 5.28 19.50 -16.70
C HIS E 93 4.69 20.33 -15.55
N PHE E 94 5.57 20.91 -14.74
CA PHE E 94 5.19 21.63 -13.54
C PHE E 94 5.81 23.03 -13.52
N TYR E 95 5.03 24.00 -13.05
CA TYR E 95 5.55 25.34 -12.81
C TYR E 95 6.07 25.46 -11.38
N MET E 96 7.18 26.18 -11.21
CA MET E 96 7.81 26.34 -9.91
C MET E 96 8.80 27.50 -9.92
N PHE E 97 9.26 27.90 -8.73
CA PHE E 97 10.29 28.91 -8.60
C PHE E 97 11.65 28.24 -8.47
N ASN E 98 12.65 28.78 -9.17
CA ASN E 98 14.01 28.27 -9.05
C ASN E 98 14.74 28.99 -7.92
N ASP E 99 16.07 28.88 -7.92
CA ASP E 99 16.88 29.50 -6.87
C ASP E 99 16.76 31.03 -6.87
N ASN E 100 16.49 31.61 -8.04
CA ASN E 100 16.38 33.06 -8.16
C ASN E 100 14.96 33.56 -7.95
N LYS E 101 14.08 32.65 -7.53
CA LYS E 101 12.65 32.91 -7.40
C LYS E 101 12.07 33.44 -8.71
N ASN E 102 12.53 32.86 -9.81
CA ASN E 102 11.96 33.11 -11.11
C ASN E 102 11.08 31.95 -11.55
N SER E 103 10.00 32.25 -12.26
CA SER E 103 9.07 31.23 -12.71
C SER E 103 9.68 30.39 -13.83
N VAL E 104 9.72 29.08 -13.62
CA VAL E 104 10.18 28.15 -14.64
C VAL E 104 9.22 26.97 -14.72
N ALA E 105 9.15 26.34 -15.89
CA ALA E 105 8.39 25.11 -16.03
C ALA E 105 9.33 23.96 -16.36
N VAL E 106 9.24 22.89 -15.59
CA VAL E 106 10.11 21.73 -15.79
C VAL E 106 9.25 20.49 -16.01
N GLY E 107 9.66 19.66 -16.96
CA GLY E 107 8.93 18.43 -17.23
C GLY E 107 9.68 17.47 -18.12
N TYR E 108 8.96 16.46 -18.60
CA TYR E 108 9.57 15.42 -19.39
C TYR E 108 8.63 14.95 -20.49
N VAL E 109 9.17 14.18 -21.43
CA VAL E 109 8.37 13.43 -22.39
C VAL E 109 8.88 11.99 -22.42
N GLY E 110 7.97 11.05 -22.20
CA GLY E 110 8.34 9.64 -22.22
C GLY E 110 8.76 9.20 -23.60
N CYS E 111 9.84 8.43 -23.65
CA CYS E 111 10.35 7.93 -24.92
C CYS E 111 10.35 6.41 -24.92
N GLY E 112 9.57 5.83 -24.02
CA GLY E 112 9.37 4.39 -23.98
C GLY E 112 10.54 3.61 -23.40
N SER E 113 10.75 2.41 -23.93
CA SER E 113 11.72 1.50 -23.36
C SER E 113 12.62 0.88 -24.43
N VAL E 114 12.67 1.51 -25.60
CA VAL E 114 13.55 1.07 -26.67
C VAL E 114 14.69 2.06 -26.88
N ALA E 115 15.91 1.57 -26.82
CA ALA E 115 17.10 2.42 -26.87
C ALA E 115 17.20 3.25 -28.16
N ASP E 116 16.60 2.75 -29.23
CA ASP E 116 16.65 3.47 -30.51
C ASP E 116 15.26 3.81 -31.04
N LEU E 117 14.94 5.10 -31.02
CA LEU E 117 13.66 5.56 -31.53
C LEU E 117 13.64 5.57 -33.05
N SER E 118 12.57 5.04 -33.62
CA SER E 118 12.32 5.18 -35.05
C SER E 118 11.80 6.59 -35.34
N GLU E 119 11.61 6.89 -36.63
CA GLU E 119 11.08 8.18 -37.03
C GLU E 119 9.64 8.34 -36.54
N ALA E 120 8.92 7.21 -36.45
CA ALA E 120 7.56 7.23 -35.96
C ALA E 120 7.52 7.51 -34.45
N ASP E 121 8.46 6.91 -33.72
CA ASP E 121 8.57 7.14 -32.28
C ASP E 121 8.96 8.59 -31.99
N MET E 122 10.00 9.06 -32.67
CA MET E 122 10.47 10.43 -32.51
C MET E 122 9.35 11.43 -32.79
N LYS E 123 8.52 11.12 -33.78
CA LYS E 123 7.40 11.97 -34.15
C LYS E 123 6.40 12.07 -33.01
N ARG E 124 6.12 10.95 -32.35
CA ARG E 124 5.18 10.96 -31.22
C ARG E 124 5.76 11.75 -30.06
N VAL E 125 7.07 11.69 -29.89
CA VAL E 125 7.73 12.46 -28.85
C VAL E 125 7.57 13.95 -29.13
N VAL E 126 7.82 14.34 -30.36
CA VAL E 126 7.73 15.74 -30.75
C VAL E 126 6.30 16.27 -30.62
N LEU E 127 5.34 15.44 -31.01
CA LEU E 127 3.93 15.81 -30.94
C LEU E 127 3.53 16.12 -29.50
N SER E 128 4.08 15.37 -28.56
CA SER E 128 3.82 15.61 -27.16
C SER E 128 4.48 16.92 -26.73
N LEU E 129 5.65 17.19 -27.29
CA LEU E 129 6.38 18.40 -26.99
C LEU E 129 5.62 19.62 -27.51
N VAL E 130 5.16 19.54 -28.75
CA VAL E 130 4.44 20.62 -29.40
C VAL E 130 3.13 20.96 -28.67
N THR E 131 2.47 19.93 -28.13
CA THR E 131 1.24 20.13 -27.35
C THR E 131 1.48 21.08 -26.19
N MET E 132 2.60 20.89 -25.50
CA MET E 132 2.95 21.78 -24.39
C MET E 132 3.27 23.19 -24.87
N LEU E 133 3.89 23.31 -26.04
CA LEU E 133 4.25 24.61 -26.58
C LEU E 133 3.01 25.39 -27.01
N HIS E 134 2.00 24.68 -27.50
CA HIS E 134 0.77 25.34 -27.95
C HIS E 134 -0.10 25.77 -26.77
N ASP E 135 0.14 25.19 -25.60
CA ASP E 135 -0.69 25.46 -24.41
C ASP E 135 -0.03 26.38 -23.40
N ASN E 136 1.21 26.81 -23.67
CA ASN E 136 1.94 27.67 -22.75
C ASN E 136 2.51 28.90 -23.47
N LYS E 137 2.43 30.05 -22.83
CA LYS E 137 3.12 31.24 -23.33
C LYS E 137 4.56 31.19 -22.84
N LEU E 138 5.49 30.99 -23.77
CA LEU E 138 6.88 30.77 -23.44
C LEU E 138 7.80 31.56 -24.35
N SER E 139 8.84 32.17 -23.77
CA SER E 139 9.86 32.82 -24.60
C SER E 139 10.95 31.81 -24.97
N LYS E 140 11.05 30.74 -24.20
CA LYS E 140 12.15 29.80 -24.37
C LYS E 140 11.79 28.36 -24.05
N LEU E 141 12.21 27.44 -24.92
CA LEU E 141 12.11 26.02 -24.64
C LEU E 141 13.52 25.45 -24.54
N THR E 142 13.75 24.64 -23.52
CA THR E 142 15.01 23.92 -23.39
C THR E 142 14.71 22.43 -23.38
N VAL E 143 15.38 21.68 -24.26
CA VAL E 143 15.17 20.24 -24.34
C VAL E 143 16.45 19.50 -23.96
N VAL E 144 16.33 18.58 -23.02
CA VAL E 144 17.49 17.83 -22.55
C VAL E 144 17.43 16.37 -23.00
N PHE E 145 18.38 15.99 -23.85
CA PHE E 145 18.43 14.64 -24.38
C PHE E 145 19.09 13.65 -23.43
N GLU E 146 18.27 12.85 -22.75
CA GLU E 146 18.81 11.74 -21.97
C GLU E 146 18.50 10.43 -22.67
N ILE E 147 18.38 10.52 -23.99
CA ILE E 147 18.22 9.37 -24.87
C ILE E 147 19.32 9.42 -25.92
N ASN E 148 19.53 8.32 -26.62
CA ASN E 148 20.55 8.26 -27.67
C ASN E 148 19.98 8.59 -29.04
N VAL E 149 20.63 9.50 -29.73
CA VAL E 149 20.15 9.99 -31.02
C VAL E 149 21.35 10.29 -31.91
N ASP E 150 21.31 9.82 -33.15
CA ASP E 150 22.40 10.12 -34.08
C ASP E 150 22.13 11.44 -34.79
N LYS E 151 23.10 11.89 -35.59
CA LYS E 151 23.02 13.20 -36.21
C LYS E 151 21.77 13.37 -37.08
N ASN E 152 21.47 12.37 -37.90
CA ASN E 152 20.28 12.46 -38.75
C ASN E 152 18.99 12.53 -37.94
N LEU E 153 18.89 11.71 -36.90
CA LEU E 153 17.67 11.68 -36.10
C LEU E 153 17.50 12.97 -35.29
N PHE E 154 18.61 13.61 -34.94
CA PHE E 154 18.58 14.89 -34.25
C PHE E 154 18.05 15.97 -35.19
N ARG E 155 18.55 15.98 -36.42
CA ARG E 155 18.05 16.93 -37.41
C ARG E 155 16.57 16.70 -37.64
N PHE E 156 16.20 15.42 -37.75
CA PHE E 156 14.80 15.03 -37.92
C PHE E 156 13.93 15.56 -36.77
N PHE E 157 14.46 15.49 -35.56
CA PHE E 157 13.77 16.01 -34.39
C PHE E 157 13.47 17.50 -34.54
N LEU E 158 14.45 18.26 -34.99
CA LEU E 158 14.31 19.71 -35.14
C LEU E 158 13.33 20.07 -36.26
N GLU E 159 13.50 19.44 -37.42
CA GLU E 159 12.58 19.62 -38.55
C GLU E 159 11.14 19.34 -38.15
N THR E 160 10.94 18.23 -37.47
CA THR E 160 9.62 17.81 -37.05
C THR E 160 9.06 18.81 -36.05
N LEU E 161 9.90 19.20 -35.10
CA LEU E 161 9.49 20.17 -34.09
C LEU E 161 9.05 21.47 -34.75
N PHE E 162 9.86 21.97 -35.69
CA PHE E 162 9.55 23.21 -36.38
C PHE E 162 8.27 23.10 -37.19
N TYR E 163 8.13 22.01 -37.94
CA TYR E 163 6.98 21.81 -38.81
C TYR E 163 5.66 21.67 -38.04
N GLU E 164 5.65 20.85 -36.99
CA GLU E 164 4.44 20.61 -36.22
C GLU E 164 4.07 21.81 -35.36
N TYR E 165 5.08 22.55 -34.92
CA TYR E 165 4.88 23.75 -34.11
C TYR E 165 4.17 24.83 -34.93
N MET E 166 4.58 24.95 -36.19
CA MET E 166 4.09 25.99 -37.08
C MET E 166 2.62 25.81 -37.44
N THR E 167 1.84 26.87 -37.34
CA THR E 167 0.40 26.81 -37.63
C THR E 167 0.06 27.64 -38.87
N ASP E 168 -0.55 26.99 -39.86
CA ASP E 168 -0.92 27.66 -41.11
C ASP E 168 -2.26 28.37 -40.94
N GLU E 169 -2.22 29.71 -40.93
CA GLU E 169 -3.42 30.51 -40.72
C GLU E 169 -3.73 31.42 -41.91
N ARG E 170 -3.18 31.09 -43.06
CA ARG E 170 -3.37 31.90 -44.27
C ARG E 170 -4.84 32.07 -44.65
N PHE E 171 -5.67 31.10 -44.28
CA PHE E 171 -7.06 31.11 -44.71
C PHE E 171 -8.03 31.42 -43.57
N LYS E 172 -7.48 31.73 -42.40
CA LYS E 172 -8.27 32.23 -41.27
C LYS E 172 -8.48 33.73 -41.43
N SER E 173 -9.61 34.23 -40.93
CA SER E 173 -9.89 35.66 -40.98
C SER E 173 -10.37 36.18 -39.63
N GLU E 181 1.71 33.74 -30.14
CA GLU E 181 3.05 34.16 -29.73
C GLU E 181 3.99 32.97 -29.54
N TYR E 182 5.04 32.90 -30.36
CA TYR E 182 5.97 31.79 -30.42
C TYR E 182 7.21 31.98 -29.54
N ILE E 183 7.87 30.89 -29.17
CA ILE E 183 9.13 30.98 -28.43
C ILE E 183 10.19 31.68 -29.28
N LYS E 184 11.17 32.29 -28.63
CA LYS E 184 12.21 33.02 -29.35
C LYS E 184 13.55 32.32 -29.20
N HIS E 185 13.61 31.40 -28.24
CA HIS E 185 14.85 30.70 -27.93
C HIS E 185 14.63 29.20 -27.77
N LEU E 186 15.47 28.42 -28.43
CA LEU E 186 15.49 26.98 -28.23
C LEU E 186 16.86 26.55 -27.71
N GLY E 187 16.89 26.03 -26.50
CA GLY E 187 18.12 25.46 -25.96
C GLY E 187 18.09 23.94 -26.05
N VAL E 188 19.23 23.34 -26.41
CA VAL E 188 19.32 21.88 -26.49
C VAL E 188 20.54 21.36 -25.75
N TYR E 189 20.32 20.59 -24.71
CA TYR E 189 21.40 19.90 -24.02
C TYR E 189 21.50 18.48 -24.56
N ILE E 190 22.69 18.12 -25.03
CA ILE E 190 22.92 16.80 -25.60
C ILE E 190 24.41 16.44 -25.50
N ASN E 191 24.70 15.19 -25.22
CA ASN E 191 26.10 14.75 -25.14
C ASN E 191 26.75 14.86 -26.51
N ASN E 192 27.97 15.39 -26.53
CA ASN E 192 28.70 15.66 -27.78
C ASN E 192 28.05 16.72 -28.63
N ALA E 193 27.63 17.81 -28.00
CA ALA E 193 26.94 18.91 -28.66
C ALA E 193 27.61 19.35 -29.96
N ASP E 194 28.94 19.41 -29.96
CA ASP E 194 29.69 19.92 -31.10
C ASP E 194 29.37 19.21 -32.41
N THR E 195 29.20 17.89 -32.35
CA THR E 195 28.89 17.12 -33.55
C THR E 195 27.49 17.40 -34.08
N TYR E 196 26.64 18.01 -33.26
CA TYR E 196 25.24 18.22 -33.62
C TYR E 196 24.93 19.64 -34.12
N LYS E 197 25.81 20.59 -33.81
CA LYS E 197 25.53 22.01 -34.06
C LYS E 197 25.30 22.33 -35.53
N GLU E 198 25.95 21.57 -36.42
CA GLU E 198 25.82 21.83 -37.85
C GLU E 198 24.47 21.40 -38.39
N GLU E 199 23.77 20.53 -37.66
CA GLU E 199 22.47 20.03 -38.10
C GLU E 199 21.36 21.08 -37.95
N VAL E 200 21.63 22.11 -37.15
CA VAL E 200 20.60 23.08 -36.81
C VAL E 200 20.11 23.86 -38.03
N GLU E 201 21.01 24.56 -38.71
CA GLU E 201 20.58 25.41 -39.82
C GLU E 201 20.20 24.60 -41.05
N LYS E 202 20.65 23.35 -41.10
CA LYS E 202 20.19 22.45 -42.14
C LYS E 202 18.74 22.05 -41.88
N ALA E 203 18.44 21.82 -40.61
CA ALA E 203 17.08 21.47 -40.20
C ALA E 203 16.11 22.61 -40.51
N ARG E 204 16.56 23.85 -40.33
CA ARG E 204 15.72 25.00 -40.61
C ARG E 204 15.40 25.07 -42.09
N VAL E 205 16.39 24.80 -42.94
CA VAL E 205 16.16 24.76 -44.38
C VAL E 205 15.20 23.62 -44.77
N TYR E 206 15.40 22.45 -44.18
CA TYR E 206 14.54 21.30 -44.46
C TYR E 206 13.13 21.57 -43.97
N TYR E 207 13.03 22.23 -42.82
CA TYR E 207 11.73 22.64 -42.29
C TYR E 207 10.95 23.46 -43.31
N PHE E 208 11.54 24.54 -43.82
CA PHE E 208 10.76 25.42 -44.69
C PHE E 208 10.43 24.76 -46.03
N GLY E 209 11.38 24.00 -46.56
CA GLY E 209 11.12 23.24 -47.77
C GLY E 209 9.90 22.35 -47.58
N THR E 210 9.83 21.72 -46.42
CA THR E 210 8.71 20.84 -46.09
C THR E 210 7.43 21.67 -45.92
N TYR E 211 7.55 22.79 -45.20
CA TYR E 211 6.41 23.64 -44.91
C TYR E 211 5.90 24.35 -46.16
N TYR E 212 6.83 24.77 -47.02
CA TYR E 212 6.46 25.41 -48.28
C TYR E 212 5.62 24.46 -49.13
N ALA E 213 6.07 23.21 -49.24
CA ALA E 213 5.32 22.20 -49.98
C ALA E 213 3.94 21.99 -49.33
N SER E 214 3.93 21.92 -48.01
CA SER E 214 2.69 21.82 -47.24
C SER E 214 1.72 22.95 -47.57
N GLN E 215 2.26 24.16 -47.68
CA GLN E 215 1.44 25.32 -48.01
C GLN E 215 0.77 25.19 -49.37
N LEU E 216 1.50 24.69 -50.36
CA LEU E 216 0.93 24.47 -51.69
C LEU E 216 -0.12 23.37 -51.67
N ILE E 217 0.13 22.30 -50.91
CA ILE E 217 -0.78 21.19 -50.86
C ILE E 217 -2.09 21.57 -50.14
N ALA E 218 -1.97 22.19 -48.98
CA ALA E 218 -3.13 22.58 -48.18
C ALA E 218 -3.99 23.64 -48.87
N ALA E 219 -3.38 24.43 -49.75
CA ALA E 219 -4.11 25.45 -50.49
C ALA E 219 -5.18 24.81 -51.39
N PRO E 220 -6.44 25.20 -51.20
CA PRO E 220 -7.56 24.61 -51.95
C PRO E 220 -7.44 24.88 -53.44
N SER E 221 -8.15 24.11 -54.24
CA SER E 221 -7.99 24.15 -55.68
C SER E 221 -8.51 25.44 -56.31
N ASN E 222 -9.31 26.20 -55.57
CA ASN E 222 -9.75 27.48 -56.11
C ASN E 222 -8.64 28.54 -55.92
N TYR E 223 -7.78 28.35 -54.92
CA TYR E 223 -6.58 29.16 -54.79
C TYR E 223 -5.43 28.58 -55.62
N CYS E 224 -5.21 27.28 -55.47
CA CYS E 224 -4.12 26.58 -56.15
C CYS E 224 -4.64 25.87 -57.40
N ASN E 225 -4.42 26.50 -58.55
CA ASN E 225 -4.83 25.97 -59.84
C ASN E 225 -3.61 25.95 -60.77
N PRO E 226 -3.73 25.39 -62.00
CA PRO E 226 -2.52 25.30 -62.83
C PRO E 226 -1.82 26.63 -63.10
N VAL E 227 -2.55 27.72 -63.18
CA VAL E 227 -1.94 29.01 -63.49
C VAL E 227 -1.25 29.60 -62.26
N SER E 228 -1.93 29.60 -61.13
CA SER E 228 -1.35 30.21 -59.93
C SER E 228 -0.22 29.36 -59.34
N LEU E 229 -0.27 28.05 -59.56
CA LEU E 229 0.79 27.16 -59.09
C LEU E 229 2.08 27.41 -59.85
N SER E 230 1.98 27.53 -61.17
CA SER E 230 3.13 27.84 -62.00
C SER E 230 3.66 29.25 -61.70
N ASN E 231 2.76 30.20 -61.44
CA ASN E 231 3.17 31.54 -61.06
C ASN E 231 3.95 31.52 -59.76
N ALA E 232 3.50 30.69 -58.82
CA ALA E 232 4.19 30.52 -57.54
C ALA E 232 5.57 29.89 -57.76
N ALA E 233 5.65 28.96 -58.69
CA ALA E 233 6.92 28.30 -59.01
C ALA E 233 7.90 29.33 -59.57
N VAL E 234 7.42 30.20 -60.45
CA VAL E 234 8.23 31.28 -61.01
C VAL E 234 8.79 32.20 -59.93
N GLU E 235 7.91 32.64 -59.04
CA GLU E 235 8.31 33.51 -57.93
C GLU E 235 9.37 32.84 -57.06
N LEU E 236 9.20 31.55 -56.81
CA LEU E 236 10.19 30.79 -56.06
C LEU E 236 11.53 30.76 -56.80
N ALA E 237 11.47 30.55 -58.11
CA ALA E 237 12.67 30.47 -58.92
C ALA E 237 13.41 31.81 -58.89
N GLN E 238 12.65 32.89 -58.95
CA GLN E 238 13.24 34.22 -58.91
C GLN E 238 13.94 34.49 -57.58
N LYS E 239 13.34 34.04 -56.49
CA LYS E 239 13.92 34.27 -55.18
C LYS E 239 15.22 33.49 -54.97
N LEU E 240 15.35 32.35 -55.67
CA LEU E 240 16.50 31.47 -55.47
C LEU E 240 17.52 31.58 -56.60
N ASN E 241 17.25 32.44 -57.58
CA ASN E 241 18.08 32.55 -58.78
C ASN E 241 18.20 31.23 -59.52
N LEU E 242 17.08 30.52 -59.61
CA LEU E 242 16.98 29.35 -60.46
C LEU E 242 16.49 29.77 -61.84
N GLU E 243 17.01 29.15 -62.88
CA GLU E 243 16.42 29.30 -64.20
C GLU E 243 14.98 28.79 -64.13
N TYR E 244 14.10 29.39 -64.92
CA TYR E 244 12.72 28.91 -64.96
C TYR E 244 12.14 29.08 -66.35
N LYS E 245 11.27 28.14 -66.71
CA LYS E 245 10.53 28.18 -67.95
C LYS E 245 9.14 27.58 -67.72
N ILE E 246 8.11 28.31 -68.12
CA ILE E 246 6.76 27.80 -68.05
C ILE E 246 6.26 27.55 -69.47
N LEU E 247 5.91 26.31 -69.77
CA LEU E 247 5.40 25.97 -71.09
C LEU E 247 3.86 26.06 -71.13
N GLY E 248 3.36 26.80 -72.11
CA GLY E 248 1.93 26.96 -72.30
C GLY E 248 1.39 26.02 -73.35
N VAL E 249 0.08 26.09 -73.59
CA VAL E 249 -0.61 25.15 -74.47
C VAL E 249 -0.03 25.10 -75.89
N LYS E 250 0.27 26.27 -76.46
CA LYS E 250 0.85 26.32 -77.80
C LYS E 250 2.19 25.58 -77.85
N GLU E 251 3.02 25.79 -76.83
CA GLU E 251 4.31 25.10 -76.74
C GLU E 251 4.13 23.60 -76.52
N LEU E 252 3.18 23.23 -75.69
CA LEU E 252 2.90 21.83 -75.42
C LEU E 252 2.33 21.13 -76.65
N GLU E 253 1.52 21.85 -77.42
CA GLU E 253 0.95 21.30 -78.64
C GLU E 253 2.04 20.97 -79.65
N GLU E 254 2.99 21.89 -79.82
CA GLU E 254 4.09 21.69 -80.75
C GLU E 254 4.94 20.50 -80.32
N LEU E 255 5.05 20.30 -79.01
CA LEU E 255 5.78 19.17 -78.45
C LEU E 255 4.94 17.88 -78.51
N LYS E 256 3.74 17.98 -79.05
CA LYS E 256 2.84 16.84 -79.23
C LYS E 256 2.57 16.06 -77.94
N MET E 257 2.46 16.78 -76.83
CA MET E 257 2.16 16.15 -75.55
C MET E 257 0.66 15.90 -75.41
N GLY E 258 0.16 14.95 -76.19
CA GLY E 258 -1.27 14.66 -76.26
C GLY E 258 -1.86 13.97 -75.06
N ALA E 259 -1.07 13.16 -74.37
CA ALA E 259 -1.55 12.49 -73.17
C ALA E 259 -1.84 13.52 -72.09
N TYR E 260 -0.85 14.37 -71.83
CA TYR E 260 -0.95 15.40 -70.79
C TYR E 260 -1.98 16.46 -71.14
N LEU E 261 -2.06 16.85 -72.41
CA LEU E 261 -3.02 17.88 -72.82
C LEU E 261 -4.46 17.38 -72.74
N SER E 262 -4.67 16.08 -72.95
CA SER E 262 -6.01 15.51 -72.87
C SER E 262 -6.61 15.64 -71.48
N VAL E 263 -5.78 15.46 -70.45
CA VAL E 263 -6.28 15.48 -69.08
C VAL E 263 -6.83 16.85 -68.71
N GLY E 264 -6.22 17.91 -69.23
CA GLY E 264 -6.61 19.26 -68.87
C GLY E 264 -7.62 19.89 -69.81
N LYS E 265 -8.03 19.15 -70.84
CA LYS E 265 -9.01 19.63 -71.81
C LYS E 265 -10.26 20.18 -71.14
N GLY E 266 -10.76 19.46 -70.12
CA GLY E 266 -11.99 19.82 -69.47
C GLY E 266 -11.90 20.92 -68.43
N SER E 267 -10.70 21.45 -68.20
CA SER E 267 -10.48 22.50 -67.20
C SER E 267 -10.65 23.91 -67.77
N MET E 268 -11.00 24.86 -66.90
CA MET E 268 -11.04 26.28 -67.26
C MET E 268 -9.65 26.90 -67.17
N TYR E 269 -8.71 26.17 -66.58
CA TYR E 269 -7.35 26.64 -66.45
C TYR E 269 -6.44 25.96 -67.47
N PRO E 270 -5.78 26.74 -68.31
CA PRO E 270 -4.82 26.21 -69.30
C PRO E 270 -3.73 25.38 -68.62
N ASN E 271 -3.35 24.27 -69.25
CA ASN E 271 -2.22 23.46 -68.78
C ASN E 271 -0.94 24.29 -68.69
N LYS E 272 -0.20 24.09 -67.61
CA LYS E 272 1.08 24.78 -67.46
C LYS E 272 2.16 23.77 -67.10
N PHE E 273 3.26 23.78 -67.85
CA PHE E 273 4.36 22.87 -67.57
C PHE E 273 5.46 23.64 -66.87
N ILE E 274 5.76 23.24 -65.64
CA ILE E 274 6.81 23.89 -64.86
C ILE E 274 8.17 23.24 -65.11
N HIS E 275 9.17 24.06 -65.44
CA HIS E 275 10.54 23.59 -65.65
C HIS E 275 11.55 24.52 -64.98
N LEU E 276 11.93 24.18 -63.75
CA LEU E 276 12.95 24.92 -63.02
C LEU E 276 14.28 24.22 -63.15
N THR E 277 15.37 24.97 -63.07
CA THR E 277 16.70 24.38 -63.22
C THR E 277 17.72 24.93 -62.24
N TYR E 278 18.35 24.04 -61.48
CA TYR E 278 19.52 24.40 -60.70
C TYR E 278 20.78 23.87 -61.39
N LYS E 279 21.76 24.75 -61.58
CA LYS E 279 23.05 24.35 -62.12
C LYS E 279 24.17 24.84 -61.23
N SER E 280 25.07 23.94 -60.83
CA SER E 280 26.21 24.29 -59.99
C SER E 280 27.21 25.19 -60.72
N LYS E 281 28.09 25.84 -59.97
CA LYS E 281 29.07 26.74 -60.55
C LYS E 281 30.11 26.02 -61.41
N GLY E 282 30.70 24.96 -60.87
CA GLY E 282 31.81 24.27 -61.52
C GLY E 282 31.44 23.27 -62.58
N ASP E 283 32.16 22.16 -62.62
CA ASP E 283 31.89 21.09 -63.57
C ASP E 283 30.63 20.33 -63.16
N VAL E 284 29.75 20.06 -64.11
CA VAL E 284 28.57 19.24 -63.82
C VAL E 284 28.90 17.77 -64.01
N LYS E 285 28.83 17.01 -62.93
CA LYS E 285 29.19 15.59 -62.97
C LYS E 285 27.98 14.67 -62.88
N LYS E 286 26.86 15.19 -62.39
CA LYS E 286 25.60 14.45 -62.38
C LYS E 286 24.43 15.34 -62.82
N LYS E 287 23.61 14.84 -63.74
CA LYS E 287 22.38 15.53 -64.12
C LYS E 287 21.16 14.74 -63.66
N ILE E 288 20.23 15.43 -63.00
CA ILE E 288 19.06 14.81 -62.39
C ILE E 288 17.77 15.54 -62.76
N ALA E 289 16.75 14.77 -63.14
CA ALA E 289 15.42 15.33 -63.35
C ALA E 289 14.46 14.80 -62.29
N LEU E 290 13.86 15.72 -61.56
CA LEU E 290 12.85 15.39 -60.56
C LEU E 290 11.48 15.77 -61.11
N VAL E 291 10.60 14.78 -61.19
CA VAL E 291 9.28 14.98 -61.79
C VAL E 291 8.16 14.81 -60.78
N GLY E 292 7.37 15.84 -60.58
CA GLY E 292 6.26 15.77 -59.65
C GLY E 292 4.90 15.80 -60.32
N LYS E 293 4.02 14.89 -59.91
CA LYS E 293 2.64 14.91 -60.40
C LYS E 293 1.94 16.17 -59.91
N GLY E 294 1.36 16.91 -60.84
CA GLY E 294 0.78 18.21 -60.50
C GLY E 294 -0.67 18.38 -60.91
N ILE E 295 -1.54 17.54 -60.37
CA ILE E 295 -2.96 17.69 -60.61
C ILE E 295 -3.56 18.56 -59.51
N THR E 296 -3.91 19.80 -59.86
CA THR E 296 -4.32 20.77 -58.85
C THR E 296 -5.67 20.40 -58.23
N PHE E 297 -6.51 19.72 -59.00
CA PHE E 297 -7.68 19.05 -58.45
C PHE E 297 -8.06 17.88 -59.31
N ASP E 298 -8.35 16.76 -58.67
CA ASP E 298 -8.71 15.55 -59.38
C ASP E 298 -10.14 15.14 -59.03
N SER E 299 -11.06 15.47 -59.93
CA SER E 299 -12.46 15.07 -59.78
C SER E 299 -12.63 13.63 -60.19
N GLY E 300 -11.69 13.14 -60.98
CA GLY E 300 -11.79 11.83 -61.60
C GLY E 300 -12.18 11.92 -63.05
N GLY E 301 -12.72 13.08 -63.44
CA GLY E 301 -13.22 13.26 -64.79
C GLY E 301 -14.56 12.56 -64.93
N TYR E 302 -14.86 12.08 -66.13
CA TYR E 302 -16.12 11.38 -66.34
C TYR E 302 -16.20 10.09 -65.51
N ASN E 303 -15.03 9.52 -65.20
CA ASN E 303 -14.96 8.50 -64.15
C ASN E 303 -14.92 9.16 -62.79
N LEU E 304 -16.00 9.87 -62.46
CA LEU E 304 -16.06 10.74 -61.30
C LEU E 304 -15.83 9.99 -59.99
N LYS E 305 -15.10 10.62 -59.07
CA LYS E 305 -14.94 10.07 -57.73
C LYS E 305 -16.26 10.17 -56.99
N ALA E 306 -17.12 9.18 -57.19
CA ALA E 306 -18.46 9.18 -56.61
C ALA E 306 -18.65 8.00 -55.67
N ALA E 307 -17.77 7.01 -55.77
CA ALA E 307 -17.86 5.83 -54.92
C ALA E 307 -17.54 6.19 -53.47
N PRO E 308 -18.24 5.56 -52.52
CA PRO E 308 -17.93 5.80 -51.10
C PRO E 308 -16.47 5.46 -50.79
N GLY E 309 -15.78 6.39 -50.14
CA GLY E 309 -14.39 6.18 -49.77
C GLY E 309 -13.39 6.78 -50.74
N SER E 310 -13.88 7.36 -51.83
CA SER E 310 -12.99 7.93 -52.84
C SER E 310 -12.51 9.32 -52.43
N MET E 311 -13.11 9.89 -51.39
CA MET E 311 -12.63 11.11 -50.76
C MET E 311 -12.37 12.27 -51.72
N ILE E 312 -13.36 12.65 -52.49
CA ILE E 312 -13.18 13.67 -53.52
C ILE E 312 -12.79 15.04 -52.91
N ASP E 313 -13.14 15.27 -51.66
CA ASP E 313 -12.85 16.57 -51.04
C ASP E 313 -11.37 16.71 -50.63
N LEU E 314 -10.61 15.62 -50.72
CA LEU E 314 -9.19 15.63 -50.41
C LEU E 314 -8.36 15.96 -51.65
N MET E 315 -9.01 15.94 -52.81
CA MET E 315 -8.28 15.87 -54.06
C MET E 315 -7.55 17.14 -54.49
N LYS E 316 -7.48 18.14 -53.61
CA LYS E 316 -6.51 19.21 -53.76
C LYS E 316 -5.09 18.70 -53.54
N PHE E 317 -4.97 17.52 -52.91
CA PHE E 317 -3.68 16.95 -52.51
C PHE E 317 -2.95 16.33 -53.70
N ASP E 318 -3.59 16.33 -54.86
CA ASP E 318 -3.12 15.53 -56.00
C ASP E 318 -1.98 16.22 -56.74
N MET E 319 -1.51 17.33 -56.19
CA MET E 319 -0.33 18.00 -56.71
C MET E 319 0.78 17.95 -55.66
N SER E 320 0.64 17.04 -54.70
CA SER E 320 1.64 16.84 -53.65
C SER E 320 3.01 16.46 -54.22
N GLY E 321 3.01 15.81 -55.39
CA GLY E 321 4.25 15.44 -56.06
C GLY E 321 4.98 16.68 -56.52
N CYS E 322 4.26 17.55 -57.23
CA CYS E 322 4.78 18.83 -57.66
C CYS E 322 5.28 19.65 -56.47
N ALA E 323 4.53 19.63 -55.38
CA ALA E 323 4.89 20.40 -54.19
C ALA E 323 6.19 19.90 -53.58
N ALA E 324 6.34 18.59 -53.51
CA ALA E 324 7.55 17.97 -53.00
C ALA E 324 8.77 18.38 -53.82
N VAL E 325 8.58 18.42 -55.13
CA VAL E 325 9.63 18.80 -56.06
C VAL E 325 10.02 20.28 -55.88
N LEU E 326 9.02 21.15 -55.77
CA LEU E 326 9.29 22.58 -55.55
C LEU E 326 9.88 22.85 -54.17
N GLY E 327 9.46 22.08 -53.17
CA GLY E 327 10.06 22.15 -51.85
C GLY E 327 11.52 21.73 -51.87
N CYS E 328 11.83 20.71 -52.67
CA CYS E 328 13.22 20.30 -52.88
C CYS E 328 14.05 21.40 -53.54
N ALA E 329 13.46 22.05 -54.54
CA ALA E 329 14.12 23.15 -55.25
C ALA E 329 14.49 24.28 -54.29
N TYR E 330 13.66 24.49 -53.27
CA TYR E 330 14.01 25.48 -52.26
C TYR E 330 15.26 25.06 -51.50
N CYS E 331 15.28 23.81 -51.07
CA CYS E 331 16.39 23.30 -50.27
C CYS E 331 17.68 23.30 -51.08
N VAL E 332 17.59 22.84 -52.31
CA VAL E 332 18.74 22.74 -53.20
C VAL E 332 19.24 24.13 -53.59
N GLY E 333 18.29 25.03 -53.84
CA GLY E 333 18.61 26.41 -54.16
C GLY E 333 19.21 27.16 -52.99
N THR E 334 18.87 26.73 -51.78
CA THR E 334 19.40 27.38 -50.57
C THR E 334 20.78 26.83 -50.20
N LEU E 335 20.90 25.51 -50.19
CA LEU E 335 22.13 24.86 -49.74
C LEU E 335 23.21 24.81 -50.82
N LYS E 336 22.79 24.95 -52.08
CA LYS E 336 23.70 25.02 -53.22
C LYS E 336 24.72 23.88 -53.30
N PRO E 337 24.27 22.67 -53.67
CA PRO E 337 25.20 21.56 -53.85
C PRO E 337 26.10 21.79 -55.07
N GLU E 338 27.27 21.18 -55.06
CA GLU E 338 28.21 21.38 -56.16
C GLU E 338 28.18 20.23 -57.16
N ASN E 339 28.60 20.53 -58.38
CA ASN E 339 28.79 19.54 -59.43
C ASN E 339 27.52 18.76 -59.80
N VAL E 340 26.37 19.40 -59.64
CA VAL E 340 25.11 18.78 -60.06
C VAL E 340 24.28 19.74 -60.91
N GLU E 341 23.47 19.16 -61.78
CA GLU E 341 22.47 19.91 -62.50
C GLU E 341 21.12 19.26 -62.26
N ILE E 342 20.21 19.99 -61.63
CA ILE E 342 18.90 19.45 -61.28
C ILE E 342 17.78 20.16 -62.03
N HIS E 343 16.97 19.38 -62.74
CA HIS E 343 15.78 19.89 -63.38
C HIS E 343 14.55 19.56 -62.56
N PHE E 344 13.76 20.58 -62.25
CA PHE E 344 12.54 20.41 -61.47
C PHE E 344 11.31 20.52 -62.38
N LEU E 345 10.65 19.41 -62.62
CA LEU E 345 9.59 19.34 -63.62
C LEU E 345 8.22 19.00 -63.05
N SER E 346 7.19 19.60 -63.64
CA SER E 346 5.82 19.25 -63.31
C SER E 346 4.87 19.61 -64.44
N ALA E 347 4.16 18.61 -64.95
CA ALA E 347 3.11 18.86 -65.93
C ALA E 347 1.81 19.16 -65.17
N VAL E 348 1.54 20.44 -64.97
CA VAL E 348 0.43 20.85 -64.12
C VAL E 348 -0.88 21.02 -64.90
N CYS E 349 -1.95 20.45 -64.36
CA CYS E 349 -3.28 20.60 -64.95
C CYS E 349 -4.37 20.26 -63.95
N GLU E 350 -5.62 20.28 -64.40
CA GLU E 350 -6.76 20.01 -63.56
C GLU E 350 -7.68 18.99 -64.26
N ASN E 351 -8.12 17.97 -63.53
CA ASN E 351 -8.92 16.89 -64.12
C ASN E 351 -10.40 17.10 -63.82
N MET E 352 -11.14 17.61 -64.80
CA MET E 352 -12.50 18.08 -64.56
C MET E 352 -13.55 17.49 -65.51
N VAL E 353 -14.82 17.71 -65.18
CA VAL E 353 -15.94 17.25 -65.99
C VAL E 353 -16.56 18.40 -66.76
N SER E 354 -16.69 18.23 -68.07
CA SER E 354 -17.04 19.32 -68.96
C SER E 354 -17.45 18.75 -70.32
N LYS E 355 -18.10 19.58 -71.13
CA LYS E 355 -18.35 19.21 -72.52
C LYS E 355 -17.04 19.00 -73.26
N ASN E 356 -15.98 19.60 -72.74
CA ASN E 356 -14.66 19.56 -73.37
C ASN E 356 -13.76 18.44 -72.85
N SER E 357 -14.15 17.80 -71.73
CA SER E 357 -13.32 16.78 -71.10
C SER E 357 -12.98 15.62 -72.02
N TYR E 358 -11.88 14.92 -71.76
CA TYR E 358 -11.59 13.71 -72.51
C TYR E 358 -12.49 12.62 -71.95
N ARG E 359 -12.79 11.63 -72.77
CA ARG E 359 -13.77 10.60 -72.44
C ARG E 359 -13.10 9.26 -72.18
N PRO E 360 -13.71 8.44 -71.31
CA PRO E 360 -13.30 7.05 -71.20
C PRO E 360 -13.40 6.39 -72.57
N GLY E 361 -12.36 5.65 -72.96
CA GLY E 361 -12.34 5.05 -74.28
C GLY E 361 -11.53 5.84 -75.30
N ASP E 362 -11.30 7.13 -75.03
CA ASP E 362 -10.56 7.96 -76.00
C ASP E 362 -9.16 7.40 -76.26
N ILE E 363 -8.75 7.42 -77.53
CA ILE E 363 -7.39 7.03 -77.87
C ILE E 363 -6.56 8.28 -78.12
N ILE E 364 -5.54 8.47 -77.28
CA ILE E 364 -4.74 9.68 -77.30
C ILE E 364 -3.28 9.34 -77.58
N THR E 365 -2.55 10.30 -78.14
CA THR E 365 -1.17 10.06 -78.54
C THR E 365 -0.16 10.83 -77.69
N ALA E 366 0.73 10.09 -77.03
CA ALA E 366 1.80 10.70 -76.25
C ALA E 366 2.90 11.27 -77.15
N SER E 367 3.79 12.07 -76.57
CA SER E 367 4.80 12.79 -77.34
C SER E 367 5.88 11.90 -77.94
N ASN E 368 6.00 10.66 -77.49
CA ASN E 368 6.93 9.73 -78.12
C ASN E 368 6.23 8.94 -79.22
N GLY E 369 5.04 9.37 -79.60
CA GLY E 369 4.29 8.74 -80.67
C GLY E 369 3.46 7.53 -80.25
N LYS E 370 3.47 7.20 -78.96
CA LYS E 370 2.68 6.05 -78.49
C LYS E 370 1.21 6.39 -78.34
N THR E 371 0.35 5.62 -79.00
CA THR E 371 -1.09 5.78 -78.83
C THR E 371 -1.56 5.05 -77.59
N ILE E 372 -2.46 5.69 -76.84
CA ILE E 372 -2.93 5.19 -75.56
C ILE E 372 -4.44 5.09 -75.53
N GLU E 373 -4.97 3.95 -75.07
CA GLU E 373 -6.40 3.83 -74.88
C GLU E 373 -6.77 4.14 -73.43
N VAL E 374 -7.52 5.21 -73.24
CA VAL E 374 -7.96 5.60 -71.91
C VAL E 374 -9.07 4.66 -71.44
N GLY E 375 -8.86 4.01 -70.30
CA GLY E 375 -9.86 3.10 -69.77
C GLY E 375 -10.59 3.70 -68.58
N ASN E 376 -9.93 4.65 -67.93
CA ASN E 376 -10.46 5.30 -66.74
C ASN E 376 -9.84 6.68 -66.62
N THR E 377 -10.67 7.72 -66.82
CA THR E 377 -10.17 9.10 -66.81
C THR E 377 -9.63 9.52 -65.46
N ASP E 378 -9.88 8.71 -64.43
CA ASP E 378 -9.38 9.01 -63.09
C ASP E 378 -7.96 8.47 -62.90
N ALA E 379 -7.46 7.73 -63.89
CA ALA E 379 -6.07 7.32 -63.88
C ALA E 379 -5.25 8.32 -64.68
N GLU E 380 -5.46 9.60 -64.37
CA GLU E 380 -4.93 10.70 -65.19
C GLU E 380 -3.48 11.00 -64.88
N GLY E 381 -3.03 10.65 -63.68
CA GLY E 381 -1.67 10.91 -63.26
C GLY E 381 -0.63 10.30 -64.19
N ARG E 382 -0.79 9.02 -64.49
CA ARG E 382 0.17 8.35 -65.36
C ARG E 382 0.19 8.97 -66.76
N LEU E 383 -0.91 9.60 -67.16
CA LEU E 383 -0.99 10.23 -68.48
C LEU E 383 -0.17 11.51 -68.52
N THR E 384 -0.27 12.32 -67.46
CA THR E 384 0.52 13.54 -67.39
C THR E 384 1.99 13.19 -67.19
N LEU E 385 2.26 12.16 -66.40
CA LEU E 385 3.62 11.69 -66.17
C LEU E 385 4.24 11.08 -67.41
N ALA E 386 3.39 10.53 -68.28
CA ALA E 386 3.87 9.93 -69.53
C ALA E 386 4.62 10.96 -70.37
N ASP E 387 4.04 12.14 -70.53
CA ASP E 387 4.66 13.18 -71.35
C ASP E 387 5.75 13.94 -70.57
N ALA E 388 5.62 13.99 -69.26
CA ALA E 388 6.69 14.59 -68.45
C ALA E 388 7.97 13.75 -68.50
N LEU E 389 7.82 12.42 -68.42
CA LEU E 389 8.97 11.51 -68.48
C LEU E 389 9.67 11.57 -69.85
N VAL E 390 8.87 11.62 -70.92
CA VAL E 390 9.43 11.79 -72.27
C VAL E 390 10.21 13.09 -72.38
N TYR E 391 9.63 14.17 -71.84
CA TYR E 391 10.29 15.47 -71.80
C TYR E 391 11.58 15.37 -70.99
N ALA E 392 11.50 14.72 -69.84
CA ALA E 392 12.64 14.60 -68.94
C ALA E 392 13.81 13.87 -69.59
N GLU E 393 13.53 12.74 -70.24
CA GLU E 393 14.59 11.93 -70.82
C GLU E 393 15.30 12.64 -71.97
N LYS E 394 14.59 13.54 -72.66
CA LYS E 394 15.18 14.29 -73.76
C LYS E 394 16.21 15.31 -73.28
N LEU E 395 16.22 15.60 -71.98
CA LEU E 395 17.21 16.49 -71.40
C LEU E 395 18.55 15.80 -71.21
N GLY E 396 18.57 14.48 -71.46
CA GLY E 396 19.80 13.71 -71.33
C GLY E 396 20.38 13.74 -69.93
N VAL E 397 19.59 13.30 -68.96
CA VAL E 397 20.03 13.29 -67.57
C VAL E 397 20.59 11.92 -67.18
N ASP E 398 21.18 11.84 -66.00
CA ASP E 398 21.65 10.57 -65.46
C ASP E 398 20.53 9.83 -64.71
N TYR E 399 19.75 10.56 -63.93
CA TYR E 399 18.65 9.96 -63.17
C TYR E 399 17.34 10.73 -63.39
N ILE E 400 16.26 9.98 -63.57
CA ILE E 400 14.92 10.55 -63.52
C ILE E 400 14.20 9.97 -62.33
N VAL E 401 13.77 10.83 -61.42
CA VAL E 401 12.96 10.39 -60.30
C VAL E 401 11.62 11.11 -60.29
N ASP E 402 10.53 10.35 -60.40
CA ASP E 402 9.22 10.97 -60.28
C ASP E 402 8.56 10.61 -58.95
N ILE E 403 7.75 11.53 -58.47
CA ILE E 403 7.05 11.35 -57.21
C ILE E 403 5.60 11.81 -57.41
N ALA E 404 4.65 11.01 -56.93
CA ALA E 404 3.25 11.18 -57.32
C ALA E 404 2.26 10.51 -56.38
N THR E 405 1.12 11.17 -56.17
CA THR E 405 -0.04 10.58 -55.50
C THR E 405 -0.83 9.74 -56.51
N LEU E 406 -0.27 8.59 -56.90
CA LEU E 406 -0.68 7.91 -58.12
C LEU E 406 -1.81 6.89 -57.96
N THR E 407 -1.71 6.03 -56.95
CA THR E 407 -2.71 4.96 -56.79
C THR E 407 -3.22 4.83 -55.35
N GLY E 408 -4.53 4.71 -55.22
CA GLY E 408 -5.13 4.50 -53.91
C GLY E 408 -4.75 3.15 -53.31
N ALA E 409 -4.34 2.22 -54.15
CA ALA E 409 -3.97 0.88 -53.68
C ALA E 409 -2.80 0.91 -52.70
N MET E 410 -2.00 1.97 -52.72
CA MET E 410 -0.89 2.14 -51.78
C MET E 410 -1.36 2.10 -50.33
N LEU E 411 -2.61 2.48 -50.09
CA LEU E 411 -3.19 2.44 -48.76
C LEU E 411 -3.36 0.99 -48.28
N TYR E 412 -3.47 0.07 -49.22
CA TYR E 412 -3.69 -1.33 -48.91
C TYR E 412 -2.39 -2.14 -48.87
N SER E 413 -1.35 -1.60 -49.50
CA SER E 413 -0.06 -2.27 -49.54
C SER E 413 0.84 -1.83 -48.39
N LEU E 414 1.19 -0.55 -48.39
CA LEU E 414 2.10 -0.02 -47.37
C LEU E 414 1.41 0.88 -46.37
N GLY E 415 0.24 1.41 -46.74
CA GLY E 415 -0.54 2.21 -45.83
C GLY E 415 -0.19 3.69 -45.82
N THR E 416 -0.24 4.30 -44.64
CA THR E 416 -0.10 5.74 -44.51
C THR E 416 1.27 6.19 -44.01
N SER E 417 2.16 5.25 -43.74
CA SER E 417 3.47 5.60 -43.19
C SER E 417 4.62 5.45 -44.19
N TYR E 418 4.60 4.39 -44.98
CA TYR E 418 5.67 4.14 -45.94
C TYR E 418 5.19 4.39 -47.36
N ALA E 419 5.97 5.16 -48.10
CA ALA E 419 5.74 5.32 -49.53
C ALA E 419 6.36 4.14 -50.25
N GLY E 420 5.95 3.93 -51.50
CA GLY E 420 6.49 2.85 -52.29
C GLY E 420 7.42 3.39 -53.35
N VAL E 421 8.51 2.69 -53.62
CA VAL E 421 9.38 3.07 -54.71
C VAL E 421 9.50 1.91 -55.71
N PHE E 422 9.32 2.26 -56.98
CA PHE E 422 9.44 1.34 -58.11
C PHE E 422 10.55 1.88 -59.02
N GLY E 423 11.20 1.01 -59.79
CA GLY E 423 12.24 1.47 -60.70
C GLY E 423 12.74 0.47 -61.73
N ASN E 424 13.59 0.95 -62.64
CA ASN E 424 14.17 0.10 -63.67
C ASN E 424 15.66 -0.14 -63.45
N ASN E 425 16.19 0.44 -62.37
CA ASN E 425 17.62 0.41 -62.09
C ASN E 425 17.90 0.20 -60.61
N GLU E 426 18.70 -0.81 -60.29
CA GLU E 426 18.93 -1.18 -58.90
C GLU E 426 19.74 -0.13 -58.14
N GLU E 427 20.75 0.43 -58.79
CA GLU E 427 21.59 1.44 -58.16
C GLU E 427 20.76 2.66 -57.76
N LEU E 428 19.90 3.11 -58.66
CA LEU E 428 19.05 4.27 -58.40
C LEU E 428 18.12 3.99 -57.21
N ILE E 429 17.46 2.83 -57.24
CA ILE E 429 16.54 2.46 -56.17
C ILE E 429 17.22 2.43 -54.80
N ASN E 430 18.41 1.85 -54.73
CA ASN E 430 19.11 1.77 -53.46
C ASN E 430 19.62 3.13 -52.97
N LYS E 431 19.78 4.07 -53.90
CA LYS E 431 20.14 5.44 -53.53
C LYS E 431 18.98 6.13 -52.84
N ILE E 432 17.78 5.94 -53.39
CA ILE E 432 16.57 6.47 -52.79
C ILE E 432 16.31 5.87 -51.41
N LEU E 433 16.59 4.57 -51.28
CA LEU E 433 16.42 3.91 -49.99
C LEU E 433 17.39 4.46 -48.96
N GLN E 434 18.64 4.67 -49.36
CA GLN E 434 19.63 5.32 -48.50
C GLN E 434 19.19 6.74 -48.13
N SER E 435 18.68 7.50 -49.10
CA SER E 435 18.17 8.84 -48.84
C SER E 435 16.98 8.80 -47.87
N SER E 436 16.18 7.75 -47.98
CA SER E 436 15.06 7.53 -47.07
C SER E 436 15.57 7.37 -45.64
N LYS E 437 16.64 6.60 -45.48
CA LYS E 437 17.25 6.38 -44.18
C LYS E 437 17.74 7.68 -43.53
N THR E 438 18.41 8.52 -44.32
CA THR E 438 19.06 9.71 -43.76
C THR E 438 18.09 10.88 -43.57
N SER E 439 17.01 10.90 -44.36
CA SER E 439 15.98 11.93 -44.22
C SER E 439 14.90 11.50 -43.24
N ASN E 440 14.88 10.21 -42.93
CA ASN E 440 13.86 9.61 -42.07
C ASN E 440 12.44 9.74 -42.64
N GLU E 441 12.33 9.85 -43.96
CA GLU E 441 11.06 9.71 -44.64
C GLU E 441 10.98 8.30 -45.20
N PRO E 442 10.22 7.42 -44.53
CA PRO E 442 10.22 5.97 -44.78
C PRO E 442 9.67 5.57 -46.14
N VAL E 443 10.47 4.79 -46.87
CA VAL E 443 10.12 4.32 -48.21
C VAL E 443 10.40 2.81 -48.26
N TRP E 444 9.62 2.09 -49.04
CA TRP E 444 9.86 0.65 -49.20
C TRP E 444 9.85 0.26 -50.67
N TRP E 445 10.81 -0.58 -51.04
CA TRP E 445 10.98 -1.00 -52.43
C TRP E 445 9.94 -2.05 -52.81
N LEU E 446 9.24 -1.78 -53.90
CA LEU E 446 8.22 -2.68 -54.42
C LEU E 446 8.57 -3.08 -55.85
N PRO E 447 8.15 -4.29 -56.27
CA PRO E 447 8.60 -4.81 -57.56
C PRO E 447 7.77 -4.31 -58.74
N ILE E 448 8.43 -4.13 -59.88
CA ILE E 448 7.74 -3.94 -61.14
C ILE E 448 7.66 -5.31 -61.80
N ILE E 449 6.51 -5.97 -61.67
CA ILE E 449 6.36 -7.35 -62.13
C ILE E 449 6.05 -7.42 -63.62
N ASN E 450 6.96 -8.01 -64.39
CA ASN E 450 6.86 -8.00 -65.84
C ASN E 450 5.76 -8.91 -66.37
N GLU E 451 5.35 -9.89 -65.56
CA GLU E 451 4.27 -10.78 -65.97
C GLU E 451 2.94 -10.04 -66.13
N TYR E 452 2.80 -8.89 -65.46
CA TYR E 452 1.55 -8.14 -65.54
C TYR E 452 1.48 -7.23 -66.77
N ARG E 453 2.60 -7.12 -67.48
CA ARG E 453 2.68 -6.20 -68.62
C ARG E 453 1.66 -6.49 -69.72
N ALA E 454 1.32 -7.76 -69.90
CA ALA E 454 0.45 -8.16 -71.00
C ALA E 454 -0.97 -7.59 -70.85
N THR E 455 -1.37 -7.30 -69.62
CA THR E 455 -2.68 -6.74 -69.36
C THR E 455 -2.83 -5.32 -69.94
N LEU E 456 -1.71 -4.70 -70.29
CA LEU E 456 -1.73 -3.36 -70.87
C LEU E 456 -1.70 -3.41 -72.39
N ASN E 457 -1.71 -4.61 -72.96
CA ASN E 457 -1.81 -4.73 -74.41
C ASN E 457 -3.21 -4.34 -74.85
N SER E 458 -3.29 -3.36 -75.74
CA SER E 458 -4.57 -2.85 -76.21
C SER E 458 -4.97 -3.49 -77.53
N LYS E 459 -6.27 -3.62 -77.75
CA LYS E 459 -6.77 -4.16 -79.00
C LYS E 459 -6.54 -3.17 -80.14
N TYR E 460 -6.62 -1.88 -79.84
CA TYR E 460 -6.60 -0.85 -80.87
C TYR E 460 -5.44 0.12 -80.76
N ALA E 461 -5.15 0.57 -79.53
CA ALA E 461 -4.01 1.46 -79.28
C ALA E 461 -2.74 0.65 -79.11
N ASP E 462 -1.60 1.33 -79.04
CA ASP E 462 -0.31 0.68 -78.80
C ASP E 462 -0.28 0.08 -77.40
N ILE E 463 -0.95 0.73 -76.46
CA ILE E 463 -0.91 0.31 -75.07
C ILE E 463 -2.16 0.78 -74.34
N ASN E 464 -2.52 0.06 -73.28
CA ASN E 464 -3.62 0.47 -72.42
C ASN E 464 -3.13 1.37 -71.30
N GLN E 465 -3.94 2.36 -70.95
CA GLN E 465 -3.67 3.21 -69.81
C GLN E 465 -3.77 2.40 -68.51
N ILE E 466 -4.78 1.54 -68.44
CA ILE E 466 -5.03 0.73 -67.25
C ILE E 466 -5.29 -0.73 -67.59
N SER E 467 -5.24 -1.58 -66.57
CA SER E 467 -5.60 -2.97 -66.73
C SER E 467 -7.09 -3.14 -66.46
N SER E 468 -7.73 -4.05 -67.19
CA SER E 468 -9.14 -4.37 -66.95
C SER E 468 -9.30 -4.92 -65.53
N SER E 469 -8.36 -5.77 -65.14
CA SER E 469 -8.31 -6.31 -63.79
C SER E 469 -7.00 -7.01 -63.50
N VAL E 470 -6.13 -6.34 -62.73
CA VAL E 470 -4.93 -6.96 -62.20
C VAL E 470 -4.89 -6.68 -60.70
N LYS E 471 -5.73 -5.73 -60.29
CA LYS E 471 -5.88 -5.31 -58.89
C LYS E 471 -4.61 -4.69 -58.31
N ALA E 472 -3.44 -5.18 -58.74
CA ALA E 472 -2.17 -4.63 -58.28
C ALA E 472 -1.87 -3.33 -59.04
N SER E 473 -2.67 -2.31 -58.76
CA SER E 473 -2.67 -1.04 -59.47
C SER E 473 -1.36 -0.26 -59.42
N SER E 474 -0.71 -0.26 -58.27
CA SER E 474 0.57 0.45 -58.13
C SER E 474 1.62 -0.14 -59.06
N ILE E 475 1.60 -1.45 -59.23
CA ILE E 475 2.56 -2.12 -60.09
C ILE E 475 2.20 -1.93 -61.55
N VAL E 476 0.91 -2.06 -61.88
CA VAL E 476 0.46 -1.89 -63.26
C VAL E 476 0.74 -0.48 -63.76
N ALA E 477 0.49 0.51 -62.90
CA ALA E 477 0.79 1.90 -63.22
C ALA E 477 2.29 2.09 -63.47
N SER E 478 3.11 1.46 -62.64
CA SER E 478 4.56 1.53 -62.79
C SER E 478 5.02 0.95 -64.13
N LEU E 479 4.44 -0.17 -64.51
CA LEU E 479 4.69 -0.74 -65.84
C LEU E 479 4.34 0.27 -66.93
N PHE E 480 3.24 0.98 -66.76
CA PHE E 480 2.83 1.98 -67.75
C PHE E 480 3.87 3.08 -67.91
N LEU E 481 4.31 3.65 -66.79
CA LEU E 481 5.29 4.73 -66.80
C LEU E 481 6.63 4.25 -67.36
N LYS E 482 6.95 2.97 -67.14
CA LYS E 482 8.22 2.40 -67.58
C LYS E 482 8.33 2.45 -69.10
N GLU E 483 7.19 2.32 -69.77
CA GLU E 483 7.15 2.35 -71.23
C GLU E 483 7.53 3.71 -71.81
N PHE E 484 7.65 4.74 -70.97
CA PHE E 484 7.95 6.07 -71.45
C PHE E 484 9.33 6.55 -71.02
N VAL E 485 10.17 5.61 -70.61
CA VAL E 485 11.57 5.87 -70.32
C VAL E 485 12.39 4.78 -70.98
N GLN E 486 13.08 5.14 -72.04
CA GLN E 486 13.69 4.14 -72.90
C GLN E 486 15.10 3.74 -72.53
N ASN E 487 15.93 4.69 -72.13
CA ASN E 487 17.31 4.35 -71.80
C ASN E 487 17.94 5.21 -70.70
N THR E 488 17.22 5.38 -69.60
CA THR E 488 17.69 6.18 -68.48
C THR E 488 17.30 5.51 -67.16
N ALA E 489 18.18 5.60 -66.17
CA ALA E 489 17.84 5.11 -64.84
C ALA E 489 16.66 5.90 -64.31
N TRP E 490 15.59 5.20 -63.96
CA TRP E 490 14.37 5.86 -63.54
C TRP E 490 13.74 5.16 -62.35
N ALA E 491 13.24 5.96 -61.41
CA ALA E 491 12.56 5.44 -60.25
C ALA E 491 11.28 6.24 -60.00
N HIS E 492 10.27 5.56 -59.49
CA HIS E 492 8.95 6.14 -59.27
C HIS E 492 8.56 5.97 -57.80
N ILE E 493 8.21 7.08 -57.16
CA ILE E 493 7.81 7.06 -55.75
C ILE E 493 6.32 7.40 -55.61
N ASP E 494 5.54 6.41 -55.19
CA ASP E 494 4.09 6.57 -55.07
C ASP E 494 3.73 6.98 -53.64
N ILE E 495 3.39 8.26 -53.46
CA ILE E 495 3.15 8.82 -52.14
C ILE E 495 1.67 9.05 -51.84
N ALA E 496 0.80 8.40 -52.62
CA ALA E 496 -0.64 8.54 -52.45
C ALA E 496 -1.10 8.20 -51.04
N GLY E 497 -0.48 7.21 -50.42
CA GLY E 497 -0.83 6.80 -49.07
C GLY E 497 -0.29 7.70 -47.97
N VAL E 498 0.90 8.26 -48.18
CA VAL E 498 1.61 8.94 -47.09
C VAL E 498 1.50 10.46 -47.12
N SER E 499 1.04 11.02 -48.23
CA SER E 499 1.09 12.47 -48.42
C SER E 499 0.23 13.26 -47.43
N TRP E 500 -0.97 12.75 -47.13
CA TRP E 500 -1.88 13.46 -46.24
C TRP E 500 -1.91 12.80 -44.88
N ASN E 501 -1.74 13.61 -43.84
CA ASN E 501 -1.88 13.16 -42.46
C ASN E 501 -3.36 13.22 -42.07
N PHE E 502 -4.07 12.11 -42.23
CA PHE E 502 -5.51 12.08 -42.01
C PHE E 502 -5.85 12.39 -40.56
N LYS E 503 -5.01 11.93 -39.66
CA LYS E 503 -5.24 12.13 -38.23
C LYS E 503 -5.16 13.62 -37.87
N ALA E 504 -4.14 14.30 -38.39
CA ALA E 504 -3.92 15.70 -38.05
C ALA E 504 -4.65 16.67 -39.00
N ARG E 505 -5.26 16.13 -40.05
CA ARG E 505 -6.03 16.92 -41.02
C ARG E 505 -5.16 17.95 -41.74
N LYS E 506 -4.01 17.52 -42.22
CA LYS E 506 -3.08 18.42 -42.88
C LYS E 506 -2.07 17.64 -43.72
N PRO E 507 -1.34 18.34 -44.62
CA PRO E 507 -0.27 17.68 -45.37
C PRO E 507 0.90 17.25 -44.49
N LYS E 508 1.75 16.37 -45.02
CA LYS E 508 3.03 16.07 -44.39
C LYS E 508 4.17 16.79 -45.09
N GLY E 509 3.93 17.19 -46.33
CA GLY E 509 4.98 17.71 -47.18
C GLY E 509 6.00 16.62 -47.46
N PHE E 510 5.51 15.39 -47.57
CA PHE E 510 6.35 14.21 -47.75
C PHE E 510 7.17 14.27 -49.04
N GLY E 511 8.46 13.97 -48.93
CA GLY E 511 9.30 13.85 -50.10
C GLY E 511 10.35 14.93 -50.27
N VAL E 512 10.13 16.09 -49.66
CA VAL E 512 11.08 17.19 -49.78
C VAL E 512 12.46 16.79 -49.26
N ARG E 513 12.50 16.30 -48.03
CA ARG E 513 13.77 15.93 -47.41
C ARG E 513 14.36 14.69 -48.05
N LEU E 514 13.49 13.76 -48.44
CA LEU E 514 13.92 12.56 -49.15
C LEU E 514 14.65 12.93 -50.44
N LEU E 515 14.02 13.81 -51.24
CA LEU E 515 14.60 14.20 -52.52
C LEU E 515 15.84 15.09 -52.36
N THR E 516 15.86 15.92 -51.33
CA THR E 516 17.00 16.79 -51.08
C THR E 516 18.21 15.96 -50.67
N GLU E 517 18.01 15.01 -49.75
CA GLU E 517 19.08 14.11 -49.33
C GLU E 517 19.63 13.34 -50.53
N PHE E 518 18.73 12.96 -51.43
CA PHE E 518 19.12 12.27 -52.65
C PHE E 518 20.05 13.11 -53.52
N VAL E 519 19.78 14.41 -53.57
CA VAL E 519 20.57 15.33 -54.37
C VAL E 519 21.90 15.64 -53.69
N LEU E 520 21.85 16.00 -52.41
CA LEU E 520 23.07 16.39 -51.68
C LEU E 520 24.06 15.25 -51.54
N ASN E 521 23.56 14.06 -51.22
CA ASN E 521 24.40 12.88 -51.11
C ASN E 521 24.23 11.98 -52.34
N SER F 5 -19.76 20.89 -90.72
CA SER F 5 -18.94 19.83 -91.28
C SER F 5 -17.50 19.93 -90.81
N GLU F 6 -17.14 21.09 -90.26
CA GLU F 6 -15.83 21.26 -89.66
C GLU F 6 -15.84 20.76 -88.21
N VAL F 7 -14.98 19.79 -87.90
CA VAL F 7 -14.94 19.23 -86.56
C VAL F 7 -14.29 20.19 -85.58
N PRO F 8 -15.03 20.58 -84.52
CA PRO F 8 -14.47 21.49 -83.51
C PRO F 8 -13.40 20.80 -82.66
N GLN F 9 -12.48 21.60 -82.11
CA GLN F 9 -11.37 21.07 -81.34
C GLN F 9 -11.15 21.85 -80.04
N VAL F 10 -10.76 21.14 -78.99
CA VAL F 10 -10.36 21.80 -77.75
C VAL F 10 -8.86 22.10 -77.81
N VAL F 11 -8.11 21.17 -78.37
CA VAL F 11 -6.69 21.36 -78.63
C VAL F 11 -6.36 20.86 -80.04
N SER F 12 -5.29 21.40 -80.62
CA SER F 12 -4.90 21.08 -81.99
C SER F 12 -4.61 19.59 -82.21
N LEU F 13 -4.36 18.85 -81.14
CA LEU F 13 -4.06 17.43 -81.25
C LEU F 13 -5.32 16.59 -81.42
N ASP F 14 -6.48 17.18 -81.15
CA ASP F 14 -7.75 16.47 -81.32
C ASP F 14 -7.99 16.16 -82.79
N PRO F 15 -8.32 14.90 -83.09
CA PRO F 15 -8.55 14.46 -84.47
C PRO F 15 -9.77 15.12 -85.08
N THR F 16 -9.78 15.25 -86.40
CA THR F 16 -10.89 15.93 -87.06
C THR F 16 -11.59 15.03 -88.07
N SER F 17 -11.29 13.73 -88.02
CA SER F 17 -11.99 12.76 -88.85
C SER F 17 -11.80 11.35 -88.33
N ILE F 18 -12.66 10.45 -88.80
CA ILE F 18 -12.49 9.04 -88.52
C ILE F 18 -11.63 8.41 -89.60
N PRO F 19 -10.50 7.80 -89.23
CA PRO F 19 -9.75 7.04 -90.24
C PRO F 19 -10.59 5.86 -90.73
N ILE F 20 -10.74 5.74 -92.04
CA ILE F 20 -11.52 4.65 -92.61
C ILE F 20 -10.70 3.88 -93.65
N GLU F 21 -10.61 2.56 -93.45
CA GLU F 21 -9.97 1.70 -94.43
C GLU F 21 -11.01 1.09 -95.35
N TYR F 22 -10.95 1.45 -96.63
CA TYR F 22 -11.88 0.91 -97.62
C TYR F 22 -11.29 -0.29 -98.35
N ASN F 23 -10.10 -0.08 -98.93
CA ASN F 23 -9.37 -1.16 -99.58
C ASN F 23 -8.67 -2.03 -98.53
N THR F 24 -9.23 -3.20 -98.27
CA THR F 24 -8.70 -4.11 -97.27
C THR F 24 -7.99 -5.28 -97.94
N PRO F 25 -7.03 -5.92 -97.23
CA PRO F 25 -6.37 -7.12 -97.73
C PRO F 25 -7.34 -8.19 -98.20
N ILE F 26 -8.52 -8.24 -97.57
CA ILE F 26 -9.55 -9.22 -97.91
C ILE F 26 -10.02 -9.07 -99.34
N HIS F 27 -10.02 -7.84 -99.84
CA HIS F 27 -10.48 -7.56 -101.19
C HIS F 27 -9.49 -8.04 -102.26
N ASP F 28 -8.31 -8.47 -101.82
CA ASP F 28 -7.28 -8.92 -102.75
C ASP F 28 -7.25 -10.43 -102.88
N ILE F 29 -7.96 -11.11 -101.99
CA ILE F 29 -8.03 -12.57 -102.02
C ILE F 29 -8.92 -13.07 -103.15
N LYS F 30 -8.30 -13.73 -104.13
CA LYS F 30 -9.04 -14.37 -105.21
C LYS F 30 -9.62 -15.69 -104.74
N VAL F 31 -10.92 -15.89 -104.97
CA VAL F 31 -11.62 -17.05 -104.43
C VAL F 31 -12.05 -18.03 -105.52
N GLN F 32 -11.72 -19.30 -105.31
CA GLN F 32 -12.05 -20.36 -106.25
C GLN F 32 -12.81 -21.50 -105.57
N VAL F 33 -13.91 -21.93 -106.18
CA VAL F 33 -14.71 -23.02 -105.61
C VAL F 33 -14.77 -24.21 -106.55
N TYR F 34 -14.28 -25.35 -106.06
CA TYR F 34 -14.25 -26.58 -106.85
C TYR F 34 -15.10 -27.67 -106.23
N ASP F 35 -15.54 -28.62 -107.05
CA ASP F 35 -16.33 -29.75 -106.56
C ASP F 35 -15.40 -30.81 -105.95
N ILE F 36 -15.77 -31.33 -104.79
CA ILE F 36 -14.95 -32.28 -104.07
C ILE F 36 -14.90 -33.65 -104.73
N LYS F 37 -15.73 -33.84 -105.76
CA LYS F 37 -15.80 -35.11 -106.48
C LYS F 37 -14.52 -35.35 -107.29
N GLY F 38 -13.95 -34.28 -107.83
CA GLY F 38 -12.77 -34.39 -108.67
C GLY F 38 -11.47 -34.50 -107.91
N GLY F 39 -11.56 -34.72 -106.59
CA GLY F 39 -10.39 -34.81 -105.75
C GLY F 39 -9.82 -33.45 -105.40
N CYS F 40 -8.88 -33.42 -104.46
CA CYS F 40 -8.26 -32.16 -104.04
C CYS F 40 -6.80 -32.09 -104.44
N ASN F 41 -6.37 -30.93 -104.94
CA ASN F 41 -4.99 -30.72 -105.34
C ASN F 41 -4.22 -29.88 -104.31
N VAL F 42 -3.45 -30.55 -103.47
CA VAL F 42 -2.62 -29.87 -102.48
C VAL F 42 -1.28 -29.49 -103.11
N GLU F 43 -1.26 -28.34 -103.77
CA GLU F 43 -0.05 -27.87 -104.45
C GLU F 43 0.74 -26.88 -103.60
N GLU F 44 0.03 -26.02 -102.88
CA GLU F 44 0.68 -24.97 -102.09
C GLU F 44 -0.17 -24.52 -100.89
N GLY F 45 0.45 -23.71 -100.03
CA GLY F 45 -0.25 -23.11 -98.91
C GLY F 45 -0.78 -24.08 -97.87
N LEU F 46 -1.79 -23.65 -97.14
CA LEU F 46 -2.39 -24.46 -96.08
C LEU F 46 -3.73 -25.05 -96.54
N THR F 47 -3.89 -26.35 -96.36
CA THR F 47 -5.12 -27.04 -96.73
C THR F 47 -5.80 -27.60 -95.50
N ILE F 48 -7.05 -27.21 -95.29
CA ILE F 48 -7.77 -27.59 -94.10
C ILE F 48 -9.08 -28.32 -94.42
N PHE F 49 -9.23 -29.50 -93.83
CA PHE F 49 -10.44 -30.30 -94.00
C PHE F 49 -11.42 -30.07 -92.85
N LEU F 50 -12.61 -29.59 -93.17
CA LEU F 50 -13.66 -29.47 -92.17
C LEU F 50 -14.36 -30.81 -92.02
N VAL F 51 -14.17 -31.46 -90.88
CA VAL F 51 -14.66 -32.82 -90.72
C VAL F 51 -15.42 -33.00 -89.41
N ASN F 52 -16.44 -33.84 -89.44
CA ASN F 52 -17.20 -34.16 -88.25
C ASN F 52 -17.44 -35.65 -88.12
N ASN F 53 -17.91 -36.07 -86.95
CA ASN F 53 -18.15 -37.48 -86.68
C ASN F 53 -19.51 -37.68 -86.04
N PRO F 54 -20.53 -38.00 -86.85
CA PRO F 54 -21.86 -38.33 -86.36
C PRO F 54 -21.83 -39.49 -85.37
N GLY F 55 -22.23 -39.24 -84.12
CA GLY F 55 -22.12 -40.24 -83.07
C GLY F 55 -20.68 -40.34 -82.59
N LYS F 56 -20.29 -39.43 -81.71
CA LYS F 56 -18.90 -39.32 -81.27
C LYS F 56 -18.76 -38.53 -79.97
N ASN F 58 -15.68 -35.95 -78.18
CA ASN F 58 -15.93 -36.27 -79.57
C ASN F 58 -14.93 -37.28 -80.12
N GLY F 59 -15.32 -37.96 -81.19
CA GLY F 59 -14.55 -39.09 -81.71
C GLY F 59 -13.48 -38.75 -82.72
N PRO F 60 -12.88 -39.79 -83.32
CA PRO F 60 -11.70 -39.70 -84.20
C PRO F 60 -11.97 -38.98 -85.53
N VAL F 61 -10.91 -38.43 -86.10
CA VAL F 61 -10.97 -37.74 -87.39
C VAL F 61 -10.74 -38.70 -88.56
N LYS F 62 -11.62 -38.66 -89.55
CA LYS F 62 -11.45 -39.45 -90.76
C LYS F 62 -11.76 -38.60 -91.99
N ILE F 63 -10.86 -38.62 -92.96
CA ILE F 63 -11.01 -37.83 -94.18
C ILE F 63 -11.51 -38.71 -95.32
N SER F 64 -12.62 -38.30 -95.94
CA SER F 64 -13.25 -39.10 -96.98
C SER F 64 -13.04 -38.51 -98.38
N SER F 65 -12.41 -37.34 -98.44
CA SER F 65 -12.10 -36.72 -99.73
C SER F 65 -10.85 -37.34 -100.35
N LYS F 66 -10.85 -37.49 -101.66
CA LYS F 66 -9.68 -38.00 -102.36
C LYS F 66 -8.69 -36.88 -102.62
N VAL F 67 -7.40 -37.17 -102.44
CA VAL F 67 -6.37 -36.18 -102.66
C VAL F 67 -5.40 -36.65 -103.74
N ASN F 68 -5.18 -35.81 -104.75
CA ASN F 68 -4.32 -36.16 -105.88
C ASN F 68 -2.85 -35.95 -105.55
N ASP F 69 -2.41 -36.49 -104.43
CA ASP F 69 -1.04 -36.33 -103.95
C ASP F 69 -0.68 -37.48 -103.01
N LYS F 70 0.14 -38.41 -103.49
CA LYS F 70 0.50 -39.60 -102.75
C LYS F 70 1.08 -39.28 -101.37
N GLN F 71 1.88 -38.22 -101.30
CA GLN F 71 2.52 -37.82 -100.04
C GLN F 71 1.49 -37.33 -99.02
N VAL F 72 0.62 -36.43 -99.45
CA VAL F 72 -0.42 -35.90 -98.58
C VAL F 72 -1.44 -36.98 -98.24
N SER F 73 -1.73 -37.85 -99.20
CA SER F 73 -2.69 -38.94 -99.00
C SER F 73 -2.24 -39.91 -97.91
N GLU F 74 -0.94 -40.23 -97.90
CA GLU F 74 -0.38 -41.10 -96.88
C GLU F 74 -0.52 -40.47 -95.49
N PHE F 75 -0.41 -39.14 -95.45
CA PHE F 75 -0.54 -38.41 -94.20
C PHE F 75 -1.98 -38.43 -93.71
N LEU F 76 -2.92 -38.34 -94.65
CA LEU F 76 -4.35 -38.32 -94.33
C LEU F 76 -4.92 -39.72 -94.15
N LYS F 77 -4.02 -40.70 -93.99
CA LYS F 77 -4.40 -42.08 -93.74
C LYS F 77 -5.24 -42.21 -92.48
N ASP F 78 -6.23 -43.11 -92.50
CA ASP F 78 -7.14 -43.27 -91.37
C ASP F 78 -6.40 -43.69 -90.10
N GLU F 79 -5.28 -44.38 -90.26
CA GLU F 79 -4.49 -44.85 -89.14
C GLU F 79 -3.81 -43.69 -88.41
N ASN F 80 -3.41 -42.67 -89.17
CA ASN F 80 -2.74 -41.50 -88.59
C ASN F 80 -3.74 -40.51 -88.00
N MET F 81 -4.80 -40.24 -88.76
CA MET F 81 -5.82 -39.26 -88.36
C MET F 81 -6.61 -39.71 -87.13
N GLU F 82 -6.60 -41.01 -86.87
CA GLU F 82 -7.32 -41.59 -85.74
C GLU F 82 -6.86 -41.00 -84.40
N LYS F 83 -5.63 -40.50 -84.37
CA LYS F 83 -5.08 -39.95 -83.13
C LYS F 83 -5.56 -38.52 -82.85
N PHE F 84 -6.51 -38.07 -83.66
CA PHE F 84 -7.08 -36.72 -83.51
C PHE F 84 -8.60 -36.79 -83.41
N ASN F 85 -9.19 -35.94 -82.58
CA ASN F 85 -10.63 -35.98 -82.38
C ASN F 85 -11.35 -34.74 -82.94
N VAL F 86 -12.63 -34.89 -83.24
CA VAL F 86 -13.38 -33.86 -83.95
C VAL F 86 -14.09 -32.85 -83.05
N LYS F 87 -13.66 -32.77 -81.79
CA LYS F 87 -14.25 -31.82 -80.84
C LYS F 87 -14.30 -30.42 -81.44
N LEU F 88 -15.43 -29.76 -81.30
CA LEU F 88 -15.68 -28.48 -81.95
C LEU F 88 -14.61 -27.45 -81.61
N GLY F 89 -13.95 -26.93 -82.65
CA GLY F 89 -12.93 -25.92 -82.47
C GLY F 89 -11.53 -26.49 -82.39
N THR F 90 -11.44 -27.80 -82.20
CA THR F 90 -10.14 -28.46 -82.13
C THR F 90 -9.54 -28.55 -83.54
N SER F 91 -8.26 -28.22 -83.65
CA SER F 91 -7.59 -28.28 -84.94
C SER F 91 -6.13 -28.72 -84.81
N LYS F 92 -5.60 -29.24 -85.90
CA LYS F 92 -4.20 -29.62 -86.00
C LYS F 92 -3.74 -29.34 -87.42
N HIS F 93 -2.48 -28.94 -87.57
CA HIS F 93 -1.94 -28.79 -88.91
C HIS F 93 -0.44 -29.07 -88.92
N PHE F 94 0.00 -29.82 -89.91
CA PHE F 94 1.39 -30.24 -90.05
C PHE F 94 1.99 -29.73 -91.35
N TYR F 95 3.27 -29.38 -91.30
CA TYR F 95 4.02 -29.02 -92.51
C TYR F 95 4.73 -30.24 -93.06
N MET F 96 4.69 -30.39 -94.38
CA MET F 96 5.29 -31.56 -95.03
C MET F 96 5.60 -31.27 -96.49
N PHE F 97 6.37 -32.17 -97.11
CA PHE F 97 6.67 -32.06 -98.53
C PHE F 97 5.74 -32.95 -99.34
N ASN F 98 5.23 -32.40 -100.44
CA ASN F 98 4.36 -33.15 -101.33
C ASN F 98 5.15 -33.93 -102.37
N ASP F 99 4.45 -34.39 -103.41
CA ASP F 99 5.06 -35.17 -104.48
C ASP F 99 6.14 -34.38 -105.21
N ASN F 100 5.83 -33.13 -105.54
CA ASN F 100 6.75 -32.28 -106.27
C ASN F 100 7.80 -31.65 -105.35
N LYS F 101 7.94 -32.23 -104.17
CA LYS F 101 8.94 -31.80 -103.18
C LYS F 101 8.81 -30.32 -102.81
N ASN F 102 7.58 -29.85 -102.66
CA ASN F 102 7.34 -28.48 -102.21
C ASN F 102 6.69 -28.46 -100.83
N SER F 103 6.91 -27.37 -100.10
CA SER F 103 6.38 -27.24 -98.75
C SER F 103 4.88 -26.97 -98.76
N VAL F 104 4.12 -27.86 -98.14
CA VAL F 104 2.68 -27.69 -98.00
C VAL F 104 2.25 -27.97 -96.56
N ALA F 105 1.14 -27.34 -96.15
CA ALA F 105 0.60 -27.56 -94.83
C ALA F 105 -0.78 -28.19 -94.93
N VAL F 106 -0.99 -29.25 -94.16
CA VAL F 106 -2.25 -29.99 -94.21
C VAL F 106 -2.80 -30.16 -92.79
N GLY F 107 -4.12 -30.07 -92.66
CA GLY F 107 -4.74 -30.19 -91.36
C GLY F 107 -6.25 -30.26 -91.41
N TYR F 108 -6.87 -30.12 -90.25
CA TYR F 108 -8.32 -30.22 -90.13
C TYR F 108 -8.85 -29.27 -89.06
N VAL F 109 -10.14 -28.99 -89.12
CA VAL F 109 -10.82 -28.34 -88.01
C VAL F 109 -11.97 -29.24 -87.57
N GLY F 110 -12.08 -29.47 -86.26
CA GLY F 110 -13.15 -30.30 -85.72
C GLY F 110 -14.50 -29.61 -85.75
N CYS F 111 -15.51 -30.32 -86.25
CA CYS F 111 -16.85 -29.75 -86.37
C CYS F 111 -17.88 -30.47 -85.50
N GLY F 112 -17.40 -31.27 -84.56
CA GLY F 112 -18.28 -31.94 -83.61
C GLY F 112 -19.03 -33.13 -84.18
N SER F 113 -20.23 -33.37 -83.64
CA SER F 113 -21.02 -34.54 -84.04
C SER F 113 -22.39 -34.16 -84.61
N VAL F 114 -22.82 -32.93 -84.36
CA VAL F 114 -24.12 -32.48 -84.85
C VAL F 114 -24.08 -32.32 -86.38
N ALA F 115 -25.02 -32.97 -87.05
CA ALA F 115 -25.06 -32.99 -88.51
C ALA F 115 -25.23 -31.59 -89.09
N ASP F 116 -26.14 -30.81 -88.50
CA ASP F 116 -26.41 -29.45 -88.96
C ASP F 116 -25.75 -28.44 -88.04
N LEU F 117 -24.75 -27.73 -88.56
CA LEU F 117 -24.00 -26.75 -87.78
C LEU F 117 -24.81 -25.48 -87.52
N SER F 118 -24.78 -25.01 -86.27
CA SER F 118 -25.43 -23.75 -85.93
C SER F 118 -24.52 -22.58 -86.28
N GLU F 119 -25.08 -21.37 -86.23
CA GLU F 119 -24.30 -20.18 -86.54
C GLU F 119 -23.19 -19.99 -85.50
N ALA F 120 -23.46 -20.43 -84.27
CA ALA F 120 -22.50 -20.31 -83.18
C ALA F 120 -21.35 -21.29 -83.33
N ASP F 121 -21.70 -22.53 -83.68
CA ASP F 121 -20.70 -23.57 -83.89
C ASP F 121 -19.81 -23.25 -85.08
N MET F 122 -20.43 -22.78 -86.16
CA MET F 122 -19.70 -22.42 -87.37
C MET F 122 -18.69 -21.31 -87.09
N LYS F 123 -19.06 -20.41 -86.19
CA LYS F 123 -18.19 -19.31 -85.81
C LYS F 123 -17.00 -19.84 -85.03
N ARG F 124 -17.22 -20.89 -84.25
CA ARG F 124 -16.13 -21.52 -83.50
C ARG F 124 -15.14 -22.16 -84.46
N VAL F 125 -15.66 -22.83 -85.50
CA VAL F 125 -14.84 -23.44 -86.53
C VAL F 125 -13.97 -22.42 -87.26
N VAL F 126 -14.56 -21.27 -87.59
CA VAL F 126 -13.85 -20.20 -88.27
C VAL F 126 -12.73 -19.60 -87.40
N LEU F 127 -13.02 -19.36 -86.13
CA LEU F 127 -12.03 -18.79 -85.22
C LEU F 127 -10.82 -19.69 -85.09
N SER F 128 -11.05 -20.99 -85.07
CA SER F 128 -9.99 -21.98 -85.01
C SER F 128 -9.14 -21.92 -86.28
N LEU F 129 -9.82 -21.77 -87.41
CA LEU F 129 -9.16 -21.63 -88.70
C LEU F 129 -8.36 -20.33 -88.78
N VAL F 130 -8.97 -19.23 -88.34
CA VAL F 130 -8.32 -17.92 -88.35
C VAL F 130 -7.11 -17.90 -87.42
N THR F 131 -7.17 -18.65 -86.33
CA THR F 131 -6.04 -18.75 -85.42
C THR F 131 -4.80 -19.26 -86.15
N MET F 132 -4.99 -20.23 -87.02
CA MET F 132 -3.88 -20.78 -87.80
C MET F 132 -3.39 -19.79 -88.86
N LEU F 133 -4.32 -19.03 -89.43
CA LEU F 133 -3.96 -18.06 -90.46
C LEU F 133 -3.10 -16.93 -89.90
N HIS F 134 -3.39 -16.55 -88.66
CA HIS F 134 -2.65 -15.49 -87.98
C HIS F 134 -1.27 -15.95 -87.51
N ASP F 135 -1.05 -17.26 -87.50
CA ASP F 135 0.19 -17.82 -86.99
C ASP F 135 1.11 -18.29 -88.12
N ASN F 136 0.62 -18.24 -89.34
CA ASN F 136 1.36 -18.80 -90.47
C ASN F 136 1.43 -17.85 -91.67
N LYS F 137 2.65 -17.61 -92.16
CA LYS F 137 2.84 -16.89 -93.42
C LYS F 137 2.45 -17.80 -94.58
N LEU F 138 1.28 -17.55 -95.15
CA LEU F 138 0.72 -18.40 -96.18
C LEU F 138 0.35 -17.61 -97.43
N SER F 139 0.59 -18.21 -98.59
CA SER F 139 0.23 -17.59 -99.86
C SER F 139 -1.20 -17.94 -100.25
N LYS F 140 -1.66 -19.09 -99.76
CA LYS F 140 -2.93 -19.65 -100.20
C LYS F 140 -3.56 -20.52 -99.12
N LEU F 141 -4.89 -20.43 -99.00
CA LEU F 141 -5.64 -21.30 -98.12
C LEU F 141 -6.73 -22.04 -98.92
N THR F 142 -6.76 -23.36 -98.79
CA THR F 142 -7.85 -24.11 -99.38
C THR F 142 -8.64 -24.84 -98.29
N VAL F 143 -9.95 -24.71 -98.34
CA VAL F 143 -10.82 -25.36 -97.38
C VAL F 143 -11.57 -26.50 -98.07
N VAL F 144 -11.66 -27.64 -97.39
CA VAL F 144 -12.40 -28.77 -97.92
C VAL F 144 -13.58 -29.12 -97.01
N PHE F 145 -14.79 -28.97 -97.53
CA PHE F 145 -15.99 -29.21 -96.74
C PHE F 145 -16.39 -30.68 -96.74
N GLU F 146 -16.08 -31.37 -95.65
CA GLU F 146 -16.55 -32.73 -95.45
C GLU F 146 -17.72 -32.69 -94.47
N ILE F 147 -18.47 -31.59 -94.55
CA ILE F 147 -19.67 -31.38 -93.76
C ILE F 147 -20.76 -30.87 -94.70
N ASN F 148 -22.02 -30.96 -94.27
CA ASN F 148 -23.12 -30.48 -95.10
C ASN F 148 -23.60 -29.09 -94.67
N VAL F 149 -23.45 -28.12 -95.56
CA VAL F 149 -23.93 -26.77 -95.30
C VAL F 149 -24.76 -26.28 -96.49
N ASP F 150 -25.75 -25.43 -96.20
CA ASP F 150 -26.56 -24.86 -97.28
C ASP F 150 -25.94 -23.55 -97.76
N LYS F 151 -26.56 -22.95 -98.77
CA LYS F 151 -26.02 -21.73 -99.38
C LYS F 151 -25.78 -20.62 -98.38
N ASN F 152 -26.77 -20.34 -97.53
CA ASN F 152 -26.65 -19.26 -96.55
C ASN F 152 -25.53 -19.49 -95.54
N LEU F 153 -25.44 -20.71 -95.01
CA LEU F 153 -24.42 -21.03 -94.02
C LEU F 153 -23.03 -21.04 -94.65
N PHE F 154 -22.96 -21.37 -95.93
CA PHE F 154 -21.70 -21.30 -96.65
C PHE F 154 -21.25 -19.85 -96.77
N ARG F 155 -22.17 -18.96 -97.11
CA ARG F 155 -21.86 -17.55 -97.24
C ARG F 155 -21.45 -16.98 -95.89
N PHE F 156 -22.16 -17.40 -94.85
CA PHE F 156 -21.85 -17.00 -93.48
C PHE F 156 -20.43 -17.39 -93.11
N PHE F 157 -20.01 -18.58 -93.55
CA PHE F 157 -18.66 -19.06 -93.29
C PHE F 157 -17.62 -18.10 -93.87
N LEU F 158 -17.83 -17.69 -95.13
CA LEU F 158 -16.92 -16.78 -95.79
C LEU F 158 -16.88 -15.42 -95.12
N GLU F 159 -18.05 -14.84 -94.89
CA GLU F 159 -18.17 -13.55 -94.20
C GLU F 159 -17.44 -13.54 -92.87
N THR F 160 -17.69 -14.57 -92.08
CA THR F 160 -17.09 -14.67 -90.75
C THR F 160 -15.59 -14.86 -90.88
N LEU F 161 -15.17 -15.68 -91.85
CA LEU F 161 -13.76 -15.89 -92.11
C LEU F 161 -13.07 -14.56 -92.42
N PHE F 162 -13.59 -13.85 -93.42
CA PHE F 162 -13.06 -12.55 -93.81
C PHE F 162 -12.99 -11.57 -92.64
N TYR F 163 -14.11 -11.41 -91.95
CA TYR F 163 -14.25 -10.44 -90.86
C TYR F 163 -13.28 -10.69 -89.71
N GLU F 164 -13.21 -11.93 -89.24
CA GLU F 164 -12.35 -12.28 -88.13
C GLU F 164 -10.88 -12.29 -88.54
N TYR F 165 -10.63 -12.65 -89.81
CA TYR F 165 -9.28 -12.63 -90.36
C TYR F 165 -8.69 -11.23 -90.33
N MET F 166 -9.52 -10.25 -90.68
CA MET F 166 -9.08 -8.86 -90.73
C MET F 166 -8.65 -8.35 -89.37
N THR F 167 -7.68 -7.45 -89.35
CA THR F 167 -7.19 -6.86 -88.12
C THR F 167 -7.18 -5.33 -88.26
N ASP F 168 -7.86 -4.65 -87.33
CA ASP F 168 -7.97 -3.20 -87.35
C ASP F 168 -6.74 -2.57 -86.70
N GLU F 169 -5.93 -1.89 -87.49
CA GLU F 169 -4.70 -1.31 -86.96
C GLU F 169 -4.64 0.21 -87.14
N ARG F 170 -5.80 0.82 -87.40
CA ARG F 170 -5.89 2.27 -87.62
C ARG F 170 -5.28 3.10 -86.50
N PHE F 171 -5.29 2.58 -85.28
CA PHE F 171 -4.89 3.37 -84.12
C PHE F 171 -3.59 2.88 -83.50
N LYS F 172 -2.92 1.96 -84.19
CA LYS F 172 -1.57 1.55 -83.84
C LYS F 172 -0.57 2.50 -84.51
N SER F 173 0.63 2.59 -83.95
CA SER F 173 1.70 3.35 -84.60
C SER F 173 3.05 2.68 -84.39
N GLU F 181 1.13 -9.82 -95.72
CA GLU F 181 1.05 -10.83 -94.66
C GLU F 181 -0.19 -11.71 -94.84
N TYR F 182 -1.20 -11.18 -95.53
CA TYR F 182 -2.45 -11.90 -95.78
C TYR F 182 -2.34 -12.81 -96.99
N ILE F 183 -3.09 -13.91 -96.99
CA ILE F 183 -3.14 -14.80 -98.14
C ILE F 183 -3.69 -14.06 -99.36
N LYS F 184 -3.37 -14.57 -100.55
CA LYS F 184 -3.79 -13.92 -101.78
C LYS F 184 -4.78 -14.77 -102.56
N HIS F 185 -4.94 -16.02 -102.14
CA HIS F 185 -5.87 -16.94 -102.80
C HIS F 185 -6.65 -17.78 -101.79
N LEU F 186 -7.91 -18.08 -102.14
CA LEU F 186 -8.73 -18.95 -101.31
C LEU F 186 -9.38 -20.03 -102.16
N GLY F 187 -9.04 -21.29 -101.89
CA GLY F 187 -9.64 -22.40 -102.58
C GLY F 187 -10.71 -23.07 -101.73
N VAL F 188 -11.80 -23.49 -102.36
CA VAL F 188 -12.87 -24.17 -101.65
C VAL F 188 -13.30 -25.44 -102.38
N TYR F 189 -13.22 -26.57 -101.69
CA TYR F 189 -13.71 -27.83 -102.24
C TYR F 189 -15.02 -28.23 -101.56
N ILE F 190 -16.07 -28.37 -102.35
CA ILE F 190 -17.40 -28.65 -101.82
C ILE F 190 -18.32 -29.31 -102.86
N ASN F 191 -19.20 -30.19 -102.38
CA ASN F 191 -20.20 -30.81 -103.25
C ASN F 191 -21.17 -29.78 -103.82
N ASN F 192 -21.52 -29.95 -105.09
CA ASN F 192 -22.38 -29.02 -105.82
C ASN F 192 -21.81 -27.61 -105.81
N ALA F 193 -20.54 -27.48 -106.22
CA ALA F 193 -19.82 -26.22 -106.18
C ALA F 193 -20.46 -25.12 -107.04
N ASP F 194 -21.28 -25.51 -108.02
CA ASP F 194 -21.93 -24.53 -108.89
C ASP F 194 -23.04 -23.81 -108.13
N THR F 195 -23.58 -24.45 -107.11
CA THR F 195 -24.66 -23.89 -106.31
C THR F 195 -24.14 -22.83 -105.35
N TYR F 196 -22.86 -22.87 -105.04
CA TYR F 196 -22.29 -22.01 -104.00
C TYR F 196 -21.50 -20.82 -104.54
N LYS F 197 -21.18 -20.83 -105.83
CA LYS F 197 -20.27 -19.83 -106.40
C LYS F 197 -20.77 -18.39 -106.30
N GLU F 198 -22.08 -18.19 -106.41
CA GLU F 198 -22.62 -16.84 -106.44
C GLU F 198 -22.70 -16.24 -105.03
N GLU F 199 -22.51 -17.09 -104.03
CA GLU F 199 -22.52 -16.64 -102.64
C GLU F 199 -21.20 -15.98 -102.27
N VAL F 200 -20.19 -16.17 -103.12
CA VAL F 200 -18.82 -15.76 -102.82
C VAL F 200 -18.67 -14.24 -102.75
N GLU F 201 -19.06 -13.54 -103.81
CA GLU F 201 -18.94 -12.08 -103.83
C GLU F 201 -19.93 -11.42 -102.86
N LYS F 202 -21.10 -12.03 -102.72
CA LYS F 202 -22.09 -11.54 -101.77
C LYS F 202 -21.51 -11.53 -100.37
N ALA F 203 -20.79 -12.59 -100.04
CA ALA F 203 -20.12 -12.69 -98.74
C ALA F 203 -19.07 -11.60 -98.58
N ARG F 204 -18.37 -11.28 -99.67
CA ARG F 204 -17.34 -10.26 -99.61
C ARG F 204 -17.97 -8.89 -99.40
N VAL F 205 -19.15 -8.69 -99.97
CA VAL F 205 -19.86 -7.43 -99.77
C VAL F 205 -20.42 -7.35 -98.35
N TYR F 206 -21.03 -8.45 -97.89
CA TYR F 206 -21.54 -8.51 -96.52
C TYR F 206 -20.40 -8.37 -95.53
N TYR F 207 -19.23 -8.88 -95.90
CA TYR F 207 -18.05 -8.70 -95.09
C TYR F 207 -17.73 -7.24 -94.84
N PHE F 208 -17.57 -6.46 -95.90
CA PHE F 208 -17.09 -5.10 -95.71
C PHE F 208 -18.12 -4.22 -95.02
N GLY F 209 -19.40 -4.43 -95.33
CA GLY F 209 -20.47 -3.71 -94.67
C GLY F 209 -20.37 -3.92 -93.16
N THR F 210 -20.16 -5.17 -92.77
CA THR F 210 -19.99 -5.51 -91.37
C THR F 210 -18.71 -4.90 -90.82
N TYR F 211 -17.64 -4.93 -91.61
CA TYR F 211 -16.37 -4.40 -91.17
C TYR F 211 -16.35 -2.88 -91.14
N TYR F 212 -17.06 -2.25 -92.07
CA TYR F 212 -17.21 -0.81 -92.08
C TYR F 212 -17.94 -0.36 -90.81
N ALA F 213 -18.98 -1.10 -90.44
CA ALA F 213 -19.74 -0.80 -89.23
C ALA F 213 -18.82 -0.90 -88.02
N SER F 214 -18.10 -2.02 -87.96
CA SER F 214 -17.15 -2.28 -86.89
C SER F 214 -16.12 -1.18 -86.76
N GLN F 215 -15.63 -0.66 -87.88
CA GLN F 215 -14.66 0.42 -87.85
C GLN F 215 -15.21 1.67 -87.17
N LEU F 216 -16.45 2.02 -87.48
CA LEU F 216 -17.10 3.19 -86.90
C LEU F 216 -17.34 2.98 -85.40
N ILE F 217 -17.76 1.78 -85.03
CA ILE F 217 -18.06 1.48 -83.65
C ILE F 217 -16.78 1.49 -82.81
N ALA F 218 -15.74 0.84 -83.34
CA ALA F 218 -14.47 0.74 -82.64
C ALA F 218 -13.81 2.11 -82.48
N ALA F 219 -13.97 2.96 -83.49
CA ALA F 219 -13.49 4.34 -83.43
C ALA F 219 -13.93 5.02 -82.14
N PRO F 220 -12.96 5.50 -81.35
CA PRO F 220 -13.26 6.14 -80.07
C PRO F 220 -14.03 7.45 -80.27
N SER F 221 -14.64 7.92 -79.20
CA SER F 221 -15.50 9.09 -79.26
C SER F 221 -14.78 10.38 -79.63
N ASN F 222 -13.49 10.49 -79.32
CA ASN F 222 -12.74 11.68 -79.74
C ASN F 222 -12.44 11.66 -81.24
N TYR F 223 -12.47 10.47 -81.83
CA TYR F 223 -12.32 10.31 -83.28
C TYR F 223 -13.69 10.28 -83.97
N CYS F 224 -14.62 9.57 -83.36
CA CYS F 224 -15.96 9.40 -83.93
C CYS F 224 -17.00 10.22 -83.16
N ASN F 225 -17.20 11.46 -83.61
CA ASN F 225 -18.16 12.36 -82.98
C ASN F 225 -19.27 12.71 -83.98
N PRO F 226 -20.36 13.38 -83.52
CA PRO F 226 -21.48 13.65 -84.43
C PRO F 226 -21.09 14.31 -85.74
N VAL F 227 -20.06 15.15 -85.72
CA VAL F 227 -19.61 15.83 -86.92
C VAL F 227 -18.81 14.89 -87.82
N SER F 228 -17.82 14.21 -87.27
CA SER F 228 -16.97 13.32 -88.05
C SER F 228 -17.74 12.10 -88.57
N LEU F 229 -18.75 11.66 -87.82
CA LEU F 229 -19.53 10.49 -88.23
C LEU F 229 -20.45 10.84 -89.40
N SER F 230 -21.02 12.02 -89.39
CA SER F 230 -21.88 12.45 -90.48
C SER F 230 -21.04 12.79 -91.72
N ASN F 231 -19.81 13.26 -91.50
CA ASN F 231 -18.89 13.48 -92.62
C ASN F 231 -18.54 12.17 -93.33
N ALA F 232 -18.25 11.15 -92.52
CA ALA F 232 -17.99 9.82 -93.05
C ALA F 232 -19.21 9.27 -93.80
N ALA F 233 -20.41 9.53 -93.27
CA ALA F 233 -21.63 9.06 -93.91
C ALA F 233 -21.79 9.68 -95.29
N VAL F 234 -21.50 10.98 -95.40
CA VAL F 234 -21.55 11.67 -96.68
C VAL F 234 -20.53 11.08 -97.66
N GLU F 235 -19.32 10.86 -97.17
CA GLU F 235 -18.28 10.27 -98.00
C GLU F 235 -18.72 8.91 -98.53
N LEU F 236 -19.39 8.14 -97.69
CA LEU F 236 -19.87 6.82 -98.07
C LEU F 236 -20.98 6.92 -99.11
N ALA F 237 -21.90 7.87 -98.91
CA ALA F 237 -23.00 8.09 -99.83
C ALA F 237 -22.48 8.50 -101.20
N GLN F 238 -21.45 9.32 -101.22
CA GLN F 238 -20.86 9.81 -102.47
C GLN F 238 -20.19 8.70 -103.26
N LYS F 239 -19.56 7.76 -102.55
CA LYS F 239 -18.88 6.66 -103.20
C LYS F 239 -19.87 5.63 -103.75
N LEU F 240 -21.07 5.60 -103.18
CA LEU F 240 -22.08 4.64 -103.58
C LEU F 240 -23.13 5.26 -104.49
N ASN F 241 -22.99 6.56 -104.73
CA ASN F 241 -23.96 7.35 -105.49
C ASN F 241 -25.36 7.29 -104.90
N LEU F 242 -25.44 7.33 -103.57
CA LEU F 242 -26.72 7.48 -102.88
C LEU F 242 -27.00 8.96 -102.68
N GLU F 243 -28.27 9.33 -102.68
CA GLU F 243 -28.63 10.70 -102.32
C GLU F 243 -28.36 10.88 -100.83
N TYR F 244 -27.91 12.07 -100.44
CA TYR F 244 -27.60 12.30 -99.04
C TYR F 244 -28.04 13.68 -98.57
N LYS F 245 -28.24 13.79 -97.25
CA LYS F 245 -28.79 14.98 -96.65
C LYS F 245 -28.43 15.00 -95.17
N ILE F 246 -27.68 16.02 -94.75
CA ILE F 246 -27.33 16.15 -93.35
C ILE F 246 -27.99 17.38 -92.74
N LEU F 247 -28.90 17.15 -91.81
CA LEU F 247 -29.61 18.25 -91.16
C LEU F 247 -28.84 18.74 -89.93
N GLY F 248 -28.62 20.06 -89.89
CA GLY F 248 -27.92 20.68 -88.77
C GLY F 248 -28.88 21.24 -87.75
N VAL F 249 -28.33 21.91 -86.74
CA VAL F 249 -29.13 22.42 -85.63
C VAL F 249 -30.27 23.33 -86.08
N LYS F 250 -29.96 24.27 -86.97
CA LYS F 250 -30.96 25.22 -87.46
C LYS F 250 -32.14 24.51 -88.14
N GLU F 251 -31.83 23.45 -88.89
CA GLU F 251 -32.88 22.67 -89.55
C GLU F 251 -33.69 21.84 -88.55
N LEU F 252 -33.01 21.34 -87.52
CA LEU F 252 -33.67 20.51 -86.51
C LEU F 252 -34.56 21.32 -85.58
N GLU F 253 -34.17 22.57 -85.32
CA GLU F 253 -34.96 23.48 -84.50
C GLU F 253 -36.27 23.81 -85.18
N GLU F 254 -36.20 24.14 -86.47
CA GLU F 254 -37.39 24.48 -87.24
C GLU F 254 -38.30 23.26 -87.38
N LEU F 255 -37.71 22.06 -87.35
CA LEU F 255 -38.49 20.82 -87.36
C LEU F 255 -38.99 20.48 -85.96
N LYS F 256 -38.57 21.28 -84.98
CA LYS F 256 -39.04 21.18 -83.60
C LYS F 256 -38.66 19.85 -82.93
N MET F 257 -37.55 19.26 -83.36
CA MET F 257 -37.08 18.02 -82.75
C MET F 257 -36.49 18.26 -81.37
N GLY F 258 -37.34 18.54 -80.40
CA GLY F 258 -36.90 18.92 -79.07
C GLY F 258 -36.35 17.81 -78.20
N ALA F 259 -36.83 16.59 -78.39
CA ALA F 259 -36.30 15.46 -77.64
C ALA F 259 -34.85 15.20 -78.06
N TYR F 260 -34.66 15.00 -79.36
CA TYR F 260 -33.34 14.81 -79.96
C TYR F 260 -32.34 15.92 -79.57
N LEU F 261 -32.74 17.18 -79.77
CA LEU F 261 -31.86 18.31 -79.49
C LEU F 261 -31.52 18.46 -78.01
N SER F 262 -32.46 18.09 -77.13
CA SER F 262 -32.24 18.21 -75.69
C SER F 262 -31.07 17.35 -75.23
N VAL F 263 -30.96 16.16 -75.82
CA VAL F 263 -29.91 15.22 -75.49
C VAL F 263 -28.53 15.79 -75.84
N GLY F 264 -28.44 16.47 -76.98
CA GLY F 264 -27.17 16.98 -77.45
C GLY F 264 -26.72 18.31 -76.84
N LYS F 265 -27.61 18.92 -76.05
CA LYS F 265 -27.38 20.27 -75.51
C LYS F 265 -26.04 20.42 -74.79
N GLY F 266 -25.62 19.38 -74.09
CA GLY F 266 -24.42 19.45 -73.28
C GLY F 266 -23.14 19.12 -74.03
N SER F 267 -23.27 18.80 -75.31
CA SER F 267 -22.11 18.37 -76.11
C SER F 267 -21.46 19.55 -76.83
N MET F 268 -20.14 19.49 -77.00
CA MET F 268 -19.41 20.50 -77.74
C MET F 268 -19.60 20.31 -79.24
N TYR F 269 -20.03 19.11 -79.62
CA TYR F 269 -20.34 18.81 -81.02
C TYR F 269 -21.80 19.06 -81.33
N PRO F 270 -22.08 19.85 -82.39
CA PRO F 270 -23.45 20.09 -82.83
C PRO F 270 -24.12 18.82 -83.35
N ASN F 271 -25.40 18.66 -83.07
CA ASN F 271 -26.15 17.51 -83.57
C ASN F 271 -26.17 17.46 -85.09
N LYS F 272 -26.08 16.25 -85.62
CA LYS F 272 -26.20 16.03 -87.05
C LYS F 272 -27.19 14.90 -87.30
N PHE F 273 -28.13 15.12 -88.21
CA PHE F 273 -29.11 14.10 -88.54
C PHE F 273 -28.81 13.54 -89.92
N ILE F 274 -28.34 12.30 -89.97
CA ILE F 274 -27.99 11.64 -91.23
C ILE F 274 -29.23 11.13 -91.94
N HIS F 275 -29.30 11.40 -93.24
CA HIS F 275 -30.37 10.88 -94.09
C HIS F 275 -29.79 10.52 -95.45
N LEU F 276 -29.51 9.24 -95.64
CA LEU F 276 -29.15 8.73 -96.95
C LEU F 276 -30.39 8.11 -97.57
N THR F 277 -30.42 7.95 -98.89
CA THR F 277 -31.54 7.27 -99.51
C THR F 277 -31.15 6.59 -100.81
N TYR F 278 -31.62 5.35 -100.95
CA TYR F 278 -31.34 4.55 -102.13
C TYR F 278 -32.61 4.38 -102.95
N LYS F 279 -32.63 5.00 -104.13
CA LYS F 279 -33.75 4.86 -105.06
C LYS F 279 -33.47 3.68 -105.99
N SER F 280 -34.46 2.82 -106.18
CA SER F 280 -34.25 1.61 -106.96
C SER F 280 -34.66 1.75 -108.42
N LYS F 281 -34.11 0.86 -109.25
CA LYS F 281 -34.55 0.72 -110.63
C LYS F 281 -35.81 -0.14 -110.65
N GLY F 282 -36.74 0.19 -111.54
CA GLY F 282 -38.01 -0.50 -111.59
C GLY F 282 -39.02 0.18 -110.69
N ASP F 283 -40.27 -0.28 -110.73
CA ASP F 283 -41.32 0.33 -109.94
C ASP F 283 -41.12 0.06 -108.44
N VAL F 284 -41.16 1.13 -107.65
CA VAL F 284 -40.99 1.01 -106.21
C VAL F 284 -42.16 0.26 -105.59
N LYS F 285 -41.92 -0.99 -105.19
CA LYS F 285 -42.97 -1.80 -104.61
C LYS F 285 -42.95 -1.75 -103.08
N LYS F 286 -41.83 -1.30 -102.51
CA LYS F 286 -41.71 -1.19 -101.06
C LYS F 286 -40.79 -0.05 -100.66
N LYS F 287 -41.32 0.87 -99.85
CA LYS F 287 -40.53 1.95 -99.28
C LYS F 287 -40.15 1.61 -97.85
N ILE F 288 -38.85 1.60 -97.55
CA ILE F 288 -38.38 1.19 -96.24
C ILE F 288 -37.52 2.28 -95.58
N ALA F 289 -37.74 2.48 -94.28
CA ALA F 289 -36.92 3.39 -93.50
C ALA F 289 -36.16 2.61 -92.42
N LEU F 290 -34.84 2.66 -92.48
CA LEU F 290 -34.00 2.01 -91.48
C LEU F 290 -33.39 3.08 -90.56
N VAL F 291 -33.71 3.01 -89.27
CA VAL F 291 -33.29 4.01 -88.30
C VAL F 291 -32.29 3.47 -87.30
N GLY F 292 -31.17 4.17 -87.10
CA GLY F 292 -30.16 3.72 -86.18
C GLY F 292 -29.86 4.70 -85.06
N LYS F 293 -29.72 4.19 -83.84
CA LYS F 293 -29.33 5.03 -82.71
C LYS F 293 -27.89 5.47 -82.87
N GLY F 294 -27.65 6.78 -82.78
CA GLY F 294 -26.32 7.30 -83.03
C GLY F 294 -25.80 8.18 -81.92
N ILE F 295 -25.60 7.60 -80.74
CA ILE F 295 -24.96 8.31 -79.65
C ILE F 295 -23.46 8.03 -79.69
N THR F 296 -22.68 9.03 -80.06
CA THR F 296 -21.25 8.82 -80.30
C THR F 296 -20.53 8.56 -78.97
N PHE F 297 -21.02 9.17 -77.90
CA PHE F 297 -20.59 8.77 -76.56
C PHE F 297 -21.69 9.01 -75.55
N ASP F 298 -21.93 8.02 -74.72
CA ASP F 298 -22.98 8.08 -73.72
C ASP F 298 -22.38 8.06 -72.32
N SER F 299 -22.20 9.24 -71.73
CA SER F 299 -21.68 9.33 -70.38
C SER F 299 -22.78 9.05 -69.36
N GLY F 300 -24.02 9.17 -69.82
CA GLY F 300 -25.18 9.02 -68.96
C GLY F 300 -25.82 10.37 -68.65
N GLY F 301 -25.09 11.44 -68.95
CA GLY F 301 -25.56 12.77 -68.58
C GLY F 301 -25.44 12.96 -67.09
N TYR F 302 -26.32 13.78 -66.51
CA TYR F 302 -26.31 13.99 -65.07
C TYR F 302 -26.65 12.70 -64.31
N ASN F 303 -27.34 11.77 -64.97
CA ASN F 303 -27.44 10.41 -64.46
C ASN F 303 -26.18 9.63 -64.87
N LEU F 304 -25.04 10.10 -64.38
CA LEU F 304 -23.74 9.62 -64.82
C LEU F 304 -23.59 8.12 -64.63
N LYS F 305 -22.95 7.45 -65.59
CA LYS F 305 -22.66 6.03 -65.47
C LYS F 305 -21.53 5.80 -64.46
N ALA F 306 -21.88 5.85 -63.17
CA ALA F 306 -20.90 5.74 -62.10
C ALA F 306 -21.09 4.45 -61.29
N ALA F 307 -22.21 3.77 -61.52
CA ALA F 307 -22.51 2.54 -60.80
C ALA F 307 -21.64 1.40 -61.33
N PRO F 308 -21.23 0.49 -60.44
CA PRO F 308 -20.45 -0.70 -60.84
C PRO F 308 -21.16 -1.48 -61.94
N GLY F 309 -20.47 -1.70 -63.05
CA GLY F 309 -21.04 -2.48 -64.14
C GLY F 309 -21.70 -1.68 -65.24
N SER F 310 -21.64 -0.36 -65.14
CA SER F 310 -22.25 0.47 -66.18
C SER F 310 -21.31 0.63 -67.38
N MET F 311 -20.04 0.29 -67.17
CA MET F 311 -19.05 0.21 -68.24
C MET F 311 -18.97 1.48 -69.11
N ILE F 312 -18.83 2.62 -68.46
CA ILE F 312 -18.76 3.90 -69.16
C ILE F 312 -17.68 3.93 -70.26
N ASP F 313 -16.63 3.13 -70.09
CA ASP F 313 -15.53 3.12 -71.06
C ASP F 313 -15.87 2.34 -72.33
N LEU F 314 -17.04 1.70 -72.34
CA LEU F 314 -17.52 0.98 -73.52
C LEU F 314 -18.40 1.87 -74.40
N MET F 315 -18.82 3.00 -73.85
CA MET F 315 -19.94 3.75 -74.42
C MET F 315 -19.64 4.49 -75.72
N LYS F 316 -18.49 4.21 -76.32
CA LYS F 316 -18.24 4.66 -77.67
C LYS F 316 -19.08 3.83 -78.64
N PHE F 317 -19.56 2.70 -78.15
CA PHE F 317 -20.28 1.73 -78.98
C PHE F 317 -21.76 2.06 -79.09
N ASP F 318 -22.16 3.17 -78.45
CA ASP F 318 -23.57 3.51 -78.35
C ASP F 318 -24.13 4.05 -79.67
N MET F 319 -23.30 4.04 -80.72
CA MET F 319 -23.77 4.39 -82.06
C MET F 319 -23.72 3.17 -82.98
N SER F 320 -23.74 1.98 -82.37
CA SER F 320 -23.71 0.72 -83.10
C SER F 320 -24.89 0.59 -84.06
N GLY F 321 -26.05 1.09 -83.66
CA GLY F 321 -27.23 1.04 -84.50
C GLY F 321 -27.06 1.83 -85.77
N CYS F 322 -26.60 3.07 -85.63
CA CYS F 322 -26.27 3.92 -86.77
C CYS F 322 -25.23 3.25 -87.66
N ALA F 323 -24.24 2.61 -87.04
CA ALA F 323 -23.19 1.94 -87.80
C ALA F 323 -23.75 0.77 -88.61
N ALA F 324 -24.71 0.05 -88.03
CA ALA F 324 -25.32 -1.08 -88.71
C ALA F 324 -26.11 -0.59 -89.92
N VAL F 325 -26.77 0.56 -89.76
CA VAL F 325 -27.53 1.16 -90.85
C VAL F 325 -26.62 1.65 -91.97
N LEU F 326 -25.51 2.30 -91.63
CA LEU F 326 -24.57 2.77 -92.64
C LEU F 326 -23.89 1.60 -93.35
N GLY F 327 -23.56 0.57 -92.58
CA GLY F 327 -22.98 -0.63 -93.13
C GLY F 327 -23.96 -1.30 -94.08
N CYS F 328 -25.24 -1.24 -93.72
CA CYS F 328 -26.30 -1.80 -94.56
C CYS F 328 -26.41 -0.98 -95.84
N ALA F 329 -26.30 0.35 -95.71
CA ALA F 329 -26.29 1.23 -96.87
C ALA F 329 -25.21 0.84 -97.86
N TYR F 330 -24.03 0.46 -97.35
CA TYR F 330 -22.95 0.02 -98.22
C TYR F 330 -23.34 -1.24 -98.99
N CYS F 331 -23.97 -2.18 -98.30
CA CYS F 331 -24.36 -3.44 -98.93
C CYS F 331 -25.45 -3.23 -99.96
N VAL F 332 -26.39 -2.33 -99.65
CA VAL F 332 -27.50 -2.04 -100.55
C VAL F 332 -27.04 -1.30 -101.81
N GLY F 333 -26.19 -0.30 -101.61
CA GLY F 333 -25.70 0.48 -102.73
C GLY F 333 -24.77 -0.30 -103.63
N THR F 334 -24.23 -1.40 -103.12
CA THR F 334 -23.27 -2.20 -103.87
C THR F 334 -23.97 -3.36 -104.59
N LEU F 335 -24.86 -4.05 -103.89
CA LEU F 335 -25.59 -5.17 -104.48
C LEU F 335 -26.70 -4.68 -105.40
N LYS F 336 -27.19 -3.47 -105.13
CA LYS F 336 -28.25 -2.84 -105.91
C LYS F 336 -29.49 -3.71 -106.09
N PRO F 337 -30.25 -3.94 -105.00
CA PRO F 337 -31.52 -4.65 -105.12
C PRO F 337 -32.55 -3.81 -105.87
N GLU F 338 -33.59 -4.44 -106.39
CA GLU F 338 -34.58 -3.72 -107.20
C GLU F 338 -35.96 -3.64 -106.57
N ASN F 339 -36.76 -2.71 -107.09
CA ASN F 339 -38.13 -2.50 -106.64
C ASN F 339 -38.25 -2.13 -105.17
N VAL F 340 -37.30 -1.34 -104.68
CA VAL F 340 -37.33 -0.95 -103.27
C VAL F 340 -36.62 0.39 -103.01
N GLU F 341 -37.34 1.30 -102.37
CA GLU F 341 -36.74 2.56 -101.92
C GLU F 341 -36.37 2.44 -100.45
N ILE F 342 -35.14 2.79 -100.12
CA ILE F 342 -34.67 2.66 -98.73
C ILE F 342 -34.14 3.98 -98.19
N HIS F 343 -34.53 4.29 -96.96
CA HIS F 343 -34.04 5.49 -96.28
C HIS F 343 -33.21 5.10 -95.07
N PHE F 344 -31.98 5.60 -95.05
CA PHE F 344 -31.07 5.34 -93.95
C PHE F 344 -30.99 6.59 -93.07
N LEU F 345 -31.45 6.46 -91.83
CA LEU F 345 -31.56 7.60 -90.92
C LEU F 345 -30.82 7.39 -89.61
N SER F 346 -30.28 8.47 -89.06
CA SER F 346 -29.71 8.43 -87.72
C SER F 346 -29.64 9.80 -87.07
N ALA F 347 -30.29 9.93 -85.91
CA ALA F 347 -30.22 11.15 -85.13
C ALA F 347 -28.98 11.11 -84.27
N VAL F 348 -27.90 11.76 -84.74
CA VAL F 348 -26.60 11.63 -84.10
C VAL F 348 -26.29 12.77 -83.13
N CYS F 349 -25.81 12.42 -81.94
CA CYS F 349 -25.40 13.38 -80.94
C CYS F 349 -24.58 12.70 -79.85
N GLU F 350 -24.19 13.47 -78.84
CA GLU F 350 -23.33 12.99 -77.77
C GLU F 350 -23.92 13.36 -76.41
N ASN F 351 -24.11 12.36 -75.54
CA ASN F 351 -24.74 12.58 -74.24
C ASN F 351 -23.72 12.96 -73.17
N MET F 352 -23.57 14.25 -72.90
CA MET F 352 -22.47 14.73 -72.07
C MET F 352 -22.92 15.50 -70.83
N VAL F 353 -21.97 15.71 -69.92
CA VAL F 353 -22.20 16.50 -68.71
C VAL F 353 -21.61 17.89 -68.86
N SER F 354 -22.44 18.90 -68.65
CA SER F 354 -22.05 20.29 -68.86
C SER F 354 -23.00 21.22 -68.11
N LYS F 355 -22.70 22.51 -68.13
CA LYS F 355 -23.64 23.53 -67.67
C LYS F 355 -24.83 23.59 -68.61
N ASN F 356 -24.62 23.15 -69.85
CA ASN F 356 -25.64 23.27 -70.90
C ASN F 356 -26.49 22.03 -71.08
N SER F 357 -26.23 20.99 -70.30
CA SER F 357 -26.90 19.71 -70.47
C SER F 357 -28.35 19.79 -70.02
N TYR F 358 -29.17 18.86 -70.53
CA TYR F 358 -30.52 18.71 -70.02
C TYR F 358 -30.41 17.98 -68.69
N ARG F 359 -31.36 18.24 -67.79
CA ARG F 359 -31.34 17.72 -66.43
C ARG F 359 -32.40 16.67 -66.25
N PRO F 360 -32.21 15.78 -65.27
CA PRO F 360 -33.32 14.90 -64.87
C PRO F 360 -34.49 15.77 -64.42
N GLY F 361 -35.69 15.46 -64.89
CA GLY F 361 -36.85 16.24 -64.50
C GLY F 361 -37.33 17.22 -65.56
N ASP F 362 -36.47 17.54 -66.52
CA ASP F 362 -36.85 18.48 -67.57
C ASP F 362 -38.04 17.96 -68.36
N ILE F 363 -38.88 18.87 -68.85
CA ILE F 363 -39.98 18.48 -69.73
C ILE F 363 -39.70 19.01 -71.13
N ILE F 364 -39.57 18.10 -72.07
CA ILE F 364 -39.16 18.43 -73.42
C ILE F 364 -40.27 18.10 -74.40
N THR F 365 -40.23 18.72 -75.57
CA THR F 365 -41.31 18.60 -76.54
C THR F 365 -40.83 17.96 -77.84
N ALA F 366 -41.36 16.77 -78.15
CA ALA F 366 -41.02 16.08 -79.40
C ALA F 366 -41.56 16.81 -80.63
N SER F 367 -41.13 16.38 -81.81
CA SER F 367 -41.50 17.06 -83.05
C SER F 367 -42.93 16.69 -83.50
N ASN F 368 -43.60 15.83 -82.76
CA ASN F 368 -45.00 15.54 -83.03
C ASN F 368 -45.91 16.24 -82.01
N GLY F 369 -45.30 17.07 -81.16
CA GLY F 369 -46.05 17.84 -80.18
C GLY F 369 -46.13 17.22 -78.80
N LYS F 370 -45.66 15.98 -78.65
CA LYS F 370 -45.74 15.32 -77.36
C LYS F 370 -44.71 15.87 -76.38
N THR F 371 -45.16 16.18 -75.17
CA THR F 371 -44.25 16.61 -74.12
C THR F 371 -43.76 15.39 -73.34
N ILE F 372 -42.49 15.41 -72.97
CA ILE F 372 -41.87 14.26 -72.32
C ILE F 372 -41.19 14.66 -71.02
N GLU F 373 -41.50 13.97 -69.94
CA GLU F 373 -40.81 14.20 -68.67
C GLU F 373 -39.59 13.30 -68.57
N VAL F 374 -38.42 13.90 -68.47
CA VAL F 374 -37.19 13.14 -68.40
C VAL F 374 -36.96 12.70 -66.96
N GLY F 375 -36.98 11.39 -66.73
CA GLY F 375 -36.75 10.85 -65.41
C GLY F 375 -35.32 10.40 -65.23
N ASN F 376 -34.62 10.23 -66.35
CA ASN F 376 -33.26 9.69 -66.35
C ASN F 376 -32.53 10.12 -67.62
N THR F 377 -31.51 10.96 -67.47
CA THR F 377 -30.81 11.48 -68.63
C THR F 377 -29.97 10.40 -69.34
N ASP F 378 -29.80 9.24 -68.70
CA ASP F 378 -29.08 8.14 -69.31
C ASP F 378 -30.02 7.27 -70.16
N ALA F 379 -31.32 7.56 -70.13
CA ALA F 379 -32.22 6.91 -71.08
C ALA F 379 -32.44 7.83 -72.28
N GLU F 380 -31.33 8.22 -72.92
CA GLU F 380 -31.36 9.23 -73.98
C GLU F 380 -31.62 8.64 -75.37
N GLY F 381 -31.33 7.35 -75.52
CA GLY F 381 -31.51 6.67 -76.79
C GLY F 381 -32.93 6.76 -77.33
N ARG F 382 -33.92 6.51 -76.47
CA ARG F 382 -35.30 6.53 -76.90
C ARG F 382 -35.74 7.94 -77.30
N LEU F 383 -35.13 8.96 -76.69
CA LEU F 383 -35.48 10.35 -76.97
C LEU F 383 -35.05 10.75 -78.37
N THR F 384 -33.82 10.38 -78.75
CA THR F 384 -33.33 10.68 -80.08
C THR F 384 -34.10 9.86 -81.12
N LEU F 385 -34.46 8.63 -80.76
CA LEU F 385 -35.20 7.77 -81.65
C LEU F 385 -36.63 8.27 -81.87
N ALA F 386 -37.20 8.89 -80.84
CA ALA F 386 -38.57 9.40 -80.91
C ALA F 386 -38.74 10.44 -82.03
N ASP F 387 -37.79 11.36 -82.15
CA ASP F 387 -37.85 12.36 -83.20
C ASP F 387 -37.48 11.78 -84.55
N ALA F 388 -36.55 10.83 -84.56
CA ALA F 388 -36.17 10.15 -85.80
C ALA F 388 -37.36 9.37 -86.36
N LEU F 389 -38.10 8.69 -85.49
CA LEU F 389 -39.25 7.90 -85.92
C LEU F 389 -40.38 8.78 -86.47
N VAL F 390 -40.63 9.92 -85.83
CA VAL F 390 -41.58 10.90 -86.33
C VAL F 390 -41.18 11.37 -87.73
N TYR F 391 -39.88 11.67 -87.88
CA TYR F 391 -39.33 12.10 -89.16
C TYR F 391 -39.46 10.99 -90.21
N ALA F 392 -39.32 9.74 -89.77
CA ALA F 392 -39.36 8.60 -90.67
C ALA F 392 -40.76 8.39 -91.21
N GLU F 393 -41.76 8.50 -90.35
CA GLU F 393 -43.12 8.21 -90.77
C GLU F 393 -43.63 9.27 -91.74
N LYS F 394 -43.03 10.45 -91.71
CA LYS F 394 -43.40 11.52 -92.64
C LYS F 394 -42.84 11.29 -94.05
N LEU F 395 -42.10 10.20 -94.24
CA LEU F 395 -41.57 9.84 -95.54
C LEU F 395 -42.55 8.96 -96.30
N GLY F 396 -43.61 8.52 -95.61
CA GLY F 396 -44.63 7.70 -96.20
C GLY F 396 -44.11 6.34 -96.65
N VAL F 397 -43.43 5.66 -95.73
CA VAL F 397 -42.84 4.36 -96.03
C VAL F 397 -43.80 3.23 -95.66
N ASP F 398 -43.42 2.00 -96.01
CA ASP F 398 -44.24 0.84 -95.68
C ASP F 398 -43.76 0.18 -94.39
N TYR F 399 -42.45 0.05 -94.25
CA TYR F 399 -41.87 -0.50 -93.05
C TYR F 399 -40.88 0.47 -92.42
N ILE F 400 -40.97 0.63 -91.11
CA ILE F 400 -39.92 1.30 -90.35
C ILE F 400 -39.24 0.28 -89.46
N VAL F 401 -37.92 0.20 -89.55
CA VAL F 401 -37.16 -0.65 -88.65
C VAL F 401 -36.10 0.17 -87.96
N ASP F 402 -36.08 0.18 -86.63
CA ASP F 402 -34.99 0.84 -85.93
C ASP F 402 -34.10 -0.19 -85.27
N ILE F 403 -32.84 0.19 -85.08
CA ILE F 403 -31.86 -0.69 -84.46
C ILE F 403 -31.03 0.15 -83.49
N ALA F 404 -30.87 -0.34 -82.26
CA ALA F 404 -30.31 0.50 -81.21
C ALA F 404 -29.72 -0.29 -80.05
N THR F 405 -28.64 0.24 -79.48
CA THR F 405 -28.13 -0.23 -78.20
C THR F 405 -28.91 0.48 -77.11
N LEU F 406 -30.14 0.05 -76.89
CA LEU F 406 -31.10 0.83 -76.11
C LEU F 406 -31.11 0.51 -74.62
N THR F 407 -31.19 -0.77 -74.25
CA THR F 407 -31.36 -1.11 -72.83
C THR F 407 -30.41 -2.19 -72.32
N GLY F 408 -29.78 -1.90 -71.18
CA GLY F 408 -28.86 -2.83 -70.55
C GLY F 408 -29.54 -4.11 -70.10
N ALA F 409 -30.87 -4.06 -70.01
CA ALA F 409 -31.65 -5.22 -69.57
C ALA F 409 -31.58 -6.39 -70.54
N MET F 410 -31.28 -6.11 -71.81
CA MET F 410 -31.12 -7.17 -72.81
C MET F 410 -30.13 -8.24 -72.38
N LEU F 411 -29.11 -7.83 -71.63
CA LEU F 411 -28.10 -8.75 -71.13
C LEU F 411 -28.69 -9.76 -70.16
N TYR F 412 -29.83 -9.41 -69.56
CA TYR F 412 -30.48 -10.28 -68.59
C TYR F 412 -31.60 -11.09 -69.22
N SER F 413 -32.00 -10.73 -70.43
CA SER F 413 -33.05 -11.46 -71.12
C SER F 413 -32.45 -12.43 -72.15
N LEU F 414 -31.94 -11.89 -73.24
CA LEU F 414 -31.39 -12.74 -74.30
C LEU F 414 -29.88 -12.92 -74.18
N GLY F 415 -29.21 -11.96 -73.54
CA GLY F 415 -27.78 -12.04 -73.34
C GLY F 415 -26.95 -11.44 -74.47
N THR F 416 -25.81 -12.06 -74.74
CA THR F 416 -24.85 -11.50 -75.69
C THR F 416 -24.94 -12.10 -77.09
N SER F 417 -25.80 -13.09 -77.28
CA SER F 417 -25.87 -13.77 -78.58
C SER F 417 -27.09 -13.40 -79.42
N TYR F 418 -28.25 -13.26 -78.79
CA TYR F 418 -29.47 -12.95 -79.54
C TYR F 418 -29.93 -11.52 -79.31
N ALA F 419 -30.26 -10.83 -80.39
CA ALA F 419 -30.87 -9.50 -80.28
C ALA F 419 -32.37 -9.66 -80.06
N GLY F 420 -32.99 -8.66 -79.45
CA GLY F 420 -34.43 -8.68 -79.27
C GLY F 420 -35.12 -7.82 -80.31
N VAL F 421 -36.25 -8.28 -80.82
CA VAL F 421 -37.03 -7.48 -81.74
C VAL F 421 -38.45 -7.28 -81.18
N PHE F 422 -38.90 -6.04 -81.22
CA PHE F 422 -40.23 -5.65 -80.75
C PHE F 422 -40.92 -4.93 -81.90
N GLY F 423 -42.25 -4.94 -81.93
CA GLY F 423 -42.96 -4.31 -83.03
C GLY F 423 -44.46 -4.18 -82.85
N ASN F 424 -45.09 -3.42 -83.76
CA ASN F 424 -46.52 -3.23 -83.74
C ASN F 424 -47.23 -4.02 -84.82
N ASN F 425 -46.46 -4.79 -85.59
CA ASN F 425 -46.98 -5.49 -86.75
C ASN F 425 -46.36 -6.88 -86.89
N GLU F 426 -47.21 -7.91 -86.79
CA GLU F 426 -46.71 -9.29 -86.75
C GLU F 426 -46.04 -9.71 -88.06
N GLU F 427 -46.58 -9.24 -89.18
CA GLU F 427 -46.01 -9.57 -90.49
C GLU F 427 -44.57 -9.06 -90.60
N LEU F 428 -44.36 -7.80 -90.23
CA LEU F 428 -43.03 -7.21 -90.27
C LEU F 428 -42.09 -7.94 -89.32
N ILE F 429 -42.60 -8.31 -88.15
CA ILE F 429 -41.81 -9.06 -87.18
C ILE F 429 -41.28 -10.34 -87.81
N ASN F 430 -42.18 -11.07 -88.48
CA ASN F 430 -41.80 -12.33 -89.12
C ASN F 430 -40.82 -12.12 -90.26
N LYS F 431 -40.94 -11.01 -90.98
CA LYS F 431 -39.98 -10.70 -92.03
C LYS F 431 -38.59 -10.51 -91.42
N ILE F 432 -38.55 -9.86 -90.25
CA ILE F 432 -37.29 -9.66 -89.54
C ILE F 432 -36.74 -10.99 -89.03
N LEU F 433 -37.62 -11.85 -88.54
CA LEU F 433 -37.23 -13.18 -88.07
C LEU F 433 -36.69 -14.03 -89.21
N GLN F 434 -37.38 -14.01 -90.35
CA GLN F 434 -36.93 -14.72 -91.54
C GLN F 434 -35.55 -14.21 -91.95
N SER F 435 -35.37 -12.90 -91.93
CA SER F 435 -34.10 -12.27 -92.25
C SER F 435 -33.00 -12.77 -91.33
N SER F 436 -33.34 -12.96 -90.06
CA SER F 436 -32.41 -13.50 -89.08
C SER F 436 -31.98 -14.92 -89.44
N LYS F 437 -32.89 -15.68 -90.04
CA LYS F 437 -32.62 -17.06 -90.40
C LYS F 437 -31.63 -17.15 -91.56
N THR F 438 -31.80 -16.29 -92.56
CA THR F 438 -30.95 -16.35 -93.74
C THR F 438 -29.65 -15.55 -93.59
N SER F 439 -29.60 -14.65 -92.62
CA SER F 439 -28.39 -13.87 -92.38
C SER F 439 -27.50 -14.51 -91.33
N ASN F 440 -28.09 -15.40 -90.54
CA ASN F 440 -27.42 -16.03 -89.39
C ASN F 440 -26.97 -15.03 -88.34
N GLU F 441 -27.73 -13.92 -88.23
CA GLU F 441 -27.60 -13.00 -87.11
C GLU F 441 -28.83 -13.19 -86.23
N PRO F 442 -28.68 -13.91 -85.11
CA PRO F 442 -29.81 -14.38 -84.29
C PRO F 442 -30.61 -13.25 -83.63
N VAL F 443 -31.92 -13.33 -83.81
CA VAL F 443 -32.87 -12.38 -83.23
C VAL F 443 -34.07 -13.13 -82.67
N TRP F 444 -34.60 -12.68 -81.54
CA TRP F 444 -35.75 -13.32 -80.92
C TRP F 444 -36.89 -12.32 -80.69
N TRP F 445 -38.10 -12.71 -81.06
CA TRP F 445 -39.26 -11.87 -80.90
C TRP F 445 -39.65 -11.72 -79.42
N LEU F 446 -39.77 -10.47 -78.98
CA LEU F 446 -40.18 -10.17 -77.60
C LEU F 446 -41.43 -9.29 -77.64
N PRO F 447 -42.31 -9.45 -76.63
CA PRO F 447 -43.62 -8.79 -76.69
C PRO F 447 -43.62 -7.33 -76.25
N ILE F 448 -44.52 -6.55 -76.81
CA ILE F 448 -44.81 -5.23 -76.29
C ILE F 448 -46.08 -5.33 -75.45
N ILE F 449 -45.89 -5.41 -74.13
CA ILE F 449 -46.97 -5.66 -73.20
C ILE F 449 -47.72 -4.38 -72.81
N ASN F 450 -48.92 -4.22 -73.34
CA ASN F 450 -49.71 -3.01 -73.16
C ASN F 450 -50.08 -2.67 -71.72
N GLU F 451 -50.12 -3.68 -70.85
CA GLU F 451 -50.47 -3.45 -69.45
C GLU F 451 -49.43 -2.57 -68.73
N TYR F 452 -48.23 -2.47 -69.30
CA TYR F 452 -47.17 -1.67 -68.69
C TYR F 452 -47.24 -0.22 -69.17
N ARG F 453 -48.07 0.05 -70.17
CA ARG F 453 -48.16 1.39 -70.75
C ARG F 453 -48.59 2.44 -69.72
N ALA F 454 -49.39 2.03 -68.75
CA ALA F 454 -49.89 2.95 -67.73
C ALA F 454 -48.76 3.61 -66.94
N THR F 455 -47.65 2.92 -66.80
CA THR F 455 -46.54 3.41 -66.00
C THR F 455 -45.77 4.56 -66.69
N LEU F 456 -46.11 4.84 -67.94
CA LEU F 456 -45.53 5.99 -68.62
C LEU F 456 -46.44 7.21 -68.53
N ASN F 457 -47.51 7.11 -67.74
CA ASN F 457 -48.44 8.24 -67.54
C ASN F 457 -47.89 9.32 -66.64
N SER F 458 -47.31 10.36 -67.23
CA SER F 458 -46.71 11.44 -66.47
C SER F 458 -47.76 12.28 -65.75
N LYS F 459 -47.40 12.78 -64.57
CA LYS F 459 -48.27 13.64 -63.80
C LYS F 459 -48.39 15.01 -64.47
N TYR F 460 -47.34 15.43 -65.19
CA TYR F 460 -47.29 16.77 -65.75
C TYR F 460 -47.15 16.84 -67.28
N ALA F 461 -46.37 15.94 -67.85
CA ALA F 461 -46.18 15.92 -69.30
C ALA F 461 -47.18 14.96 -69.94
N ASP F 462 -47.21 14.93 -71.27
CA ASP F 462 -48.02 13.97 -71.99
C ASP F 462 -47.60 12.55 -71.64
N ILE F 463 -46.29 12.32 -71.57
CA ILE F 463 -45.77 10.99 -71.30
C ILE F 463 -44.44 11.02 -70.52
N ASN F 464 -44.21 9.99 -69.71
CA ASN F 464 -42.92 9.77 -69.07
C ASN F 464 -41.93 9.06 -70.01
N GLN F 465 -40.69 9.48 -69.94
CA GLN F 465 -39.60 8.84 -70.68
C GLN F 465 -39.35 7.43 -70.15
N ILE F 466 -39.26 7.31 -68.82
CA ILE F 466 -38.99 6.02 -68.18
C ILE F 466 -40.03 5.67 -67.13
N SER F 467 -39.97 4.42 -66.69
CA SER F 467 -40.86 3.90 -65.66
C SER F 467 -40.18 4.02 -64.30
N SER F 468 -40.96 4.31 -63.26
CA SER F 468 -40.39 4.52 -61.93
C SER F 468 -39.59 3.29 -61.41
N SER F 469 -40.02 2.02 -61.40
CA SER F 469 -41.36 1.36 -61.39
C SER F 469 -41.15 -0.06 -61.92
N VAL F 470 -41.40 -0.22 -63.22
CA VAL F 470 -41.30 -1.49 -63.92
C VAL F 470 -39.86 -1.83 -64.31
N LYS F 471 -39.45 -3.06 -63.99
CA LYS F 471 -38.08 -3.48 -64.21
C LYS F 471 -37.82 -3.93 -65.64
N ALA F 472 -38.89 -4.28 -66.36
CA ALA F 472 -38.77 -4.71 -67.75
C ALA F 472 -38.49 -3.50 -68.65
N SER F 473 -37.25 -3.01 -68.57
CA SER F 473 -36.84 -1.78 -69.24
C SER F 473 -36.98 -1.86 -70.75
N SER F 474 -36.60 -3.00 -71.31
CA SER F 474 -36.61 -3.17 -72.76
C SER F 474 -38.02 -3.05 -73.31
N ILE F 475 -38.99 -3.63 -72.61
CA ILE F 475 -40.37 -3.59 -73.04
C ILE F 475 -40.95 -2.19 -72.88
N VAL F 476 -40.67 -1.55 -71.74
CA VAL F 476 -41.15 -0.20 -71.49
C VAL F 476 -40.60 0.78 -72.53
N ALA F 477 -39.32 0.64 -72.87
CA ALA F 477 -38.71 1.48 -73.88
C ALA F 477 -39.43 1.31 -75.21
N SER F 478 -39.78 0.06 -75.54
CA SER F 478 -40.52 -0.24 -76.76
C SER F 478 -41.90 0.41 -76.73
N LEU F 479 -42.51 0.44 -75.55
CA LEU F 479 -43.79 1.11 -75.35
C LEU F 479 -43.67 2.62 -75.53
N PHE F 480 -42.55 3.18 -75.09
CA PHE F 480 -42.30 4.60 -75.31
C PHE F 480 -42.14 4.88 -76.80
N LEU F 481 -41.32 4.09 -77.48
CA LEU F 481 -41.07 4.25 -78.91
C LEU F 481 -42.34 4.11 -79.75
N LYS F 482 -43.25 3.23 -79.32
CA LYS F 482 -44.47 2.96 -80.09
C LYS F 482 -45.37 4.19 -80.12
N GLU F 483 -45.25 5.05 -79.12
CA GLU F 483 -46.05 6.28 -79.07
C GLU F 483 -45.72 7.26 -80.19
N PHE F 484 -44.62 7.01 -80.91
CA PHE F 484 -44.17 7.96 -81.91
C PHE F 484 -44.29 7.38 -83.32
N VAL F 485 -44.98 6.25 -83.41
CA VAL F 485 -45.39 5.69 -84.69
C VAL F 485 -46.91 5.53 -84.64
N GLN F 486 -47.60 6.02 -85.66
CA GLN F 486 -49.06 6.11 -85.58
C GLN F 486 -49.79 5.16 -86.52
N ASN F 487 -49.34 5.08 -87.77
CA ASN F 487 -50.06 4.30 -88.77
C ASN F 487 -49.14 3.60 -89.76
N THR F 488 -48.02 3.07 -89.26
CA THR F 488 -47.05 2.41 -90.12
C THR F 488 -46.48 1.18 -89.44
N ALA F 489 -46.26 0.13 -90.21
CA ALA F 489 -45.62 -1.07 -89.69
C ALA F 489 -44.24 -0.72 -89.14
N TRP F 490 -43.96 -1.14 -87.91
CA TRP F 490 -42.73 -0.74 -87.23
C TRP F 490 -42.14 -1.87 -86.40
N ALA F 491 -40.82 -1.96 -86.42
CA ALA F 491 -40.13 -2.93 -85.57
C ALA F 491 -38.88 -2.32 -84.98
N HIS F 492 -38.54 -2.77 -83.77
CA HIS F 492 -37.44 -2.22 -82.99
C HIS F 492 -36.48 -3.33 -82.55
N ILE F 493 -35.23 -3.24 -82.99
CA ILE F 493 -34.23 -4.24 -82.64
C ILE F 493 -33.27 -3.71 -81.59
N ASP F 494 -33.24 -4.36 -80.44
CA ASP F 494 -32.38 -3.94 -79.34
C ASP F 494 -31.11 -4.77 -79.34
N ILE F 495 -30.00 -4.12 -79.68
CA ILE F 495 -28.72 -4.80 -79.83
C ILE F 495 -27.77 -4.42 -78.71
N ALA F 496 -28.31 -3.89 -77.62
CA ALA F 496 -27.50 -3.46 -76.50
C ALA F 496 -26.68 -4.60 -75.91
N GLY F 497 -27.19 -5.81 -76.01
CA GLY F 497 -26.49 -6.97 -75.49
C GLY F 497 -25.56 -7.67 -76.47
N VAL F 498 -25.80 -7.53 -77.77
CA VAL F 498 -25.05 -8.32 -78.76
C VAL F 498 -24.03 -7.52 -79.57
N SER F 499 -24.04 -6.21 -79.44
CA SER F 499 -23.24 -5.35 -80.30
C SER F 499 -21.73 -5.55 -80.11
N TRP F 500 -21.32 -5.70 -78.85
CA TRP F 500 -19.91 -5.79 -78.51
C TRP F 500 -19.51 -7.20 -78.10
N ASN F 501 -18.46 -7.71 -78.76
CA ASN F 501 -17.88 -9.00 -78.40
C ASN F 501 -16.93 -8.84 -77.21
N PHE F 502 -17.44 -9.08 -76.01
CA PHE F 502 -16.67 -8.83 -74.79
C PHE F 502 -15.40 -9.69 -74.71
N LYS F 503 -15.48 -10.91 -75.24
CA LYS F 503 -14.35 -11.83 -75.14
C LYS F 503 -13.22 -11.43 -76.06
N ALA F 504 -13.54 -10.97 -77.27
CA ALA F 504 -12.53 -10.58 -78.25
C ALA F 504 -12.22 -9.09 -78.21
N ARG F 505 -12.90 -8.36 -77.34
CA ARG F 505 -12.69 -6.92 -77.16
C ARG F 505 -12.84 -6.11 -78.45
N LYS F 506 -13.91 -6.37 -79.19
CA LYS F 506 -14.14 -5.68 -80.47
C LYS F 506 -15.62 -5.76 -80.86
N PRO F 507 -16.07 -4.90 -81.79
CA PRO F 507 -17.47 -4.97 -82.20
C PRO F 507 -17.79 -6.22 -83.00
N LYS F 508 -19.07 -6.54 -83.11
CA LYS F 508 -19.52 -7.62 -83.97
C LYS F 508 -19.95 -7.06 -85.34
N GLY F 509 -20.23 -5.77 -85.38
CA GLY F 509 -20.86 -5.16 -86.55
C GLY F 509 -22.23 -5.78 -86.73
N PHE F 510 -22.92 -6.00 -85.62
CA PHE F 510 -24.20 -6.70 -85.62
C PHE F 510 -25.29 -5.91 -86.32
N GLY F 511 -26.03 -6.59 -87.19
CA GLY F 511 -27.23 -6.01 -87.78
C GLY F 511 -27.12 -5.71 -89.26
N VAL F 512 -25.89 -5.53 -89.74
CA VAL F 512 -25.69 -5.19 -91.15
C VAL F 512 -26.24 -6.27 -92.07
N ARG F 513 -25.86 -7.51 -91.83
CA ARG F 513 -26.33 -8.62 -92.66
C ARG F 513 -27.82 -8.88 -92.46
N LEU F 514 -28.29 -8.74 -91.23
CA LEU F 514 -29.70 -8.86 -90.90
C LEU F 514 -30.57 -7.88 -91.68
N LEU F 515 -30.23 -6.59 -91.61
CA LEU F 515 -30.97 -5.55 -92.29
C LEU F 515 -30.91 -5.67 -93.81
N THR F 516 -29.75 -6.09 -94.32
CA THR F 516 -29.56 -6.21 -95.76
C THR F 516 -30.36 -7.39 -96.32
N GLU F 517 -30.36 -8.51 -95.60
CA GLU F 517 -31.17 -9.65 -95.98
C GLU F 517 -32.65 -9.29 -95.98
N PHE F 518 -33.02 -8.35 -95.11
CA PHE F 518 -34.41 -7.90 -94.99
C PHE F 518 -34.87 -7.12 -96.21
N VAL F 519 -34.03 -6.24 -96.74
CA VAL F 519 -34.42 -5.43 -97.88
C VAL F 519 -34.29 -6.19 -99.20
N LEU F 520 -33.41 -7.18 -99.23
CA LEU F 520 -33.17 -7.98 -100.43
C LEU F 520 -34.25 -9.03 -100.66
N ASN F 521 -34.76 -9.61 -99.57
CA ASN F 521 -35.78 -10.65 -99.67
C ASN F 521 -37.19 -10.09 -99.57
N ASP F 522 -37.32 -8.78 -99.67
CA ASP F 522 -38.62 -8.12 -99.55
C ASP F 522 -39.52 -8.44 -100.74
N ALA G 4 -2.66 -37.17 62.92
CA ALA G 4 -2.09 -35.84 63.08
C ALA G 4 -0.92 -35.86 64.06
N SER G 5 -0.17 -34.76 64.11
CA SER G 5 1.01 -34.67 64.95
C SER G 5 0.87 -33.60 66.03
N GLU G 6 1.58 -33.80 67.14
CA GLU G 6 1.59 -32.82 68.22
C GLU G 6 2.47 -31.61 67.87
N VAL G 7 1.87 -30.43 67.92
CA VAL G 7 2.60 -29.19 67.68
C VAL G 7 3.44 -28.83 68.89
N PRO G 8 4.77 -28.75 68.72
CA PRO G 8 5.65 -28.39 69.85
C PRO G 8 5.45 -26.96 70.32
N GLN G 9 5.69 -26.71 71.60
CA GLN G 9 5.51 -25.39 72.19
C GLN G 9 6.73 -24.98 72.98
N VAL G 10 7.03 -23.68 72.96
CA VAL G 10 8.06 -23.12 73.83
C VAL G 10 7.41 -22.75 75.17
N VAL G 11 6.25 -22.12 75.07
CA VAL G 11 5.43 -21.81 76.24
C VAL G 11 4.03 -22.34 75.98
N SER G 12 3.29 -22.62 77.03
CA SER G 12 1.95 -23.20 76.91
C SER G 12 0.96 -22.25 76.23
N LEU G 13 1.36 -20.99 76.08
CA LEU G 13 0.52 -20.01 75.42
C LEU G 13 0.69 -20.05 73.90
N ASP G 14 1.64 -20.85 73.43
CA ASP G 14 1.83 -21.02 72.00
C ASP G 14 0.66 -21.82 71.42
N PRO G 15 0.03 -21.30 70.37
CA PRO G 15 -1.10 -21.96 69.71
C PRO G 15 -0.71 -23.30 69.09
N THR G 16 -1.63 -24.25 69.10
CA THR G 16 -1.33 -25.61 68.65
C THR G 16 -2.16 -26.01 67.43
N SER G 17 -2.84 -25.03 66.84
CA SER G 17 -3.62 -25.28 65.64
C SER G 17 -3.97 -23.99 64.93
N ILE G 18 -4.22 -24.09 63.63
CA ILE G 18 -4.66 -22.95 62.84
C ILE G 18 -6.18 -22.81 62.89
N PRO G 19 -6.67 -21.69 63.42
CA PRO G 19 -8.12 -21.50 63.42
C PRO G 19 -8.63 -21.38 61.98
N ILE G 20 -9.59 -22.22 61.62
CA ILE G 20 -10.14 -22.18 60.28
C ILE G 20 -11.64 -22.00 60.33
N GLU G 21 -12.15 -21.07 59.54
CA GLU G 21 -13.57 -20.85 59.42
C GLU G 21 -14.09 -21.59 58.18
N TYR G 22 -14.89 -22.64 58.40
CA TYR G 22 -15.41 -23.42 57.28
C TYR G 22 -16.78 -22.92 56.86
N ASN G 23 -17.66 -22.75 57.84
CA ASN G 23 -19.00 -22.25 57.57
C ASN G 23 -19.04 -20.73 57.65
N THR G 24 -18.82 -20.09 56.50
CA THR G 24 -18.76 -18.64 56.43
C THR G 24 -20.16 -18.08 56.14
N PRO G 25 -20.39 -16.79 56.45
CA PRO G 25 -21.69 -16.16 56.16
C PRO G 25 -22.05 -16.21 54.68
N ILE G 26 -21.05 -16.22 53.81
CA ILE G 26 -21.27 -16.36 52.37
C ILE G 26 -22.05 -17.64 52.05
N HIS G 27 -21.73 -18.73 52.76
CA HIS G 27 -22.40 -20.01 52.52
C HIS G 27 -23.86 -20.01 52.98
N ASP G 28 -24.25 -19.02 53.78
CA ASP G 28 -25.63 -18.91 54.24
C ASP G 28 -26.46 -18.10 53.26
N ILE G 29 -25.81 -17.43 52.32
CA ILE G 29 -26.53 -16.58 51.37
C ILE G 29 -27.26 -17.44 50.34
N LYS G 30 -28.56 -17.21 50.22
CA LYS G 30 -29.36 -17.84 49.17
C LYS G 30 -29.32 -17.00 47.91
N VAL G 31 -28.87 -17.62 46.82
CA VAL G 31 -28.72 -16.90 45.56
C VAL G 31 -29.85 -17.27 44.60
N GLN G 32 -30.51 -16.26 44.05
CA GLN G 32 -31.58 -16.47 43.08
C GLN G 32 -31.23 -15.72 41.80
N VAL G 33 -31.42 -16.37 40.66
CA VAL G 33 -31.10 -15.75 39.38
C VAL G 33 -32.34 -15.67 38.50
N TYR G 34 -32.70 -14.46 38.08
CA TYR G 34 -33.87 -14.28 37.23
C TYR G 34 -33.49 -13.71 35.87
N ASP G 35 -34.39 -13.86 34.90
CA ASP G 35 -34.17 -13.27 33.59
C ASP G 35 -34.72 -11.86 33.52
N ILE G 36 -33.92 -10.95 32.98
CA ILE G 36 -34.30 -9.54 32.86
C ILE G 36 -35.61 -9.37 32.10
N LYS G 37 -35.81 -10.18 31.06
CA LYS G 37 -36.99 -10.06 30.21
C LYS G 37 -38.31 -10.14 30.98
N GLY G 38 -38.27 -10.73 32.17
CA GLY G 38 -39.46 -10.81 33.01
C GLY G 38 -39.65 -9.58 33.87
N GLY G 39 -38.67 -8.67 33.83
CA GLY G 39 -38.75 -7.43 34.60
C GLY G 39 -38.17 -7.58 36.00
N CYS G 40 -37.83 -6.45 36.62
CA CYS G 40 -37.20 -6.47 37.94
C CYS G 40 -38.18 -6.18 39.08
N ASN G 41 -38.10 -6.96 40.14
CA ASN G 41 -38.86 -6.70 41.35
C ASN G 41 -38.02 -5.95 42.37
N VAL G 42 -38.48 -4.75 42.74
CA VAL G 42 -37.73 -3.91 43.66
C VAL G 42 -38.41 -3.90 45.03
N GLU G 43 -37.84 -4.62 45.98
CA GLU G 43 -38.43 -4.68 47.31
C GLU G 43 -37.38 -4.46 48.39
N GLU G 44 -37.34 -5.33 49.40
CA GLU G 44 -36.47 -5.10 50.55
C GLU G 44 -34.99 -5.11 50.17
N GLY G 45 -34.17 -4.61 51.08
CA GLY G 45 -32.72 -4.61 50.91
C GLY G 45 -32.19 -3.48 50.05
N LEU G 46 -31.28 -3.82 49.16
CA LEU G 46 -30.69 -2.85 48.23
C LEU G 46 -30.68 -3.43 46.82
N THR G 47 -31.14 -2.66 45.84
CA THR G 47 -31.12 -3.10 44.46
C THR G 47 -30.16 -2.25 43.63
N ILE G 48 -29.15 -2.89 43.06
CA ILE G 48 -28.08 -2.16 42.36
C ILE G 48 -28.05 -2.48 40.87
N PHE G 49 -28.04 -1.43 40.04
CA PHE G 49 -27.91 -1.60 38.60
C PHE G 49 -26.46 -1.43 38.15
N LEU G 50 -25.94 -2.43 37.46
CA LEU G 50 -24.63 -2.30 36.83
C LEU G 50 -24.83 -1.68 35.45
N VAL G 51 -24.40 -0.44 35.30
CA VAL G 51 -24.68 0.30 34.07
C VAL G 51 -23.43 0.92 33.46
N ASN G 52 -23.39 0.94 32.13
CA ASN G 52 -22.31 1.63 31.43
C ASN G 52 -22.86 2.54 30.33
N ASN G 53 -21.96 3.04 29.49
CA ASN G 53 -22.35 3.79 28.32
C ASN G 53 -21.25 3.70 27.29
N PRO G 54 -21.45 2.87 26.25
CA PRO G 54 -20.45 2.62 25.21
C PRO G 54 -20.02 3.91 24.50
N GLY G 55 -18.71 4.08 24.36
CA GLY G 55 -18.16 5.22 23.65
C GLY G 55 -18.08 6.48 24.49
N LYS G 56 -19.22 6.94 24.98
CA LYS G 56 -19.30 8.19 25.73
C LYS G 56 -18.59 8.12 27.08
N GLU G 57 -17.40 8.71 27.15
CA GLU G 57 -16.64 8.75 28.39
C GLU G 57 -17.39 9.55 29.46
N ASN G 58 -17.63 8.91 30.60
CA ASN G 58 -18.41 9.51 31.70
C ASN G 58 -19.78 9.99 31.25
N GLY G 59 -20.43 9.22 30.38
CA GLY G 59 -21.75 9.57 29.88
C GLY G 59 -22.85 9.36 30.91
N PRO G 60 -24.07 9.79 30.59
CA PRO G 60 -25.20 9.70 31.51
C PRO G 60 -25.67 8.28 31.80
N VAL G 61 -26.22 8.08 32.99
CA VAL G 61 -26.82 6.80 33.37
C VAL G 61 -28.20 6.65 32.74
N LYS G 62 -28.44 5.50 32.13
CA LYS G 62 -29.75 5.19 31.56
C LYS G 62 -30.14 3.76 31.95
N ILE G 63 -31.29 3.60 32.59
CA ILE G 63 -31.75 2.28 33.02
C ILE G 63 -32.61 1.63 31.94
N SER G 64 -32.12 0.55 31.37
CA SER G 64 -32.79 -0.10 30.24
C SER G 64 -33.79 -1.17 30.68
N SER G 65 -33.52 -1.81 31.81
CA SER G 65 -34.34 -2.93 32.26
C SER G 65 -35.76 -2.50 32.64
N LYS G 66 -36.73 -3.38 32.40
CA LYS G 66 -38.08 -3.10 32.82
C LYS G 66 -38.18 -3.33 34.32
N VAL G 67 -38.75 -2.37 35.02
CA VAL G 67 -38.95 -2.47 36.46
C VAL G 67 -40.44 -2.63 36.77
N ASN G 68 -40.80 -3.74 37.40
CA ASN G 68 -42.20 -4.07 37.66
C ASN G 68 -42.79 -3.26 38.82
N ASP G 69 -42.65 -1.94 38.72
CA ASP G 69 -43.18 -1.02 39.72
C ASP G 69 -43.26 0.36 39.09
N LYS G 70 -44.45 0.95 39.11
CA LYS G 70 -44.68 2.21 38.41
C LYS G 70 -43.93 3.36 39.08
N GLN G 71 -43.89 3.34 40.41
CA GLN G 71 -43.18 4.38 41.16
C GLN G 71 -41.68 4.33 40.90
N VAL G 72 -41.10 3.14 41.03
CA VAL G 72 -39.67 2.99 40.82
C VAL G 72 -39.29 3.26 39.36
N SER G 73 -40.15 2.82 38.44
CA SER G 73 -39.94 3.09 37.02
C SER G 73 -39.89 4.58 36.73
N GLU G 74 -40.75 5.34 37.40
CA GLU G 74 -40.77 6.78 37.25
C GLU G 74 -39.47 7.40 37.76
N PHE G 75 -39.01 6.93 38.92
CA PHE G 75 -37.77 7.42 39.51
C PHE G 75 -36.59 7.20 38.58
N LEU G 76 -36.57 6.04 37.93
CA LEU G 76 -35.42 5.62 37.14
C LEU G 76 -35.55 5.99 35.65
N LYS G 77 -36.47 6.89 35.33
CA LYS G 77 -36.61 7.33 33.95
C LYS G 77 -35.39 8.15 33.53
N ASP G 78 -35.13 8.19 32.23
CA ASP G 78 -33.93 8.84 31.68
C ASP G 78 -33.72 10.27 32.16
N GLU G 79 -34.80 11.06 32.23
CA GLU G 79 -34.67 12.46 32.61
C GLU G 79 -34.23 12.63 34.06
N ASN G 80 -34.46 11.61 34.89
CA ASN G 80 -34.05 11.67 36.28
C ASN G 80 -32.65 11.10 36.50
N MET G 81 -32.21 10.25 35.57
CA MET G 81 -30.93 9.57 35.70
C MET G 81 -29.82 10.29 34.95
N GLU G 82 -30.19 11.26 34.12
CA GLU G 82 -29.24 11.98 33.27
C GLU G 82 -28.17 12.74 34.05
N LYS G 83 -28.51 13.18 35.25
CA LYS G 83 -27.57 13.95 36.07
C LYS G 83 -26.50 13.07 36.69
N PHE G 84 -26.65 11.75 36.55
CA PHE G 84 -25.67 10.81 37.07
C PHE G 84 -24.85 10.20 35.93
N ASN G 85 -23.54 10.08 36.11
CA ASN G 85 -22.68 9.52 35.08
C ASN G 85 -22.21 8.11 35.41
N VAL G 86 -21.56 7.47 34.43
CA VAL G 86 -21.24 6.05 34.51
C VAL G 86 -19.76 5.76 34.74
N LYS G 87 -19.02 6.76 35.21
CA LYS G 87 -17.59 6.63 35.45
C LYS G 87 -17.29 5.38 36.28
N LEU G 88 -16.29 4.61 35.86
CA LEU G 88 -15.97 3.34 36.49
C LEU G 88 -15.73 3.49 37.99
N GLY G 89 -16.48 2.73 38.78
CA GLY G 89 -16.33 2.75 40.22
C GLY G 89 -17.29 3.68 40.94
N THR G 90 -17.87 4.61 40.19
CA THR G 90 -18.84 5.54 40.75
C THR G 90 -20.08 4.79 41.20
N SER G 91 -20.74 5.30 42.24
CA SER G 91 -22.01 4.72 42.68
C SER G 91 -22.88 5.78 43.34
N LYS G 92 -24.17 5.51 43.40
CA LYS G 92 -25.13 6.39 44.05
C LYS G 92 -26.19 5.56 44.76
N HIS G 93 -26.74 6.10 45.85
CA HIS G 93 -27.85 5.47 46.58
C HIS G 93 -29.14 6.22 46.32
N PHE G 94 -30.21 5.49 45.99
CA PHE G 94 -31.52 6.12 45.81
C PHE G 94 -32.50 5.64 46.87
N TYR G 95 -33.41 6.53 47.28
CA TYR G 95 -34.45 6.21 48.26
C TYR G 95 -35.80 6.66 47.73
N MET G 96 -36.80 5.79 47.81
CA MET G 96 -38.12 6.08 47.27
C MET G 96 -39.17 5.11 47.82
N PHE G 97 -40.43 5.35 47.48
CA PHE G 97 -41.52 4.45 47.84
C PHE G 97 -42.10 3.75 46.62
N ASN G 98 -42.36 2.46 46.74
CA ASN G 98 -42.90 1.70 45.61
C ASN G 98 -44.43 1.71 45.60
N ASP G 99 -45.02 0.90 44.72
CA ASP G 99 -46.48 0.89 44.52
C ASP G 99 -47.24 0.44 45.78
N ASN G 100 -46.60 -0.38 46.60
CA ASN G 100 -47.24 -0.88 47.81
C ASN G 100 -46.94 -0.01 49.03
N LYS G 101 -46.59 1.24 48.77
CA LYS G 101 -46.32 2.22 49.82
C LYS G 101 -45.18 1.80 50.74
N ASN G 102 -44.31 0.92 50.25
CA ASN G 102 -43.11 0.54 50.99
C ASN G 102 -41.88 1.25 50.44
N SER G 103 -40.98 1.64 51.33
CA SER G 103 -39.76 2.34 50.92
C SER G 103 -38.73 1.35 50.41
N VAL G 104 -38.04 1.70 49.34
CA VAL G 104 -36.99 0.84 48.80
C VAL G 104 -35.70 1.61 48.57
N ALA G 105 -34.59 0.89 48.68
CA ALA G 105 -33.28 1.44 48.43
C ALA G 105 -32.77 0.91 47.10
N VAL G 106 -32.44 1.84 46.19
CA VAL G 106 -31.99 1.48 44.85
C VAL G 106 -30.67 2.22 44.60
N GLY G 107 -29.91 1.77 43.61
CA GLY G 107 -28.67 2.43 43.27
C GLY G 107 -28.07 1.85 42.02
N TYR G 108 -26.89 2.33 41.68
CA TYR G 108 -26.16 1.86 40.51
C TYR G 108 -24.67 1.92 40.76
N VAL G 109 -23.92 1.08 40.05
CA VAL G 109 -22.47 1.18 40.01
C VAL G 109 -22.05 1.41 38.56
N GLY G 110 -21.27 2.47 38.34
CA GLY G 110 -20.80 2.80 37.00
C GLY G 110 -19.80 1.80 36.48
N CYS G 111 -20.05 1.27 35.29
CA CYS G 111 -19.16 0.27 34.72
C CYS G 111 -18.36 0.82 33.53
N GLY G 112 -18.32 2.15 33.41
CA GLY G 112 -17.44 2.79 32.44
C GLY G 112 -18.02 2.93 31.04
N SER G 113 -17.14 3.02 30.05
CA SER G 113 -17.55 3.26 28.67
C SER G 113 -17.05 2.19 27.72
N VAL G 114 -16.39 1.18 28.26
CA VAL G 114 -15.87 0.07 27.45
C VAL G 114 -16.75 -1.17 27.63
N ALA G 115 -17.20 -1.74 26.52
CA ALA G 115 -18.21 -2.79 26.53
C ALA G 115 -17.66 -4.15 26.96
N ASP G 116 -16.35 -4.25 27.12
CA ASP G 116 -15.73 -5.50 27.55
C ASP G 116 -14.88 -5.28 28.80
N LEU G 117 -15.48 -5.46 29.97
CA LEU G 117 -14.78 -5.25 31.22
C LEU G 117 -13.64 -6.24 31.39
N SER G 118 -12.44 -5.74 31.64
CA SER G 118 -11.33 -6.61 31.98
C SER G 118 -11.49 -7.07 33.42
N GLU G 119 -10.66 -8.03 33.82
CA GLU G 119 -10.71 -8.59 35.16
C GLU G 119 -10.45 -7.52 36.23
N ALA G 120 -9.50 -6.63 35.97
CA ALA G 120 -9.17 -5.56 36.90
C ALA G 120 -10.30 -4.53 37.01
N ASP G 121 -10.97 -4.25 35.90
CA ASP G 121 -12.10 -3.33 35.89
C ASP G 121 -13.25 -3.88 36.72
N MET G 122 -13.54 -5.17 36.52
CA MET G 122 -14.62 -5.83 37.22
C MET G 122 -14.39 -5.79 38.72
N LYS G 123 -13.13 -5.97 39.13
CA LYS G 123 -12.76 -5.90 40.53
C LYS G 123 -13.07 -4.51 41.10
N ARG G 124 -12.83 -3.47 40.32
CA ARG G 124 -13.15 -2.11 40.75
C ARG G 124 -14.66 -1.91 40.89
N VAL G 125 -15.43 -2.55 40.02
CA VAL G 125 -16.87 -2.54 40.13
C VAL G 125 -17.31 -3.23 41.41
N VAL G 126 -16.72 -4.40 41.68
CA VAL G 126 -17.08 -5.19 42.85
C VAL G 126 -16.70 -4.47 44.15
N LEU G 127 -15.50 -3.90 44.18
CA LEU G 127 -15.05 -3.15 45.36
C LEU G 127 -16.01 -1.99 45.65
N SER G 128 -16.52 -1.36 44.60
CA SER G 128 -17.51 -0.30 44.77
C SER G 128 -18.80 -0.86 45.34
N LEU G 129 -19.18 -2.03 44.86
CA LEU G 129 -20.39 -2.69 45.33
C LEU G 129 -20.27 -3.03 46.81
N VAL G 130 -19.11 -3.56 47.21
CA VAL G 130 -18.89 -3.98 48.58
C VAL G 130 -18.91 -2.78 49.54
N THR G 131 -18.50 -1.61 49.07
CA THR G 131 -18.56 -0.43 49.93
C THR G 131 -20.02 -0.06 50.24
N MET G 132 -20.92 -0.33 49.30
CA MET G 132 -22.35 -0.12 49.53
C MET G 132 -22.90 -1.16 50.50
N LEU G 133 -22.21 -2.30 50.62
CA LEU G 133 -22.63 -3.36 51.53
C LEU G 133 -22.11 -3.14 52.95
N HIS G 134 -20.90 -2.59 53.05
CA HIS G 134 -20.30 -2.29 54.36
C HIS G 134 -21.01 -1.12 55.02
N ASP G 135 -21.09 -1.17 56.34
CA ASP G 135 -21.66 -0.07 57.14
C ASP G 135 -23.12 0.19 56.78
N ASN G 136 -23.78 -0.85 56.28
CA ASN G 136 -25.22 -0.82 56.04
C ASN G 136 -25.80 -2.18 56.35
N LYS G 137 -26.57 -2.26 57.43
CA LYS G 137 -27.21 -3.51 57.81
C LYS G 137 -28.33 -3.85 56.83
N LEU G 138 -28.05 -4.79 55.93
CA LEU G 138 -29.00 -5.20 54.91
C LEU G 138 -29.30 -6.69 55.03
N SER G 139 -30.49 -7.08 54.58
CA SER G 139 -30.86 -8.50 54.59
C SER G 139 -30.74 -9.11 53.19
N LYS G 140 -30.77 -8.25 52.18
CA LYS G 140 -30.78 -8.70 50.79
C LYS G 140 -30.08 -7.71 49.86
N LEU G 141 -29.30 -8.24 48.92
CA LEU G 141 -28.75 -7.44 47.84
C LEU G 141 -29.25 -7.97 46.50
N THR G 142 -29.65 -7.07 45.61
CA THR G 142 -30.07 -7.46 44.27
C THR G 142 -29.23 -6.74 43.22
N VAL G 143 -28.62 -7.51 42.32
CA VAL G 143 -27.80 -6.93 41.26
C VAL G 143 -28.45 -7.12 39.89
N VAL G 144 -28.62 -6.02 39.17
CA VAL G 144 -29.16 -6.07 37.82
C VAL G 144 -28.08 -5.79 36.79
N PHE G 145 -27.78 -6.79 35.97
CA PHE G 145 -26.74 -6.67 34.95
C PHE G 145 -27.27 -6.01 33.69
N GLU G 146 -26.87 -4.76 33.47
CA GLU G 146 -27.19 -4.08 32.22
C GLU G 146 -25.91 -3.89 31.43
N ILE G 147 -24.98 -4.82 31.65
CA ILE G 147 -23.74 -4.89 30.88
C ILE G 147 -23.57 -6.33 30.39
N ASN G 148 -22.81 -6.51 29.32
CA ASN G 148 -22.60 -7.84 28.77
C ASN G 148 -21.38 -8.53 29.39
N VAL G 149 -21.61 -9.65 30.05
CA VAL G 149 -20.52 -10.46 30.58
C VAL G 149 -20.72 -11.91 30.15
N ASP G 150 -19.63 -12.61 29.89
CA ASP G 150 -19.76 -14.03 29.57
C ASP G 150 -19.83 -14.83 30.86
N LYS G 151 -19.96 -16.14 30.74
CA LYS G 151 -20.13 -16.99 31.91
C LYS G 151 -18.94 -16.89 32.87
N ASN G 152 -17.72 -16.94 32.33
CA ASN G 152 -16.52 -16.88 33.17
C ASN G 152 -16.42 -15.57 33.94
N LEU G 153 -16.82 -14.47 33.30
CA LEU G 153 -16.74 -13.17 33.93
C LEU G 153 -17.89 -12.98 34.93
N PHE G 154 -19.03 -13.59 34.64
CA PHE G 154 -20.14 -13.59 35.57
C PHE G 154 -19.72 -14.33 36.85
N ARG G 155 -19.04 -15.44 36.66
CA ARG G 155 -18.55 -16.23 37.79
C ARG G 155 -17.49 -15.47 38.57
N PHE G 156 -16.63 -14.76 37.85
CA PHE G 156 -15.57 -13.96 38.47
C PHE G 156 -16.17 -12.84 39.32
N PHE G 157 -17.26 -12.26 38.83
CA PHE G 157 -18.01 -11.27 39.60
C PHE G 157 -18.46 -11.83 40.96
N LEU G 158 -19.12 -12.98 40.94
CA LEU G 158 -19.63 -13.60 42.17
C LEU G 158 -18.52 -14.00 43.13
N GLU G 159 -17.47 -14.63 42.60
CA GLU G 159 -16.31 -15.04 43.40
C GLU G 159 -15.67 -13.85 44.11
N THR G 160 -15.52 -12.76 43.37
CA THR G 160 -14.83 -11.57 43.88
C THR G 160 -15.71 -10.84 44.87
N LEU G 161 -17.00 -10.76 44.56
CA LEU G 161 -17.98 -10.25 45.51
C LEU G 161 -17.89 -10.99 46.84
N PHE G 162 -18.03 -12.32 46.78
CA PHE G 162 -17.98 -13.16 47.98
C PHE G 162 -16.67 -12.97 48.77
N TYR G 163 -15.56 -12.92 48.06
CA TYR G 163 -14.24 -12.82 48.69
C TYR G 163 -14.01 -11.49 49.39
N GLU G 164 -14.39 -10.39 48.73
CA GLU G 164 -14.14 -9.06 49.27
C GLU G 164 -15.13 -8.70 50.38
N TYR G 165 -16.33 -9.25 50.28
CA TYR G 165 -17.38 -9.06 51.27
C TYR G 165 -16.99 -9.67 52.61
N MET G 166 -16.43 -10.87 52.54
CA MET G 166 -16.02 -11.62 53.71
C MET G 166 -14.95 -10.89 54.51
N THR G 167 -15.05 -10.91 55.84
CA THR G 167 -14.06 -10.27 56.71
C THR G 167 -13.50 -11.28 57.70
N ASP G 168 -12.18 -11.45 57.70
CA ASP G 168 -11.52 -12.44 58.55
C ASP G 168 -11.28 -11.90 59.95
N GLU G 169 -11.99 -12.45 60.93
CA GLU G 169 -11.89 -11.98 62.30
C GLU G 169 -11.32 -13.04 63.25
N ARG G 170 -10.65 -14.04 62.70
CA ARG G 170 -10.13 -15.14 63.51
C ARG G 170 -9.18 -14.68 64.62
N PHE G 171 -8.49 -13.58 64.40
CA PHE G 171 -7.46 -13.16 65.34
C PHE G 171 -7.85 -11.89 66.10
N LYS G 172 -9.09 -11.45 65.87
CA LYS G 172 -9.70 -10.36 66.64
C LYS G 172 -10.18 -10.87 67.99
N SER G 173 -9.85 -10.15 69.06
CA SER G 173 -10.34 -10.51 70.38
C SER G 173 -11.19 -9.39 70.96
N THR G 174 -10.53 -8.30 71.33
CA THR G 174 -11.23 -7.15 71.92
C THR G 174 -11.72 -6.15 70.87
N ASP G 175 -11.42 -6.40 69.60
CA ASP G 175 -11.65 -5.42 68.55
C ASP G 175 -12.52 -5.96 67.41
N LYS G 176 -13.45 -6.85 67.73
CA LYS G 176 -14.36 -7.37 66.73
C LYS G 176 -15.43 -6.33 66.38
N ASN G 177 -15.73 -6.20 65.09
CA ASN G 177 -16.76 -5.26 64.62
C ASN G 177 -18.13 -5.60 65.19
N VAL G 178 -18.70 -4.67 65.95
CA VAL G 178 -20.01 -4.87 66.57
C VAL G 178 -21.12 -4.90 65.53
N ASN G 179 -20.94 -4.16 64.44
CA ASN G 179 -21.98 -4.02 63.43
C ASN G 179 -21.84 -5.01 62.26
N MET G 180 -21.01 -6.04 62.45
CA MET G 180 -20.80 -7.05 61.42
C MET G 180 -22.07 -7.87 61.17
N GLU G 181 -22.68 -7.65 60.01
CA GLU G 181 -23.95 -8.28 59.67
C GLU G 181 -24.03 -8.51 58.16
N TYR G 182 -24.18 -9.77 57.75
CA TYR G 182 -24.13 -10.11 56.33
C TYR G 182 -25.53 -10.33 55.77
N ILE G 183 -25.71 -10.02 54.48
CA ILE G 183 -26.96 -10.31 53.79
C ILE G 183 -27.25 -11.80 53.83
N LYS G 184 -28.53 -12.13 53.73
CA LYS G 184 -28.96 -13.52 53.73
C LYS G 184 -29.42 -13.94 52.34
N HIS G 185 -29.67 -12.95 51.48
CA HIS G 185 -30.25 -13.21 50.17
C HIS G 185 -29.59 -12.37 49.09
N LEU G 186 -29.20 -13.03 47.99
CA LEU G 186 -28.64 -12.33 46.85
C LEU G 186 -29.48 -12.62 45.61
N GLY G 187 -30.07 -11.58 45.04
CA GLY G 187 -30.82 -11.70 43.80
C GLY G 187 -29.99 -11.20 42.63
N VAL G 188 -30.06 -11.91 41.51
CA VAL G 188 -29.32 -11.50 40.31
C VAL G 188 -30.24 -11.47 39.08
N TYR G 189 -30.30 -10.32 38.43
CA TYR G 189 -31.03 -10.17 37.18
C TYR G 189 -30.06 -10.08 36.01
N ILE G 190 -30.31 -10.89 34.99
CA ILE G 190 -29.40 -10.94 33.84
C ILE G 190 -30.12 -11.54 32.63
N ASN G 191 -29.66 -11.18 31.43
CA ASN G 191 -30.22 -11.73 30.21
C ASN G 191 -29.80 -13.18 30.00
N ASN G 192 -30.72 -14.00 29.51
CA ASN G 192 -30.50 -15.43 29.33
C ASN G 192 -29.97 -16.06 30.60
N ALA G 193 -30.72 -15.87 31.69
CA ALA G 193 -30.28 -16.25 33.02
C ALA G 193 -30.01 -17.74 33.18
N ASP G 194 -30.75 -18.57 32.46
CA ASP G 194 -30.61 -20.01 32.60
C ASP G 194 -29.24 -20.51 32.14
N THR G 195 -28.58 -19.74 31.28
CA THR G 195 -27.26 -20.13 30.81
C THR G 195 -26.19 -19.70 31.82
N TYR G 196 -26.58 -18.89 32.80
CA TYR G 196 -25.66 -18.38 33.82
C TYR G 196 -25.81 -19.09 35.16
N LYS G 197 -26.93 -19.78 35.34
CA LYS G 197 -27.27 -20.40 36.63
C LYS G 197 -26.24 -21.41 37.12
N GLU G 198 -25.65 -22.18 36.20
CA GLU G 198 -24.69 -23.21 36.56
C GLU G 198 -23.42 -22.63 37.20
N GLU G 199 -23.16 -21.34 36.95
CA GLU G 199 -21.98 -20.68 37.48
C GLU G 199 -22.06 -20.32 38.97
N VAL G 200 -23.27 -20.32 39.54
CA VAL G 200 -23.46 -19.81 40.88
C VAL G 200 -22.77 -20.65 41.95
N GLU G 201 -23.05 -21.96 41.97
CA GLU G 201 -22.43 -22.81 42.99
C GLU G 201 -20.96 -23.07 42.68
N LYS G 202 -20.59 -22.96 41.41
CA LYS G 202 -19.18 -23.03 41.04
C LYS G 202 -18.46 -21.83 41.65
N ALA G 203 -19.09 -20.67 41.56
CA ALA G 203 -18.57 -19.43 42.12
C ALA G 203 -18.39 -19.54 43.64
N ARG G 204 -19.35 -20.18 44.30
CA ARG G 204 -19.28 -20.36 45.74
C ARG G 204 -18.16 -21.34 46.12
N VAL G 205 -17.96 -22.36 45.28
CA VAL G 205 -16.88 -23.32 45.51
C VAL G 205 -15.54 -22.64 45.33
N TYR G 206 -15.38 -21.93 44.21
CA TYR G 206 -14.13 -21.23 43.92
C TYR G 206 -13.84 -20.18 44.98
N TYR G 207 -14.89 -19.49 45.44
CA TYR G 207 -14.71 -18.48 46.50
C TYR G 207 -14.06 -19.10 47.72
N PHE G 208 -14.60 -20.20 48.20
CA PHE G 208 -14.09 -20.74 49.46
C PHE G 208 -12.71 -21.36 49.33
N GLY G 209 -12.42 -21.99 48.20
CA GLY G 209 -11.09 -22.49 47.93
C GLY G 209 -10.11 -21.34 48.01
N THR G 210 -10.52 -20.20 47.46
CA THR G 210 -9.70 -19.00 47.47
C THR G 210 -9.61 -18.42 48.87
N TYR G 211 -10.74 -18.41 49.58
CA TYR G 211 -10.78 -17.84 50.92
C TYR G 211 -10.06 -18.73 51.92
N TYR G 212 -10.18 -20.05 51.74
CA TYR G 212 -9.46 -21.02 52.57
C TYR G 212 -7.96 -20.81 52.42
N ALA G 213 -7.49 -20.65 51.18
CA ALA G 213 -6.06 -20.39 50.93
C ALA G 213 -5.61 -19.12 51.64
N SER G 214 -6.45 -18.09 51.57
CA SER G 214 -6.18 -16.81 52.20
C SER G 214 -6.13 -16.91 53.73
N GLN G 215 -6.97 -17.75 54.31
CA GLN G 215 -6.94 -17.97 55.75
C GLN G 215 -5.62 -18.59 56.21
N LEU G 216 -5.13 -19.55 55.43
CA LEU G 216 -3.85 -20.18 55.75
C LEU G 216 -2.70 -19.18 55.61
N ILE G 217 -2.71 -18.40 54.53
CA ILE G 217 -1.65 -17.43 54.29
C ILE G 217 -1.64 -16.34 55.37
N ALA G 218 -2.83 -15.84 55.73
CA ALA G 218 -2.95 -14.78 56.72
C ALA G 218 -2.57 -15.26 58.12
N ALA G 219 -2.79 -16.54 58.39
CA ALA G 219 -2.37 -17.13 59.67
C ALA G 219 -0.88 -16.90 59.89
N PRO G 220 -0.52 -16.26 61.00
CA PRO G 220 0.88 -15.98 61.33
C PRO G 220 1.66 -17.26 61.61
N SER G 221 2.98 -17.17 61.54
CA SER G 221 3.85 -18.34 61.61
C SER G 221 3.80 -19.07 62.94
N ASN G 222 3.43 -18.37 64.01
CA ASN G 222 3.32 -19.05 65.30
C ASN G 222 2.04 -19.89 65.36
N TYR G 223 1.07 -19.54 64.52
CA TYR G 223 -0.15 -20.34 64.37
C TYR G 223 0.00 -21.37 63.26
N CYS G 224 0.50 -20.90 62.12
CA CYS G 224 0.69 -21.74 60.94
C CYS G 224 2.16 -22.11 60.77
N ASN G 225 2.49 -23.29 61.26
CA ASN G 225 3.84 -23.85 61.21
C ASN G 225 3.76 -25.19 60.46
N PRO G 226 4.92 -25.83 60.18
CA PRO G 226 4.90 -27.10 59.44
C PRO G 226 3.96 -28.18 60.00
N VAL G 227 3.89 -28.31 61.32
CA VAL G 227 3.03 -29.33 61.92
C VAL G 227 1.56 -28.94 61.83
N SER G 228 1.24 -27.71 62.24
CA SER G 228 -0.15 -27.25 62.25
C SER G 228 -0.73 -27.13 60.84
N LEU G 229 0.11 -26.79 59.87
CA LEU G 229 -0.38 -26.66 58.50
C LEU G 229 -0.67 -28.02 57.87
N SER G 230 0.15 -29.02 58.21
CA SER G 230 -0.09 -30.37 57.71
C SER G 230 -1.27 -31.00 58.45
N ASN G 231 -1.41 -30.69 59.73
CA ASN G 231 -2.60 -31.10 60.49
C ASN G 231 -3.88 -30.56 59.86
N ALA G 232 -3.85 -29.31 59.41
CA ALA G 232 -4.99 -28.70 58.76
C ALA G 232 -5.27 -29.39 57.43
N ALA G 233 -4.20 -29.71 56.71
CA ALA G 233 -4.30 -30.41 55.43
C ALA G 233 -4.94 -31.78 55.61
N VAL G 234 -4.61 -32.44 56.72
CA VAL G 234 -5.22 -33.73 57.07
C VAL G 234 -6.71 -33.58 57.32
N GLU G 235 -7.07 -32.53 58.05
CA GLU G 235 -8.47 -32.26 58.38
C GLU G 235 -9.29 -32.01 57.12
N LEU G 236 -8.74 -31.19 56.22
CA LEU G 236 -9.38 -30.93 54.94
C LEU G 236 -9.60 -32.22 54.15
N ALA G 237 -8.58 -33.07 54.13
CA ALA G 237 -8.63 -34.33 53.39
C ALA G 237 -9.70 -35.25 53.96
N GLN G 238 -9.81 -35.29 55.28
CA GLN G 238 -10.82 -36.11 55.94
C GLN G 238 -12.22 -35.62 55.60
N LYS G 239 -12.40 -34.30 55.55
CA LYS G 239 -13.70 -33.73 55.22
C LYS G 239 -14.05 -33.94 53.74
N LEU G 240 -13.04 -33.96 52.89
CA LEU G 240 -13.25 -34.11 51.45
C LEU G 240 -13.15 -35.55 50.99
N ASN G 241 -12.84 -36.45 51.94
CA ASN G 241 -12.61 -37.85 51.63
C ASN G 241 -11.55 -38.07 50.56
N LEU G 242 -10.50 -37.26 50.62
CA LEU G 242 -9.32 -37.46 49.78
C LEU G 242 -8.37 -38.42 50.49
N GLU G 243 -7.50 -39.06 49.73
CA GLU G 243 -6.43 -39.83 50.33
C GLU G 243 -5.37 -38.87 50.81
N TYR G 244 -4.71 -39.19 51.92
CA TYR G 244 -3.66 -38.32 52.40
C TYR G 244 -2.53 -39.11 53.03
N LYS G 245 -1.34 -38.55 52.94
CA LYS G 245 -0.18 -39.10 53.60
C LYS G 245 0.70 -37.93 54.00
N ILE G 246 1.06 -37.87 55.28
CA ILE G 246 2.00 -36.88 55.77
C ILE G 246 3.32 -37.56 56.07
N LEU G 247 4.36 -37.17 55.34
CA LEU G 247 5.69 -37.72 55.53
C LEU G 247 6.47 -36.92 56.58
N GLY G 248 6.96 -37.62 57.61
CA GLY G 248 7.76 -37.00 58.65
C GLY G 248 9.23 -37.21 58.38
N VAL G 249 10.07 -36.77 59.31
CA VAL G 249 11.52 -36.73 59.11
C VAL G 249 12.11 -38.10 58.78
N LYS G 250 11.65 -39.13 59.49
CA LYS G 250 12.14 -40.49 59.28
C LYS G 250 11.92 -40.94 57.83
N GLU G 251 10.71 -40.74 57.33
CA GLU G 251 10.38 -41.15 55.97
C GLU G 251 11.14 -40.33 54.94
N LEU G 252 11.30 -39.03 55.23
CA LEU G 252 12.00 -38.12 54.33
C LEU G 252 13.49 -38.46 54.22
N GLU G 253 14.09 -38.88 55.33
CA GLU G 253 15.48 -39.33 55.34
C GLU G 253 15.64 -40.61 54.55
N GLU G 254 14.64 -41.49 54.66
CA GLU G 254 14.64 -42.75 53.93
C GLU G 254 14.56 -42.50 52.42
N LEU G 255 13.90 -41.41 52.05
CA LEU G 255 13.80 -41.03 50.65
C LEU G 255 14.95 -40.12 50.26
N LYS G 256 15.83 -39.85 51.23
CA LYS G 256 17.06 -39.10 51.01
C LYS G 256 16.83 -37.70 50.45
N MET G 257 15.72 -37.07 50.83
CA MET G 257 15.45 -35.70 50.43
C MET G 257 16.32 -34.71 51.21
N GLY G 258 17.61 -34.67 50.89
CA GLY G 258 18.55 -33.87 51.66
C GLY G 258 18.41 -32.38 51.45
N ALA G 259 17.94 -31.97 50.29
CA ALA G 259 17.78 -30.55 50.00
C ALA G 259 16.68 -29.97 50.88
N TYR G 260 15.51 -30.58 50.81
CA TYR G 260 14.34 -30.19 51.61
C TYR G 260 14.62 -30.26 53.12
N LEU G 261 15.28 -31.33 53.56
CA LEU G 261 15.59 -31.50 54.99
C LEU G 261 16.60 -30.46 55.51
N SER G 262 17.58 -30.10 54.70
CA SER G 262 18.61 -29.13 55.13
C SER G 262 17.99 -27.77 55.45
N VAL G 263 17.02 -27.36 54.64
CA VAL G 263 16.31 -26.11 54.88
C VAL G 263 15.64 -26.09 56.26
N GLY G 264 15.04 -27.21 56.64
CA GLY G 264 14.28 -27.28 57.88
C GLY G 264 15.06 -27.56 59.14
N LYS G 265 16.35 -27.87 58.99
CA LYS G 265 17.21 -28.27 60.11
C LYS G 265 17.17 -27.31 61.29
N GLY G 266 17.09 -26.01 60.99
CA GLY G 266 17.18 -24.99 62.02
C GLY G 266 15.87 -24.67 62.69
N SER G 267 14.82 -25.39 62.33
CA SER G 267 13.48 -25.14 62.89
C SER G 267 13.15 -26.04 64.08
N MET G 268 12.36 -25.52 65.00
CA MET G 268 11.87 -26.31 66.13
C MET G 268 10.71 -27.18 65.71
N TYR G 269 10.23 -26.95 64.48
CA TYR G 269 9.13 -27.74 63.92
C TYR G 269 9.66 -28.75 62.90
N PRO G 270 9.39 -30.04 63.14
CA PRO G 270 9.80 -31.09 62.21
C PRO G 270 9.21 -30.85 60.83
N ASN G 271 9.98 -31.16 59.79
CA ASN G 271 9.48 -31.10 58.43
C ASN G 271 8.28 -32.02 58.25
N LYS G 272 7.32 -31.55 57.47
CA LYS G 272 6.13 -32.34 57.14
C LYS G 272 5.88 -32.21 55.64
N PHE G 273 5.85 -33.35 54.95
CA PHE G 273 5.62 -33.38 53.51
C PHE G 273 4.18 -33.82 53.26
N ILE G 274 3.39 -32.91 52.69
CA ILE G 274 1.98 -33.16 52.43
C ILE G 274 1.75 -33.84 51.09
N HIS G 275 1.07 -34.98 51.11
CA HIS G 275 0.64 -35.64 49.88
C HIS G 275 -0.85 -35.95 49.97
N LEU G 276 -1.64 -35.16 49.26
CA LEU G 276 -3.08 -35.42 49.14
C LEU G 276 -3.35 -36.02 47.77
N THR G 277 -4.35 -36.90 47.68
CA THR G 277 -4.68 -37.47 46.38
C THR G 277 -6.18 -37.54 46.15
N TYR G 278 -6.61 -36.96 45.04
CA TYR G 278 -7.96 -37.17 44.54
C TYR G 278 -7.91 -38.11 43.34
N LYS G 279 -8.79 -39.11 43.32
CA LYS G 279 -8.89 -40.00 42.17
C LYS G 279 -10.34 -40.14 41.74
N SER G 280 -10.57 -40.15 40.44
CA SER G 280 -11.90 -40.33 39.89
C SER G 280 -12.34 -41.79 39.98
N LYS G 281 -13.64 -42.02 39.93
CA LYS G 281 -14.19 -43.37 40.05
C LYS G 281 -14.09 -44.13 38.73
N GLY G 282 -14.05 -43.40 37.62
CA GLY G 282 -13.94 -44.00 36.32
C GLY G 282 -12.50 -44.18 35.86
N ASP G 283 -12.32 -44.53 34.59
CA ASP G 283 -10.99 -44.76 34.04
C ASP G 283 -10.15 -43.49 34.01
N VAL G 284 -9.07 -43.49 34.79
CA VAL G 284 -8.16 -42.36 34.87
C VAL G 284 -7.49 -42.10 33.51
N LYS G 285 -7.73 -40.92 32.94
CA LYS G 285 -7.21 -40.58 31.62
C LYS G 285 -6.06 -39.58 31.68
N LYS G 286 -5.95 -38.87 32.80
CA LYS G 286 -4.87 -37.90 32.98
C LYS G 286 -4.43 -37.87 34.44
N LYS G 287 -3.12 -37.92 34.66
CA LYS G 287 -2.57 -37.84 36.01
C LYS G 287 -1.78 -36.55 36.18
N ILE G 288 -2.09 -35.80 37.24
CA ILE G 288 -1.51 -34.48 37.45
C ILE G 288 -0.92 -34.36 38.85
N ALA G 289 0.22 -33.69 38.95
CA ALA G 289 0.81 -33.41 40.24
C ALA G 289 0.92 -31.90 40.45
N LEU G 290 0.29 -31.42 41.53
CA LEU G 290 0.33 -30.00 41.86
C LEU G 290 1.24 -29.79 43.07
N VAL G 291 2.31 -29.03 42.87
CA VAL G 291 3.31 -28.83 43.90
C VAL G 291 3.30 -27.38 44.38
N GLY G 292 3.23 -27.19 45.70
CA GLY G 292 3.20 -25.85 46.26
C GLY G 292 4.34 -25.59 47.23
N LYS G 293 5.00 -24.45 47.09
CA LYS G 293 6.04 -24.06 48.05
C LYS G 293 5.40 -23.77 49.39
N GLY G 294 5.91 -24.42 50.44
CA GLY G 294 5.30 -24.31 51.75
C GLY G 294 6.26 -23.96 52.86
N ILE G 295 6.87 -22.78 52.76
CA ILE G 295 7.71 -22.27 53.84
C ILE G 295 6.84 -21.41 54.78
N THR G 296 6.65 -21.86 56.00
CA THR G 296 5.67 -21.22 56.88
C THR G 296 6.21 -19.93 57.51
N PHE G 297 7.52 -19.84 57.66
CA PHE G 297 8.18 -18.55 57.84
C PHE G 297 9.55 -18.56 57.23
N ASP G 298 9.83 -17.54 56.42
CA ASP G 298 11.14 -17.42 55.79
C ASP G 298 11.94 -16.26 56.38
N SER G 299 12.78 -16.56 57.36
CA SER G 299 13.66 -15.56 57.94
C SER G 299 14.86 -15.28 57.03
N GLY G 300 15.11 -16.20 56.09
CA GLY G 300 16.28 -16.11 55.23
C GLY G 300 17.37 -17.05 55.68
N GLY G 301 17.31 -17.49 56.93
CA GLY G 301 18.37 -18.30 57.48
C GLY G 301 19.57 -17.42 57.82
N TYR G 302 20.77 -17.99 57.81
CA TYR G 302 21.96 -17.21 58.12
C TYR G 302 22.15 -16.05 57.13
N ASN G 303 21.63 -16.21 55.91
CA ASN G 303 21.45 -15.07 55.01
C ASN G 303 20.19 -14.31 55.39
N LEU G 304 20.16 -13.82 56.62
CA LEU G 304 18.99 -13.20 57.22
C LEU G 304 18.42 -12.06 56.38
N LYS G 305 17.09 -11.99 56.27
CA LYS G 305 16.45 -10.86 55.61
C LYS G 305 16.59 -9.62 56.49
N ALA G 306 17.66 -8.86 56.27
CA ALA G 306 17.95 -7.69 57.10
C ALA G 306 18.10 -6.44 56.24
N ALA G 307 18.21 -6.63 54.93
CA ALA G 307 18.35 -5.51 54.01
C ALA G 307 17.03 -4.75 53.93
N PRO G 308 17.10 -3.43 53.79
CA PRO G 308 15.89 -2.61 53.69
C PRO G 308 15.02 -3.01 52.49
N GLY G 309 13.75 -3.32 52.74
CA GLY G 309 12.84 -3.73 51.69
C GLY G 309 12.64 -5.23 51.59
N SER G 310 13.35 -5.98 52.43
CA SER G 310 13.28 -7.44 52.39
C SER G 310 11.99 -7.96 53.04
N MET G 311 11.31 -7.09 53.78
CA MET G 311 9.97 -7.35 54.31
C MET G 311 9.86 -8.66 55.09
N ILE G 312 10.71 -8.82 56.09
CA ILE G 312 10.74 -10.06 56.86
C ILE G 312 9.41 -10.29 57.59
N ASP G 313 8.66 -9.23 57.88
CA ASP G 313 7.41 -9.39 58.61
C ASP G 313 6.24 -9.84 57.72
N LEU G 314 6.51 -10.03 56.43
CA LEU G 314 5.51 -10.53 55.50
C LEU G 314 5.67 -12.03 55.24
N MET G 315 6.80 -12.58 55.66
CA MET G 315 7.24 -13.89 55.21
C MET G 315 6.43 -15.07 55.76
N LYS G 316 5.33 -14.78 56.46
CA LYS G 316 4.35 -15.82 56.75
C LYS G 316 3.67 -16.25 55.45
N PHE G 317 3.75 -15.41 54.42
CA PHE G 317 3.06 -15.61 53.14
C PHE G 317 3.86 -16.55 52.24
N ASP G 318 4.95 -17.08 52.78
CA ASP G 318 5.88 -17.86 51.96
C ASP G 318 5.40 -19.29 51.78
N MET G 319 4.22 -19.61 52.33
CA MET G 319 3.60 -20.89 52.07
C MET G 319 2.35 -20.73 51.20
N SER G 320 2.28 -19.60 50.50
CA SER G 320 1.17 -19.28 49.58
C SER G 320 0.97 -20.33 48.48
N GLY G 321 2.06 -20.90 48.00
CA GLY G 321 1.98 -21.93 46.97
C GLY G 321 1.24 -23.14 47.51
N CYS G 322 1.69 -23.60 48.67
CA CYS G 322 1.03 -24.69 49.38
C CYS G 322 -0.46 -24.38 49.60
N ALA G 323 -0.76 -23.14 49.98
CA ALA G 323 -2.13 -22.74 50.25
C ALA G 323 -2.98 -22.78 48.99
N ALA G 324 -2.39 -22.40 47.86
CA ALA G 324 -3.10 -22.42 46.59
C ALA G 324 -3.43 -23.84 46.20
N VAL G 325 -2.45 -24.73 46.37
CA VAL G 325 -2.63 -26.15 46.07
C VAL G 325 -3.71 -26.79 46.96
N LEU G 326 -3.70 -26.45 48.25
CA LEU G 326 -4.71 -26.97 49.18
C LEU G 326 -6.11 -26.43 48.89
N GLY G 327 -6.19 -25.16 48.50
CA GLY G 327 -7.46 -24.57 48.14
C GLY G 327 -8.01 -25.22 46.89
N CYS G 328 -7.09 -25.57 45.99
CA CYS G 328 -7.46 -26.29 44.77
C CYS G 328 -7.97 -27.68 45.12
N ALA G 329 -7.39 -28.27 46.16
CA ALA G 329 -7.83 -29.57 46.62
C ALA G 329 -9.26 -29.48 47.18
N TYR G 330 -9.62 -28.33 47.76
CA TYR G 330 -11.01 -28.13 48.18
C TYR G 330 -11.93 -28.12 46.97
N CYS G 331 -11.59 -27.30 45.98
CA CYS G 331 -12.41 -27.17 44.78
C CYS G 331 -12.54 -28.51 44.06
N VAL G 332 -11.43 -29.21 43.87
CA VAL G 332 -11.44 -30.48 43.16
C VAL G 332 -12.22 -31.55 43.93
N GLY G 333 -11.98 -31.64 45.24
CA GLY G 333 -12.68 -32.59 46.07
C GLY G 333 -14.18 -32.32 46.18
N THR G 334 -14.57 -31.09 45.87
CA THR G 334 -15.98 -30.69 45.96
C THR G 334 -16.68 -30.87 44.62
N LEU G 335 -16.05 -30.40 43.55
CA LEU G 335 -16.62 -30.47 42.22
C LEU G 335 -16.50 -31.86 41.62
N LYS G 336 -15.53 -32.63 42.12
CA LYS G 336 -15.31 -34.01 41.67
C LYS G 336 -15.24 -34.16 40.15
N PRO G 337 -14.15 -33.68 39.53
CA PRO G 337 -13.91 -33.92 38.10
C PRO G 337 -13.81 -35.41 37.78
N GLU G 338 -14.02 -35.79 36.53
CA GLU G 338 -14.00 -37.21 36.16
C GLU G 338 -12.80 -37.58 35.30
N ASN G 339 -12.42 -38.85 35.36
CA ASN G 339 -11.31 -39.41 34.57
C ASN G 339 -10.00 -38.67 34.80
N VAL G 340 -9.72 -38.34 36.05
CA VAL G 340 -8.52 -37.60 36.38
C VAL G 340 -8.02 -37.96 37.79
N GLU G 341 -6.71 -38.07 37.93
CA GLU G 341 -6.09 -38.30 39.23
C GLU G 341 -5.18 -37.12 39.57
N ILE G 342 -5.39 -36.52 40.73
CA ILE G 342 -4.62 -35.34 41.11
C ILE G 342 -3.84 -35.59 42.40
N HIS G 343 -2.56 -35.27 42.37
CA HIS G 343 -1.74 -35.33 43.57
C HIS G 343 -1.42 -33.91 44.03
N PHE G 344 -1.77 -33.62 45.27
CA PHE G 344 -1.54 -32.30 45.84
C PHE G 344 -0.36 -32.40 46.79
N LEU G 345 0.74 -31.73 46.46
CA LEU G 345 1.99 -31.93 47.17
C LEU G 345 2.56 -30.64 47.74
N SER G 346 3.17 -30.73 48.91
CA SER G 346 3.90 -29.60 49.47
C SER G 346 4.94 -30.05 50.48
N ALA G 347 6.19 -29.69 50.21
CA ALA G 347 7.27 -29.92 51.15
C ALA G 347 7.31 -28.79 52.17
N VAL G 348 6.60 -28.97 53.27
CA VAL G 348 6.45 -27.90 54.26
C VAL G 348 7.57 -27.87 55.30
N CYS G 349 8.15 -26.69 55.50
CA CYS G 349 9.13 -26.50 56.56
C CYS G 349 9.31 -25.03 56.90
N GLU G 350 10.17 -24.74 57.85
CA GLU G 350 10.41 -23.38 58.30
C GLU G 350 11.89 -23.03 58.20
N ASN G 351 12.21 -21.86 57.65
CA ASN G 351 13.60 -21.44 57.43
C ASN G 351 14.12 -20.51 58.53
N MET G 352 14.88 -21.06 59.48
CA MET G 352 15.22 -20.33 60.70
C MET G 352 16.72 -20.24 60.97
N VAL G 353 17.08 -19.34 61.89
CA VAL G 353 18.47 -19.17 62.32
C VAL G 353 18.70 -19.90 63.64
N SER G 354 19.69 -20.77 63.66
CA SER G 354 19.90 -21.66 64.80
C SER G 354 21.31 -22.25 64.79
N LYS G 355 21.70 -22.88 65.89
CA LYS G 355 22.95 -23.66 65.90
C LYS G 355 22.81 -24.86 64.97
N ASN G 356 21.57 -25.24 64.67
CA ASN G 356 21.29 -26.43 63.89
C ASN G 356 20.96 -26.15 62.42
N SER G 357 21.00 -24.87 62.04
CA SER G 357 20.66 -24.48 60.67
C SER G 357 21.74 -24.87 59.68
N TYR G 358 21.34 -25.10 58.43
CA TYR G 358 22.32 -25.28 57.37
C TYR G 358 22.99 -23.93 57.11
N ARG G 359 24.20 -23.99 56.58
CA ARG G 359 25.04 -22.81 56.42
C ARG G 359 25.21 -22.44 54.95
N PRO G 360 25.50 -21.16 54.69
CA PRO G 360 25.93 -20.77 53.35
C PRO G 360 27.22 -21.51 53.01
N GLY G 361 27.26 -22.17 51.85
CA GLY G 361 28.44 -22.91 51.46
C GLY G 361 28.31 -24.41 51.64
N ASP G 362 27.33 -24.83 52.45
CA ASP G 362 27.06 -26.25 52.64
C ASP G 362 26.78 -26.95 51.30
N ILE G 363 27.23 -28.18 51.17
CA ILE G 363 26.88 -28.98 50.00
C ILE G 363 25.94 -30.09 50.44
N ILE G 364 24.78 -30.13 49.81
CA ILE G 364 23.71 -31.04 50.21
C ILE G 364 23.32 -31.93 49.03
N THR G 365 22.75 -33.09 49.33
CA THR G 365 22.40 -34.04 48.30
C THR G 365 20.89 -34.17 48.15
N ALA G 366 20.38 -33.83 46.97
CA ALA G 366 18.95 -33.98 46.69
C ALA G 366 18.60 -35.46 46.56
N SER G 367 17.30 -35.75 46.48
CA SER G 367 16.84 -37.15 46.50
C SER G 367 17.14 -37.89 45.19
N ASN G 368 17.52 -37.16 44.15
CA ASN G 368 17.90 -37.78 42.88
C ASN G 368 19.43 -37.94 42.72
N GLY G 369 20.16 -37.75 43.82
CA GLY G 369 21.60 -37.92 43.81
C GLY G 369 22.41 -36.69 43.50
N LYS G 370 21.76 -35.62 43.04
CA LYS G 370 22.47 -34.39 42.68
C LYS G 370 22.96 -33.62 43.91
N THR G 371 24.24 -33.31 43.94
CA THR G 371 24.78 -32.47 45.01
C THR G 371 24.65 -30.99 44.66
N ILE G 372 24.32 -30.20 45.67
CA ILE G 372 24.01 -28.79 45.48
C ILE G 372 24.85 -27.93 46.41
N GLU G 373 25.53 -26.94 45.85
CA GLU G 373 26.26 -25.99 46.67
C GLU G 373 25.34 -24.84 47.06
N VAL G 374 25.17 -24.63 48.36
CA VAL G 374 24.30 -23.56 48.83
C VAL G 374 25.03 -22.22 48.89
N GLY G 375 24.67 -21.30 48.01
CA GLY G 375 25.27 -19.98 48.00
C GLY G 375 24.50 -18.93 48.82
N ASN G 376 23.24 -19.24 49.13
CA ASN G 376 22.38 -18.31 49.86
C ASN G 376 21.21 -19.05 50.51
N THR G 377 21.22 -19.12 51.83
CA THR G 377 20.19 -19.86 52.56
C THR G 377 18.79 -19.28 52.40
N ASP G 378 18.70 -18.07 51.85
CA ASP G 378 17.39 -17.44 51.63
C ASP G 378 16.82 -17.82 50.26
N ALA G 379 17.58 -18.56 49.47
CA ALA G 379 17.00 -19.18 48.28
C ALA G 379 16.58 -20.61 48.63
N GLU G 380 15.83 -20.73 49.73
CA GLU G 380 15.49 -22.04 50.29
C GLU G 380 14.35 -22.71 49.55
N GLY G 381 13.50 -21.91 48.92
CA GLY G 381 12.32 -22.43 48.24
C GLY G 381 12.63 -23.40 47.13
N ARG G 382 13.64 -23.09 46.32
CA ARG G 382 14.00 -23.95 45.20
C ARG G 382 14.61 -25.26 45.70
N LEU G 383 15.17 -25.22 46.90
CA LEU G 383 15.75 -26.41 47.50
C LEU G 383 14.65 -27.39 47.91
N THR G 384 13.59 -26.87 48.52
CA THR G 384 12.49 -27.72 48.92
C THR G 384 11.71 -28.20 47.71
N LEU G 385 11.59 -27.34 46.70
CA LEU G 385 10.85 -27.70 45.49
C LEU G 385 11.55 -28.82 44.72
N ALA G 386 12.88 -28.76 44.69
CA ALA G 386 13.68 -29.76 44.00
C ALA G 386 13.36 -31.19 44.46
N ASP G 387 13.33 -31.39 45.78
CA ASP G 387 13.02 -32.70 46.32
C ASP G 387 11.56 -33.07 46.10
N ALA G 388 10.68 -32.08 46.14
CA ALA G 388 9.26 -32.30 45.89
C ALA G 388 9.02 -32.62 44.41
N LEU G 389 9.81 -32.02 43.53
CA LEU G 389 9.68 -32.29 42.10
C LEU G 389 10.17 -33.69 41.75
N VAL G 390 11.20 -34.16 42.44
CA VAL G 390 11.70 -35.52 42.25
C VAL G 390 10.64 -36.51 42.71
N TYR G 391 10.05 -36.23 43.87
CA TYR G 391 8.97 -37.05 44.44
C TYR G 391 7.80 -37.12 43.47
N ALA G 392 7.43 -35.95 42.93
CA ALA G 392 6.30 -35.85 42.00
C ALA G 392 6.47 -36.68 40.73
N GLU G 393 7.67 -36.66 40.15
CA GLU G 393 7.89 -37.38 38.91
C GLU G 393 7.89 -38.88 39.15
N LYS G 394 8.26 -39.29 40.36
CA LYS G 394 8.22 -40.71 40.73
C LYS G 394 6.79 -41.23 40.84
N LEU G 395 5.82 -40.32 40.85
CA LEU G 395 4.41 -40.72 40.89
C LEU G 395 3.94 -41.16 39.52
N GLY G 396 4.67 -40.74 38.49
CA GLY G 396 4.34 -41.10 37.12
C GLY G 396 3.10 -40.37 36.62
N VAL G 397 3.20 -39.04 36.53
CA VAL G 397 2.08 -38.22 36.09
C VAL G 397 2.31 -37.68 34.69
N ASP G 398 1.29 -37.03 34.14
CA ASP G 398 1.37 -36.48 32.79
C ASP G 398 1.79 -35.00 32.82
N TYR G 399 1.36 -34.29 33.85
CA TYR G 399 1.79 -32.91 34.04
C TYR G 399 2.23 -32.66 35.48
N ILE G 400 3.34 -31.96 35.62
CA ILE G 400 3.71 -31.38 36.92
C ILE G 400 3.62 -29.87 36.85
N VAL G 401 2.84 -29.30 37.77
CA VAL G 401 2.72 -27.85 37.87
C VAL G 401 3.12 -27.43 39.26
N ASP G 402 4.05 -26.49 39.37
CA ASP G 402 4.40 -26.00 40.70
C ASP G 402 4.08 -24.52 40.79
N ILE G 403 3.68 -24.09 41.99
CA ILE G 403 3.35 -22.70 42.22
C ILE G 403 4.04 -22.25 43.51
N ALA G 404 4.69 -21.09 43.45
CA ALA G 404 5.59 -20.70 44.53
C ALA G 404 5.87 -19.21 44.59
N THR G 405 6.03 -18.71 45.81
CA THR G 405 6.52 -17.36 46.05
C THR G 405 8.05 -17.39 46.04
N LEU G 406 8.63 -17.59 44.86
CA LEU G 406 10.02 -17.99 44.76
C LEU G 406 11.01 -16.83 44.73
N THR G 407 10.80 -15.88 43.82
CA THR G 407 11.78 -14.82 43.61
C THR G 407 11.17 -13.43 43.73
N GLY G 408 11.79 -12.61 44.56
CA GLY G 408 11.36 -11.22 44.73
C GLY G 408 11.51 -10.41 43.46
N ALA G 409 12.32 -10.90 42.53
CA ALA G 409 12.53 -10.22 41.26
C ALA G 409 11.25 -10.14 40.42
N MET G 410 10.24 -10.94 40.78
CA MET G 410 8.96 -10.89 40.08
C MET G 410 8.30 -9.50 40.18
N LEU G 411 8.54 -8.82 41.29
CA LEU G 411 7.98 -7.48 41.48
C LEU G 411 8.57 -6.51 40.46
N TYR G 412 9.80 -6.78 40.03
CA TYR G 412 10.50 -5.92 39.09
C TYR G 412 10.17 -6.27 37.65
N SER G 413 9.78 -7.53 37.42
CA SER G 413 9.40 -7.95 36.09
C SER G 413 7.91 -7.69 35.83
N LEU G 414 7.04 -8.55 36.37
CA LEU G 414 5.62 -8.48 36.04
C LEU G 414 4.81 -7.65 37.03
N GLY G 415 5.36 -7.39 38.20
CA GLY G 415 4.69 -6.58 39.19
C GLY G 415 3.73 -7.34 40.09
N THR G 416 2.63 -6.67 40.45
CA THR G 416 1.74 -7.17 41.49
C THR G 416 0.45 -7.80 40.97
N SER G 417 0.24 -7.74 39.66
CA SER G 417 -1.01 -8.22 39.07
C SER G 417 -0.89 -9.53 38.30
N TYR G 418 0.25 -9.73 37.63
CA TYR G 418 0.45 -10.90 36.81
C TYR G 418 1.51 -11.84 37.40
N ALA G 419 1.17 -13.12 37.49
CA ALA G 419 2.15 -14.11 37.89
C ALA G 419 2.97 -14.52 36.68
N GLY G 420 4.15 -15.08 36.92
CA GLY G 420 4.98 -15.57 35.84
C GLY G 420 4.89 -17.08 35.75
N VAL G 421 4.76 -17.61 34.54
CA VAL G 421 4.82 -19.05 34.35
C VAL G 421 6.02 -19.43 33.48
N PHE G 422 6.80 -20.40 33.98
CA PHE G 422 7.96 -20.94 33.28
C PHE G 422 7.74 -22.43 33.08
N GLY G 423 8.21 -22.98 31.97
CA GLY G 423 8.06 -24.40 31.73
C GLY G 423 9.02 -25.01 30.73
N ASN G 424 8.92 -26.33 30.55
CA ASN G 424 9.75 -27.07 29.61
C ASN G 424 8.92 -27.64 28.46
N ASN G 425 7.65 -27.26 28.40
CA ASN G 425 6.71 -27.84 27.45
C ASN G 425 5.65 -26.83 27.02
N GLU G 426 5.63 -26.50 25.74
CA GLU G 426 4.76 -25.46 25.22
C GLU G 426 3.26 -25.80 25.35
N GLU G 427 2.93 -27.08 25.22
CA GLU G 427 1.53 -27.49 25.30
C GLU G 427 0.96 -27.30 26.70
N LEU G 428 1.77 -27.58 27.71
CA LEU G 428 1.37 -27.38 29.10
C LEU G 428 1.29 -25.89 29.42
N ILE G 429 2.29 -25.12 28.98
CA ILE G 429 2.30 -23.68 29.20
C ILE G 429 1.06 -23.02 28.61
N ASN G 430 0.68 -23.42 27.40
CA ASN G 430 -0.53 -22.91 26.79
C ASN G 430 -1.78 -23.31 27.56
N LYS G 431 -1.77 -24.51 28.13
CA LYS G 431 -2.89 -24.96 28.96
C LYS G 431 -3.02 -24.09 30.21
N ILE G 432 -1.89 -23.67 30.76
CA ILE G 432 -1.89 -22.80 31.93
C ILE G 432 -2.38 -21.40 31.56
N LEU G 433 -2.00 -20.93 30.38
CA LEU G 433 -2.42 -19.60 29.92
C LEU G 433 -3.92 -19.60 29.62
N GLN G 434 -4.41 -20.73 29.09
CA GLN G 434 -5.83 -20.87 28.82
C GLN G 434 -6.61 -20.87 30.13
N SER G 435 -6.09 -21.56 31.13
CA SER G 435 -6.70 -21.59 32.46
C SER G 435 -6.67 -20.20 33.10
N SER G 436 -5.65 -19.41 32.75
CA SER G 436 -5.53 -18.04 33.22
C SER G 436 -6.68 -17.19 32.70
N LYS G 437 -7.01 -17.35 31.42
CA LYS G 437 -8.13 -16.64 30.80
C LYS G 437 -9.46 -17.00 31.44
N THR G 438 -9.70 -18.29 31.66
CA THR G 438 -11.00 -18.73 32.14
C THR G 438 -11.18 -18.50 33.65
N SER G 439 -10.08 -18.52 34.39
CA SER G 439 -10.13 -18.25 35.83
C SER G 439 -10.05 -16.75 36.11
N ASN G 440 -9.63 -15.99 35.11
CA ASN G 440 -9.35 -14.56 35.25
C ASN G 440 -8.32 -14.26 36.34
N GLU G 441 -7.40 -15.20 36.53
CA GLU G 441 -6.20 -14.97 37.33
C GLU G 441 -5.01 -14.79 36.39
N PRO G 442 -4.56 -13.54 36.20
CA PRO G 442 -3.56 -13.17 35.18
C PRO G 442 -2.21 -13.85 35.34
N VAL G 443 -1.71 -14.42 34.24
CA VAL G 443 -0.41 -15.07 34.22
C VAL G 443 0.30 -14.71 32.91
N TRP G 444 1.62 -14.54 32.95
CA TRP G 444 2.37 -14.24 31.74
C TRP G 444 3.52 -15.23 31.53
N TRP G 445 3.66 -15.70 30.30
CA TRP G 445 4.72 -16.64 29.96
C TRP G 445 6.09 -15.94 29.93
N LEU G 446 7.01 -16.43 30.76
CA LEU G 446 8.37 -15.93 30.79
C LEU G 446 9.32 -17.05 30.37
N PRO G 447 10.49 -16.69 29.82
CA PRO G 447 11.38 -17.71 29.24
C PRO G 447 12.37 -18.35 30.21
N ILE G 448 12.64 -19.63 29.99
CA ILE G 448 13.77 -20.27 30.64
C ILE G 448 14.94 -20.16 29.67
N ILE G 449 15.80 -19.16 29.91
CA ILE G 449 16.90 -18.85 29.01
C ILE G 449 18.09 -19.74 29.27
N ASN G 450 18.27 -20.75 28.42
CA ASN G 450 19.32 -21.78 28.62
C ASN G 450 20.73 -21.22 28.69
N GLU G 451 20.95 -20.03 28.14
CA GLU G 451 22.27 -19.43 28.17
C GLU G 451 22.75 -19.14 29.59
N TYR G 452 21.81 -18.95 30.52
CA TYR G 452 22.18 -18.64 31.91
C TYR G 452 22.57 -19.89 32.70
N ARG G 453 22.37 -21.06 32.11
CA ARG G 453 22.58 -22.33 32.81
C ARG G 453 24.00 -22.51 33.32
N ALA G 454 24.97 -22.08 32.52
CA ALA G 454 26.38 -22.23 32.87
C ALA G 454 26.75 -21.50 34.17
N THR G 455 25.99 -20.45 34.51
CA THR G 455 26.25 -19.74 35.76
C THR G 455 25.87 -20.59 36.98
N LEU G 456 25.22 -21.72 36.74
CA LEU G 456 24.89 -22.66 37.81
C LEU G 456 25.91 -23.79 37.93
N ASN G 457 26.93 -23.77 37.07
CA ASN G 457 28.03 -24.71 37.17
C ASN G 457 28.80 -24.50 38.48
N SER G 458 28.98 -25.57 39.23
CA SER G 458 29.66 -25.49 40.52
C SER G 458 31.05 -26.10 40.45
N LYS G 459 32.02 -25.45 41.08
CA LYS G 459 33.39 -25.95 41.09
C LYS G 459 33.47 -27.27 41.84
N TYR G 460 32.64 -27.44 42.86
CA TYR G 460 32.75 -28.60 43.75
C TYR G 460 31.53 -29.52 43.74
N ALA G 461 30.34 -28.94 43.79
CA ALA G 461 29.12 -29.73 43.74
C ALA G 461 28.71 -30.00 42.30
N ASP G 462 27.67 -30.79 42.12
CA ASP G 462 27.10 -31.02 40.79
C ASP G 462 26.53 -29.73 40.23
N ILE G 463 25.96 -28.90 41.11
CA ILE G 463 25.29 -27.68 40.66
C ILE G 463 25.23 -26.61 41.76
N ASN G 464 25.25 -25.35 41.35
CA ASN G 464 25.01 -24.21 42.23
C ASN G 464 23.52 -24.04 42.52
N GLN G 465 23.21 -23.59 43.73
CA GLN G 465 21.85 -23.21 44.07
C GLN G 465 21.51 -21.86 43.43
N ILE G 466 22.43 -20.91 43.52
CA ILE G 466 22.23 -19.58 42.97
C ILE G 466 23.33 -19.21 42.00
N SER G 467 23.06 -18.19 41.20
CA SER G 467 24.01 -17.67 40.23
C SER G 467 24.90 -16.61 40.87
N SER G 468 26.13 -16.49 40.39
CA SER G 468 27.02 -15.42 40.82
C SER G 468 26.84 -14.17 39.96
N SER G 469 26.68 -14.40 38.65
CA SER G 469 26.57 -13.29 37.68
C SER G 469 25.13 -12.82 37.45
N VAL G 470 24.28 -13.73 36.95
CA VAL G 470 22.96 -13.35 36.43
C VAL G 470 21.98 -12.87 37.50
N LYS G 471 21.51 -11.63 37.34
CA LYS G 471 20.56 -11.02 38.26
C LYS G 471 19.13 -11.43 37.95
N ALA G 472 18.93 -12.08 36.80
CA ALA G 472 17.60 -12.57 36.40
C ALA G 472 17.14 -13.74 37.27
N SER G 473 16.94 -13.48 38.56
CA SER G 473 16.68 -14.52 39.56
C SER G 473 15.53 -15.46 39.21
N SER G 474 14.43 -14.91 38.70
CA SER G 474 13.25 -15.72 38.42
C SER G 474 13.58 -16.79 37.38
N ILE G 475 14.40 -16.43 36.39
CA ILE G 475 14.78 -17.36 35.33
C ILE G 475 15.84 -18.36 35.81
N VAL G 476 16.82 -17.87 36.56
CA VAL G 476 17.87 -18.72 37.10
C VAL G 476 17.25 -19.75 38.03
N ALA G 477 16.30 -19.31 38.85
CA ALA G 477 15.59 -20.22 39.74
C ALA G 477 14.85 -21.31 38.95
N SER G 478 14.24 -20.91 37.84
CA SER G 478 13.55 -21.88 36.97
C SER G 478 14.51 -22.91 36.37
N LEU G 479 15.68 -22.45 35.93
CA LEU G 479 16.71 -23.32 35.39
C LEU G 479 17.13 -24.38 36.40
N PHE G 480 17.28 -23.96 37.65
CA PHE G 480 17.62 -24.87 38.74
C PHE G 480 16.54 -25.93 38.93
N LEU G 481 15.29 -25.50 39.02
CA LEU G 481 14.16 -26.42 39.15
C LEU G 481 14.08 -27.40 38.00
N LYS G 482 14.37 -26.93 36.80
CA LYS G 482 14.30 -27.73 35.58
C LYS G 482 15.22 -28.95 35.68
N GLU G 483 16.28 -28.84 36.46
CA GLU G 483 17.25 -29.93 36.62
C GLU G 483 16.70 -31.09 37.44
N PHE G 484 15.48 -30.95 37.93
CA PHE G 484 14.92 -31.98 38.79
C PHE G 484 13.64 -32.58 38.19
N VAL G 485 13.34 -32.18 36.96
CA VAL G 485 12.33 -32.86 36.16
C VAL G 485 12.98 -33.40 34.88
N GLN G 486 13.11 -34.71 34.79
CA GLN G 486 13.85 -35.32 33.69
C GLN G 486 13.02 -35.56 32.42
N ASN G 487 11.84 -36.15 32.57
CA ASN G 487 11.09 -36.58 31.40
C ASN G 487 9.58 -36.38 31.52
N THR G 488 9.17 -35.31 32.19
CA THR G 488 7.75 -35.00 32.36
C THR G 488 7.47 -33.55 31.98
N ALA G 489 6.34 -33.31 31.33
CA ALA G 489 5.90 -31.95 31.05
C ALA G 489 5.74 -31.20 32.37
N TRP G 490 6.42 -30.07 32.48
CA TRP G 490 6.48 -29.35 33.74
C TRP G 490 6.36 -27.85 33.55
N ALA G 491 5.59 -27.20 34.42
CA ALA G 491 5.48 -25.75 34.42
C ALA G 491 5.60 -25.20 35.84
N HIS G 492 6.14 -23.99 35.93
CA HIS G 492 6.48 -23.37 37.21
C HIS G 492 5.83 -22.00 37.30
N ILE G 493 5.01 -21.78 38.32
CA ILE G 493 4.31 -20.51 38.46
C ILE G 493 4.84 -19.70 39.64
N ASP G 494 5.42 -18.53 39.35
CA ASP G 494 6.04 -17.70 40.37
C ASP G 494 5.08 -16.61 40.83
N ILE G 495 4.59 -16.73 42.06
CA ILE G 495 3.54 -15.85 42.55
C ILE G 495 4.06 -14.90 43.64
N ALA G 496 5.38 -14.72 43.69
CA ALA G 496 6.00 -13.88 44.71
C ALA G 496 5.46 -12.45 44.63
N GLY G 497 5.23 -11.98 43.43
CA GLY G 497 4.78 -10.61 43.24
C GLY G 497 3.30 -10.39 43.48
N VAL G 498 2.50 -11.42 43.21
CA VAL G 498 1.05 -11.27 43.18
C VAL G 498 0.29 -11.88 44.36
N SER G 499 0.98 -12.64 45.21
CA SER G 499 0.32 -13.37 46.30
C SER G 499 -0.35 -12.43 47.31
N TRP G 500 0.41 -11.44 47.78
CA TRP G 500 -0.04 -10.54 48.81
C TRP G 500 -0.58 -9.24 48.22
N ASN G 501 -1.79 -8.86 48.64
CA ASN G 501 -2.38 -7.57 48.27
C ASN G 501 -1.88 -6.48 49.20
N PHE G 502 -0.91 -5.70 48.74
CA PHE G 502 -0.25 -4.73 49.60
C PHE G 502 -1.14 -3.54 49.95
N LYS G 503 -2.06 -3.19 49.05
CA LYS G 503 -2.95 -2.07 49.32
C LYS G 503 -3.99 -2.46 50.37
N ALA G 504 -4.59 -3.64 50.23
CA ALA G 504 -5.64 -4.08 51.14
C ALA G 504 -5.10 -4.76 52.41
N ARG G 505 -3.81 -5.06 52.40
CA ARG G 505 -3.11 -5.69 53.53
C ARG G 505 -3.65 -7.09 53.84
N LYS G 506 -3.94 -7.86 52.81
CA LYS G 506 -4.45 -9.21 52.96
C LYS G 506 -3.98 -10.09 51.82
N PRO G 507 -4.07 -11.43 51.95
CA PRO G 507 -3.67 -12.28 50.83
C PRO G 507 -4.73 -12.29 49.73
N LYS G 508 -4.35 -12.71 48.53
CA LYS G 508 -5.32 -12.87 47.45
C LYS G 508 -5.83 -14.31 47.36
N GLY G 509 -5.07 -15.25 47.92
CA GLY G 509 -5.34 -16.65 47.68
C GLY G 509 -5.14 -16.97 46.20
N PHE G 510 -4.20 -16.27 45.58
CA PHE G 510 -3.94 -16.37 44.15
C PHE G 510 -3.55 -17.79 43.75
N GLY G 511 -4.16 -18.28 42.67
CA GLY G 511 -3.76 -19.56 42.12
C GLY G 511 -4.77 -20.68 42.25
N VAL G 512 -5.66 -20.58 43.24
CA VAL G 512 -6.63 -21.64 43.46
C VAL G 512 -7.57 -21.82 42.28
N ARG G 513 -8.14 -20.72 41.81
CA ARG G 513 -9.05 -20.76 40.68
C ARG G 513 -8.31 -21.15 39.40
N LEU G 514 -7.08 -20.67 39.27
CA LEU G 514 -6.24 -20.98 38.11
C LEU G 514 -5.96 -22.48 37.99
N LEU G 515 -5.44 -23.06 39.07
CA LEU G 515 -5.12 -24.49 39.07
C LEU G 515 -6.36 -25.34 38.89
N THR G 516 -7.47 -24.91 39.49
CA THR G 516 -8.71 -25.68 39.41
C THR G 516 -9.24 -25.68 37.98
N GLU G 517 -9.23 -24.52 37.33
CA GLU G 517 -9.63 -24.43 35.93
C GLU G 517 -8.74 -25.34 35.08
N PHE G 518 -7.45 -25.36 35.41
CA PHE G 518 -6.52 -26.22 34.69
C PHE G 518 -6.89 -27.69 34.83
N VAL G 519 -7.17 -28.11 36.06
CA VAL G 519 -7.56 -29.48 36.33
C VAL G 519 -8.91 -29.84 35.68
N LEU G 520 -9.87 -28.92 35.78
CA LEU G 520 -11.23 -29.19 35.30
C LEU G 520 -11.32 -29.27 33.78
N ASN G 521 -10.67 -28.35 33.09
CA ASN G 521 -10.79 -28.28 31.64
C ASN G 521 -9.87 -29.26 30.92
N ASP G 522 -9.19 -30.10 31.70
CA ASP G 522 -8.34 -31.14 31.15
C ASP G 522 -8.98 -32.51 31.35
N SER H 5 34.97 -37.54 69.35
CA SER H 5 35.08 -38.40 68.17
C SER H 5 33.78 -38.48 67.36
N GLU H 6 32.68 -38.84 68.01
CA GLU H 6 31.39 -38.88 67.32
C GLU H 6 30.93 -37.47 66.98
N VAL H 7 30.57 -37.23 65.72
CA VAL H 7 30.09 -35.91 65.33
C VAL H 7 28.56 -35.90 65.37
N PRO H 8 28.00 -34.90 66.08
CA PRO H 8 26.54 -34.82 66.20
C PRO H 8 25.89 -34.50 64.87
N GLN H 9 24.68 -35.02 64.67
CA GLN H 9 23.91 -34.77 63.46
C GLN H 9 22.58 -34.15 63.85
N VAL H 10 21.99 -33.37 62.94
CA VAL H 10 20.62 -32.91 63.12
C VAL H 10 19.69 -33.91 62.41
N VAL H 11 20.01 -34.21 61.16
CA VAL H 11 19.34 -35.27 60.43
C VAL H 11 20.34 -36.38 60.11
N SER H 12 19.86 -37.56 59.74
CA SER H 12 20.75 -38.69 59.45
C SER H 12 21.50 -38.52 58.13
N LEU H 13 21.13 -37.49 57.36
CA LEU H 13 21.80 -37.21 56.09
C LEU H 13 22.97 -36.25 56.27
N ASP H 14 23.17 -35.77 57.50
CA ASP H 14 24.33 -34.94 57.81
C ASP H 14 25.59 -35.78 57.85
N PRO H 15 26.62 -35.37 57.10
CA PRO H 15 27.86 -36.15 57.03
C PRO H 15 28.58 -36.16 58.38
N THR H 16 29.35 -37.21 58.64
CA THR H 16 30.06 -37.34 59.90
C THR H 16 31.57 -37.42 59.72
N SER H 17 32.04 -37.17 58.51
CA SER H 17 33.48 -37.11 58.28
C SER H 17 33.79 -36.32 57.01
N ILE H 18 34.99 -35.74 56.97
CA ILE H 18 35.48 -35.06 55.78
C ILE H 18 36.03 -36.08 54.80
N PRO H 19 35.48 -36.14 53.58
CA PRO H 19 36.10 -37.02 52.59
C PRO H 19 37.48 -36.49 52.24
N ILE H 20 38.50 -37.35 52.36
CA ILE H 20 39.87 -36.92 52.08
C ILE H 20 40.55 -37.89 51.13
N GLU H 21 41.07 -37.34 50.03
CA GLU H 21 41.81 -38.13 49.05
C GLU H 21 43.30 -38.04 49.37
N TYR H 22 43.88 -39.16 49.79
CA TYR H 22 45.30 -39.18 50.14
C TYR H 22 46.16 -39.55 48.94
N ASN H 23 45.85 -40.67 48.30
CA ASN H 23 46.54 -41.04 47.07
C ASN H 23 45.87 -40.41 45.86
N THR H 24 46.46 -39.32 45.38
CA THR H 24 45.90 -38.60 44.24
C THR H 24 46.45 -39.19 42.94
N PRO H 25 45.80 -38.89 41.81
CA PRO H 25 46.35 -39.32 40.52
C PRO H 25 47.76 -38.76 40.26
N ILE H 26 48.08 -37.64 40.92
CA ILE H 26 49.40 -37.05 40.82
C ILE H 26 50.45 -37.98 41.40
N HIS H 27 50.06 -38.75 42.42
CA HIS H 27 51.01 -39.66 43.05
C HIS H 27 51.37 -40.84 42.15
N ASP H 28 50.49 -41.13 41.19
CA ASP H 28 50.70 -42.28 40.31
C ASP H 28 51.52 -41.90 39.09
N ILE H 29 51.93 -40.64 39.01
CA ILE H 29 52.74 -40.17 37.90
C ILE H 29 54.22 -40.49 38.14
N LYS H 30 54.81 -41.25 37.23
CA LYS H 30 56.24 -41.55 37.33
C LYS H 30 57.05 -40.40 36.72
N VAL H 31 57.98 -39.86 37.52
CA VAL H 31 58.74 -38.70 37.09
C VAL H 31 60.21 -39.04 36.85
N GLN H 32 60.71 -38.62 35.69
CA GLN H 32 62.11 -38.82 35.32
C GLN H 32 62.77 -37.49 34.98
N VAL H 33 63.95 -37.25 35.54
CA VAL H 33 64.72 -36.06 35.20
C VAL H 33 66.00 -36.45 34.47
N TYR H 34 66.05 -36.14 33.17
CA TYR H 34 67.24 -36.40 32.37
C TYR H 34 68.02 -35.12 32.15
N ASP H 35 69.31 -35.25 31.85
CA ASP H 35 70.13 -34.09 31.56
C ASP H 35 69.91 -33.68 30.11
N ILE H 36 69.84 -32.37 29.87
CA ILE H 36 69.57 -31.84 28.54
C ILE H 36 70.75 -32.08 27.59
N LYS H 37 71.94 -32.25 28.17
CA LYS H 37 73.12 -32.65 27.41
C LYS H 37 72.98 -34.13 27.10
N GLY H 38 72.80 -34.45 25.83
CA GLY H 38 72.53 -35.82 25.44
C GLY H 38 71.24 -35.83 24.65
N GLY H 39 70.60 -34.67 24.63
CA GLY H 39 69.43 -34.43 23.82
C GLY H 39 68.17 -35.08 24.35
N CYS H 40 67.03 -34.65 23.81
CA CYS H 40 65.76 -35.21 24.23
C CYS H 40 65.25 -36.18 23.16
N ASN H 41 64.71 -37.32 23.60
CA ASN H 41 64.01 -38.21 22.70
C ASN H 41 62.56 -37.75 22.62
N VAL H 42 61.97 -37.87 21.44
CA VAL H 42 60.58 -37.51 21.23
C VAL H 42 59.85 -38.70 20.60
N GLU H 43 59.19 -39.49 21.43
CA GLU H 43 58.66 -40.78 20.99
C GLU H 43 57.19 -41.00 21.37
N GLU H 44 56.73 -40.38 22.45
CA GLU H 44 55.42 -40.73 22.99
C GLU H 44 54.74 -39.58 23.71
N GLY H 45 53.42 -39.49 23.55
CA GLY H 45 52.61 -38.51 24.25
C GLY H 45 52.80 -37.09 23.76
N LEU H 46 53.05 -36.18 24.68
CA LEU H 46 53.24 -34.77 24.34
C LEU H 46 54.56 -34.24 24.90
N THR H 47 55.31 -33.55 24.05
CA THR H 47 56.56 -32.93 24.47
C THR H 47 56.48 -31.43 24.32
N ILE H 48 56.79 -30.71 25.39
CA ILE H 48 56.67 -29.26 25.42
C ILE H 48 58.00 -28.59 25.72
N PHE H 49 58.36 -27.62 24.89
CA PHE H 49 59.57 -26.83 25.09
C PHE H 49 59.24 -25.50 25.75
N LEU H 50 59.80 -25.26 26.92
CA LEU H 50 59.66 -23.96 27.57
C LEU H 50 60.73 -23.03 27.00
N VAL H 51 60.31 -22.08 26.18
CA VAL H 51 61.28 -21.24 25.47
C VAL H 51 61.04 -19.74 25.68
N ASN H 52 62.14 -19.01 25.81
CA ASN H 52 62.09 -17.55 25.89
C ASN H 52 62.91 -16.92 24.77
N ASN H 53 62.97 -15.60 24.77
CA ASN H 53 63.88 -14.88 23.89
C ASN H 53 64.33 -13.61 24.58
N PRO H 54 65.46 -13.70 25.32
CA PRO H 54 65.99 -12.58 26.10
C PRO H 54 66.16 -11.32 25.25
N GLY H 55 65.51 -10.23 25.66
CA GLY H 55 65.65 -8.95 24.99
C GLY H 55 64.53 -8.65 24.02
N LYS H 56 64.39 -9.48 22.99
CA LYS H 56 63.35 -9.29 21.99
C LYS H 56 61.97 -9.42 22.62
N GLU H 57 61.18 -8.34 22.55
CA GLU H 57 59.87 -8.27 23.19
C GLU H 57 59.01 -9.50 22.94
N ASN H 58 58.57 -9.67 21.70
CA ASN H 58 57.88 -10.88 21.30
C ASN H 58 58.66 -11.60 20.22
N GLY H 59 59.92 -11.90 20.52
CA GLY H 59 60.83 -12.51 19.57
C GLY H 59 60.43 -13.91 19.16
N PRO H 60 61.07 -14.43 18.10
CA PRO H 60 60.76 -15.75 17.55
C PRO H 60 61.18 -16.87 18.49
N VAL H 61 60.56 -18.04 18.36
CA VAL H 61 60.96 -19.17 19.18
C VAL H 61 62.10 -19.91 18.51
N LYS H 62 63.07 -20.33 19.32
CA LYS H 62 64.20 -21.10 18.85
C LYS H 62 64.47 -22.23 19.83
N ILE H 63 64.58 -23.45 19.30
CA ILE H 63 64.82 -24.61 20.14
C ILE H 63 66.31 -24.88 20.26
N SER H 64 66.87 -24.57 21.43
CA SER H 64 68.31 -24.67 21.67
C SER H 64 68.79 -26.11 21.75
N SER H 65 67.94 -26.99 22.26
CA SER H 65 68.34 -28.36 22.57
C SER H 65 68.44 -29.24 21.33
N LYS H 66 69.37 -30.19 21.39
CA LYS H 66 69.48 -31.20 20.36
C LYS H 66 68.37 -32.23 20.57
N VAL H 67 67.83 -32.73 19.48
CA VAL H 67 66.76 -33.72 19.55
C VAL H 67 67.21 -35.01 18.87
N ASN H 68 67.18 -36.11 19.61
CA ASN H 68 67.65 -37.39 19.09
C ASN H 68 66.68 -38.01 18.08
N ASP H 69 66.36 -37.22 17.06
CA ASP H 69 65.45 -37.64 16.00
C ASP H 69 65.61 -36.68 14.81
N LYS H 70 65.92 -37.22 13.64
CA LYS H 70 66.21 -36.41 12.47
C LYS H 70 64.98 -35.64 11.98
N GLN H 71 63.83 -36.30 11.99
CA GLN H 71 62.58 -35.71 11.52
C GLN H 71 62.12 -34.55 12.41
N VAL H 72 62.09 -34.78 13.72
CA VAL H 72 61.68 -33.76 14.66
C VAL H 72 62.64 -32.57 14.60
N SER H 73 63.94 -32.87 14.47
CA SER H 73 64.95 -31.84 14.34
C SER H 73 64.68 -30.94 13.14
N GLU H 74 64.38 -31.56 12.00
CA GLU H 74 64.08 -30.79 10.79
C GLU H 74 62.80 -29.98 10.96
N PHE H 75 61.79 -30.57 11.61
CA PHE H 75 60.55 -29.87 11.88
C PHE H 75 60.80 -28.64 12.74
N LEU H 76 61.67 -28.79 13.73
CA LEU H 76 61.96 -27.72 14.67
C LEU H 76 63.07 -26.79 14.19
N LYS H 77 63.33 -26.81 12.88
CA LYS H 77 64.30 -25.90 12.28
C LYS H 77 63.90 -24.45 12.54
N ASP H 78 64.90 -23.59 12.66
CA ASP H 78 64.68 -22.19 13.01
C ASP H 78 63.81 -21.47 11.99
N GLU H 79 63.87 -21.91 10.74
CA GLU H 79 63.04 -21.35 9.68
C GLU H 79 61.58 -21.64 9.95
N ASN H 80 61.29 -22.88 10.36
CA ASN H 80 59.92 -23.30 10.62
C ASN H 80 59.34 -22.72 11.90
N MET H 81 60.20 -22.30 12.81
CA MET H 81 59.76 -21.81 14.12
C MET H 81 59.64 -20.29 14.16
N GLU H 82 60.12 -19.64 13.11
CA GLU H 82 60.16 -18.17 13.08
C GLU H 82 58.78 -17.52 13.15
N LYS H 83 57.76 -18.23 12.68
CA LYS H 83 56.39 -17.70 12.66
C LYS H 83 55.78 -17.66 14.06
N PHE H 84 56.39 -18.40 14.99
CA PHE H 84 55.92 -18.45 16.36
C PHE H 84 56.76 -17.57 17.27
N ASN H 85 56.12 -16.90 18.22
CA ASN H 85 56.85 -16.03 19.15
C ASN H 85 56.77 -16.54 20.59
N VAL H 86 57.49 -15.87 21.48
CA VAL H 86 57.65 -16.35 22.86
C VAL H 86 56.86 -15.57 23.90
N LYS H 87 55.79 -14.90 23.49
CA LYS H 87 54.96 -14.15 24.42
C LYS H 87 54.54 -15.03 25.60
N LEU H 88 54.55 -14.45 26.80
CA LEU H 88 54.26 -15.21 28.02
C LEU H 88 52.86 -15.80 28.02
N GLY H 89 52.79 -17.12 28.11
CA GLY H 89 51.51 -17.82 28.16
C GLY H 89 51.11 -18.43 26.84
N THR H 90 51.78 -18.01 25.77
CA THR H 90 51.49 -18.50 24.43
C THR H 90 51.91 -19.96 24.30
N SER H 91 51.11 -20.74 23.58
CA SER H 91 51.43 -22.14 23.33
C SER H 91 50.99 -22.55 21.93
N LYS H 92 51.68 -23.54 21.37
CA LYS H 92 51.30 -24.11 20.09
C LYS H 92 51.42 -25.64 20.13
N HIS H 93 50.67 -26.32 19.26
CA HIS H 93 50.73 -27.77 19.14
C HIS H 93 51.27 -28.19 17.78
N PHE H 94 52.18 -29.16 17.76
CA PHE H 94 52.76 -29.64 16.51
C PHE H 94 52.48 -31.13 16.30
N TYR H 95 52.16 -31.49 15.05
CA TYR H 95 51.94 -32.88 14.68
C TYR H 95 52.94 -33.32 13.63
N MET H 96 53.60 -34.46 13.84
CA MET H 96 54.62 -34.93 12.91
C MET H 96 54.96 -36.41 13.11
N PHE H 97 55.70 -36.96 12.16
CA PHE H 97 56.20 -38.33 12.28
C PHE H 97 57.67 -38.31 12.63
N ASN H 98 58.11 -39.32 13.36
CA ASN H 98 59.53 -39.41 13.74
C ASN H 98 60.30 -40.35 12.83
N ASP H 99 61.55 -40.62 13.19
CA ASP H 99 62.40 -41.52 12.40
C ASP H 99 61.84 -42.94 12.38
N ASN H 100 61.16 -43.32 13.45
CA ASN H 100 60.57 -44.65 13.55
C ASN H 100 59.19 -44.71 12.88
N LYS H 101 58.92 -43.70 12.05
CA LYS H 101 57.67 -43.60 11.29
C LYS H 101 56.43 -43.62 12.20
N ASN H 102 56.57 -43.03 13.39
CA ASN H 102 55.45 -42.94 14.32
C ASN H 102 55.03 -41.49 14.53
N SER H 103 53.72 -41.28 14.69
CA SER H 103 53.21 -39.94 14.94
C SER H 103 53.52 -39.51 16.37
N VAL H 104 54.02 -38.30 16.52
CA VAL H 104 54.30 -37.74 17.84
C VAL H 104 53.76 -36.32 17.98
N ALA H 105 53.44 -35.93 19.22
CA ALA H 105 52.92 -34.60 19.48
C ALA H 105 53.95 -33.73 20.19
N VAL H 106 54.22 -32.56 19.63
CA VAL H 106 55.23 -31.64 20.16
C VAL H 106 54.63 -30.23 20.26
N GLY H 107 55.19 -29.39 21.11
CA GLY H 107 54.74 -28.01 21.20
C GLY H 107 55.65 -27.17 22.07
N TYR H 108 55.25 -25.94 22.35
CA TYR H 108 56.04 -25.07 23.20
C TYR H 108 55.16 -24.15 24.05
N VAL H 109 55.74 -23.64 25.13
CA VAL H 109 55.11 -22.60 25.93
C VAL H 109 56.04 -21.39 26.03
N GLY H 110 55.56 -20.23 25.61
CA GLY H 110 56.36 -19.02 25.63
C GLY H 110 56.60 -18.54 27.06
N CYS H 111 57.84 -18.16 27.34
CA CYS H 111 58.20 -17.71 28.69
C CYS H 111 58.68 -16.26 28.70
N GLY H 112 58.26 -15.49 27.70
CA GLY H 112 58.52 -14.06 27.67
C GLY H 112 59.91 -13.64 27.24
N SER H 113 60.36 -12.50 27.76
CA SER H 113 61.65 -11.94 27.37
C SER H 113 62.59 -11.82 28.56
N VAL H 114 62.03 -11.62 29.75
CA VAL H 114 62.81 -11.54 30.97
C VAL H 114 63.48 -12.89 31.26
N ALA H 115 64.79 -12.86 31.51
CA ALA H 115 65.55 -14.09 31.72
C ALA H 115 65.27 -14.72 33.09
N ASP H 116 64.66 -13.96 33.98
CA ASP H 116 64.31 -14.46 35.31
C ASP H 116 62.82 -14.32 35.57
N LEU H 117 62.10 -15.44 35.57
CA LEU H 117 60.65 -15.45 35.78
C LEU H 117 60.32 -15.46 37.26
N SER H 118 59.38 -14.60 37.67
CA SER H 118 58.99 -14.53 39.08
C SER H 118 57.93 -15.56 39.42
N GLU H 119 57.45 -15.51 40.67
CA GLU H 119 56.43 -16.42 41.16
C GLU H 119 55.16 -16.36 40.32
N ALA H 120 54.67 -15.15 40.08
CA ALA H 120 53.46 -14.96 39.28
C ALA H 120 53.70 -15.31 37.82
N ASP H 121 54.93 -15.11 37.36
CA ASP H 121 55.30 -15.45 35.98
C ASP H 121 55.22 -16.95 35.74
N MET H 122 55.80 -17.72 36.66
CA MET H 122 55.85 -19.17 36.49
C MET H 122 54.45 -19.78 36.53
N LYS H 123 53.59 -19.23 37.38
CA LYS H 123 52.24 -19.74 37.51
C LYS H 123 51.49 -19.56 36.20
N ARG H 124 51.75 -18.47 35.51
CA ARG H 124 51.17 -18.23 34.19
C ARG H 124 51.65 -19.30 33.21
N VAL H 125 52.93 -19.63 33.27
CA VAL H 125 53.51 -20.67 32.42
C VAL H 125 52.86 -22.02 32.67
N VAL H 126 52.78 -22.40 33.94
CA VAL H 126 52.19 -23.68 34.32
C VAL H 126 50.73 -23.77 33.89
N LEU H 127 49.99 -22.67 34.05
CA LEU H 127 48.58 -22.62 33.66
C LEU H 127 48.41 -22.88 32.17
N SER H 128 49.35 -22.39 31.35
CA SER H 128 49.33 -22.68 29.93
C SER H 128 49.53 -24.17 29.69
N LEU H 129 50.49 -24.75 30.41
CA LEU H 129 50.75 -26.18 30.31
C LEU H 129 49.52 -27.02 30.64
N VAL H 130 48.88 -26.70 31.76
CA VAL H 130 47.72 -27.46 32.23
C VAL H 130 46.58 -27.42 31.21
N THR H 131 46.44 -26.30 30.51
CA THR H 131 45.44 -26.20 29.46
C THR H 131 45.70 -27.22 28.36
N MET H 132 46.99 -27.42 28.04
CA MET H 132 47.37 -28.41 27.04
C MET H 132 47.16 -29.83 27.54
N LEU H 133 47.02 -29.98 28.86
CA LEU H 133 46.79 -31.29 29.46
C LEU H 133 45.29 -31.60 29.57
N HIS H 134 44.50 -30.55 29.75
CA HIS H 134 43.04 -30.71 29.80
C HIS H 134 42.50 -31.00 28.40
N ASP H 135 41.45 -31.80 28.34
CA ASP H 135 40.77 -32.10 27.08
C ASP H 135 41.70 -32.75 26.05
N ASN H 136 42.71 -33.46 26.54
CA ASN H 136 43.60 -34.26 25.70
C ASN H 136 44.07 -35.48 26.47
N LYS H 137 43.59 -36.66 26.07
CA LYS H 137 43.99 -37.89 26.74
C LYS H 137 45.44 -38.25 26.39
N LEU H 138 46.30 -38.16 27.38
CA LEU H 138 47.73 -38.35 27.18
C LEU H 138 48.30 -39.27 28.24
N SER H 139 49.11 -40.24 27.82
CA SER H 139 49.74 -41.13 28.76
C SER H 139 50.98 -40.48 29.37
N LYS H 140 51.61 -39.59 28.62
CA LYS H 140 52.89 -39.04 29.03
C LYS H 140 53.06 -37.59 28.62
N LEU H 141 53.66 -36.82 29.52
CA LEU H 141 54.07 -35.46 29.22
C LEU H 141 55.59 -35.33 29.35
N THR H 142 56.20 -34.61 28.41
CA THR H 142 57.62 -34.32 28.51
C THR H 142 57.86 -32.82 28.45
N VAL H 143 58.57 -32.30 29.44
CA VAL H 143 58.83 -30.87 29.51
C VAL H 143 60.33 -30.59 29.39
N VAL H 144 60.70 -29.84 28.36
CA VAL H 144 62.09 -29.52 28.11
C VAL H 144 62.39 -28.09 28.52
N PHE H 145 63.22 -27.94 29.55
CA PHE H 145 63.57 -26.62 30.07
C PHE H 145 64.64 -25.93 29.25
N GLU H 146 64.23 -24.98 28.43
CA GLU H 146 65.17 -24.14 27.70
C GLU H 146 65.13 -22.74 28.27
N ILE H 147 64.90 -22.67 29.57
CA ILE H 147 64.99 -21.42 30.31
C ILE H 147 65.81 -21.65 31.57
N ASN H 148 66.14 -20.57 32.28
CA ASN H 148 66.96 -20.67 33.47
C ASN H 148 66.13 -20.63 34.74
N VAL H 149 66.23 -21.68 35.54
CA VAL H 149 65.56 -21.75 36.82
C VAL H 149 66.48 -22.39 37.85
N ASP H 150 66.55 -21.81 39.05
CA ASP H 150 67.31 -22.45 40.11
C ASP H 150 66.52 -23.64 40.63
N LYS H 151 67.12 -24.41 41.53
CA LYS H 151 66.45 -25.58 42.10
C LYS H 151 65.15 -25.18 42.79
N ASN H 152 65.15 -23.98 43.34
CA ASN H 152 64.00 -23.46 44.06
C ASN H 152 62.79 -23.19 43.16
N LEU H 153 63.02 -22.52 42.04
CA LEU H 153 61.92 -22.18 41.12
C LEU H 153 61.45 -23.42 40.37
N PHE H 154 62.37 -24.36 40.15
CA PHE H 154 62.04 -25.61 39.49
C PHE H 154 61.07 -26.44 40.32
N ARG H 155 61.29 -26.47 41.64
CA ARG H 155 60.40 -27.17 42.53
C ARG H 155 59.02 -26.52 42.52
N PHE H 156 59.01 -25.18 42.56
CA PHE H 156 57.77 -24.41 42.47
C PHE H 156 57.01 -24.71 41.18
N PHE H 157 57.75 -24.92 40.10
CA PHE H 157 57.15 -25.33 38.82
C PHE H 157 56.39 -26.66 38.97
N LEU H 158 57.07 -27.66 39.52
CA LEU H 158 56.46 -28.98 39.73
C LEU H 158 55.28 -28.89 40.71
N GLU H 159 55.50 -28.21 41.84
CA GLU H 159 54.45 -27.97 42.84
C GLU H 159 53.20 -27.36 42.24
N THR H 160 53.38 -26.38 41.37
CA THR H 160 52.26 -25.67 40.78
C THR H 160 51.61 -26.54 39.70
N LEU H 161 52.44 -27.27 38.96
CA LEU H 161 51.94 -28.18 37.94
C LEU H 161 51.05 -29.24 38.59
N PHE H 162 51.54 -29.86 39.66
CA PHE H 162 50.80 -30.89 40.35
C PHE H 162 49.48 -30.34 40.88
N TYR H 163 49.56 -29.19 41.54
CA TYR H 163 48.41 -28.58 42.19
C TYR H 163 47.33 -28.15 41.20
N GLU H 164 47.74 -27.49 40.13
CA GLU H 164 46.77 -26.99 39.15
C GLU H 164 46.24 -28.11 38.25
N TYR H 165 47.00 -29.18 38.10
CA TYR H 165 46.59 -30.33 37.30
C TYR H 165 45.44 -31.04 38.01
N MET H 166 45.64 -31.27 39.31
CA MET H 166 44.72 -32.04 40.12
C MET H 166 43.35 -31.38 40.22
N THR H 167 42.29 -32.18 40.08
CA THR H 167 40.93 -31.70 40.16
C THR H 167 40.16 -32.37 41.31
N ASP H 168 39.50 -31.54 42.13
CA ASP H 168 38.78 -32.01 43.30
C ASP H 168 37.37 -32.47 42.93
N GLU H 169 37.11 -33.76 43.03
CA GLU H 169 35.80 -34.28 42.66
C GLU H 169 35.13 -35.00 43.82
N ARG H 170 35.60 -34.73 45.04
CA ARG H 170 35.02 -35.33 46.23
C ARG H 170 33.52 -35.07 46.40
N PHE H 171 33.05 -33.94 45.87
CA PHE H 171 31.65 -33.57 46.10
C PHE H 171 30.81 -33.59 44.83
N LYS H 172 31.34 -34.23 43.79
CA LYS H 172 30.58 -34.48 42.58
C LYS H 172 29.89 -35.84 42.66
N SER H 173 28.88 -36.05 41.82
CA SER H 173 28.26 -37.36 41.66
C SER H 173 27.43 -37.39 40.38
N THR H 174 26.71 -36.30 40.14
CA THR H 174 25.83 -36.12 38.97
C THR H 174 24.68 -37.11 38.98
N LYS H 176 30.51 -34.93 37.42
CA LYS H 176 31.68 -35.79 37.25
C LYS H 176 32.18 -35.77 35.80
N ASN H 177 33.48 -35.52 35.63
CA ASN H 177 34.09 -35.45 34.31
C ASN H 177 34.27 -36.84 33.70
N VAL H 178 33.64 -37.07 32.55
CA VAL H 178 33.68 -38.36 31.89
C VAL H 178 35.02 -38.60 31.17
N ASN H 179 35.56 -37.54 30.60
CA ASN H 179 36.83 -37.63 29.86
C ASN H 179 38.04 -37.31 30.74
N MET H 180 37.87 -37.45 32.06
CA MET H 180 38.96 -37.18 33.00
C MET H 180 39.98 -38.31 32.97
N GLU H 181 41.19 -37.99 32.52
CA GLU H 181 42.28 -38.96 32.45
C GLU H 181 43.62 -38.28 32.71
N TYR H 182 44.38 -38.80 33.66
CA TYR H 182 45.66 -38.21 34.03
C TYR H 182 46.83 -38.93 33.37
N ILE H 183 47.86 -38.16 33.03
CA ILE H 183 49.10 -38.74 32.51
C ILE H 183 49.68 -39.70 33.55
N LYS H 184 50.39 -40.71 33.09
CA LYS H 184 51.04 -41.66 33.98
C LYS H 184 52.55 -41.46 34.02
N HIS H 185 53.05 -40.61 33.13
CA HIS H 185 54.48 -40.35 33.05
C HIS H 185 54.80 -38.87 32.83
N LEU H 186 55.78 -38.37 33.58
CA LEU H 186 56.30 -37.02 33.37
C LEU H 186 57.81 -37.05 33.16
N GLY H 187 58.24 -36.70 31.96
CA GLY H 187 59.66 -36.58 31.66
C GLY H 187 60.11 -35.14 31.69
N VAL H 188 61.31 -34.90 32.22
CA VAL H 188 61.85 -33.54 32.30
C VAL H 188 63.30 -33.48 31.80
N TYR H 189 63.54 -32.59 30.83
CA TYR H 189 64.90 -32.35 30.34
C TYR H 189 65.41 -31.00 30.81
N ILE H 190 66.57 -31.01 31.46
CA ILE H 190 67.12 -29.78 32.04
C ILE H 190 68.63 -29.89 32.24
N ASN H 191 69.32 -28.76 32.14
CA ASN H 191 70.73 -28.67 32.52
C ASN H 191 70.93 -29.05 33.99
N ASN H 192 72.13 -29.51 34.32
CA ASN H 192 72.47 -29.76 35.71
C ASN H 192 71.46 -30.63 36.43
N ALA H 193 70.97 -31.63 35.71
CA ALA H 193 69.80 -32.36 36.16
C ALA H 193 70.02 -33.07 37.49
N ASP H 194 71.24 -33.52 37.73
CA ASP H 194 71.56 -34.24 38.96
C ASP H 194 71.35 -33.38 40.21
N THR H 195 71.35 -32.07 40.04
CA THR H 195 71.08 -31.16 41.15
C THR H 195 69.57 -31.00 41.38
N TYR H 196 68.79 -31.12 40.31
CA TYR H 196 67.35 -30.89 40.39
C TYR H 196 66.56 -32.14 40.79
N LYS H 197 67.19 -33.31 40.68
CA LYS H 197 66.51 -34.56 40.95
C LYS H 197 65.88 -34.61 42.35
N GLU H 198 66.61 -34.08 43.33
CA GLU H 198 66.15 -34.11 44.72
C GLU H 198 64.90 -33.24 44.93
N GLU H 199 64.63 -32.34 44.00
CA GLU H 199 63.50 -31.43 44.12
C GLU H 199 62.18 -32.09 43.76
N VAL H 200 62.25 -33.22 43.04
CA VAL H 200 61.05 -33.88 42.56
C VAL H 200 60.20 -34.42 43.71
N GLU H 201 60.80 -35.19 44.61
CA GLU H 201 60.04 -35.76 45.71
C GLU H 201 59.73 -34.72 46.77
N LYS H 202 60.55 -33.67 46.84
CA LYS H 202 60.23 -32.57 47.74
C LYS H 202 59.02 -31.80 47.21
N ALA H 203 58.93 -31.68 45.88
CA ALA H 203 57.79 -31.01 45.26
C ALA H 203 56.51 -31.81 45.44
N ARG H 204 56.63 -33.12 45.29
CA ARG H 204 55.46 -33.99 45.43
C ARG H 204 54.92 -33.90 46.86
N VAL H 205 55.82 -33.87 47.84
CA VAL H 205 55.43 -33.76 49.24
C VAL H 205 54.83 -32.38 49.52
N TYR H 206 55.47 -31.34 49.01
CA TYR H 206 54.95 -29.98 49.14
C TYR H 206 53.61 -29.84 48.44
N TYR H 207 53.50 -30.43 47.24
CA TYR H 207 52.22 -30.51 46.55
C TYR H 207 51.10 -31.05 47.44
N PHE H 208 51.31 -32.23 48.03
CA PHE H 208 50.19 -32.84 48.74
C PHE H 208 49.88 -32.12 50.05
N GLY H 209 50.89 -31.56 50.70
CA GLY H 209 50.66 -30.77 51.89
C GLY H 209 49.72 -29.63 51.57
N THR H 210 49.99 -28.98 50.44
CA THR H 210 49.17 -27.88 49.95
C THR H 210 47.78 -28.37 49.51
N TYR H 211 47.74 -29.49 48.81
CA TYR H 211 46.48 -30.02 48.33
C TYR H 211 45.64 -30.55 49.49
N TYR H 212 46.29 -31.11 50.50
CA TYR H 212 45.60 -31.56 51.69
C TYR H 212 44.91 -30.39 52.41
N ALA H 213 45.64 -29.29 52.56
CA ALA H 213 45.07 -28.08 53.16
C ALA H 213 43.89 -27.58 52.32
N SER H 214 44.10 -27.56 51.02
CA SER H 214 43.06 -27.16 50.08
C SER H 214 41.81 -28.04 50.20
N GLN H 215 42.00 -29.33 50.48
CA GLN H 215 40.87 -30.24 50.62
C GLN H 215 40.02 -29.90 51.83
N LEU H 216 40.67 -29.59 52.95
CA LEU H 216 39.96 -29.24 54.17
C LEU H 216 39.23 -27.91 54.02
N ILE H 217 39.89 -26.94 53.40
CA ILE H 217 39.31 -25.62 53.21
C ILE H 217 38.10 -25.69 52.29
N ALA H 218 38.27 -26.37 51.16
CA ALA H 218 37.20 -26.52 50.19
C ALA H 218 35.99 -27.25 50.77
N ALA H 219 36.25 -28.22 51.64
CA ALA H 219 35.19 -28.98 52.27
C ALA H 219 34.23 -28.06 53.03
N PRO H 220 32.95 -28.08 52.67
CA PRO H 220 31.92 -27.22 53.26
C PRO H 220 31.75 -27.46 54.76
N SER H 221 31.08 -26.54 55.44
CA SER H 221 31.05 -26.54 56.89
C SER H 221 30.16 -27.64 57.49
N ASN H 222 29.25 -28.20 56.70
CA ASN H 222 28.49 -29.34 57.17
C ASN H 222 29.34 -30.62 57.12
N TYR H 223 30.33 -30.64 56.24
CA TYR H 223 31.29 -31.74 56.20
C TYR H 223 32.44 -31.49 57.16
N CYS H 224 33.02 -30.30 57.07
CA CYS H 224 34.14 -29.91 57.91
C CYS H 224 33.68 -29.07 59.10
N ASN H 225 33.50 -29.73 60.24
CA ASN H 225 33.08 -29.08 61.45
C ASN H 225 34.15 -29.32 62.52
N PRO H 226 34.03 -28.68 63.70
CA PRO H 226 35.08 -28.86 64.72
C PRO H 226 35.35 -30.30 65.11
N VAL H 227 34.33 -31.16 65.07
CA VAL H 227 34.52 -32.53 65.46
C VAL H 227 35.18 -33.31 64.34
N SER H 228 34.65 -33.16 63.13
CA SER H 228 35.15 -33.89 61.97
C SER H 228 36.57 -33.45 61.59
N LEU H 229 36.90 -32.18 61.84
CA LEU H 229 38.22 -31.68 61.48
C LEU H 229 39.27 -32.23 62.44
N SER H 230 38.93 -32.25 63.73
CA SER H 230 39.84 -32.80 64.72
C SER H 230 40.04 -34.31 64.50
N ASN H 231 38.99 -35.00 64.09
CA ASN H 231 39.11 -36.42 63.75
C ASN H 231 40.09 -36.62 62.60
N ALA H 232 40.01 -35.73 61.61
CA ALA H 232 40.93 -35.80 60.47
C ALA H 232 42.36 -35.57 60.92
N ALA H 233 42.57 -34.60 61.81
CA ALA H 233 43.90 -34.31 62.34
C ALA H 233 44.48 -35.53 63.06
N VAL H 234 43.63 -36.23 63.81
CA VAL H 234 44.03 -37.44 64.52
C VAL H 234 44.47 -38.50 63.54
N GLU H 235 43.67 -38.67 62.50
CA GLU H 235 43.95 -39.65 61.45
C GLU H 235 45.24 -39.32 60.73
N LEU H 236 45.49 -38.03 60.49
CA LEU H 236 46.73 -37.59 59.86
C LEU H 236 47.91 -37.87 60.79
N ALA H 237 47.74 -37.59 62.07
CA ALA H 237 48.79 -37.81 63.06
C ALA H 237 49.14 -39.29 63.19
N GLN H 238 48.13 -40.14 63.08
CA GLN H 238 48.33 -41.58 63.21
C GLN H 238 49.12 -42.14 62.03
N LYS H 239 48.87 -41.61 60.83
CA LYS H 239 49.60 -42.03 59.65
C LYS H 239 51.05 -41.54 59.66
N LEU H 240 51.26 -40.31 60.12
CA LEU H 240 52.61 -39.76 60.19
C LEU H 240 53.33 -40.15 61.47
N ASN H 241 52.65 -40.93 62.30
CA ASN H 241 53.12 -41.27 63.64
CA ASN H 241 53.17 -41.29 63.61
C ASN H 241 53.59 -40.04 64.40
N LEU H 242 52.72 -39.04 64.45
CA LEU H 242 52.96 -37.88 65.28
C LEU H 242 52.29 -38.11 66.63
N GLU H 243 52.91 -37.63 67.70
CA GLU H 243 52.24 -37.59 68.99
C GLU H 243 51.07 -36.63 68.84
N TYR H 244 49.90 -37.01 69.37
CA TYR H 244 48.72 -36.17 69.22
C TYR H 244 47.87 -36.14 70.49
N LYS H 245 47.00 -35.15 70.55
CA LYS H 245 46.18 -34.91 71.72
C LYS H 245 45.05 -33.95 71.36
N ILE H 246 43.82 -34.40 71.51
CA ILE H 246 42.66 -33.56 71.29
C ILE H 246 42.07 -33.18 72.64
N LEU H 247 42.10 -31.89 72.95
CA LEU H 247 41.53 -31.40 74.19
C LEU H 247 40.05 -31.12 74.00
N GLY H 248 39.23 -31.69 74.89
CA GLY H 248 37.78 -31.48 74.84
C GLY H 248 37.34 -30.40 75.82
N VAL H 249 36.04 -30.10 75.80
CA VAL H 249 35.46 -29.01 76.59
C VAL H 249 35.81 -29.07 78.07
N LYS H 250 35.77 -30.28 78.65
CA LYS H 250 36.10 -30.45 80.06
C LYS H 250 37.55 -30.07 80.35
N GLU H 251 38.48 -30.49 79.49
CA GLU H 251 39.88 -30.14 79.65
C GLU H 251 40.07 -28.64 79.46
N LEU H 252 39.40 -28.11 78.43
CA LEU H 252 39.52 -26.69 78.10
C LEU H 252 38.97 -25.82 79.22
N GLU H 253 37.95 -26.31 79.92
CA GLU H 253 37.41 -25.62 81.08
C GLU H 253 38.42 -25.60 82.23
N GLU H 254 39.07 -26.74 82.46
CA GLU H 254 40.07 -26.85 83.52
C GLU H 254 41.28 -25.96 83.24
N LEU H 255 41.54 -25.69 81.96
CA LEU H 255 42.64 -24.82 81.57
C LEU H 255 42.18 -23.36 81.49
N LYS H 256 40.91 -23.13 81.82
CA LYS H 256 40.33 -21.79 81.87
C LYS H 256 40.35 -21.06 80.52
N MET H 257 40.17 -21.79 79.42
CA MET H 257 40.18 -21.14 78.11
C MET H 257 38.85 -20.46 77.82
N GLY H 258 38.55 -19.39 78.56
CA GLY H 258 37.28 -18.70 78.46
C GLY H 258 37.03 -17.94 77.16
N ALA H 259 38.09 -17.36 76.59
CA ALA H 259 37.94 -16.62 75.33
C ALA H 259 37.55 -17.57 74.20
N TYR H 260 38.28 -18.67 74.08
CA TYR H 260 38.06 -19.68 73.04
C TYR H 260 36.73 -20.40 73.23
N LEU H 261 36.39 -20.75 74.46
CA LEU H 261 35.16 -21.46 74.72
C LEU H 261 33.93 -20.61 74.40
N SER H 262 34.03 -19.31 74.65
CA SER H 262 32.89 -18.41 74.45
C SER H 262 32.48 -18.35 72.99
N VAL H 263 33.48 -18.39 72.10
CA VAL H 263 33.22 -18.35 70.67
C VAL H 263 32.41 -19.58 70.25
N GLY H 264 32.72 -20.73 70.84
CA GLY H 264 32.07 -21.97 70.46
C GLY H 264 30.76 -22.26 71.17
N LYS H 265 30.31 -21.34 72.03
CA LYS H 265 29.12 -21.59 72.86
C LYS H 265 27.85 -21.82 72.03
N GLY H 266 27.70 -21.07 70.94
CA GLY H 266 26.48 -21.14 70.15
C GLY H 266 26.46 -22.21 69.08
N SER H 267 27.41 -23.15 69.13
CA SER H 267 27.51 -24.18 68.11
C SER H 267 27.04 -25.55 68.60
N MET H 268 26.47 -26.33 67.69
CA MET H 268 26.06 -27.70 68.00
C MET H 268 27.27 -28.63 68.07
N TYR H 269 28.42 -28.16 67.61
CA TYR H 269 29.65 -28.95 67.68
C TYR H 269 30.52 -28.49 68.84
N PRO H 270 30.87 -29.43 69.73
CA PRO H 270 31.81 -29.17 70.84
C PRO H 270 33.16 -28.69 70.33
N ASN H 271 33.74 -27.70 71.00
CA ASN H 271 35.08 -27.24 70.68
C ASN H 271 36.12 -28.37 70.77
N LYS H 272 37.05 -28.39 69.83
CA LYS H 272 38.14 -29.34 69.83
C LYS H 272 39.48 -28.64 69.62
N PHE H 273 40.36 -28.75 70.62
CA PHE H 273 41.69 -28.15 70.51
C PHE H 273 42.69 -29.18 69.98
N ILE H 274 43.26 -28.91 68.81
CA ILE H 274 44.22 -29.80 68.18
C ILE H 274 45.65 -29.53 68.63
N HIS H 275 46.32 -30.57 69.13
CA HIS H 275 47.71 -30.47 69.52
C HIS H 275 48.50 -31.66 68.98
N LEU H 276 49.18 -31.47 67.86
CA LEU H 276 50.04 -32.50 67.30
C LEU H 276 51.49 -32.15 67.60
N THR H 277 52.36 -33.15 67.68
CA THR H 277 53.77 -32.91 67.94
C THR H 277 54.72 -33.76 67.09
N TYR H 278 55.68 -33.11 66.44
CA TYR H 278 56.78 -33.82 65.82
C TYR H 278 58.04 -33.57 66.63
N LYS H 279 58.79 -34.63 66.91
CA LYS H 279 60.06 -34.49 67.60
C LYS H 279 61.15 -35.29 66.91
N SER H 280 62.28 -34.65 66.63
CA SER H 280 63.41 -35.29 65.99
C SER H 280 64.06 -36.32 66.92
N LYS H 281 64.73 -37.30 66.33
CA LYS H 281 65.43 -38.30 67.11
C LYS H 281 66.66 -37.71 67.78
N GLY H 282 67.29 -36.75 67.11
CA GLY H 282 68.51 -36.14 67.61
C GLY H 282 68.30 -35.21 68.80
N ASP H 283 69.32 -34.43 69.14
CA ASP H 283 69.19 -33.43 70.17
C ASP H 283 68.36 -32.27 69.64
N VAL H 284 67.37 -31.83 70.42
CA VAL H 284 66.46 -30.77 69.98
C VAL H 284 67.07 -29.39 70.22
N LYS H 285 67.35 -28.68 69.14
CA LYS H 285 68.00 -27.37 69.21
C LYS H 285 67.02 -26.21 69.11
N LYS H 286 65.85 -26.47 68.55
CA LYS H 286 64.79 -25.46 68.45
C LYS H 286 63.42 -26.06 68.71
N LYS H 287 62.64 -25.39 69.56
CA LYS H 287 61.26 -25.78 69.81
C LYS H 287 60.31 -24.76 69.19
N ILE H 288 59.41 -25.23 68.34
CA ILE H 288 58.53 -24.34 67.58
C ILE H 288 57.06 -24.68 67.76
N ALA H 289 56.24 -23.65 67.96
CA ALA H 289 54.79 -23.82 68.04
C ALA H 289 54.13 -23.14 66.85
N LEU H 290 53.47 -23.92 66.00
CA LEU H 290 52.70 -23.35 64.91
C LEU H 290 51.23 -23.34 65.31
N VAL H 291 50.63 -22.15 65.29
CA VAL H 291 49.23 -22.01 65.70
C VAL H 291 48.36 -21.62 64.52
N GLY H 292 47.32 -22.40 64.27
CA GLY H 292 46.42 -22.10 63.17
C GLY H 292 45.03 -21.71 63.62
N LYS H 293 44.49 -20.63 63.06
CA LYS H 293 43.10 -20.27 63.30
C LYS H 293 42.17 -21.29 62.64
N GLY H 294 41.24 -21.82 63.41
CA GLY H 294 40.34 -22.83 62.89
C GLY H 294 38.87 -22.62 63.22
N ILE H 295 38.27 -21.60 62.61
CA ILE H 295 36.82 -21.46 62.66
C ILE H 295 36.23 -22.21 61.47
N THR H 296 35.50 -23.29 61.74
CA THR H 296 35.04 -24.15 60.65
C THR H 296 33.92 -23.47 59.85
N PHE H 297 33.17 -22.60 60.51
CA PHE H 297 32.31 -21.66 59.81
C PHE H 297 32.11 -20.40 60.63
N ASP H 298 32.28 -19.26 59.98
CA ASP H 298 32.17 -17.97 60.64
C ASP H 298 30.96 -17.20 60.15
N SER H 299 29.86 -17.28 60.89
CA SER H 299 28.65 -16.53 60.54
C SER H 299 28.76 -15.10 61.02
N GLY H 300 29.66 -14.87 61.96
CA GLY H 300 29.82 -13.57 62.58
C GLY H 300 29.21 -13.54 63.97
N GLY H 301 28.36 -14.52 64.27
CA GLY H 301 27.60 -14.52 65.51
C GLY H 301 26.53 -13.44 65.47
N TYR H 302 26.18 -12.88 66.62
CA TYR H 302 25.12 -11.87 66.66
C TYR H 302 25.51 -10.61 65.89
N ASN H 303 26.82 -10.38 65.74
CA ASN H 303 27.32 -9.46 64.74
C ASN H 303 27.34 -10.15 63.38
N LEU H 304 26.17 -10.56 62.93
CA LEU H 304 26.02 -11.38 61.73
C LEU H 304 26.64 -10.74 60.51
N LYS H 305 27.23 -11.56 59.64
CA LYS H 305 27.75 -11.08 58.36
C LYS H 305 26.60 -10.83 57.38
N ALA H 306 25.99 -9.66 57.46
CA ALA H 306 24.83 -9.33 56.66
C ALA H 306 25.10 -8.12 55.76
N ALA H 307 26.20 -7.44 56.02
CA ALA H 307 26.56 -6.28 55.23
C ALA H 307 27.01 -6.71 53.84
N PRO H 308 26.71 -5.88 52.83
CA PRO H 308 27.17 -6.10 51.45
C PRO H 308 28.69 -6.31 51.37
N GLY H 309 29.12 -7.41 50.77
CA GLY H 309 30.53 -7.68 50.59
C GLY H 309 31.16 -8.53 51.70
N SER H 310 30.34 -8.99 52.63
CA SER H 310 30.85 -9.80 53.73
C SER H 310 31.10 -11.25 53.33
N MET H 311 30.56 -11.64 52.18
CA MET H 311 30.79 -12.97 51.59
C MET H 311 30.64 -14.12 52.57
N ILE H 312 29.50 -14.16 53.26
CA ILE H 312 29.25 -15.17 54.26
C ILE H 312 29.33 -16.59 53.69
N ASP H 313 29.02 -16.75 52.41
CA ASP H 313 29.09 -18.06 51.76
C ASP H 313 30.52 -18.57 51.54
N LEU H 314 31.51 -17.72 51.81
CA LEU H 314 32.92 -18.10 51.67
C LEU H 314 33.47 -18.58 53.02
N MET H 315 32.69 -18.38 54.07
CA MET H 315 33.23 -18.47 55.42
C MET H 315 33.52 -19.88 55.91
N LYS H 316 33.37 -20.86 55.01
CA LYS H 316 33.93 -22.17 55.27
C LYS H 316 35.46 -22.10 55.28
N PHE H 317 36.02 -21.01 54.74
CA PHE H 317 37.47 -20.83 54.57
C PHE H 317 38.15 -20.37 55.85
N ASP H 318 37.37 -20.18 56.91
CA ASP H 318 37.89 -19.48 58.08
C ASP H 318 38.73 -20.41 58.97
N MET H 319 38.94 -21.63 58.50
CA MET H 319 39.90 -22.53 59.13
C MET H 319 41.11 -22.77 58.23
N SER H 320 41.37 -21.82 57.33
CA SER H 320 42.51 -21.91 56.42
C SER H 320 43.83 -21.98 57.17
N GLY H 321 43.93 -21.24 58.26
CA GLY H 321 45.12 -21.24 59.07
C GLY H 321 45.36 -22.60 59.70
N CYS H 322 44.31 -23.21 60.21
CA CYS H 322 44.40 -24.57 60.76
C CYS H 322 44.77 -25.56 59.66
N ALA H 323 44.15 -25.39 58.49
CA ALA H 323 44.46 -26.23 57.34
C ALA H 323 45.94 -26.11 56.95
N ALA H 324 46.47 -24.90 56.94
CA ALA H 324 47.87 -24.66 56.60
C ALA H 324 48.79 -25.36 57.58
N VAL H 325 48.46 -25.27 58.86
CA VAL H 325 49.26 -25.89 59.91
C VAL H 325 49.25 -27.43 59.79
N LEU H 326 48.10 -28.00 59.42
CA LEU H 326 47.98 -29.45 59.26
C LEU H 326 48.74 -29.92 58.03
N GLY H 327 48.67 -29.16 56.94
CA GLY H 327 49.39 -29.48 55.73
C GLY H 327 50.89 -29.43 55.96
N CYS H 328 51.29 -28.49 56.80
CA CYS H 328 52.69 -28.39 57.21
C CYS H 328 53.08 -29.62 58.01
N ALA H 329 52.18 -30.09 58.86
CA ALA H 329 52.44 -31.26 59.68
C ALA H 329 52.66 -32.47 58.80
N TYR H 330 51.93 -32.54 57.70
CA TYR H 330 52.15 -33.61 56.74
C TYR H 330 53.58 -33.55 56.19
N CYS H 331 53.97 -32.39 55.68
CA CYS H 331 55.30 -32.20 55.09
C CYS H 331 56.41 -32.51 56.08
N VAL H 332 56.27 -31.97 57.30
CA VAL H 332 57.28 -32.17 58.33
C VAL H 332 57.35 -33.63 58.78
N GLY H 333 56.17 -34.25 58.96
CA GLY H 333 56.11 -35.64 59.35
C GLY H 333 56.70 -36.55 58.29
N THR H 334 56.53 -36.15 57.04
CA THR H 334 57.07 -36.89 55.91
C THR H 334 58.57 -36.68 55.76
N LEU H 335 58.99 -35.42 55.67
CA LEU H 335 60.39 -35.09 55.40
C LEU H 335 61.28 -35.33 56.62
N LYS H 336 60.69 -35.35 57.80
CA LYS H 336 61.39 -35.65 59.04
C LYS H 336 62.68 -34.85 59.22
N PRO H 337 62.58 -33.55 59.49
CA PRO H 337 63.79 -32.77 59.74
C PRO H 337 64.44 -33.15 61.07
N GLU H 338 65.69 -32.73 61.27
CA GLU H 338 66.42 -33.07 62.48
C GLU H 338 66.55 -31.87 63.42
N ASN H 339 66.88 -32.15 64.68
CA ASN H 339 67.22 -31.13 65.67
C ASN H 339 66.08 -30.18 66.07
N VAL H 340 64.84 -30.54 65.71
CA VAL H 340 63.71 -29.65 65.94
C VAL H 340 62.51 -30.36 66.57
N GLU H 341 61.77 -29.64 67.40
CA GLU H 341 60.52 -30.13 67.96
C GLU H 341 59.39 -29.16 67.63
N ILE H 342 58.39 -29.65 66.90
CA ILE H 342 57.31 -28.78 66.42
C ILE H 342 55.94 -29.18 66.98
N HIS H 343 55.25 -28.17 67.52
CA HIS H 343 53.89 -28.34 68.00
C HIS H 343 52.91 -27.68 67.04
N PHE H 344 51.99 -28.47 66.48
CA PHE H 344 50.97 -27.98 65.57
C PHE H 344 49.66 -27.81 66.34
N LEU H 345 49.22 -26.56 66.47
CA LEU H 345 48.09 -26.23 67.33
C LEU H 345 46.95 -25.58 66.58
N SER H 346 45.73 -25.86 67.02
CA SER H 346 44.58 -25.12 66.55
C SER H 346 43.40 -25.25 67.51
N ALA H 347 42.92 -24.11 67.97
CA ALA H 347 41.71 -24.05 68.76
C ALA H 347 40.53 -24.03 67.79
N VAL H 348 40.01 -25.20 67.49
CA VAL H 348 38.96 -25.33 66.48
C VAL H 348 37.58 -25.17 67.11
N CYS H 349 36.74 -24.37 66.46
CA CYS H 349 35.35 -24.22 66.86
C CYS H 349 34.54 -23.59 65.72
N GLU H 350 33.29 -23.23 66.03
CA GLU H 350 32.36 -22.72 65.03
C GLU H 350 31.60 -21.52 65.59
N ASN H 351 31.53 -20.43 64.83
CA ASN H 351 30.92 -19.18 65.27
C ASN H 351 29.49 -19.02 64.72
N MET H 352 28.50 -19.33 65.55
CA MET H 352 27.12 -19.42 65.10
C MET H 352 26.17 -18.49 65.86
N VAL H 353 24.91 -18.47 65.44
CA VAL H 353 23.89 -17.69 66.10
C VAL H 353 22.89 -18.60 66.79
N SER H 354 22.80 -18.43 68.10
CA SER H 354 22.02 -19.34 68.94
C SER H 354 21.60 -18.65 70.22
N LYS H 355 20.64 -19.25 70.92
CA LYS H 355 20.29 -18.83 72.27
C LYS H 355 21.52 -18.93 73.17
N ASN H 356 22.44 -19.81 72.79
CA ASN H 356 23.61 -20.10 73.60
C ASN H 356 24.85 -19.30 73.21
N SER H 357 24.77 -18.56 72.10
CA SER H 357 25.90 -17.78 71.62
C SER H 357 26.36 -16.75 72.63
N TYR H 358 27.64 -16.39 72.57
CA TYR H 358 28.13 -15.27 73.37
C TYR H 358 27.67 -13.98 72.69
N ARG H 359 27.55 -12.92 73.47
CA ARG H 359 26.95 -11.67 72.99
C ARG H 359 27.94 -10.51 72.89
N PRO H 360 27.65 -9.57 71.98
CA PRO H 360 28.38 -8.29 71.99
C PRO H 360 28.27 -7.65 73.35
N GLY H 361 29.39 -7.22 73.94
CA GLY H 361 29.37 -6.64 75.26
C GLY H 361 29.80 -7.60 76.36
N ASP H 362 29.73 -8.90 76.10
CA ASP H 362 30.14 -9.90 77.08
C ASP H 362 31.60 -9.67 77.50
N ILE H 363 31.87 -9.85 78.79
CA ILE H 363 33.25 -9.81 79.27
C ILE H 363 33.68 -11.22 79.64
N ILE H 364 34.76 -11.68 79.01
CA ILE H 364 35.20 -13.05 79.12
C ILE H 364 36.64 -13.10 79.64
N THR H 365 37.01 -14.22 80.26
CA THR H 365 38.31 -14.32 80.89
C THR H 365 39.21 -15.32 80.19
N ALA H 366 40.34 -14.84 79.68
CA ALA H 366 41.31 -15.71 78.99
C ALA H 366 42.04 -16.63 79.98
N SER H 367 42.79 -17.58 79.45
CA SER H 367 43.47 -18.55 80.32
C SER H 367 44.68 -17.94 81.04
N ASN H 368 45.07 -16.73 80.67
CA ASN H 368 46.15 -16.04 81.37
C ASN H 368 45.59 -15.04 82.39
N GLY H 369 44.27 -15.10 82.59
CA GLY H 369 43.61 -14.28 83.59
C GLY H 369 43.14 -12.93 83.07
N LYS H 370 43.51 -12.58 81.85
CA LYS H 370 43.11 -11.29 81.30
C LYS H 370 41.65 -11.29 80.89
N THR H 371 40.91 -10.30 81.38
CA THR H 371 39.50 -10.15 81.04
C THR H 371 39.35 -9.31 79.77
N ILE H 372 38.45 -9.74 78.90
CA ILE H 372 38.27 -9.14 77.59
C ILE H 372 36.85 -8.67 77.39
N GLU H 373 36.68 -7.44 76.92
CA GLU H 373 35.36 -6.96 76.58
C GLU H 373 35.09 -7.20 75.11
N VAL H 374 34.12 -8.06 74.82
CA VAL H 374 33.75 -8.35 73.44
C VAL H 374 32.96 -7.21 72.83
N GLY H 375 33.52 -6.59 71.79
CA GLY H 375 32.83 -5.51 71.12
C GLY H 375 32.19 -5.94 69.81
N ASN H 376 32.66 -7.05 69.26
CA ASN H 376 32.17 -7.56 67.99
C ASN H 376 32.37 -9.06 67.90
N THR H 377 31.26 -9.81 67.90
CA THR H 377 31.35 -11.27 67.88
C THR H 377 31.98 -11.82 66.59
N ASP H 378 32.07 -10.99 65.56
CA ASP H 378 32.67 -11.41 64.30
C ASP H 378 34.20 -11.21 64.30
N ALA H 379 34.72 -10.68 65.41
CA ALA H 379 36.17 -10.66 65.60
C ALA H 379 36.54 -11.82 66.51
N GLU H 380 36.07 -13.01 66.14
CA GLU H 380 36.18 -14.19 66.99
C GLU H 380 37.53 -14.88 66.85
N GLY H 381 38.22 -14.61 65.75
CA GLY H 381 39.49 -15.27 65.48
C GLY H 381 40.53 -14.97 66.53
N ARG H 382 40.65 -13.71 66.92
CA ARG H 382 41.67 -13.26 67.85
C ARG H 382 41.40 -13.75 69.28
N LEU H 383 40.13 -14.05 69.57
CA LEU H 383 39.74 -14.61 70.86
C LEU H 383 40.20 -16.05 70.99
N THR H 384 40.07 -16.81 69.90
CA THR H 384 40.49 -18.21 69.89
C THR H 384 42.03 -18.28 69.92
N LEU H 385 42.67 -17.38 69.19
CA LEU H 385 44.13 -17.35 69.11
C LEU H 385 44.73 -16.95 70.45
N ALA H 386 44.05 -16.04 71.15
CA ALA H 386 44.49 -15.61 72.47
C ALA H 386 44.78 -16.81 73.38
N ASP H 387 43.80 -17.69 73.53
CA ASP H 387 43.96 -18.85 74.39
C ASP H 387 44.93 -19.87 73.80
N ALA H 388 45.00 -19.94 72.47
CA ALA H 388 45.93 -20.86 71.82
C ALA H 388 47.36 -20.34 71.97
N LEU H 389 47.53 -19.03 71.98
CA LEU H 389 48.85 -18.43 72.16
C LEU H 389 49.33 -18.60 73.60
N VAL H 390 48.40 -18.49 74.56
CA VAL H 390 48.75 -18.71 75.97
C VAL H 390 49.20 -20.16 76.16
N TYR H 391 48.48 -21.07 75.50
CA TYR H 391 48.80 -22.49 75.54
C TYR H 391 50.18 -22.75 74.93
N ALA H 392 50.45 -22.11 73.80
CA ALA H 392 51.72 -22.27 73.09
C ALA H 392 52.90 -21.85 73.95
N GLU H 393 52.79 -20.68 74.58
CA GLU H 393 53.90 -20.16 75.37
C GLU H 393 54.14 -21.03 76.61
N LYS H 394 53.12 -21.74 77.07
CA LYS H 394 53.27 -22.62 78.22
C LYS H 394 54.07 -23.88 77.86
N LEU H 395 54.13 -24.19 76.57
CA LEU H 395 54.91 -25.34 76.10
C LEU H 395 56.41 -25.05 76.22
N GLY H 396 56.77 -23.78 76.28
CA GLY H 396 58.15 -23.38 76.45
C GLY H 396 58.95 -23.50 75.16
N VAL H 397 58.44 -22.88 74.09
CA VAL H 397 59.09 -22.92 72.80
C VAL H 397 59.94 -21.67 72.55
N ASP H 398 60.73 -21.70 71.47
CA ASP H 398 61.57 -20.58 71.07
C ASP H 398 60.84 -19.65 70.13
N TYR H 399 60.02 -20.22 69.25
CA TYR H 399 59.24 -19.45 68.29
C TYR H 399 57.76 -19.81 68.36
N ILE H 400 56.91 -18.79 68.28
CA ILE H 400 55.48 -18.99 68.09
C ILE H 400 55.04 -18.29 66.82
N VAL H 401 54.59 -19.05 65.83
CA VAL H 401 54.05 -18.45 64.61
C VAL H 401 52.59 -18.82 64.45
N ASP H 402 51.72 -17.82 64.33
CA ASP H 402 50.32 -18.10 64.06
C ASP H 402 49.99 -17.69 62.63
N ILE H 403 49.05 -18.39 62.04
CA ILE H 403 48.60 -18.10 60.69
C ILE H 403 47.06 -18.13 60.70
N ALA H 404 46.44 -17.12 60.08
CA ALA H 404 45.03 -16.86 60.32
C ALA H 404 44.37 -15.99 59.27
N THR H 405 43.16 -16.37 58.89
CA THR H 405 42.31 -15.51 58.08
C THR H 405 41.65 -14.49 59.01
N LEU H 406 42.46 -13.57 59.53
CA LEU H 406 42.03 -12.75 60.65
C LEU H 406 41.20 -11.52 60.25
N THR H 407 41.72 -10.68 59.35
CA THR H 407 41.06 -9.42 59.04
C THR H 407 40.79 -9.20 57.56
N GLY H 408 39.55 -8.82 57.24
CA GLY H 408 39.15 -8.52 55.88
C GLY H 408 39.89 -7.33 55.29
N ALA H 409 40.50 -6.53 56.17
CA ALA H 409 41.23 -5.33 55.76
C ALA H 409 42.48 -5.66 54.94
N MET H 410 42.94 -6.91 54.99
CA MET H 410 44.12 -7.31 54.24
C MET H 410 43.90 -7.12 52.74
N LEU H 411 42.64 -7.20 52.32
CA LEU H 411 42.27 -7.00 50.92
C LEU H 411 42.52 -5.58 50.46
N TYR H 412 42.55 -4.64 51.41
CA TYR H 412 42.75 -3.24 51.09
C TYR H 412 44.19 -2.80 51.30
N SER H 413 45.00 -3.67 51.89
CA SER H 413 46.39 -3.34 52.16
C SER H 413 47.32 -4.03 51.18
N LEU H 414 47.31 -5.36 51.19
CA LEU H 414 48.18 -6.12 50.32
C LEU H 414 47.42 -6.81 49.20
N GLY H 415 46.11 -6.96 49.39
CA GLY H 415 45.27 -7.59 48.39
C GLY H 415 45.29 -9.10 48.42
N THR H 416 45.24 -9.71 47.25
CA THR H 416 45.04 -11.14 47.14
C THR H 416 46.32 -11.95 46.91
N SER H 417 47.43 -11.26 46.61
CA SER H 417 48.69 -11.96 46.32
C SER H 417 49.60 -12.13 47.53
N TYR H 418 49.84 -11.05 48.26
CA TYR H 418 50.78 -11.08 49.37
C TYR H 418 50.06 -11.19 50.71
N ALA H 419 50.55 -12.07 51.57
CA ALA H 419 50.04 -12.14 52.94
C ALA H 419 50.73 -11.08 53.78
N GLY H 420 50.18 -10.82 54.97
CA GLY H 420 50.81 -9.88 55.88
C GLY H 420 51.43 -10.58 57.08
N VAL H 421 52.64 -10.18 57.46
CA VAL H 421 53.21 -10.73 58.69
C VAL H 421 53.51 -9.62 59.71
N PHE H 422 53.09 -9.87 60.94
CA PHE H 422 53.31 -8.97 62.07
C PHE H 422 54.05 -9.78 63.12
N GLY H 423 54.77 -9.12 64.03
CA GLY H 423 55.53 -9.85 65.04
C GLY H 423 56.18 -9.00 66.11
N ASN H 424 56.71 -9.64 67.15
CA ASN H 424 57.36 -8.90 68.23
C ASN H 424 58.87 -9.09 68.22
N ASN H 425 59.39 -9.72 67.17
CA ASN H 425 60.79 -10.10 67.10
C ASN H 425 61.33 -10.02 65.67
N GLU H 426 62.28 -9.11 65.47
CA GLU H 426 62.79 -8.83 64.13
C GLU H 426 63.44 -10.06 63.51
N GLU H 427 64.15 -10.84 64.31
CA GLU H 427 64.84 -12.03 63.79
C GLU H 427 63.86 -13.09 63.31
N LEU H 428 62.76 -13.27 64.06
CA LEU H 428 61.74 -14.23 63.66
C LEU H 428 61.04 -13.80 62.37
N ILE H 429 60.75 -12.50 62.28
CA ILE H 429 60.08 -11.96 61.11
C ILE H 429 60.92 -12.18 59.85
N ASN H 430 62.21 -11.88 59.94
CA ASN H 430 63.12 -12.07 58.82
C ASN H 430 63.18 -13.53 58.37
N LYS H 431 63.17 -14.45 59.33
CA LYS H 431 63.13 -15.88 59.04
C LYS H 431 61.91 -16.22 58.21
N ILE H 432 60.76 -15.65 58.60
CA ILE H 432 59.53 -15.81 57.85
C ILE H 432 59.67 -15.21 56.44
N LEU H 433 60.33 -14.07 56.35
CA LEU H 433 60.49 -13.41 55.06
C LEU H 433 61.33 -14.26 54.10
N GLN H 434 62.45 -14.80 54.58
CA GLN H 434 63.26 -15.65 53.73
C GLN H 434 62.54 -16.96 53.41
N SER H 435 61.77 -17.49 54.35
CA SER H 435 60.96 -18.66 54.09
C SER H 435 59.95 -18.34 52.99
N SER H 436 59.44 -17.11 53.00
CA SER H 436 58.52 -16.65 51.96
C SER H 436 59.22 -16.69 50.60
N LYS H 437 60.48 -16.30 50.58
CA LYS H 437 61.25 -16.25 49.35
C LYS H 437 61.54 -17.64 48.78
N THR H 438 61.94 -18.57 49.65
CA THR H 438 62.29 -19.92 49.21
C THR H 438 61.06 -20.80 48.96
N SER H 439 59.92 -20.43 49.56
CA SER H 439 58.69 -21.18 49.35
C SER H 439 57.89 -20.60 48.20
N ASN H 440 58.28 -19.41 47.76
CA ASN H 440 57.54 -18.65 46.75
C ASN H 440 56.09 -18.44 47.15
N GLU H 441 55.86 -18.25 48.44
CA GLU H 441 54.55 -17.78 48.91
C GLU H 441 54.73 -16.38 49.47
N PRO H 442 54.39 -15.37 48.66
CA PRO H 442 54.67 -13.94 48.93
C PRO H 442 54.04 -13.42 50.23
N VAL H 443 54.89 -12.82 51.06
CA VAL H 443 54.50 -12.24 52.33
C VAL H 443 55.17 -10.87 52.48
N TRP H 444 54.46 -9.91 53.07
CA TRP H 444 55.05 -8.59 53.31
C TRP H 444 55.00 -8.25 54.80
N TRP H 445 56.08 -7.65 55.28
CA TRP H 445 56.18 -7.27 56.68
C TRP H 445 55.37 -6.00 56.94
N LEU H 446 54.45 -6.09 57.90
CA LEU H 446 53.62 -4.95 58.29
C LEU H 446 53.85 -4.61 59.74
N PRO H 447 53.67 -3.32 60.12
CA PRO H 447 54.06 -2.87 61.45
C PRO H 447 53.00 -3.06 62.54
N ILE H 448 53.44 -3.42 63.74
CA ILE H 448 52.58 -3.39 64.91
C ILE H 448 52.74 -2.01 65.57
N ILE H 449 51.83 -1.10 65.23
CA ILE H 449 51.93 0.29 65.66
C ILE H 449 51.40 0.49 67.08
N ASN H 450 52.32 0.71 68.01
CA ASN H 450 52.00 0.77 69.43
C ASN H 450 51.10 1.93 69.82
N GLU H 451 51.09 2.99 69.02
CA GLU H 451 50.24 4.14 69.31
C GLU H 451 48.77 3.72 69.35
N TYR H 452 48.40 2.72 68.56
CA TYR H 452 47.01 2.29 68.49
C TYR H 452 46.55 1.48 69.71
N ARG H 453 47.49 1.13 70.58
CA ARG H 453 47.18 0.29 71.75
C ARG H 453 46.16 0.91 72.71
N ALA H 454 46.22 2.23 72.86
CA ALA H 454 45.31 2.93 73.76
C ALA H 454 43.85 2.71 73.38
N THR H 455 43.62 2.46 72.09
CA THR H 455 42.27 2.24 71.59
C THR H 455 41.71 0.90 72.04
N LEU H 456 42.53 0.09 72.68
CA LEU H 456 42.09 -1.21 73.19
C LEU H 456 41.88 -1.17 74.70
N ASN H 457 42.10 0.00 75.30
CA ASN H 457 41.83 0.17 76.71
C ASN H 457 40.33 0.04 76.97
N SER H 458 39.96 -0.83 77.90
CA SER H 458 38.56 -1.04 78.24
C SER H 458 38.21 -0.28 79.53
N LYS H 459 36.99 0.24 79.60
CA LYS H 459 36.52 0.88 80.82
C LYS H 459 36.37 -0.15 81.94
N TYR H 460 35.93 -1.35 81.59
CA TYR H 460 35.57 -2.33 82.60
C TYR H 460 36.46 -3.57 82.59
N ALA H 461 36.72 -4.15 81.43
CA ALA H 461 37.61 -5.31 81.34
C ALA H 461 39.08 -4.88 81.33
N ASP H 462 39.98 -5.85 81.27
CA ASP H 462 41.41 -5.55 81.15
C ASP H 462 41.72 -4.97 79.78
N ILE H 463 40.97 -5.40 78.77
CA ILE H 463 41.27 -5.03 77.39
C ILE H 463 40.06 -5.21 76.48
N ASN H 464 39.94 -4.36 75.46
CA ASN H 464 38.94 -4.55 74.41
C ASN H 464 39.45 -5.52 73.35
N GLN H 465 38.55 -6.28 72.72
CA GLN H 465 38.95 -7.15 71.63
C GLN H 465 39.16 -6.32 70.36
N ILE H 466 38.40 -5.23 70.23
CA ILE H 466 38.46 -4.40 69.03
C ILE H 466 38.52 -2.91 69.37
N SER H 467 39.02 -2.13 68.43
CA SER H 467 39.11 -0.69 68.59
C SER H 467 37.86 0.01 68.09
N SER H 468 37.39 0.99 68.85
CA SER H 468 36.25 1.77 68.42
C SER H 468 36.67 2.70 67.29
N SER H 469 37.56 3.65 67.60
CA SER H 469 37.99 4.67 66.65
C SER H 469 38.82 4.09 65.50
N VAL H 470 40.10 3.90 65.80
CA VAL H 470 41.10 3.46 64.81
C VAL H 470 40.62 2.31 63.93
N LYS H 471 40.66 2.53 62.62
CA LYS H 471 40.47 1.46 61.66
C LYS H 471 41.70 0.56 61.70
N ALA H 472 42.42 0.44 60.59
CA ALA H 472 43.64 -0.37 60.50
C ALA H 472 43.49 -1.68 61.27
N SER H 473 42.44 -2.41 60.94
CA SER H 473 42.02 -3.60 61.69
C SER H 473 43.12 -4.63 61.88
N SER H 474 43.93 -4.84 60.83
CA SER H 474 44.95 -5.88 60.85
C SER H 474 46.00 -5.58 61.92
N ILE H 475 46.32 -4.31 62.08
CA ILE H 475 47.31 -3.88 63.05
C ILE H 475 46.74 -3.95 64.47
N VAL H 476 45.48 -3.55 64.64
CA VAL H 476 44.84 -3.60 65.93
C VAL H 476 44.67 -5.04 66.43
N ALA H 477 44.32 -5.95 65.54
CA ALA H 477 44.20 -7.36 65.89
C ALA H 477 45.56 -7.89 66.35
N SER H 478 46.61 -7.53 65.61
CA SER H 478 47.97 -7.90 65.97
C SER H 478 48.34 -7.39 67.37
N LEU H 479 47.97 -6.14 67.65
CA LEU H 479 48.17 -5.56 68.98
C LEU H 479 47.47 -6.36 70.06
N PHE H 480 46.24 -6.78 69.78
CA PHE H 480 45.49 -7.60 70.71
C PHE H 480 46.21 -8.93 70.97
N LEU H 481 46.58 -9.61 69.89
CA LEU H 481 47.31 -10.88 70.00
C LEU H 481 48.57 -10.74 70.82
N LYS H 482 49.33 -9.68 70.57
CA LYS H 482 50.61 -9.42 71.24
C LYS H 482 50.49 -9.44 72.77
N GLU H 483 49.30 -9.12 73.26
CA GLU H 483 49.03 -9.10 74.70
C GLU H 483 49.01 -10.49 75.33
N PHE H 484 49.02 -11.52 74.50
CA PHE H 484 48.91 -12.88 75.01
C PHE H 484 50.20 -13.66 74.79
N VAL H 485 51.26 -12.94 74.43
CA VAL H 485 52.60 -13.50 74.41
C VAL H 485 53.51 -12.62 75.27
N GLN H 486 53.92 -13.14 76.42
CA GLN H 486 54.61 -12.33 77.42
C GLN H 486 56.12 -12.25 77.21
N ASN H 487 56.75 -13.37 76.87
CA ASN H 487 58.21 -13.39 76.74
C ASN H 487 58.72 -14.43 75.75
N THR H 488 58.16 -14.43 74.55
CA THR H 488 58.61 -15.35 73.50
C THR H 488 58.55 -14.68 72.14
N ALA H 489 59.51 -14.99 71.27
CA ALA H 489 59.51 -14.48 69.91
C ALA H 489 58.28 -14.96 69.17
N TRP H 490 57.47 -14.03 68.69
CA TRP H 490 56.19 -14.37 68.06
C TRP H 490 55.95 -13.59 66.79
N ALA H 491 55.44 -14.28 65.77
CA ALA H 491 55.02 -13.63 64.53
C ALA H 491 53.63 -14.11 64.14
N HIS H 492 52.95 -13.29 63.35
CA HIS H 492 51.55 -13.52 62.99
C HIS H 492 51.34 -13.29 61.49
N ILE H 493 50.85 -14.32 60.80
CA ILE H 493 50.59 -14.23 59.36
C ILE H 493 49.10 -14.13 59.07
N ASP H 494 48.66 -12.98 58.56
CA ASP H 494 47.26 -12.77 58.22
C ASP H 494 47.01 -13.12 56.76
N ILE H 495 46.34 -14.25 56.54
CA ILE H 495 46.13 -14.74 55.19
C ILE H 495 44.69 -14.57 54.70
N ALA H 496 43.94 -13.67 55.35
CA ALA H 496 42.54 -13.44 55.00
C ALA H 496 42.37 -13.01 53.54
N GLY H 497 43.39 -12.37 52.98
CA GLY H 497 43.33 -11.90 51.61
C GLY H 497 43.79 -12.90 50.56
N VAL H 498 44.72 -13.78 50.94
CA VAL H 498 45.36 -14.67 49.96
C VAL H 498 44.87 -16.11 49.98
N SER H 499 44.21 -16.52 51.06
CA SER H 499 43.84 -17.93 51.22
C SER H 499 43.00 -18.48 50.07
N TRP H 500 42.02 -17.70 49.65
CA TRP H 500 41.07 -18.15 48.62
C TRP H 500 41.35 -17.51 47.26
N ASN H 501 41.37 -18.36 46.23
CA ASN H 501 41.56 -17.91 44.86
C ASN H 501 40.22 -17.54 44.21
N PHE H 502 39.83 -16.27 44.30
CA PHE H 502 38.52 -15.84 43.82
C PHE H 502 38.34 -16.07 42.33
N LYS H 503 39.41 -15.94 41.56
CA LYS H 503 39.33 -16.11 40.12
C LYS H 503 39.09 -17.57 39.77
N ALA H 504 39.82 -18.47 40.42
CA ALA H 504 39.73 -19.90 40.12
C ALA H 504 38.65 -20.59 40.97
N ARG H 505 38.06 -19.85 41.90
CA ARG H 505 37.01 -20.38 42.78
C ARG H 505 37.49 -21.57 43.60
N LYS H 506 38.70 -21.50 44.15
CA LYS H 506 39.21 -22.59 44.97
C LYS H 506 40.23 -22.09 45.98
N PRO H 507 40.51 -22.87 47.04
CA PRO H 507 41.56 -22.46 47.98
C PRO H 507 42.93 -22.47 47.32
N LYS H 508 43.91 -21.81 47.91
CA LYS H 508 45.28 -21.90 47.41
C LYS H 508 46.11 -22.88 48.23
N GLY H 509 45.64 -23.19 49.43
CA GLY H 509 46.43 -23.96 50.36
C GLY H 509 47.61 -23.12 50.85
N PHE H 510 47.41 -21.81 50.88
CA PHE H 510 48.45 -20.84 51.23
C PHE H 510 49.00 -21.06 52.63
N GLY H 511 50.32 -21.11 52.74
CA GLY H 511 50.97 -21.16 54.04
C GLY H 511 51.71 -22.45 54.33
N VAL H 512 51.28 -23.54 53.69
CA VAL H 512 51.87 -24.84 53.95
C VAL H 512 53.36 -24.85 53.63
N ARG H 513 53.69 -24.47 52.41
CA ARG H 513 55.07 -24.45 51.94
C ARG H 513 55.90 -23.42 52.71
N LEU H 514 55.29 -22.27 52.97
CA LEU H 514 55.94 -21.22 53.75
C LEU H 514 56.36 -21.73 55.13
N LEU H 515 55.41 -22.30 55.86
CA LEU H 515 55.69 -22.80 57.21
C LEU H 515 56.69 -23.94 57.19
N THR H 516 56.61 -24.79 56.17
CA THR H 516 57.51 -25.94 56.07
C THR H 516 58.95 -25.48 55.83
N GLU H 517 59.13 -24.56 54.89
CA GLU H 517 60.46 -23.97 54.65
C GLU H 517 61.00 -23.33 55.92
N PHE H 518 60.10 -22.78 56.74
CA PHE H 518 60.50 -22.14 57.99
C PHE H 518 61.03 -23.16 58.99
N VAL H 519 60.32 -24.28 59.10
CA VAL H 519 60.71 -25.35 60.00
C VAL H 519 62.03 -25.97 59.55
N LEU H 520 62.15 -26.20 58.25
CA LEU H 520 63.29 -26.93 57.70
C LEU H 520 64.60 -26.18 57.84
N ASN H 521 64.63 -24.91 57.45
CA ASN H 521 65.87 -24.14 57.43
C ASN H 521 66.21 -23.45 58.74
N ASP H 522 65.57 -23.89 59.83
CA ASP H 522 65.83 -23.31 61.15
C ASP H 522 66.48 -24.34 62.08
N SER I 5 15.95 -19.73 90.06
CA SER I 5 16.97 -19.21 90.96
C SER I 5 18.36 -19.69 90.55
N GLU I 6 18.44 -20.89 89.99
CA GLU I 6 19.72 -21.42 89.51
C GLU I 6 20.02 -20.90 88.11
N VAL I 7 21.19 -20.31 87.94
CA VAL I 7 21.59 -19.74 86.66
C VAL I 7 22.13 -20.82 85.72
N PRO I 8 21.48 -21.01 84.57
CA PRO I 8 21.97 -21.96 83.58
C PRO I 8 23.30 -21.54 82.95
N GLN I 9 24.15 -22.51 82.66
CA GLN I 9 25.44 -22.26 82.03
C GLN I 9 25.57 -23.06 80.73
N VAL I 10 26.28 -22.51 79.75
CA VAL I 10 26.64 -23.29 78.57
C VAL I 10 27.95 -24.03 78.84
N VAL I 11 28.90 -23.32 79.44
CA VAL I 11 30.14 -23.93 79.93
C VAL I 11 30.32 -23.56 81.39
N SER I 12 31.21 -24.28 82.08
CA SER I 12 31.42 -24.05 83.51
C SER I 12 32.08 -22.70 83.81
N LEU I 13 32.65 -22.07 82.79
CA LEU I 13 33.27 -20.77 82.98
C LEU I 13 32.25 -19.63 82.95
N ASP I 14 31.03 -19.94 82.54
CA ASP I 14 29.96 -18.94 82.54
C ASP I 14 29.62 -18.53 83.96
N PRO I 15 29.64 -17.22 84.23
CA PRO I 15 29.35 -16.71 85.57
C PRO I 15 27.91 -17.01 85.99
N THR I 16 27.69 -17.13 87.29
CA THR I 16 26.38 -17.50 87.79
C THR I 16 25.80 -16.44 88.72
N SER I 17 26.44 -15.28 88.75
CA SER I 17 25.94 -14.16 89.56
C SER I 17 26.49 -12.83 89.07
N ILE I 18 25.75 -11.76 89.33
CA ILE I 18 26.28 -10.43 89.11
C ILE I 18 27.17 -10.04 90.29
N PRO I 19 28.46 -9.82 90.02
CA PRO I 19 29.30 -9.31 91.11
C PRO I 19 28.81 -7.92 91.51
N ILE I 20 28.57 -7.72 92.80
CA ILE I 20 28.02 -6.44 93.26
C ILE I 20 28.79 -5.94 94.48
N GLU I 21 29.19 -4.68 94.41
CA GLU I 21 29.89 -4.02 95.50
C GLU I 21 28.90 -3.20 96.33
N TYR I 22 28.75 -3.56 97.60
CA TYR I 22 27.84 -2.86 98.49
C TYR I 22 28.62 -1.89 99.37
N ASN I 23 29.59 -2.42 100.09
CA ASN I 23 30.48 -1.59 100.88
C ASN I 23 31.52 -0.95 99.97
N THR I 24 31.20 0.24 99.46
CA THR I 24 32.10 0.95 98.57
C THR I 24 33.05 1.82 99.38
N PRO I 25 34.19 2.20 98.78
CA PRO I 25 35.12 3.13 99.44
C PRO I 25 34.45 4.43 99.89
N ILE I 26 33.41 4.84 99.17
CA ILE I 26 32.67 6.05 99.50
C ILE I 26 32.05 5.95 100.90
N HIS I 27 31.64 4.76 101.29
CA HIS I 27 31.00 4.56 102.59
C HIS I 27 32.00 4.64 103.75
N ASP I 28 33.28 4.57 103.45
CA ASP I 28 34.30 4.67 104.48
C ASP I 28 34.73 6.12 104.71
N ILE I 29 34.22 7.02 103.88
CA ILE I 29 34.54 8.44 104.01
C ILE I 29 33.75 9.11 105.13
N LYS I 30 34.44 9.48 106.21
CA LYS I 30 33.80 10.25 107.27
C LYS I 30 33.60 11.69 106.79
N VAL I 31 32.36 12.15 106.84
CA VAL I 31 32.02 13.49 106.39
C VAL I 31 31.70 14.42 107.55
N GLN I 32 32.30 15.61 107.54
CA GLN I 32 32.02 16.62 108.54
C GLN I 32 31.63 17.93 107.87
N VAL I 33 30.63 18.61 108.41
CA VAL I 33 30.22 19.91 107.88
C VAL I 33 30.39 20.99 108.96
N TYR I 34 30.96 22.12 108.56
CA TYR I 34 31.17 23.23 109.47
C TYR I 34 30.60 24.52 108.86
N ASP I 35 30.27 25.47 109.71
CA ASP I 35 29.79 26.76 109.23
C ASP I 35 30.97 27.65 108.86
N ILE I 36 30.93 28.16 107.64
CA ILE I 36 32.03 28.93 107.06
C ILE I 36 32.34 30.21 107.84
N LYS I 37 31.42 30.65 108.70
CA LYS I 37 31.61 31.87 109.47
C LYS I 37 32.54 31.63 110.66
N GLY I 38 32.76 30.36 110.98
CA GLY I 38 33.64 29.99 112.08
C GLY I 38 35.08 29.88 111.66
N GLY I 39 35.34 29.99 110.36
CA GLY I 39 36.70 29.95 109.84
C GLY I 39 37.16 28.57 109.40
N CYS I 40 37.93 28.53 108.32
CA CYS I 40 38.41 27.28 107.75
C CYS I 40 39.76 26.85 108.32
N ASN I 41 39.80 25.70 108.98
CA ASN I 41 41.07 25.15 109.43
C ASN I 41 41.76 24.40 108.29
N VAL I 42 43.02 24.74 108.06
CA VAL I 42 43.78 24.12 106.98
C VAL I 42 45.02 23.45 107.54
N GLU I 43 44.96 22.12 107.71
CA GLU I 43 46.03 21.41 108.40
C GLU I 43 46.56 20.21 107.62
N GLU I 44 45.73 19.61 106.77
CA GLU I 44 46.14 18.40 106.05
C GLU I 44 45.34 18.15 104.79
N GLY I 45 45.78 17.17 104.00
CA GLY I 45 45.10 16.77 102.79
C GLY I 45 45.06 17.86 101.73
N LEU I 46 43.93 17.94 101.04
CA LEU I 46 43.73 18.95 100.01
C LEU I 46 42.50 19.80 100.34
N THR I 47 42.68 21.12 100.39
CA THR I 47 41.58 22.03 100.68
C THR I 47 41.23 22.85 99.44
N ILE I 48 40.00 22.65 98.94
CA ILE I 48 39.56 23.31 97.71
C ILE I 48 38.46 24.34 97.98
N PHE I 49 38.66 25.55 97.43
CA PHE I 49 37.67 26.60 97.52
C PHE I 49 36.84 26.65 96.25
N LEU I 50 35.52 26.63 96.40
CA LEU I 50 34.62 26.78 95.26
C LEU I 50 34.27 28.25 95.10
N VAL I 51 34.81 28.87 94.05
CA VAL I 51 34.73 30.32 93.91
C VAL I 51 34.21 30.75 92.55
N ASN I 52 33.55 31.91 92.51
CA ASN I 52 33.08 32.49 91.26
C ASN I 52 33.28 34.00 91.28
N ASN I 53 32.86 34.67 90.21
CA ASN I 53 32.90 36.13 90.19
C ASN I 53 31.71 36.66 89.42
N PRO I 54 30.68 37.14 90.13
CA PRO I 54 29.45 37.67 89.55
C PRO I 54 29.68 38.87 88.64
N GLY I 55 29.18 38.80 87.43
CA GLY I 55 29.26 39.91 86.49
C GLY I 55 30.43 39.81 85.53
N LYS I 56 31.64 39.92 86.08
CA LYS I 56 32.85 39.88 85.27
C LYS I 56 33.24 38.44 84.93
N GLU I 57 32.99 38.03 83.69
CA GLU I 57 33.37 36.70 83.23
C GLU I 57 34.89 36.58 83.18
N ASN I 58 35.39 35.39 83.51
CA ASN I 58 36.83 35.14 83.63
C ASN I 58 37.49 36.11 84.60
N GLY I 59 36.74 36.52 85.62
CA GLY I 59 37.24 37.45 86.62
C GLY I 59 38.18 36.78 87.60
N PRO I 60 38.87 37.58 88.42
CA PRO I 60 39.91 37.08 89.32
C PRO I 60 39.36 36.24 90.49
N VAL I 61 40.23 35.41 91.05
CA VAL I 61 39.91 34.65 92.25
C VAL I 61 40.08 35.52 93.49
N LYS I 62 39.06 35.56 94.34
CA LYS I 62 39.16 36.29 95.60
C LYS I 62 38.60 35.44 96.73
N ILE I 63 39.50 34.86 97.53
CA ILE I 63 39.09 34.07 98.69
C ILE I 63 38.58 34.99 99.79
N SER I 64 37.37 34.70 100.27
CA SER I 64 36.67 35.59 101.20
C SER I 64 36.45 34.93 102.55
N SER I 65 36.53 33.60 102.57
CA SER I 65 36.36 32.88 103.81
C SER I 65 37.48 33.22 104.76
N LYS I 66 37.16 33.34 106.04
CA LYS I 66 38.18 33.50 107.05
C LYS I 66 38.94 32.19 107.16
N VAL I 67 40.25 32.25 106.90
CA VAL I 67 41.11 31.09 107.06
C VAL I 67 41.85 31.23 108.39
N ASN I 68 41.72 30.22 109.25
CA ASN I 68 42.30 30.29 110.59
C ASN I 68 43.77 29.92 110.63
N ASP I 69 44.52 30.45 109.68
CA ASP I 69 45.96 30.23 109.61
C ASP I 69 46.62 31.44 108.97
N LYS I 70 47.54 32.07 109.69
CA LYS I 70 48.20 33.29 109.22
C LYS I 70 48.95 33.04 107.91
N GLN I 71 49.78 32.00 107.89
CA GLN I 71 50.57 31.68 106.70
C GLN I 71 49.69 31.38 105.49
N VAL I 72 48.63 30.60 105.69
CA VAL I 72 47.74 30.24 104.60
C VAL I 72 46.91 31.46 104.16
N SER I 73 46.50 32.29 105.12
CA SER I 73 45.78 33.51 104.79
C SER I 73 46.61 34.42 103.90
N GLU I 74 47.89 34.60 104.27
CA GLU I 74 48.80 35.45 103.51
C GLU I 74 48.98 34.91 102.09
N PHE I 75 49.02 33.59 101.96
CA PHE I 75 49.13 32.97 100.64
C PHE I 75 47.92 33.33 99.78
N LEU I 76 46.75 33.31 100.41
CA LEU I 76 45.48 33.50 99.69
C LEU I 76 44.99 34.97 99.67
N LYS I 77 45.91 35.91 99.85
CA LYS I 77 45.56 37.33 99.74
C LYS I 77 45.15 37.62 98.29
N ASP I 78 44.37 38.68 98.11
CA ASP I 78 43.87 39.02 96.78
C ASP I 78 45.00 39.29 95.79
N GLU I 79 46.08 39.89 96.28
CA GLU I 79 47.23 40.20 95.44
C GLU I 79 47.83 38.94 94.81
N ASN I 80 47.89 37.85 95.59
CA ASN I 80 48.46 36.60 95.11
C ASN I 80 47.50 35.78 94.24
N MET I 81 46.20 35.98 94.45
CA MET I 81 45.20 35.19 93.74
C MET I 81 44.77 35.84 92.43
N GLU I 82 45.23 37.07 92.20
CA GLU I 82 44.78 37.87 91.05
C GLU I 82 45.13 37.24 89.70
N LYS I 83 46.21 36.48 89.65
CA LYS I 83 46.66 35.88 88.40
C LYS I 83 45.73 34.74 87.93
N PHE I 84 44.93 34.22 88.86
CA PHE I 84 44.02 33.12 88.55
C PHE I 84 42.60 33.62 88.33
N ASN I 85 41.92 33.04 87.35
CA ASN I 85 40.55 33.45 87.04
C ASN I 85 39.52 32.34 87.35
N VAL I 86 38.25 32.73 87.40
CA VAL I 86 37.20 31.84 87.87
C VAL I 86 36.44 31.12 86.76
N LYS I 87 37.08 30.94 85.62
CA LYS I 87 36.45 30.27 84.48
C LYS I 87 35.91 28.90 84.91
N LEU I 88 34.70 28.57 84.45
CA LEU I 88 34.03 27.34 84.87
C LEU I 88 34.81 26.08 84.48
N GLY I 89 35.21 25.30 85.48
CA GLY I 89 35.92 24.06 85.26
C GLY I 89 37.42 24.20 85.46
N THR I 90 37.85 25.42 85.73
CA THR I 90 39.25 25.75 85.94
C THR I 90 39.67 25.43 87.36
N SER I 91 40.88 24.90 87.53
CA SER I 91 41.40 24.60 88.84
C SER I 91 42.89 24.87 88.94
N LYS I 92 43.37 25.09 90.16
CA LYS I 92 44.80 25.25 90.41
C LYS I 92 45.18 24.56 91.72
N HIS I 93 46.43 24.10 91.80
CA HIS I 93 46.99 23.52 93.02
C HIS I 93 47.97 24.50 93.67
N PHE I 94 47.87 24.67 94.98
CA PHE I 94 48.82 25.49 95.71
C PHE I 94 49.58 24.65 96.74
N TYR I 95 50.85 24.97 96.94
CA TYR I 95 51.66 24.30 97.95
C TYR I 95 52.26 25.32 98.92
N MET I 96 52.10 25.08 100.22
CA MET I 96 52.60 26.01 101.24
C MET I 96 52.72 25.37 102.60
N PHE I 97 53.37 26.07 103.52
CA PHE I 97 53.47 25.64 104.91
C PHE I 97 52.54 26.45 105.82
N ASN I 98 51.79 25.78 106.67
CA ASN I 98 50.89 26.47 107.60
C ASN I 98 51.64 26.94 108.85
N ASP I 99 50.89 27.44 109.83
CA ASP I 99 51.47 28.02 111.04
C ASP I 99 52.17 26.98 111.90
N ASN I 100 51.78 25.72 111.74
CA ASN I 100 52.39 24.63 112.49
C ASN I 100 53.61 24.07 111.77
N LYS I 101 54.11 24.83 110.81
CA LYS I 101 55.26 24.42 109.98
C LYS I 101 55.02 23.09 109.27
N ASN I 102 53.76 22.79 109.00
CA ASN I 102 53.38 21.59 108.24
C ASN I 102 53.09 21.95 106.78
N SER I 103 53.53 21.11 105.86
CA SER I 103 53.20 21.29 104.45
C SER I 103 51.71 21.05 104.25
N VAL I 104 51.13 21.75 103.29
CA VAL I 104 49.69 21.70 103.10
C VAL I 104 49.36 21.99 101.63
N ALA I 105 48.35 21.31 101.10
CA ALA I 105 47.92 21.54 99.73
C ALA I 105 46.59 22.27 99.72
N VAL I 106 46.48 23.29 98.88
CA VAL I 106 45.30 24.12 98.76
C VAL I 106 45.03 24.34 97.29
N GLY I 107 43.80 24.75 96.94
CA GLY I 107 43.46 25.04 95.56
C GLY I 107 42.06 25.57 95.43
N TYR I 108 41.62 25.78 94.19
CA TYR I 108 40.28 26.27 93.94
C TYR I 108 39.73 25.68 92.65
N VAL I 109 38.42 25.69 92.52
CA VAL I 109 37.76 25.35 91.26
C VAL I 109 36.86 26.51 90.85
N GLY I 110 36.93 26.89 89.57
CA GLY I 110 36.18 28.03 89.07
C GLY I 110 34.74 27.72 88.75
N CYS I 111 33.84 28.58 89.20
CA CYS I 111 32.41 28.35 89.03
C CYS I 111 31.75 29.45 88.20
N GLY I 112 32.49 29.99 87.23
CA GLY I 112 31.94 30.91 86.26
C GLY I 112 31.51 32.26 86.80
N SER I 113 30.69 32.97 86.02
CA SER I 113 30.24 34.30 86.39
C SER I 113 28.76 34.33 86.77
N VAL I 114 28.02 33.31 86.35
CA VAL I 114 26.60 33.21 86.69
C VAL I 114 26.42 32.82 88.15
N ALA I 115 25.52 33.50 88.84
CA ALA I 115 25.35 33.32 90.27
C ALA I 115 24.47 32.12 90.62
N ASP I 116 23.92 31.47 89.59
CA ASP I 116 23.11 30.28 89.79
C ASP I 116 23.54 29.16 88.85
N LEU I 117 24.17 28.13 89.40
CA LEU I 117 24.70 27.02 88.61
C LEU I 117 23.63 25.99 88.27
N SER I 118 23.58 25.61 87.00
CA SER I 118 22.71 24.52 86.58
C SER I 118 23.32 23.18 86.97
N GLU I 119 22.56 22.12 86.84
CA GLU I 119 23.07 20.78 87.12
C GLU I 119 24.20 20.45 86.16
N ALA I 120 24.14 21.03 84.96
CA ALA I 120 25.18 20.84 83.96
C ALA I 120 26.46 21.55 84.39
N ASP I 121 26.32 22.74 84.96
CA ASP I 121 27.46 23.50 85.44
C ASP I 121 28.06 22.86 86.69
N MET I 122 27.21 22.43 87.61
CA MET I 122 27.66 21.78 88.83
C MET I 122 28.35 20.46 88.52
N LYS I 123 27.86 19.76 87.51
CA LYS I 123 28.50 18.57 87.00
C LYS I 123 29.93 18.88 86.55
N ARG I 124 30.09 20.03 85.90
CA ARG I 124 31.39 20.43 85.38
C ARG I 124 32.35 20.74 86.53
N VAL I 125 31.85 21.44 87.55
CA VAL I 125 32.65 21.75 88.72
C VAL I 125 33.12 20.49 89.44
N VAL I 126 32.20 19.55 89.64
CA VAL I 126 32.51 18.29 90.31
C VAL I 126 33.57 17.50 89.54
N LEU I 127 33.47 17.51 88.22
CA LEU I 127 34.43 16.78 87.37
C LEU I 127 35.85 17.31 87.51
N SER I 128 36.00 18.64 87.56
CA SER I 128 37.31 19.24 87.75
C SER I 128 37.87 18.85 89.11
N LEU I 129 36.99 18.84 90.10
CA LEU I 129 37.35 18.47 91.45
C LEU I 129 37.82 17.02 91.52
N VAL I 130 37.14 16.15 90.79
CA VAL I 130 37.50 14.74 90.75
C VAL I 130 38.87 14.54 90.10
N THR I 131 39.20 15.36 89.11
CA THR I 131 40.52 15.26 88.47
C THR I 131 41.64 15.61 89.45
N MET I 132 41.31 16.43 90.44
CA MET I 132 42.28 16.79 91.47
C MET I 132 42.44 15.65 92.47
N LEU I 133 41.48 14.74 92.51
CA LEU I 133 41.54 13.60 93.41
C LEU I 133 42.20 12.40 92.74
N HIS I 134 42.18 12.40 91.41
CA HIS I 134 42.76 11.30 90.65
C HIS I 134 44.26 11.52 90.45
N ASP I 135 45.01 10.42 90.48
CA ASP I 135 46.46 10.45 90.36
C ASP I 135 47.11 11.30 91.46
N ASN I 136 46.47 11.32 92.62
CA ASN I 136 47.04 11.96 93.80
C ASN I 136 46.61 11.21 95.06
N LYS I 137 47.58 10.77 95.85
CA LYS I 137 47.28 10.02 97.06
C LYS I 137 47.03 10.96 98.23
N LEU I 138 45.75 11.17 98.54
CA LEU I 138 45.33 12.10 99.58
C LEU I 138 44.53 11.39 100.66
N SER I 139 44.75 11.80 101.90
CA SER I 139 44.03 11.20 103.03
C SER I 139 42.72 11.92 103.29
N LYS I 140 42.65 13.20 102.93
CA LYS I 140 41.49 14.02 103.23
C LYS I 140 41.25 15.10 102.17
N LEU I 141 39.98 15.32 101.83
CA LEU I 141 39.60 16.46 101.00
C LEU I 141 38.73 17.41 101.82
N THR I 142 38.98 18.71 101.67
CA THR I 142 38.15 19.72 102.30
C THR I 142 37.60 20.67 101.23
N VAL I 143 36.29 20.88 101.25
CA VAL I 143 35.64 21.73 100.25
C VAL I 143 35.03 22.95 100.92
N VAL I 144 35.42 24.13 100.46
CA VAL I 144 34.92 25.38 101.02
C VAL I 144 34.00 26.10 100.04
N PHE I 145 32.71 26.15 100.37
CA PHE I 145 31.71 26.74 99.48
C PHE I 145 31.65 28.25 99.60
N GLU I 146 32.28 28.94 98.66
CA GLU I 146 32.17 30.39 98.58
C GLU I 146 31.22 30.78 97.47
N ILE I 147 30.26 29.90 97.20
CA ILE I 147 29.21 30.16 96.23
C ILE I 147 27.86 29.88 96.87
N ASN I 148 26.79 30.32 96.22
CA ASN I 148 25.44 30.08 96.72
C ASN I 148 24.79 28.87 96.09
N VAL I 149 24.45 27.89 96.93
CA VAL I 149 23.73 26.71 96.48
C VAL I 149 22.61 26.39 97.46
N ASP I 150 21.45 25.99 96.95
CA ASP I 150 20.36 25.58 97.82
C ASP I 150 20.61 24.15 98.29
N LYS I 151 19.69 23.60 99.07
CA LYS I 151 19.89 22.28 99.65
C LYS I 151 19.88 21.17 98.59
N ASN I 152 18.98 21.26 97.60
CA ASN I 152 18.95 20.26 96.54
C ASN I 152 20.24 20.26 95.72
N LEU I 153 20.76 21.46 95.47
CA LEU I 153 21.99 21.61 94.69
C LEU I 153 23.20 21.16 95.48
N PHE I 154 23.18 21.37 96.80
CA PHE I 154 24.27 20.90 97.65
C PHE I 154 24.27 19.39 97.74
N ARG I 155 23.10 18.78 97.73
CA ARG I 155 23.00 17.34 97.77
C ARG I 155 23.47 16.77 96.44
N PHE I 156 23.13 17.48 95.36
CA PHE I 156 23.52 17.05 94.03
C PHE I 156 25.04 17.07 93.88
N PHE I 157 25.68 18.05 94.52
CA PHE I 157 27.13 18.13 94.55
C PHE I 157 27.75 16.88 95.17
N LEU I 158 27.30 16.51 96.36
CA LEU I 158 27.82 15.32 97.03
C LEU I 158 27.51 14.05 96.22
N GLU I 159 26.26 13.89 95.80
CA GLU I 159 25.85 12.77 94.95
C GLU I 159 26.78 12.57 93.77
N THR I 160 27.04 13.66 93.06
CA THR I 160 27.85 13.62 91.86
C THR I 160 29.31 13.32 92.19
N LEU I 161 29.82 13.98 93.23
CA LEU I 161 31.18 13.76 93.70
C LEU I 161 31.43 12.29 94.01
N PHE I 162 30.57 11.70 94.84
CA PHE I 162 30.67 10.29 95.19
C PHE I 162 30.65 9.40 93.95
N TYR I 163 29.68 9.63 93.07
CA TYR I 163 29.50 8.80 91.89
C TYR I 163 30.66 8.89 90.90
N GLU I 164 31.16 10.10 90.67
CA GLU I 164 32.24 10.30 89.69
C GLU I 164 33.59 9.88 90.25
N TYR I 165 33.76 9.98 91.56
CA TYR I 165 35.00 9.58 92.24
C TYR I 165 35.15 8.06 92.26
N MET I 166 34.04 7.38 92.53
CA MET I 166 34.03 5.93 92.61
C MET I 166 34.35 5.28 91.26
N THR I 167 35.29 4.33 91.27
CA THR I 167 35.68 3.63 90.06
C THR I 167 35.30 2.14 90.12
N ASP I 168 34.62 1.67 89.09
CA ASP I 168 34.18 0.28 89.03
C ASP I 168 35.31 -0.63 88.52
N GLU I 169 35.75 -1.55 89.37
CA GLU I 169 36.83 -2.46 89.00
C GLU I 169 36.42 -3.93 89.13
N ARG I 170 35.11 -4.19 89.16
CA ARG I 170 34.60 -5.55 89.33
C ARG I 170 35.09 -6.52 88.25
N PHE I 171 35.34 -6.00 87.05
CA PHE I 171 35.71 -6.87 85.94
C PHE I 171 37.17 -6.71 85.54
N LYS I 172 37.88 -5.86 86.28
CA LYS I 172 39.32 -5.74 86.13
C LYS I 172 39.96 -6.95 86.79
N SER I 173 41.00 -7.48 86.17
CA SER I 173 41.70 -8.64 86.72
C SER I 173 43.20 -8.36 86.81
N THR I 174 43.88 -8.41 85.67
CA THR I 174 45.31 -8.11 85.63
C THR I 174 45.58 -6.63 85.41
N ASP I 175 44.54 -5.81 85.37
CA ASP I 175 44.68 -4.39 85.05
C ASP I 175 43.99 -3.48 86.08
N LYS I 176 43.99 -3.90 87.33
CA LYS I 176 43.52 -3.03 88.41
C LYS I 176 44.46 -1.84 88.53
N ASN I 177 43.92 -0.67 88.83
CA ASN I 177 44.74 0.50 89.09
C ASN I 177 45.50 0.30 90.40
N VAL I 178 46.82 0.29 90.32
CA VAL I 178 47.66 0.03 91.49
C VAL I 178 47.81 1.27 92.36
N ASN I 179 47.45 2.41 91.81
CA ASN I 179 47.57 3.68 92.52
C ASN I 179 46.23 4.18 93.06
N MET I 180 45.21 3.34 92.94
CA MET I 180 43.86 3.69 93.38
C MET I 180 43.79 3.78 94.90
N GLU I 181 43.68 5.02 95.40
CA GLU I 181 43.54 5.25 96.83
C GLU I 181 42.47 6.30 97.08
N TYR I 182 41.54 6.01 97.99
CA TYR I 182 40.45 6.93 98.28
C TYR I 182 40.67 7.73 99.55
N ILE I 183 40.17 8.96 99.57
CA ILE I 183 40.22 9.77 100.78
C ILE I 183 39.39 9.09 101.86
N LYS I 184 39.79 9.30 103.11
CA LYS I 184 39.09 8.70 104.24
C LYS I 184 38.28 9.76 104.99
N HIS I 185 38.50 11.02 104.63
CA HIS I 185 37.81 12.12 105.30
C HIS I 185 37.41 13.21 104.32
N LEU I 186 36.16 13.66 104.45
CA LEU I 186 35.67 14.79 103.67
C LEU I 186 35.20 15.89 104.61
N GLY I 187 35.75 17.08 104.44
CA GLY I 187 35.34 18.22 105.24
C GLY I 187 34.66 19.26 104.37
N VAL I 188 33.53 19.79 104.85
CA VAL I 188 32.80 20.81 104.10
C VAL I 188 32.54 22.05 104.94
N TYR I 189 32.91 23.21 104.40
CA TYR I 189 32.59 24.50 105.00
C TYR I 189 31.57 25.21 104.14
N ILE I 190 30.45 25.62 104.75
CA ILE I 190 29.37 26.25 103.99
C ILE I 190 28.54 27.16 104.90
N ASN I 191 27.99 28.23 104.34
CA ASN I 191 27.11 29.13 105.08
C ASN I 191 25.86 28.42 105.56
N ASN I 192 25.43 28.72 106.79
CA ASN I 192 24.26 28.10 107.39
C ASN I 192 24.33 26.57 107.36
N ALA I 193 25.46 26.05 107.84
CA ALA I 193 25.79 24.63 107.69
C ALA I 193 24.79 23.67 108.33
N ASP I 194 24.11 24.12 109.38
CA ASP I 194 23.21 23.23 110.12
C ASP I 194 21.99 22.80 109.30
N THR I 195 21.65 23.57 108.27
CA THR I 195 20.54 23.20 107.40
C THR I 195 20.99 22.26 106.28
N TYR I 196 22.31 22.07 106.16
CA TYR I 196 22.86 21.25 105.08
C TYR I 196 23.25 19.86 105.56
N LYS I 197 23.45 19.71 106.87
CA LYS I 197 23.97 18.46 107.44
C LYS I 197 23.09 17.25 107.14
N GLU I 198 21.78 17.46 107.07
CA GLU I 198 20.84 16.37 106.79
C GLU I 198 20.98 15.87 105.36
N GLU I 199 21.53 16.71 104.49
CA GLU I 199 21.65 16.38 103.08
C GLU I 199 22.81 15.43 102.80
N VAL I 200 23.67 15.23 103.79
CA VAL I 200 24.87 14.43 103.61
C VAL I 200 24.56 12.94 103.47
N GLU I 201 23.82 12.38 104.43
CA GLU I 201 23.52 10.97 104.38
C GLU I 201 22.45 10.67 103.34
N LYS I 202 21.57 11.64 103.07
CA LYS I 202 20.65 11.49 101.96
C LYS I 202 21.43 11.39 100.65
N ALA I 203 22.48 12.20 100.54
CA ALA I 203 23.36 12.16 99.37
C ALA I 203 24.06 10.81 99.27
N ARG I 204 24.48 10.26 100.41
CA ARG I 204 25.19 8.99 100.40
C ARG I 204 24.25 7.87 99.96
N VAL I 205 23.00 7.96 100.40
CA VAL I 205 21.99 6.97 100.02
C VAL I 205 21.67 7.08 98.54
N TYR I 206 21.40 8.31 98.08
CA TYR I 206 21.14 8.54 96.66
C TYR I 206 22.31 8.10 95.80
N TYR I 207 23.52 8.32 96.28
CA TYR I 207 24.71 7.90 95.56
C TYR I 207 24.68 6.38 95.32
N PHE I 208 24.49 5.60 96.37
CA PHE I 208 24.56 4.17 96.19
C PHE I 208 23.41 3.66 95.33
N GLY I 209 22.22 4.25 95.48
CA GLY I 209 21.11 3.92 94.63
C GLY I 209 21.51 4.02 93.17
N THR I 210 22.12 5.14 92.82
CA THR I 210 22.57 5.39 91.46
C THR I 210 23.70 4.45 91.05
N TYR I 211 24.66 4.24 91.96
CA TYR I 211 25.81 3.40 91.67
C TYR I 211 25.41 1.93 91.55
N TYR I 212 24.50 1.51 92.40
CA TYR I 212 23.95 0.15 92.34
C TYR I 212 23.29 -0.12 90.98
N ALA I 213 22.46 0.81 90.54
CA ALA I 213 21.85 0.71 89.21
C ALA I 213 22.93 0.68 88.14
N SER I 214 23.92 1.55 88.30
CA SER I 214 25.07 1.61 87.38
C SER I 214 25.81 0.27 87.30
N GLN I 215 25.99 -0.38 88.45
CA GLN I 215 26.67 -1.68 88.49
C GLN I 215 25.92 -2.75 87.72
N LEU I 216 24.58 -2.74 87.83
CA LEU I 216 23.75 -3.71 87.14
C LEU I 216 23.77 -3.47 85.63
N ILE I 217 23.76 -2.20 85.25
CA ILE I 217 23.78 -1.81 83.84
C ILE I 217 25.12 -2.14 83.18
N ALA I 218 26.20 -1.72 83.81
CA ALA I 218 27.55 -1.94 83.27
C ALA I 218 27.93 -3.42 83.21
N ALA I 219 27.26 -4.24 84.02
CA ALA I 219 27.50 -5.68 84.00
C ALA I 219 27.02 -6.27 82.68
N PRO I 220 27.92 -6.97 81.97
CA PRO I 220 27.60 -7.55 80.66
C PRO I 220 26.50 -8.59 80.73
N SER I 221 25.96 -8.95 79.58
CA SER I 221 24.81 -9.85 79.53
C SER I 221 25.12 -11.28 79.92
N ASN I 222 26.39 -11.67 79.92
CA ASN I 222 26.71 -13.01 80.40
C ASN I 222 26.73 -13.06 81.92
N TYR I 223 26.94 -11.91 82.55
CA TYR I 223 26.86 -11.80 84.00
C TYR I 223 25.44 -11.46 84.43
N CYS I 224 24.88 -10.46 83.78
CA CYS I 224 23.54 -9.98 84.10
C CYS I 224 22.51 -10.55 83.12
N ASN I 225 21.78 -11.56 83.58
CA ASN I 225 20.78 -12.25 82.78
C ASN I 225 19.48 -12.28 83.61
N PRO I 226 18.37 -12.76 83.01
CA PRO I 226 17.11 -12.70 83.76
C PRO I 226 17.14 -13.39 85.13
N VAL I 227 17.83 -14.51 85.24
CA VAL I 227 17.93 -15.22 86.51
C VAL I 227 18.82 -14.50 87.51
N SER I 228 20.01 -14.11 87.08
CA SER I 228 20.99 -13.50 87.99
C SER I 228 20.53 -12.11 88.44
N LEU I 229 19.82 -11.42 87.56
CA LEU I 229 19.32 -10.09 87.89
C LEU I 229 18.21 -10.17 88.93
N SER I 230 17.34 -11.17 88.79
CA SER I 230 16.25 -11.33 89.75
C SER I 230 16.77 -11.90 91.06
N ASN I 231 17.84 -12.69 91.01
CA ASN I 231 18.51 -13.12 92.23
C ASN I 231 19.11 -11.94 92.98
N ALA I 232 19.73 -11.02 92.24
CA ALA I 232 20.25 -9.79 92.84
C ALA I 232 19.13 -9.01 93.50
N ALA I 233 17.96 -9.01 92.88
CA ALA I 233 16.82 -8.26 93.39
C ALA I 233 16.31 -8.84 94.71
N VAL I 234 16.26 -10.17 94.78
CA VAL I 234 15.89 -10.86 96.02
C VAL I 234 16.86 -10.53 97.13
N GLU I 235 18.14 -10.64 96.82
CA GLU I 235 19.23 -10.31 97.73
C GLU I 235 19.09 -8.89 98.27
N LEU I 236 18.78 -7.96 97.37
CA LEU I 236 18.60 -6.57 97.77
C LEU I 236 17.43 -6.43 98.73
N ALA I 237 16.31 -7.06 98.37
CA ALA I 237 15.09 -7.00 99.16
C ALA I 237 15.31 -7.56 100.56
N GLN I 238 16.06 -8.65 100.65
CA GLN I 238 16.32 -9.27 101.95
C GLN I 238 17.12 -8.35 102.86
N LYS I 239 18.06 -7.61 102.28
CA LYS I 239 18.91 -6.71 103.05
C LYS I 239 18.13 -5.48 103.52
N LEU I 240 17.06 -5.18 102.81
CA LEU I 240 16.26 -3.99 103.11
C LEU I 240 14.93 -4.35 103.78
N ASN I 241 14.73 -5.63 104.06
CA ASN I 241 13.49 -6.11 104.66
C ASN I 241 12.26 -5.75 103.83
N LEU I 242 12.41 -5.86 102.52
CA LEU I 242 11.29 -5.62 101.61
C LEU I 242 10.59 -6.94 101.29
N GLU I 243 9.28 -6.89 101.13
CA GLU I 243 8.55 -8.03 100.60
C GLU I 243 9.02 -8.25 99.18
N TYR I 244 9.16 -9.50 98.78
CA TYR I 244 9.56 -9.78 97.41
C TYR I 244 8.87 -11.00 96.85
N LYS I 245 8.78 -11.05 95.52
CA LYS I 245 8.18 -12.15 94.83
C LYS I 245 8.80 -12.23 93.44
N ILE I 246 9.26 -13.42 93.08
CA ILE I 246 9.79 -13.65 91.73
C ILE I 246 8.92 -14.64 90.99
N LEU I 247 8.21 -14.16 89.99
CA LEU I 247 7.29 -15.00 89.25
C LEU I 247 8.01 -15.74 88.12
N GLY I 248 7.96 -17.06 88.19
CA GLY I 248 8.53 -17.90 87.16
C GLY I 248 7.60 -18.09 85.97
N VAL I 249 8.08 -18.84 84.99
CA VAL I 249 7.37 -19.03 83.72
C VAL I 249 5.98 -19.65 83.93
N LYS I 250 5.87 -20.60 84.84
CA LYS I 250 4.60 -21.27 85.05
C LYS I 250 3.57 -20.29 85.63
N GLU I 251 4.00 -19.48 86.59
CA GLU I 251 3.15 -18.44 87.16
C GLU I 251 2.80 -17.41 86.08
N LEU I 252 3.75 -17.14 85.20
CA LEU I 252 3.53 -16.17 84.13
C LEU I 252 2.58 -16.71 83.07
N GLU I 253 2.58 -18.03 82.87
CA GLU I 253 1.65 -18.65 81.93
C GLU I 253 0.21 -18.60 82.48
N GLU I 254 0.06 -18.83 83.77
CA GLU I 254 -1.25 -18.78 84.42
C GLU I 254 -1.87 -17.39 84.31
N LEU I 255 -1.02 -16.37 84.34
CA LEU I 255 -1.50 -15.00 84.25
C LEU I 255 -1.63 -14.54 82.80
N LYS I 256 -1.32 -15.45 81.87
CA LYS I 256 -1.53 -15.23 80.44
C LYS I 256 -0.75 -14.04 79.89
N MET I 257 0.47 -13.86 80.37
CA MET I 257 1.32 -12.79 79.87
C MET I 257 2.00 -13.21 78.58
N GLY I 258 1.23 -13.28 77.50
CA GLY I 258 1.72 -13.80 76.23
C GLY I 258 2.64 -12.86 75.47
N ALA I 259 2.52 -11.57 75.74
CA ALA I 259 3.38 -10.58 75.08
C ALA I 259 4.78 -10.68 75.65
N TYR I 260 4.86 -10.69 76.98
CA TYR I 260 6.12 -10.79 77.71
C TYR I 260 6.81 -12.14 77.48
N LEU I 261 6.05 -13.23 77.56
CA LEU I 261 6.65 -14.55 77.39
C LEU I 261 7.18 -14.74 75.96
N SER I 262 6.49 -14.17 74.97
CA SER I 262 6.91 -14.32 73.58
C SER I 262 8.28 -13.71 73.31
N VAL I 263 8.59 -12.61 73.99
CA VAL I 263 9.86 -11.92 73.77
C VAL I 263 11.02 -12.76 74.29
N GLY I 264 10.78 -13.52 75.36
CA GLY I 264 11.82 -14.32 75.99
C GLY I 264 11.91 -15.75 75.50
N LYS I 265 11.04 -16.14 74.58
CA LYS I 265 11.00 -17.50 74.05
C LYS I 265 12.35 -17.97 73.49
N GLY I 266 13.08 -17.05 72.86
CA GLY I 266 14.33 -17.40 72.22
C GLY I 266 15.51 -17.48 73.16
N SER I 267 15.30 -17.11 74.42
CA SER I 267 16.39 -17.05 75.39
C SER I 267 16.65 -18.37 76.12
N MET I 268 17.91 -18.63 76.46
CA MET I 268 18.27 -19.79 77.27
C MET I 268 17.97 -19.52 78.74
N TYR I 269 17.70 -18.27 79.08
CA TYR I 269 17.34 -17.93 80.46
C TYR I 269 15.83 -17.78 80.56
N PRO I 270 15.22 -18.50 81.52
CA PRO I 270 13.77 -18.39 81.76
C PRO I 270 13.35 -16.98 82.14
N ASN I 271 12.15 -16.57 81.72
CA ASN I 271 11.63 -15.28 82.12
C ASN I 271 11.48 -15.18 83.63
N LYS I 272 11.76 -14.00 84.17
CA LYS I 272 11.60 -13.74 85.59
C LYS I 272 10.95 -12.37 85.79
N PHE I 273 9.82 -12.35 86.47
CA PHE I 273 9.11 -11.10 86.74
C PHE I 273 9.43 -10.67 88.17
N ILE I 274 10.11 -9.53 88.31
CA ILE I 274 10.48 -9.01 89.63
C ILE I 274 9.33 -8.22 90.24
N HIS I 275 9.01 -8.49 91.50
CA HIS I 275 8.00 -7.73 92.23
C HIS I 275 8.45 -7.51 93.67
N LEU I 276 8.98 -6.32 93.95
CA LEU I 276 9.34 -5.94 95.31
C LEU I 276 8.31 -4.96 95.85
N THR I 277 8.10 -4.96 97.16
CA THR I 277 7.09 -4.08 97.74
C THR I 277 7.56 -3.44 99.03
N TYR I 278 7.49 -2.11 99.07
CA TYR I 278 7.71 -1.38 100.32
C TYR I 278 6.38 -0.89 100.84
N LYS I 279 6.14 -1.07 102.13
CA LYS I 279 4.93 -0.55 102.75
C LYS I 279 5.28 0.22 104.02
N SER I 280 4.74 1.42 104.14
CA SER I 280 4.97 2.23 105.34
C SER I 280 4.27 1.63 106.54
N LYS I 281 4.86 1.80 107.71
CA LYS I 281 4.20 1.40 108.95
C LYS I 281 3.14 2.44 109.30
N GLY I 282 1.87 2.07 109.11
CA GLY I 282 0.78 2.99 109.38
C GLY I 282 -0.19 3.09 108.22
N ASP I 283 -0.86 4.23 108.12
CA ASP I 283 -1.88 4.44 107.09
C ASP I 283 -1.25 4.83 105.75
N VAL I 284 -1.61 4.09 104.70
CA VAL I 284 -1.09 4.34 103.37
C VAL I 284 -1.99 5.32 102.61
N LYS I 285 -1.46 6.48 102.27
CA LYS I 285 -2.24 7.49 101.57
C LYS I 285 -2.01 7.43 100.06
N LYS I 286 -0.95 6.77 99.65
CA LYS I 286 -0.64 6.64 98.22
C LYS I 286 -0.08 5.25 97.87
N LYS I 287 -0.61 4.66 96.82
CA LYS I 287 -0.04 3.42 96.29
C LYS I 287 0.57 3.69 94.91
N ILE I 288 1.81 3.25 94.72
CA ILE I 288 2.55 3.53 93.50
C ILE I 288 3.17 2.26 92.90
N ALA I 289 3.03 2.10 91.60
CA ALA I 289 3.76 1.07 90.87
C ALA I 289 4.84 1.70 90.00
N LEU I 290 6.08 1.32 90.25
CA LEU I 290 7.21 1.69 89.40
C LEU I 290 7.61 0.50 88.52
N VAL I 291 7.53 0.67 87.21
CA VAL I 291 7.78 -0.41 86.26
C VAL I 291 9.02 -0.17 85.42
N GLY I 292 10.03 -1.01 85.56
CA GLY I 292 11.23 -0.88 84.76
C GLY I 292 11.36 -1.91 83.66
N LYS I 293 11.67 -1.46 82.45
CA LYS I 293 11.97 -2.38 81.34
C LYS I 293 13.24 -3.16 81.66
N GLY I 294 13.16 -4.48 81.58
CA GLY I 294 14.28 -5.32 81.97
C GLY I 294 14.74 -6.32 80.93
N ILE I 295 15.19 -5.80 79.80
CA ILE I 295 15.77 -6.63 78.75
C ILE I 295 17.27 -6.76 79.01
N THR I 296 17.70 -7.93 79.48
CA THR I 296 19.09 -8.08 79.91
C THR I 296 20.04 -8.06 78.71
N PHE I 297 19.55 -8.50 77.55
CA PHE I 297 20.23 -8.23 76.30
C PHE I 297 19.25 -8.13 75.15
N ASP I 298 19.39 -7.08 74.34
CA ASP I 298 18.53 -6.89 73.19
C ASP I 298 19.31 -7.03 71.88
N SER I 299 19.22 -8.19 71.24
CA SER I 299 19.88 -8.38 69.95
C SER I 299 18.99 -7.89 68.81
N GLY I 300 17.71 -7.67 69.12
CA GLY I 300 16.75 -7.28 68.12
C GLY I 300 15.84 -8.42 67.71
N GLY I 301 16.21 -9.65 68.08
CA GLY I 301 15.49 -10.83 67.63
C GLY I 301 15.74 -11.02 66.15
N TYR I 302 14.79 -11.64 65.45
CA TYR I 302 14.95 -11.87 64.02
C TYR I 302 15.04 -10.58 63.22
N ASN I 303 14.52 -9.48 63.78
CA ASN I 303 14.84 -8.14 63.27
C ASN I 303 16.17 -7.69 63.87
N LEU I 304 17.21 -8.46 63.59
CA LEU I 304 18.52 -8.29 64.19
C LEU I 304 19.03 -6.86 64.07
N LYS I 305 19.62 -6.36 65.14
CA LYS I 305 20.32 -5.07 65.09
C LYS I 305 21.58 -5.22 64.25
N ALA I 306 21.42 -5.12 62.94
CA ALA I 306 22.54 -5.30 62.03
C ALA I 306 22.84 -4.01 61.25
N ALA I 307 21.89 -3.08 61.28
CA ALA I 307 22.03 -1.83 60.56
C ALA I 307 23.16 -0.98 61.15
N PRO I 308 23.85 -0.19 60.29
CA PRO I 308 24.90 0.72 60.76
C PRO I 308 24.37 1.69 61.81
N GLY I 309 25.01 1.73 62.97
CA GLY I 309 24.57 2.62 64.04
C GLY I 309 23.59 2.01 65.03
N SER I 310 23.36 0.71 64.96
CA SER I 310 22.41 0.07 65.87
C SER I 310 23.02 -0.23 67.23
N MET I 311 24.35 -0.15 67.33
CA MET I 311 25.10 -0.26 68.59
C MET I 311 24.76 -1.52 69.40
N ILE I 312 24.83 -2.67 68.76
CA ILE I 312 24.39 -3.91 69.41
C ILE I 312 25.24 -4.20 70.63
N ASP I 313 26.50 -3.75 70.64
CA ASP I 313 27.41 -4.09 71.74
C ASP I 313 27.17 -3.23 72.98
N LEU I 314 26.16 -2.38 72.94
CA LEU I 314 25.77 -1.56 74.08
C LEU I 314 24.47 -2.09 74.67
N MET I 315 23.89 -3.07 74.00
CA MET I 315 22.53 -3.52 74.29
C MET I 315 22.36 -4.30 75.59
N LYS I 316 23.44 -4.41 76.36
CA LYS I 316 23.36 -4.82 77.76
C LYS I 316 22.67 -3.72 78.60
N PHE I 317 22.57 -2.51 78.05
CA PHE I 317 21.98 -1.37 78.74
C PHE I 317 20.45 -1.43 78.77
N ASP I 318 19.88 -2.43 78.12
CA ASP I 318 18.45 -2.43 77.84
C ASP I 318 17.64 -2.85 79.06
N MET I 319 18.32 -3.06 80.19
CA MET I 319 17.65 -3.24 81.47
C MET I 319 17.89 -2.03 82.38
N SER I 320 18.25 -0.90 81.78
CA SER I 320 18.44 0.35 82.54
C SER I 320 17.19 0.77 83.32
N GLY I 321 16.02 0.52 82.75
CA GLY I 321 14.77 0.83 83.43
C GLY I 321 14.64 0.02 84.70
N CYS I 322 14.94 -1.27 84.60
CA CYS I 322 14.87 -2.17 85.74
C CYS I 322 15.88 -1.75 86.81
N ALA I 323 17.10 -1.43 86.38
CA ALA I 323 18.14 -1.01 87.31
C ALA I 323 17.74 0.25 88.07
N ALA I 324 17.15 1.21 87.37
CA ALA I 324 16.68 2.44 88.00
C ALA I 324 15.64 2.16 89.09
N VAL I 325 14.74 1.22 88.82
CA VAL I 325 13.68 0.88 89.76
C VAL I 325 14.26 0.18 91.00
N LEU I 326 15.24 -0.70 90.78
CA LEU I 326 15.88 -1.40 91.89
C LEU I 326 16.75 -0.43 92.70
N GLY I 327 17.40 0.51 92.01
CA GLY I 327 18.13 1.56 92.69
C GLY I 327 17.20 2.38 93.55
N CYS I 328 16.01 2.66 93.03
CA CYS I 328 15.00 3.40 93.79
C CYS I 328 14.56 2.61 95.02
N ALA I 329 14.42 1.30 94.87
CA ALA I 329 14.03 0.43 95.97
C ALA I 329 15.05 0.50 97.09
N TYR I 330 16.34 0.58 96.74
CA TYR I 330 17.37 0.74 97.76
C TYR I 330 17.15 2.01 98.56
N CYS I 331 16.88 3.11 97.86
CA CYS I 331 16.74 4.41 98.51
C CYS I 331 15.49 4.47 99.37
N VAL I 332 14.37 4.03 98.79
CA VAL I 332 13.10 4.00 99.52
C VAL I 332 13.16 3.03 100.71
N GLY I 333 13.80 1.89 100.52
CA GLY I 333 13.94 0.91 101.58
C GLY I 333 14.88 1.38 102.68
N THR I 334 15.81 2.26 102.32
CA THR I 334 16.78 2.78 103.29
C THR I 334 16.23 3.98 104.04
N LEU I 335 15.60 4.91 103.32
CA LEU I 335 15.09 6.13 103.93
C LEU I 335 13.73 5.90 104.60
N LYS I 336 12.99 4.91 104.12
CA LYS I 336 11.73 4.47 104.71
C LYS I 336 10.70 5.59 104.87
N PRO I 337 10.19 6.12 103.75
CA PRO I 337 9.18 7.19 103.83
C PRO I 337 7.86 6.67 104.37
N GLU I 338 6.99 7.58 104.83
CA GLU I 338 5.72 7.19 105.42
C GLU I 338 4.54 7.38 104.48
N ASN I 339 3.41 6.75 104.82
CA ASN I 339 2.14 6.91 104.11
C ASN I 339 2.16 6.47 102.64
N VAL I 340 3.14 5.67 102.27
CA VAL I 340 3.22 5.19 100.89
C VAL I 340 3.38 3.68 100.80
N GLU I 341 2.79 3.10 99.76
CA GLU I 341 3.02 1.71 99.40
C GLU I 341 3.60 1.69 97.99
N ILE I 342 4.81 1.16 97.85
CA ILE I 342 5.47 1.17 96.56
C ILE I 342 5.68 -0.23 96.03
N HIS I 343 5.25 -0.47 94.79
CA HIS I 343 5.53 -1.72 94.12
C HIS I 343 6.61 -1.51 93.06
N PHE I 344 7.69 -2.28 93.16
CA PHE I 344 8.80 -2.18 92.22
C PHE I 344 8.77 -3.36 91.27
N LEU I 345 8.46 -3.09 90.00
CA LEU I 345 8.17 -4.16 89.06
C LEU I 345 9.13 -4.20 87.87
N SER I 346 9.42 -5.40 87.39
CA SER I 346 10.17 -5.55 86.15
C SER I 346 9.94 -6.91 85.50
N ALA I 347 9.47 -6.89 84.25
CA ALA I 347 9.35 -8.09 83.46
C ALA I 347 10.68 -8.38 82.77
N VAL I 348 11.55 -9.10 83.47
CA VAL I 348 12.91 -9.33 83.00
C VAL I 348 12.99 -10.50 82.02
N CYS I 349 13.64 -10.28 80.88
CA CYS I 349 13.91 -11.34 79.92
C CYS I 349 15.05 -10.96 78.98
N GLU I 350 15.28 -11.78 77.96
CA GLU I 350 16.38 -11.57 77.01
C GLU I 350 15.87 -11.79 75.59
N ASN I 351 16.13 -10.84 74.70
CA ASN I 351 15.63 -10.89 73.32
C ASN I 351 16.65 -11.47 72.36
N MET I 352 16.52 -12.76 72.05
CA MET I 352 17.57 -13.47 71.32
C MET I 352 17.10 -14.10 70.01
N VAL I 353 18.06 -14.65 69.25
CA VAL I 353 17.77 -15.34 68.00
C VAL I 353 17.99 -16.85 68.15
N SER I 354 17.00 -17.61 67.71
CA SER I 354 16.92 -19.02 68.05
C SER I 354 15.79 -19.67 67.26
N LYS I 355 15.79 -21.00 67.24
CA LYS I 355 14.68 -21.73 66.65
C LYS I 355 13.41 -21.49 67.47
N ASN I 356 13.60 -21.09 68.72
CA ASN I 356 12.49 -20.91 69.65
C ASN I 356 11.96 -19.47 69.71
N SER I 357 12.59 -18.55 68.97
CA SER I 357 12.21 -17.13 69.06
C SER I 357 10.86 -16.80 68.46
N TYR I 358 10.25 -15.71 68.93
CA TYR I 358 9.04 -15.20 68.30
C TYR I 358 9.43 -14.48 67.01
N ARG I 359 8.53 -14.47 66.03
CA ARG I 359 8.82 -14.01 64.67
C ARG I 359 8.11 -12.74 64.33
N PRO I 360 8.70 -11.95 63.42
CA PRO I 360 7.97 -10.84 62.80
C PRO I 360 6.71 -11.39 62.15
N GLY I 361 5.57 -10.77 62.41
CA GLY I 361 4.32 -11.24 61.85
C GLY I 361 3.48 -12.06 62.80
N ASP I 362 4.10 -12.57 63.87
CA ASP I 362 3.38 -13.39 64.84
C ASP I 362 2.30 -12.58 65.55
N ILE I 363 1.19 -13.23 65.87
CA ILE I 363 0.14 -12.58 66.65
C ILE I 363 0.10 -13.19 68.03
N ILE I 364 0.25 -12.35 69.04
CA ILE I 364 0.37 -12.81 70.41
C ILE I 364 -0.70 -12.14 71.25
N THR I 365 -0.95 -12.68 72.44
CA THR I 365 -2.06 -12.22 73.27
C THR I 365 -1.61 -11.76 74.65
N ALA I 366 -1.76 -10.46 74.92
CA ALA I 366 -1.41 -9.91 76.22
C ALA I 366 -2.38 -10.38 77.30
N SER I 367 -2.03 -10.14 78.57
CA SER I 367 -2.81 -10.65 79.68
C SER I 367 -4.15 -9.93 79.88
N ASN I 368 -4.40 -8.91 79.08
CA ASN I 368 -5.69 -8.24 79.10
C ASN I 368 -6.59 -8.70 77.96
N GLY I 369 -6.13 -9.72 77.23
CA GLY I 369 -6.91 -10.30 76.14
C GLY I 369 -6.69 -9.69 74.76
N LYS I 370 -6.03 -8.54 74.70
CA LYS I 370 -5.76 -7.89 73.41
C LYS I 370 -4.74 -8.67 72.58
N THR I 371 -5.11 -8.97 71.35
CA THR I 371 -4.19 -9.61 70.42
C THR I 371 -3.30 -8.58 69.75
N ILE I 372 -2.04 -8.92 69.56
CA ILE I 372 -1.03 -7.99 69.08
C ILE I 372 -0.26 -8.56 67.89
N GLU I 373 -0.23 -7.81 66.79
CA GLU I 373 0.53 -8.23 65.62
C GLU I 373 1.95 -7.68 65.71
N VAL I 374 2.92 -8.57 65.78
CA VAL I 374 4.32 -8.17 65.81
C VAL I 374 4.79 -7.75 64.42
N GLY I 375 5.28 -6.52 64.31
CA GLY I 375 5.82 -6.05 63.04
C GLY I 375 7.33 -5.93 63.04
N ASN I 376 7.93 -6.02 64.22
CA ASN I 376 9.36 -5.87 64.40
C ASN I 376 9.78 -6.42 65.76
N THR I 377 10.53 -7.51 65.76
CA THR I 377 10.92 -8.17 67.01
C THR I 377 11.83 -7.29 67.88
N ASP I 378 12.35 -6.21 67.30
CA ASP I 378 13.26 -5.33 68.03
C ASP I 378 12.51 -4.21 68.77
N ALA I 379 11.17 -4.20 68.63
CA ALA I 379 10.33 -3.34 69.46
C ALA I 379 9.74 -4.17 70.58
N GLU I 380 10.61 -4.84 71.32
CA GLU I 380 10.19 -5.87 72.27
C GLU I 380 9.90 -5.28 73.64
N GLY I 381 10.47 -4.11 73.92
CA GLY I 381 10.30 -3.47 75.21
C GLY I 381 8.84 -3.15 75.50
N ARG I 382 8.13 -2.66 74.49
CA ARG I 382 6.73 -2.29 74.67
C ARG I 382 5.85 -3.53 74.86
N LEU I 383 6.32 -4.67 74.38
CA LEU I 383 5.60 -5.92 74.57
C LEU I 383 5.69 -6.37 76.02
N THR I 384 6.90 -6.40 76.55
CA THR I 384 7.11 -6.79 77.95
C THR I 384 6.41 -5.81 78.89
N LEU I 385 6.50 -4.52 78.59
CA LEU I 385 5.87 -3.48 79.40
C LEU I 385 4.36 -3.58 79.38
N ALA I 386 3.80 -3.99 78.24
CA ALA I 386 2.35 -4.15 78.12
C ALA I 386 1.84 -5.09 79.20
N ASP I 387 2.44 -6.28 79.31
CA ASP I 387 2.04 -7.23 80.34
C ASP I 387 2.38 -6.72 81.74
N ALA I 388 3.50 -6.02 81.87
CA ALA I 388 3.88 -5.46 83.16
C ALA I 388 2.88 -4.38 83.62
N LEU I 389 2.36 -3.60 82.65
CA LEU I 389 1.42 -2.53 82.95
C LEU I 389 0.04 -3.09 83.32
N VAL I 390 -0.32 -4.21 82.70
CA VAL I 390 -1.56 -4.87 83.05
C VAL I 390 -1.45 -5.41 84.48
N TYR I 391 -0.31 -6.01 84.79
CA TYR I 391 -0.02 -6.53 86.12
C TYR I 391 -0.04 -5.41 87.16
N ALA I 392 0.53 -4.26 86.80
CA ALA I 392 0.62 -3.14 87.72
C ALA I 392 -0.76 -2.58 88.05
N GLU I 393 -1.62 -2.45 87.04
CA GLU I 393 -2.93 -1.86 87.26
C GLU I 393 -3.81 -2.78 88.10
N LYS I 394 -3.54 -4.08 88.03
CA LYS I 394 -4.30 -5.05 88.81
C LYS I 394 -4.02 -4.93 90.30
N LEU I 395 -2.91 -4.27 90.65
CA LEU I 395 -2.56 -4.04 92.04
C LEU I 395 -3.42 -2.93 92.65
N GLY I 396 -4.13 -2.20 91.80
CA GLY I 396 -5.01 -1.13 92.25
C GLY I 396 -4.24 -0.01 92.91
N VAL I 397 -3.35 0.62 92.14
CA VAL I 397 -2.52 1.70 92.64
C VAL I 397 -3.06 3.05 92.18
N ASP I 398 -2.50 4.12 92.74
CA ASP I 398 -2.90 5.46 92.35
C ASP I 398 -2.12 5.93 91.13
N TYR I 399 -0.82 5.61 91.12
CA TYR I 399 0.05 5.99 90.02
C TYR I 399 0.82 4.79 89.45
N ILE I 400 0.89 4.72 88.13
CA ILE I 400 1.81 3.81 87.46
C ILE I 400 2.84 4.63 86.68
N VAL I 401 4.10 4.50 87.04
CA VAL I 401 5.18 5.16 86.31
C VAL I 401 6.13 4.11 85.76
N ASP I 402 6.29 4.07 84.44
CA ASP I 402 7.29 3.18 83.87
C ASP I 402 8.50 3.96 83.38
N ILE I 403 9.65 3.31 83.39
CA ILE I 403 10.88 3.91 82.91
C ILE I 403 11.63 2.87 82.07
N ALA I 404 12.06 3.29 80.88
CA ALA I 404 12.56 2.33 79.89
C ALA I 404 13.48 2.96 78.84
N THR I 405 14.46 2.17 78.40
CA THR I 405 15.25 2.50 77.22
C THR I 405 14.49 2.04 75.99
N LEU I 406 13.44 2.77 75.64
CA LEU I 406 12.42 2.27 74.73
C LEU I 406 12.71 2.55 73.25
N THR I 407 13.00 3.80 72.90
CA THR I 407 13.19 4.13 71.49
C THR I 407 14.45 4.91 71.19
N GLY I 408 15.17 4.46 70.16
CA GLY I 408 16.35 5.15 69.67
C GLY I 408 16.03 6.57 69.24
N ALA I 409 14.78 6.79 68.81
CA ALA I 409 14.37 8.09 68.30
C ALA I 409 14.53 9.24 69.31
N MET I 410 14.67 8.89 70.59
CA MET I 410 14.91 9.89 71.63
C MET I 410 16.21 10.64 71.39
N LEU I 411 17.17 9.99 70.74
CA LEU I 411 18.44 10.64 70.39
C LEU I 411 18.22 11.77 69.39
N TYR I 412 17.16 11.67 68.60
CA TYR I 412 16.89 12.67 67.57
C TYR I 412 15.88 13.72 68.04
N SER I 413 15.26 13.49 69.19
CA SER I 413 14.24 14.41 69.68
C SER I 413 14.75 15.28 70.83
N LEU I 414 15.44 14.65 71.79
CA LEU I 414 15.91 15.36 72.97
C LEU I 414 17.40 15.14 73.17
N GLY I 415 17.93 14.08 72.58
CA GLY I 415 19.35 13.81 72.65
C GLY I 415 19.75 13.05 73.90
N THR I 416 20.90 13.41 74.45
CA THR I 416 21.57 12.59 75.44
C THR I 416 21.50 13.13 76.86
N SER I 417 20.84 14.28 77.04
CA SER I 417 20.77 14.92 78.36
C SER I 417 19.38 14.89 78.97
N TYR I 418 18.36 15.04 78.13
CA TYR I 418 16.98 15.12 78.62
C TYR I 418 16.20 13.88 78.25
N ALA I 419 15.67 13.19 79.26
CA ALA I 419 14.72 12.11 79.02
C ALA I 419 13.37 12.70 78.62
N GLY I 420 12.55 11.90 77.95
CA GLY I 420 11.21 12.33 77.59
C GLY I 420 10.17 11.69 78.48
N VAL I 421 9.13 12.43 78.84
CA VAL I 421 8.05 11.84 79.62
C VAL I 421 6.72 11.98 78.87
N PHE I 422 5.95 10.90 78.88
CA PHE I 422 4.65 10.82 78.24
C PHE I 422 3.68 10.35 79.32
N GLY I 423 2.39 10.58 79.14
CA GLY I 423 1.44 10.14 80.14
C GLY I 423 0.00 10.37 79.76
N ASN I 424 -0.92 9.80 80.54
CA ASN I 424 -2.35 9.97 80.30
C ASN I 424 -3.00 10.89 81.34
N ASN I 425 -2.16 11.54 82.14
CA ASN I 425 -2.64 12.31 83.28
C ASN I 425 -1.75 13.53 83.56
N GLU I 426 -2.30 14.72 83.39
CA GLU I 426 -1.54 15.96 83.53
C GLU I 426 -0.95 16.14 84.92
N GLU I 427 -1.69 15.72 85.94
CA GLU I 427 -1.24 15.85 87.32
C GLU I 427 0.01 15.01 87.56
N LEU I 428 -0.02 13.76 87.13
CA LEU I 428 1.10 12.85 87.34
C LEU I 428 2.34 13.33 86.59
N ILE I 429 2.14 13.85 85.39
CA ILE I 429 3.24 14.35 84.58
C ILE I 429 3.95 15.52 85.26
N ASN I 430 3.17 16.42 85.84
CA ASN I 430 3.74 17.55 86.58
C ASN I 430 4.54 17.10 87.79
N LYS I 431 4.13 16.00 88.40
CA LYS I 431 4.83 15.50 89.58
C LYS I 431 6.18 14.94 89.17
N ILE I 432 6.23 14.29 88.01
CA ILE I 432 7.49 13.81 87.45
C ILE I 432 8.40 14.98 87.12
N LEU I 433 7.83 16.01 86.48
CA LEU I 433 8.60 17.19 86.11
C LEU I 433 9.16 17.88 87.36
N GLN I 434 8.38 17.91 88.43
CA GLN I 434 8.84 18.49 89.69
C GLN I 434 9.96 17.68 90.29
N SER I 435 9.80 16.36 90.27
CA SER I 435 10.81 15.45 90.77
C SER I 435 12.08 15.55 89.93
N SER I 436 11.92 15.90 88.66
CA SER I 436 13.07 16.15 87.79
C SER I 436 13.86 17.35 88.31
N LYS I 437 13.15 18.39 88.72
CA LYS I 437 13.78 19.60 89.23
C LYS I 437 14.55 19.38 90.54
N THR I 438 13.98 18.63 91.47
CA THR I 438 14.60 18.46 92.77
C THR I 438 15.70 17.38 92.76
N SER I 439 15.62 16.44 91.81
CA SER I 439 16.65 15.42 91.66
C SER I 439 17.73 15.85 90.67
N ASN I 440 17.41 16.89 89.90
CA ASN I 440 18.28 17.40 88.83
C ASN I 440 18.64 16.33 87.80
N GLU I 441 17.68 15.47 87.51
CA GLU I 441 17.74 14.58 86.37
C GLU I 441 16.73 15.11 85.34
N PRO I 442 17.22 15.80 84.32
CA PRO I 442 16.36 16.55 83.38
C PRO I 442 15.40 15.66 82.59
N VAL I 443 14.17 16.14 82.46
CA VAL I 443 13.09 15.43 81.78
C VAL I 443 12.22 16.44 81.03
N TRP I 444 11.76 16.09 79.82
CA TRP I 444 10.93 17.00 79.05
C TRP I 444 9.61 16.33 78.66
N TRP I 445 8.52 17.08 78.79
CA TRP I 445 7.20 16.56 78.49
C TRP I 445 6.99 16.48 76.99
N LEU I 446 6.63 15.29 76.50
CA LEU I 446 6.36 15.06 75.10
C LEU I 446 4.92 14.55 74.94
N PRO I 447 4.29 14.86 73.80
CA PRO I 447 2.86 14.56 73.66
C PRO I 447 2.56 13.15 73.16
N ILE I 448 1.45 12.57 73.64
CA ILE I 448 0.95 11.36 73.01
C ILE I 448 -0.10 11.80 71.99
N ILE I 449 0.27 11.76 70.72
CA ILE I 449 -0.56 12.34 69.66
C ILE I 449 -1.57 11.33 69.12
N ASN I 450 -2.84 11.53 69.50
CA ASN I 450 -3.90 10.55 69.22
C ASN I 450 -4.14 10.33 67.73
N GLU I 451 -3.80 11.33 66.91
CA GLU I 451 -4.00 11.21 65.47
C GLU I 451 -3.20 10.04 64.88
N TYR I 452 -2.10 9.66 65.53
CA TYR I 452 -1.27 8.57 65.03
C TYR I 452 -1.81 7.19 65.41
N ARG I 453 -2.74 7.15 66.36
CA ARG I 453 -3.28 5.89 66.87
C ARG I 453 -3.82 4.98 65.77
N ALA I 454 -4.42 5.56 64.74
CA ALA I 454 -5.00 4.80 63.64
C ALA I 454 -3.95 3.94 62.91
N THR I 455 -2.69 4.36 62.94
CA THR I 455 -1.63 3.61 62.27
C THR I 455 -1.28 2.32 63.01
N LEU I 456 -1.88 2.13 64.17
CA LEU I 456 -1.70 0.89 64.92
C LEU I 456 -2.90 -0.04 64.73
N ASN I 457 -3.81 0.35 63.85
CA ASN I 457 -4.94 -0.51 63.54
C ASN I 457 -4.48 -1.69 62.70
N SER I 458 -4.65 -2.90 63.24
CA SER I 458 -4.22 -4.11 62.56
C SER I 458 -5.37 -4.71 61.75
N LYS I 459 -5.01 -5.36 60.64
CA LYS I 459 -5.99 -5.99 59.76
C LYS I 459 -6.55 -7.25 60.41
N TYR I 460 -5.74 -7.91 61.22
CA TYR I 460 -6.14 -9.20 61.77
C TYR I 460 -6.19 -9.22 63.30
N ALA I 461 -5.20 -8.60 63.93
CA ALA I 461 -5.14 -8.55 65.39
C ALA I 461 -5.92 -7.34 65.90
N ASP I 462 -6.09 -7.27 67.22
CA ASP I 462 -6.72 -6.10 67.83
C ASP I 462 -5.89 -4.85 67.56
N ILE I 463 -4.57 -4.98 67.64
CA ILE I 463 -3.68 -3.83 67.52
C ILE I 463 -2.30 -4.20 66.95
N ASN I 464 -1.71 -3.25 66.21
CA ASN I 464 -0.34 -3.38 65.76
C ASN I 464 0.64 -3.00 66.87
N GLN I 465 1.78 -3.68 66.92
CA GLN I 465 2.87 -3.34 67.83
C GLN I 465 3.58 -2.07 67.36
N ILE I 466 3.68 -1.90 66.05
CA ILE I 466 4.39 -0.77 65.48
C ILE I 466 3.60 -0.12 64.37
N SER I 467 3.89 1.15 64.13
CA SER I 467 3.27 1.88 63.03
C SER I 467 3.90 1.48 61.72
N SER I 468 3.12 1.52 60.65
CA SER I 468 3.66 1.34 59.31
C SER I 468 3.39 2.61 58.51
N SER I 469 3.92 3.71 59.02
CA SER I 469 3.84 5.03 58.39
C SER I 469 4.59 6.06 59.24
N VAL I 470 4.16 6.21 60.49
CA VAL I 470 4.68 7.24 61.38
C VAL I 470 6.10 6.95 61.86
N LYS I 471 7.01 7.89 61.61
CA LYS I 471 8.41 7.77 62.01
C LYS I 471 8.62 8.20 63.46
N ALA I 472 7.58 8.77 64.09
CA ALA I 472 7.67 9.25 65.46
C ALA I 472 7.53 8.09 66.44
N SER I 473 8.56 7.24 66.49
CA SER I 473 8.54 6.00 67.25
C SER I 473 8.26 6.17 68.73
N SER I 474 8.81 7.23 69.31
CA SER I 474 8.66 7.48 70.74
C SER I 474 7.20 7.72 71.09
N ILE I 475 6.46 8.33 70.16
CA ILE I 475 5.06 8.66 70.38
C ILE I 475 4.20 7.43 70.12
N VAL I 476 4.45 6.78 68.99
CA VAL I 476 3.74 5.56 68.63
C VAL I 476 3.85 4.51 69.74
N ALA I 477 5.05 4.35 70.28
CA ALA I 477 5.29 3.42 71.39
C ALA I 477 4.45 3.80 72.60
N SER I 478 4.35 5.11 72.86
CA SER I 478 3.55 5.58 73.99
C SER I 478 2.07 5.32 73.77
N LEU I 479 1.62 5.51 72.52
CA LEU I 479 0.24 5.18 72.16
C LEU I 479 -0.07 3.71 72.43
N PHE I 480 0.89 2.85 72.08
CA PHE I 480 0.73 1.41 72.29
C PHE I 480 0.63 1.08 73.77
N LEU I 481 1.59 1.58 74.56
CA LEU I 481 1.59 1.33 76.00
C LEU I 481 0.32 1.84 76.66
N LYS I 482 -0.21 2.93 76.13
CA LYS I 482 -1.42 3.56 76.66
C LYS I 482 -2.62 2.62 76.58
N GLU I 483 -2.59 1.71 75.61
CA GLU I 483 -3.67 0.76 75.41
C GLU I 483 -3.75 -0.32 76.48
N PHE I 484 -2.78 -0.31 77.39
CA PHE I 484 -2.69 -1.33 78.42
C PHE I 484 -2.78 -0.72 79.82
N VAL I 485 -3.23 0.53 79.87
CA VAL I 485 -3.60 1.18 81.12
C VAL I 485 -4.99 1.78 80.92
N GLN I 486 -5.98 1.20 81.58
CA GLN I 486 -7.37 1.51 81.26
C GLN I 486 -7.97 2.63 82.10
N ASN I 487 -7.64 2.69 83.38
CA ASN I 487 -8.27 3.66 84.27
C ASN I 487 -7.38 4.08 85.45
N THR I 488 -6.08 4.19 85.20
CA THR I 488 -5.14 4.62 86.23
C THR I 488 -4.22 5.69 85.68
N ALA I 489 -3.90 6.69 86.50
CA ALA I 489 -2.91 7.70 86.13
C ALA I 489 -1.59 7.01 85.80
N TRP I 490 -1.07 7.27 84.60
CA TRP I 490 0.13 6.58 84.13
C TRP I 490 1.06 7.52 83.37
N ALA I 491 2.35 7.44 83.70
CA ALA I 491 3.38 8.19 82.97
C ALA I 491 4.49 7.27 82.49
N HIS I 492 5.08 7.62 81.34
CA HIS I 492 6.10 6.81 80.69
C HIS I 492 7.37 7.61 80.44
N ILE I 493 8.47 7.15 81.02
CA ILE I 493 9.75 7.86 80.85
C ILE I 493 10.69 7.11 79.90
N ASP I 494 10.96 7.71 78.74
CA ASP I 494 11.84 7.09 77.75
C ASP I 494 13.25 7.62 77.96
N ILE I 495 14.15 6.74 78.42
CA ILE I 495 15.51 7.12 78.76
C ILE I 495 16.54 6.49 77.83
N ALA I 496 16.09 6.04 76.66
CA ALA I 496 16.97 5.37 75.72
C ALA I 496 18.14 6.26 75.31
N GLY I 497 17.92 7.56 75.31
CA GLY I 497 18.95 8.50 74.92
C GLY I 497 19.86 8.95 76.05
N VAL I 498 19.34 8.99 77.27
CA VAL I 498 20.08 9.56 78.40
C VAL I 498 20.73 8.54 79.31
N SER I 499 20.40 7.26 79.14
CA SER I 499 20.84 6.23 80.07
C SER I 499 22.35 6.03 80.04
N TRP I 500 22.92 5.94 78.84
CA TRP I 500 24.34 5.68 78.72
C TRP I 500 25.13 6.95 78.44
N ASN I 501 26.19 7.17 79.20
CA ASN I 501 27.10 8.28 78.98
C ASN I 501 28.16 7.86 77.97
N PHE I 502 27.96 8.24 76.72
CA PHE I 502 28.85 7.83 75.64
C PHE I 502 30.26 8.39 75.80
N LYS I 503 30.35 9.65 76.25
CA LYS I 503 31.63 10.29 76.41
C LYS I 503 32.50 9.60 77.47
N ALA I 504 31.92 9.38 78.66
CA ALA I 504 32.64 8.74 79.76
C ALA I 504 32.64 7.22 79.67
N ARG I 505 31.92 6.67 78.69
CA ARG I 505 31.83 5.23 78.46
C ARG I 505 31.31 4.45 79.67
N LYS I 506 30.23 4.94 80.29
CA LYS I 506 29.69 4.28 81.47
C LYS I 506 28.22 4.67 81.67
N PRO I 507 27.49 3.89 82.48
CA PRO I 507 26.08 4.23 82.76
C PRO I 507 25.97 5.50 83.59
N LYS I 508 24.78 6.10 83.61
CA LYS I 508 24.51 7.23 84.48
C LYS I 508 23.76 6.82 85.73
N GLY I 509 23.11 5.65 85.67
CA GLY I 509 22.19 5.26 86.72
C GLY I 509 21.01 6.22 86.73
N PHE I 510 20.65 6.70 85.55
CA PHE I 510 19.59 7.67 85.37
C PHE I 510 18.24 7.16 85.89
N GLY I 511 17.55 8.00 86.64
CA GLY I 511 16.20 7.71 87.07
C GLY I 511 16.05 7.33 88.53
N VAL I 512 17.15 6.90 89.15
CA VAL I 512 17.11 6.48 90.55
C VAL I 512 16.68 7.62 91.47
N ARG I 513 17.38 8.74 91.36
CA ARG I 513 17.06 9.92 92.18
C ARG I 513 15.72 10.54 91.81
N LEU I 514 15.47 10.65 90.51
CA LEU I 514 14.20 11.16 90.01
C LEU I 514 13.02 10.39 90.60
N LEU I 515 13.10 9.06 90.58
CA LEU I 515 12.01 8.22 91.09
C LEU I 515 11.91 8.25 92.60
N THR I 516 13.06 8.35 93.28
CA THR I 516 13.05 8.37 94.74
C THR I 516 12.45 9.69 95.21
N GLU I 517 12.80 10.79 94.55
CA GLU I 517 12.22 12.08 94.88
C GLU I 517 10.72 12.06 94.61
N PHE I 518 10.31 11.34 93.58
CA PHE I 518 8.91 11.22 93.23
C PHE I 518 8.11 10.52 94.32
N VAL I 519 8.71 9.52 94.95
CA VAL I 519 8.07 8.78 96.02
C VAL I 519 8.08 9.57 97.31
N LEU I 520 9.21 10.22 97.59
CA LEU I 520 9.39 10.93 98.84
C LEU I 520 8.58 12.22 98.91
N ASN I 521 8.70 13.07 97.90
CA ASN I 521 8.13 14.40 97.96
C ASN I 521 6.61 14.45 97.85
N ASP I 522 5.98 13.30 97.60
CA ASP I 522 4.53 13.21 97.62
C ASP I 522 4.04 12.75 99.00
N ALA J 4 9.77 44.28 39.46
CA ALA J 4 9.57 43.02 38.78
C ALA J 4 10.80 42.63 37.95
N SER J 5 11.72 41.90 38.57
CA SER J 5 12.91 41.41 37.89
C SER J 5 12.53 40.34 36.87
N GLU J 6 13.32 40.24 35.81
CA GLU J 6 13.07 39.24 34.78
C GLU J 6 13.57 37.87 35.22
N VAL J 7 12.74 36.85 35.03
CA VAL J 7 13.15 35.49 35.33
C VAL J 7 14.05 34.94 34.23
N PRO J 8 15.29 34.57 34.58
CA PRO J 8 16.20 34.02 33.57
C PRO J 8 15.71 32.67 33.07
N GLN J 9 15.99 32.37 31.80
CA GLN J 9 15.61 31.10 31.20
C GLN J 9 16.81 30.36 30.64
N VAL J 10 16.70 29.04 30.56
CA VAL J 10 17.70 28.24 29.86
C VAL J 10 17.23 28.03 28.42
N VAL J 11 15.97 27.61 28.30
CA VAL J 11 15.29 27.51 27.00
C VAL J 11 14.04 28.38 27.08
N SER J 12 13.45 28.70 25.93
CA SER J 12 12.33 29.62 25.87
C SER J 12 11.05 29.01 26.44
N LEU J 13 11.07 27.72 26.71
CA LEU J 13 9.91 27.02 27.25
C LEU J 13 9.85 27.12 28.78
N ASP J 14 10.94 27.58 29.38
CA ASP J 14 10.98 27.77 30.83
C ASP J 14 9.98 28.85 31.25
N PRO J 15 9.11 28.53 32.20
CA PRO J 15 8.10 29.49 32.64
C PRO J 15 8.73 30.68 33.38
N THR J 16 8.15 31.87 33.21
CA THR J 16 8.71 33.09 33.80
C THR J 16 7.85 33.68 34.92
N SER J 17 6.86 32.94 35.38
CA SER J 17 6.05 33.38 36.51
C SER J 17 5.29 32.21 37.14
N ILE J 18 4.94 32.37 38.41
CA ILE J 18 4.08 31.41 39.09
C ILE J 18 2.63 31.71 38.81
N PRO J 19 1.90 30.73 38.23
CA PRO J 19 0.46 30.92 38.05
C PRO J 19 -0.26 31.00 39.40
N ILE J 20 -1.01 32.07 39.61
CA ILE J 20 -1.71 32.26 40.87
C ILE J 20 -3.19 32.46 40.60
N GLU J 21 -4.02 31.72 41.34
CA GLU J 21 -5.46 31.89 41.32
C GLU J 21 -5.90 32.68 42.54
N TYR J 22 -6.38 33.89 42.33
CA TYR J 22 -6.84 34.73 43.44
C TYR J 22 -8.35 34.55 43.65
N ASN J 23 -9.10 34.50 42.56
CA ASN J 23 -10.55 34.32 42.62
C ASN J 23 -10.95 32.86 42.50
N THR J 24 -11.23 32.23 43.64
CA THR J 24 -11.57 30.82 43.66
C THR J 24 -13.09 30.63 43.76
N PRO J 25 -13.57 29.45 43.34
CA PRO J 25 -15.00 29.11 43.46
C PRO J 25 -15.50 29.21 44.90
N ILE J 26 -14.60 29.00 45.87
CA ILE J 26 -14.93 29.13 47.27
C ILE J 26 -15.45 30.54 47.58
N HIS J 27 -14.87 31.54 46.92
CA HIS J 27 -15.23 32.93 47.16
C HIS J 27 -16.64 33.27 46.68
N ASP J 28 -17.22 32.41 45.86
CA ASP J 28 -18.55 32.67 45.34
C ASP J 28 -19.63 31.90 46.09
N ILE J 29 -19.24 31.24 47.18
CA ILE J 29 -20.21 30.50 47.98
C ILE J 29 -20.89 31.42 48.98
N LYS J 30 -22.20 31.54 48.87
CA LYS J 30 -22.99 32.27 49.86
C LYS J 30 -23.23 31.38 51.08
N VAL J 31 -22.78 31.84 52.24
CA VAL J 31 -22.90 31.06 53.47
C VAL J 31 -23.99 31.60 54.38
N GLN J 32 -24.86 30.71 54.86
CA GLN J 32 -25.91 31.09 55.80
C GLN J 32 -25.83 30.24 57.07
N VAL J 33 -25.95 30.89 58.23
CA VAL J 33 -25.92 30.16 59.50
C VAL J 33 -27.26 30.28 60.22
N TYR J 34 -27.93 29.15 60.40
CA TYR J 34 -29.22 29.12 61.06
C TYR J 34 -29.10 28.47 62.42
N ASP J 35 -30.03 28.76 63.32
CA ASP J 35 -30.01 28.11 64.62
C ASP J 35 -30.72 26.77 64.51
N ILE J 36 -30.15 25.77 65.17
CA ILE J 36 -30.65 24.41 65.06
C ILE J 36 -31.90 24.19 65.93
N LYS J 37 -32.21 25.14 66.81
CA LYS J 37 -33.36 25.02 67.68
C LYS J 37 -34.69 25.10 66.94
N GLY J 38 -34.68 25.71 65.75
CA GLY J 38 -35.91 25.96 65.03
C GLY J 38 -36.24 24.99 63.92
N GLY J 39 -35.47 23.91 63.82
CA GLY J 39 -35.71 22.91 62.80
C GLY J 39 -35.00 23.20 61.50
N CYS J 40 -34.87 22.20 60.63
CA CYS J 40 -34.09 22.32 59.41
C CYS J 40 -34.95 22.28 58.14
N ASN J 41 -34.69 23.19 57.22
CA ASN J 41 -35.31 23.13 55.90
C ASN J 41 -34.44 22.33 54.94
N VAL J 42 -35.03 21.32 54.31
CA VAL J 42 -34.30 20.41 53.45
C VAL J 42 -34.96 20.35 52.08
N GLU J 43 -35.27 21.52 51.53
CA GLU J 43 -36.02 21.59 50.27
C GLU J 43 -35.10 21.57 49.05
N GLU J 44 -33.83 21.91 49.24
CA GLU J 44 -32.89 21.93 48.12
C GLU J 44 -31.48 21.49 48.51
N GLY J 45 -30.80 20.83 47.58
CA GLY J 45 -29.39 20.52 47.73
C GLY J 45 -29.06 19.31 48.59
N LEU J 46 -27.76 19.05 48.73
CA LEU J 46 -27.28 18.01 49.63
C LEU J 46 -27.38 18.48 51.08
N THR J 47 -28.04 17.68 51.91
CA THR J 47 -28.13 17.96 53.34
C THR J 47 -27.43 16.86 54.11
N ILE J 48 -26.42 17.24 54.90
CA ILE J 48 -25.65 16.28 55.65
C ILE J 48 -25.73 16.55 57.14
N PHE J 49 -26.02 15.51 57.91
CA PHE J 49 -26.06 15.62 59.36
C PHE J 49 -24.76 15.13 59.99
N LEU J 50 -24.17 15.95 60.84
CA LEU J 50 -23.02 15.53 61.63
C LEU J 50 -23.52 14.93 62.95
N VAL J 51 -23.41 13.61 63.10
CA VAL J 51 -23.96 12.97 64.28
C VAL J 51 -22.95 12.11 65.01
N ASN J 52 -23.23 11.83 66.28
CA ASN J 52 -22.39 10.94 67.05
C ASN J 52 -23.20 10.07 68.00
N ASN J 53 -22.50 9.31 68.82
CA ASN J 53 -23.15 8.45 69.79
C ASN J 53 -22.23 8.23 70.98
N PRO J 54 -22.28 9.15 71.95
CA PRO J 54 -21.40 9.12 73.12
C PRO J 54 -21.49 7.80 73.89
N GLY J 55 -20.34 7.29 74.32
CA GLY J 55 -20.30 6.03 75.04
C GLY J 55 -20.36 4.82 74.12
N LYS J 56 -21.47 4.70 73.38
CA LYS J 56 -21.66 3.59 72.45
C LYS J 56 -20.71 3.68 71.25
N GLU J 57 -19.52 3.09 71.40
CA GLU J 57 -18.53 3.08 70.33
C GLU J 57 -19.09 2.39 69.08
N ASN J 58 -18.98 3.07 67.94
CA ASN J 58 -19.54 2.59 66.68
C ASN J 58 -21.04 2.28 66.77
N GLY J 59 -21.75 3.02 67.61
CA GLY J 59 -23.17 2.84 67.78
C GLY J 59 -24.00 3.37 66.63
N PRO J 60 -25.31 3.13 66.66
CA PRO J 60 -26.20 3.53 65.57
C PRO J 60 -26.37 5.03 65.40
N VAL J 61 -26.74 5.43 64.18
CA VAL J 61 -27.03 6.82 63.87
C VAL J 61 -28.45 7.15 64.30
N LYS J 62 -28.62 8.29 64.95
CA LYS J 62 -29.96 8.77 65.28
C LYS J 62 -30.04 10.28 65.08
N ILE J 63 -30.89 10.71 64.16
CA ILE J 63 -31.08 12.13 63.87
C ILE J 63 -32.12 12.75 64.79
N SER J 64 -31.72 13.77 65.53
CA SER J 64 -32.63 14.40 66.50
C SER J 64 -33.46 15.53 65.89
N SER J 65 -32.85 16.27 64.96
CA SER J 65 -33.47 17.48 64.40
C SER J 65 -34.79 17.20 63.70
N LYS J 66 -35.72 18.14 63.84
CA LYS J 66 -36.96 18.09 63.09
C LYS J 66 -36.71 18.75 61.74
N VAL J 67 -37.22 18.15 60.67
CA VAL J 67 -37.04 18.73 59.35
C VAL J 67 -38.40 19.02 58.72
N ASN J 68 -38.45 20.08 57.91
CA ASN J 68 -39.72 20.57 57.39
C ASN J 68 -40.14 19.91 56.08
N ASP J 69 -39.92 18.60 55.99
CA ASP J 69 -40.30 17.84 54.82
C ASP J 69 -40.71 16.42 55.18
N LYS J 70 -41.93 16.04 54.77
CA LYS J 70 -42.49 14.73 55.14
C LYS J 70 -41.69 13.57 54.56
N GLN J 71 -41.25 13.69 53.31
CA GLN J 71 -40.46 12.64 52.68
C GLN J 71 -39.15 12.41 53.41
N VAL J 72 -38.41 13.48 53.63
CA VAL J 72 -37.09 13.38 54.27
C VAL J 72 -37.22 12.96 55.73
N SER J 73 -38.32 13.36 56.37
CA SER J 73 -38.60 12.98 57.75
C SER J 73 -38.76 11.47 57.89
N GLU J 74 -39.43 10.86 56.92
CA GLU J 74 -39.63 9.42 56.91
C GLU J 74 -38.31 8.71 56.66
N PHE J 75 -37.47 9.31 55.82
CA PHE J 75 -36.15 8.74 55.55
C PHE J 75 -35.30 8.76 56.82
N LEU J 76 -35.46 9.82 57.61
CA LEU J 76 -34.63 10.05 58.80
C LEU J 76 -35.13 9.37 60.08
N LYS J 77 -36.16 8.53 59.96
CA LYS J 77 -36.68 7.85 61.14
C LYS J 77 -35.67 6.84 61.70
N ASP J 78 -35.79 6.54 62.99
CA ASP J 78 -34.80 5.73 63.70
C ASP J 78 -34.62 4.33 63.12
N GLU J 79 -35.71 3.74 62.63
CA GLU J 79 -35.67 2.40 62.05
C GLU J 79 -34.73 2.36 60.84
N ASN J 80 -34.76 3.42 60.04
CA ASN J 80 -33.88 3.52 58.87
C ASN J 80 -32.44 3.80 59.27
N MET J 81 -32.26 4.82 60.10
CA MET J 81 -30.94 5.35 60.40
C MET J 81 -30.10 4.40 61.25
N GLU J 82 -30.75 3.52 62.00
CA GLU J 82 -30.05 2.60 62.88
C GLU J 82 -29.26 1.56 62.08
N LYS J 83 -29.57 1.46 60.79
CA LYS J 83 -28.84 0.57 59.89
C LYS J 83 -27.43 1.06 59.65
N PHE J 84 -27.16 2.31 60.02
CA PHE J 84 -25.84 2.92 59.87
C PHE J 84 -25.20 3.18 61.23
N ASN J 85 -23.88 3.34 61.25
CA ASN J 85 -23.19 3.64 62.50
C ASN J 85 -22.37 4.93 62.41
N VAL J 86 -21.91 5.42 63.56
CA VAL J 86 -21.26 6.72 63.65
C VAL J 86 -19.73 6.67 63.68
N LYS J 87 -19.15 5.53 63.33
CA LYS J 87 -17.69 5.41 63.28
C LYS J 87 -17.10 6.61 62.56
N LEU J 88 -16.08 7.21 63.17
CA LEU J 88 -15.55 8.49 62.70
C LEU J 88 -15.14 8.43 61.22
N GLY J 89 -15.75 9.29 60.41
CA GLY J 89 -15.46 9.35 59.00
C GLY J 89 -16.46 8.63 58.11
N THR J 90 -17.18 7.65 58.67
CA THR J 90 -18.17 6.89 57.90
C THR J 90 -19.30 7.78 57.42
N SER J 91 -19.71 7.61 56.17
CA SER J 91 -20.81 8.40 55.61
C SER J 91 -21.70 7.59 54.69
N LYS J 92 -22.96 8.00 54.62
CA LYS J 92 -23.92 7.50 53.63
C LYS J 92 -24.75 8.68 53.17
N HIS J 93 -25.20 8.67 51.92
CA HIS J 93 -26.17 9.67 51.47
C HIS J 93 -27.00 9.11 50.34
N PHE J 94 -28.26 9.55 50.29
CA PHE J 94 -29.26 9.01 49.37
C PHE J 94 -29.94 10.12 48.58
N TYR J 95 -30.24 9.85 47.31
CA TYR J 95 -31.01 10.76 46.47
C TYR J 95 -32.49 10.39 46.51
N MET J 96 -33.35 11.38 46.69
CA MET J 96 -34.78 11.14 46.82
C MET J 96 -35.57 12.37 46.39
N PHE J 97 -36.89 12.22 46.28
CA PHE J 97 -37.76 13.35 45.98
C PHE J 97 -38.37 13.92 47.25
N ASN J 98 -38.36 15.24 47.37
CA ASN J 98 -38.99 15.90 48.51
C ASN J 98 -40.50 16.04 48.29
N ASP J 99 -41.14 16.86 49.12
CA ASP J 99 -42.59 17.04 49.06
C ASP J 99 -43.05 17.73 47.77
N ASN J 100 -42.19 18.58 47.22
CA ASN J 100 -42.52 19.27 45.97
C ASN J 100 -41.98 18.53 44.75
N LYS J 101 -41.63 17.26 44.95
CA LYS J 101 -41.11 16.41 43.89
C LYS J 101 -39.84 16.97 43.26
N ASN J 102 -39.05 17.67 44.06
CA ASN J 102 -37.73 18.12 43.63
C ASN J 102 -36.65 17.15 44.11
N SER J 103 -35.56 17.07 43.36
CA SER J 103 -34.46 16.17 43.71
C SER J 103 -33.60 16.73 44.83
N VAL J 104 -33.53 15.98 45.94
CA VAL J 104 -32.61 16.34 47.02
C VAL J 104 -31.73 15.15 47.36
N ALA J 105 -30.67 15.41 48.13
CA ALA J 105 -29.83 14.35 48.64
C ALA J 105 -29.68 14.53 50.15
N VAL J 106 -29.82 13.44 50.89
CA VAL J 106 -29.75 13.49 52.35
C VAL J 106 -28.81 12.42 52.88
N GLY J 107 -27.99 12.79 53.86
CA GLY J 107 -27.09 11.84 54.47
C GLY J 107 -26.48 12.31 55.77
N TYR J 108 -25.39 11.65 56.17
CA TYR J 108 -24.76 11.92 57.44
C TYR J 108 -23.26 11.66 57.36
N VAL J 109 -22.50 12.29 58.26
CA VAL J 109 -21.12 11.88 58.51
C VAL J 109 -20.98 11.48 59.98
N GLY J 110 -20.40 10.31 60.22
CA GLY J 110 -20.19 9.83 61.57
C GLY J 110 -19.11 10.61 62.29
N CYS J 111 -19.35 10.97 63.55
CA CYS J 111 -18.39 11.76 64.32
C CYS J 111 -17.97 11.04 65.60
N GLY J 112 -18.13 9.72 65.61
CA GLY J 112 -17.60 8.92 66.70
C GLY J 112 -18.42 8.93 67.99
N SER J 113 -17.74 8.65 69.10
CA SER J 113 -18.42 8.48 70.37
C SER J 113 -17.84 9.37 71.46
N VAL J 114 -16.96 10.27 71.07
CA VAL J 114 -16.39 11.23 72.00
C VAL J 114 -17.00 12.60 71.72
N ALA J 115 -17.58 13.20 72.75
CA ALA J 115 -18.39 14.42 72.61
C ALA J 115 -17.68 15.55 71.87
N ASP J 116 -16.43 15.82 72.24
CA ASP J 116 -15.72 16.95 71.64
C ASP J 116 -14.62 16.50 70.69
N LEU J 117 -14.76 16.91 69.44
CA LEU J 117 -13.84 16.50 68.38
C LEU J 117 -12.54 17.29 68.43
N SER J 118 -11.44 16.59 68.21
CA SER J 118 -10.15 17.26 68.05
C SER J 118 -10.04 17.80 66.64
N GLU J 119 -9.00 18.59 66.40
CA GLU J 119 -8.74 19.16 65.09
C GLU J 119 -8.51 18.04 64.08
N ALA J 120 -7.88 16.97 64.54
CA ALA J 120 -7.61 15.82 63.69
C ALA J 120 -8.92 15.09 63.39
N ASP J 121 -9.71 14.87 64.43
CA ASP J 121 -11.03 14.25 64.27
C ASP J 121 -11.88 15.04 63.28
N MET J 122 -11.91 16.35 63.45
CA MET J 122 -12.76 17.21 62.63
C MET J 122 -12.33 17.18 61.16
N LYS J 123 -11.02 17.09 60.93
CA LYS J 123 -10.50 17.01 59.58
C LYS J 123 -10.93 15.73 58.87
N ARG J 124 -11.04 14.64 59.61
CA ARG J 124 -11.53 13.39 59.06
C ARG J 124 -13.02 13.51 58.70
N VAL J 125 -13.76 14.25 59.52
CA VAL J 125 -15.16 14.52 59.25
C VAL J 125 -15.32 15.34 57.97
N VAL J 126 -14.53 16.40 57.86
CA VAL J 126 -14.54 17.25 56.68
C VAL J 126 -14.17 16.47 55.42
N LEU J 127 -13.14 15.65 55.51
CA LEU J 127 -12.67 14.87 54.37
C LEU J 127 -13.78 13.96 53.85
N SER J 128 -14.49 13.32 54.76
CA SER J 128 -15.63 12.50 54.39
C SER J 128 -16.69 13.34 53.67
N LEU J 129 -16.86 14.58 54.13
CA LEU J 129 -17.79 15.49 53.51
C LEU J 129 -17.31 15.92 52.12
N VAL J 130 -16.01 16.16 51.98
CA VAL J 130 -15.45 16.63 50.72
C VAL J 130 -15.55 15.56 49.63
N THR J 131 -15.40 14.30 50.02
CA THR J 131 -15.55 13.18 49.10
C THR J 131 -16.95 13.16 48.46
N MET J 132 -17.96 13.49 49.25
CA MET J 132 -19.32 13.59 48.74
C MET J 132 -19.48 14.79 47.81
N LEU J 133 -18.84 15.90 48.16
CA LEU J 133 -18.93 17.11 47.38
C LEU J 133 -18.24 16.98 46.02
N HIS J 134 -17.20 16.17 45.96
CA HIS J 134 -16.46 15.97 44.71
C HIS J 134 -17.21 15.08 43.73
N ASP J 135 -18.31 14.47 44.20
CA ASP J 135 -19.18 13.71 43.33
C ASP J 135 -20.58 14.34 43.34
N ASN J 136 -20.64 15.62 43.67
CA ASN J 136 -21.92 16.32 43.78
C ASN J 136 -22.09 17.36 42.68
N LYS J 137 -23.33 17.59 42.26
CA LYS J 137 -23.59 18.61 41.26
C LYS J 137 -24.74 19.53 41.66
N LEU J 138 -25.38 19.23 42.79
CA LEU J 138 -26.39 20.13 43.34
C LEU J 138 -25.72 21.44 43.77
N SER J 139 -26.48 22.52 43.80
CA SER J 139 -25.92 23.85 44.01
C SER J 139 -25.76 24.23 45.47
N LYS J 140 -26.34 23.45 46.38
CA LYS J 140 -26.27 23.78 47.80
C LYS J 140 -25.81 22.60 48.65
N LEU J 141 -25.00 22.91 49.66
CA LEU J 141 -24.70 21.97 50.72
C LEU J 141 -25.21 22.51 52.05
N THR J 142 -25.99 21.70 52.76
CA THR J 142 -26.45 22.08 54.09
C THR J 142 -25.85 21.14 55.15
N VAL J 143 -25.23 21.72 56.17
CA VAL J 143 -24.59 20.92 57.21
C VAL J 143 -25.22 21.16 58.58
N VAL J 144 -25.82 20.11 59.12
CA VAL J 144 -26.49 20.19 60.41
C VAL J 144 -25.59 19.67 61.53
N PHE J 145 -25.24 20.53 62.47
CA PHE J 145 -24.36 20.17 63.58
C PHE J 145 -25.12 19.60 64.77
N GLU J 146 -25.20 18.26 64.84
CA GLU J 146 -25.77 17.63 66.01
C GLU J 146 -24.65 17.17 66.93
N ILE J 147 -23.55 17.91 66.90
CA ILE J 147 -22.40 17.67 67.78
C ILE J 147 -21.98 18.98 68.42
N ASN J 148 -21.08 18.90 69.40
CA ASN J 148 -20.62 20.07 70.14
C ASN J 148 -19.31 20.61 69.61
N VAL J 149 -19.33 21.83 69.07
CA VAL J 149 -18.11 22.48 68.62
C VAL J 149 -18.08 23.93 69.12
N ASP J 150 -16.91 24.40 69.54
CA ASP J 150 -16.79 25.78 69.99
C ASP J 150 -16.61 26.70 68.77
N LYS J 151 -16.56 28.00 69.00
CA LYS J 151 -16.44 28.97 67.92
C LYS J 151 -15.19 28.73 67.08
N ASN J 152 -14.05 28.50 67.74
CA ASN J 152 -12.79 28.25 67.05
C ASN J 152 -12.83 26.98 66.21
N LEU J 153 -13.41 25.91 66.76
CA LEU J 153 -13.45 24.64 66.04
C LEU J 153 -14.41 24.73 64.87
N PHE J 154 -15.45 25.54 65.00
CA PHE J 154 -16.38 25.75 63.90
C PHE J 154 -15.71 26.50 62.75
N ARG J 155 -14.89 27.49 63.08
CA ARG J 155 -14.19 28.23 62.04
C ARG J 155 -13.18 27.31 61.36
N PHE J 156 -12.57 26.44 62.15
CA PHE J 156 -11.65 25.43 61.63
C PHE J 156 -12.36 24.50 60.65
N PHE J 157 -13.62 24.19 60.94
CA PHE J 157 -14.42 23.36 60.05
C PHE J 157 -14.56 24.03 58.69
N LEU J 158 -14.94 25.30 58.70
CA LEU J 158 -15.15 26.05 57.47
C LEU J 158 -13.87 26.17 56.64
N GLU J 159 -12.77 26.57 57.29
CA GLU J 159 -11.49 26.73 56.62
C GLU J 159 -11.02 25.43 56.02
N THR J 160 -11.14 24.34 56.78
CA THR J 160 -10.70 23.03 56.35
C THR J 160 -11.56 22.57 55.18
N LEU J 161 -12.87 22.80 55.29
CA LEU J 161 -13.80 22.46 54.24
C LEU J 161 -13.46 23.21 52.97
N PHE J 162 -13.27 24.53 53.08
CA PHE J 162 -12.91 25.34 51.92
C PHE J 162 -11.59 24.87 51.28
N TYR J 163 -10.58 24.65 52.11
CA TYR J 163 -9.26 24.26 51.63
C TYR J 163 -9.27 22.91 50.92
N GLU J 164 -9.83 21.89 51.57
CA GLU J 164 -9.86 20.55 51.01
C GLU J 164 -10.78 20.43 49.80
N TYR J 165 -11.80 21.27 49.76
CA TYR J 165 -12.79 21.26 48.69
C TYR J 165 -12.15 21.77 47.39
N MET J 166 -11.37 22.83 47.53
CA MET J 166 -10.71 23.46 46.38
C MET J 166 -9.64 22.53 45.79
N THR J 167 -9.71 22.33 44.48
CA THR J 167 -8.72 21.50 43.80
C THR J 167 -7.84 22.34 42.87
N ASP J 168 -6.53 22.21 43.04
CA ASP J 168 -5.57 23.01 42.28
C ASP J 168 -5.32 22.43 40.89
N GLU J 169 -5.76 23.15 39.87
CA GLU J 169 -5.60 22.68 38.49
C GLU J 169 -4.70 23.57 37.63
N ARG J 170 -3.87 24.38 38.27
CA ARG J 170 -3.02 25.33 37.56
C ARG J 170 -2.09 24.68 36.54
N PHE J 171 -1.71 23.44 36.78
CA PHE J 171 -0.73 22.78 35.91
C PHE J 171 -1.34 21.65 35.09
N LYS J 172 -2.66 21.53 35.13
CA LYS J 172 -3.39 20.60 34.29
C LYS J 172 -3.64 21.21 32.92
N SER J 173 -3.73 20.37 31.89
CA SER J 173 -4.04 20.86 30.54
C SER J 173 -5.34 20.27 30.04
N ASN J 179 -17.86 15.16 36.15
CA ASN J 179 -17.24 15.17 37.47
C ASN J 179 -18.16 15.78 38.53
N MET J 180 -17.89 17.04 38.88
CA MET J 180 -18.70 17.76 39.86
C MET J 180 -18.87 19.22 39.46
N GLU J 181 -19.67 19.94 40.23
CA GLU J 181 -19.79 21.39 40.10
C GLU J 181 -19.77 22.01 41.49
N TYR J 182 -19.04 23.11 41.63
CA TYR J 182 -18.93 23.78 42.92
C TYR J 182 -20.27 24.33 43.40
N ILE J 183 -20.59 24.06 44.66
CA ILE J 183 -21.80 24.59 45.27
C ILE J 183 -21.77 26.12 45.25
N LYS J 184 -22.96 26.72 45.21
CA LYS J 184 -23.09 28.17 45.22
C LYS J 184 -23.60 28.63 46.59
N HIS J 185 -24.17 27.71 47.35
CA HIS J 185 -24.68 28.01 48.68
C HIS J 185 -24.27 26.96 49.70
N LEU J 186 -23.97 27.42 50.91
CA LEU J 186 -23.66 26.55 52.03
C LEU J 186 -24.49 26.95 53.23
N GLY J 187 -25.42 26.07 53.63
CA GLY J 187 -26.21 26.31 54.82
C GLY J 187 -25.67 25.57 56.01
N VAL J 188 -25.65 26.22 57.17
CA VAL J 188 -25.18 25.60 58.40
C VAL J 188 -26.20 25.74 59.52
N TYR J 189 -26.65 24.61 60.06
CA TYR J 189 -27.50 24.62 61.24
C TYR J 189 -26.69 24.26 62.47
N ILE J 190 -26.78 25.10 63.50
CA ILE J 190 -25.97 24.90 64.70
C ILE J 190 -26.53 25.71 65.85
N ASN J 191 -26.34 25.21 67.08
CA ASN J 191 -26.78 25.91 68.27
C ASN J 191 -26.01 27.23 68.41
N ASN J 192 -26.71 28.27 68.86
CA ASN J 192 -26.13 29.61 69.03
C ASN J 192 -25.59 30.19 67.74
N ALA J 193 -26.37 30.09 66.67
CA ALA J 193 -25.96 30.53 65.34
C ALA J 193 -25.42 31.96 65.32
N ASP J 194 -26.05 32.85 66.08
CA ASP J 194 -25.70 34.27 66.05
C ASP J 194 -24.26 34.54 66.46
N THR J 195 -23.73 33.72 67.35
CA THR J 195 -22.35 33.89 67.81
C THR J 195 -21.35 33.30 66.82
N TYR J 196 -21.80 32.41 65.95
CA TYR J 196 -20.90 31.72 65.02
C TYR J 196 -20.78 32.44 63.68
N LYS J 197 -21.75 33.31 63.39
CA LYS J 197 -21.79 34.04 62.12
C LYS J 197 -20.52 34.85 61.85
N GLU J 198 -19.91 35.36 62.92
CA GLU J 198 -18.73 36.20 62.77
C GLU J 198 -17.52 35.40 62.29
N GLU J 199 -17.54 34.08 62.53
CA GLU J 199 -16.42 33.23 62.17
C GLU J 199 -16.40 32.93 60.67
N VAL J 200 -17.51 33.16 60.00
CA VAL J 200 -17.66 32.77 58.60
C VAL J 200 -16.69 33.49 57.66
N GLU J 201 -16.66 34.82 57.70
CA GLU J 201 -15.80 35.56 56.78
C GLU J 201 -14.35 35.56 57.24
N LYS J 202 -14.13 35.38 58.54
CA LYS J 202 -12.78 35.18 59.04
C LYS J 202 -12.23 33.87 58.46
N ALA J 203 -13.09 32.86 58.40
CA ALA J 203 -12.71 31.57 57.86
C ALA J 203 -12.34 31.68 56.38
N ARG J 204 -13.12 32.46 55.64
CA ARG J 204 -12.87 32.57 54.22
C ARG J 204 -11.51 33.25 53.99
N VAL J 205 -11.18 34.22 54.84
CA VAL J 205 -9.89 34.88 54.77
C VAL J 205 -8.76 33.91 55.12
N TYR J 206 -8.94 33.17 56.21
CA TYR J 206 -7.96 32.17 56.63
C TYR J 206 -7.80 31.08 55.58
N TYR J 207 -8.89 30.74 54.91
CA TYR J 207 -8.84 29.76 53.83
C TYR J 207 -7.91 30.22 52.71
N PHE J 208 -8.08 31.45 52.23
CA PHE J 208 -7.29 31.85 51.09
C PHE J 208 -5.82 32.08 51.44
N GLY J 209 -5.57 32.59 52.65
CA GLY J 209 -4.21 32.73 53.13
C GLY J 209 -3.49 31.40 53.07
N THR J 210 -4.17 30.35 53.53
CA THR J 210 -3.64 29.00 53.52
C THR J 210 -3.50 28.46 52.10
N TYR J 211 -4.54 28.67 51.29
CA TYR J 211 -4.57 28.15 49.94
C TYR J 211 -3.55 28.84 49.04
N TYR J 212 -3.34 30.13 49.26
CA TYR J 212 -2.34 30.88 48.51
C TYR J 212 -0.94 30.36 48.86
N ALA J 213 -0.70 30.09 50.14
CA ALA J 213 0.55 29.51 50.59
C ALA J 213 0.75 28.15 49.93
N SER J 214 -0.34 27.39 49.90
CA SER J 214 -0.38 26.08 49.28
C SER J 214 0.01 26.15 47.79
N GLN J 215 -0.48 27.19 47.11
CA GLN J 215 -0.20 27.38 45.69
C GLN J 215 1.28 27.67 45.42
N LEU J 216 1.90 28.44 46.30
CA LEU J 216 3.32 28.71 46.17
C LEU J 216 4.15 27.44 46.41
N ILE J 217 3.82 26.71 47.46
CA ILE J 217 4.54 25.50 47.84
C ILE J 217 4.45 24.44 46.75
N ALA J 218 3.23 24.19 46.27
CA ALA J 218 2.98 23.16 45.28
C ALA J 218 3.59 23.50 43.91
N ALA J 219 3.70 24.79 43.60
CA ALA J 219 4.33 25.22 42.37
C ALA J 219 5.77 24.71 42.29
N PRO J 220 6.08 23.94 41.23
CA PRO J 220 7.38 23.30 41.07
C PRO J 220 8.51 24.32 40.91
N SER J 221 9.75 23.88 41.16
CA SER J 221 10.89 24.80 41.23
C SER J 221 11.24 25.44 39.90
N ASN J 222 10.67 24.93 38.81
CA ASN J 222 10.89 25.57 37.52
C ASN J 222 9.88 26.69 37.28
N TYR J 223 8.79 26.70 38.06
CA TYR J 223 7.88 27.83 38.10
C TYR J 223 8.21 28.74 39.26
N CYS J 224 8.40 28.13 40.44
CA CYS J 224 8.67 28.88 41.66
C CYS J 224 10.17 28.95 41.95
N ASN J 225 10.79 30.05 41.52
CA ASN J 225 12.21 30.29 41.74
C ASN J 225 12.38 31.59 42.53
N PRO J 226 13.61 31.92 42.97
CA PRO J 226 13.77 33.16 43.76
C PRO J 226 13.24 34.43 43.10
N VAL J 227 13.41 34.55 41.79
CA VAL J 227 12.91 35.72 41.08
C VAL J 227 11.39 35.74 40.98
N SER J 228 10.79 34.62 40.58
CA SER J 228 9.34 34.58 40.39
C SER J 228 8.59 34.63 41.72
N LEU J 229 9.20 34.12 42.78
CA LEU J 229 8.56 34.10 44.08
C LEU J 229 8.55 35.50 44.69
N SER J 230 9.58 36.29 44.42
CA SER J 230 9.65 37.65 44.94
C SER J 230 8.76 38.56 44.11
N ASN J 231 8.70 38.30 42.80
CA ASN J 231 7.74 38.98 41.94
C ASN J 231 6.30 38.76 42.42
N ALA J 232 5.99 37.50 42.75
CA ALA J 232 4.68 37.14 43.26
C ALA J 232 4.35 37.91 44.54
N ALA J 233 5.34 38.03 45.41
CA ALA J 233 5.18 38.72 46.68
C ALA J 233 4.92 40.21 46.43
N VAL J 234 5.59 40.78 45.44
CA VAL J 234 5.39 42.17 45.04
C VAL J 234 3.95 42.39 44.57
N GLU J 235 3.47 41.48 43.74
CA GLU J 235 2.11 41.54 43.22
C GLU J 235 1.08 41.41 44.35
N LEU J 236 1.37 40.56 45.32
CA LEU J 236 0.48 40.40 46.46
C LEU J 236 0.42 41.68 47.29
N ALA J 237 1.61 42.23 47.56
CA ALA J 237 1.74 43.45 48.37
C ALA J 237 1.02 44.63 47.74
N GLN J 238 1.02 44.68 46.42
CA GLN J 238 0.35 45.74 45.69
C GLN J 238 -1.17 45.59 45.81
N LYS J 239 -1.66 44.36 45.73
CA LYS J 239 -3.09 44.11 45.87
C LYS J 239 -3.60 44.40 47.28
N LEU J 240 -2.70 44.40 48.26
CA LEU J 240 -3.10 44.59 49.65
C LEU J 240 -2.70 45.97 50.17
N ASN J 241 -2.07 46.75 49.30
CA ASN J 241 -1.56 48.07 49.64
C ASN J 241 -0.52 48.02 50.76
N LEU J 242 0.36 47.03 50.70
CA LEU J 242 1.46 46.90 51.64
C LEU J 242 2.71 47.59 51.12
N GLU J 243 3.54 48.10 52.03
CA GLU J 243 4.87 48.56 51.62
C GLU J 243 5.69 47.34 51.27
N TYR J 244 6.54 47.47 50.25
CA TYR J 244 7.37 46.35 49.85
C TYR J 244 8.74 46.78 49.36
N LYS J 245 9.71 45.90 49.58
CA LYS J 245 11.07 46.13 49.14
C LYS J 245 11.72 44.78 48.83
N ILE J 246 12.18 44.61 47.60
CA ILE J 246 12.95 43.43 47.25
C ILE J 246 14.42 43.81 47.19
N LEU J 247 15.22 43.18 48.04
CA LEU J 247 16.64 43.45 48.07
C LEU J 247 17.34 42.51 47.10
N GLY J 248 18.22 43.08 46.28
CA GLY J 248 18.94 42.31 45.27
C GLY J 248 20.35 42.00 45.72
N VAL J 249 21.11 41.32 44.87
CA VAL J 249 22.45 40.84 45.23
C VAL J 249 23.38 41.99 45.62
N LYS J 250 23.34 43.10 44.89
CA LYS J 250 24.20 44.23 45.22
C LYS J 250 23.91 44.80 46.61
N GLU J 251 22.62 44.94 46.95
CA GLU J 251 22.24 45.43 48.28
C GLU J 251 22.59 44.41 49.35
N LEU J 252 22.43 43.12 49.04
CA LEU J 252 22.75 42.06 49.98
C LEU J 252 24.26 42.00 50.25
N GLU J 253 25.06 42.23 49.20
CA GLU J 253 26.50 42.30 49.36
C GLU J 253 26.87 43.48 50.26
N GLU J 254 26.18 44.60 50.05
CA GLU J 254 26.41 45.81 50.85
C GLU J 254 26.06 45.60 52.32
N LEU J 255 25.00 44.83 52.57
CA LEU J 255 24.60 44.50 53.93
C LEU J 255 25.44 43.35 54.49
N LYS J 256 26.34 42.84 53.65
CA LYS J 256 27.30 41.81 54.03
C LYS J 256 26.63 40.50 54.47
N MET J 257 25.58 40.10 53.77
CA MET J 257 24.90 38.85 54.10
C MET J 257 25.60 37.65 53.46
N GLY J 258 26.76 37.29 53.99
CA GLY J 258 27.60 36.24 53.41
C GLY J 258 27.12 34.81 53.63
N ALA J 259 26.39 34.56 54.71
CA ALA J 259 25.83 33.24 54.93
C ALA J 259 24.72 32.97 53.91
N TYR J 260 23.85 33.96 53.74
CA TYR J 260 22.73 33.87 52.81
C TYR J 260 23.20 33.83 51.35
N LEU J 261 24.16 34.69 51.01
CA LEU J 261 24.65 34.75 49.64
C LEU J 261 25.41 33.49 49.25
N SER J 262 26.07 32.85 50.21
CA SER J 262 26.85 31.63 49.94
C SER J 262 25.97 30.46 49.52
N VAL J 263 24.80 30.34 50.13
CA VAL J 263 23.86 29.28 49.76
C VAL J 263 23.41 29.44 48.31
N GLY J 264 23.12 30.67 47.90
CA GLY J 264 22.61 30.93 46.56
C GLY J 264 23.64 30.98 45.43
N LYS J 265 24.92 30.91 45.78
CA LYS J 265 26.01 31.07 44.80
C LYS J 265 25.91 30.10 43.64
N GLY J 266 25.39 28.90 43.90
CA GLY J 266 25.33 27.86 42.88
C GLY J 266 24.13 27.93 41.95
N SER J 267 23.22 28.87 42.18
CA SER J 267 21.98 28.93 41.42
C SER J 267 22.09 29.84 40.19
N MET J 268 21.28 29.52 39.17
CA MET J 268 21.16 30.40 38.02
C MET J 268 20.19 31.54 38.34
N TYR J 269 19.56 31.48 39.49
CA TYR J 269 18.62 32.52 39.93
C TYR J 269 19.23 33.40 41.00
N PRO J 270 19.24 34.72 40.75
CA PRO J 270 19.76 35.68 41.73
C PRO J 270 18.96 35.66 43.03
N ASN J 271 19.66 35.75 44.16
CA ASN J 271 19.01 35.81 45.47
C ASN J 271 18.06 37.01 45.55
N LYS J 272 16.90 36.80 46.17
CA LYS J 272 15.94 37.88 46.40
C LYS J 272 15.50 37.87 47.85
N PHE J 273 15.64 39.01 48.51
CA PHE J 273 15.24 39.12 49.91
C PHE J 273 13.92 39.90 50.02
N ILE J 274 12.85 39.18 50.36
CA ILE J 274 11.52 39.77 50.46
C ILE J 274 11.30 40.47 51.79
N HIS J 275 10.95 41.76 51.71
CA HIS J 275 10.60 42.51 52.90
C HIS J 275 9.28 43.26 52.66
N LEU J 276 8.19 42.66 53.11
CA LEU J 276 6.89 43.33 53.08
C LEU J 276 6.62 43.94 54.45
N THR J 277 5.77 44.97 54.48
CA THR J 277 5.45 45.63 55.74
C THR J 277 3.98 46.01 55.82
N TYR J 278 3.36 45.67 56.94
CA TYR J 278 2.03 46.18 57.26
C TYR J 278 2.11 47.12 58.46
N LYS J 279 1.61 48.33 58.31
CA LYS J 279 1.59 49.27 59.43
C LYS J 279 0.16 49.71 59.74
N SER J 280 -0.21 49.64 61.01
CA SER J 280 -1.56 50.05 61.43
C SER J 280 -1.74 51.55 61.30
N LYS J 281 -2.98 51.95 61.03
CA LYS J 281 -3.31 53.37 60.92
C LYS J 281 -3.19 54.07 62.26
N GLY J 282 -3.44 53.35 63.34
CA GLY J 282 -3.38 53.92 64.67
C GLY J 282 -1.95 54.10 65.17
N ASP J 283 -1.80 54.17 66.49
CA ASP J 283 -0.48 54.24 67.09
C ASP J 283 0.13 52.84 67.19
N VAL J 284 1.42 52.73 66.89
CA VAL J 284 2.08 51.43 66.93
C VAL J 284 2.46 51.05 68.36
N LYS J 285 1.91 49.95 68.84
CA LYS J 285 2.20 49.49 70.20
C LYS J 285 2.96 48.16 70.19
N LYS J 286 3.00 47.51 69.03
CA LYS J 286 3.68 46.23 68.91
C LYS J 286 4.31 46.07 67.53
N LYS J 287 5.62 45.86 67.49
CA LYS J 287 6.33 45.61 66.24
C LYS J 287 6.76 44.15 66.16
N ILE J 288 6.40 43.49 65.07
CA ILE J 288 6.66 42.06 64.93
C ILE J 288 7.36 41.74 63.61
N ALA J 289 8.36 40.85 63.67
CA ALA J 289 9.01 40.36 62.46
C ALA J 289 8.70 38.88 62.24
N LEU J 290 8.16 38.56 61.07
CA LEU J 290 7.91 37.18 60.69
C LEU J 290 8.91 36.76 59.61
N VAL J 291 9.64 35.68 59.87
CA VAL J 291 10.72 35.27 58.97
C VAL J 291 10.51 33.85 58.44
N GLY J 292 10.39 33.73 57.13
CA GLY J 292 10.16 32.43 56.52
C GLY J 292 11.35 31.94 55.72
N LYS J 293 11.77 30.70 55.98
CA LYS J 293 12.81 30.07 55.17
C LYS J 293 12.30 29.95 53.75
N GLY J 294 13.07 30.48 52.80
CA GLY J 294 12.62 30.55 51.42
C GLY J 294 13.54 29.89 50.42
N ILE J 295 13.72 28.57 50.54
CA ILE J 295 14.53 27.83 49.59
C ILE J 295 13.62 27.24 48.51
N THR J 296 13.68 27.76 47.30
CA THR J 296 12.74 27.33 46.27
C THR J 296 13.04 25.93 45.76
N PHE J 297 14.29 25.48 45.92
CA PHE J 297 14.62 24.08 45.72
C PHE J 297 15.86 23.68 46.51
N ASP J 298 15.75 22.61 47.27
CA ASP J 298 16.86 22.13 48.08
C ASP J 298 17.40 20.81 47.55
N SER J 299 18.48 20.87 46.77
CA SER J 299 19.14 19.68 46.27
C SER J 299 20.11 19.12 47.31
N GLY J 300 20.40 19.94 48.32
CA GLY J 300 21.39 19.60 49.31
C GLY J 300 22.75 20.24 49.04
N GLY J 301 22.93 20.72 47.81
CA GLY J 301 24.23 21.23 47.40
C GLY J 301 25.18 20.07 47.22
N TYR J 302 26.47 20.30 47.42
CA TYR J 302 27.45 19.23 47.26
C TYR J 302 27.22 18.10 48.27
N ASN J 303 26.56 18.40 49.38
CA ASN J 303 26.02 17.33 50.22
C ASN J 303 24.67 16.87 49.66
N LEU J 304 24.70 16.46 48.40
CA LEU J 304 23.50 16.09 47.65
C LEU J 304 22.58 15.11 48.36
N LYS J 305 21.28 15.34 48.28
CA LYS J 305 20.28 14.42 48.82
C LYS J 305 20.21 13.15 47.97
N ALA J 306 21.12 12.21 48.23
CA ALA J 306 21.18 10.97 47.47
C ALA J 306 20.86 9.76 48.34
N ALA J 307 20.82 9.98 49.64
CA ALA J 307 20.52 8.91 50.60
C ALA J 307 19.07 8.46 50.49
N PRO J 308 18.80 7.17 50.81
CA PRO J 308 17.43 6.65 50.79
C PRO J 308 16.50 7.43 51.71
N GLY J 309 15.35 7.85 51.19
CA GLY J 309 14.38 8.58 51.99
C GLY J 309 14.70 10.06 52.18
N SER J 310 15.69 10.57 51.44
CA SER J 310 16.00 11.99 51.51
C SER J 310 14.95 12.81 50.74
N MET J 311 14.19 12.11 49.90
CA MET J 311 13.01 12.67 49.22
C MET J 311 13.28 13.98 48.49
N ILE J 312 14.21 13.93 47.55
CA ILE J 312 14.63 15.12 46.82
C ILE J 312 13.53 15.66 45.91
N ASP J 313 12.62 14.80 45.46
CA ASP J 313 11.56 15.27 44.58
C ASP J 313 10.48 16.08 45.32
N LEU J 314 10.60 16.16 46.64
CA LEU J 314 9.67 16.94 47.45
C LEU J 314 10.18 18.36 47.70
N MET J 315 11.47 18.57 47.43
CA MET J 315 12.17 19.74 47.96
C MET J 315 11.77 21.09 47.35
N LYS J 316 10.76 21.10 46.49
CA LYS J 316 10.11 22.37 46.12
C LYS J 316 9.37 22.96 47.34
N PHE J 317 9.12 22.13 48.35
CA PHE J 317 8.40 22.53 49.56
C PHE J 317 9.29 23.29 50.55
N ASP J 318 10.55 23.51 50.17
CA ASP J 318 11.52 24.04 51.13
C ASP J 318 11.37 25.54 51.32
N MET J 319 10.34 26.12 50.70
CA MET J 319 9.98 27.50 50.93
C MET J 319 8.62 27.63 51.64
N SER J 320 8.19 26.54 52.27
CA SER J 320 6.95 26.52 53.04
C SER J 320 6.89 27.62 54.10
N GLY J 321 8.01 27.83 54.79
CA GLY J 321 8.10 28.89 55.77
C GLY J 321 7.80 30.23 55.15
N CYS J 322 8.41 30.50 54.00
CA CYS J 322 8.14 31.74 53.28
C CYS J 322 6.69 31.83 52.85
N ALA J 323 6.17 30.73 52.33
CA ALA J 323 4.78 30.65 51.88
C ALA J 323 3.81 31.00 53.00
N ALA J 324 4.09 30.48 54.19
CA ALA J 324 3.27 30.75 55.37
C ALA J 324 3.33 32.22 55.77
N VAL J 325 4.49 32.83 55.59
CA VAL J 325 4.68 34.24 55.91
C VAL J 325 3.89 35.13 54.95
N LEU J 326 3.94 34.79 53.67
CA LEU J 326 3.19 35.53 52.65
C LEU J 326 1.70 35.28 52.84
N GLY J 327 1.34 34.04 53.16
CA GLY J 327 -0.04 33.70 53.43
C GLY J 327 -0.55 34.53 54.59
N CYS J 328 0.28 34.67 55.62
CA CYS J 328 -0.06 35.50 56.77
C CYS J 328 -0.17 36.97 56.36
N ALA J 329 0.63 37.39 55.38
CA ALA J 329 0.55 38.76 54.88
C ALA J 329 -0.80 39.02 54.25
N TYR J 330 -1.32 38.03 53.52
CA TYR J 330 -2.65 38.16 52.95
C TYR J 330 -3.70 38.40 54.05
N CYS J 331 -3.73 37.50 55.04
CA CYS J 331 -4.72 37.57 56.11
C CYS J 331 -4.63 38.89 56.88
N VAL J 332 -3.42 39.26 57.26
CA VAL J 332 -3.18 40.51 57.97
C VAL J 332 -3.58 41.71 57.13
N GLY J 333 -3.16 41.70 55.87
CA GLY J 333 -3.46 42.80 54.96
C GLY J 333 -4.94 42.92 54.68
N THR J 334 -5.67 41.84 54.87
CA THR J 334 -7.11 41.80 54.60
C THR J 334 -7.90 42.14 55.85
N LEU J 335 -7.47 41.61 57.00
CA LEU J 335 -8.19 41.83 58.25
C LEU J 335 -7.84 43.16 58.89
N LYS J 336 -6.64 43.65 58.63
CA LYS J 336 -6.20 44.99 59.06
C LYS J 336 -6.26 45.21 60.57
N PRO J 337 -5.44 44.49 61.34
CA PRO J 337 -5.41 44.70 62.79
C PRO J 337 -4.85 46.07 63.15
N GLU J 338 -5.18 46.56 64.34
CA GLU J 338 -4.75 47.88 64.74
C GLU J 338 -3.57 47.81 65.71
N ASN J 339 -2.89 48.96 65.88
CA ASN J 339 -1.81 49.10 66.85
C ASN J 339 -0.63 48.15 66.67
N VAL J 340 -0.43 47.66 65.45
CA VAL J 340 0.66 46.70 65.23
C VAL J 340 1.41 46.98 63.92
N GLU J 341 2.73 46.85 63.94
CA GLU J 341 3.53 46.90 62.73
C GLU J 341 4.20 45.54 62.51
N ILE J 342 3.92 44.93 61.36
CA ILE J 342 4.42 43.59 61.07
C ILE J 342 5.35 43.58 59.86
N HIS J 343 6.55 43.05 60.07
CA HIS J 343 7.50 42.88 58.98
C HIS J 343 7.53 41.43 58.51
N PHE J 344 7.21 41.23 57.23
CA PHE J 344 7.20 39.90 56.61
C PHE J 344 8.49 39.69 55.82
N LEU J 345 9.39 38.86 56.36
CA LEU J 345 10.73 38.70 55.82
C LEU J 345 11.00 37.30 55.27
N SER J 346 11.76 37.23 54.18
CA SER J 346 12.25 35.95 53.69
C SER J 346 13.48 36.10 52.80
N ALA J 347 14.59 35.49 53.21
CA ALA J 347 15.78 35.39 52.38
C ALA J 347 15.60 34.25 51.40
N VAL J 348 15.21 34.57 50.18
CA VAL J 348 14.94 33.55 49.17
C VAL J 348 16.16 33.25 48.30
N CYS J 349 16.42 31.96 48.11
CA CYS J 349 17.45 31.52 47.17
C CYS J 349 17.17 30.08 46.78
N GLU J 350 18.14 29.48 46.08
CA GLU J 350 18.04 28.11 45.62
C GLU J 350 19.35 27.39 45.93
N ASN J 351 19.27 26.17 46.46
CA ASN J 351 20.46 25.43 46.86
C ASN J 351 20.84 24.38 45.83
N MET J 352 21.82 24.69 44.97
CA MET J 352 22.11 23.87 43.81
C MET J 352 23.56 23.40 43.73
N VAL J 353 23.81 22.49 42.80
CA VAL J 353 25.13 21.94 42.55
C VAL J 353 25.68 22.52 41.26
N SER J 354 26.85 23.13 41.35
CA SER J 354 27.40 23.94 40.27
C SER J 354 28.88 24.17 40.49
N LYS J 355 29.56 24.72 39.49
CA LYS J 355 30.95 25.11 39.66
C LYS J 355 31.04 26.27 40.63
N ASN J 356 29.92 26.97 40.78
CA ASN J 356 29.86 28.18 41.59
C ASN J 356 29.33 27.98 43.02
N SER J 357 28.86 26.77 43.34
CA SER J 357 28.26 26.51 44.65
C SER J 357 29.28 26.65 45.78
N TYR J 358 28.82 26.94 46.99
CA TYR J 358 29.72 26.90 48.13
C TYR J 358 30.00 25.43 48.46
N ARG J 359 31.10 25.19 49.17
CA ARG J 359 31.58 23.83 49.42
C ARG J 359 31.49 23.47 50.90
N PRO J 360 31.30 22.17 51.18
CA PRO J 360 31.51 21.69 52.55
C PRO J 360 32.90 22.10 53.03
N GLY J 361 32.98 22.65 54.24
CA GLY J 361 34.26 23.11 54.76
C GLY J 361 34.47 24.61 54.65
N ASP J 362 33.77 25.26 53.72
CA ASP J 362 33.90 26.71 53.54
C ASP J 362 33.59 27.45 54.84
N ILE J 363 34.41 28.46 55.14
CA ILE J 363 34.13 29.34 56.25
C ILE J 363 33.58 30.65 55.68
N ILE J 364 32.40 31.03 56.12
CA ILE J 364 31.72 32.20 55.60
C ILE J 364 31.36 33.16 56.74
N THR J 365 31.15 34.43 56.39
CA THR J 365 30.90 35.46 57.38
C THR J 365 29.48 36.01 57.27
N ALA J 366 28.75 35.96 58.37
CA ALA J 366 27.38 36.49 58.40
C ALA J 366 27.41 38.01 58.57
N SER J 367 26.26 38.63 58.35
CA SER J 367 26.14 40.08 58.40
C SER J 367 26.43 40.67 59.78
N ASN J 368 26.41 39.85 60.82
CA ASN J 368 26.76 40.33 62.15
C ASN J 368 28.24 40.09 62.46
N GLY J 369 28.97 39.61 61.48
CA GLY J 369 30.41 39.43 61.62
C GLY J 369 30.88 38.06 62.08
N LYS J 370 29.95 37.21 62.53
CA LYS J 370 30.32 35.87 62.97
C LYS J 370 30.72 34.98 61.81
N THR J 371 31.89 34.35 61.91
CA THR J 371 32.34 33.43 60.88
C THR J 371 31.74 32.04 61.15
N ILE J 372 31.34 31.38 60.07
CA ILE J 372 30.67 30.10 60.16
C ILE J 372 31.38 29.02 59.36
N GLU J 373 31.75 27.92 60.01
CA GLU J 373 32.31 26.79 59.28
C GLU J 373 31.16 25.91 58.80
N VAL J 374 31.06 25.75 57.48
CA VAL J 374 30.03 24.90 56.88
C VAL J 374 30.43 23.43 56.96
N GLY J 375 29.68 22.65 57.72
CA GLY J 375 29.94 21.22 57.84
C GLY J 375 29.10 20.41 56.87
N ASN J 376 28.04 21.03 56.36
CA ASN J 376 27.10 20.33 55.49
C ASN J 376 26.29 21.32 54.67
N THR J 377 26.46 21.28 53.36
CA THR J 377 25.80 22.24 52.48
C THR J 377 24.28 22.06 52.46
N ASP J 378 23.81 20.92 52.95
CA ASP J 378 22.37 20.64 53.00
C ASP J 378 21.72 21.25 54.25
N ALA J 379 22.53 21.78 55.16
CA ALA J 379 22.00 22.54 56.30
C ALA J 379 21.97 24.04 55.96
N GLU J 380 21.39 24.35 54.82
CA GLU J 380 21.48 25.70 54.28
C GLU J 380 20.42 26.63 54.86
N GLY J 381 19.35 26.05 55.37
CA GLY J 381 18.26 26.83 55.95
C GLY J 381 18.69 27.74 57.08
N ARG J 382 19.43 27.20 58.04
CA ARG J 382 19.88 27.99 59.17
C ARG J 382 20.86 29.07 58.74
N LEU J 383 21.54 28.85 57.62
CA LEU J 383 22.46 29.85 57.07
C LEU J 383 21.68 31.04 56.53
N THR J 384 20.63 30.78 55.77
CA THR J 384 19.81 31.86 55.23
C THR J 384 19.09 32.60 56.34
N LEU J 385 18.56 31.85 57.31
CA LEU J 385 17.84 32.46 58.42
C LEU J 385 18.77 33.26 59.32
N ALA J 386 20.04 32.88 59.37
CA ALA J 386 21.02 33.59 60.19
C ALA J 386 21.09 35.07 59.80
N ASP J 387 21.32 35.32 58.52
CA ASP J 387 21.35 36.68 58.01
C ASP J 387 19.97 37.34 58.09
N ALA J 388 18.91 36.55 57.94
CA ALA J 388 17.55 37.07 58.00
C ALA J 388 17.20 37.55 59.41
N LEU J 389 17.69 36.83 60.41
CA LEU J 389 17.44 37.18 61.81
C LEU J 389 18.21 38.44 62.21
N VAL J 390 19.43 38.59 61.70
CA VAL J 390 20.20 39.79 61.95
C VAL J 390 19.51 41.01 61.34
N TYR J 391 18.99 40.84 60.13
CA TYR J 391 18.21 41.87 59.46
C TYR J 391 16.96 42.20 60.30
N ALA J 392 16.32 41.17 60.83
CA ALA J 392 15.09 41.35 61.60
C ALA J 392 15.33 42.10 62.89
N GLU J 393 16.39 41.75 63.60
CA GLU J 393 16.67 42.40 64.88
C GLU J 393 17.02 43.87 64.68
N LYS J 394 17.68 44.20 63.58
CA LYS J 394 18.02 45.59 63.28
C LYS J 394 16.78 46.47 63.07
N LEU J 395 15.65 45.85 62.74
CA LEU J 395 14.41 46.59 62.53
C LEU J 395 13.83 47.14 63.83
N GLY J 396 14.34 46.65 64.96
CA GLY J 396 13.88 47.10 66.26
C GLY J 396 12.46 46.66 66.55
N VAL J 397 12.24 45.34 66.51
CA VAL J 397 10.91 44.82 66.78
C VAL J 397 10.84 44.23 68.18
N ASP J 398 9.63 43.93 68.62
CA ASP J 398 9.44 43.36 69.94
C ASP J 398 9.57 41.84 69.88
N TYR J 399 9.04 41.26 68.82
CA TYR J 399 9.04 39.81 68.64
C TYR J 399 9.60 39.43 67.29
N ILE J 400 10.44 38.40 67.28
CA ILE J 400 10.90 37.78 66.04
C ILE J 400 10.49 36.33 66.06
N VAL J 401 9.62 35.94 65.13
CA VAL J 401 9.19 34.56 65.03
C VAL J 401 9.55 34.02 63.65
N ASP J 402 10.41 33.00 63.59
CA ASP J 402 10.76 32.41 62.32
C ASP J 402 10.04 31.07 62.14
N ILE J 403 9.78 30.71 60.89
CA ILE J 403 9.12 29.45 60.59
C ILE J 403 9.82 28.80 59.39
N ALA J 404 10.12 27.51 59.50
CA ALA J 404 11.01 26.86 58.53
C ALA J 404 10.87 25.34 58.46
N THR J 405 11.07 24.81 57.26
CA THR J 405 11.27 23.38 57.06
C THR J 405 12.75 23.08 57.27
N LEU J 406 13.17 23.13 58.54
CA LEU J 406 14.59 23.18 58.88
C LEU J 406 15.26 21.81 59.07
N THR J 407 14.63 20.90 59.81
CA THR J 407 15.30 19.63 60.14
C THR J 407 14.43 18.38 59.92
N GLY J 408 14.98 17.43 59.18
CA GLY J 408 14.32 16.16 58.95
C GLY J 408 14.03 15.42 60.25
N ALA J 409 14.85 15.66 61.27
CA ALA J 409 14.70 15.02 62.57
C ALA J 409 13.33 15.26 63.21
N MET J 410 12.61 16.28 62.75
CA MET J 410 11.27 16.55 63.27
C MET J 410 10.32 15.39 62.96
N LEU J 411 10.63 14.64 61.91
CA LEU J 411 9.84 13.48 61.56
C LEU J 411 9.97 12.37 62.61
N TYR J 412 11.12 12.35 63.28
CA TYR J 412 11.38 11.33 64.29
C TYR J 412 10.97 11.77 65.70
N SER J 413 10.74 13.06 65.89
CA SER J 413 10.35 13.55 67.22
C SER J 413 8.84 13.77 67.35
N LEU J 414 8.30 14.73 66.63
CA LEU J 414 6.88 15.05 66.75
C LEU J 414 6.05 14.48 65.61
N GLY J 415 6.73 14.06 64.54
CA GLY J 415 6.04 13.43 63.43
C GLY J 415 5.43 14.42 62.44
N THR J 416 4.32 14.05 61.84
CA THR J 416 3.74 14.80 60.73
C THR J 416 2.53 15.66 61.13
N SER J 417 2.15 15.65 62.40
CA SER J 417 0.99 16.42 62.84
C SER J 417 1.36 17.66 63.65
N TYR J 418 2.31 17.52 64.57
CA TYR J 418 2.69 18.61 65.47
C TYR J 418 4.00 19.24 65.06
N ALA J 419 4.02 20.56 64.90
CA ALA J 419 5.25 21.29 64.65
C ALA J 419 5.95 21.60 65.97
N GLY J 420 7.25 21.88 65.92
CA GLY J 420 7.99 22.21 67.12
C GLY J 420 8.24 23.71 67.25
N VAL J 421 8.15 24.23 68.47
CA VAL J 421 8.52 25.62 68.71
C VAL J 421 9.66 25.66 69.71
N PHE J 422 10.72 26.40 69.37
CA PHE J 422 11.85 26.62 70.24
C PHE J 422 11.95 28.14 70.44
N GLY J 423 12.54 28.57 71.55
CA GLY J 423 12.71 30.00 71.77
C GLY J 423 13.65 30.41 72.89
N ASN J 424 13.88 31.72 72.98
CA ASN J 424 14.70 32.29 74.05
C ASN J 424 13.88 33.06 75.07
N ASN J 425 12.56 33.08 74.86
CA ASN J 425 11.67 33.87 75.70
C ASN J 425 10.39 33.11 75.98
N GLU J 426 10.17 32.77 77.25
CA GLU J 426 9.05 31.92 77.63
C GLU J 426 7.71 32.57 77.32
N GLU J 427 7.64 33.89 77.44
CA GLU J 427 6.41 34.62 77.18
C GLU J 427 6.00 34.50 75.70
N LEU J 428 6.96 34.70 74.81
CA LEU J 428 6.69 34.58 73.38
C LEU J 428 6.29 33.14 73.02
N ILE J 429 6.97 32.16 73.61
CA ILE J 429 6.63 30.76 73.37
C ILE J 429 5.18 30.46 73.76
N ASN J 430 4.77 30.96 74.93
CA ASN J 430 3.40 30.74 75.41
C ASN J 430 2.36 31.40 74.51
N LYS J 431 2.71 32.54 73.92
CA LYS J 431 1.84 33.20 72.97
C LYS J 431 1.64 32.34 71.73
N ILE J 432 2.73 31.75 71.25
CA ILE J 432 2.66 30.84 70.10
C ILE J 432 1.77 29.64 70.40
N LEU J 433 1.95 29.04 71.58
CA LEU J 433 1.13 27.90 71.98
C LEU J 433 -0.35 28.28 72.04
N GLN J 434 -0.63 29.48 72.54
CA GLN J 434 -1.99 29.99 72.59
C GLN J 434 -2.55 30.15 71.18
N SER J 435 -1.73 30.69 70.29
CA SER J 435 -2.12 30.85 68.89
C SER J 435 -2.33 29.50 68.21
N SER J 436 -1.52 28.52 68.61
CA SER J 436 -1.68 27.16 68.11
C SER J 436 -3.02 26.59 68.51
N LYS J 437 -3.44 26.86 69.74
CA LYS J 437 -4.71 26.36 70.25
C LYS J 437 -5.89 26.97 69.51
N THR J 438 -5.85 28.28 69.29
CA THR J 438 -6.99 28.96 68.67
C THR J 438 -7.00 28.81 67.14
N SER J 439 -5.84 28.62 66.53
CA SER J 439 -5.78 28.40 65.09
C SER J 439 -6.02 26.94 64.74
N ASN J 440 -5.92 26.08 65.75
CA ASN J 440 -6.02 24.62 65.60
C ASN J 440 -4.93 24.03 64.71
N GLU J 441 -3.80 24.72 64.62
CA GLU J 441 -2.60 24.17 63.99
C GLU J 441 -1.63 23.76 65.10
N PRO J 442 -1.49 22.45 65.33
CA PRO J 442 -0.80 21.94 66.53
C PRO J 442 0.71 22.14 66.54
N VAL J 443 1.20 22.62 67.69
CA VAL J 443 2.62 22.89 67.91
C VAL J 443 2.99 22.41 69.30
N TRP J 444 4.24 22.04 69.50
CA TRP J 444 4.69 21.57 70.81
C TRP J 444 6.03 22.19 71.16
N TRP J 445 6.12 22.66 72.40
CA TRP J 445 7.31 23.32 72.90
C TRP J 445 8.46 22.33 73.11
N LEU J 446 9.56 22.55 72.39
CA LEU J 446 10.76 21.75 72.56
C LEU J 446 11.89 22.59 73.17
N PRO J 447 12.79 21.95 73.93
CA PRO J 447 13.78 22.71 74.66
C PRO J 447 15.03 23.08 73.86
N ILE J 448 15.62 24.21 74.21
CA ILE J 448 16.95 24.55 73.72
C ILE J 448 17.94 24.16 74.83
N ILE J 449 18.53 22.99 74.68
CA ILE J 449 19.41 22.45 75.71
C ILE J 449 20.81 23.02 75.53
N ASN J 450 21.18 23.93 76.43
CA ASN J 450 22.44 24.67 76.30
C ASN J 450 23.67 23.79 76.43
N GLU J 451 23.50 22.62 77.04
CA GLU J 451 24.59 21.66 77.19
C GLU J 451 25.11 21.18 75.84
N TYR J 452 24.29 21.32 74.80
CA TYR J 452 24.70 20.93 73.45
C TYR J 452 25.48 22.04 72.73
N ARG J 453 25.48 23.25 73.28
CA ARG J 453 26.08 24.41 72.61
C ARG J 453 27.57 24.23 72.30
N ALA J 454 28.29 23.54 73.18
CA ALA J 454 29.73 23.32 73.01
C ALA J 454 30.04 22.56 71.74
N THR J 455 29.07 21.80 71.23
CA THR J 455 29.29 21.02 70.01
C THR J 455 29.41 21.93 68.78
N LEU J 456 29.02 23.19 68.94
CA LEU J 456 29.08 24.15 67.85
C LEU J 456 30.37 24.98 67.89
N ASN J 457 31.24 24.70 68.87
CA ASN J 457 32.52 25.40 68.98
C ASN J 457 33.51 24.95 67.93
N SER J 458 33.64 25.72 66.85
CA SER J 458 34.55 25.40 65.76
C SER J 458 36.01 25.62 66.14
N LYS J 459 36.90 24.84 65.52
CA LYS J 459 38.34 24.99 65.74
C LYS J 459 38.86 26.25 65.04
N TYR J 460 38.28 26.58 63.90
CA TYR J 460 38.76 27.70 63.08
C TYR J 460 37.79 28.88 62.97
N ALA J 461 36.51 28.59 62.81
CA ALA J 461 35.52 29.66 62.74
C ALA J 461 35.01 30.02 64.12
N ASP J 462 34.22 31.09 64.21
CA ASP J 462 33.61 31.47 65.48
C ASP J 462 32.62 30.39 65.91
N ILE J 463 31.97 29.77 64.94
CA ILE J 463 30.92 28.80 65.24
C ILE J 463 30.73 27.79 64.12
N ASN J 464 30.36 26.56 64.50
CA ASN J 464 30.01 25.54 63.53
C ASN J 464 28.58 25.66 63.07
N GLN J 465 28.35 25.34 61.79
CA GLN J 465 27.02 25.29 61.22
C GLN J 465 26.23 24.13 61.79
N ILE J 466 26.89 22.99 61.97
CA ILE J 466 26.25 21.77 62.47
C ILE J 466 27.12 21.07 63.51
N SER J 467 26.55 20.06 64.14
CA SER J 467 27.32 19.18 65.01
C SER J 467 27.86 18.02 64.19
N SER J 468 29.02 17.52 64.57
CA SER J 468 29.58 16.36 63.88
C SER J 468 29.08 15.07 64.52
N SER J 469 28.57 15.18 65.74
CA SER J 469 28.19 14.00 66.51
C SER J 469 26.75 14.05 67.05
N VAL J 470 26.42 15.12 67.78
CA VAL J 470 25.11 15.26 68.43
C VAL J 470 23.95 15.10 67.44
N LYS J 471 23.11 14.10 67.69
CA LYS J 471 22.07 13.71 66.74
C LYS J 471 20.76 14.48 66.92
N ALA J 472 20.64 15.21 68.02
CA ALA J 472 19.45 16.01 68.28
C ALA J 472 19.51 17.30 67.48
N SER J 473 19.41 17.17 66.16
CA SER J 473 19.73 18.28 65.26
C SER J 473 18.70 19.39 65.27
N SER J 474 17.49 19.12 65.76
CA SER J 474 16.49 20.17 65.86
C SER J 474 16.89 21.15 66.94
N ILE J 475 17.40 20.63 68.05
CA ILE J 475 17.82 21.47 69.16
C ILE J 475 19.12 22.19 68.81
N VAL J 476 20.05 21.46 68.19
CA VAL J 476 21.31 22.03 67.74
C VAL J 476 21.07 23.16 66.74
N ALA J 477 20.11 22.96 65.84
CA ALA J 477 19.81 23.98 64.84
C ALA J 477 19.26 25.24 65.50
N SER J 478 18.48 25.05 66.57
CA SER J 478 17.95 26.17 67.34
C SER J 478 19.07 26.90 68.04
N LEU J 479 20.02 26.15 68.59
CA LEU J 479 21.19 26.73 69.24
C LEU J 479 22.01 27.58 68.28
N PHE J 480 22.03 27.18 67.00
CA PHE J 480 22.74 27.95 65.98
C PHE J 480 22.01 29.27 65.71
N LEU J 481 20.72 29.17 65.41
CA LEU J 481 19.91 30.36 65.11
C LEU J 481 19.95 31.36 66.27
N LYS J 482 19.91 30.84 67.49
CA LYS J 482 19.88 31.65 68.69
C LYS J 482 21.09 32.57 68.81
N GLU J 483 22.21 32.17 68.20
CA GLU J 483 23.42 32.97 68.21
C GLU J 483 23.32 34.24 67.37
N PHE J 484 22.24 34.36 66.59
CA PHE J 484 22.05 35.51 65.72
C PHE J 484 20.90 36.40 66.16
N VAL J 485 20.47 36.21 67.41
CA VAL J 485 19.53 37.12 68.06
C VAL J 485 20.12 37.52 69.41
N GLN J 486 20.37 38.80 69.59
CA GLN J 486 21.18 39.24 70.73
C GLN J 486 20.38 39.72 71.94
N ASN J 487 19.29 40.43 71.70
CA ASN J 487 18.48 40.94 72.82
C ASN J 487 17.02 41.19 72.43
N THR J 488 16.46 40.28 71.65
CA THR J 488 15.08 40.36 71.26
C THR J 488 14.41 39.01 71.50
N ALA J 489 13.17 39.05 72.00
CA ALA J 489 12.39 37.83 72.18
C ALA J 489 12.24 37.14 70.83
N TRP J 490 12.57 35.85 70.78
CA TRP J 490 12.58 35.14 69.51
C TRP J 490 12.10 33.71 69.64
N ALA J 491 11.30 33.28 68.68
CA ALA J 491 10.80 31.91 68.63
C ALA J 491 10.97 31.34 67.23
N HIS J 492 11.17 30.03 67.19
CA HIS J 492 11.48 29.33 65.94
C HIS J 492 10.53 28.15 65.78
N ILE J 493 9.80 28.12 64.67
CA ILE J 493 8.86 27.04 64.41
C ILE J 493 9.35 26.13 63.29
N ASP J 494 9.70 24.90 63.65
CA ASP J 494 10.22 23.93 62.69
C ASP J 494 9.07 23.06 62.15
N ILE J 495 8.72 23.30 60.89
CA ILE J 495 7.57 22.66 60.27
C ILE J 495 7.95 21.63 59.23
N ALA J 496 9.20 21.18 59.27
CA ALA J 496 9.71 20.19 58.32
C ALA J 496 8.88 18.90 58.28
N GLY J 497 8.31 18.53 59.43
CA GLY J 497 7.52 17.32 59.51
C GLY J 497 6.08 17.52 59.07
N VAL J 498 5.56 18.72 59.30
CA VAL J 498 4.13 18.96 59.17
C VAL J 498 3.72 19.72 57.92
N SER J 499 4.70 20.21 57.16
CA SER J 499 4.40 21.09 56.04
C SER J 499 3.70 20.35 54.90
N TRP J 500 4.16 19.14 54.62
CA TRP J 500 3.65 18.38 53.49
C TRP J 500 2.70 17.27 53.93
N ASN J 501 1.53 17.24 53.32
CA ASN J 501 0.56 16.16 53.55
C ASN J 501 0.88 14.98 52.64
N PHE J 502 1.64 14.01 53.16
CA PHE J 502 2.17 12.93 52.33
C PHE J 502 1.08 12.02 51.79
N LYS J 503 0.03 11.82 52.59
CA LYS J 503 -1.07 10.95 52.21
C LYS J 503 -1.89 11.56 51.07
N ALA J 504 -2.16 12.86 51.16
CA ALA J 504 -2.98 13.53 50.15
C ALA J 504 -2.14 14.06 48.98
N ARG J 505 -0.82 13.93 49.09
CA ARG J 505 0.10 14.36 48.03
C ARG J 505 -0.03 15.85 47.72
N LYS J 506 -0.03 16.66 48.76
CA LYS J 506 -0.19 18.11 48.62
C LYS J 506 0.29 18.81 49.89
N PRO J 507 0.49 20.14 49.83
CA PRO J 507 0.87 20.83 51.07
C PRO J 507 -0.32 21.12 51.96
N LYS J 508 -0.05 21.51 53.20
CA LYS J 508 -1.11 21.93 54.11
C LYS J 508 -1.25 23.45 54.16
N GLY J 509 -0.20 24.16 53.78
CA GLY J 509 -0.14 25.60 53.99
C GLY J 509 -0.06 25.86 55.48
N PHE J 510 0.74 25.03 56.16
CA PHE J 510 0.85 25.08 57.61
C PHE J 510 1.49 26.37 58.10
N GLY J 511 0.85 27.00 59.08
CA GLY J 511 1.45 28.13 59.75
C GLY J 511 0.78 29.45 59.43
N VAL J 512 -0.01 29.48 58.36
CA VAL J 512 -0.69 30.71 57.98
C VAL J 512 -1.63 31.17 59.09
N ARG J 513 -2.48 30.25 59.55
CA ARG J 513 -3.49 30.59 60.53
C ARG J 513 -2.87 30.74 61.92
N LEU J 514 -1.82 29.96 62.17
CA LEU J 514 -1.09 30.07 63.43
C LEU J 514 -0.50 31.46 63.60
N LEU J 515 0.27 31.90 62.61
CA LEU J 515 0.91 33.21 62.63
C LEU J 515 -0.10 34.36 62.71
N THR J 516 -1.18 34.25 61.94
CA THR J 516 -2.19 35.30 61.91
C THR J 516 -2.86 35.45 63.28
N GLU J 517 -3.17 34.32 63.91
CA GLU J 517 -3.75 34.36 65.24
C GLU J 517 -2.76 34.99 66.23
N PHE J 518 -1.48 34.71 66.03
CA PHE J 518 -0.43 35.29 66.86
C PHE J 518 -0.45 36.81 66.80
N VAL J 519 -0.48 37.38 65.60
CA VAL J 519 -0.42 38.83 65.47
C VAL J 519 -1.75 39.47 65.88
N LEU J 520 -2.85 38.76 65.64
CA LEU J 520 -4.20 39.28 65.90
C LEU J 520 -4.54 39.35 67.39
N ASN J 521 -4.14 38.32 68.14
CA ASN J 521 -4.46 38.25 69.56
C ASN J 521 -3.37 38.83 70.47
N ASP J 522 -2.29 39.34 69.88
CA ASP J 522 -1.21 39.93 70.64
C ASP J 522 -1.51 41.39 71.00
N SER K 5 46.40 34.94 38.17
CA SER K 5 46.79 35.69 39.36
C SER K 5 45.57 36.40 39.97
N GLU K 6 44.58 36.72 39.14
CA GLU K 6 43.36 37.37 39.63
C GLU K 6 42.30 36.34 40.03
N VAL K 7 42.03 36.22 41.32
CA VAL K 7 41.07 35.22 41.82
C VAL K 7 39.64 35.61 41.48
N PRO K 8 38.97 34.79 40.65
CA PRO K 8 37.58 35.08 40.27
C PRO K 8 36.61 34.92 41.43
N GLN K 9 35.51 35.67 41.41
CA GLN K 9 34.51 35.62 42.46
C GLN K 9 33.11 35.37 41.90
N VAL K 10 32.25 34.75 42.71
CA VAL K 10 30.84 34.61 42.37
C VAL K 10 30.10 35.82 42.92
N VAL K 11 30.37 36.14 44.18
CA VAL K 11 29.85 37.34 44.82
C VAL K 11 31.02 38.11 45.42
N SER K 12 30.79 39.38 45.73
CA SER K 12 31.87 40.28 46.15
C SER K 12 32.44 39.95 47.51
N LEU K 13 31.72 39.13 48.27
CA LEU K 13 32.15 38.74 49.61
C LEU K 13 33.03 37.49 49.56
N ASP K 14 33.24 36.95 48.36
CA ASP K 14 34.14 35.81 48.21
C ASP K 14 35.58 36.25 48.40
N PRO K 15 36.33 35.53 49.26
CA PRO K 15 37.73 35.90 49.54
C PRO K 15 38.64 35.76 48.32
N THR K 16 39.61 36.67 48.19
CA THR K 16 40.51 36.65 47.04
C THR K 16 41.96 36.34 47.40
N SER K 17 42.22 36.03 48.67
CA SER K 17 43.55 35.59 49.07
C SER K 17 43.49 34.69 50.29
N ILE K 18 44.52 33.87 50.46
CA ILE K 18 44.67 33.04 51.66
C ILE K 18 45.39 33.86 52.72
N PRO K 19 44.76 34.03 53.89
CA PRO K 19 45.49 34.75 54.95
C PRO K 19 46.61 33.90 55.50
N ILE K 20 47.80 34.46 55.58
CA ILE K 20 48.97 33.74 56.07
C ILE K 20 49.66 34.53 57.16
N GLU K 21 49.92 33.92 58.31
CA GLU K 21 50.78 34.58 59.29
C GLU K 21 52.18 33.97 59.28
N TYR K 22 53.16 34.84 59.03
CA TYR K 22 54.57 34.45 58.98
C TYR K 22 55.24 34.67 60.33
N ASN K 23 54.99 35.83 60.92
CA ASN K 23 55.46 36.11 62.27
C ASN K 23 54.51 35.53 63.30
N THR K 24 54.99 34.55 64.05
CA THR K 24 54.18 33.92 65.09
C THR K 24 54.82 34.19 66.45
N PRO K 25 54.03 34.08 67.53
CA PRO K 25 54.58 34.29 68.88
C PRO K 25 55.67 33.29 69.23
N ILE K 26 55.69 32.16 68.52
CA ILE K 26 56.75 31.16 68.72
C ILE K 26 58.11 31.75 68.36
N HIS K 27 58.15 32.60 67.34
CA HIS K 27 59.40 33.21 66.91
C HIS K 27 59.92 34.20 67.95
N ASP K 28 59.07 34.63 68.88
CA ASP K 28 59.48 35.57 69.92
C ASP K 28 60.03 34.87 71.15
N ILE K 29 59.88 33.56 71.21
CA ILE K 29 60.34 32.81 72.36
C ILE K 29 61.86 32.69 72.37
N LYS K 30 62.47 33.18 73.45
CA LYS K 30 63.91 33.04 73.62
C LYS K 30 64.22 31.72 74.33
N VAL K 31 65.03 30.88 73.68
CA VAL K 31 65.30 29.54 74.16
C VAL K 31 66.74 29.41 74.69
N GLN K 32 66.85 29.02 75.96
CA GLN K 32 68.14 28.76 76.56
C GLN K 32 68.25 27.29 76.96
N VAL K 33 69.41 26.68 76.68
CA VAL K 33 69.65 25.30 77.09
C VAL K 33 70.79 25.25 78.10
N TYR K 34 70.50 24.71 79.27
CA TYR K 34 71.49 24.57 80.34
C TYR K 34 71.79 23.10 80.57
N ASP K 35 73.00 22.82 81.04
CA ASP K 35 73.35 21.44 81.39
C ASP K 35 72.82 21.13 82.79
N ILE K 36 72.33 19.92 82.96
CA ILE K 36 71.66 19.53 84.19
C ILE K 36 72.62 19.50 85.38
N LYS K 37 73.91 19.37 85.08
CA LYS K 37 74.93 19.43 86.11
C LYS K 37 75.10 20.86 86.59
N GLY K 38 75.27 21.04 87.90
CA GLY K 38 75.34 22.37 88.47
C GLY K 38 74.06 22.68 89.22
N GLY K 39 73.04 21.86 88.97
CA GLY K 39 71.75 22.04 89.61
C GLY K 39 70.82 22.93 88.80
N CYS K 40 69.52 22.79 89.04
CA CYS K 40 68.53 23.59 88.34
C CYS K 40 68.11 24.79 89.17
N ASN K 41 67.89 25.91 88.51
CA ASN K 41 67.36 27.10 89.17
C ASN K 41 65.88 27.25 88.92
N VAL K 42 65.11 27.45 89.99
CA VAL K 42 63.68 27.67 89.89
C VAL K 42 63.37 29.07 90.39
N GLU K 43 63.36 30.03 89.47
CA GLU K 43 63.24 31.44 89.85
C GLU K 43 61.89 32.02 89.45
N GLU K 44 61.33 31.54 88.35
CA GLU K 44 60.10 32.14 87.83
C GLU K 44 59.29 31.19 86.94
N GLY K 45 58.06 31.61 86.63
CA GLY K 45 57.21 30.89 85.71
C GLY K 45 56.94 29.45 86.11
N LEU K 46 56.89 28.58 85.12
CA LEU K 46 56.58 27.17 85.34
C LEU K 46 57.80 26.30 85.05
N THR K 47 58.07 25.35 85.94
CA THR K 47 59.18 24.41 85.77
C THR K 47 58.66 22.97 85.77
N ILE K 48 58.78 22.29 84.63
CA ILE K 48 58.28 20.92 84.48
C ILE K 48 59.41 19.89 84.34
N PHE K 49 59.41 18.91 85.24
CA PHE K 49 60.34 17.79 85.15
C PHE K 49 59.75 16.65 84.33
N LEU K 50 60.46 16.21 83.30
CA LEU K 50 60.05 15.04 82.53
C LEU K 50 60.60 13.79 83.19
N VAL K 51 59.72 12.96 83.74
CA VAL K 51 60.14 11.86 84.60
C VAL K 51 59.55 10.53 84.18
N ASN K 52 60.37 9.49 84.18
CA ASN K 52 59.88 8.14 83.95
C ASN K 52 60.18 7.25 85.15
N ASN K 53 59.83 5.98 85.03
CA ASN K 53 60.15 5.00 86.07
C ASN K 53 60.31 3.62 85.46
N PRO K 54 61.54 3.27 85.06
CA PRO K 54 61.81 1.95 84.48
C PRO K 54 61.82 0.87 85.56
N LYS K 56 57.29 0.11 89.39
CA LYS K 56 57.86 0.43 88.08
C LYS K 56 56.80 0.96 87.14
N GLU K 57 55.98 0.06 86.59
CA GLU K 57 54.90 0.47 85.70
C GLU K 57 53.88 1.29 86.49
N ASN K 58 53.58 2.49 85.99
CA ASN K 58 52.80 3.48 86.73
C ASN K 58 53.36 3.69 88.14
N GLY K 59 54.68 3.59 88.26
CA GLY K 59 55.35 3.74 89.52
C GLY K 59 55.42 5.19 89.94
N PRO K 60 55.96 5.44 91.14
CA PRO K 60 55.97 6.79 91.71
C PRO K 60 56.88 7.75 90.94
N VAL K 61 56.58 9.04 91.03
CA VAL K 61 57.47 10.07 90.51
C VAL K 61 58.65 10.23 91.45
N LYS K 62 59.85 10.32 90.87
CA LYS K 62 61.04 10.61 91.66
C LYS K 62 61.91 11.61 90.90
N ILE K 63 62.26 12.71 91.56
CA ILE K 63 63.07 13.75 90.94
C ILE K 63 64.55 13.57 91.27
N SER K 64 65.36 13.36 90.24
CA SER K 64 66.80 13.13 90.42
C SER K 64 67.58 14.44 90.57
N SER K 65 67.20 15.45 89.80
CA SER K 65 67.97 16.68 89.69
C SER K 65 68.04 17.50 90.98
N LYS K 66 69.22 18.05 91.24
CA LYS K 66 69.39 18.99 92.33
C LYS K 66 68.78 20.34 91.94
N VAL K 67 67.95 20.88 92.82
CA VAL K 67 67.33 22.19 92.59
C VAL K 67 67.93 23.20 93.56
N ASN K 68 68.41 24.32 93.02
CA ASN K 68 69.09 25.32 93.84
C ASN K 68 68.11 26.26 94.55
N ASP K 69 67.09 25.67 95.17
CA ASP K 69 66.08 26.42 95.90
C ASP K 69 65.52 25.53 97.01
N LYS K 70 65.71 25.96 98.25
CA LYS K 70 65.33 25.14 99.40
C LYS K 70 63.82 24.86 99.47
N GLN K 71 63.01 25.86 99.12
CA GLN K 71 61.55 25.72 99.16
C GLN K 71 61.05 24.72 98.13
N VAL K 72 61.56 24.84 96.91
CA VAL K 72 61.16 23.93 95.84
C VAL K 72 61.74 22.54 96.07
N SER K 73 62.96 22.48 96.59
CA SER K 73 63.59 21.19 96.93
C SER K 73 62.75 20.42 97.93
N GLU K 74 62.18 21.13 98.90
CA GLU K 74 61.31 20.51 99.88
C GLU K 74 60.06 19.93 99.22
N PHE K 75 59.51 20.66 98.26
CA PHE K 75 58.36 20.18 97.50
C PHE K 75 58.70 18.93 96.71
N LEU K 76 59.93 18.88 96.20
CA LEU K 76 60.35 17.85 95.28
C LEU K 76 60.95 16.63 95.97
N LYS K 77 60.95 16.61 97.31
CA LYS K 77 61.52 15.48 98.03
C LYS K 77 60.69 14.22 97.78
N ASP K 78 61.33 13.07 97.89
CA ASP K 78 60.74 11.79 97.51
C ASP K 78 59.40 11.49 98.17
N GLU K 79 59.32 11.74 99.47
CA GLU K 79 58.12 11.42 100.23
C GLU K 79 56.92 12.26 99.80
N ASN K 80 57.16 13.38 99.12
CA ASN K 80 56.08 14.15 98.54
C ASN K 80 55.74 13.68 97.12
N MET K 81 56.76 13.56 96.28
CA MET K 81 56.53 13.27 94.88
C MET K 81 55.98 11.86 94.63
N GLU K 82 56.19 10.96 95.59
CA GLU K 82 55.76 9.58 95.40
C GLU K 82 54.23 9.43 95.45
N LYS K 83 53.55 10.51 95.83
CA LYS K 83 52.09 10.55 95.80
C LYS K 83 51.58 10.63 94.37
N PHE K 84 52.49 10.91 93.44
CA PHE K 84 52.13 10.98 92.03
C PHE K 84 52.77 9.82 91.29
N ASN K 85 52.27 9.54 90.08
CA ASN K 85 52.82 8.44 89.29
C ASN K 85 53.17 8.88 87.87
N VAL K 86 53.99 8.08 87.20
CA VAL K 86 54.58 8.46 85.92
C VAL K 86 53.83 7.97 84.69
N LYS K 87 52.58 7.54 84.85
CA LYS K 87 51.82 7.07 83.70
C LYS K 87 51.84 8.10 82.58
N LEU K 88 52.19 7.66 81.38
CA LEU K 88 52.41 8.54 80.23
C LEU K 88 51.29 9.58 80.03
N GLY K 89 51.67 10.85 79.98
CA GLY K 89 50.70 11.91 79.80
C GLY K 89 50.17 12.52 81.08
N THR K 90 50.32 11.80 82.19
CA THR K 90 49.84 12.29 83.49
C THR K 90 50.71 13.46 83.97
N SER K 91 50.06 14.53 84.40
CA SER K 91 50.78 15.70 84.88
C SER K 91 50.15 16.27 86.14
N LYS K 92 50.99 16.90 86.96
CA LYS K 92 50.54 17.72 88.08
C LYS K 92 51.44 18.94 88.11
N HIS K 93 50.91 20.08 88.55
CA HIS K 93 51.78 21.22 88.83
C HIS K 93 51.15 22.09 89.91
N PHE K 94 52.00 22.64 90.76
CA PHE K 94 51.58 23.39 91.93
C PHE K 94 52.17 24.79 91.89
N TYR K 95 51.47 25.75 92.49
CA TYR K 95 52.00 27.08 92.70
C TYR K 95 52.50 27.23 94.14
N MET K 96 53.67 27.83 94.30
CA MET K 96 54.26 28.01 95.62
C MET K 96 55.20 29.20 95.61
N PHE K 97 55.72 29.55 96.78
CA PHE K 97 56.72 30.60 96.90
C PHE K 97 58.10 29.98 97.00
N ASN K 98 59.04 30.48 96.20
CA ASN K 98 60.41 29.99 96.26
C ASN K 98 61.17 30.73 97.36
N ASP K 99 62.49 30.53 97.42
CA ASP K 99 63.33 31.11 98.46
C ASP K 99 63.21 32.63 98.54
N ASN K 100 62.94 33.26 97.41
CA ASN K 100 62.85 34.72 97.34
C ASN K 100 61.42 35.21 97.54
N LYS K 101 60.54 34.29 97.93
CA LYS K 101 59.12 34.53 98.07
C LYS K 101 58.54 35.09 96.78
N ASN K 102 59.06 34.59 95.66
CA ASN K 102 58.48 34.84 94.36
C ASN K 102 57.60 33.65 93.96
N SER K 103 56.48 33.94 93.32
CA SER K 103 55.55 32.89 92.93
C SER K 103 56.08 32.08 91.76
N VAL K 104 56.23 30.77 91.96
CA VAL K 104 56.67 29.88 90.91
C VAL K 104 55.76 28.65 90.84
N ALA K 105 55.63 28.09 89.64
CA ALA K 105 54.89 26.85 89.48
C ALA K 105 55.85 25.71 89.18
N VAL K 106 55.66 24.60 89.87
CA VAL K 106 56.52 23.43 89.69
C VAL K 106 55.68 22.18 89.52
N GLY K 107 56.06 21.34 88.57
CA GLY K 107 55.34 20.11 88.35
C GLY K 107 56.11 19.07 87.56
N TYR K 108 55.39 18.18 86.89
CA TYR K 108 56.02 17.12 86.12
C TYR K 108 55.08 16.59 85.04
N VAL K 109 55.65 15.85 84.09
CA VAL K 109 54.86 15.05 83.16
C VAL K 109 55.42 13.63 83.15
N GLY K 110 54.53 12.65 83.35
CA GLY K 110 54.94 11.26 83.38
C GLY K 110 55.39 10.81 82.00
N CYS K 111 56.49 10.06 81.95
CA CYS K 111 57.00 9.56 80.69
C CYS K 111 57.06 8.03 80.67
N GLY K 112 56.20 7.41 81.48
CA GLY K 112 56.02 5.98 81.45
C GLY K 112 57.17 5.16 82.01
N SER K 113 57.30 3.93 81.54
CA SER K 113 58.26 2.99 82.10
C SER K 113 59.29 2.52 81.08
N VAL K 114 59.17 2.99 79.85
CA VAL K 114 60.12 2.63 78.81
C VAL K 114 61.14 3.77 78.62
N ALA K 115 62.41 3.40 78.51
CA ALA K 115 63.49 4.38 78.38
C ALA K 115 63.42 5.14 77.06
N ASP K 116 63.37 4.40 75.95
CA ASP K 116 63.38 5.01 74.63
C ASP K 116 61.96 5.40 74.17
N LEU K 117 61.60 6.66 74.38
CA LEU K 117 60.31 7.17 73.96
C LEU K 117 60.19 7.20 72.44
N SER K 118 59.07 6.71 71.91
CA SER K 118 58.80 6.82 70.49
C SER K 118 58.29 8.23 70.19
N GLU K 119 58.05 8.51 68.91
CA GLU K 119 57.52 9.81 68.51
C GLU K 119 56.09 10.00 69.01
N ALA K 120 55.34 8.90 69.10
CA ALA K 120 53.98 8.96 69.60
C ALA K 120 53.98 9.25 71.10
N ASP K 121 54.90 8.62 71.81
CA ASP K 121 55.05 8.84 73.25
C ASP K 121 55.41 10.29 73.55
N MET K 122 56.38 10.83 72.82
CA MET K 122 56.82 12.21 73.03
C MET K 122 55.70 13.18 72.69
N LYS K 123 54.95 12.86 71.66
CA LYS K 123 53.81 13.68 71.25
C LYS K 123 52.83 13.80 72.42
N ARG K 124 52.57 12.67 73.08
CA ARG K 124 51.68 12.67 74.23
C ARG K 124 52.29 13.47 75.39
N VAL K 125 53.58 13.30 75.63
CA VAL K 125 54.30 14.11 76.61
C VAL K 125 54.08 15.60 76.35
N VAL K 126 54.34 16.03 75.12
CA VAL K 126 54.21 17.43 74.74
C VAL K 126 52.77 17.95 74.88
N LEU K 127 51.79 17.14 74.48
CA LEU K 127 50.39 17.54 74.57
C LEU K 127 49.97 17.79 76.02
N SER K 128 50.54 17.02 76.94
CA SER K 128 50.27 17.23 78.35
C SER K 128 50.93 18.53 78.80
N LEU K 129 52.06 18.85 78.19
CA LEU K 129 52.79 20.07 78.49
C LEU K 129 52.05 21.30 77.94
N VAL K 130 51.58 21.20 76.71
CA VAL K 130 50.85 22.29 76.07
C VAL K 130 49.55 22.61 76.80
N THR K 131 48.92 21.58 77.36
CA THR K 131 47.70 21.75 78.16
C THR K 131 47.95 22.71 79.33
N MET K 132 49.09 22.55 80.00
CA MET K 132 49.44 23.43 81.11
C MET K 132 49.79 24.83 80.61
N LEU K 133 50.42 24.91 79.45
CA LEU K 133 50.76 26.21 78.88
C LEU K 133 49.51 27.01 78.52
N HIS K 134 48.51 26.35 77.94
CA HIS K 134 47.26 27.01 77.57
C HIS K 134 46.43 27.39 78.79
N ASP K 135 46.68 26.74 79.93
CA ASP K 135 45.90 26.99 81.16
C ASP K 135 46.55 28.01 82.11
N ASN K 136 47.77 28.45 81.81
CA ASN K 136 48.51 29.30 82.73
C ASN K 136 49.16 30.51 82.06
N LYS K 137 48.82 31.70 82.53
CA LYS K 137 49.48 32.92 82.04
C LYS K 137 50.92 32.94 82.52
N LEU K 138 51.85 32.64 81.62
CA LEU K 138 53.24 32.47 81.99
C LEU K 138 54.17 33.30 81.12
N SER K 139 55.31 33.69 81.69
CA SER K 139 56.34 34.37 80.92
C SER K 139 57.47 33.41 80.57
N LYS K 140 57.62 32.36 81.36
CA LYS K 140 58.68 31.38 81.12
C LYS K 140 58.27 29.95 81.44
N LEU K 141 58.61 29.04 80.53
CA LEU K 141 58.52 27.61 80.80
C LEU K 141 59.93 27.04 80.91
N THR K 142 60.18 26.25 81.94
CA THR K 142 61.45 25.53 82.06
C THR K 142 61.17 24.04 82.04
N VAL K 143 61.86 23.32 81.16
CA VAL K 143 61.67 21.88 81.05
C VAL K 143 62.94 21.15 81.46
N VAL K 144 62.84 20.33 82.49
CA VAL K 144 63.98 19.55 82.95
C VAL K 144 63.87 18.12 82.45
N PHE K 145 64.86 17.70 81.65
CA PHE K 145 64.87 16.37 81.04
C PHE K 145 65.51 15.34 81.96
N GLU K 146 64.69 14.52 82.62
CA GLU K 146 65.23 13.43 83.42
C GLU K 146 64.97 12.11 82.72
N ILE K 147 64.87 12.18 81.39
CA ILE K 147 64.73 11.03 80.52
C ILE K 147 65.82 11.05 79.46
N ASN K 148 65.96 9.95 78.73
CA ASN K 148 66.94 9.87 77.65
C ASN K 148 66.34 10.25 76.32
N VAL K 149 67.01 11.17 75.63
CA VAL K 149 66.52 11.70 74.37
C VAL K 149 67.71 12.01 73.45
N ASP K 150 67.69 11.49 72.23
CA ASP K 150 68.79 11.78 71.32
C ASP K 150 68.59 13.16 70.71
N LYS K 151 69.51 13.58 69.85
CA LYS K 151 69.43 14.91 69.25
C LYS K 151 68.17 15.08 68.40
N ASN K 152 67.85 14.09 67.59
CA ASN K 152 66.68 14.16 66.71
C ASN K 152 65.37 14.21 67.50
N LEU K 153 65.28 13.39 68.55
CA LEU K 153 64.08 13.37 69.36
C LEU K 153 63.93 14.68 70.10
N PHE K 154 65.05 15.26 70.54
CA PHE K 154 65.03 16.55 71.23
C PHE K 154 64.52 17.63 70.29
N ARG K 155 65.00 17.62 69.05
CA ARG K 155 64.52 18.58 68.07
C ARG K 155 63.03 18.37 67.82
N PHE K 156 62.63 17.10 67.78
CA PHE K 156 61.23 16.72 67.59
C PHE K 156 60.36 17.23 68.74
N PHE K 157 60.91 17.20 69.94
CA PHE K 157 60.22 17.73 71.13
C PHE K 157 59.90 19.22 70.93
N LEU K 158 60.92 19.99 70.55
CA LEU K 158 60.77 21.43 70.35
C LEU K 158 59.82 21.75 69.20
N GLU K 159 59.99 21.07 68.07
CA GLU K 159 59.11 21.24 66.92
C GLU K 159 57.65 21.01 67.26
N THR K 160 57.40 19.89 67.94
CA THR K 160 56.06 19.52 68.34
C THR K 160 55.51 20.54 69.35
N LEU K 161 56.34 20.87 70.34
CA LEU K 161 55.95 21.84 71.36
C LEU K 161 55.51 23.14 70.72
N PHE K 162 56.32 23.63 69.78
CA PHE K 162 56.00 24.88 69.10
C PHE K 162 54.72 24.77 68.30
N TYR K 163 54.56 23.66 67.58
CA TYR K 163 53.44 23.48 66.67
C TYR K 163 52.11 23.33 67.40
N GLU K 164 52.11 22.56 68.48
CA GLU K 164 50.87 22.32 69.23
C GLU K 164 50.52 23.49 70.14
N TYR K 165 51.52 24.27 70.49
CA TYR K 165 51.33 25.45 71.35
C TYR K 165 50.65 26.54 70.54
N MET K 166 51.09 26.70 69.30
CA MET K 166 50.59 27.73 68.40
C MET K 166 49.12 27.51 68.03
N THR K 167 48.35 28.58 68.03
CA THR K 167 46.92 28.50 67.72
C THR K 167 46.58 29.31 66.47
N ASP K 168 45.97 28.64 65.50
CA ASP K 168 45.57 29.29 64.25
C ASP K 168 44.26 30.06 64.45
N GLU K 169 44.33 31.38 64.37
CA GLU K 169 43.17 32.23 64.66
C GLU K 169 42.77 33.10 63.48
N ARG K 170 43.22 32.74 62.28
CA ARG K 170 42.98 33.56 61.09
C ARG K 170 41.50 33.69 60.73
N PHE K 171 40.68 32.74 61.14
CA PHE K 171 39.27 32.77 60.72
C PHE K 171 38.33 33.04 61.88
N LYS K 172 38.87 33.51 62.98
CA LYS K 172 38.09 33.94 64.15
C LYS K 172 37.85 35.44 64.06
N SER K 173 36.74 35.91 64.60
CA SER K 173 36.42 37.34 64.58
C SER K 173 36.39 37.94 65.99
N GLU K 181 48.25 35.37 75.91
CA GLU K 181 49.66 35.72 76.06
C GLU K 181 50.54 34.47 76.10
N TYR K 182 51.46 34.38 75.14
CA TYR K 182 52.42 33.29 75.05
C TYR K 182 53.63 33.53 75.95
N ILE K 183 54.33 32.45 76.30
CA ILE K 183 55.59 32.58 77.04
C ILE K 183 56.60 33.36 76.21
N LYS K 184 57.56 33.97 76.88
CA LYS K 184 58.59 34.74 76.18
C LYS K 184 59.94 34.07 76.36
N HIS K 185 60.03 33.13 77.30
CA HIS K 185 61.29 32.44 77.58
C HIS K 185 61.06 30.94 77.74
N LEU K 186 61.92 30.15 77.09
CA LEU K 186 61.91 28.71 77.25
C LEU K 186 63.28 28.25 77.73
N GLY K 187 63.31 27.61 78.89
CA GLY K 187 64.54 27.06 79.43
C GLY K 187 64.51 25.55 79.37
N VAL K 188 65.62 24.95 78.95
CA VAL K 188 65.73 23.51 78.89
C VAL K 188 66.93 23.01 79.71
N TYR K 189 66.67 22.19 80.71
CA TYR K 189 67.75 21.51 81.42
C TYR K 189 67.89 20.10 80.91
N ILE K 190 69.11 19.73 80.54
CA ILE K 190 69.37 18.43 79.95
C ILE K 190 70.86 18.11 80.06
N ASN K 191 71.17 16.82 80.22
CA ASN K 191 72.56 16.39 80.29
C ASN K 191 73.21 16.52 78.93
N ASN K 192 74.48 16.92 78.92
CA ASN K 192 75.24 17.12 77.68
C ASN K 192 74.62 18.22 76.81
N ALA K 193 74.25 19.32 77.46
CA ALA K 193 73.47 20.39 76.83
C ALA K 193 74.10 20.96 75.57
N ASP K 194 75.43 21.05 75.55
CA ASP K 194 76.14 21.64 74.42
C ASP K 194 75.87 20.89 73.10
N THR K 195 75.58 19.60 73.17
CA THR K 195 75.31 18.84 71.96
C THR K 195 73.92 19.13 71.38
N TYR K 196 73.02 19.66 72.21
CA TYR K 196 71.64 19.86 71.78
C TYR K 196 71.35 21.28 71.28
N LYS K 197 72.25 22.21 71.55
CA LYS K 197 71.98 23.63 71.31
C LYS K 197 71.75 23.97 69.84
N GLU K 198 72.35 23.21 68.93
CA GLU K 198 72.22 23.48 67.51
C GLU K 198 70.88 23.01 66.92
N GLU K 199 70.11 22.26 67.71
CA GLU K 199 68.82 21.77 67.24
C GLU K 199 67.72 22.83 67.40
N VAL K 200 67.92 23.76 68.33
CA VAL K 200 66.90 24.75 68.67
C VAL K 200 66.44 25.55 67.45
N GLU K 201 67.35 26.26 66.81
CA GLU K 201 66.96 27.12 65.69
C GLU K 201 66.59 26.28 64.46
N LYS K 202 67.12 25.07 64.39
CA LYS K 202 66.68 24.14 63.35
C LYS K 202 65.22 23.74 63.59
N ALA K 203 64.91 23.43 64.85
CA ALA K 203 63.54 23.12 65.24
C ALA K 203 62.59 24.26 64.89
N ARG K 204 63.02 25.49 65.15
CA ARG K 204 62.18 26.66 64.88
C ARG K 204 61.84 26.77 63.41
N VAL K 205 62.78 26.40 62.56
CA VAL K 205 62.57 26.40 61.12
C VAL K 205 61.65 25.26 60.69
N TYR K 206 61.86 24.08 61.26
CA TYR K 206 60.99 22.94 60.96
C TYR K 206 59.57 23.22 61.46
N TYR K 207 59.47 23.86 62.62
CA TYR K 207 58.17 24.26 63.15
C TYR K 207 57.38 25.11 62.15
N PHE K 208 57.99 26.17 61.61
CA PHE K 208 57.21 27.04 60.77
C PHE K 208 56.93 26.41 59.42
N GLY K 209 57.86 25.61 58.91
CA GLY K 209 57.61 24.88 57.68
C GLY K 209 56.35 24.06 57.83
N THR K 210 56.24 23.38 58.97
CA THR K 210 55.09 22.54 59.29
C THR K 210 53.85 23.39 59.53
N TYR K 211 53.99 24.49 60.27
CA TYR K 211 52.85 25.35 60.57
C TYR K 211 52.36 26.06 59.31
N TYR K 212 53.29 26.39 58.41
CA TYR K 212 52.92 27.02 57.14
C TYR K 212 52.08 26.09 56.28
N ALA K 213 52.48 24.83 56.19
CA ALA K 213 51.69 23.83 55.48
C ALA K 213 50.33 23.70 56.14
N SER K 214 50.35 23.62 57.47
CA SER K 214 49.15 23.53 58.27
C SER K 214 48.16 24.64 57.94
N GLN K 215 48.68 25.85 57.70
CA GLN K 215 47.84 26.99 57.40
C GLN K 215 47.15 26.88 56.03
N LEU K 216 47.85 26.34 55.05
CA LEU K 216 47.28 26.15 53.72
C LEU K 216 46.22 25.05 53.72
N ILE K 217 46.50 23.98 54.46
CA ILE K 217 45.56 22.86 54.56
C ILE K 217 44.29 23.30 55.27
N ALA K 218 44.46 23.90 56.45
CA ALA K 218 43.32 24.31 57.29
C ALA K 218 42.47 25.37 56.59
N ALA K 219 43.10 26.19 55.78
CA ALA K 219 42.38 27.18 54.98
C ALA K 219 41.36 26.49 54.08
N PRO K 220 40.09 26.90 54.21
CA PRO K 220 38.97 26.28 53.50
C PRO K 220 39.03 26.53 51.99
N SER K 221 38.21 25.80 51.24
CA SER K 221 38.33 25.78 49.79
C SER K 221 37.84 27.05 49.10
N ASN K 222 37.05 27.88 49.78
CA ASN K 222 36.68 29.16 49.19
C ASN K 222 37.86 30.13 49.29
N TYR K 223 38.66 29.98 50.34
CA TYR K 223 39.89 30.77 50.50
C TYR K 223 41.04 30.20 49.68
N CYS K 224 41.29 28.91 49.89
CA CYS K 224 42.40 28.21 49.24
C CYS K 224 41.94 27.53 47.96
N ASN K 225 42.03 28.25 46.86
CA ASN K 225 41.65 27.72 45.56
C ASN K 225 42.90 27.66 44.66
N PRO K 226 42.81 27.03 43.47
CA PRO K 226 43.99 26.94 42.61
C PRO K 226 44.72 28.27 42.37
N VAL K 227 43.97 29.35 42.19
CA VAL K 227 44.56 30.65 41.92
C VAL K 227 45.20 31.25 43.17
N SER K 228 44.50 31.21 44.29
CA SER K 228 45.02 31.80 45.52
C SER K 228 46.14 30.94 46.12
N LEU K 229 46.08 29.64 45.89
CA LEU K 229 47.14 28.76 46.38
C LEU K 229 48.43 29.02 45.62
N SER K 230 48.34 29.19 44.31
CA SER K 230 49.53 29.43 43.50
C SER K 230 50.07 30.85 43.75
N ASN K 231 49.16 31.79 44.00
CA ASN K 231 49.57 33.14 44.39
C ASN K 231 50.38 33.15 45.68
N ALA K 232 49.99 32.29 46.62
CA ALA K 232 50.68 32.19 47.90
C ALA K 232 52.06 31.57 47.71
N ALA K 233 52.18 30.67 46.74
CA ALA K 233 53.46 30.03 46.44
C ALA K 233 54.44 31.06 45.87
N VAL K 234 53.93 31.97 45.05
CA VAL K 234 54.76 33.03 44.49
C VAL K 234 55.25 33.97 45.60
N GLU K 235 54.35 34.30 46.52
CA GLU K 235 54.71 35.18 47.63
C GLU K 235 55.78 34.51 48.49
N LEU K 236 55.65 33.20 48.72
CA LEU K 236 56.64 32.46 49.49
C LEU K 236 57.98 32.42 48.77
N ALA K 237 57.93 32.24 47.45
CA ALA K 237 59.14 32.14 46.64
C ALA K 237 59.89 33.47 46.61
N GLN K 238 59.15 34.57 46.55
CA GLN K 238 59.74 35.90 46.54
C GLN K 238 60.39 36.24 47.88
N LYS K 239 59.80 35.76 48.97
CA LYS K 239 60.39 36.00 50.29
C LYS K 239 61.66 35.19 50.50
N LEU K 240 61.84 34.14 49.72
CA LEU K 240 62.96 33.22 49.91
C LEU K 240 63.96 33.29 48.76
N ASN K 241 63.71 34.17 47.79
CA ASN K 241 64.52 34.30 46.59
C ASN K 241 64.63 32.99 45.82
N LEU K 242 63.54 32.24 45.80
CA LEU K 242 63.43 31.05 44.97
C LEU K 242 62.96 31.44 43.57
N GLU K 243 63.49 30.78 42.55
CA GLU K 243 62.96 30.92 41.21
C GLU K 243 61.53 30.38 41.22
N TYR K 244 60.63 31.04 40.52
CA TYR K 244 59.25 30.56 40.47
C TYR K 244 58.65 30.72 39.09
N LYS K 245 57.65 29.90 38.81
CA LYS K 245 56.97 29.89 37.53
C LYS K 245 55.57 29.30 37.71
N ILE K 246 54.56 29.99 37.20
CA ILE K 246 53.20 29.48 37.27
C ILE K 246 52.65 29.21 35.87
N LEU K 247 52.41 27.94 35.58
CA LEU K 247 51.86 27.55 34.28
C LEU K 247 50.35 27.71 34.29
N GLY K 248 49.83 28.49 33.34
CA GLY K 248 48.41 28.68 33.17
C GLY K 248 47.85 27.73 32.13
N VAL K 249 46.53 27.79 31.92
CA VAL K 249 45.84 26.82 31.04
C VAL K 249 46.40 26.78 29.61
N LYS K 250 46.71 27.93 29.04
CA LYS K 250 47.27 28.01 27.70
C LYS K 250 48.58 27.24 27.58
N GLU K 251 49.48 27.44 28.54
CA GLU K 251 50.74 26.69 28.56
C GLU K 251 50.49 25.20 28.78
N LEU K 252 49.54 24.90 29.67
CA LEU K 252 49.21 23.52 29.99
C LEU K 252 48.66 22.79 28.78
N GLU K 253 47.87 23.50 27.97
CA GLU K 253 47.34 22.94 26.73
C GLU K 253 48.45 22.64 25.74
N GLU K 254 49.42 23.55 25.63
CA GLU K 254 50.55 23.36 24.73
C GLU K 254 51.43 22.18 25.16
N LEU K 255 51.56 21.98 26.47
CA LEU K 255 52.29 20.81 26.98
C LEU K 255 51.42 19.56 26.92
N LYS K 256 50.17 19.73 26.53
CA LYS K 256 49.22 18.63 26.34
C LYS K 256 48.98 17.82 27.62
N MET K 257 48.92 18.51 28.76
CA MET K 257 48.60 17.87 30.02
C MET K 257 47.10 17.58 30.13
N GLY K 258 46.65 16.58 29.38
CA GLY K 258 45.23 16.28 29.27
C GLY K 258 44.60 15.62 30.48
N ALA K 259 45.38 14.86 31.24
CA ALA K 259 44.86 14.23 32.45
C ALA K 259 44.62 15.29 33.51
N TYR K 260 45.61 16.14 33.69
CA TYR K 260 45.54 17.24 34.66
C TYR K 260 44.43 18.23 34.31
N LEU K 261 44.35 18.63 33.05
CA LEU K 261 43.35 19.60 32.62
C LEU K 261 41.93 19.06 32.69
N SER K 262 41.77 17.77 32.45
CA SER K 262 40.44 17.15 32.52
C SER K 262 39.85 17.25 33.92
N VAL K 263 40.66 17.03 34.94
CA VAL K 263 40.20 17.08 36.31
C VAL K 263 39.61 18.45 36.64
N GLY K 264 40.26 19.50 36.13
CA GLY K 264 39.89 20.86 36.44
C GLY K 264 38.80 21.48 35.56
N LYS K 265 38.37 20.75 34.53
CA LYS K 265 37.38 21.26 33.58
C LYS K 265 36.09 21.78 34.26
N GLY K 266 35.71 21.17 35.37
CA GLY K 266 34.48 21.53 36.06
C GLY K 266 34.60 22.64 37.09
N SER K 267 35.80 23.15 37.31
CA SER K 267 36.01 24.21 38.29
C SER K 267 35.85 25.60 37.70
N MET K 268 35.52 26.57 38.54
CA MET K 268 35.44 27.97 38.12
C MET K 268 36.81 28.62 38.20
N TYR K 269 37.74 27.91 38.83
CA TYR K 269 39.11 28.38 38.95
C TYR K 269 39.99 27.69 37.93
N PRO K 270 40.72 28.48 37.13
CA PRO K 270 41.66 27.95 36.14
C PRO K 270 42.74 27.10 36.79
N ASN K 271 43.11 26.01 36.15
CA ASN K 271 44.25 25.21 36.61
C ASN K 271 45.52 26.07 36.69
N LYS K 272 46.32 25.83 37.72
CA LYS K 272 47.59 26.52 37.88
C LYS K 272 48.65 25.51 38.29
N PHE K 273 49.71 25.40 37.48
CA PHE K 273 50.79 24.49 37.79
C PHE K 273 51.93 25.26 38.48
N ILE K 274 52.19 24.91 39.73
CA ILE K 274 53.23 25.58 40.51
C ILE K 274 54.60 24.95 40.29
N HIS K 275 55.61 25.78 40.00
CA HIS K 275 56.98 25.31 39.81
C HIS K 275 57.98 26.24 40.48
N LEU K 276 58.46 25.83 41.65
CA LEU K 276 59.45 26.60 42.39
C LEU K 276 60.78 25.86 42.33
N THR K 277 61.87 26.60 42.20
CA THR K 277 63.19 25.99 42.15
C THR K 277 64.13 26.60 43.18
N TYR K 278 64.79 25.74 43.95
CA TYR K 278 65.93 26.16 44.77
C TYR K 278 67.21 25.64 44.12
N LYS K 279 68.16 26.53 43.86
CA LYS K 279 69.46 26.09 43.37
C LYS K 279 70.56 26.52 44.34
N SER K 280 71.45 25.59 44.66
CA SER K 280 72.60 25.87 45.52
C SER K 280 73.61 26.74 44.79
N LYS K 281 74.47 27.41 45.55
CA LYS K 281 75.42 28.37 45.00
C LYS K 281 76.50 27.72 44.14
N GLY K 282 77.13 26.68 44.68
CA GLY K 282 78.27 26.06 44.01
C GLY K 282 77.91 24.96 43.04
N ASP K 283 78.71 23.89 43.05
CA ASP K 283 78.45 22.73 42.20
C ASP K 283 77.10 22.11 42.55
N VAL K 284 76.34 21.73 41.53
CA VAL K 284 75.12 20.97 41.77
C VAL K 284 75.41 19.48 41.55
N LYS K 285 75.25 18.69 42.62
CA LYS K 285 75.61 17.29 42.57
C LYS K 285 74.39 16.36 42.52
N LYS K 286 73.24 16.86 42.97
CA LYS K 286 72.01 16.07 42.94
C LYS K 286 70.80 16.94 42.61
N LYS K 287 70.00 16.48 41.65
CA LYS K 287 68.78 17.19 41.27
C LYS K 287 67.55 16.42 41.72
N ILE K 288 66.64 17.13 42.39
CA ILE K 288 65.47 16.51 43.01
C ILE K 288 64.18 17.25 42.66
N ALA K 289 63.15 16.51 42.29
CA ALA K 289 61.81 17.06 42.10
C ALA K 289 60.87 16.54 43.17
N LEU K 290 60.30 17.47 43.94
CA LEU K 290 59.28 17.12 44.93
C LEU K 290 57.92 17.49 44.37
N VAL K 291 57.03 16.50 44.27
CA VAL K 291 55.74 16.68 43.64
C VAL K 291 54.59 16.52 44.64
N GLY K 292 53.76 17.54 44.75
CA GLY K 292 52.65 17.49 45.70
C GLY K 292 51.30 17.51 45.03
N LYS K 293 50.42 16.61 45.46
CA LYS K 293 49.05 16.61 44.98
C LYS K 293 48.35 17.86 45.51
N GLY K 294 47.74 18.62 44.61
CA GLY K 294 47.16 19.89 44.97
C GLY K 294 45.73 20.08 44.51
N ILE K 295 44.86 19.17 44.91
CA ILE K 295 43.42 19.36 44.73
C ILE K 295 42.91 20.23 45.87
N THR K 296 42.48 21.45 45.56
CA THR K 296 42.09 22.38 46.61
C THR K 296 40.76 21.98 47.24
N PHE K 297 39.92 21.31 46.47
CA PHE K 297 38.73 20.66 47.02
C PHE K 297 38.33 19.48 46.15
N ASP K 298 38.05 18.36 46.79
CA ASP K 298 37.69 17.14 46.08
C ASP K 298 36.25 16.73 46.42
N SER K 299 35.32 17.14 45.56
CA SER K 299 33.92 16.76 45.72
C SER K 299 33.72 15.34 45.27
N GLY K 300 34.66 14.85 44.47
CA GLY K 300 34.58 13.53 43.86
C GLY K 300 34.24 13.66 42.40
N GLY K 301 33.67 14.80 42.02
CA GLY K 301 33.20 14.97 40.66
C GLY K 301 31.89 14.23 40.52
N TYR K 302 31.58 13.75 39.32
CA TYR K 302 30.32 13.06 39.08
C TYR K 302 30.24 11.76 39.88
N ASN K 303 31.39 11.19 40.22
CA ASN K 303 31.47 10.15 41.24
C ASN K 303 31.49 10.80 42.63
N LEU K 304 30.47 11.60 42.90
CA LEU K 304 30.36 12.41 44.12
C LEU K 304 30.62 11.66 45.43
N LYS K 305 31.34 12.30 46.35
CA LYS K 305 31.53 11.74 47.69
C LYS K 305 30.23 11.81 48.47
N ALA K 306 29.35 10.85 48.21
CA ALA K 306 28.01 10.85 48.78
C ALA K 306 27.81 9.63 49.69
N ALA K 307 28.74 8.69 49.61
CA ALA K 307 28.71 7.50 50.46
C ALA K 307 28.92 7.87 51.92
N PRO K 308 28.26 7.15 52.84
CA PRO K 308 28.43 7.43 54.27
C PRO K 308 29.88 7.19 54.68
N GLY K 309 30.49 8.15 55.36
CA GLY K 309 31.87 8.01 55.79
C GLY K 309 32.89 8.46 54.76
N SER K 310 32.44 9.18 53.73
CA SER K 310 33.34 9.67 52.69
C SER K 310 33.91 11.04 53.06
N MET K 311 33.38 11.62 54.15
CA MET K 311 33.91 12.86 54.72
C MET K 311 34.18 13.96 53.70
N ILE K 312 33.14 14.36 52.97
CA ILE K 312 33.32 15.37 51.94
C ILE K 312 33.65 16.74 52.55
N ASP K 313 33.29 16.95 53.81
CA ASP K 313 33.50 18.25 54.46
C ASP K 313 34.94 18.43 54.93
N LEU K 314 35.76 17.42 54.66
CA LEU K 314 37.16 17.43 55.05
C LEU K 314 38.07 17.61 53.83
N MET K 315 37.47 17.64 52.65
CA MET K 315 38.23 17.53 51.43
C MET K 315 38.97 18.79 51.02
N LYS K 316 39.00 19.79 51.90
CA LYS K 316 39.91 20.92 51.73
C LYS K 316 41.35 20.44 51.95
N PHE K 317 41.49 19.26 52.53
CA PHE K 317 42.79 18.73 52.94
C PHE K 317 43.49 18.04 51.76
N ASP K 318 42.79 17.96 50.64
CA ASP K 318 43.25 17.16 49.51
C ASP K 318 44.42 17.82 48.77
N MET K 319 44.88 18.97 49.28
CA MET K 319 46.08 19.60 48.76
C MET K 319 47.21 19.54 49.79
N SER K 320 47.08 18.60 50.73
CA SER K 320 48.06 18.43 51.79
C SER K 320 49.43 18.03 51.26
N GLY K 321 49.46 17.44 50.08
CA GLY K 321 50.72 17.07 49.44
C GLY K 321 51.43 18.32 48.98
N CYS K 322 50.69 19.17 48.28
CA CYS K 322 51.20 20.45 47.83
C CYS K 322 51.72 21.27 49.03
N ALA K 323 50.94 21.30 50.10
CA ALA K 323 51.31 22.07 51.29
C ALA K 323 52.62 21.58 51.91
N ALA K 324 52.77 20.25 51.95
CA ALA K 324 53.98 19.64 52.48
C ALA K 324 55.19 20.07 51.66
N VAL K 325 54.98 20.13 50.35
CA VAL K 325 56.02 20.52 49.42
C VAL K 325 56.40 21.99 49.58
N LEU K 326 55.39 22.85 49.78
CA LEU K 326 55.65 24.28 49.95
C LEU K 326 56.30 24.58 51.29
N GLY K 327 55.92 23.84 52.33
CA GLY K 327 56.57 23.96 53.62
C GLY K 327 58.01 23.51 53.53
N CYS K 328 58.24 22.49 52.71
CA CYS K 328 59.60 22.03 52.44
C CYS K 328 60.39 23.13 51.73
N ALA K 329 59.75 23.81 50.78
CA ALA K 329 60.37 24.94 50.10
C ALA K 329 60.77 26.02 51.10
N TYR K 330 59.95 26.21 52.13
CA TYR K 330 60.29 27.18 53.16
C TYR K 330 61.57 26.76 53.90
N CYS K 331 61.58 25.53 54.39
CA CYS K 331 62.72 25.05 55.18
C CYS K 331 63.99 25.06 54.34
N VAL K 332 63.91 24.51 53.13
CA VAL K 332 65.06 24.44 52.24
C VAL K 332 65.57 25.82 51.87
N GLY K 333 64.64 26.71 51.51
CA GLY K 333 65.00 28.07 51.16
C GLY K 333 65.61 28.81 52.34
N THR K 334 65.29 28.36 53.55
CA THR K 334 65.77 29.01 54.76
C THR K 334 67.14 28.48 55.20
N LEU K 335 67.29 27.16 55.19
CA LEU K 335 68.52 26.56 55.70
C LEU K 335 69.61 26.50 54.63
N LYS K 336 69.21 26.63 53.37
CA LYS K 336 70.13 26.73 52.24
C LYS K 336 71.12 25.56 52.13
N PRO K 337 70.63 24.36 51.80
CA PRO K 337 71.56 23.25 51.62
C PRO K 337 72.44 23.44 50.39
N GLU K 338 73.66 22.94 50.44
CA GLU K 338 74.58 23.10 49.33
C GLU K 338 74.52 21.90 48.39
N ASN K 339 75.07 22.09 47.19
CA ASN K 339 75.26 21.00 46.23
C ASN K 339 73.98 20.35 45.68
N VAL K 340 72.84 21.02 45.84
CA VAL K 340 71.59 20.46 45.31
C VAL K 340 70.74 21.47 44.53
N GLU K 341 69.97 20.94 43.60
CA GLU K 341 68.92 21.69 42.93
C GLU K 341 67.59 21.01 43.22
N ILE K 342 66.66 21.74 43.84
CA ILE K 342 65.37 21.17 44.18
C ILE K 342 64.24 21.88 43.43
N HIS K 343 63.43 21.10 42.73
CA HIS K 343 62.25 21.63 42.06
C HIS K 343 61.00 21.29 42.85
N PHE K 344 60.27 22.32 43.27
CA PHE K 344 59.03 22.11 44.01
C PHE K 344 57.84 22.24 43.07
N LEU K 345 57.09 21.15 42.93
CA LEU K 345 56.05 21.06 41.90
C LEU K 345 54.68 20.70 42.45
N SER K 346 53.65 21.30 41.88
CA SER K 346 52.28 20.89 42.19
C SER K 346 51.29 21.27 41.10
N ALA K 347 50.57 20.28 40.60
CA ALA K 347 49.51 20.53 39.64
C ALA K 347 48.21 20.83 40.39
N VAL K 348 47.95 22.12 40.59
CA VAL K 348 46.82 22.53 41.41
C VAL K 348 45.55 22.71 40.59
N CYS K 349 44.44 22.20 41.12
CA CYS K 349 43.13 22.36 40.51
C CYS K 349 42.04 22.00 41.52
N GLU K 350 40.79 22.09 41.06
CA GLU K 350 39.63 21.78 41.90
C GLU K 350 38.77 20.77 41.18
N ASN K 351 38.33 19.73 41.91
CA ASN K 351 37.50 18.66 41.36
C ASN K 351 36.02 18.90 41.65
N MET K 352 35.27 19.37 40.65
CA MET K 352 33.90 19.84 40.91
C MET K 352 32.86 19.22 39.98
N VAL K 353 31.59 19.45 40.31
CA VAL K 353 30.47 18.96 39.53
C VAL K 353 29.81 20.10 38.77
N SER K 354 29.72 19.93 37.45
CA SER K 354 29.37 21.02 36.55
C SER K 354 28.95 20.43 35.21
N LYS K 355 28.38 21.26 34.35
CA LYS K 355 28.13 20.84 32.98
C LYS K 355 29.45 20.62 32.25
N ASN K 356 30.52 21.22 32.78
CA ASN K 356 31.82 21.19 32.12
C ASN K 356 32.77 20.12 32.66
N SER K 357 32.32 19.34 33.65
CA SER K 357 33.19 18.36 34.28
C SER K 357 33.55 17.21 33.35
N TYR K 358 34.68 16.56 33.62
CA TYR K 358 34.99 15.28 33.00
C TYR K 358 34.00 14.26 33.53
N ARG K 359 33.69 13.25 32.72
CA ARG K 359 32.71 12.23 33.08
C ARG K 359 33.39 10.90 33.35
N PRO K 360 32.73 10.04 34.14
CA PRO K 360 33.19 8.66 34.21
C PRO K 360 33.04 8.04 32.83
N GLY K 361 34.03 7.26 32.40
CA GLY K 361 34.02 6.69 31.07
C GLY K 361 34.85 7.47 30.07
N ASP K 362 35.06 8.76 30.33
CA ASP K 362 35.88 9.60 29.45
C ASP K 362 37.24 8.97 29.18
N ILE K 363 37.74 9.12 27.96
CA ILE K 363 39.10 8.71 27.65
C ILE K 363 39.91 9.95 27.35
N ILE K 364 40.98 10.12 28.10
CA ILE K 364 41.79 11.34 28.02
C ILE K 364 43.26 10.99 27.75
N THR K 365 44.00 11.96 27.21
CA THR K 365 45.38 11.73 26.83
C THR K 365 46.34 12.50 27.72
N ALA K 366 47.23 11.79 28.40
CA ALA K 366 48.26 12.43 29.22
C ALA K 366 49.33 13.06 28.33
N SER K 367 50.20 13.85 28.95
CA SER K 367 51.20 14.61 28.22
C SER K 367 52.31 13.75 27.60
N ASN K 368 52.33 12.46 27.93
CA ASN K 368 53.29 11.55 27.31
C ASN K 368 52.64 10.67 26.24
N GLY K 369 51.43 11.02 25.85
CA GLY K 369 50.74 10.31 24.78
C GLY K 369 49.81 9.18 25.22
N LYS K 370 49.95 8.70 26.45
CA LYS K 370 49.14 7.58 26.95
C LYS K 370 47.67 7.96 27.13
N THR K 371 46.78 7.22 26.49
CA THR K 371 45.35 7.43 26.69
C THR K 371 44.89 6.70 27.94
N ILE K 372 44.04 7.36 28.70
CA ILE K 372 43.57 6.86 29.99
C ILE K 372 42.05 6.78 30.00
N GLU K 373 41.50 5.62 30.33
CA GLU K 373 40.06 5.51 30.50
C GLU K 373 39.68 5.85 31.94
N VAL K 374 38.89 6.90 32.11
CA VAL K 374 38.45 7.28 33.45
C VAL K 374 37.37 6.33 33.96
N GLY K 375 37.66 5.63 35.05
CA GLY K 375 36.70 4.73 35.65
C GLY K 375 35.99 5.32 36.86
N ASN K 376 36.53 6.43 37.38
CA ASN K 376 36.02 7.04 38.60
C ASN K 376 36.59 8.45 38.74
N THR K 377 35.73 9.46 38.67
CA THR K 377 36.22 10.84 38.70
C THR K 377 36.68 11.26 40.09
N ASP K 378 36.45 10.41 41.08
CA ASP K 378 36.93 10.70 42.43
C ASP K 378 38.37 10.24 42.60
N ALA K 379 38.86 9.51 41.61
CA ALA K 379 40.26 9.09 41.61
C ALA K 379 41.08 10.08 40.78
N GLU K 380 40.93 11.36 41.10
CA GLU K 380 41.48 12.43 40.27
C GLU K 380 42.94 12.72 40.58
N GLY K 381 43.40 12.33 41.76
CA GLY K 381 44.75 12.63 42.19
C GLY K 381 45.80 12.06 41.28
N ARG K 382 45.64 10.79 40.91
CA ARG K 382 46.62 10.13 40.07
C ARG K 382 46.62 10.71 38.64
N LEU K 383 45.50 11.30 38.23
CA LEU K 383 45.43 11.93 36.92
C LEU K 383 46.33 13.16 36.89
N THR K 384 46.22 13.98 37.93
CA THR K 384 47.01 15.18 38.03
C THR K 384 48.47 14.84 38.30
N LEU K 385 48.71 13.82 39.13
CA LEU K 385 50.08 13.38 39.40
C LEU K 385 50.73 12.79 38.16
N ALA K 386 49.93 12.17 37.28
CA ALA K 386 50.47 11.60 36.04
C ALA K 386 51.18 12.65 35.19
N ASP K 387 50.51 13.77 34.96
CA ASP K 387 51.09 14.85 34.16
C ASP K 387 52.22 15.56 34.91
N ALA K 388 52.12 15.62 36.23
CA ALA K 388 53.17 16.24 37.03
C ALA K 388 54.45 15.39 37.01
N LEU K 389 54.29 14.07 36.95
CA LEU K 389 55.43 13.16 36.94
C LEU K 389 56.14 13.19 35.59
N VAL K 390 55.35 13.21 34.52
CA VAL K 390 55.90 13.39 33.18
C VAL K 390 56.68 14.70 33.12
N TYR K 391 56.08 15.76 33.66
CA TYR K 391 56.71 17.07 33.73
C TYR K 391 57.98 17.03 34.57
N ALA K 392 57.94 16.25 35.64
CA ALA K 392 59.09 16.14 36.54
C ALA K 392 60.24 15.40 35.86
N GLU K 393 59.92 14.33 35.14
CA GLU K 393 60.96 13.53 34.49
C GLU K 393 61.66 14.30 33.38
N LYS K 394 60.92 15.17 32.69
CA LYS K 394 61.52 15.99 31.62
C LYS K 394 62.55 16.98 32.15
N LEU K 395 62.50 17.27 33.45
CA LEU K 395 63.47 18.19 34.07
C LEU K 395 64.85 17.57 34.19
N GLY K 396 64.92 16.25 34.04
CA GLY K 396 66.19 15.54 34.18
C GLY K 396 66.73 15.60 35.60
N VAL K 397 66.11 14.87 36.52
CA VAL K 397 66.53 14.86 37.91
C VAL K 397 67.00 13.46 38.33
N ASP K 398 67.64 13.39 39.50
CA ASP K 398 68.11 12.12 40.04
C ASP K 398 66.97 11.37 40.74
N TYR K 399 66.19 12.09 41.54
CA TYR K 399 65.08 11.52 42.28
C TYR K 399 63.78 12.27 42.02
N ILE K 400 62.69 11.52 41.94
CA ILE K 400 61.36 12.12 41.96
C ILE K 400 60.60 11.58 43.16
N VAL K 401 60.23 12.47 44.08
CA VAL K 401 59.43 12.07 45.23
C VAL K 401 58.08 12.79 45.18
N ASP K 402 57.00 12.02 45.21
CA ASP K 402 55.69 12.65 45.32
C ASP K 402 55.03 12.31 46.66
N ILE K 403 54.20 13.24 47.12
CA ILE K 403 53.51 13.09 48.38
C ILE K 403 52.05 13.52 48.15
N ALA K 404 51.11 12.70 48.60
CA ALA K 404 49.71 12.86 48.18
C ALA K 404 48.70 12.21 49.10
N THR K 405 47.55 12.87 49.25
CA THR K 405 46.39 12.28 49.91
C THR K 405 45.61 11.46 48.88
N LEU K 406 46.18 10.33 48.47
CA LEU K 406 45.72 9.65 47.27
C LEU K 406 44.62 8.60 47.50
N THR K 407 44.80 7.70 48.45
CA THR K 407 43.82 6.63 48.62
C THR K 407 43.30 6.46 50.05
N GLY K 408 41.98 6.42 50.19
CA GLY K 408 41.34 6.14 51.45
C GLY K 408 41.68 4.77 52.04
N ALA K 409 42.10 3.83 51.20
CA ALA K 409 42.48 2.50 51.67
C ALA K 409 43.62 2.54 52.69
N MET K 410 44.40 3.62 52.69
CA MET K 410 45.50 3.78 53.65
C MET K 410 45.01 3.71 55.09
N LEU K 411 43.79 4.19 55.34
CA LEU K 411 43.20 4.13 56.67
C LEU K 411 43.04 2.70 57.14
N TYR K 412 42.89 1.78 56.19
CA TYR K 412 42.64 0.38 56.49
C TYR K 412 43.92 -0.46 56.48
N SER K 413 45.03 0.13 56.01
CA SER K 413 46.28 -0.60 55.95
C SER K 413 47.25 -0.14 57.04
N LEU K 414 47.62 1.12 57.02
CA LEU K 414 48.57 1.65 58.00
C LEU K 414 47.88 2.50 59.06
N GLY K 415 46.73 3.05 58.72
CA GLY K 415 45.96 3.83 59.67
C GLY K 415 46.27 5.31 59.66
N THR K 416 46.17 5.94 60.84
CA THR K 416 46.32 7.38 60.94
C THR K 416 47.69 7.81 61.48
N SER K 417 48.60 6.87 61.66
CA SER K 417 49.91 7.21 62.23
C SER K 417 51.07 7.10 61.23
N TYR K 418 51.10 6.01 60.48
CA TYR K 418 52.18 5.77 59.52
C TYR K 418 51.72 6.05 58.10
N ALA K 419 52.50 6.83 57.37
CA ALA K 419 52.26 7.02 55.94
C ALA K 419 52.86 5.83 55.22
N GLY K 420 52.39 5.59 54.00
CA GLY K 420 52.93 4.52 53.18
C GLY K 420 53.83 5.07 52.09
N VAL K 421 54.92 4.36 51.80
CA VAL K 421 55.79 4.76 50.70
C VAL K 421 55.91 3.63 49.68
N PHE K 422 55.76 4.00 48.41
CA PHE K 422 55.88 3.10 47.27
C PHE K 422 56.97 3.64 46.37
N GLY K 423 57.60 2.78 45.57
CA GLY K 423 58.66 3.25 44.69
C GLY K 423 59.18 2.22 43.72
N ASN K 424 59.99 2.68 42.76
CA ASN K 424 60.56 1.79 41.76
C ASN K 424 62.06 1.58 41.96
N ASN K 425 62.58 2.13 43.06
CA ASN K 425 64.01 2.12 43.32
C ASN K 425 64.30 1.92 44.80
N GLU K 426 65.04 0.87 45.12
CA GLU K 426 65.24 0.46 46.51
C GLU K 426 66.08 1.47 47.31
N GLU K 427 67.06 2.08 46.64
CA GLU K 427 67.93 3.05 47.30
C GLU K 427 67.15 4.28 47.74
N LEU K 428 66.31 4.81 46.85
CA LEU K 428 65.49 5.98 47.15
C LEU K 428 64.53 5.72 48.31
N ILE K 429 63.91 4.55 48.30
CA ILE K 429 62.97 4.18 49.35
C ILE K 429 63.66 4.15 50.72
N ASN K 430 64.88 3.62 50.77
CA ASN K 430 65.60 3.56 52.04
C ASN K 430 66.05 4.93 52.52
N LYS K 431 66.30 5.85 51.59
CA LYS K 431 66.62 7.22 51.96
C LYS K 431 65.43 7.85 52.65
N ILE K 432 64.25 7.59 52.10
CA ILE K 432 63.00 8.08 52.67
C ILE K 432 62.72 7.45 54.03
N LEU K 433 63.02 6.15 54.16
CA LEU K 433 62.86 5.47 55.44
C LEU K 433 63.84 6.05 56.46
N GLN K 434 65.05 6.36 56.02
CA GLN K 434 66.04 7.00 56.89
C GLN K 434 65.58 8.41 57.28
N SER K 435 65.01 9.14 56.32
CA SER K 435 64.44 10.45 56.60
C SER K 435 63.29 10.35 57.59
N SER K 436 62.57 9.23 57.55
CA SER K 436 61.47 9.02 58.47
C SER K 436 61.97 8.90 59.90
N LYS K 437 63.10 8.21 60.06
CA LYS K 437 63.67 8.03 61.39
C LYS K 437 64.25 9.32 61.96
N THR K 438 64.88 10.13 61.12
CA THR K 438 65.51 11.36 61.62
C THR K 438 64.50 12.50 61.81
N SER K 439 63.46 12.53 60.97
CA SER K 439 62.42 13.55 61.09
C SER K 439 61.35 13.16 62.10
N ASN K 440 61.34 11.87 62.46
CA ASN K 440 60.31 11.31 63.34
C ASN K 440 58.90 11.43 62.79
N GLU K 441 58.79 11.57 61.47
CA GLU K 441 57.51 11.46 60.79
C GLU K 441 57.42 10.04 60.22
N PRO K 442 56.64 9.17 60.89
CA PRO K 442 56.65 7.72 60.60
C PRO K 442 56.09 7.34 59.23
N VAL K 443 56.85 6.50 58.55
CA VAL K 443 56.54 6.03 57.19
C VAL K 443 56.81 4.53 57.15
N TRP K 444 56.05 3.79 56.36
CA TRP K 444 56.30 2.36 56.20
C TRP K 444 56.31 1.95 54.73
N TRP K 445 57.28 1.14 54.35
CA TRP K 445 57.41 0.72 52.97
C TRP K 445 56.33 -0.31 52.61
N LEU K 446 55.61 -0.04 51.52
CA LEU K 446 54.59 -0.95 51.02
C LEU K 446 54.94 -1.34 49.59
N PRO K 447 54.54 -2.55 49.16
CA PRO K 447 54.99 -3.07 47.87
C PRO K 447 54.17 -2.59 46.67
N ILE K 448 54.82 -2.50 45.51
CA ILE K 448 54.11 -2.35 44.26
C ILE K 448 54.01 -3.72 43.62
N ILE K 449 52.89 -4.39 43.83
CA ILE K 449 52.72 -5.77 43.38
C ILE K 449 52.41 -5.84 41.89
N ASN K 450 53.40 -6.30 41.11
CA ASN K 450 53.30 -6.30 39.65
C ASN K 450 52.18 -7.16 39.10
N GLU K 451 51.78 -8.17 39.86
CA GLU K 451 50.73 -9.08 39.42
C GLU K 451 49.39 -8.37 39.27
N TYR K 452 49.21 -7.24 39.94
CA TYR K 452 47.94 -6.51 39.84
C TYR K 452 47.88 -5.63 38.60
N ARG K 453 49.03 -5.44 37.95
CA ARG K 453 49.13 -4.51 36.81
C ARG K 453 48.13 -4.82 35.69
N ALA K 454 47.80 -6.11 35.54
CA ALA K 454 46.91 -6.55 34.47
C ALA K 454 45.49 -6.01 34.64
N THR K 455 45.16 -5.60 35.87
CA THR K 455 43.83 -5.08 36.14
C THR K 455 43.66 -3.66 35.62
N LEU K 456 44.74 -3.07 35.14
CA LEU K 456 44.69 -1.72 34.58
C LEU K 456 44.73 -1.74 33.04
N ASN K 457 44.62 -2.92 32.46
CA ASN K 457 44.55 -3.06 31.00
C ASN K 457 43.19 -2.69 30.46
N SER K 458 43.09 -1.51 29.85
CA SER K 458 41.84 -1.03 29.30
C SER K 458 41.49 -1.75 28.00
N LYS K 459 40.20 -1.90 27.76
CA LYS K 459 39.72 -2.52 26.53
C LYS K 459 39.93 -1.58 25.35
N TYR K 460 39.79 -0.28 25.59
CA TYR K 460 39.82 0.70 24.51
C TYR K 460 41.00 1.67 24.57
N ALA K 461 41.33 2.15 25.77
CA ALA K 461 42.45 3.06 25.92
C ALA K 461 43.73 2.31 26.23
N ASP K 462 44.83 3.05 26.35
CA ASP K 462 46.11 2.44 26.69
C ASP K 462 46.09 1.84 28.09
N ILE K 463 45.39 2.52 29.01
CA ILE K 463 45.43 2.10 30.40
C ILE K 463 44.18 2.58 31.14
N ASN K 464 43.73 1.79 32.11
CA ASN K 464 42.65 2.20 32.99
C ASN K 464 43.17 3.07 34.13
N GLN K 465 42.35 4.01 34.54
CA GLN K 465 42.66 4.84 35.70
C GLN K 465 42.59 4.01 36.97
N ILE K 466 41.57 3.17 37.07
CA ILE K 466 41.36 2.34 38.24
C ILE K 466 41.04 0.90 37.86
N SER K 467 41.05 0.03 38.86
CA SER K 467 40.61 -1.36 38.68
C SER K 467 39.10 -1.46 38.89
N SER K 468 38.48 -2.46 38.25
CA SER K 468 37.03 -2.62 38.30
C SER K 468 36.54 -3.10 39.68
N VAL K 470 40.33 -5.50 42.03
CA VAL K 470 41.39 -5.32 43.01
C VAL K 470 41.01 -4.26 44.04
N LYS K 471 40.92 -4.68 45.31
CA LYS K 471 40.53 -3.77 46.37
C LYS K 471 41.74 -3.06 46.97
N ALA K 472 42.94 -3.56 46.67
CA ALA K 472 44.16 -2.95 47.19
C ALA K 472 44.48 -1.69 46.39
N SER K 473 43.72 -0.63 46.67
CA SER K 473 43.71 0.60 45.88
C SER K 473 44.99 1.39 45.95
N SER K 474 45.67 1.32 47.10
CA SER K 474 46.87 2.11 47.28
C SER K 474 47.99 1.56 46.42
N ILE K 475 48.00 0.23 46.28
CA ILE K 475 48.98 -0.44 45.42
C ILE K 475 48.65 -0.24 43.95
N VAL K 476 47.38 -0.37 43.61
CA VAL K 476 46.93 -0.18 42.23
C VAL K 476 47.22 1.25 41.74
N ALA K 477 46.93 2.24 42.59
CA ALA K 477 47.22 3.63 42.26
C ALA K 477 48.73 3.81 42.04
N SER K 478 49.52 3.16 42.87
CA SER K 478 50.98 3.19 42.74
C SER K 478 51.43 2.61 41.41
N LEU K 479 50.80 1.51 41.00
CA LEU K 479 51.05 0.91 39.69
C LEU K 479 50.73 1.89 38.56
N PHE K 480 49.65 2.65 38.72
CA PHE K 480 49.26 3.63 37.72
C PHE K 480 50.30 4.73 37.57
N LEU K 481 50.70 5.31 38.70
CA LEU K 481 51.69 6.38 38.71
C LEU K 481 53.03 5.92 38.11
N LYS K 482 53.35 4.65 38.32
CA LYS K 482 54.61 4.07 37.85
C LYS K 482 54.70 4.09 36.33
N GLU K 483 53.55 4.08 35.66
CA GLU K 483 53.50 4.12 34.20
C GLU K 483 53.93 5.47 33.61
N PHE K 484 54.13 6.46 34.47
CA PHE K 484 54.46 7.80 33.99
C PHE K 484 55.86 8.23 34.43
N VAL K 485 56.62 7.29 34.97
CA VAL K 485 58.04 7.50 35.25
C VAL K 485 58.85 6.42 34.53
N GLN K 486 59.57 6.82 33.50
CA GLN K 486 60.15 5.86 32.55
C GLN K 486 61.52 5.32 32.97
N ASN K 487 62.43 6.19 33.36
CA ASN K 487 63.75 5.76 33.83
C ASN K 487 64.36 6.75 34.82
N THR K 488 63.63 7.02 35.89
CA THR K 488 64.08 7.88 36.96
C THR K 488 63.72 7.21 38.28
N ALA K 489 64.63 7.25 39.24
CA ALA K 489 64.30 6.77 40.59
C ALA K 489 63.12 7.56 41.11
N TRP K 490 62.06 6.87 41.51
CA TRP K 490 60.82 7.53 41.90
C TRP K 490 60.17 6.88 43.11
N ALA K 491 59.69 7.72 44.03
CA ALA K 491 58.99 7.24 45.20
C ALA K 491 57.70 8.03 45.42
N HIS K 492 56.75 7.40 46.09
CA HIS K 492 55.41 7.93 46.26
C HIS K 492 54.97 7.75 47.72
N ILE K 493 54.68 8.86 48.39
CA ILE K 493 54.24 8.78 49.78
C ILE K 493 52.75 9.10 49.90
N ASP K 494 51.98 8.10 50.29
CA ASP K 494 50.53 8.27 50.44
C ASP K 494 50.18 8.70 51.86
N ILE K 495 49.69 9.93 52.00
CA ILE K 495 49.47 10.51 53.32
C ILE K 495 47.98 10.70 53.61
N ALA K 496 47.14 10.04 52.82
CA ALA K 496 45.68 10.17 52.95
C ALA K 496 45.16 9.86 54.34
N GLY K 497 45.85 8.97 55.05
CA GLY K 497 45.41 8.58 56.38
C GLY K 497 46.02 9.38 57.52
N VAL K 498 47.22 9.92 57.28
CA VAL K 498 47.99 10.56 58.34
C VAL K 498 47.96 12.07 58.29
N SER K 499 47.43 12.64 57.22
CA SER K 499 47.53 14.08 57.02
C SER K 499 46.68 14.88 58.00
N TRP K 500 45.46 14.42 58.28
CA TRP K 500 44.55 15.15 59.14
C TRP K 500 44.48 14.55 60.54
N ASN K 501 44.66 15.40 61.55
CA ASN K 501 44.52 14.97 62.94
C ASN K 501 43.06 15.03 63.35
N PHE K 502 42.38 13.88 63.26
CA PHE K 502 40.94 13.82 63.50
C PHE K 502 40.57 14.17 64.93
N LYS K 503 41.34 13.67 65.89
CA LYS K 503 41.01 13.88 67.29
C LYS K 503 41.17 15.35 67.67
N ALA K 504 42.19 16.00 67.12
CA ALA K 504 42.49 17.38 67.46
C ALA K 504 41.88 18.38 66.47
N ARG K 505 41.23 17.86 65.43
CA ARG K 505 40.50 18.65 64.44
C ARG K 505 41.36 19.70 63.75
N LYS K 506 42.49 19.27 63.21
CA LYS K 506 43.44 20.16 62.55
C LYS K 506 44.44 19.36 61.71
N PRO K 507 45.17 20.02 60.81
CA PRO K 507 46.19 19.30 60.03
C PRO K 507 47.42 18.98 60.87
N LYS K 508 48.21 18.02 60.43
CA LYS K 508 49.49 17.73 61.07
C LYS K 508 50.64 18.47 60.40
N GLY K 509 50.42 18.89 59.16
CA GLY K 509 51.49 19.41 58.35
C GLY K 509 52.47 18.31 58.03
N PHE K 510 51.94 17.09 57.92
CA PHE K 510 52.76 15.89 57.70
C PHE K 510 53.57 15.96 56.42
N GLY K 511 54.84 15.58 56.51
CA GLY K 511 55.67 15.46 55.32
C GLY K 511 56.68 16.58 55.16
N VAL K 512 56.41 17.74 55.76
CA VAL K 512 57.35 18.85 55.68
C VAL K 512 58.74 18.44 56.17
N ARG K 513 58.83 18.04 57.43
CA ARG K 513 60.10 17.70 58.03
C ARG K 513 60.71 16.44 57.41
N LEU K 514 59.85 15.55 56.93
CA LEU K 514 60.30 14.36 56.24
C LEU K 514 61.01 14.72 54.94
N LEU K 515 60.39 15.57 54.13
CA LEU K 515 60.95 15.96 52.85
C LEU K 515 62.19 16.83 53.02
N THR K 516 62.26 17.57 54.13
CA THR K 516 63.41 18.43 54.37
C THR K 516 64.62 17.63 54.82
N GLU K 517 64.39 16.65 55.69
CA GLU K 517 65.48 15.78 56.13
C GLU K 517 66.04 15.01 54.94
N PHE K 518 65.16 14.64 54.01
CA PHE K 518 65.54 13.94 52.80
C PHE K 518 66.43 14.80 51.91
N VAL K 519 66.11 16.08 51.82
CA VAL K 519 66.86 17.02 50.99
C VAL K 519 68.19 17.40 51.65
N LEU K 520 68.15 17.63 52.96
CA LEU K 520 69.34 18.04 53.70
C LEU K 520 70.38 16.92 53.82
N ASN K 521 69.94 15.74 54.24
CA ASN K 521 70.86 14.64 54.51
C ASN K 521 70.92 13.64 53.36
N SER L 5 26.68 22.11 14.35
CA SER L 5 27.70 21.18 13.89
C SER L 5 29.03 21.40 14.59
N GLU L 6 29.30 22.61 15.06
CA GLU L 6 30.52 22.89 15.81
C GLU L 6 30.43 22.42 17.26
N VAL L 7 31.31 21.49 17.63
CA VAL L 7 31.35 20.93 18.97
C VAL L 7 32.01 21.89 19.96
N PRO L 8 31.32 22.22 21.05
CA PRO L 8 31.90 23.13 22.05
C PRO L 8 33.01 22.47 22.88
N GLN L 9 34.00 23.25 23.27
CA GLN L 9 35.13 22.73 24.05
C GLN L 9 35.33 23.50 25.35
N VAL L 10 35.72 22.79 26.40
CA VAL L 10 36.12 23.44 27.64
C VAL L 10 37.60 23.77 27.57
N VAL L 11 38.43 22.76 27.29
CA VAL L 11 39.85 22.98 27.01
C VAL L 11 40.14 22.62 25.55
N SER L 12 41.29 23.07 25.05
CA SER L 12 41.65 22.86 23.64
C SER L 12 41.88 21.39 23.31
N LEU L 13 42.07 20.58 24.34
CA LEU L 13 42.35 19.16 24.16
C LEU L 13 41.08 18.31 24.06
N ASP L 14 39.92 18.93 24.23
CA ASP L 14 38.65 18.22 24.10
C ASP L 14 38.40 17.83 22.64
N PRO L 15 38.07 16.55 22.40
CA PRO L 15 37.84 16.07 21.03
C PRO L 15 36.61 16.73 20.39
N THR L 16 36.69 17.00 19.08
CA THR L 16 35.59 17.67 18.40
C THR L 16 34.85 16.77 17.41
N SER L 17 35.19 15.48 17.39
CA SER L 17 34.44 14.54 16.57
C SER L 17 34.64 13.11 17.05
N ILE L 18 33.74 12.22 16.62
CA ILE L 18 33.88 10.81 16.90
C ILE L 18 34.72 10.15 15.83
N PRO L 19 35.84 9.52 16.24
CA PRO L 19 36.59 8.76 15.24
C PRO L 19 35.79 7.53 14.79
N ILE L 20 35.63 7.37 13.48
CA ILE L 20 34.88 6.24 12.95
C ILE L 20 35.71 5.46 11.92
N GLU L 21 35.71 4.14 12.07
CA GLU L 21 36.38 3.25 11.12
C GLU L 21 35.32 2.62 10.21
N TYR L 22 35.32 3.01 8.95
CA TYR L 22 34.34 2.46 7.99
C TYR L 22 34.89 1.28 7.26
N ASN L 23 36.17 1.41 7.00
CA ASN L 23 36.95 0.60 6.09
C ASN L 23 37.88 -0.30 6.81
N THR L 24 37.26 -1.40 7.24
CA THR L 24 37.85 -2.35 8.20
C THR L 24 38.49 -3.57 7.52
N PRO L 25 39.44 -4.24 8.23
CA PRO L 25 40.09 -5.44 7.68
C PRO L 25 39.10 -6.54 7.29
N ILE L 26 37.90 -6.52 7.86
CA ILE L 26 36.87 -7.51 7.54
C ILE L 26 36.39 -7.34 6.11
N HIS L 27 36.34 -6.10 5.66
CA HIS L 27 35.89 -5.80 4.31
C HIS L 27 36.91 -6.27 3.26
N ASP L 28 38.11 -6.65 3.70
CA ASP L 28 39.14 -7.14 2.80
C ASP L 28 39.22 -8.66 2.75
N ILE L 29 38.28 -9.33 3.41
CA ILE L 29 38.31 -10.79 3.46
C ILE L 29 37.49 -11.41 2.33
N LYS L 30 38.17 -12.16 1.46
CA LYS L 30 37.52 -12.85 0.35
C LYS L 30 36.93 -14.17 0.84
N VAL L 31 35.63 -14.33 0.64
CA VAL L 31 34.92 -15.48 1.17
C VAL L 31 34.49 -16.41 0.05
N GLN L 32 34.79 -17.70 0.22
CA GLN L 32 34.39 -18.72 -0.75
C GLN L 32 33.64 -19.85 -0.07
N VAL L 33 32.48 -20.19 -0.61
CA VAL L 33 31.70 -21.30 -0.06
C VAL L 33 31.74 -22.50 -0.99
N TYR L 34 32.15 -23.64 -0.45
CA TYR L 34 32.30 -24.86 -1.24
C TYR L 34 31.40 -25.98 -0.71
N ASP L 35 31.04 -26.90 -1.58
CA ASP L 35 30.20 -28.03 -1.21
C ASP L 35 31.02 -29.12 -0.51
N ILE L 36 30.45 -29.73 0.51
CA ILE L 36 31.17 -30.72 1.31
C ILE L 36 31.32 -32.04 0.56
N LYS L 37 30.49 -32.24 -0.46
CA LYS L 37 30.48 -33.49 -1.22
C LYS L 37 31.78 -33.77 -1.95
N GLY L 38 32.40 -32.71 -2.48
CA GLY L 38 33.59 -32.87 -3.30
C GLY L 38 34.89 -33.02 -2.51
N GLY L 39 34.79 -33.11 -1.20
CA GLY L 39 35.96 -33.22 -0.35
C GLY L 39 36.52 -31.86 0.02
N CYS L 40 37.47 -31.83 0.93
CA CYS L 40 38.06 -30.58 1.40
C CYS L 40 39.54 -30.50 1.06
N ASN L 41 39.95 -29.37 0.48
CA ASN L 41 41.37 -29.13 0.20
C ASN L 41 42.04 -28.42 1.36
N VAL L 42 43.15 -28.99 1.84
CA VAL L 42 43.93 -28.34 2.89
C VAL L 42 45.28 -27.91 2.34
N GLU L 43 45.32 -26.73 1.75
CA GLU L 43 46.51 -26.25 1.06
C GLU L 43 47.31 -25.26 1.92
N GLU L 44 46.61 -24.35 2.59
CA GLU L 44 47.28 -23.35 3.41
C GLU L 44 46.42 -22.88 4.58
N GLY L 45 47.06 -22.18 5.51
CA GLY L 45 46.35 -21.53 6.61
C GLY L 45 45.80 -22.47 7.66
N LEU L 46 44.69 -22.07 8.27
CA LEU L 46 44.05 -22.83 9.33
C LEU L 46 42.71 -23.41 8.88
N THR L 47 42.55 -24.72 9.09
CA THR L 47 41.31 -25.41 8.74
C THR L 47 40.63 -25.94 10.00
N ILE L 48 39.42 -25.47 10.26
CA ILE L 48 38.70 -25.84 11.46
C ILE L 48 37.43 -26.63 11.16
N PHE L 49 37.27 -27.76 11.82
CA PHE L 49 36.06 -28.56 11.65
C PHE L 49 35.07 -28.31 12.79
N LEU L 50 33.83 -27.99 12.42
CA LEU L 50 32.76 -27.82 13.40
C LEU L 50 32.06 -29.16 13.58
N VAL L 51 32.37 -29.85 14.69
CA VAL L 51 31.87 -31.19 14.89
C VAL L 51 31.05 -31.33 16.18
N ASN L 52 30.08 -32.23 16.15
CA ASN L 52 29.31 -32.54 17.35
C ASN L 52 29.21 -34.05 17.56
N ASN L 53 28.36 -34.44 18.50
CA ASN L 53 28.14 -35.86 18.80
C ASN L 53 26.80 -36.04 19.51
N PRO L 54 25.73 -36.27 18.74
CA PRO L 54 24.40 -36.57 19.32
C PRO L 54 24.46 -37.71 20.34
N GLY L 55 24.14 -37.40 21.60
CA GLY L 55 24.30 -38.35 22.68
C GLY L 55 25.75 -38.40 23.14
N LYS L 56 26.15 -37.40 23.92
CA LYS L 56 27.54 -37.24 24.30
C LYS L 56 27.74 -36.68 25.71
N GLU L 57 28.92 -36.92 26.27
CA GLU L 57 29.27 -36.51 27.63
C GLU L 57 29.94 -35.14 27.92
N ASN L 58 30.55 -34.43 26.97
CA ASN L 58 30.59 -34.71 25.53
C ASN L 58 31.61 -35.77 25.13
N GLY L 59 31.25 -36.55 24.12
CA GLY L 59 32.04 -37.68 23.68
C GLY L 59 33.10 -37.31 22.66
N PRO L 60 33.71 -38.33 22.04
CA PRO L 60 34.88 -38.15 21.17
C PRO L 60 34.57 -37.40 19.88
N VAL L 61 35.57 -36.68 19.38
CA VAL L 61 35.52 -36.03 18.08
C VAL L 61 35.65 -37.06 16.96
N LYS L 62 34.77 -37.00 15.97
CA LYS L 62 34.89 -37.87 14.79
C LYS L 62 34.62 -37.07 13.52
N ILE L 63 35.67 -36.87 12.71
CA ILE L 63 35.54 -36.11 11.47
C ILE L 63 34.86 -36.94 10.39
N SER L 64 33.87 -36.35 9.73
CA SER L 64 33.06 -37.03 8.73
C SER L 64 33.55 -36.80 7.30
N SER L 65 33.74 -35.54 6.94
CA SER L 65 34.04 -35.15 5.56
C SER L 65 35.35 -35.74 5.04
N LYS L 66 35.49 -35.81 3.71
CA LYS L 66 36.72 -36.32 3.09
C LYS L 66 37.74 -35.21 2.91
N VAL L 67 39.00 -35.54 3.11
CA VAL L 67 40.09 -34.56 3.04
C VAL L 67 41.11 -34.95 1.98
N ASN L 68 41.19 -34.15 0.93
CA ASN L 68 42.03 -34.45 -0.23
C ASN L 68 43.52 -34.23 0.03
N ASP L 69 44.00 -34.77 1.14
CA ASP L 69 45.39 -34.67 1.56
C ASP L 69 45.70 -35.83 2.49
N LYS L 70 46.53 -36.75 2.01
CA LYS L 70 46.82 -37.99 2.74
C LYS L 70 47.45 -37.73 4.12
N GLN L 71 48.26 -36.68 4.23
CA GLN L 71 48.89 -36.34 5.50
C GLN L 71 47.85 -35.85 6.51
N VAL L 72 47.01 -34.91 6.09
CA VAL L 72 45.94 -34.39 6.95
C VAL L 72 44.95 -35.49 7.32
N SER L 73 44.62 -36.35 6.35
CA SER L 73 43.71 -37.47 6.59
C SER L 73 44.23 -38.42 7.66
N GLU L 74 45.55 -38.60 7.69
CA GLU L 74 46.16 -39.42 8.73
C GLU L 74 46.00 -38.78 10.10
N PHE L 75 46.14 -37.45 10.15
CA PHE L 75 45.96 -36.71 11.39
C PHE L 75 44.50 -36.77 11.85
N LEU L 76 43.58 -36.76 10.90
CA LEU L 76 42.15 -36.76 11.20
C LEU L 76 41.63 -38.17 11.45
N LYS L 77 42.55 -39.07 11.74
CA LYS L 77 42.26 -40.45 12.12
C LYS L 77 41.23 -40.51 13.23
N ASP L 78 40.36 -41.51 13.19
CA ASP L 78 39.38 -41.69 14.25
C ASP L 78 40.06 -41.98 15.58
N GLU L 79 41.12 -42.81 15.53
CA GLU L 79 41.84 -43.19 16.73
C GLU L 79 42.63 -42.03 17.31
N ASN L 80 42.88 -41.01 16.49
CA ASN L 80 43.61 -39.83 16.94
C ASN L 80 42.69 -38.74 17.47
N MET L 81 41.56 -38.54 16.79
CA MET L 81 40.63 -37.48 17.18
C MET L 81 39.78 -37.89 18.38
N GLU L 82 39.77 -39.18 18.69
CA GLU L 82 39.02 -39.69 19.83
C GLU L 82 39.62 -39.23 21.16
N LYS L 83 40.85 -38.72 21.11
CA LYS L 83 41.51 -38.21 22.31
C LYS L 83 40.95 -36.85 22.70
N PHE L 84 40.14 -36.27 21.81
CA PHE L 84 39.49 -34.99 22.07
C PHE L 84 37.98 -35.16 22.14
N ASN L 85 37.32 -34.33 22.93
CA ASN L 85 35.87 -34.38 23.09
C ASN L 85 35.20 -33.16 22.45
N VAL L 86 33.88 -33.21 22.29
CA VAL L 86 33.16 -32.18 21.55
C VAL L 86 32.40 -31.21 22.44
N LYS L 87 32.80 -31.09 23.71
CA LYS L 87 32.18 -30.16 24.64
C LYS L 87 32.14 -28.76 24.05
N LEU L 88 31.00 -28.10 24.16
CA LEU L 88 30.74 -26.84 23.47
C LEU L 88 31.79 -25.78 23.76
N GLY L 89 32.49 -25.35 22.71
CA GLY L 89 33.51 -24.32 22.85
C GLY L 89 34.91 -24.86 23.02
N THR L 90 35.03 -26.17 23.21
CA THR L 90 36.36 -26.78 23.35
C THR L 90 37.03 -26.85 21.98
N SER L 91 38.31 -26.51 21.93
CA SER L 91 39.04 -26.55 20.68
C SER L 91 40.47 -27.06 20.87
N LYS L 92 40.98 -27.67 19.80
CA LYS L 92 42.39 -28.02 19.70
C LYS L 92 42.79 -27.76 18.26
N HIS L 93 44.07 -27.44 18.03
CA HIS L 93 44.55 -27.30 16.67
C HIS L 93 46.07 -27.50 16.62
N PHE L 94 46.52 -28.25 15.63
CA PHE L 94 47.91 -28.62 15.49
C PHE L 94 48.52 -28.05 14.22
N TYR L 95 49.79 -27.66 14.28
CA TYR L 95 50.55 -27.31 13.09
C TYR L 95 51.27 -28.55 12.53
N MET L 96 51.31 -28.65 11.21
CA MET L 96 51.91 -29.81 10.56
C MET L 96 52.25 -29.52 9.10
N PHE L 97 52.80 -30.52 8.41
CA PHE L 97 53.07 -30.40 6.98
C PHE L 97 52.08 -31.23 6.17
N ASN L 98 51.57 -30.64 5.08
CA ASN L 98 50.66 -31.35 4.20
C ASN L 98 51.43 -32.16 3.16
N ASP L 99 50.74 -32.58 2.10
CA ASP L 99 51.34 -33.43 1.07
C ASP L 99 52.49 -32.75 0.33
N ASN L 100 52.41 -31.42 0.21
CA ASN L 100 53.42 -30.69 -0.53
C ASN L 100 54.38 -29.93 0.40
N LYS L 101 54.58 -30.49 1.58
CA LYS L 101 55.53 -29.96 2.56
C LYS L 101 55.27 -28.51 2.94
N ASN L 102 54.01 -28.08 2.80
CA ASN L 102 53.62 -26.75 3.22
C ASN L 102 53.11 -26.75 4.66
N SER L 103 53.35 -25.67 5.37
CA SER L 103 52.88 -25.54 6.75
C SER L 103 51.37 -25.29 6.77
N VAL L 104 50.65 -26.16 7.48
CA VAL L 104 49.21 -26.01 7.63
C VAL L 104 48.78 -26.31 9.06
N ALA L 105 47.75 -25.62 9.53
CA ALA L 105 47.21 -25.87 10.86
C ALA L 105 45.79 -26.44 10.75
N VAL L 106 45.53 -27.50 11.50
CA VAL L 106 44.26 -28.22 11.43
C VAL L 106 43.70 -28.45 12.83
N GLY L 107 42.43 -28.14 13.03
CA GLY L 107 41.82 -28.29 14.33
C GLY L 107 40.32 -28.46 14.29
N TYR L 108 39.70 -28.40 15.47
CA TYR L 108 38.25 -28.52 15.57
C TYR L 108 37.71 -27.59 16.65
N VAL L 109 36.41 -27.33 16.59
CA VAL L 109 35.73 -26.68 17.70
C VAL L 109 34.51 -27.51 18.09
N GLY L 110 34.43 -27.89 19.36
CA GLY L 110 33.31 -28.69 19.85
C GLY L 110 31.99 -27.96 19.81
N CYS L 111 30.99 -28.59 19.19
CA CYS L 111 29.67 -27.98 19.08
C CYS L 111 28.64 -28.67 19.96
N GLY L 112 29.11 -29.45 20.94
CA GLY L 112 28.25 -30.07 21.91
C GLY L 112 27.58 -31.35 21.41
N SER L 113 26.46 -31.68 22.02
CA SER L 113 25.71 -32.88 21.65
C SER L 113 24.31 -32.54 21.16
N VAL L 114 23.94 -31.27 21.26
CA VAL L 114 22.63 -30.83 20.76
C VAL L 114 22.72 -30.52 19.27
N ALA L 115 21.89 -31.21 18.48
CA ALA L 115 21.94 -31.12 17.03
C ALA L 115 21.59 -29.73 16.52
N ASP L 116 20.57 -29.11 17.12
CA ASP L 116 20.13 -27.78 16.70
C ASP L 116 20.68 -26.68 17.64
N LEU L 117 21.71 -25.99 17.18
CA LEU L 117 22.38 -24.97 17.99
C LEU L 117 21.58 -23.69 18.10
N SER L 118 21.60 -23.07 19.28
CA SER L 118 20.95 -21.78 19.47
C SER L 118 21.95 -20.66 19.21
N GLU L 119 21.45 -19.42 19.24
CA GLU L 119 22.29 -18.24 19.04
C GLU L 119 23.38 -18.18 20.10
N ALA L 120 23.08 -18.67 21.30
CA ALA L 120 24.02 -18.63 22.41
C ALA L 120 25.14 -19.62 22.23
N ASP L 121 24.80 -20.83 21.79
CA ASP L 121 25.79 -21.88 21.57
C ASP L 121 26.69 -21.54 20.40
N MET L 122 26.09 -21.09 19.30
CA MET L 122 26.83 -20.68 18.13
C MET L 122 27.86 -19.60 18.48
N LYS L 123 27.47 -18.66 19.35
CA LYS L 123 28.38 -17.64 19.82
C LYS L 123 29.58 -18.24 20.56
N ARG L 124 29.33 -19.28 21.34
CA ARG L 124 30.42 -19.93 22.08
C ARG L 124 31.35 -20.69 21.13
N VAL L 125 30.78 -21.16 20.01
CA VAL L 125 31.57 -21.80 18.97
C VAL L 125 32.50 -20.77 18.31
N VAL L 126 31.92 -19.65 17.91
CA VAL L 126 32.65 -18.60 17.22
C VAL L 126 33.74 -17.98 18.09
N LEU L 127 33.43 -17.77 19.37
CA LEU L 127 34.42 -17.21 20.29
C LEU L 127 35.64 -18.09 20.39
N SER L 128 35.43 -19.40 20.41
CA SER L 128 36.53 -20.36 20.43
C SER L 128 37.34 -20.27 19.12
N LEU L 129 36.62 -20.02 18.03
CA LEU L 129 37.23 -19.86 16.72
C LEU L 129 38.06 -18.58 16.66
N VAL L 130 37.52 -17.49 17.20
CA VAL L 130 38.20 -16.20 17.19
C VAL L 130 39.45 -16.21 18.07
N THR L 131 39.39 -16.96 19.16
CA THR L 131 40.55 -17.11 20.05
C THR L 131 41.75 -17.68 19.29
N MET L 132 41.49 -18.54 18.32
CA MET L 132 42.56 -19.10 17.50
C MET L 132 43.05 -18.09 16.45
N LEU L 133 42.13 -17.32 15.89
CA LEU L 133 42.50 -16.30 14.91
C LEU L 133 43.38 -15.22 15.53
N HIS L 134 43.05 -14.82 16.76
CA HIS L 134 43.78 -13.77 17.46
C HIS L 134 45.15 -14.24 17.97
N ASP L 135 45.33 -15.55 18.06
CA ASP L 135 46.59 -16.09 18.57
C ASP L 135 47.39 -16.78 17.48
N ASN L 136 47.04 -16.52 16.23
CA ASN L 136 47.72 -17.14 15.09
C ASN L 136 47.77 -16.23 13.88
N LYS L 137 48.96 -16.10 13.29
CA LYS L 137 49.15 -15.39 12.04
C LYS L 137 48.77 -16.28 10.88
N LEU L 138 47.67 -15.95 10.21
CA LEU L 138 47.16 -16.77 9.12
C LEU L 138 46.80 -15.90 7.92
N SER L 139 46.90 -16.46 6.73
CA SER L 139 46.42 -15.76 5.54
C SER L 139 45.00 -16.20 5.25
N LYS L 140 44.63 -17.37 5.78
CA LYS L 140 43.39 -18.00 5.39
C LYS L 140 42.82 -18.85 6.51
N LEU L 141 41.51 -18.73 6.72
CA LEU L 141 40.78 -19.63 7.61
C LEU L 141 39.75 -20.42 6.82
N THR L 142 39.75 -21.73 7.01
CA THR L 142 38.75 -22.58 6.37
C THR L 142 37.88 -23.28 7.41
N VAL L 143 36.56 -23.19 7.22
CA VAL L 143 35.63 -23.81 8.16
C VAL L 143 34.78 -24.88 7.47
N VAL L 144 34.79 -26.08 8.04
CA VAL L 144 34.02 -27.19 7.51
C VAL L 144 32.85 -27.50 8.44
N PHE L 145 31.63 -27.31 7.94
CA PHE L 145 30.42 -27.53 8.73
C PHE L 145 29.99 -28.98 8.74
N GLU L 146 30.44 -29.73 9.74
CA GLU L 146 29.97 -31.10 9.93
C GLU L 146 28.80 -31.10 10.90
N ILE L 147 28.11 -29.96 10.95
CA ILE L 147 26.87 -29.83 11.68
C ILE L 147 25.83 -29.21 10.77
N ASN L 148 24.56 -29.30 11.15
CA ASN L 148 23.48 -28.74 10.35
C ASN L 148 23.08 -27.35 10.83
N VAL L 149 23.12 -26.37 9.93
CA VAL L 149 22.64 -25.02 10.23
C VAL L 149 21.74 -24.56 9.08
N ASP L 150 20.78 -23.70 9.37
CA ASP L 150 19.94 -23.14 8.31
C ASP L 150 20.60 -21.87 7.77
N LYS L 151 19.97 -21.25 6.78
CA LYS L 151 20.55 -20.08 6.13
C LYS L 151 20.77 -18.94 7.12
N ASN L 152 19.78 -18.72 7.99
CA ASN L 152 19.84 -17.64 8.97
C ASN L 152 20.95 -17.83 10.00
N LEU L 153 21.05 -19.04 10.54
CA LEU L 153 22.09 -19.35 11.50
C LEU L 153 23.47 -19.31 10.84
N PHE L 154 23.55 -19.71 9.58
CA PHE L 154 24.80 -19.62 8.82
C PHE L 154 25.26 -18.17 8.73
N ARG L 155 24.32 -17.28 8.40
CA ARG L 155 24.62 -15.85 8.31
C ARG L 155 25.03 -15.31 9.69
N PHE L 156 24.30 -15.72 10.72
CA PHE L 156 24.61 -15.34 12.09
C PHE L 156 26.04 -15.75 12.46
N PHE L 157 26.46 -16.90 11.96
CA PHE L 157 27.83 -17.38 12.18
C PHE L 157 28.86 -16.42 11.60
N LEU L 158 28.69 -16.04 10.34
CA LEU L 158 29.61 -15.11 9.69
C LEU L 158 29.62 -13.76 10.39
N GLU L 159 28.44 -13.18 10.58
CA GLU L 159 28.27 -11.90 11.28
C GLU L 159 29.01 -11.87 12.59
N THR L 160 28.84 -12.93 13.37
CA THR L 160 29.42 -12.99 14.70
C THR L 160 30.93 -13.20 14.61
N LEU L 161 31.35 -14.00 13.64
CA LEU L 161 32.78 -14.19 13.38
C LEU L 161 33.43 -12.85 13.06
N PHE L 162 32.87 -12.15 12.09
CA PHE L 162 33.39 -10.83 11.68
C PHE L 162 33.40 -9.85 12.85
N TYR L 163 32.29 -9.79 13.58
CA TYR L 163 32.16 -8.86 14.69
C TYR L 163 33.16 -9.15 15.81
N GLU L 164 33.23 -10.39 16.27
CA GLU L 164 34.12 -10.74 17.37
C GLU L 164 35.59 -10.71 16.94
N TYR L 165 35.84 -10.96 15.66
CA TYR L 165 37.20 -10.93 15.11
C TYR L 165 37.76 -9.51 15.16
N MET L 166 36.96 -8.56 14.71
CA MET L 166 37.37 -7.16 14.64
C MET L 166 37.70 -6.59 16.02
N THR L 167 38.79 -5.83 16.12
CA THR L 167 39.14 -5.21 17.38
C THR L 167 39.23 -3.68 17.24
N ASP L 168 38.61 -2.98 18.19
CA ASP L 168 38.49 -1.53 18.16
C ASP L 168 39.71 -0.83 18.79
N GLU L 169 40.54 -0.22 17.95
CA GLU L 169 41.75 0.42 18.46
C GLU L 169 41.77 1.92 18.23
N ARG L 170 40.58 2.51 18.05
CA ARG L 170 40.47 3.95 17.80
C ARG L 170 41.09 4.80 18.91
N PHE L 171 41.05 4.30 20.14
CA PHE L 171 41.51 5.09 21.28
C PHE L 171 42.83 4.57 21.83
N LYS L 172 43.43 3.63 21.10
CA LYS L 172 44.79 3.16 21.40
C LYS L 172 45.80 4.10 20.76
N SER L 173 46.90 4.37 21.46
CA SER L 173 47.95 5.23 20.92
C SER L 173 48.89 4.44 20.02
N GLU L 181 47.20 -7.62 9.74
CA GLU L 181 47.42 -8.72 10.66
C GLU L 181 46.28 -9.74 10.61
N TYR L 182 45.22 -9.38 9.88
CA TYR L 182 44.03 -10.21 9.75
C TYR L 182 44.14 -11.18 8.58
N ILE L 183 43.33 -12.25 8.59
CA ILE L 183 43.26 -13.16 7.46
C ILE L 183 42.73 -12.43 6.24
N LYS L 184 43.05 -12.94 5.06
CA LYS L 184 42.66 -12.27 3.81
C LYS L 184 41.67 -13.10 3.02
N HIS L 185 41.63 -14.40 3.30
CA HIS L 185 40.64 -15.30 2.71
C HIS L 185 39.96 -16.18 3.74
N LEU L 186 38.67 -16.41 3.53
CA LEU L 186 37.90 -17.32 4.35
C LEU L 186 37.32 -18.41 3.47
N GLY L 187 37.57 -19.66 3.86
CA GLY L 187 36.97 -20.81 3.21
C GLY L 187 35.84 -21.41 4.02
N VAL L 188 34.73 -21.70 3.37
CA VAL L 188 33.62 -22.36 4.04
C VAL L 188 33.18 -23.63 3.29
N TYR L 189 33.20 -24.75 3.98
CA TYR L 189 32.69 -26.01 3.43
C TYR L 189 31.37 -26.39 4.10
N ILE L 190 30.32 -26.54 3.31
CA ILE L 190 29.00 -26.85 3.84
C ILE L 190 28.15 -27.60 2.81
N ASN L 191 27.22 -28.42 3.28
CA ASN L 191 26.28 -29.11 2.40
C ASN L 191 25.32 -28.14 1.73
N ASN L 192 25.01 -28.41 0.46
CA ASN L 192 24.15 -27.55 -0.35
C ASN L 192 24.67 -26.13 -0.35
N ALA L 193 25.96 -25.98 -0.66
CA ALA L 193 26.67 -24.71 -0.54
C ALA L 193 26.03 -23.58 -1.34
N ASP L 194 25.42 -23.91 -2.46
CA ASP L 194 24.82 -22.90 -3.34
C ASP L 194 23.72 -22.11 -2.63
N THR L 195 22.98 -22.78 -1.76
CA THR L 195 21.85 -22.13 -1.06
C THR L 195 22.30 -21.19 0.05
N TYR L 196 23.60 -21.17 0.33
CA TYR L 196 24.12 -20.34 1.42
C TYR L 196 24.92 -19.14 0.91
N LYS L 197 25.21 -19.12 -0.39
CA LYS L 197 26.06 -18.10 -0.97
C LYS L 197 25.50 -16.68 -0.86
N GLU L 198 24.19 -16.55 -1.02
CA GLU L 198 23.55 -15.24 -0.93
C GLU L 198 23.68 -14.62 0.46
N GLU L 199 23.93 -15.45 1.46
CA GLU L 199 24.00 -15.00 2.85
C GLU L 199 25.32 -14.31 3.19
N VAL L 200 26.34 -14.51 2.35
CA VAL L 200 27.68 -14.03 2.67
C VAL L 200 27.79 -12.50 2.74
N GLU L 201 27.37 -11.81 1.69
CA GLU L 201 27.53 -10.36 1.66
C GLU L 201 26.49 -9.67 2.54
N LYS L 202 25.37 -10.34 2.76
CA LYS L 202 24.36 -9.83 3.67
C LYS L 202 24.95 -9.80 5.08
N ALA L 203 25.71 -10.85 5.41
CA ALA L 203 26.39 -10.93 6.70
C ALA L 203 27.42 -9.82 6.86
N ARG L 204 28.15 -9.52 5.79
CA ARG L 204 29.18 -8.49 5.85
C ARG L 204 28.54 -7.13 6.13
N VAL L 205 27.39 -6.89 5.52
CA VAL L 205 26.64 -5.68 5.78
C VAL L 205 26.18 -5.64 7.23
N TYR L 206 25.57 -6.72 7.69
CA TYR L 206 25.06 -6.79 9.06
C TYR L 206 26.20 -6.63 10.05
N TYR L 207 27.35 -7.21 9.74
CA TYR L 207 28.53 -7.06 10.60
C TYR L 207 28.85 -5.60 10.83
N PHE L 208 28.92 -4.82 9.75
CA PHE L 208 29.38 -3.46 9.90
C PHE L 208 28.32 -2.54 10.54
N GLY L 209 27.05 -2.82 10.28
CA GLY L 209 25.99 -2.08 10.92
C GLY L 209 26.08 -2.25 12.43
N THR L 210 26.30 -3.48 12.83
CA THR L 210 26.53 -3.83 14.22
C THR L 210 27.82 -3.17 14.74
N TYR L 211 28.88 -3.27 13.95
CA TYR L 211 30.17 -2.75 14.38
C TYR L 211 30.18 -1.23 14.36
N TYR L 212 29.44 -0.63 13.43
CA TYR L 212 29.28 0.81 13.40
C TYR L 212 28.58 1.28 14.68
N ALA L 213 27.47 0.61 15.01
CA ALA L 213 26.74 0.91 16.23
C ALA L 213 27.64 0.77 17.44
N SER L 214 28.41 -0.31 17.49
CA SER L 214 29.34 -0.56 18.58
C SER L 214 30.39 0.54 18.70
N GLN L 215 30.81 1.11 17.58
CA GLN L 215 31.78 2.21 17.58
C GLN L 215 31.20 3.45 18.28
N LEU L 216 29.95 3.77 17.99
CA LEU L 216 29.28 4.91 18.62
C LEU L 216 29.11 4.70 20.12
N ILE L 217 28.66 3.50 20.50
CA ILE L 217 28.43 3.18 21.90
C ILE L 217 29.73 3.14 22.69
N ALA L 218 30.74 2.49 22.13
CA ALA L 218 32.02 2.34 22.82
C ALA L 218 32.70 3.70 22.98
N ALA L 219 32.44 4.62 22.06
CA ALA L 219 33.04 5.95 22.12
C ALA L 219 32.57 6.73 23.35
N PRO L 220 33.51 7.15 24.20
CA PRO L 220 33.27 7.89 25.44
C PRO L 220 32.51 9.20 25.22
N SER L 221 31.90 9.71 26.29
CA SER L 221 31.00 10.85 26.20
C SER L 221 31.70 12.18 25.93
N ASN L 222 33.01 12.24 26.13
CA ASN L 222 33.74 13.46 25.73
C ASN L 222 33.94 13.46 24.22
N TYR L 223 34.03 12.26 23.64
CA TYR L 223 34.12 12.10 22.19
C TYR L 223 32.75 12.12 21.55
N CYS L 224 31.86 11.30 22.10
CA CYS L 224 30.49 11.15 21.59
C CYS L 224 29.50 11.98 22.41
N ASN L 225 29.15 13.13 21.87
CA ASN L 225 28.21 14.05 22.51
C ASN L 225 27.05 14.32 21.55
N PRO L 226 26.03 15.08 21.99
CA PRO L 226 24.94 15.41 21.05
C PRO L 226 25.41 15.99 19.72
N VAL L 227 26.38 16.90 19.76
CA VAL L 227 26.84 17.54 18.53
C VAL L 227 27.65 16.57 17.67
N SER L 228 28.58 15.86 18.29
CA SER L 228 29.46 14.98 17.55
C SER L 228 28.69 13.79 16.98
N LEU L 229 27.65 13.35 17.70
CA LEU L 229 26.88 12.20 17.26
C LEU L 229 25.99 12.56 16.08
N SER L 230 25.38 13.73 16.15
CA SER L 230 24.51 14.18 15.07
C SER L 230 25.33 14.49 13.83
N ASN L 231 26.57 14.94 14.03
CA ASN L 231 27.48 15.16 12.91
C ASN L 231 27.79 13.85 12.21
N ALA L 232 28.05 12.82 12.99
CA ALA L 232 28.33 11.48 12.47
C ALA L 232 27.15 10.95 11.66
N ALA L 233 25.93 11.19 12.15
CA ALA L 233 24.73 10.74 11.46
C ALA L 233 24.61 11.38 10.07
N VAL L 234 24.89 12.67 10.01
CA VAL L 234 24.87 13.41 8.75
C VAL L 234 25.87 12.84 7.74
N GLU L 235 27.09 12.62 8.22
CA GLU L 235 28.12 12.01 7.39
C GLU L 235 27.68 10.62 6.89
N LEU L 236 27.02 9.86 7.75
CA LEU L 236 26.53 8.54 7.38
C LEU L 236 25.47 8.64 6.29
N ALA L 237 24.53 9.56 6.49
CA ALA L 237 23.44 9.77 5.54
C ALA L 237 23.97 10.24 4.19
N GLN L 238 25.02 11.05 4.22
CA GLN L 238 25.62 11.56 3.00
C GLN L 238 26.30 10.45 2.22
N LYS L 239 26.94 9.53 2.93
CA LYS L 239 27.64 8.42 2.28
C LYS L 239 26.68 7.38 1.73
N LEU L 240 25.50 7.28 2.35
CA LEU L 240 24.50 6.31 1.95
C LEU L 240 23.46 6.93 1.02
N ASN L 241 23.63 8.22 0.74
CA ASN L 241 22.65 8.99 -0.04
C ASN L 241 21.26 8.94 0.58
N LEU L 242 21.20 9.15 1.89
CA LEU L 242 19.93 9.22 2.60
C LEU L 242 19.56 10.68 2.84
N GLU L 243 18.27 11.00 2.74
CA GLU L 243 17.80 12.32 3.13
C GLU L 243 18.00 12.47 4.62
N TYR L 244 18.38 13.66 5.06
CA TYR L 244 18.63 13.88 6.47
C TYR L 244 18.26 15.29 6.89
N LYS L 245 17.92 15.42 8.17
CA LYS L 245 17.61 16.71 8.76
C LYS L 245 18.03 16.67 10.22
N ILE L 246 18.78 17.67 10.66
CA ILE L 246 19.12 17.80 12.07
C ILE L 246 18.38 18.98 12.70
N LEU L 247 17.51 18.70 13.65
CA LEU L 247 16.76 19.75 14.33
C LEU L 247 17.57 20.31 15.50
N GLY L 248 17.70 21.63 15.56
CA GLY L 248 18.42 22.29 16.63
C GLY L 248 17.47 22.87 17.66
N VAL L 249 18.05 23.46 18.71
CA VAL L 249 17.29 23.98 19.84
C VAL L 249 16.17 24.94 19.43
N LYS L 250 16.47 25.86 18.52
CA LYS L 250 15.49 26.85 18.08
C LYS L 250 14.27 26.20 17.46
N GLU L 251 14.48 25.21 16.59
CA GLU L 251 13.38 24.51 15.94
C GLU L 251 12.61 23.64 16.95
N LEU L 252 13.35 23.04 17.88
CA LEU L 252 12.76 22.19 18.91
C LEU L 252 11.84 23.00 19.82
N GLU L 253 12.16 24.26 20.04
CA GLU L 253 11.35 25.14 20.86
C GLU L 253 10.04 25.50 20.15
N GLU L 254 10.13 25.81 18.86
CA GLU L 254 8.94 26.09 18.07
C GLU L 254 8.03 24.87 18.00
N LEU L 255 8.62 23.68 18.06
CA LEU L 255 7.84 22.45 18.07
C LEU L 255 7.39 22.10 19.50
N LYS L 256 7.87 22.88 20.47
CA LYS L 256 7.48 22.73 21.87
C LYS L 256 7.82 21.37 22.46
N MET L 257 9.02 20.87 22.16
CA MET L 257 9.46 19.62 22.76
C MET L 257 10.06 19.87 24.14
N GLY L 258 9.22 20.31 25.07
CA GLY L 258 9.66 20.65 26.41
C GLY L 258 10.18 19.49 27.24
N ALA L 259 9.69 18.29 26.99
CA ALA L 259 10.16 17.14 27.73
C ALA L 259 11.61 16.86 27.33
N TYR L 260 11.82 16.74 26.03
CA TYR L 260 13.13 16.49 25.47
C TYR L 260 14.11 17.63 25.84
N LEU L 261 13.66 18.86 25.71
CA LEU L 261 14.51 20.01 26.00
C LEU L 261 14.90 20.11 27.48
N SER L 262 14.01 19.70 28.38
CA SER L 262 14.30 19.78 29.81
C SER L 262 15.46 18.88 30.23
N VAL L 263 15.55 17.71 29.64
CA VAL L 263 16.61 16.77 29.97
C VAL L 263 17.99 17.33 29.61
N GLY L 264 18.06 18.07 28.51
CA GLY L 264 19.33 18.59 28.03
C GLY L 264 19.72 19.97 28.57
N LYS L 265 18.87 20.56 29.40
CA LYS L 265 19.09 21.91 29.91
C LYS L 265 20.39 22.05 30.67
N GLY L 266 20.77 20.99 31.40
CA GLY L 266 21.96 21.03 32.23
C GLY L 266 23.24 20.71 31.50
N SER L 267 23.14 20.50 30.18
CA SER L 267 24.30 20.10 29.39
C SER L 267 24.94 21.29 28.67
N MET L 268 26.26 21.21 28.45
CA MET L 268 26.97 22.22 27.68
C MET L 268 26.83 21.97 26.19
N TYR L 269 26.30 20.79 25.84
CA TYR L 269 26.08 20.44 24.45
C TYR L 269 24.61 20.63 24.10
N PRO L 270 24.33 21.45 23.07
CA PRO L 270 22.95 21.71 22.66
C PRO L 270 22.28 20.43 22.16
N ASN L 271 20.98 20.27 22.44
CA ASN L 271 20.22 19.15 21.93
C ASN L 271 20.23 19.10 20.40
N LYS L 272 20.21 17.89 19.86
CA LYS L 272 20.20 17.67 18.42
C LYS L 272 19.22 16.55 18.07
N PHE L 273 18.21 16.84 17.28
CA PHE L 273 17.24 15.82 16.88
C PHE L 273 17.58 15.29 15.49
N ILE L 274 18.02 14.03 15.44
CA ILE L 274 18.39 13.40 14.19
C ILE L 274 17.19 12.81 13.45
N HIS L 275 17.01 13.22 12.20
CA HIS L 275 15.99 12.65 11.34
C HIS L 275 16.58 12.23 10.00
N LEU L 276 16.77 10.93 9.82
CA LEU L 276 17.24 10.38 8.56
C LEU L 276 16.08 9.66 7.87
N THR L 277 16.07 9.66 6.54
CA THR L 277 14.99 9.02 5.80
C THR L 277 15.47 8.16 4.64
N TYR L 278 14.94 6.95 4.54
CA TYR L 278 15.12 6.10 3.37
C TYR L 278 13.79 5.87 2.69
N LYS L 279 13.75 6.07 1.38
CA LYS L 279 12.56 5.78 0.59
C LYS L 279 12.91 4.76 -0.50
N SER L 280 12.22 3.63 -0.48
CA SER L 280 12.48 2.59 -1.47
C SER L 280 12.14 3.06 -2.87
N LYS L 281 12.89 2.57 -3.85
CA LYS L 281 12.61 2.85 -5.25
C LYS L 281 11.26 2.22 -5.63
N GLY L 282 10.44 2.98 -6.33
CA GLY L 282 9.14 2.50 -6.76
C GLY L 282 8.07 2.68 -5.70
N ASP L 283 7.00 1.90 -5.83
CA ASP L 283 5.82 2.03 -4.96
C ASP L 283 6.12 1.70 -3.51
N VAL L 284 5.56 2.49 -2.60
CA VAL L 284 5.71 2.29 -1.16
C VAL L 284 4.41 1.80 -0.55
N LYS L 285 4.47 0.68 0.15
CA LYS L 285 3.27 0.09 0.75
C LYS L 285 3.37 0.03 2.26
N LYS L 286 4.57 0.23 2.80
CA LYS L 286 4.76 0.26 4.24
C LYS L 286 5.64 1.45 4.63
N LYS L 287 5.18 2.20 5.62
CA LYS L 287 5.94 3.34 6.13
C LYS L 287 6.28 3.12 7.60
N ILE L 288 7.56 3.23 7.94
CA ILE L 288 8.02 2.86 9.27
C ILE L 288 8.86 3.97 9.92
N ALA L 289 8.68 4.16 11.23
CA ALA L 289 9.50 5.09 12.00
C ALA L 289 10.26 4.34 13.10
N LEU L 290 11.58 4.39 13.04
CA LEU L 290 12.42 3.80 14.09
C LEU L 290 12.96 4.88 15.00
N VAL L 291 12.81 4.68 16.31
CA VAL L 291 13.16 5.69 17.29
C VAL L 291 14.15 5.17 18.32
N GLY L 292 15.31 5.81 18.43
CA GLY L 292 16.32 5.37 19.36
C GLY L 292 16.56 6.37 20.47
N LYS L 293 16.61 5.87 21.71
CA LYS L 293 17.02 6.71 22.84
C LYS L 293 18.47 7.13 22.64
N GLY L 294 18.73 8.43 22.74
CA GLY L 294 20.05 8.94 22.44
C GLY L 294 20.65 9.84 23.50
N ILE L 295 20.81 9.30 24.70
CA ILE L 295 21.47 10.03 25.78
C ILE L 295 22.96 9.72 25.75
N THR L 296 23.77 10.70 25.36
CA THR L 296 25.21 10.45 25.16
C THR L 296 25.92 10.21 26.49
N PHE L 297 25.41 10.81 27.56
CA PHE L 297 25.84 10.44 28.90
C PHE L 297 24.73 10.63 29.92
N ASP L 298 24.50 9.59 30.72
CA ASP L 298 23.46 9.63 31.73
C ASP L 298 24.03 9.66 33.14
N SER L 299 24.22 10.86 33.67
CA SER L 299 24.74 11.01 35.01
C SER L 299 23.63 10.74 36.03
N GLY L 300 22.39 10.83 35.57
CA GLY L 300 21.25 10.72 36.45
C GLY L 300 20.61 12.07 36.72
N GLY L 301 21.36 13.14 36.48
CA GLY L 301 20.89 14.47 36.83
C GLY L 301 20.94 14.61 38.34
N TYR L 302 20.11 15.49 38.89
CA TYR L 302 20.10 15.69 40.34
C TYR L 302 19.75 14.43 41.09
N ASN L 303 19.06 13.50 40.43
CA ASN L 303 18.95 12.14 40.93
C ASN L 303 20.19 11.35 40.51
N LEU L 304 21.34 11.80 41.00
CA LEU L 304 22.64 11.29 40.59
C LEU L 304 22.77 9.79 40.79
N LYS L 305 23.48 9.13 39.87
CA LYS L 305 23.78 7.71 40.01
C LYS L 305 24.92 7.55 41.01
N ALA L 306 24.58 7.51 42.29
CA ALA L 306 25.56 7.41 43.36
C ALA L 306 25.37 6.13 44.16
N ALA L 307 24.21 5.50 43.98
CA ALA L 307 23.90 4.27 44.69
C ALA L 307 24.82 3.13 44.25
N PRO L 308 25.10 2.20 45.16
CA PRO L 308 25.92 1.02 44.81
C PRO L 308 25.25 0.22 43.69
N GLY L 309 25.99 -0.03 42.61
CA GLY L 309 25.49 -0.84 41.52
C GLY L 309 24.83 -0.03 40.41
N SER L 310 24.87 1.29 40.52
CA SER L 310 24.25 2.14 39.51
C SER L 310 25.16 2.28 38.27
N MET L 311 26.43 1.91 38.43
CA MET L 311 27.37 1.83 37.31
C MET L 311 27.43 3.09 36.43
N ILE L 312 27.71 4.22 37.06
CA ILE L 312 27.71 5.49 36.34
C ILE L 312 28.79 5.53 35.25
N ASP L 313 29.86 4.75 35.42
CA ASP L 313 30.96 4.77 34.45
C ASP L 313 30.60 4.05 33.14
N LEU L 314 29.44 3.41 33.12
CA LEU L 314 28.98 2.69 31.93
C LEU L 314 28.05 3.56 31.07
N MET L 315 27.62 4.70 31.61
CA MET L 315 26.47 5.40 31.06
C MET L 315 26.72 6.14 29.75
N LYS L 316 27.91 5.97 29.18
CA LYS L 316 28.16 6.39 27.81
C LYS L 316 27.32 5.55 26.84
N PHE L 317 26.85 4.39 27.32
CA PHE L 317 26.16 3.43 26.48
C PHE L 317 24.67 3.76 26.38
N ASP L 318 24.26 4.85 27.03
CA ASP L 318 22.85 5.20 27.11
C ASP L 318 22.31 5.77 25.79
N MET L 319 23.13 5.72 24.74
CA MET L 319 22.68 6.05 23.40
C MET L 319 22.69 4.80 22.51
N SER L 320 22.70 3.62 23.13
CA SER L 320 22.68 2.35 22.40
C SER L 320 21.50 2.24 21.43
N GLY L 321 20.36 2.79 21.81
CA GLY L 321 19.18 2.76 20.96
C GLY L 321 19.39 3.56 19.69
N CYS L 322 19.94 4.75 19.84
CA CYS L 322 20.28 5.60 18.69
C CYS L 322 21.31 4.91 17.79
N ALA L 323 22.31 4.29 18.41
CA ALA L 323 23.34 3.60 17.67
C ALA L 323 22.77 2.45 16.86
N ALA L 324 21.80 1.74 17.43
CA ALA L 324 21.16 0.62 16.74
C ALA L 324 20.36 1.10 15.53
N VAL L 325 19.68 2.22 15.69
CA VAL L 325 18.89 2.80 14.62
C VAL L 325 19.78 3.34 13.48
N LEU L 326 20.91 3.95 13.85
CA LEU L 326 21.85 4.43 12.84
C LEU L 326 22.51 3.25 12.12
N GLY L 327 22.83 2.21 12.87
CA GLY L 327 23.41 1.01 12.30
C GLY L 327 22.43 0.35 11.35
N CYS L 328 21.15 0.45 11.69
CA CYS L 328 20.09 -0.07 10.85
C CYS L 328 19.96 0.77 9.58
N ALA L 329 20.20 2.06 9.70
CA ALA L 329 20.20 2.95 8.55
C ALA L 329 21.27 2.53 7.55
N TYR L 330 22.45 2.18 8.05
CA TYR L 330 23.51 1.70 7.18
C TYR L 330 23.08 0.44 6.41
N CYS L 331 22.53 -0.53 7.14
CA CYS L 331 22.11 -1.79 6.55
C CYS L 331 21.01 -1.58 5.51
N VAL L 332 20.00 -0.79 5.85
CA VAL L 332 18.93 -0.49 4.92
C VAL L 332 19.44 0.32 3.74
N GLY L 333 20.32 1.28 4.03
CA GLY L 333 20.88 2.13 3.00
C GLY L 333 21.79 1.40 2.04
N THR L 334 22.28 0.23 2.45
CA THR L 334 23.19 -0.54 1.63
C THR L 334 22.45 -1.64 0.87
N LEU L 335 21.58 -2.38 1.57
CA LEU L 335 20.81 -3.47 0.96
C LEU L 335 19.68 -2.96 0.08
N LYS L 336 19.27 -1.71 0.32
CA LYS L 336 18.22 -1.05 -0.45
C LYS L 336 16.96 -1.89 -0.67
N PRO L 337 16.22 -2.18 0.43
CA PRO L 337 14.98 -2.96 0.32
C PRO L 337 13.90 -2.25 -0.48
N GLU L 338 12.93 -3.00 -0.98
CA GLU L 338 11.87 -2.46 -1.82
C GLU L 338 10.58 -2.20 -1.04
N ASN L 339 9.78 -1.28 -1.55
CA ASN L 339 8.42 -1.02 -1.05
C ASN L 339 8.35 -0.64 0.43
N VAL L 340 9.29 0.17 0.89
CA VAL L 340 9.28 0.58 2.28
C VAL L 340 9.88 1.97 2.45
N GLU L 341 9.23 2.81 3.23
CA GLU L 341 9.75 4.13 3.58
C GLU L 341 10.06 4.14 5.07
N ILE L 342 11.29 4.52 5.42
CA ILE L 342 11.75 4.44 6.79
C ILE L 342 12.29 5.77 7.30
N HIS L 343 11.87 6.13 8.51
CA HIS L 343 12.44 7.28 9.19
C HIS L 343 13.27 6.80 10.38
N PHE L 344 14.50 7.29 10.45
CA PHE L 344 15.40 6.93 11.53
C PHE L 344 15.51 8.12 12.49
N LEU L 345 14.93 8.00 13.66
CA LEU L 345 14.79 9.14 14.57
C LEU L 345 15.55 8.94 15.87
N SER L 346 16.06 10.04 16.42
CA SER L 346 16.67 10.02 17.75
C SER L 346 16.79 11.41 18.35
N ALA L 347 16.06 11.65 19.44
CA ALA L 347 16.20 12.90 20.17
C ALA L 347 17.43 12.83 21.05
N VAL L 348 18.52 13.45 20.59
CA VAL L 348 19.82 13.27 21.23
C VAL L 348 20.15 14.38 22.22
N CYS L 349 20.57 14.01 23.42
CA CYS L 349 20.98 14.98 24.42
C CYS L 349 21.86 14.36 25.50
N GLU L 350 22.14 15.13 26.54
CA GLU L 350 23.00 14.69 27.63
C GLU L 350 22.35 15.07 28.95
N ASN L 351 22.40 14.16 29.93
CA ASN L 351 21.74 14.36 31.22
C ASN L 351 22.75 14.70 32.32
N MET L 352 22.92 15.98 32.61
CA MET L 352 24.00 16.42 33.50
C MET L 352 23.52 17.18 34.73
N VAL L 353 24.43 17.37 35.68
CA VAL L 353 24.14 18.12 36.90
C VAL L 353 24.74 19.51 36.79
N SER L 354 23.89 20.53 36.97
CA SER L 354 24.28 21.91 36.72
C SER L 354 23.31 22.89 37.36
N LYS L 355 23.68 24.16 37.36
CA LYS L 355 22.74 25.20 37.80
C LYS L 355 21.56 25.27 36.82
N ASN L 356 21.78 24.79 35.59
CA ASN L 356 20.79 24.86 34.53
C ASN L 356 19.95 23.58 34.36
N SER L 357 20.23 22.56 35.17
CA SER L 357 19.53 21.27 35.05
C SER L 357 18.06 21.37 35.47
N TYR L 358 17.21 20.52 34.90
CA TYR L 358 15.86 20.38 35.40
C TYR L 358 15.94 19.70 36.77
N ARG L 359 14.94 19.95 37.61
CA ARG L 359 14.92 19.45 38.99
C ARG L 359 13.84 18.41 39.17
N PRO L 360 14.06 17.49 40.11
CA PRO L 360 12.98 16.60 40.54
C PRO L 360 11.80 17.42 41.00
N GLY L 361 10.59 17.05 40.58
CA GLY L 361 9.41 17.81 40.93
C GLY L 361 8.99 18.83 39.89
N ASP L 362 9.89 19.14 38.94
CA ASP L 362 9.58 20.08 37.87
C ASP L 362 8.39 19.59 37.03
N ILE L 363 7.53 20.51 36.62
CA ILE L 363 6.45 20.18 35.70
C ILE L 363 6.75 20.77 34.34
N ILE L 364 6.80 19.90 33.33
CA ILE L 364 7.22 20.29 31.99
C ILE L 364 6.17 19.85 30.99
N THR L 365 6.17 20.47 29.83
CA THR L 365 5.12 20.22 28.85
C THR L 365 5.65 19.55 27.59
N ALA L 366 5.13 18.37 27.28
CA ALA L 366 5.46 17.67 26.05
C ALA L 366 4.90 18.42 24.84
N SER L 367 5.28 17.98 23.64
CA SER L 367 4.88 18.66 22.42
C SER L 367 3.42 18.39 22.07
N ASN L 368 2.80 17.38 22.66
CA ASN L 368 1.38 17.16 22.45
C ASN L 368 0.54 17.89 23.51
N GLY L 369 1.18 18.74 24.29
CA GLY L 369 0.49 19.58 25.26
C GLY L 369 0.37 18.98 26.65
N LYS L 370 0.62 17.68 26.80
CA LYS L 370 0.50 17.03 28.09
C LYS L 370 1.58 17.50 29.06
N THR L 371 1.17 17.89 30.26
CA THR L 371 2.10 18.29 31.30
C THR L 371 2.58 17.06 32.07
N ILE L 372 3.87 17.04 32.41
CA ILE L 372 4.48 15.91 33.07
C ILE L 372 5.14 16.31 34.39
N GLU L 373 4.81 15.62 35.49
CA GLU L 373 5.53 15.83 36.74
C GLU L 373 6.76 14.91 36.81
N VAL L 374 7.93 15.52 36.95
CA VAL L 374 9.17 14.76 37.01
C VAL L 374 9.42 14.27 38.44
N GLY L 375 9.35 12.97 38.65
CA GLY L 375 9.64 12.39 39.95
C GLY L 375 11.08 11.94 40.09
N ASN L 376 11.75 11.73 38.96
CA ASN L 376 13.14 11.25 38.97
C ASN L 376 13.89 11.68 37.71
N THR L 377 14.87 12.56 37.87
CA THR L 377 15.62 13.07 36.72
C THR L 377 16.42 11.97 36.01
N ASP L 378 16.61 10.83 36.67
CA ASP L 378 17.33 9.72 36.07
C ASP L 378 16.40 8.82 35.26
N ALA L 379 15.13 9.16 35.21
CA ALA L 379 14.22 8.51 34.26
C ALA L 379 14.02 9.43 33.06
N GLU L 380 15.13 9.87 32.47
CA GLU L 380 15.08 10.92 31.47
C GLU L 380 14.77 10.38 30.08
N GLY L 381 15.01 9.07 29.89
CA GLY L 381 14.86 8.46 28.58
C GLY L 381 13.44 8.54 28.05
N ARG L 382 12.49 8.19 28.89
CA ARG L 382 11.08 8.21 28.49
C ARG L 382 10.63 9.64 28.19
N LEU L 383 11.33 10.62 28.77
CA LEU L 383 10.99 12.02 28.51
C LEU L 383 11.38 12.42 27.10
N THR L 384 12.60 12.09 26.70
CA THR L 384 13.07 12.38 25.35
C THR L 384 12.26 11.59 24.33
N LEU L 385 11.94 10.33 24.65
CA LEU L 385 11.19 9.46 23.75
C LEU L 385 9.76 9.93 23.53
N ALA L 386 9.18 10.56 24.56
CA ALA L 386 7.81 11.07 24.48
C ALA L 386 7.68 12.08 23.36
N ASP L 387 8.65 12.99 23.28
CA ASP L 387 8.64 14.02 22.24
C ASP L 387 8.99 13.43 20.87
N ALA L 388 9.92 12.48 20.86
CA ALA L 388 10.25 11.76 19.64
C ALA L 388 9.03 11.02 19.08
N LEU L 389 8.29 10.33 19.96
CA LEU L 389 7.11 9.58 19.54
C LEU L 389 6.01 10.48 18.97
N VAL L 390 5.80 11.65 19.58
CA VAL L 390 4.82 12.60 19.05
C VAL L 390 5.28 13.08 17.67
N TYR L 391 6.56 13.39 17.56
CA TYR L 391 7.16 13.74 16.27
C TYR L 391 6.99 12.59 15.27
N ALA L 392 7.17 11.36 15.72
CA ALA L 392 7.12 10.20 14.84
C ALA L 392 5.73 9.98 14.23
N GLU L 393 4.70 10.10 15.06
CA GLU L 393 3.34 9.81 14.60
C GLU L 393 2.81 10.90 13.66
N LYS L 394 3.32 12.12 13.80
CA LYS L 394 2.95 13.19 12.90
C LYS L 394 3.43 12.94 11.47
N LEU L 395 4.42 12.04 11.34
CA LEU L 395 4.94 11.66 10.02
C LEU L 395 3.99 10.71 9.28
N GLY L 396 2.98 10.20 9.99
CA GLY L 396 1.97 9.36 9.37
C GLY L 396 2.49 8.03 8.85
N VAL L 397 3.27 7.35 9.68
CA VAL L 397 3.77 6.02 9.32
C VAL L 397 2.77 4.96 9.74
N ASP L 398 3.05 3.71 9.41
CA ASP L 398 2.18 2.61 9.78
C ASP L 398 2.66 1.91 11.05
N TYR L 399 3.98 1.87 11.22
CA TYR L 399 4.58 1.24 12.40
C TYR L 399 5.59 2.18 13.05
N ILE L 400 5.50 2.32 14.37
CA ILE L 400 6.52 3.02 15.14
C ILE L 400 7.22 2.06 16.09
N VAL L 401 8.50 1.81 15.87
CA VAL L 401 9.27 0.97 16.77
C VAL L 401 10.33 1.82 17.45
N ASP L 402 10.36 1.78 18.78
CA ASP L 402 11.44 2.48 19.48
C ASP L 402 12.30 1.47 20.24
N ILE L 403 13.58 1.79 20.35
CA ILE L 403 14.53 0.91 21.01
C ILE L 403 15.38 1.74 21.96
N ALA L 404 15.54 1.26 23.20
CA ALA L 404 16.09 2.11 24.25
C ALA L 404 16.64 1.35 25.45
N THR L 405 17.75 1.84 25.98
CA THR L 405 18.27 1.36 27.27
C THR L 405 17.49 2.05 28.38
N LEU L 406 16.24 1.64 28.56
CA LEU L 406 15.30 2.44 29.34
C LEU L 406 15.33 2.15 30.84
N THR L 407 15.24 0.89 31.21
CA THR L 407 15.07 0.53 32.62
C THR L 407 16.05 -0.53 33.12
N GLY L 408 16.70 -0.24 34.24
CA GLY L 408 17.61 -1.19 34.86
C GLY L 408 16.90 -2.46 35.31
N ALA L 409 15.57 -2.40 35.40
CA ALA L 409 14.78 -3.54 35.85
C ALA L 409 14.84 -4.72 34.87
N MET L 410 15.13 -4.43 33.60
CA MET L 410 15.33 -5.49 32.62
C MET L 410 16.41 -6.49 33.06
N LEU L 411 17.35 -6.03 33.87
CA LEU L 411 18.38 -6.90 34.38
C LEU L 411 17.81 -7.97 35.31
N TYR L 412 16.65 -7.69 35.91
CA TYR L 412 16.04 -8.62 36.85
C TYR L 412 14.91 -9.43 36.24
N SER L 413 14.47 -9.04 35.04
CA SER L 413 13.41 -9.78 34.39
C SER L 413 13.96 -10.76 33.35
N LEU L 414 14.49 -10.23 32.25
CA LEU L 414 14.98 -11.09 31.18
C LEU L 414 16.50 -11.28 31.25
N GLY L 415 17.19 -10.37 31.92
CA GLY L 415 18.62 -10.48 32.10
C GLY L 415 19.44 -9.85 31.00
N THR L 416 20.58 -10.47 30.69
CA THR L 416 21.55 -9.89 29.77
C THR L 416 21.49 -10.47 28.35
N SER L 417 20.62 -11.46 28.14
CA SER L 417 20.55 -12.12 26.83
C SER L 417 19.31 -11.76 26.02
N TYR L 418 18.16 -11.65 26.69
CA TYR L 418 16.92 -11.37 25.97
C TYR L 418 16.46 -9.94 26.20
N ALA L 419 16.11 -9.26 25.12
CA ALA L 419 15.53 -7.94 25.22
C ALA L 419 14.04 -8.07 25.45
N GLY L 420 13.41 -7.04 25.99
CA GLY L 420 11.97 -7.06 26.19
C GLY L 420 11.27 -6.18 25.17
N VAL L 421 10.20 -6.69 24.59
CA VAL L 421 9.39 -5.86 23.69
C VAL L 421 7.99 -5.67 24.26
N PHE L 422 7.53 -4.42 24.27
CA PHE L 422 6.20 -4.04 24.71
C PHE L 422 5.50 -3.36 23.54
N GLY L 423 4.17 -3.40 23.49
CA GLY L 423 3.47 -2.74 22.40
C GLY L 423 1.97 -2.57 22.58
N ASN L 424 1.36 -1.81 21.67
CA ASN L 424 -0.08 -1.61 21.67
C ASN L 424 -0.77 -2.36 20.52
N ASN L 425 -0.03 -3.25 19.88
CA ASN L 425 -0.54 -3.91 18.68
C ASN L 425 0.06 -5.30 18.51
N GLU L 426 -0.79 -6.31 18.61
CA GLU L 426 -0.34 -7.70 18.58
C GLU L 426 0.37 -8.08 17.28
N GLU L 427 -0.11 -7.54 16.18
CA GLU L 427 0.46 -7.85 14.86
C GLU L 427 1.89 -7.35 14.77
N LEU L 428 2.11 -6.11 15.17
CA LEU L 428 3.44 -5.52 15.15
C LEU L 428 4.38 -6.27 16.08
N ILE L 429 3.88 -6.62 17.27
CA ILE L 429 4.65 -7.40 18.23
C ILE L 429 5.14 -8.70 17.60
N ASN L 430 4.25 -9.38 16.88
CA ASN L 430 4.56 -10.68 16.31
C ASN L 430 5.57 -10.59 15.17
N LYS L 431 5.49 -9.52 14.40
CA LYS L 431 6.47 -9.26 13.34
C LYS L 431 7.85 -9.08 13.96
N ILE L 432 7.92 -8.32 15.04
CA ILE L 432 9.19 -8.10 15.74
C ILE L 432 9.74 -9.40 16.31
N LEU L 433 8.87 -10.21 16.91
CA LEU L 433 9.29 -11.51 17.42
C LEU L 433 9.84 -12.38 16.28
N GLN L 434 9.17 -12.32 15.12
CA GLN L 434 9.62 -13.08 13.97
C GLN L 434 11.00 -12.59 13.51
N SER L 435 11.17 -11.27 13.50
CA SER L 435 12.45 -10.68 13.11
C SER L 435 13.54 -11.07 14.10
N SER L 436 13.13 -11.24 15.36
CA SER L 436 14.05 -11.70 16.39
C SER L 436 14.55 -13.09 16.08
N LYS L 437 13.69 -13.92 15.52
CA LYS L 437 14.05 -15.30 15.22
C LYS L 437 15.02 -15.41 14.04
N THR L 438 14.82 -14.58 13.03
CA THR L 438 15.64 -14.70 11.81
C THR L 438 16.96 -13.95 11.95
N SER L 439 16.96 -12.87 12.73
CA SER L 439 18.18 -12.12 13.02
C SER L 439 19.01 -12.79 14.10
N ASN L 440 18.37 -13.70 14.82
CA ASN L 440 18.95 -14.35 15.99
C ASN L 440 19.42 -13.38 17.07
N GLU L 441 18.74 -12.24 17.18
CA GLU L 441 18.87 -11.36 18.34
C GLU L 441 17.61 -11.55 19.19
N PRO L 442 17.76 -12.22 20.34
CA PRO L 442 16.61 -12.71 21.11
C PRO L 442 15.83 -11.61 21.84
N VAL L 443 14.51 -11.65 21.67
CA VAL L 443 13.60 -10.70 22.32
C VAL L 443 12.41 -11.48 22.90
N TRP L 444 11.86 -11.00 24.01
CA TRP L 444 10.71 -11.65 24.62
C TRP L 444 9.58 -10.65 24.87
N TRP L 445 8.38 -11.02 24.47
CA TRP L 445 7.19 -10.20 24.65
C TRP L 445 6.82 -10.04 26.13
N LEU L 446 6.86 -8.82 26.62
CA LEU L 446 6.41 -8.50 27.96
C LEU L 446 5.14 -7.65 27.89
N PRO L 447 4.24 -7.80 28.88
CA PRO L 447 2.94 -7.15 28.77
C PRO L 447 2.94 -5.69 29.20
N ILE L 448 2.01 -4.93 28.63
CA ILE L 448 1.68 -3.61 29.15
C ILE L 448 0.42 -3.76 30.01
N ILE L 449 0.61 -3.74 31.33
CA ILE L 449 -0.46 -4.03 32.28
C ILE L 449 -1.25 -2.77 32.64
N ASN L 450 -2.45 -2.67 32.08
CA ASN L 450 -3.26 -1.47 32.19
C ASN L 450 -3.62 -1.08 33.62
N GLU L 451 -3.66 -2.06 34.52
CA GLU L 451 -4.00 -1.79 35.91
C GLU L 451 -2.96 -0.93 36.62
N TYR L 452 -1.75 -0.86 36.07
CA TYR L 452 -0.70 -0.04 36.68
C TYR L 452 -0.80 1.42 36.23
N ARG L 453 -1.65 1.68 35.25
CA ARG L 453 -1.77 3.03 34.68
C ARG L 453 -2.08 4.10 35.73
N ALA L 454 -2.97 3.78 36.66
CA ALA L 454 -3.43 4.76 37.65
C ALA L 454 -2.31 5.31 38.51
N THR L 455 -1.20 4.59 38.58
CA THR L 455 -0.08 5.03 39.41
C THR L 455 0.66 6.21 38.76
N LEU L 456 0.33 6.50 37.50
CA LEU L 456 0.92 7.64 36.80
C LEU L 456 0.03 8.87 36.89
N ASN L 457 -1.12 8.74 37.54
CA ASN L 457 -2.00 9.89 37.75
C ASN L 457 -1.33 10.92 38.65
N SER L 458 -1.08 12.10 38.12
CA SER L 458 -0.44 13.17 38.87
C SER L 458 -1.46 14.01 39.61
N LYS L 459 -1.09 14.49 40.79
CA LYS L 459 -1.94 15.35 41.58
C LYS L 459 -2.08 16.72 40.90
N TYR L 460 -1.01 17.18 40.28
CA TYR L 460 -0.96 18.53 39.73
C TYR L 460 -0.84 18.59 38.22
N ALA L 461 -0.16 17.60 37.64
CA ALA L 461 0.05 17.57 36.19
C ALA L 461 -0.90 16.59 35.54
N ASP L 462 -0.86 16.51 34.21
CA ASP L 462 -1.67 15.53 33.50
C ASP L 462 -1.23 14.10 33.83
N ILE L 463 0.08 13.91 33.97
CA ILE L 463 0.61 12.59 34.23
C ILE L 463 1.95 12.65 34.97
N ASN L 464 2.22 11.64 35.78
CA ASN L 464 3.52 11.46 36.40
C ASN L 464 4.51 10.87 35.42
N GLN L 465 5.76 11.26 35.56
CA GLN L 465 6.86 10.64 34.83
C GLN L 465 7.06 9.20 35.29
N ILE L 466 7.09 9.01 36.61
CA ILE L 466 7.33 7.70 37.19
C ILE L 466 6.29 7.35 38.24
N SER L 467 6.27 6.08 38.62
CA SER L 467 5.46 5.65 39.74
C SER L 467 6.27 5.75 41.03
N SER L 468 5.59 5.91 42.15
CA SER L 468 6.23 5.83 43.45
C SER L 468 6.08 4.40 43.99
N SER L 469 7.04 3.56 43.63
CA SER L 469 7.07 2.14 44.04
C SER L 469 5.89 1.32 43.51
N VAL L 470 6.04 0.85 42.27
CA VAL L 470 5.19 -0.20 41.71
C VAL L 470 6.12 -1.38 41.42
N LYS L 471 7.41 -1.04 41.35
CA LYS L 471 8.54 -1.95 41.14
C LYS L 471 8.64 -2.41 39.69
N ALA L 472 7.49 -2.66 39.04
CA ALA L 472 7.48 -3.07 37.64
C ALA L 472 7.81 -1.91 36.72
N SER L 473 8.99 -1.33 36.90
CA SER L 473 9.33 -0.05 36.29
C SER L 473 9.44 -0.12 34.77
N SER L 474 9.76 -1.28 34.23
CA SER L 474 9.82 -1.43 32.78
C SER L 474 8.42 -1.36 32.18
N ILE L 475 7.45 -1.93 32.90
CA ILE L 475 6.06 -1.88 32.47
C ILE L 475 5.46 -0.48 32.66
N VAL L 476 5.78 0.17 33.77
CA VAL L 476 5.26 1.50 34.03
C VAL L 476 5.82 2.48 33.00
N ALA L 477 7.09 2.31 32.62
CA ALA L 477 7.70 3.17 31.62
C ALA L 477 7.02 3.00 30.26
N SER L 478 6.61 1.77 29.96
CA SER L 478 5.90 1.48 28.71
C SER L 478 4.52 2.13 28.72
N LEU L 479 3.86 2.10 29.87
CA LEU L 479 2.57 2.79 30.02
C LEU L 479 2.74 4.27 29.76
N PHE L 480 3.84 4.83 30.25
CA PHE L 480 4.11 6.25 30.05
C PHE L 480 4.26 6.56 28.56
N LEU L 481 5.12 5.82 27.88
CA LEU L 481 5.38 6.00 26.45
C LEU L 481 4.11 5.83 25.63
N LYS L 482 3.26 4.89 26.04
CA LYS L 482 2.03 4.57 25.34
C LYS L 482 1.10 5.80 25.27
N GLU L 483 1.22 6.68 26.24
CA GLU L 483 0.39 7.87 26.31
C GLU L 483 0.68 8.86 25.18
N PHE L 484 1.84 8.71 24.53
CA PHE L 484 2.23 9.67 23.50
C PHE L 484 2.11 9.07 22.09
N VAL L 485 1.43 7.94 21.99
CA VAL L 485 1.04 7.36 20.72
C VAL L 485 -0.48 7.16 20.71
N GLN L 486 -1.18 7.86 19.81
CA GLN L 486 -2.64 7.86 19.85
C GLN L 486 -3.29 6.82 18.94
N ASN L 487 -2.93 6.82 17.67
CA ASN L 487 -3.62 5.96 16.71
C ASN L 487 -2.68 5.27 15.73
N THR L 488 -1.53 4.82 16.23
CA THR L 488 -0.55 4.15 15.38
C THR L 488 -0.05 2.87 16.06
N ALA L 489 0.03 1.79 15.30
CA ALA L 489 0.62 0.56 15.80
C ALA L 489 2.05 0.85 16.26
N TRP L 490 2.33 0.54 17.52
CA TRP L 490 3.58 0.94 18.18
C TRP L 490 4.17 -0.16 19.05
N ALA L 491 5.50 -0.24 19.06
CA ALA L 491 6.20 -1.23 19.87
C ALA L 491 7.47 -0.64 20.46
N HIS L 492 7.92 -1.23 21.56
CA HIS L 492 8.99 -0.64 22.36
C HIS L 492 9.96 -1.73 22.82
N ILE L 493 11.21 -1.61 22.42
CA ILE L 493 12.21 -2.61 22.79
C ILE L 493 13.17 -2.05 23.84
N ASP L 494 13.12 -2.63 25.03
CA ASP L 494 13.98 -2.20 26.13
C ASP L 494 15.24 -3.04 26.15
N ILE L 495 16.37 -2.41 25.83
CA ILE L 495 17.64 -3.13 25.72
C ILE L 495 18.63 -2.76 26.82
N ALA L 496 18.12 -2.29 27.96
CA ALA L 496 19.01 -1.87 29.03
C ALA L 496 19.87 -3.04 29.56
N GLY L 497 19.32 -4.25 29.49
CA GLY L 497 20.03 -5.41 30.01
C GLY L 497 20.97 -6.05 29.01
N VAL L 498 20.64 -5.95 27.72
CA VAL L 498 21.32 -6.72 26.69
C VAL L 498 22.34 -5.92 25.91
N SER L 499 22.28 -4.60 26.02
CA SER L 499 23.09 -3.71 25.20
C SER L 499 24.59 -3.93 25.39
N TRP L 500 25.02 -4.00 26.64
CA TRP L 500 26.44 -4.10 26.95
C TRP L 500 26.85 -5.52 27.36
N ASN L 501 27.91 -6.02 26.74
CA ASN L 501 28.48 -7.32 27.07
C ASN L 501 29.45 -7.15 28.24
N PHE L 502 29.01 -7.48 29.44
CA PHE L 502 29.79 -7.20 30.63
C PHE L 502 31.03 -8.10 30.73
N LYS L 503 30.91 -9.33 30.23
CA LYS L 503 32.02 -10.26 30.27
C LYS L 503 33.18 -9.80 29.37
N ALA L 504 32.87 -9.40 28.15
CA ALA L 504 33.91 -8.99 27.19
C ALA L 504 34.28 -7.52 27.30
N ARG L 505 33.48 -6.77 28.05
CA ARG L 505 33.70 -5.33 28.29
C ARG L 505 33.57 -4.51 27.00
N LYS L 506 32.54 -4.81 26.21
CA LYS L 506 32.28 -4.09 24.97
C LYS L 506 30.80 -4.11 24.60
N PRO L 507 30.37 -3.20 23.71
CA PRO L 507 28.98 -3.22 23.23
C PRO L 507 28.68 -4.46 22.39
N LYS L 508 27.40 -4.78 22.26
CA LYS L 508 26.97 -5.87 21.39
C LYS L 508 26.51 -5.35 20.04
N GLY L 509 26.24 -4.04 19.97
CA GLY L 509 25.60 -3.46 18.80
C GLY L 509 24.18 -3.99 18.65
N PHE L 510 23.55 -4.31 19.77
CA PHE L 510 22.28 -5.01 19.79
C PHE L 510 21.17 -4.24 19.10
N GLY L 511 20.39 -4.94 18.28
CA GLY L 511 19.20 -4.35 17.68
C GLY L 511 19.35 -3.99 16.21
N VAL L 512 20.59 -3.85 15.75
CA VAL L 512 20.83 -3.47 14.36
C VAL L 512 20.27 -4.51 13.39
N ARG L 513 20.61 -5.78 13.63
CA ARG L 513 20.15 -6.85 12.76
C ARG L 513 18.65 -7.10 12.93
N LEU L 514 18.19 -7.09 14.18
CA LEU L 514 16.78 -7.18 14.50
C LEU L 514 15.93 -6.15 13.71
N LEU L 515 16.31 -4.88 13.81
CA LEU L 515 15.55 -3.84 13.12
C LEU L 515 15.64 -4.00 11.60
N THR L 516 16.80 -4.41 11.11
CA THR L 516 16.98 -4.57 9.67
C THR L 516 16.12 -5.73 9.16
N GLU L 517 16.17 -6.86 9.84
CA GLU L 517 15.31 -8.00 9.51
C GLU L 517 13.84 -7.62 9.54
N PHE L 518 13.47 -6.70 10.43
CA PHE L 518 12.08 -6.23 10.54
C PHE L 518 11.68 -5.46 9.29
N VAL L 519 12.52 -4.52 8.88
CA VAL L 519 12.32 -3.81 7.64
C VAL L 519 12.26 -4.75 6.43
N LEU L 520 13.20 -5.70 6.38
CA LEU L 520 13.32 -6.59 5.23
C LEU L 520 12.21 -7.62 5.11
N ASN L 521 11.90 -8.31 6.21
CA ASN L 521 10.88 -9.37 6.19
C ASN L 521 9.48 -8.83 5.88
N ASP L 522 9.18 -7.65 6.41
CA ASP L 522 7.89 -7.02 6.15
C ASP L 522 7.90 -6.30 4.80
#